data_8ZN6
#
_entry.id   8ZN6
#
_cell.length_a   90.760
_cell.length_b   110.270
_cell.length_c   166.890
_cell.angle_alpha   77.97
_cell.angle_beta   87.25
_cell.angle_gamma   82.41
#
_symmetry.space_group_name_H-M   'P 1'
#
loop_
_entity.id
_entity.type
_entity.pdbx_description
1 polymer KaiC
2 polymer KaiC
3 non-polymer 'PHOSPHOAMINOPHOSPHONIC ACID-ADENYLATE ESTER'
4 non-polymer 'MAGNESIUM ION'
5 water water
#
loop_
_entity_poly.entity_id
_entity_poly.type
_entity_poly.pdbx_seq_one_letter_code
_entity_poly.pdbx_strand_id
1 'polypeptide(L)'
;MTDPNPNNNEEHQTAVQKLPTGIEGFDDISHGGLPIGRSTLVSGTSGTGKTVFSMQFLYNGITHFDEPGVFVTFEESPQD
IIKNAASFGWDLQKLVDEGKLFILDASPDPEGQEVVGNFDLSALIERINYAIRKYKAKRVAIDSVTAVFQQYDAASVVRR
EIFRLVARLKQIGVTTVMTTERIEEYGPIARYGVEEFVSDNVVILRNVLEGERRRRTVEILKLRGTTHMKGEYPFTITNH
GISIFPLGAMRLTQRSSNVRVSSGVPRLDEMCGGGFFKDSIILATGATGTGKTLLVSKFLENACRNKERAILFAYEESRA
QLLRNATSWGIDFEEMERDGLLKIICAYPESTGLEDHLQIIKSEISEFKPSRIAIDSLSALARGVSNNAFRQFVIGVTGY
AKQEEITGFFTNTSDQFMGSHSITDSHI(SEP)TITDTIILLQYVEIRGEMSRAINVFKMRGSWHDKGIREFVISDKGPE
IKDSFRNFERIISGSPTRITVDEKSELSRIVRGVQDKEG
;
F,A,K,J
2 'polypeptide(L)'
;MTDPNPNNNEEHQTAVQKLPTGIEGFDDISHGGLPIGRSTLVSGTSGTGKTVFSMQFLYNGITHFDEPGVFVTFEESPQD
IIKNAASFGWDLQKLVDEGKLFILDASPDPEGQEVVGNFDLSALIERINYAIRKYKAKRVAIDSVTAVFQQYDAASVVRR
EIFRLVARLKQIGVTTVMTTERIEEYGPIARYGVEEFVSDNVVILRNVLEGERRRRTVEILKLRGTTHMKGEYPFTITNH
GISIFPLGAMRLTQRSSNVRVSSGVPRLDEMCGGGFFKDSIILATGATGTGKTLLVSKFLENACRNKERAILFAYEESRA
QLLRNATSWGIDFEEMERDGLLKIICAYPESTGLEDHLQIIKSEISEFKPSRIAIDSLSALARGVSNNAFRQFVIGVTGY
AKQEEITGFFTNTSDQFMGSHSITDSHISTITDTIILLQYVEIRGEMSRAINVFKMRGSWHDKGIREFVISDKGPEIKDS
FRNFERIISGSPTRITVDEKSELSRIVRGVQDKEG
;
D,E,B,C,G,H,L,I
#
loop_
_chem_comp.id
_chem_comp.type
_chem_comp.name
_chem_comp.formula
ANP non-polymer 'PHOSPHOAMINOPHOSPHONIC ACID-ADENYLATE ESTER' 'C10 H17 N6 O12 P3'
MG non-polymer 'MAGNESIUM ION' 'Mg 2'
#
# COMPACT_ATOMS: atom_id res chain seq x y z
N VAL A 16 -1.46 -49.72 -38.24
CA VAL A 16 0.04 -49.74 -38.12
C VAL A 16 0.52 -51.17 -38.18
N GLN A 17 1.04 -51.58 -39.34
CA GLN A 17 1.61 -52.90 -39.53
C GLN A 17 2.99 -52.94 -38.88
N LYS A 18 3.54 -54.14 -38.71
CA LYS A 18 4.78 -54.35 -37.98
C LYS A 18 5.73 -55.24 -38.78
N LEU A 19 7.03 -55.08 -38.52
CA LEU A 19 8.07 -55.91 -39.12
C LEU A 19 8.55 -56.94 -38.10
N PRO A 20 8.61 -58.25 -38.44
CA PRO A 20 9.21 -59.25 -37.56
C PRO A 20 10.71 -59.01 -37.39
N THR A 21 11.14 -58.80 -36.15
CA THR A 21 12.53 -58.54 -35.83
C THR A 21 13.33 -59.83 -35.93
N GLY A 22 12.70 -60.96 -35.59
CA GLY A 22 13.37 -62.25 -35.54
C GLY A 22 14.04 -62.51 -34.20
N ILE A 23 13.96 -61.53 -33.29
CA ILE A 23 14.48 -61.69 -31.94
C ILE A 23 13.55 -62.63 -31.18
N GLU A 24 14.14 -63.62 -30.51
CA GLU A 24 13.39 -64.69 -29.87
C GLU A 24 12.62 -64.13 -28.68
N GLY A 25 11.33 -63.82 -28.91
CA GLY A 25 10.42 -63.40 -27.85
C GLY A 25 9.95 -61.96 -28.02
N PHE A 26 10.69 -61.16 -28.79
CA PHE A 26 10.38 -59.75 -28.97
C PHE A 26 9.10 -59.58 -29.78
N ASP A 27 8.97 -60.36 -30.86
CA ASP A 27 7.82 -60.28 -31.76
C ASP A 27 6.55 -60.69 -31.03
N ASP A 28 6.70 -61.38 -29.88
CA ASP A 28 5.57 -61.78 -29.05
C ASP A 28 5.19 -60.65 -28.10
N ILE A 29 6.21 -60.03 -27.48
CA ILE A 29 6.01 -58.92 -26.57
C ILE A 29 5.49 -57.70 -27.32
N SER A 30 6.03 -57.47 -28.53
CA SER A 30 5.66 -56.32 -29.34
C SER A 30 4.41 -56.59 -30.17
N HIS A 31 3.83 -57.80 -30.02
CA HIS A 31 2.61 -58.17 -30.71
C HIS A 31 2.80 -58.09 -32.23
N GLY A 32 3.88 -58.72 -32.72
CA GLY A 32 4.14 -58.79 -34.15
C GLY A 32 5.56 -58.37 -34.52
N GLY A 33 6.06 -57.32 -33.85
CA GLY A 33 7.37 -56.77 -34.13
C GLY A 33 7.37 -55.24 -34.04
N LEU A 34 8.33 -54.61 -34.70
CA LEU A 34 8.46 -53.15 -34.70
C LEU A 34 7.62 -52.56 -35.83
N PRO A 35 6.83 -51.50 -35.55
CA PRO A 35 6.11 -50.77 -36.61
C PRO A 35 6.99 -50.43 -37.81
N ILE A 36 6.41 -50.55 -39.02
CA ILE A 36 7.17 -50.41 -40.25
C ILE A 36 7.25 -48.93 -40.62
N GLY A 37 8.43 -48.50 -41.06
CA GLY A 37 8.63 -47.13 -41.52
C GLY A 37 8.94 -46.16 -40.38
N ARG A 38 8.64 -46.57 -39.13
CA ARG A 38 8.79 -45.71 -37.98
C ARG A 38 10.11 -46.04 -37.29
N SER A 39 10.52 -45.19 -36.35
CA SER A 39 11.76 -45.38 -35.61
C SER A 39 11.45 -45.83 -34.18
N THR A 40 12.31 -46.71 -33.65
CA THR A 40 12.16 -47.24 -32.31
C THR A 40 13.42 -46.92 -31.49
N LEU A 41 13.22 -46.23 -30.36
CA LEU A 41 14.31 -45.89 -29.46
C LEU A 41 14.56 -47.08 -28.53
N VAL A 42 15.83 -47.49 -28.42
CA VAL A 42 16.22 -48.59 -27.55
C VAL A 42 17.26 -48.06 -26.55
N SER A 43 16.81 -47.75 -25.33
CA SER A 43 17.68 -47.12 -24.34
C SER A 43 18.12 -48.14 -23.30
N GLY A 44 19.26 -47.85 -22.65
CA GLY A 44 19.79 -48.70 -21.59
C GLY A 44 21.20 -48.26 -21.18
N THR A 45 21.64 -48.75 -20.01
CA THR A 45 22.98 -48.51 -19.52
C THR A 45 23.97 -49.38 -20.30
N SER A 46 25.26 -49.22 -20.01
CA SER A 46 26.30 -50.02 -20.66
C SER A 46 26.10 -51.50 -20.36
N GLY A 47 26.25 -52.33 -21.39
CA GLY A 47 26.23 -53.78 -21.25
C GLY A 47 24.83 -54.35 -21.18
N THR A 48 23.81 -53.54 -21.53
CA THR A 48 22.43 -53.99 -21.53
C THR A 48 22.17 -54.89 -22.74
N GLY A 49 22.72 -54.49 -23.90
CA GLY A 49 22.57 -55.24 -25.13
C GLY A 49 21.82 -54.44 -26.20
N LYS A 50 22.24 -53.18 -26.39
CA LYS A 50 21.61 -52.28 -27.34
C LYS A 50 22.18 -52.52 -28.73
N THR A 51 23.51 -52.68 -28.80
CA THR A 51 24.20 -52.89 -30.06
C THR A 51 23.89 -54.28 -30.61
N VAL A 52 23.65 -55.25 -29.70
CA VAL A 52 23.30 -56.60 -30.10
C VAL A 52 21.92 -56.58 -30.76
N PHE A 53 20.94 -56.01 -30.04
CA PHE A 53 19.57 -55.88 -30.53
C PHE A 53 19.56 -55.25 -31.92
N SER A 54 20.32 -54.15 -32.07
CA SER A 54 20.35 -53.39 -33.31
C SER A 54 20.98 -54.21 -34.43
N MET A 55 22.06 -54.94 -34.10
CA MET A 55 22.74 -55.80 -35.07
C MET A 55 21.83 -56.98 -35.41
N GLN A 56 21.21 -57.57 -34.39
CA GLN A 56 20.36 -58.74 -34.56
C GLN A 56 19.15 -58.38 -35.41
N PHE A 57 18.60 -57.18 -35.20
CA PHE A 57 17.48 -56.66 -35.97
C PHE A 57 17.82 -56.65 -37.46
N LEU A 58 18.97 -56.05 -37.80
CA LEU A 58 19.42 -55.98 -39.19
C LEU A 58 19.73 -57.39 -39.71
N TYR A 59 20.50 -58.16 -38.93
CA TYR A 59 20.98 -59.47 -39.34
C TYR A 59 19.81 -60.33 -39.83
N ASN A 60 18.80 -60.48 -38.97
CA ASN A 60 17.63 -61.29 -39.29
C ASN A 60 16.92 -60.71 -40.50
N GLY A 61 16.94 -59.38 -40.61
CA GLY A 61 16.40 -58.67 -41.76
C GLY A 61 16.83 -59.28 -43.09
N ILE A 62 18.11 -59.63 -43.20
CA ILE A 62 18.72 -59.99 -44.48
C ILE A 62 18.72 -61.52 -44.63
N THR A 63 18.98 -62.24 -43.52
CA THR A 63 19.14 -63.68 -43.57
C THR A 63 17.78 -64.38 -43.65
N HIS A 64 16.73 -63.75 -43.10
CA HIS A 64 15.42 -64.36 -43.03
C HIS A 64 14.44 -63.69 -44.01
N PHE A 65 14.44 -62.35 -44.05
CA PHE A 65 13.40 -61.61 -44.73
C PHE A 65 13.92 -60.97 -46.03
N ASP A 66 15.21 -61.13 -46.32
CA ASP A 66 15.83 -60.60 -47.53
C ASP A 66 15.65 -59.09 -47.59
N GLU A 67 15.90 -58.42 -46.45
CA GLU A 67 15.81 -56.97 -46.35
C GLU A 67 17.19 -56.41 -46.02
N PRO A 68 17.86 -55.70 -46.96
CA PRO A 68 19.16 -55.08 -46.68
C PRO A 68 19.08 -54.06 -45.55
N GLY A 69 20.18 -53.90 -44.82
CA GLY A 69 20.24 -53.01 -43.68
C GLY A 69 21.48 -52.11 -43.71
N VAL A 70 21.36 -50.92 -43.11
CA VAL A 70 22.48 -50.00 -42.95
C VAL A 70 22.71 -49.77 -41.47
N PHE A 71 23.97 -49.87 -41.03
CA PHE A 71 24.32 -49.68 -39.63
C PHE A 71 25.19 -48.44 -39.48
N VAL A 72 24.64 -47.41 -38.82
CA VAL A 72 25.34 -46.16 -38.60
C VAL A 72 26.08 -46.25 -37.27
N THR A 73 27.42 -46.17 -37.32
CA THR A 73 28.24 -46.21 -36.12
C THR A 73 28.90 -44.85 -35.91
N PHE A 74 29.05 -44.46 -34.64
CA PHE A 74 29.54 -43.14 -34.28
C PHE A 74 30.83 -43.21 -33.46
N GLU A 75 31.15 -44.39 -32.92
CA GLU A 75 32.35 -44.57 -32.10
C GLU A 75 33.03 -45.88 -32.45
N GLU A 76 32.29 -46.99 -32.28
CA GLU A 76 32.81 -48.33 -32.52
C GLU A 76 33.12 -48.46 -34.01
N SER A 77 34.32 -48.96 -34.33
CA SER A 77 34.76 -49.07 -35.72
C SER A 77 33.97 -50.16 -36.42
N PRO A 78 33.73 -50.04 -37.76
CA PRO A 78 33.07 -51.10 -38.53
C PRO A 78 33.62 -52.49 -38.28
N GLN A 79 34.95 -52.60 -38.25
CA GLN A 79 35.63 -53.88 -38.11
C GLN A 79 35.45 -54.43 -36.70
N ASP A 80 35.30 -53.54 -35.71
CA ASP A 80 35.01 -53.95 -34.34
C ASP A 80 33.61 -54.56 -34.26
N ILE A 81 32.66 -53.95 -34.98
CA ILE A 81 31.28 -54.43 -35.01
C ILE A 81 31.24 -55.85 -35.59
N ILE A 82 32.07 -56.10 -36.63
CA ILE A 82 32.11 -57.40 -37.28
C ILE A 82 32.81 -58.40 -36.35
N LYS A 83 33.86 -57.94 -35.66
CA LYS A 83 34.62 -58.78 -34.75
C LYS A 83 33.76 -59.20 -33.56
N ASN A 84 32.96 -58.27 -33.04
CA ASN A 84 32.13 -58.52 -31.87
C ASN A 84 30.95 -59.41 -32.24
N ALA A 85 30.47 -59.31 -33.48
CA ALA A 85 29.31 -60.06 -33.94
C ALA A 85 29.65 -61.52 -34.17
N ALA A 86 30.93 -61.81 -34.43
CA ALA A 86 31.40 -63.15 -34.73
C ALA A 86 31.08 -64.12 -33.60
N SER A 87 31.03 -63.62 -32.36
CA SER A 87 30.70 -64.42 -31.20
C SER A 87 29.31 -65.05 -31.33
N PHE A 88 28.38 -64.32 -31.97
CA PHE A 88 27.02 -64.78 -32.15
C PHE A 88 26.92 -65.73 -33.35
N GLY A 89 28.00 -65.82 -34.15
CA GLY A 89 28.03 -66.65 -35.34
C GLY A 89 27.46 -65.92 -36.55
N TRP A 90 27.75 -64.61 -36.63
CA TRP A 90 27.23 -63.76 -37.69
C TRP A 90 28.38 -63.31 -38.59
N ASP A 91 28.42 -63.87 -39.81
CA ASP A 91 29.40 -63.46 -40.81
C ASP A 91 28.88 -62.22 -41.51
N LEU A 92 29.06 -61.06 -40.85
CA LEU A 92 28.57 -59.79 -41.37
C LEU A 92 29.41 -59.37 -42.57
N GLN A 93 30.67 -59.80 -42.61
CA GLN A 93 31.58 -59.45 -43.69
C GLN A 93 31.09 -60.07 -45.00
N LYS A 94 30.63 -61.32 -44.92
CA LYS A 94 30.03 -62.00 -46.06
C LYS A 94 28.89 -61.14 -46.61
N LEU A 95 28.02 -60.66 -45.71
CA LEU A 95 26.87 -59.84 -46.08
C LEU A 95 27.35 -58.50 -46.64
N VAL A 96 28.43 -57.95 -46.06
CA VAL A 96 28.98 -56.68 -46.48
C VAL A 96 29.55 -56.80 -47.89
N ASP A 97 30.28 -57.90 -48.14
CA ASP A 97 30.85 -58.19 -49.43
C ASP A 97 29.74 -58.33 -50.48
N GLU A 98 28.68 -59.03 -50.11
CA GLU A 98 27.57 -59.33 -51.02
C GLU A 98 26.66 -58.11 -51.18
N GLY A 99 26.99 -57.00 -50.51
CA GLY A 99 26.26 -55.75 -50.67
C GLY A 99 24.86 -55.82 -50.07
N LYS A 100 24.72 -56.59 -48.99
CA LYS A 100 23.46 -56.74 -48.27
C LYS A 100 23.48 -55.85 -47.02
N LEU A 101 24.68 -55.62 -46.47
CA LEU A 101 24.86 -54.81 -45.28
C LEU A 101 25.86 -53.70 -45.57
N PHE A 102 25.50 -52.47 -45.20
CA PHE A 102 26.43 -51.35 -45.25
C PHE A 102 26.59 -50.78 -43.84
N ILE A 103 27.85 -50.61 -43.41
CA ILE A 103 28.16 -49.96 -42.14
C ILE A 103 28.71 -48.57 -42.44
N LEU A 104 27.86 -47.56 -42.20
CA LEU A 104 28.27 -46.17 -42.36
C LEU A 104 29.05 -45.73 -41.13
N ASP A 105 30.31 -45.33 -41.34
CA ASP A 105 31.21 -44.94 -40.27
C ASP A 105 31.09 -43.43 -40.06
N ALA A 106 30.34 -43.03 -39.03
CA ALA A 106 30.20 -41.64 -38.65
C ALA A 106 31.04 -41.34 -37.41
N SER A 107 32.18 -42.04 -37.28
CA SER A 107 33.08 -41.85 -36.16
C SER A 107 34.09 -40.75 -36.50
N PRO A 108 34.30 -39.76 -35.61
CA PRO A 108 35.33 -38.73 -35.82
C PRO A 108 36.73 -39.32 -36.01
N LEU A 121 23.06 -32.35 -38.59
CA LEU A 121 22.60 -33.74 -38.90
C LEU A 121 22.23 -33.89 -40.37
N SER A 122 21.89 -32.78 -41.04
CA SER A 122 21.47 -32.80 -42.43
C SER A 122 22.45 -33.59 -43.29
N ALA A 123 23.76 -33.40 -43.04
CA ALA A 123 24.81 -34.06 -43.80
C ALA A 123 24.74 -35.58 -43.59
N LEU A 124 24.70 -36.00 -42.32
CA LEU A 124 24.64 -37.42 -41.98
C LEU A 124 23.40 -38.05 -42.60
N ILE A 125 22.26 -37.37 -42.46
CA ILE A 125 20.99 -37.82 -43.01
C ILE A 125 21.13 -38.03 -44.52
N GLU A 126 21.76 -37.07 -45.20
CA GLU A 126 21.96 -37.14 -46.64
C GLU A 126 22.78 -38.39 -46.99
N ARG A 127 23.75 -38.72 -46.13
CA ARG A 127 24.62 -39.87 -46.34
C ARG A 127 23.84 -41.17 -46.13
N ILE A 128 22.95 -41.19 -45.13
CA ILE A 128 22.15 -42.36 -44.83
C ILE A 128 21.19 -42.62 -46.00
N ASN A 129 20.49 -41.56 -46.44
CA ASN A 129 19.56 -41.64 -47.54
C ASN A 129 20.24 -42.26 -48.77
N TYR A 130 21.45 -41.80 -49.06
CA TYR A 130 22.24 -42.32 -50.18
C TYR A 130 22.48 -43.81 -50.00
N ALA A 131 22.95 -44.19 -48.79
CA ALA A 131 23.28 -45.57 -48.48
C ALA A 131 22.03 -46.44 -48.54
N ILE A 132 20.89 -45.89 -48.11
CA ILE A 132 19.62 -46.61 -48.12
C ILE A 132 19.29 -47.00 -49.56
N ARG A 133 19.37 -46.02 -50.47
CA ARG A 133 19.03 -46.22 -51.87
C ARG A 133 20.10 -47.06 -52.57
N LYS A 134 21.38 -46.80 -52.23
CA LYS A 134 22.50 -47.50 -52.84
C LYS A 134 22.39 -49.00 -52.61
N TYR A 135 21.79 -49.40 -51.47
CA TYR A 135 21.67 -50.80 -51.10
C TYR A 135 20.21 -51.24 -51.05
N LYS A 136 19.28 -50.33 -51.39
CA LYS A 136 17.86 -50.62 -51.35
C LYS A 136 17.49 -51.20 -49.98
N ALA A 137 17.84 -50.47 -48.92
CA ALA A 137 17.70 -50.93 -47.55
C ALA A 137 16.28 -50.66 -47.04
N LYS A 138 15.77 -51.59 -46.21
CA LYS A 138 14.46 -51.47 -45.62
C LYS A 138 14.57 -51.32 -44.10
N ARG A 139 15.75 -51.60 -43.54
CA ARG A 139 15.99 -51.51 -42.11
C ARG A 139 17.26 -50.69 -41.87
N VAL A 140 17.30 -49.96 -40.74
CA VAL A 140 18.44 -49.14 -40.38
C VAL A 140 18.66 -49.21 -38.87
N ALA A 141 19.93 -49.11 -38.46
CA ALA A 141 20.29 -49.10 -37.05
C ALA A 141 21.27 -47.95 -36.81
N ILE A 142 20.94 -47.09 -35.83
CA ILE A 142 21.73 -45.91 -35.53
C ILE A 142 22.20 -45.99 -34.07
N ASP A 143 23.52 -46.10 -33.89
CA ASP A 143 24.11 -46.37 -32.59
C ASP A 143 25.49 -45.72 -32.52
N SER A 144 25.69 -44.74 -31.63
CA SER A 144 24.69 -44.24 -30.68
C SER A 144 24.39 -42.77 -30.98
N VAL A 145 23.12 -42.38 -30.80
CA VAL A 145 22.66 -41.05 -31.14
C VAL A 145 23.10 -40.07 -30.06
N THR A 146 23.21 -40.57 -28.81
CA THR A 146 23.59 -39.74 -27.69
C THR A 146 24.99 -39.18 -27.89
N ALA A 147 25.83 -39.94 -28.60
CA ALA A 147 27.22 -39.57 -28.86
C ALA A 147 27.30 -38.44 -29.88
N VAL A 148 26.35 -38.38 -30.83
CA VAL A 148 26.40 -37.39 -31.89
C VAL A 148 26.07 -36.01 -31.32
N PHE A 149 25.38 -35.99 -30.17
CA PHE A 149 25.05 -34.74 -29.49
C PHE A 149 26.06 -34.43 -28.39
N GLN A 150 27.05 -35.32 -28.21
CA GLN A 150 28.06 -35.17 -27.16
C GLN A 150 29.09 -34.13 -27.60
N GLN A 151 28.64 -32.87 -27.73
CA GLN A 151 29.50 -31.73 -28.00
C GLN A 151 29.08 -30.58 -27.10
N TYR A 152 27.80 -30.19 -27.21
CA TYR A 152 27.24 -29.07 -26.45
C TYR A 152 25.72 -29.07 -26.58
N ASP A 153 25.22 -29.57 -27.72
CA ASP A 153 23.79 -29.74 -27.96
C ASP A 153 23.09 -30.14 -26.67
N ALA A 154 22.08 -29.34 -26.27
CA ALA A 154 21.44 -29.48 -24.97
C ALA A 154 19.92 -29.37 -25.12
N ALA A 155 19.22 -30.41 -24.64
CA ALA A 155 17.77 -30.44 -24.55
C ALA A 155 17.11 -30.01 -25.85
N SER A 156 17.00 -28.69 -26.05
CA SER A 156 16.30 -28.11 -27.19
C SER A 156 16.94 -28.55 -28.50
N VAL A 157 18.28 -28.58 -28.53
CA VAL A 157 19.04 -28.95 -29.72
C VAL A 157 18.83 -30.44 -30.02
N VAL A 158 18.76 -31.25 -28.95
CA VAL A 158 18.61 -32.69 -29.10
C VAL A 158 17.21 -33.01 -29.61
N ARG A 159 16.20 -32.32 -29.07
CA ARG A 159 14.81 -32.56 -29.44
C ARG A 159 14.58 -32.19 -30.91
N ARG A 160 15.14 -31.05 -31.32
CA ARG A 160 15.01 -30.57 -32.69
C ARG A 160 15.74 -31.50 -33.65
N GLU A 161 16.91 -32.00 -33.21
CA GLU A 161 17.79 -32.80 -34.06
C GLU A 161 17.25 -34.22 -34.21
N ILE A 162 16.81 -34.82 -33.09
CA ILE A 162 16.24 -36.16 -33.12
C ILE A 162 14.96 -36.14 -33.96
N PHE A 163 14.11 -35.12 -33.74
CA PHE A 163 12.90 -34.94 -34.52
C PHE A 163 13.21 -35.02 -36.00
N ARG A 164 14.30 -34.33 -36.41
CA ARG A 164 14.74 -34.33 -37.79
C ARG A 164 15.00 -35.77 -38.24
N LEU A 165 15.96 -36.43 -37.57
CA LEU A 165 16.40 -37.77 -37.93
C LEU A 165 15.18 -38.69 -38.09
N VAL A 166 14.33 -38.72 -37.05
CA VAL A 166 13.15 -39.57 -37.02
C VAL A 166 12.24 -39.23 -38.20
N ALA A 167 12.03 -37.93 -38.43
CA ALA A 167 11.12 -37.46 -39.46
C ALA A 167 11.66 -37.80 -40.85
N ARG A 168 12.95 -37.50 -41.07
CA ARG A 168 13.59 -37.76 -42.35
C ARG A 168 13.54 -39.25 -42.67
N LEU A 169 13.87 -40.07 -41.67
CA LEU A 169 13.85 -41.53 -41.81
C LEU A 169 12.45 -42.01 -42.15
N LYS A 170 11.42 -41.33 -41.60
CA LYS A 170 10.04 -41.65 -41.86
C LYS A 170 9.69 -41.34 -43.32
N GLN A 171 10.21 -40.22 -43.83
CA GLN A 171 9.96 -39.81 -45.20
C GLN A 171 10.56 -40.82 -46.18
N ILE A 172 11.82 -41.18 -45.96
CA ILE A 172 12.55 -42.08 -46.84
C ILE A 172 11.78 -43.40 -46.99
N GLY A 173 11.32 -43.95 -45.86
CA GLY A 173 10.59 -45.20 -45.85
C GLY A 173 11.45 -46.36 -45.38
N VAL A 174 11.84 -46.30 -44.09
CA VAL A 174 12.75 -47.27 -43.49
C VAL A 174 12.36 -47.45 -42.03
N THR A 175 12.47 -48.69 -41.55
CA THR A 175 12.25 -49.01 -40.15
C THR A 175 13.56 -48.92 -39.39
N THR A 176 13.60 -48.05 -38.37
CA THR A 176 14.84 -47.69 -37.71
C THR A 176 14.86 -48.19 -36.27
N VAL A 177 16.06 -48.57 -35.80
CA VAL A 177 16.32 -48.80 -34.39
C VAL A 177 17.37 -47.79 -33.94
N MET A 178 17.02 -46.98 -32.93
CA MET A 178 17.87 -45.90 -32.46
C MET A 178 18.30 -46.20 -31.02
N THR A 179 19.61 -46.14 -30.77
CA THR A 179 20.18 -46.48 -29.47
C THR A 179 20.39 -45.21 -28.64
N THR A 180 20.02 -45.28 -27.36
CA THR A 180 20.23 -44.19 -26.42
C THR A 180 20.85 -44.74 -25.15
N GLU A 181 21.42 -43.85 -24.33
CA GLU A 181 22.17 -44.21 -23.14
C GLU A 181 21.43 -43.75 -21.89
N ARG A 182 21.64 -44.48 -20.79
CA ARG A 182 21.09 -44.13 -19.49
C ARG A 182 22.21 -44.17 -18.45
N ILE A 183 22.03 -43.44 -17.34
CA ILE A 183 22.97 -43.45 -16.24
C ILE A 183 22.35 -44.18 -15.05
N GLU A 184 21.06 -44.52 -15.15
CA GLU A 184 20.31 -45.06 -14.03
C GLU A 184 19.28 -46.05 -14.55
N GLU A 185 19.03 -47.10 -13.77
CA GLU A 185 18.29 -48.26 -14.24
C GLU A 185 16.79 -48.01 -14.11
N TYR A 186 16.39 -47.40 -12.99
CA TYR A 186 14.99 -47.07 -12.74
C TYR A 186 14.84 -45.55 -12.60
N GLY A 187 15.55 -44.80 -13.45
CA GLY A 187 15.47 -43.35 -13.46
C GLY A 187 14.93 -42.84 -14.80
N PRO A 188 15.52 -41.79 -15.39
CA PRO A 188 15.11 -41.33 -16.73
C PRO A 188 15.40 -42.37 -17.80
N ILE A 189 14.54 -42.39 -18.83
CA ILE A 189 14.58 -43.39 -19.88
C ILE A 189 15.80 -43.15 -20.78
N ALA A 190 16.16 -41.87 -20.94
CA ALA A 190 17.31 -41.47 -21.73
C ALA A 190 18.17 -40.50 -20.91
N ARG A 191 18.95 -39.64 -21.58
CA ARG A 191 19.80 -38.68 -20.90
C ARG A 191 19.06 -37.36 -20.71
N TYR A 192 18.68 -36.74 -21.83
CA TYR A 192 18.24 -35.35 -21.85
C TYR A 192 16.75 -35.24 -21.51
N GLY A 193 16.09 -36.39 -21.30
CA GLY A 193 14.68 -36.42 -20.95
C GLY A 193 13.83 -35.80 -22.07
N VAL A 194 14.11 -36.22 -23.31
CA VAL A 194 13.56 -35.58 -24.48
C VAL A 194 13.37 -36.61 -25.59
N GLU A 195 14.29 -37.59 -25.67
CA GLU A 195 14.37 -38.53 -26.76
C GLU A 195 13.13 -39.44 -26.79
N GLU A 196 12.54 -39.67 -25.61
CA GLU A 196 11.40 -40.58 -25.47
C GLU A 196 10.18 -39.99 -26.17
N PHE A 197 9.89 -38.73 -25.88
CA PHE A 197 8.68 -38.07 -26.31
C PHE A 197 8.68 -37.87 -27.82
N VAL A 198 9.88 -37.75 -28.40
CA VAL A 198 10.04 -37.55 -29.83
C VAL A 198 9.79 -38.86 -30.56
N SER A 199 10.43 -39.94 -30.09
CA SER A 199 10.34 -41.24 -30.75
C SER A 199 8.92 -41.78 -30.71
N ASP A 200 8.53 -42.48 -31.78
CA ASP A 200 7.20 -43.07 -31.89
C ASP A 200 7.13 -44.30 -30.99
N ASN A 201 8.26 -45.01 -30.88
CA ASN A 201 8.35 -46.26 -30.15
C ASN A 201 9.52 -46.19 -29.16
N VAL A 202 9.33 -46.73 -27.96
CA VAL A 202 10.36 -46.73 -26.94
C VAL A 202 10.50 -48.14 -26.37
N VAL A 203 11.73 -48.64 -26.33
CA VAL A 203 12.06 -49.91 -25.70
C VAL A 203 13.16 -49.65 -24.67
N ILE A 204 12.98 -50.18 -23.46
CA ILE A 204 13.94 -49.97 -22.37
C ILE A 204 14.63 -51.30 -22.09
N LEU A 205 15.97 -51.31 -22.18
CA LEU A 205 16.77 -52.44 -21.76
C LEU A 205 17.44 -52.11 -20.43
N ARG A 206 17.30 -53.01 -19.45
CA ARG A 206 17.84 -52.78 -18.12
C ARG A 206 18.74 -53.96 -17.73
N ASN A 207 19.73 -53.67 -16.88
CA ASN A 207 20.57 -54.67 -16.26
C ASN A 207 20.68 -54.32 -14.77
N VAL A 208 19.74 -54.85 -13.98
CA VAL A 208 19.54 -54.43 -12.60
C VAL A 208 20.39 -55.31 -11.68
N LEU A 209 21.23 -54.68 -10.87
CA LEU A 209 22.02 -55.38 -9.87
C LEU A 209 21.16 -55.59 -8.62
N GLU A 210 20.58 -56.80 -8.51
CA GLU A 210 19.76 -57.18 -7.37
C GLU A 210 20.62 -57.93 -6.36
N GLY A 211 21.16 -57.20 -5.39
CA GLY A 211 22.08 -57.76 -4.41
C GLY A 211 23.49 -57.87 -4.97
N GLU A 212 23.84 -59.06 -5.47
CA GLU A 212 25.15 -59.30 -6.09
C GLU A 212 24.97 -60.03 -7.42
N ARG A 213 23.77 -59.96 -8.00
CA ARG A 213 23.47 -60.60 -9.27
C ARG A 213 22.74 -59.62 -10.18
N ARG A 214 23.08 -59.63 -11.48
CA ARG A 214 22.46 -58.79 -12.47
C ARG A 214 21.34 -59.56 -13.16
N ARG A 215 20.27 -58.85 -13.53
CA ARG A 215 19.15 -59.42 -14.26
C ARG A 215 18.83 -58.51 -15.46
N ARG A 216 18.95 -59.07 -16.66
CA ARG A 216 18.58 -58.38 -17.88
C ARG A 216 17.05 -58.41 -18.04
N THR A 217 16.47 -57.29 -18.51
CA THR A 217 15.04 -57.22 -18.76
C THR A 217 14.75 -56.29 -19.94
N VAL A 218 13.74 -56.67 -20.74
CA VAL A 218 13.22 -55.82 -21.81
C VAL A 218 11.85 -55.31 -21.38
N GLU A 219 11.62 -54.01 -21.58
CA GLU A 219 10.30 -53.42 -21.48
C GLU A 219 10.01 -52.63 -22.75
N ILE A 220 8.80 -52.80 -23.28
CA ILE A 220 8.26 -51.92 -24.30
C ILE A 220 7.34 -50.92 -23.60
N LEU A 221 7.77 -49.66 -23.55
CA LEU A 221 7.05 -48.63 -22.83
C LEU A 221 5.92 -48.10 -23.73
N LYS A 222 6.27 -47.78 -24.98
CA LYS A 222 5.35 -47.13 -25.90
C LYS A 222 5.48 -47.75 -27.28
N LEU A 223 4.32 -48.08 -27.88
CA LEU A 223 4.20 -48.34 -29.31
C LEU A 223 3.00 -47.55 -29.83
N ARG A 224 3.24 -46.31 -30.26
CA ARG A 224 2.17 -45.46 -30.75
C ARG A 224 1.49 -46.12 -31.95
N GLY A 225 0.18 -46.31 -31.85
CA GLY A 225 -0.66 -46.71 -32.98
C GLY A 225 -1.08 -48.18 -32.92
N THR A 226 -0.59 -48.92 -31.91
CA THR A 226 -0.86 -50.34 -31.82
C THR A 226 -0.60 -50.81 -30.38
N THR A 227 -0.83 -52.10 -30.13
CA THR A 227 -0.77 -52.65 -28.79
C THR A 227 0.54 -53.41 -28.60
N HIS A 228 0.86 -53.71 -27.34
CA HIS A 228 2.11 -54.36 -26.96
C HIS A 228 1.98 -54.89 -25.53
N MET A 229 2.81 -55.88 -25.19
CA MET A 229 2.82 -56.44 -23.85
C MET A 229 3.54 -55.47 -22.92
N LYS A 230 2.86 -55.08 -21.83
CA LYS A 230 3.40 -54.09 -20.90
C LYS A 230 4.18 -54.80 -19.79
N GLY A 231 5.06 -54.04 -19.12
CA GLY A 231 5.88 -54.55 -18.03
C GLY A 231 7.22 -55.06 -18.53
N GLU A 232 8.14 -55.30 -17.58
CA GLU A 232 9.45 -55.85 -17.87
C GLU A 232 9.34 -57.35 -18.09
N TYR A 233 10.16 -57.87 -19.01
CA TYR A 233 10.26 -59.30 -19.27
C TYR A 233 11.74 -59.66 -19.36
N PRO A 234 12.20 -60.73 -18.68
CA PRO A 234 13.63 -61.06 -18.63
C PRO A 234 14.14 -61.61 -19.95
N PHE A 235 15.39 -61.30 -20.28
CA PHE A 235 16.04 -61.84 -21.47
C PHE A 235 17.47 -62.25 -21.12
N THR A 236 18.13 -62.89 -22.08
CA THR A 236 19.51 -63.35 -21.93
C THR A 236 20.25 -63.18 -23.25
N ILE A 237 21.47 -62.64 -23.18
CA ILE A 237 22.35 -62.59 -24.33
C ILE A 237 23.15 -63.90 -24.34
N THR A 238 22.88 -64.73 -25.34
CA THR A 238 23.49 -66.04 -25.49
C THR A 238 24.44 -66.02 -26.67
N ASN A 239 24.92 -67.20 -27.08
CA ASN A 239 25.72 -67.33 -28.29
C ASN A 239 24.83 -67.23 -29.52
N HIS A 240 23.50 -67.19 -29.31
CA HIS A 240 22.55 -66.95 -30.38
C HIS A 240 21.97 -65.54 -30.28
N GLY A 241 22.51 -64.73 -29.37
CA GLY A 241 22.11 -63.33 -29.23
C GLY A 241 21.03 -63.15 -28.15
N ILE A 242 20.31 -62.03 -28.24
CA ILE A 242 19.23 -61.72 -27.30
C ILE A 242 18.15 -62.80 -27.43
N SER A 243 17.82 -63.43 -26.31
CA SER A 243 16.76 -64.43 -26.25
C SER A 243 15.82 -64.09 -25.10
N ILE A 244 14.58 -63.72 -25.45
CA ILE A 244 13.59 -63.27 -24.48
C ILE A 244 12.62 -64.42 -24.22
N PHE A 245 12.31 -64.63 -22.93
CA PHE A 245 11.38 -65.67 -22.52
C PHE A 245 10.21 -65.03 -21.78
N PRO A 246 9.14 -64.62 -22.50
CA PRO A 246 7.99 -63.96 -21.87
C PRO A 246 7.15 -64.95 -21.07
N LEU A 247 6.98 -64.65 -19.77
CA LEU A 247 6.14 -65.46 -18.89
C LEU A 247 4.67 -65.20 -19.20
N GLY A 248 4.38 -63.99 -19.69
CA GLY A 248 3.01 -63.59 -20.00
C GLY A 248 2.48 -64.24 -21.28
N ALA A 249 3.30 -64.22 -22.34
CA ALA A 249 2.93 -64.78 -23.63
C ALA A 249 2.80 -66.30 -23.54
N MET A 250 3.53 -66.91 -22.60
CA MET A 250 3.32 -68.30 -22.26
C MET A 250 1.82 -68.51 -22.02
N ARG A 251 1.18 -69.27 -22.91
CA ARG A 251 -0.26 -69.48 -22.88
C ARG A 251 -0.54 -70.79 -22.14
N LEU A 252 -1.65 -70.80 -21.38
CA LEU A 252 -2.07 -71.99 -20.66
C LEU A 252 -2.77 -72.92 -21.66
N THR A 253 -1.99 -73.43 -22.61
CA THR A 253 -2.53 -74.17 -23.75
C THR A 253 -1.66 -75.39 -24.04
N GLN A 254 -1.21 -76.04 -22.96
CA GLN A 254 -0.46 -77.29 -23.06
C GLN A 254 -1.47 -78.45 -23.09
N ARG A 255 -1.00 -79.61 -23.58
CA ARG A 255 -1.85 -80.78 -23.74
C ARG A 255 -1.88 -81.57 -22.42
N SER A 256 -2.78 -82.56 -22.36
CA SER A 256 -2.92 -83.40 -21.19
C SER A 256 -3.46 -84.77 -21.60
N SER A 257 -2.75 -85.84 -21.19
CA SER A 257 -3.09 -87.20 -21.54
C SER A 257 -3.38 -88.01 -20.27
N ASN A 258 -3.83 -89.26 -20.46
CA ASN A 258 -4.05 -90.18 -19.36
C ASN A 258 -2.98 -91.27 -19.36
N VAL A 259 -1.87 -91.01 -20.08
CA VAL A 259 -0.77 -91.95 -20.17
C VAL A 259 0.06 -91.86 -18.88
N ARG A 260 0.30 -93.02 -18.25
CA ARG A 260 0.97 -93.10 -16.97
C ARG A 260 2.45 -93.39 -17.17
N VAL A 261 3.27 -92.93 -16.22
CA VAL A 261 4.69 -93.26 -16.15
C VAL A 261 5.00 -93.66 -14.70
N SER A 262 5.95 -94.59 -14.54
CA SER A 262 6.24 -95.17 -13.24
C SER A 262 7.25 -94.32 -12.48
N SER A 263 7.18 -94.41 -11.14
CA SER A 263 8.07 -93.69 -10.25
C SER A 263 9.35 -94.49 -10.00
N GLY A 264 9.30 -95.80 -10.28
CA GLY A 264 10.38 -96.71 -9.92
C GLY A 264 10.05 -97.51 -8.66
N VAL A 265 9.16 -96.96 -7.83
CA VAL A 265 8.70 -97.62 -6.62
C VAL A 265 7.28 -98.11 -6.87
N PRO A 266 7.05 -99.42 -7.05
CA PRO A 266 5.74 -99.95 -7.47
C PRO A 266 4.60 -99.69 -6.50
N ARG A 267 4.89 -99.68 -5.19
CA ARG A 267 3.89 -99.39 -4.18
C ARG A 267 3.43 -97.94 -4.30
N LEU A 268 4.34 -97.05 -4.74
CA LEU A 268 4.02 -95.64 -4.92
C LEU A 268 3.14 -95.47 -6.16
N ASP A 269 3.46 -96.24 -7.22
CA ASP A 269 2.67 -96.22 -8.44
C ASP A 269 1.24 -96.66 -8.15
N GLU A 270 1.10 -97.68 -7.29
CA GLU A 270 -0.20 -98.16 -6.87
C GLU A 270 -0.90 -97.09 -6.02
N MET A 271 -0.11 -96.35 -5.23
CA MET A 271 -0.62 -95.28 -4.39
C MET A 271 -1.07 -94.10 -5.26
N CYS A 272 -0.46 -93.94 -6.43
CA CYS A 272 -0.81 -92.88 -7.36
C CYS A 272 -1.86 -93.36 -8.37
N GLY A 273 -2.42 -94.56 -8.14
CA GLY A 273 -3.50 -95.08 -8.96
C GLY A 273 -3.03 -95.52 -10.34
N GLY A 274 -1.87 -96.19 -10.39
CA GLY A 274 -1.30 -96.66 -11.64
C GLY A 274 0.11 -96.10 -11.88
N GLY A 275 0.35 -94.88 -11.41
CA GLY A 275 1.63 -94.21 -11.55
C GLY A 275 1.46 -92.71 -11.77
N PHE A 276 2.58 -92.01 -11.99
CA PHE A 276 2.56 -90.62 -12.37
C PHE A 276 2.03 -90.51 -13.80
N PHE A 277 1.57 -89.30 -14.19
CA PHE A 277 1.16 -89.04 -15.55
C PHE A 277 2.37 -88.58 -16.36
N LYS A 278 2.35 -88.86 -17.67
CA LYS A 278 3.40 -88.43 -18.57
C LYS A 278 3.33 -86.90 -18.71
N ASP A 279 2.09 -86.38 -18.71
CA ASP A 279 1.84 -84.95 -18.73
C ASP A 279 1.52 -84.48 -17.32
N SER A 280 2.55 -84.32 -16.49
CA SER A 280 2.37 -83.85 -15.13
C SER A 280 3.68 -83.32 -14.55
N ILE A 281 3.53 -82.40 -13.58
CA ILE A 281 4.63 -81.92 -12.76
C ILE A 281 4.50 -82.54 -11.37
N ILE A 282 5.55 -83.27 -10.96
CA ILE A 282 5.56 -83.96 -9.68
C ILE A 282 6.39 -83.13 -8.71
N LEU A 283 5.89 -82.99 -7.47
CA LEU A 283 6.64 -82.33 -6.41
C LEU A 283 6.81 -83.29 -5.24
N ALA A 284 8.06 -83.44 -4.78
CA ALA A 284 8.36 -84.20 -3.57
C ALA A 284 8.88 -83.24 -2.50
N THR A 285 8.04 -82.97 -1.51
CA THR A 285 8.37 -82.02 -0.44
C THR A 285 8.64 -82.78 0.85
N GLY A 286 9.56 -82.24 1.66
CA GLY A 286 9.87 -82.84 2.95
C GLY A 286 11.16 -82.28 3.55
N ALA A 287 11.46 -82.70 4.79
CA ALA A 287 12.65 -82.26 5.50
C ALA A 287 13.90 -82.93 4.93
N THR A 288 15.06 -82.48 5.41
CA THR A 288 16.34 -83.00 4.95
C THR A 288 16.47 -84.45 5.41
N GLY A 289 16.82 -85.32 4.45
CA GLY A 289 17.10 -86.73 4.72
C GLY A 289 15.86 -87.61 4.65
N THR A 290 14.74 -87.04 4.21
CA THR A 290 13.47 -87.76 4.15
C THR A 290 13.46 -88.72 2.95
N GLY A 291 14.21 -88.38 1.90
CA GLY A 291 14.45 -89.29 0.79
C GLY A 291 13.90 -88.79 -0.54
N LYS A 292 13.95 -87.47 -0.76
CA LYS A 292 13.48 -86.89 -2.01
C LYS A 292 14.40 -87.30 -3.16
N THR A 293 15.71 -87.36 -2.89
CA THR A 293 16.70 -87.64 -3.92
C THR A 293 16.65 -89.12 -4.30
N LEU A 294 16.22 -89.97 -3.36
CA LEU A 294 16.02 -91.39 -3.64
C LEU A 294 14.86 -91.57 -4.61
N LEU A 295 13.77 -90.85 -4.37
CA LEU A 295 12.60 -90.89 -5.25
C LEU A 295 12.96 -90.33 -6.62
N VAL A 296 13.88 -89.35 -6.65
CA VAL A 296 14.39 -88.80 -7.91
C VAL A 296 15.24 -89.87 -8.61
N SER A 297 16.04 -90.61 -7.83
CA SER A 297 16.94 -91.62 -8.37
C SER A 297 16.15 -92.74 -9.05
N LYS A 298 15.10 -93.21 -8.36
CA LYS A 298 14.28 -94.30 -8.86
C LYS A 298 13.44 -93.85 -10.05
N PHE A 299 13.10 -92.55 -10.08
CA PHE A 299 12.33 -91.97 -11.18
C PHE A 299 13.13 -92.03 -12.48
N LEU A 300 14.41 -91.65 -12.40
CA LEU A 300 15.28 -91.61 -13.56
C LEU A 300 15.79 -93.02 -13.90
N GLU A 301 15.78 -93.91 -12.90
CA GLU A 301 16.16 -95.30 -13.10
C GLU A 301 15.13 -95.99 -13.98
N ASN A 302 13.85 -95.74 -13.69
CA ASN A 302 12.75 -96.28 -14.47
C ASN A 302 12.83 -95.79 -15.92
N ALA A 303 13.22 -94.52 -16.09
CA ALA A 303 13.30 -93.88 -17.39
C ALA A 303 14.33 -94.61 -18.26
N CYS A 304 15.55 -94.75 -17.74
CA CYS A 304 16.64 -95.40 -18.47
C CYS A 304 16.38 -96.90 -18.61
N ARG A 305 15.55 -97.46 -17.71
CA ARG A 305 15.13 -98.84 -17.81
C ARG A 305 14.20 -99.04 -19.01
N ASN A 306 13.43 -98.00 -19.34
CA ASN A 306 12.51 -98.03 -20.46
C ASN A 306 13.12 -97.30 -21.67
N LYS A 307 14.44 -97.11 -21.65
CA LYS A 307 15.18 -96.50 -22.74
C LYS A 307 14.71 -95.07 -22.98
N GLU A 308 14.22 -94.41 -21.93
CA GLU A 308 13.79 -93.02 -21.99
C GLU A 308 14.97 -92.14 -21.62
N ARG A 309 15.21 -91.08 -22.41
CA ARG A 309 16.26 -90.12 -22.11
C ARG A 309 15.80 -89.21 -20.99
N ALA A 310 16.71 -88.89 -20.06
CA ALA A 310 16.40 -88.10 -18.89
C ALA A 310 17.59 -87.23 -18.50
N ILE A 311 17.29 -86.09 -17.86
CA ILE A 311 18.32 -85.19 -17.35
C ILE A 311 18.06 -84.94 -15.87
N LEU A 312 19.14 -84.87 -15.08
CA LEU A 312 19.07 -84.46 -13.68
C LEU A 312 19.81 -83.14 -13.52
N PHE A 313 19.06 -82.09 -13.22
CA PHE A 313 19.62 -80.77 -12.91
C PHE A 313 19.82 -80.68 -11.40
N ALA A 314 21.05 -80.96 -10.94
CA ALA A 314 21.34 -81.06 -9.51
C ALA A 314 21.96 -79.76 -9.02
N TYR A 315 21.44 -79.25 -7.89
CA TYR A 315 21.86 -77.97 -7.34
C TYR A 315 22.22 -78.11 -5.86
N GLU A 316 22.58 -79.32 -5.44
CA GLU A 316 22.88 -79.60 -4.03
C GLU A 316 24.13 -80.48 -3.93
N GLU A 317 24.05 -81.69 -4.52
CA GLU A 317 25.14 -82.65 -4.46
C GLU A 317 25.92 -82.61 -5.76
N SER A 318 27.03 -83.38 -5.80
CA SER A 318 27.87 -83.49 -6.98
C SER A 318 27.64 -84.86 -7.64
N ARG A 319 28.05 -84.98 -8.90
CA ARG A 319 27.86 -86.19 -9.68
C ARG A 319 28.46 -87.39 -8.94
N ALA A 320 29.63 -87.17 -8.33
CA ALA A 320 30.36 -88.22 -7.63
C ALA A 320 29.56 -88.75 -6.45
N GLN A 321 29.05 -87.82 -5.62
CA GLN A 321 28.35 -88.18 -4.41
C GLN A 321 26.96 -88.75 -4.73
N LEU A 322 26.38 -88.27 -5.84
CA LEU A 322 25.11 -88.80 -6.32
C LEU A 322 25.27 -90.24 -6.78
N LEU A 323 26.35 -90.50 -7.53
CA LEU A 323 26.65 -91.83 -8.03
C LEU A 323 26.84 -92.82 -6.88
N ARG A 324 27.62 -92.41 -5.87
CA ARG A 324 27.93 -93.27 -4.73
C ARG A 324 26.67 -93.57 -3.93
N ASN A 325 25.96 -92.51 -3.53
CA ASN A 325 24.79 -92.63 -2.67
C ASN A 325 23.69 -93.42 -3.37
N ALA A 326 23.68 -93.37 -4.71
CA ALA A 326 22.76 -94.16 -5.52
C ALA A 326 23.17 -95.63 -5.52
N THR A 327 24.48 -95.89 -5.60
CA THR A 327 25.02 -97.24 -5.61
C THR A 327 24.71 -97.94 -4.29
N SER A 328 24.64 -97.14 -3.20
CA SER A 328 24.25 -97.64 -1.90
C SER A 328 22.76 -97.98 -1.87
N TRP A 329 22.01 -97.43 -2.83
CA TRP A 329 20.57 -97.68 -2.97
C TRP A 329 20.30 -98.74 -4.03
N GLY A 330 21.35 -99.27 -4.66
CA GLY A 330 21.21 -100.24 -5.74
C GLY A 330 20.80 -99.57 -7.05
N ILE A 331 21.46 -98.46 -7.36
CA ILE A 331 21.16 -97.69 -8.57
C ILE A 331 22.48 -97.23 -9.17
N ASP A 332 22.69 -97.57 -10.45
CA ASP A 332 23.93 -97.26 -11.16
C ASP A 332 23.64 -96.24 -12.26
N PHE A 333 23.97 -94.97 -11.99
CA PHE A 333 23.78 -93.90 -12.96
C PHE A 333 24.85 -93.94 -14.03
N GLU A 334 26.01 -94.56 -13.74
CA GLU A 334 27.14 -94.55 -14.63
C GLU A 334 26.81 -95.29 -15.93
N GLU A 335 26.15 -96.46 -15.79
CA GLU A 335 25.77 -97.27 -16.93
C GLU A 335 24.71 -96.53 -17.75
N MET A 336 23.75 -95.91 -17.03
CA MET A 336 22.70 -95.12 -17.64
C MET A 336 23.29 -94.01 -18.50
N GLU A 337 24.31 -93.34 -17.96
CA GLU A 337 25.00 -92.25 -18.66
C GLU A 337 25.73 -92.79 -19.88
N ARG A 338 26.37 -93.97 -19.74
CA ARG A 338 27.14 -94.58 -20.81
C ARG A 338 26.21 -94.97 -21.96
N ASP A 339 25.03 -95.51 -21.61
CA ASP A 339 24.03 -95.88 -22.59
C ASP A 339 23.60 -94.66 -23.39
N GLY A 340 23.69 -93.47 -22.76
CA GLY A 340 23.35 -92.21 -23.40
C GLY A 340 21.90 -91.82 -23.13
N LEU A 341 21.41 -92.17 -21.93
CA LEU A 341 20.02 -91.98 -21.55
C LEU A 341 19.90 -91.06 -20.34
N LEU A 342 21.01 -90.83 -19.61
CA LEU A 342 20.98 -90.02 -18.41
C LEU A 342 22.03 -88.92 -18.54
N LYS A 343 21.66 -87.69 -18.15
CA LYS A 343 22.56 -86.54 -18.19
C LYS A 343 22.48 -85.82 -16.85
N ILE A 344 23.59 -85.84 -16.09
CA ILE A 344 23.63 -85.20 -14.78
C ILE A 344 24.32 -83.84 -14.93
N ILE A 345 23.53 -82.77 -14.84
CA ILE A 345 24.02 -81.40 -14.94
C ILE A 345 24.11 -80.80 -13.53
N CYS A 346 25.34 -80.66 -13.02
CA CYS A 346 25.57 -80.13 -11.69
C CYS A 346 25.99 -78.67 -11.77
N ALA A 347 25.40 -77.83 -10.89
CA ALA A 347 25.75 -76.42 -10.82
C ALA A 347 25.26 -75.83 -9.50
N TYR A 348 26.01 -74.87 -8.96
CA TYR A 348 25.60 -74.15 -7.77
C TYR A 348 24.55 -73.12 -8.17
N PRO A 349 23.49 -72.89 -7.35
CA PRO A 349 22.51 -71.84 -7.62
C PRO A 349 23.06 -70.42 -7.72
N GLU A 350 24.21 -70.17 -7.07
CA GLU A 350 24.80 -68.85 -7.00
C GLU A 350 25.75 -68.60 -8.17
N SER A 351 26.03 -69.65 -8.95
CA SER A 351 26.92 -69.55 -10.10
C SER A 351 26.35 -68.57 -11.12
N THR A 352 25.02 -68.60 -11.29
CA THR A 352 24.33 -67.73 -12.23
C THR A 352 22.98 -67.31 -11.65
N GLY A 353 22.32 -66.37 -12.35
CA GLY A 353 20.97 -65.95 -12.01
C GLY A 353 19.93 -66.98 -12.48
N LEU A 354 18.70 -66.83 -11.99
CA LEU A 354 17.61 -67.74 -12.33
C LEU A 354 17.24 -67.63 -13.80
N GLU A 355 17.41 -66.43 -14.39
CA GLU A 355 17.13 -66.22 -15.79
C GLU A 355 18.07 -67.08 -16.64
N ASP A 356 19.34 -67.17 -16.23
CA ASP A 356 20.33 -67.99 -16.92
C ASP A 356 20.00 -69.47 -16.73
N HIS A 357 19.84 -69.87 -15.46
CA HIS A 357 19.52 -71.24 -15.10
C HIS A 357 18.43 -71.80 -16.01
N LEU A 358 17.41 -70.98 -16.30
CA LEU A 358 16.28 -71.40 -17.10
C LEU A 358 16.73 -71.64 -18.55
N GLN A 359 17.57 -70.73 -19.06
CA GLN A 359 18.11 -70.83 -20.40
C GLN A 359 18.97 -72.09 -20.53
N ILE A 360 19.66 -72.45 -19.44
CA ILE A 360 20.49 -73.66 -19.40
C ILE A 360 19.57 -74.88 -19.49
N ILE A 361 18.49 -74.87 -18.69
CA ILE A 361 17.55 -75.98 -18.65
C ILE A 361 16.90 -76.15 -20.01
N LYS A 362 16.43 -75.04 -20.60
CA LYS A 362 15.78 -75.08 -21.90
C LYS A 362 16.73 -75.59 -22.97
N SER A 363 17.98 -75.10 -22.95
CA SER A 363 18.97 -75.42 -23.97
C SER A 363 19.31 -76.91 -23.93
N GLU A 364 19.73 -77.39 -22.75
CA GLU A 364 20.16 -78.77 -22.58
C GLU A 364 19.03 -79.73 -22.94
N ILE A 365 17.79 -79.33 -22.67
CA ILE A 365 16.61 -80.13 -23.02
C ILE A 365 16.50 -80.23 -24.53
N SER A 366 16.70 -79.10 -25.23
CA SER A 366 16.53 -79.05 -26.68
C SER A 366 17.58 -79.89 -27.39
N GLU A 367 18.74 -80.10 -26.75
CA GLU A 367 19.81 -80.88 -27.34
C GLU A 367 19.57 -82.37 -27.11
N PHE A 368 19.34 -82.75 -25.86
CA PHE A 368 19.26 -84.14 -25.46
C PHE A 368 17.90 -84.73 -25.86
N LYS A 369 16.86 -83.89 -25.80
CA LYS A 369 15.49 -84.30 -26.09
C LYS A 369 15.06 -85.35 -25.07
N PRO A 370 15.04 -85.01 -23.76
CA PRO A 370 14.64 -85.97 -22.73
C PRO A 370 13.13 -86.09 -22.58
N SER A 371 12.67 -87.28 -22.18
CA SER A 371 11.26 -87.53 -21.94
C SER A 371 10.89 -87.21 -20.49
N ARG A 372 11.87 -87.35 -19.57
CA ARG A 372 11.68 -86.98 -18.18
C ARG A 372 12.77 -86.00 -17.76
N ILE A 373 12.49 -85.21 -16.72
CA ILE A 373 13.43 -84.23 -16.21
C ILE A 373 13.37 -84.26 -14.67
N ALA A 374 14.40 -83.70 -14.03
CA ALA A 374 14.46 -83.66 -12.58
C ALA A 374 15.25 -82.44 -12.10
N ILE A 375 14.71 -81.75 -11.09
CA ILE A 375 15.38 -80.63 -10.45
C ILE A 375 15.48 -80.93 -8.95
N ASP A 376 16.71 -81.09 -8.48
CA ASP A 376 17.00 -81.34 -7.07
C ASP A 376 18.04 -80.32 -6.60
N SER A 377 17.61 -79.23 -5.97
CA SER A 377 16.23 -78.97 -5.57
C SER A 377 15.79 -77.61 -6.07
N LEU A 378 14.48 -77.36 -5.96
CA LEU A 378 13.91 -76.05 -6.22
C LEU A 378 14.20 -75.11 -5.05
N SER A 379 14.21 -75.68 -3.83
CA SER A 379 14.47 -74.92 -2.62
C SER A 379 15.89 -74.34 -2.63
N ALA A 380 16.81 -75.02 -3.32
CA ALA A 380 18.19 -74.56 -3.44
C ALA A 380 18.26 -73.33 -4.35
N LEU A 381 17.49 -73.35 -5.44
CA LEU A 381 17.49 -72.27 -6.41
C LEU A 381 16.77 -71.03 -5.85
N ALA A 382 15.97 -71.22 -4.80
CA ALA A 382 15.25 -70.13 -4.16
C ALA A 382 16.17 -69.31 -3.25
N ARG A 383 17.30 -69.90 -2.85
CA ARG A 383 18.24 -69.26 -1.94
C ARG A 383 18.82 -68.00 -2.59
N GLY A 384 18.65 -66.86 -1.92
CA GLY A 384 19.17 -65.59 -2.42
C GLY A 384 18.45 -65.14 -3.69
N VAL A 385 17.12 -65.00 -3.59
CA VAL A 385 16.29 -64.62 -4.73
C VAL A 385 14.92 -64.22 -4.21
N SER A 386 14.22 -63.37 -4.98
CA SER A 386 12.88 -62.92 -4.62
C SER A 386 11.87 -64.04 -4.92
N ASN A 387 10.73 -63.98 -4.23
CA ASN A 387 9.66 -64.96 -4.40
C ASN A 387 9.06 -64.80 -5.80
N ASN A 388 9.02 -63.56 -6.28
CA ASN A 388 8.41 -63.23 -7.56
C ASN A 388 9.33 -63.68 -8.70
N ALA A 389 10.65 -63.72 -8.44
CA ALA A 389 11.62 -64.17 -9.43
C ALA A 389 11.62 -65.70 -9.50
N PHE A 390 11.59 -66.33 -8.32
CA PHE A 390 11.54 -67.78 -8.23
C PHE A 390 10.21 -68.30 -8.79
N ARG A 391 9.15 -67.49 -8.65
CA ARG A 391 7.85 -67.82 -9.20
C ARG A 391 7.92 -67.80 -10.73
N GLN A 392 8.53 -66.75 -11.28
CA GLN A 392 8.74 -66.64 -12.72
C GLN A 392 9.56 -67.82 -13.23
N PHE A 393 10.52 -68.29 -12.42
CA PHE A 393 11.36 -69.42 -12.77
C PHE A 393 10.52 -70.69 -12.83
N VAL A 394 9.85 -71.02 -11.71
CA VAL A 394 9.07 -72.24 -11.60
C VAL A 394 8.02 -72.27 -12.70
N ILE A 395 7.25 -71.17 -12.83
CA ILE A 395 6.25 -71.03 -13.86
C ILE A 395 6.87 -71.26 -15.24
N GLY A 396 8.13 -70.82 -15.40
CA GLY A 396 8.85 -71.00 -16.66
C GLY A 396 9.16 -72.45 -16.97
N VAL A 397 9.82 -73.15 -16.02
CA VAL A 397 10.28 -74.51 -16.24
C VAL A 397 9.07 -75.44 -16.34
N THR A 398 8.15 -75.31 -15.39
CA THR A 398 6.91 -76.06 -15.38
C THR A 398 6.28 -76.05 -16.77
N GLY A 399 6.02 -74.84 -17.29
CA GLY A 399 5.33 -74.65 -18.55
C GLY A 399 6.10 -75.26 -19.73
N TYR A 400 7.41 -75.00 -19.78
CA TYR A 400 8.26 -75.47 -20.86
C TYR A 400 8.24 -77.00 -20.91
N ALA A 401 8.19 -77.63 -19.73
CA ALA A 401 8.15 -79.08 -19.62
C ALA A 401 6.81 -79.60 -20.12
N LYS A 402 5.72 -78.91 -19.75
CA LYS A 402 4.38 -79.33 -20.12
C LYS A 402 4.12 -79.12 -21.62
N GLN A 403 4.71 -78.07 -22.20
CA GLN A 403 4.49 -77.76 -23.61
C GLN A 403 5.28 -78.72 -24.48
N GLU A 404 6.43 -79.19 -23.98
CA GLU A 404 7.33 -80.06 -24.71
C GLU A 404 7.06 -81.53 -24.36
N GLU A 405 6.05 -81.77 -23.50
CA GLU A 405 5.65 -83.11 -23.12
C GLU A 405 6.81 -83.82 -22.40
N ILE A 406 7.31 -83.18 -21.35
CA ILE A 406 8.39 -83.72 -20.53
C ILE A 406 7.89 -83.81 -19.09
N THR A 407 8.00 -85.00 -18.50
CA THR A 407 7.58 -85.22 -17.13
C THR A 407 8.64 -84.64 -16.19
N GLY A 408 8.20 -83.86 -15.20
CA GLY A 408 9.11 -83.14 -14.32
C GLY A 408 8.92 -83.52 -12.86
N PHE A 409 9.95 -84.18 -12.29
CA PHE A 409 9.99 -84.49 -10.87
C PHE A 409 10.83 -83.41 -10.17
N PHE A 410 10.16 -82.55 -9.40
CA PHE A 410 10.84 -81.47 -8.68
C PHE A 410 10.91 -81.81 -7.19
N THR A 411 11.94 -81.29 -6.52
CA THR A 411 12.19 -81.55 -5.12
C THR A 411 12.22 -80.22 -4.36
N ASN A 412 11.73 -80.25 -3.11
CA ASN A 412 11.75 -79.09 -2.24
C ASN A 412 12.05 -79.57 -0.81
N THR A 413 13.00 -78.89 -0.15
CA THR A 413 13.35 -79.21 1.22
C THR A 413 12.71 -78.20 2.16
N SER A 414 11.86 -78.68 3.07
CA SER A 414 11.22 -77.84 4.07
C SER A 414 12.22 -77.47 5.16
N ASP A 415 12.08 -76.25 5.70
CA ASP A 415 12.99 -75.73 6.70
C ASP A 415 12.69 -76.37 8.06
N GLN A 416 11.41 -76.64 8.33
CA GLN A 416 11.01 -77.33 9.55
C GLN A 416 11.03 -78.83 9.29
N PHE A 417 11.72 -79.58 10.16
CA PHE A 417 12.02 -80.97 9.87
C PHE A 417 11.04 -81.94 10.53
N MET A 418 9.98 -81.43 11.16
CA MET A 418 8.95 -82.30 11.72
C MET A 418 7.59 -81.61 11.73
N GLY A 419 7.58 -80.29 11.96
CA GLY A 419 6.35 -79.51 11.97
C GLY A 419 5.48 -79.74 10.75
N SER A 420 6.13 -79.89 9.57
CA SER A 420 5.45 -80.09 8.30
C SER A 420 4.18 -79.24 8.23
N HIS A 421 4.37 -77.91 8.33
CA HIS A 421 3.28 -76.97 8.43
C HIS A 421 2.73 -76.66 7.03
N SER A 422 3.64 -76.38 6.08
CA SER A 422 3.28 -76.04 4.72
C SER A 422 4.19 -76.77 3.74
N ILE A 423 3.88 -76.64 2.44
CA ILE A 423 4.63 -77.31 1.38
C ILE A 423 5.05 -76.27 0.35
N THR A 424 6.37 -76.18 0.11
CA THR A 424 6.94 -75.20 -0.82
C THR A 424 6.20 -73.86 -0.67
N ASP A 425 6.27 -73.30 0.54
CA ASP A 425 5.44 -72.15 0.91
C ASP A 425 5.79 -70.95 0.04
N SER A 426 5.32 -70.99 -1.21
CA SER A 426 5.49 -69.90 -2.16
C SER A 426 4.57 -70.07 -3.36
N HIS A 427 3.38 -70.65 -3.14
CA HIS A 427 2.39 -70.88 -4.18
C HIS A 427 3.02 -71.60 -5.37
N ILE A 428 3.74 -72.69 -5.10
CA ILE A 428 4.29 -73.56 -6.13
C ILE A 428 3.41 -74.81 -6.24
N SEP A 429 2.45 -74.95 -5.32
CA SEP A 429 1.60 -76.14 -5.22
CB SEP A 429 1.01 -76.25 -3.84
OG SEP A 429 1.97 -75.75 -2.87
C SEP A 429 0.51 -76.10 -6.30
O SEP A 429 0.15 -77.14 -6.85
P SEP A 429 1.62 -74.42 -2.01
O1P SEP A 429 0.44 -73.75 -2.70
O2P SEP A 429 2.87 -73.57 -2.05
O3P SEP A 429 1.29 -74.91 -0.62
N THR A 430 0.00 -74.89 -6.58
CA THR A 430 -1.04 -74.71 -7.57
C THR A 430 -0.51 -75.03 -8.98
N ILE A 431 0.81 -75.03 -9.13
CA ILE A 431 1.47 -75.28 -10.41
C ILE A 431 1.69 -76.79 -10.60
N THR A 432 1.85 -77.52 -9.50
CA THR A 432 2.16 -78.94 -9.55
C THR A 432 0.87 -79.75 -9.63
N ASP A 433 0.98 -80.96 -10.20
CA ASP A 433 -0.17 -81.84 -10.41
C ASP A 433 -0.16 -82.97 -9.39
N THR A 434 1.02 -83.39 -8.95
CA THR A 434 1.18 -84.40 -7.93
C THR A 434 2.05 -83.87 -6.80
N ILE A 435 1.70 -84.23 -5.55
CA ILE A 435 2.48 -83.85 -4.39
C ILE A 435 2.71 -85.10 -3.54
N ILE A 436 4.00 -85.43 -3.33
CA ILE A 436 4.40 -86.50 -2.42
C ILE A 436 5.00 -85.85 -1.19
N LEU A 437 4.35 -86.06 -0.03
CA LEU A 437 4.80 -85.46 1.22
C LEU A 437 5.59 -86.48 2.02
N LEU A 438 6.89 -86.23 2.20
CA LEU A 438 7.74 -87.02 3.07
C LEU A 438 7.86 -86.29 4.41
N GLN A 439 7.78 -87.05 5.51
CA GLN A 439 7.93 -86.48 6.85
C GLN A 439 8.56 -87.50 7.79
N TYR A 440 9.07 -86.99 8.92
CA TYR A 440 9.54 -87.83 10.01
C TYR A 440 8.40 -88.02 11.01
N VAL A 441 8.41 -89.17 11.69
CA VAL A 441 7.42 -89.48 12.72
C VAL A 441 8.13 -90.12 13.91
N GLU A 442 7.94 -89.49 15.08
CA GLU A 442 8.59 -89.92 16.31
C GLU A 442 7.79 -91.05 16.94
N ILE A 443 8.25 -92.29 16.73
CA ILE A 443 7.56 -93.47 17.22
C ILE A 443 8.47 -94.22 18.20
N ARG A 444 8.06 -94.25 19.47
CA ARG A 444 8.74 -95.02 20.51
C ARG A 444 10.21 -94.63 20.58
N GLY A 445 10.47 -93.32 20.60
CA GLY A 445 11.82 -92.79 20.76
C GLY A 445 12.70 -93.03 19.53
N GLU A 446 12.07 -93.37 18.39
CA GLU A 446 12.78 -93.61 17.15
C GLU A 446 12.23 -92.66 16.08
N MET A 447 13.10 -92.29 15.14
CA MET A 447 12.77 -91.34 14.08
C MET A 447 12.42 -92.11 12.81
N SER A 448 11.15 -92.53 12.72
CA SER A 448 10.65 -93.19 11.52
C SER A 448 10.25 -92.16 10.47
N ARG A 449 10.03 -92.62 9.25
CA ARG A 449 9.66 -91.77 8.13
C ARG A 449 8.25 -92.12 7.69
N ALA A 450 7.68 -91.31 6.79
CA ALA A 450 6.36 -91.56 6.24
C ALA A 450 6.24 -90.93 4.86
N ILE A 451 5.43 -91.56 4.00
CA ILE A 451 5.17 -91.06 2.65
C ILE A 451 3.65 -90.92 2.49
N ASN A 452 3.24 -89.92 1.71
CA ASN A 452 1.83 -89.60 1.55
C ASN A 452 1.63 -88.89 0.20
N VAL A 453 0.76 -89.46 -0.64
CA VAL A 453 0.37 -88.82 -1.89
C VAL A 453 -0.68 -87.77 -1.54
N PHE A 454 -0.22 -86.52 -1.36
CA PHE A 454 -1.06 -85.44 -0.88
C PHE A 454 -2.09 -85.07 -1.95
N LYS A 455 -1.61 -84.84 -3.17
CA LYS A 455 -2.46 -84.47 -4.29
C LYS A 455 -2.10 -85.29 -5.52
N MET A 456 -3.11 -85.57 -6.35
CA MET A 456 -2.92 -86.26 -7.62
C MET A 456 -4.08 -85.91 -8.54
N ARG A 457 -3.92 -84.85 -9.33
CA ARG A 457 -4.96 -84.37 -10.23
C ARG A 457 -5.27 -85.42 -11.29
N GLY A 458 -6.56 -85.76 -11.41
CA GLY A 458 -7.04 -86.60 -12.49
C GLY A 458 -6.95 -88.09 -12.17
N SER A 459 -6.64 -88.43 -10.92
CA SER A 459 -6.47 -89.82 -10.50
C SER A 459 -6.90 -89.99 -9.05
N TRP A 460 -7.41 -91.19 -8.73
CA TRP A 460 -7.51 -91.61 -7.34
C TRP A 460 -6.09 -91.83 -6.82
N HIS A 461 -5.85 -91.41 -5.58
CA HIS A 461 -4.58 -91.64 -4.91
C HIS A 461 -4.88 -92.21 -3.52
N ASP A 462 -3.98 -93.08 -3.05
CA ASP A 462 -4.10 -93.64 -1.72
C ASP A 462 -3.97 -92.51 -0.71
N LYS A 463 -4.94 -92.43 0.21
CA LYS A 463 -5.04 -91.32 1.14
C LYS A 463 -4.26 -91.62 2.42
N GLY A 464 -3.41 -92.66 2.38
CA GLY A 464 -2.75 -93.16 3.58
C GLY A 464 -1.40 -92.48 3.80
N ILE A 465 -1.08 -92.24 5.08
CA ILE A 465 0.22 -91.75 5.49
C ILE A 465 1.08 -92.97 5.84
N ARG A 466 1.57 -93.64 4.79
CA ARG A 466 2.24 -94.92 4.94
C ARG A 466 3.67 -94.72 5.42
N GLU A 467 4.10 -95.60 6.34
CA GLU A 467 5.49 -95.69 6.76
C GLU A 467 6.32 -96.26 5.61
N PHE A 468 7.55 -95.77 5.45
CA PHE A 468 8.48 -96.33 4.48
C PHE A 468 9.89 -96.31 5.04
N VAL A 469 10.68 -97.32 4.65
CA VAL A 469 12.02 -97.52 5.18
C VAL A 469 13.00 -97.60 4.01
N ILE A 470 14.11 -96.85 4.13
CA ILE A 470 15.15 -96.85 3.11
C ILE A 470 16.18 -97.93 3.48
N SER A 471 16.67 -98.64 2.46
CA SER A 471 17.57 -99.76 2.66
C SER A 471 18.64 -99.74 1.58
N ASP A 472 19.41 -100.83 1.47
CA ASP A 472 20.37 -100.99 0.39
C ASP A 472 19.62 -101.18 -0.93
N LYS A 473 18.39 -101.72 -0.82
CA LYS A 473 17.55 -101.97 -1.98
C LYS A 473 16.80 -100.71 -2.39
N GLY A 474 16.38 -99.92 -1.40
CA GLY A 474 15.74 -98.63 -1.64
C GLY A 474 14.51 -98.42 -0.76
N PRO A 475 13.46 -97.72 -1.24
CA PRO A 475 12.30 -97.40 -0.43
C PRO A 475 11.31 -98.56 -0.36
N GLU A 476 10.94 -98.95 0.86
CA GLU A 476 9.98 -100.02 1.09
C GLU A 476 8.78 -99.44 1.84
N ILE A 477 7.73 -99.10 1.08
CA ILE A 477 6.54 -98.46 1.64
C ILE A 477 5.69 -99.52 2.32
N LYS A 478 5.51 -99.37 3.64
CA LYS A 478 4.75 -100.31 4.45
C LYS A 478 3.35 -99.75 4.67
N ASP A 479 2.75 -100.08 5.83
CA ASP A 479 1.37 -99.73 6.12
C ASP A 479 1.31 -98.41 6.88
N SER A 480 0.07 -97.93 7.11
CA SER A 480 -0.17 -96.62 7.71
C SER A 480 -0.27 -96.73 9.23
N PHE A 481 -0.23 -95.57 9.88
CA PHE A 481 -0.29 -95.46 11.33
C PHE A 481 -1.75 -95.32 11.77
N ARG A 482 -2.47 -96.45 11.82
CA ARG A 482 -3.88 -96.44 12.15
C ARG A 482 -4.09 -96.21 13.65
N ASN A 483 -3.16 -96.73 14.46
CA ASN A 483 -3.28 -96.71 15.91
C ASN A 483 -2.53 -95.50 16.49
N PHE A 484 -2.41 -94.43 15.69
CA PHE A 484 -1.72 -93.22 16.10
C PHE A 484 -2.57 -92.00 15.75
N GLU A 485 -2.28 -90.87 16.42
CA GLU A 485 -2.92 -89.59 16.15
C GLU A 485 -1.86 -88.50 16.13
N ARG A 486 -2.21 -87.36 15.53
CA ARG A 486 -1.31 -86.21 15.39
C ARG A 486 -0.02 -86.65 14.71
N ILE A 487 -0.17 -87.44 13.63
CA ILE A 487 0.94 -87.95 12.84
C ILE A 487 1.61 -86.79 12.10
N ILE A 488 0.80 -85.86 11.61
CA ILE A 488 1.29 -84.74 10.80
C ILE A 488 2.19 -83.84 11.64
N SER A 489 1.93 -83.77 12.95
CA SER A 489 2.71 -82.93 13.85
C SER A 489 4.18 -83.36 13.85
N GLY A 490 4.43 -84.66 13.64
CA GLY A 490 5.77 -85.22 13.69
C GLY A 490 6.04 -85.87 15.04
N SER A 491 5.16 -85.61 16.01
CA SER A 491 5.21 -86.22 17.33
C SER A 491 3.86 -86.87 17.63
N PRO A 492 3.56 -88.07 17.07
CA PRO A 492 2.24 -88.69 17.20
C PRO A 492 1.95 -89.24 18.60
N THR A 493 0.69 -89.63 18.80
CA THR A 493 0.22 -90.19 20.05
C THR A 493 -0.46 -91.53 19.78
N ARG A 494 -0.07 -92.57 20.52
CA ARG A 494 -0.69 -93.87 20.44
C ARG A 494 -2.09 -93.77 21.03
N ILE A 495 -3.10 -94.20 20.27
CA ILE A 495 -4.49 -94.02 20.63
C ILE A 495 -4.88 -95.03 21.69
N THR A 496 -5.43 -94.54 22.81
CA THR A 496 -5.92 -95.37 23.91
C THR A 496 -4.75 -96.21 24.46
N ALA B 15 36.82 -63.35 -33.94
CA ALA B 15 36.43 -63.61 -32.52
C ALA B 15 37.43 -62.95 -31.58
N VAL B 16 36.93 -62.45 -30.45
CA VAL B 16 37.73 -61.68 -29.51
C VAL B 16 38.49 -62.67 -28.62
N GLN B 17 39.82 -62.65 -28.71
CA GLN B 17 40.68 -63.42 -27.83
C GLN B 17 40.93 -62.63 -26.55
N LYS B 18 41.34 -63.33 -25.50
CA LYS B 18 41.52 -62.73 -24.18
C LYS B 18 42.95 -62.97 -23.70
N LEU B 19 43.41 -62.10 -22.79
CA LEU B 19 44.75 -62.14 -22.24
C LEU B 19 44.68 -62.50 -20.76
N PRO B 20 45.30 -63.61 -20.30
CA PRO B 20 45.30 -63.98 -18.88
C PRO B 20 45.97 -62.91 -18.02
N THR B 21 45.20 -62.32 -17.10
CA THR B 21 45.67 -61.24 -16.25
C THR B 21 46.66 -61.80 -15.22
N GLY B 22 46.37 -63.01 -14.72
CA GLY B 22 47.18 -63.62 -13.68
C GLY B 22 46.62 -63.36 -12.28
N ILE B 23 45.64 -62.44 -12.18
CA ILE B 23 44.98 -62.16 -10.93
C ILE B 23 44.07 -63.34 -10.62
N GLU B 24 44.14 -63.82 -9.37
CA GLU B 24 43.44 -65.04 -8.97
C GLU B 24 41.94 -64.82 -9.04
N GLY B 25 41.27 -65.54 -9.96
CA GLY B 25 39.83 -65.54 -10.06
C GLY B 25 39.32 -64.71 -11.24
N PHE B 26 40.06 -63.64 -11.59
CA PHE B 26 39.61 -62.72 -12.63
C PHE B 26 39.44 -63.46 -13.96
N ASP B 27 40.35 -64.38 -14.25
CA ASP B 27 40.34 -65.13 -15.52
C ASP B 27 39.13 -66.07 -15.55
N ASP B 28 38.63 -66.44 -14.37
CA ASP B 28 37.44 -67.28 -14.26
C ASP B 28 36.18 -66.45 -14.54
N ILE B 29 36.11 -65.25 -13.94
CA ILE B 29 34.93 -64.39 -14.04
C ILE B 29 34.93 -63.68 -15.40
N SER B 30 36.11 -63.52 -16.00
CA SER B 30 36.25 -62.86 -17.29
C SER B 30 36.16 -63.88 -18.43
N HIS B 31 36.02 -65.18 -18.08
CA HIS B 31 35.94 -66.25 -19.06
C HIS B 31 37.14 -66.21 -20.00
N GLY B 32 38.35 -66.15 -19.41
CA GLY B 32 39.58 -66.15 -20.18
C GLY B 32 40.55 -65.06 -19.74
N GLY B 33 40.03 -63.85 -19.54
CA GLY B 33 40.86 -62.70 -19.18
C GLY B 33 40.31 -61.41 -19.79
N LEU B 34 41.22 -60.50 -20.14
CA LEU B 34 40.84 -59.23 -20.75
C LEU B 34 41.01 -59.31 -22.25
N PRO B 35 39.98 -58.91 -23.05
CA PRO B 35 40.10 -58.83 -24.50
C PRO B 35 41.41 -58.18 -24.98
N ILE B 36 42.10 -58.85 -25.90
CA ILE B 36 43.40 -58.41 -26.38
C ILE B 36 43.18 -57.30 -27.39
N GLY B 37 44.09 -56.30 -27.38
CA GLY B 37 44.02 -55.18 -28.31
C GLY B 37 42.83 -54.25 -28.02
N ARG B 38 42.25 -54.39 -26.83
CA ARG B 38 41.10 -53.61 -26.41
C ARG B 38 41.42 -52.96 -25.06
N SER B 39 40.79 -51.82 -24.80
CA SER B 39 40.98 -51.09 -23.55
C SER B 39 39.88 -51.47 -22.57
N THR B 40 40.26 -51.69 -21.31
CA THR B 40 39.33 -52.01 -20.25
C THR B 40 39.32 -50.87 -19.22
N LEU B 41 38.11 -50.42 -18.86
CA LEU B 41 37.94 -49.46 -17.79
C LEU B 41 37.82 -50.21 -16.47
N VAL B 42 38.60 -49.79 -15.48
CA VAL B 42 38.50 -50.31 -14.12
C VAL B 42 38.20 -49.15 -13.19
N SER B 43 36.91 -48.98 -12.86
CA SER B 43 36.47 -47.83 -12.07
C SER B 43 36.11 -48.26 -10.65
N GLY B 44 36.21 -47.32 -9.71
CA GLY B 44 35.94 -47.56 -8.31
C GLY B 44 36.23 -46.33 -7.45
N THR B 45 35.74 -46.35 -6.21
CA THR B 45 35.97 -45.28 -5.25
C THR B 45 37.39 -45.40 -4.70
N SER B 46 37.78 -44.45 -3.84
CA SER B 46 39.12 -44.42 -3.26
C SER B 46 39.31 -45.64 -2.35
N GLY B 47 40.41 -46.36 -2.58
CA GLY B 47 40.80 -47.51 -1.77
C GLY B 47 40.08 -48.79 -2.20
N THR B 48 39.83 -48.91 -3.51
CA THR B 48 39.14 -50.07 -4.07
C THR B 48 40.14 -51.08 -4.65
N GLY B 49 41.36 -50.62 -4.95
CA GLY B 49 42.41 -51.47 -5.49
C GLY B 49 42.55 -51.33 -7.00
N LYS B 50 42.38 -50.11 -7.51
CA LYS B 50 42.45 -49.83 -8.93
C LYS B 50 43.92 -49.83 -9.37
N THR B 51 44.78 -49.24 -8.53
CA THR B 51 46.20 -49.12 -8.84
C THR B 51 46.89 -50.48 -8.64
N VAL B 52 46.38 -51.27 -7.68
CA VAL B 52 46.91 -52.60 -7.43
C VAL B 52 46.64 -53.48 -8.65
N PHE B 53 45.37 -53.52 -9.07
CA PHE B 53 44.93 -54.31 -10.21
C PHE B 53 45.80 -54.03 -11.43
N SER B 54 46.08 -52.74 -11.68
CA SER B 54 46.82 -52.31 -12.85
C SER B 54 48.28 -52.72 -12.77
N MET B 55 48.90 -52.53 -11.59
CA MET B 55 50.27 -52.95 -11.35
C MET B 55 50.37 -54.48 -11.44
N GLN B 56 49.35 -55.16 -10.91
CA GLN B 56 49.29 -56.61 -10.89
C GLN B 56 49.16 -57.13 -12.33
N PHE B 57 48.36 -56.41 -13.14
CA PHE B 57 48.19 -56.73 -14.55
C PHE B 57 49.54 -56.71 -15.26
N LEU B 58 50.32 -55.66 -15.01
CA LEU B 58 51.61 -55.47 -15.66
C LEU B 58 52.66 -56.43 -15.07
N TYR B 59 52.71 -56.50 -13.73
CA TYR B 59 53.70 -57.32 -13.05
C TYR B 59 53.62 -58.76 -13.51
N ASN B 60 52.41 -59.33 -13.44
CA ASN B 60 52.16 -60.71 -13.86
C ASN B 60 52.53 -60.88 -15.33
N GLY B 61 52.10 -59.91 -16.15
CA GLY B 61 52.42 -59.89 -17.57
C GLY B 61 53.89 -60.20 -17.85
N ILE B 62 54.78 -59.56 -17.08
CA ILE B 62 56.21 -59.67 -17.26
C ILE B 62 56.70 -61.01 -16.68
N THR B 63 56.35 -61.26 -15.42
CA THR B 63 56.91 -62.37 -14.66
C THR B 63 56.39 -63.72 -15.16
N HIS B 64 55.26 -63.72 -15.88
CA HIS B 64 54.61 -64.95 -16.27
C HIS B 64 54.69 -65.17 -17.78
N PHE B 65 54.46 -64.12 -18.57
CA PHE B 65 54.28 -64.27 -20.01
C PHE B 65 55.34 -63.48 -20.79
N ASP B 66 56.37 -62.98 -20.09
CA ASP B 66 57.43 -62.20 -20.72
C ASP B 66 56.83 -61.11 -21.60
N GLU B 67 55.83 -60.39 -21.07
CA GLU B 67 55.15 -59.32 -21.79
C GLU B 67 55.49 -57.99 -21.11
N PRO B 68 56.34 -57.14 -21.72
CA PRO B 68 56.69 -55.85 -21.13
C PRO B 68 55.48 -54.93 -20.97
N GLY B 69 55.58 -53.96 -20.05
CA GLY B 69 54.48 -53.09 -19.70
C GLY B 69 54.91 -51.64 -19.51
N VAL B 70 53.96 -50.72 -19.71
CA VAL B 70 54.19 -49.30 -19.49
C VAL B 70 53.04 -48.78 -18.61
N PHE B 71 53.42 -48.09 -17.51
CA PHE B 71 52.45 -47.59 -16.55
C PHE B 71 52.49 -46.06 -16.56
N VAL B 72 51.35 -45.44 -16.92
CA VAL B 72 51.25 -43.98 -17.00
C VAL B 72 50.65 -43.48 -15.70
N THR B 73 51.33 -42.52 -15.06
CA THR B 73 50.87 -41.90 -13.83
C THR B 73 50.68 -40.41 -14.06
N PHE B 74 49.57 -39.86 -13.52
CA PHE B 74 49.27 -38.45 -13.63
C PHE B 74 49.31 -37.78 -12.26
N GLU B 75 49.95 -38.43 -11.28
CA GLU B 75 50.00 -37.90 -9.93
C GLU B 75 51.15 -38.54 -9.16
N GLU B 76 50.98 -39.81 -8.77
CA GLU B 76 51.93 -40.50 -7.91
C GLU B 76 53.25 -40.72 -8.65
N SER B 77 54.37 -40.50 -7.95
CA SER B 77 55.69 -40.60 -8.56
C SER B 77 56.06 -42.06 -8.75
N PRO B 78 56.81 -42.40 -9.82
CA PRO B 78 57.33 -43.76 -10.01
C PRO B 78 57.91 -44.41 -8.76
N GLN B 79 58.67 -43.61 -7.99
CA GLN B 79 59.31 -44.07 -6.78
C GLN B 79 58.26 -44.64 -5.82
N ASP B 80 57.15 -43.92 -5.65
CA ASP B 80 56.08 -44.32 -4.75
C ASP B 80 55.41 -45.58 -5.25
N ILE B 81 55.13 -45.64 -6.57
CA ILE B 81 54.49 -46.80 -7.19
C ILE B 81 55.34 -48.04 -6.97
N ILE B 82 56.67 -47.88 -7.10
CA ILE B 82 57.62 -48.96 -6.84
C ILE B 82 57.61 -49.30 -5.35
N LYS B 83 57.56 -48.25 -4.50
CA LYS B 83 57.61 -48.41 -3.06
C LYS B 83 56.36 -49.16 -2.57
N ASN B 84 55.19 -48.70 -3.04
CA ASN B 84 53.92 -49.27 -2.62
C ASN B 84 53.82 -50.73 -3.05
N ALA B 85 54.41 -51.06 -4.21
CA ALA B 85 54.34 -52.40 -4.77
C ALA B 85 55.16 -53.38 -3.93
N ALA B 86 56.14 -52.86 -3.17
CA ALA B 86 57.01 -53.69 -2.36
C ALA B 86 56.22 -54.52 -1.35
N SER B 87 55.10 -53.96 -0.87
CA SER B 87 54.25 -54.65 0.09
C SER B 87 53.78 -56.00 -0.46
N PHE B 88 53.60 -56.08 -1.78
CA PHE B 88 53.17 -57.30 -2.43
C PHE B 88 54.37 -58.19 -2.77
N GLY B 89 55.58 -57.71 -2.50
CA GLY B 89 56.80 -58.43 -2.81
C GLY B 89 57.16 -58.32 -4.29
N TRP B 90 56.92 -57.14 -4.86
CA TRP B 90 57.19 -56.87 -6.27
C TRP B 90 58.35 -55.89 -6.39
N ASP B 91 59.54 -56.41 -6.75
CA ASP B 91 60.70 -55.58 -7.00
C ASP B 91 60.55 -54.98 -8.40
N LEU B 92 59.87 -53.83 -8.48
CA LEU B 92 59.57 -53.19 -9.75
C LEU B 92 60.80 -52.46 -10.28
N GLN B 93 61.71 -52.08 -9.39
CA GLN B 93 62.93 -51.38 -9.79
C GLN B 93 63.82 -52.32 -10.61
N LYS B 94 63.87 -53.58 -10.20
CA LYS B 94 64.56 -54.63 -10.97
C LYS B 94 64.01 -54.64 -12.39
N LEU B 95 62.69 -54.70 -12.51
CA LEU B 95 62.01 -54.81 -13.79
C LEU B 95 62.20 -53.52 -14.60
N VAL B 96 62.27 -52.39 -13.90
CA VAL B 96 62.52 -51.10 -14.53
C VAL B 96 63.94 -51.06 -15.06
N ASP B 97 64.89 -51.59 -14.27
CA ASP B 97 66.30 -51.57 -14.63
C ASP B 97 66.55 -52.45 -15.85
N GLU B 98 65.85 -53.59 -15.93
CA GLU B 98 66.00 -54.52 -17.03
C GLU B 98 65.27 -54.01 -18.28
N GLY B 99 64.53 -52.91 -18.15
CA GLY B 99 63.78 -52.34 -19.24
C GLY B 99 62.48 -53.10 -19.51
N LYS B 100 62.09 -53.95 -18.56
CA LYS B 100 60.90 -54.78 -18.69
C LYS B 100 59.66 -53.96 -18.35
N LEU B 101 59.83 -52.95 -17.47
CA LEU B 101 58.76 -52.07 -17.08
C LEU B 101 59.21 -50.61 -17.23
N PHE B 102 58.29 -49.74 -17.62
CA PHE B 102 58.55 -48.31 -17.72
C PHE B 102 57.38 -47.52 -17.16
N ILE B 103 57.67 -46.53 -16.32
CA ILE B 103 56.64 -45.68 -15.72
C ILE B 103 56.78 -44.28 -16.32
N LEU B 104 55.90 -43.95 -17.27
CA LEU B 104 55.86 -42.62 -17.86
C LEU B 104 55.22 -41.65 -16.88
N ASP B 105 56.05 -40.81 -16.26
CA ASP B 105 55.58 -39.80 -15.31
C ASP B 105 55.00 -38.63 -16.10
N ALA B 106 53.67 -38.46 -16.01
CA ALA B 106 52.99 -37.32 -16.61
C ALA B 106 52.31 -36.50 -15.51
N SER B 107 52.99 -36.41 -14.35
CA SER B 107 52.47 -35.66 -13.22
C SER B 107 52.62 -34.16 -13.49
N PRO B 108 51.64 -33.31 -13.07
CA PRO B 108 51.77 -31.86 -13.20
C PRO B 108 53.08 -31.32 -12.65
N ASP B 109 53.65 -30.33 -13.35
CA ASP B 109 54.88 -29.69 -12.92
C ASP B 109 54.63 -28.95 -11.61
N PRO B 110 55.47 -29.17 -10.56
CA PRO B 110 55.27 -28.54 -9.26
C PRO B 110 54.83 -27.07 -9.30
N GLU B 111 55.47 -26.28 -10.17
CA GLU B 111 55.14 -24.88 -10.34
C GLU B 111 54.86 -24.60 -11.82
N GLY B 112 53.70 -23.96 -12.09
CA GLY B 112 53.31 -23.65 -13.46
C GLY B 112 51.92 -23.03 -13.52
N GLN B 113 51.38 -22.96 -14.75
CA GLN B 113 50.07 -22.38 -15.01
C GLN B 113 49.24 -23.34 -15.85
N GLU B 114 48.00 -22.94 -16.16
CA GLU B 114 47.05 -23.77 -16.87
C GLU B 114 47.16 -23.52 -18.37
N VAL B 115 46.00 -23.49 -19.06
CA VAL B 115 45.96 -23.30 -20.50
C VAL B 115 46.63 -21.97 -20.86
N ASN B 118 40.82 -25.51 -25.21
CA ASN B 118 40.42 -26.94 -25.28
C ASN B 118 41.63 -27.82 -24.97
N PHE B 119 41.36 -29.03 -24.47
CA PHE B 119 42.41 -29.96 -24.06
C PHE B 119 42.52 -31.10 -25.07
N ASP B 120 43.76 -31.42 -25.46
CA ASP B 120 44.03 -32.52 -26.37
C ASP B 120 44.99 -33.48 -25.69
N LEU B 121 44.81 -34.79 -25.95
CA LEU B 121 45.66 -35.83 -25.39
C LEU B 121 46.59 -36.38 -26.46
N SER B 122 46.92 -35.53 -27.45
CA SER B 122 47.75 -35.94 -28.57
C SER B 122 49.21 -36.10 -28.14
N ALA B 123 49.64 -35.26 -27.19
CA ALA B 123 51.01 -35.26 -26.72
C ALA B 123 51.33 -36.59 -26.03
N LEU B 124 50.55 -36.91 -24.99
CA LEU B 124 50.76 -38.12 -24.20
C LEU B 124 50.64 -39.35 -25.08
N ILE B 125 49.70 -39.33 -26.04
CA ILE B 125 49.47 -40.42 -26.96
C ILE B 125 50.78 -40.84 -27.62
N GLU B 126 51.60 -39.86 -28.02
CA GLU B 126 52.83 -40.13 -28.74
C GLU B 126 53.93 -40.52 -27.75
N ARG B 127 53.88 -39.96 -26.54
CA ARG B 127 54.80 -40.34 -25.47
C ARG B 127 54.58 -41.81 -25.11
N ILE B 128 53.30 -42.20 -24.97
CA ILE B 128 52.92 -43.56 -24.66
C ILE B 128 53.29 -44.45 -25.85
N ASN B 129 52.97 -43.97 -27.06
CA ASN B 129 53.27 -44.67 -28.30
C ASN B 129 54.76 -44.98 -28.37
N TYR B 130 55.58 -43.96 -28.13
CA TYR B 130 57.03 -44.08 -28.23
C TYR B 130 57.54 -45.16 -27.28
N ALA B 131 57.15 -45.06 -26.01
CA ALA B 131 57.54 -46.00 -24.97
C ALA B 131 57.04 -47.40 -25.32
N ILE B 132 55.81 -47.48 -25.84
CA ILE B 132 55.20 -48.75 -26.21
C ILE B 132 56.14 -49.51 -27.14
N ARG B 133 56.56 -48.87 -28.24
CA ARG B 133 57.48 -49.48 -29.18
C ARG B 133 58.86 -49.65 -28.55
N LYS B 134 59.35 -48.59 -27.89
CA LYS B 134 60.68 -48.58 -27.30
C LYS B 134 60.89 -49.81 -26.41
N TYR B 135 59.91 -50.06 -25.54
CA TYR B 135 59.99 -51.14 -24.57
C TYR B 135 59.28 -52.38 -25.09
N LYS B 136 58.65 -52.27 -26.27
CA LYS B 136 57.99 -53.40 -26.93
C LYS B 136 56.89 -53.93 -26.02
N ALA B 137 56.11 -53.01 -25.43
CA ALA B 137 55.18 -53.33 -24.36
C ALA B 137 53.90 -53.92 -24.94
N LYS B 138 53.54 -55.11 -24.45
CA LYS B 138 52.30 -55.77 -24.83
C LYS B 138 51.14 -55.19 -24.02
N ARG B 139 51.42 -54.82 -22.76
CA ARG B 139 50.41 -54.35 -21.84
C ARG B 139 50.68 -52.90 -21.47
N VAL B 140 49.61 -52.14 -21.20
CA VAL B 140 49.71 -50.74 -20.81
C VAL B 140 48.69 -50.49 -19.71
N ALA B 141 48.93 -49.44 -18.90
CA ALA B 141 48.01 -49.07 -17.83
C ALA B 141 48.00 -47.55 -17.67
N ILE B 142 46.79 -46.97 -17.60
CA ILE B 142 46.61 -45.55 -17.36
C ILE B 142 45.91 -45.40 -16.01
N ASP B 143 46.41 -44.48 -15.17
CA ASP B 143 45.90 -44.31 -13.82
C ASP B 143 46.28 -42.93 -13.28
N SER B 144 45.30 -42.05 -13.03
CA SER B 144 43.89 -42.25 -13.36
C SER B 144 43.49 -41.26 -14.44
N VAL B 145 42.73 -41.73 -15.43
CA VAL B 145 42.41 -40.94 -16.61
C VAL B 145 41.53 -39.77 -16.21
N THR B 146 40.76 -39.94 -15.12
CA THR B 146 39.89 -38.90 -14.59
C THR B 146 40.71 -37.68 -14.18
N ALA B 147 41.89 -37.93 -13.58
CA ALA B 147 42.74 -36.89 -13.02
C ALA B 147 43.19 -35.91 -14.11
N VAL B 148 43.48 -36.44 -15.30
CA VAL B 148 44.06 -35.65 -16.38
C VAL B 148 43.07 -34.57 -16.83
N PHE B 149 41.77 -34.82 -16.61
CA PHE B 149 40.73 -33.83 -16.87
C PHE B 149 40.41 -33.06 -15.59
N GLN B 150 40.54 -33.73 -14.44
CA GLN B 150 40.31 -33.11 -13.13
C GLN B 150 41.45 -32.15 -12.78
N GLN B 151 42.33 -31.85 -13.73
CA GLN B 151 43.38 -30.87 -13.53
C GLN B 151 43.15 -29.64 -14.41
N TYR B 152 42.12 -29.68 -15.28
CA TYR B 152 41.86 -28.59 -16.21
C TYR B 152 40.35 -28.40 -16.38
N ASP B 153 39.73 -29.22 -17.24
CA ASP B 153 38.33 -29.04 -17.60
C ASP B 153 37.86 -30.22 -18.46
N ALA B 154 36.54 -30.38 -18.53
CA ALA B 154 35.91 -31.47 -19.26
C ALA B 154 34.79 -30.92 -20.15
N VAL B 157 35.27 -32.51 -23.29
CA VAL B 157 36.31 -33.13 -24.16
C VAL B 157 36.54 -34.60 -23.77
N VAL B 158 36.07 -34.99 -22.57
CA VAL B 158 36.35 -36.31 -22.02
C VAL B 158 36.03 -37.39 -23.04
N ARG B 159 34.80 -37.35 -23.60
CA ARG B 159 34.34 -38.40 -24.49
C ARG B 159 35.24 -38.49 -25.71
N ARG B 160 35.57 -37.34 -26.32
CA ARG B 160 36.39 -37.30 -27.51
C ARG B 160 37.80 -37.76 -27.17
N GLU B 161 38.35 -37.22 -26.07
CA GLU B 161 39.72 -37.46 -25.69
C GLU B 161 39.92 -38.92 -25.23
N ILE B 162 38.89 -39.48 -24.59
CA ILE B 162 38.91 -40.87 -24.18
C ILE B 162 38.95 -41.75 -25.43
N PHE B 163 38.05 -41.46 -26.38
CA PHE B 163 37.93 -42.21 -27.62
C PHE B 163 39.25 -42.18 -28.40
N ARG B 164 39.94 -41.03 -28.34
CA ARG B 164 41.20 -40.84 -29.04
C ARG B 164 42.24 -41.83 -28.53
N LEU B 165 42.37 -41.93 -27.21
CA LEU B 165 43.36 -42.78 -26.58
C LEU B 165 43.04 -44.25 -26.87
N VAL B 166 41.77 -44.63 -26.73
CA VAL B 166 41.33 -46.00 -26.92
C VAL B 166 41.66 -46.44 -28.34
N ALA B 167 41.41 -45.54 -29.31
CA ALA B 167 41.60 -45.83 -30.73
C ALA B 167 43.09 -45.94 -31.05
N ARG B 168 43.87 -44.95 -30.61
CA ARG B 168 45.30 -44.90 -30.86
C ARG B 168 45.98 -46.13 -30.28
N LEU B 169 45.56 -46.54 -29.09
CA LEU B 169 46.10 -47.70 -28.42
C LEU B 169 45.62 -48.98 -29.11
N LYS B 170 44.43 -48.93 -29.69
CA LYS B 170 43.88 -50.04 -30.44
C LYS B 170 44.70 -50.28 -31.70
N GLN B 171 45.07 -49.19 -32.38
CA GLN B 171 45.93 -49.25 -33.57
C GLN B 171 47.27 -49.87 -33.20
N ILE B 172 47.83 -49.43 -32.08
CA ILE B 172 49.11 -49.95 -31.59
C ILE B 172 48.96 -51.43 -31.25
N GLY B 173 47.77 -51.83 -30.82
CA GLY B 173 47.48 -53.23 -30.54
C GLY B 173 48.01 -53.65 -29.18
N VAL B 174 47.79 -52.79 -28.16
CA VAL B 174 48.22 -53.06 -26.80
C VAL B 174 46.98 -53.17 -25.92
N THR B 175 46.96 -54.19 -25.05
CA THR B 175 45.87 -54.38 -24.10
C THR B 175 46.05 -53.38 -22.95
N THR B 176 45.06 -52.48 -22.78
CA THR B 176 45.20 -51.35 -21.88
C THR B 176 44.22 -51.48 -20.71
N VAL B 177 44.63 -50.97 -19.55
CA VAL B 177 43.77 -50.84 -18.39
C VAL B 177 43.67 -49.35 -18.04
N MET B 178 42.44 -48.81 -18.08
CA MET B 178 42.20 -47.40 -17.83
C MET B 178 41.50 -47.25 -16.47
N THR B 179 42.25 -46.78 -15.47
CA THR B 179 41.72 -46.58 -14.14
C THR B 179 40.88 -45.30 -14.12
N THR B 180 39.74 -45.36 -13.43
CA THR B 180 38.82 -44.24 -13.31
C THR B 180 38.23 -44.26 -11.90
N GLU B 181 37.77 -43.10 -11.41
CA GLU B 181 37.36 -42.95 -10.03
C GLU B 181 35.88 -42.58 -9.94
N ARG B 182 35.23 -43.09 -8.88
CA ARG B 182 33.81 -42.87 -8.62
C ARG B 182 33.64 -42.15 -7.30
N ILE B 183 32.41 -41.69 -7.03
CA ILE B 183 32.08 -40.99 -5.80
C ILE B 183 31.23 -41.88 -4.89
N GLU B 184 30.34 -42.68 -5.49
CA GLU B 184 29.44 -43.55 -4.75
C GLU B 184 29.60 -44.99 -5.25
N GLU B 185 29.25 -45.93 -4.38
CA GLU B 185 29.51 -47.35 -4.62
C GLU B 185 28.49 -47.88 -5.63
N TYR B 186 27.20 -47.65 -5.34
CA TYR B 186 26.11 -48.07 -6.22
C TYR B 186 25.51 -46.83 -6.88
N GLY B 187 26.30 -46.15 -7.72
CA GLY B 187 25.86 -44.96 -8.43
C GLY B 187 26.35 -44.95 -9.87
N PRO B 188 26.70 -43.77 -10.44
CA PRO B 188 27.34 -43.72 -11.75
C PRO B 188 28.62 -44.55 -11.80
N ILE B 189 28.82 -45.26 -12.92
CA ILE B 189 29.95 -46.16 -13.10
C ILE B 189 31.25 -45.37 -13.08
N ALA B 190 31.22 -44.12 -13.55
CA ALA B 190 32.38 -43.25 -13.55
C ALA B 190 31.97 -41.85 -13.11
N ARG B 191 32.83 -40.85 -13.38
CA ARG B 191 32.63 -39.50 -12.88
C ARG B 191 31.70 -38.73 -13.82
N TYR B 192 32.02 -38.74 -15.12
CA TYR B 192 31.44 -37.81 -16.08
C TYR B 192 30.29 -38.45 -16.87
N GLY B 193 30.11 -39.78 -16.72
CA GLY B 193 28.98 -40.46 -17.34
C GLY B 193 29.15 -40.62 -18.85
N VAL B 194 30.31 -41.16 -19.24
CA VAL B 194 30.74 -41.19 -20.63
C VAL B 194 31.73 -42.33 -20.82
N GLU B 195 32.80 -42.31 -20.00
CA GLU B 195 33.87 -43.28 -20.03
C GLU B 195 33.32 -44.69 -20.29
N GLU B 196 32.29 -45.05 -19.51
CA GLU B 196 31.62 -46.34 -19.59
C GLU B 196 31.22 -46.67 -21.02
N PHE B 197 30.58 -45.73 -21.72
CA PHE B 197 29.99 -45.99 -23.02
C PHE B 197 31.07 -46.06 -24.11
N VAL B 198 32.17 -45.34 -23.90
CA VAL B 198 33.23 -45.24 -24.90
C VAL B 198 34.16 -46.44 -24.77
N SER B 199 34.33 -46.95 -23.55
CA SER B 199 35.17 -48.11 -23.30
C SER B 199 34.45 -49.38 -23.77
N ASP B 200 35.23 -50.33 -24.31
CA ASP B 200 34.70 -51.60 -24.78
C ASP B 200 34.44 -52.52 -23.59
N ASN B 201 35.34 -52.48 -22.61
CA ASN B 201 35.28 -53.34 -21.44
C ASN B 201 35.17 -52.49 -20.19
N VAL B 202 34.28 -52.90 -19.27
CA VAL B 202 34.06 -52.17 -18.03
C VAL B 202 34.14 -53.14 -16.85
N VAL B 203 34.94 -52.77 -15.85
CA VAL B 203 35.02 -53.51 -14.60
C VAL B 203 34.82 -52.51 -13.46
N ILE B 204 33.96 -52.87 -12.50
CA ILE B 204 33.67 -52.00 -11.37
C ILE B 204 34.18 -52.66 -10.09
N LEU B 205 35.17 -52.04 -9.47
CA LEU B 205 35.62 -52.42 -8.13
C LEU B 205 34.81 -51.63 -7.11
N ARG B 206 34.43 -52.30 -6.02
CA ARG B 206 33.60 -51.67 -5.00
C ARG B 206 34.11 -52.04 -3.61
N ASN B 207 34.08 -51.06 -2.70
CA ASN B 207 34.35 -51.28 -1.29
C ASN B 207 33.12 -50.84 -0.49
N VAL B 208 32.16 -51.74 -0.34
CA VAL B 208 30.85 -51.42 0.20
C VAL B 208 30.92 -51.48 1.73
N LEU B 209 30.36 -50.46 2.38
CA LEU B 209 30.29 -50.41 3.84
C LEU B 209 28.91 -50.92 4.27
N GLU B 210 28.88 -52.12 4.86
CA GLU B 210 27.66 -52.69 5.42
C GLU B 210 27.84 -52.80 6.94
N GLY B 211 26.86 -52.30 7.69
CA GLY B 211 26.97 -52.18 9.13
C GLY B 211 28.07 -51.19 9.51
N GLU B 212 29.23 -51.73 9.91
CA GLU B 212 30.43 -50.93 10.07
C GLU B 212 31.63 -51.67 9.47
N ARG B 213 31.36 -52.62 8.57
CA ARG B 213 32.40 -53.41 7.93
C ARG B 213 32.36 -53.19 6.42
N ARG B 214 33.55 -53.23 5.80
CA ARG B 214 33.71 -53.02 4.38
C ARG B 214 33.79 -54.36 3.67
N ARG B 215 33.23 -54.42 2.45
CA ARG B 215 33.31 -55.62 1.62
C ARG B 215 33.79 -55.24 0.22
N ARG B 216 34.88 -55.87 -0.21
CA ARG B 216 35.44 -55.66 -1.53
C ARG B 216 34.76 -56.59 -2.53
N THR B 217 34.30 -56.03 -3.66
CA THR B 217 33.62 -56.80 -4.69
C THR B 217 34.11 -56.38 -6.07
N VAL B 218 34.25 -57.36 -6.96
CA VAL B 218 34.58 -57.15 -8.37
C VAL B 218 33.34 -57.47 -9.21
N GLU B 219 33.04 -56.59 -10.17
CA GLU B 219 32.03 -56.85 -11.18
C GLU B 219 32.60 -56.52 -12.56
N ILE B 220 32.44 -57.45 -13.50
CA ILE B 220 32.60 -57.17 -14.91
C ILE B 220 31.23 -56.79 -15.47
N LEU B 221 31.08 -55.51 -15.83
CA LEU B 221 29.80 -55.00 -16.30
C LEU B 221 29.62 -55.38 -17.76
N LYS B 222 30.70 -55.26 -18.55
CA LYS B 222 30.61 -55.40 -19.99
C LYS B 222 31.94 -55.95 -20.54
N LEU B 223 31.82 -56.95 -21.43
CA LEU B 223 32.91 -57.37 -22.29
C LEU B 223 32.37 -57.51 -23.71
N ARG B 224 32.53 -56.45 -24.52
CA ARG B 224 32.01 -56.42 -25.88
C ARG B 224 32.54 -57.61 -26.68
N GLY B 225 31.62 -58.35 -27.31
CA GLY B 225 31.97 -59.42 -28.23
C GLY B 225 32.48 -60.67 -27.54
N THR B 226 32.24 -60.78 -26.23
CA THR B 226 32.70 -61.91 -25.44
C THR B 226 31.77 -62.14 -24.25
N THR B 227 31.98 -63.29 -23.59
CA THR B 227 31.18 -63.69 -22.44
C THR B 227 31.94 -63.38 -21.15
N HIS B 228 31.20 -63.35 -20.05
CA HIS B 228 31.78 -63.11 -18.73
C HIS B 228 30.76 -63.50 -17.66
N MET B 229 31.23 -63.67 -16.43
CA MET B 229 30.36 -63.90 -15.29
C MET B 229 29.77 -62.56 -14.85
N LYS B 230 28.44 -62.52 -14.71
CA LYS B 230 27.74 -61.30 -14.35
C LYS B 230 27.67 -61.18 -12.83
N GLY B 231 27.54 -59.94 -12.35
CA GLY B 231 27.28 -59.67 -10.93
C GLY B 231 28.55 -59.40 -10.15
N GLU B 232 28.40 -59.19 -8.84
CA GLU B 232 29.51 -58.91 -7.94
C GLU B 232 30.11 -60.22 -7.43
N TYR B 233 31.43 -60.23 -7.26
CA TYR B 233 32.14 -61.36 -6.69
C TYR B 233 33.12 -60.81 -5.65
N PRO B 234 33.29 -61.47 -4.49
CA PRO B 234 34.16 -60.95 -3.42
C PRO B 234 35.63 -61.13 -3.72
N PHE B 235 36.45 -60.17 -3.29
CA PHE B 235 37.90 -60.31 -3.38
C PHE B 235 38.54 -59.69 -2.14
N THR B 236 39.84 -59.98 -1.96
CA THR B 236 40.62 -59.42 -0.87
C THR B 236 41.98 -58.99 -1.40
N ILE B 237 42.54 -57.91 -0.82
CA ILE B 237 43.87 -57.45 -1.16
C ILE B 237 44.82 -57.90 -0.04
N THR B 238 45.79 -58.74 -0.39
CA THR B 238 46.74 -59.30 0.56
C THR B 238 48.16 -59.03 0.07
N ASN B 239 49.12 -59.83 0.55
CA ASN B 239 50.50 -59.73 0.12
C ASN B 239 50.66 -60.32 -1.29
N HIS B 240 49.74 -61.23 -1.64
CA HIS B 240 49.70 -61.80 -2.98
C HIS B 240 49.10 -60.78 -3.96
N GLY B 241 48.39 -59.79 -3.43
CA GLY B 241 47.67 -58.80 -4.22
C GLY B 241 46.17 -59.06 -4.21
N ILE B 242 45.51 -58.68 -5.31
CA ILE B 242 44.08 -58.94 -5.46
C ILE B 242 43.88 -60.45 -5.69
N SER B 243 42.96 -61.03 -4.92
CA SER B 243 42.59 -62.43 -5.06
C SER B 243 41.07 -62.53 -5.00
N ILE B 244 40.46 -62.92 -6.13
CA ILE B 244 39.01 -62.97 -6.25
C ILE B 244 38.56 -64.40 -6.01
N PHE B 245 37.37 -64.56 -5.41
CA PHE B 245 36.85 -65.86 -5.02
C PHE B 245 35.49 -66.08 -5.67
N PRO B 246 35.43 -66.58 -6.93
CA PRO B 246 34.16 -66.89 -7.58
C PRO B 246 33.64 -68.24 -7.10
N LEU B 247 32.43 -68.24 -6.51
CA LEU B 247 31.78 -69.46 -6.08
C LEU B 247 31.32 -70.25 -7.29
N GLY B 248 30.96 -69.54 -8.37
CA GLY B 248 30.47 -70.16 -9.59
C GLY B 248 31.56 -70.92 -10.36
N ALA B 249 32.83 -70.60 -10.10
CA ALA B 249 33.95 -71.26 -10.73
C ALA B 249 34.02 -72.73 -10.31
N MET B 250 33.64 -73.00 -9.06
CA MET B 250 33.69 -74.35 -8.51
C MET B 250 32.58 -75.20 -9.15
N THR B 253 32.46 -81.57 -8.94
CA THR B 253 33.93 -81.80 -8.91
C THR B 253 34.29 -82.65 -7.70
N GLN B 254 33.92 -82.15 -6.51
CA GLN B 254 34.11 -82.85 -5.25
C GLN B 254 33.84 -84.34 -5.42
N ARG B 255 34.88 -85.15 -5.19
CA ARG B 255 34.80 -86.60 -5.33
C ARG B 255 34.19 -87.20 -4.08
N SER B 256 33.85 -88.50 -4.15
CA SER B 256 33.15 -89.19 -3.07
C SER B 256 33.65 -90.63 -2.97
N SER B 257 33.78 -91.11 -1.73
CA SER B 257 34.26 -92.45 -1.44
C SER B 257 33.49 -93.04 -0.26
N ASN B 258 33.54 -94.37 -0.14
CA ASN B 258 32.81 -95.09 0.90
C ASN B 258 33.75 -95.43 2.07
N VAL B 259 34.81 -94.64 2.23
CA VAL B 259 35.79 -94.87 3.27
C VAL B 259 35.31 -94.21 4.56
N ARG B 260 35.24 -94.99 5.64
CA ARG B 260 34.71 -94.52 6.91
C ARG B 260 35.84 -93.97 7.78
N VAL B 261 35.51 -92.98 8.62
CA VAL B 261 36.38 -92.50 9.67
C VAL B 261 35.60 -92.52 10.98
N SER B 262 36.31 -92.43 12.11
CA SER B 262 35.71 -92.53 13.43
C SER B 262 35.44 -91.14 13.99
N SER B 263 34.41 -91.05 14.85
CA SER B 263 34.00 -89.80 15.46
C SER B 263 34.78 -89.55 16.76
N GLY B 264 35.50 -90.58 17.22
CA GLY B 264 36.11 -90.56 18.54
C GLY B 264 35.21 -91.23 19.59
N VAL B 265 33.92 -91.33 19.26
CA VAL B 265 32.93 -92.03 20.08
C VAL B 265 32.53 -93.29 19.32
N PRO B 266 32.77 -94.50 19.88
CA PRO B 266 32.49 -95.75 19.16
C PRO B 266 30.99 -96.02 18.94
N ARG B 267 30.15 -95.54 19.86
CA ARG B 267 28.71 -95.75 19.78
C ARG B 267 28.11 -94.93 18.63
N LEU B 268 28.67 -93.73 18.41
CA LEU B 268 28.17 -92.84 17.36
C LEU B 268 28.56 -93.41 16.01
N ASP B 269 29.76 -94.00 15.93
CA ASP B 269 30.24 -94.65 14.72
C ASP B 269 29.26 -95.75 14.32
N GLU B 270 28.83 -96.57 15.29
CA GLU B 270 27.84 -97.61 15.06
C GLU B 270 26.55 -96.97 14.54
N MET B 271 26.14 -95.87 15.19
CA MET B 271 24.92 -95.17 14.85
C MET B 271 25.02 -94.55 13.44
N CYS B 272 26.26 -94.32 12.98
CA CYS B 272 26.51 -93.78 11.65
C CYS B 272 26.92 -94.87 10.68
N GLY B 273 26.55 -96.12 10.96
CA GLY B 273 26.74 -97.23 10.03
C GLY B 273 28.20 -97.65 9.88
N GLY B 274 29.01 -97.39 10.93
CA GLY B 274 30.41 -97.76 10.94
C GLY B 274 31.33 -96.55 10.83
N GLY B 275 30.86 -95.38 11.30
CA GLY B 275 31.67 -94.17 11.35
C GLY B 275 31.27 -93.15 10.29
N PHE B 276 31.78 -91.93 10.42
CA PHE B 276 31.60 -90.89 9.43
C PHE B 276 32.31 -91.29 8.14
N PHE B 277 31.90 -90.70 7.02
CA PHE B 277 32.63 -90.87 5.77
C PHE B 277 33.81 -89.91 5.74
N LYS B 278 34.90 -90.32 5.08
CA LYS B 278 36.07 -89.48 4.93
C LYS B 278 35.72 -88.29 4.03
N ASP B 279 34.99 -88.58 2.94
CA ASP B 279 34.48 -87.55 2.05
C ASP B 279 33.08 -87.16 2.48
N SER B 280 32.98 -86.32 3.52
CA SER B 280 31.70 -85.87 4.03
C SER B 280 31.84 -84.58 4.81
N ILE B 281 30.71 -83.87 4.94
CA ILE B 281 30.58 -82.70 5.78
C ILE B 281 29.64 -83.04 6.93
N ILE B 282 30.19 -83.10 8.14
CA ILE B 282 29.40 -83.41 9.34
C ILE B 282 28.93 -82.10 9.94
N LEU B 283 27.65 -82.06 10.36
CA LEU B 283 27.11 -80.93 11.09
C LEU B 283 26.56 -81.41 12.43
N ALA B 284 26.95 -80.73 13.51
CA ALA B 284 26.38 -80.93 14.83
C ALA B 284 25.55 -79.72 15.21
N THR B 285 24.24 -79.92 15.38
CA THR B 285 23.33 -78.83 15.69
C THR B 285 22.68 -79.09 17.05
N GLY B 286 22.48 -78.02 17.82
CA GLY B 286 21.80 -78.12 19.10
C GLY B 286 21.82 -76.81 19.89
N ALA B 287 21.10 -76.81 21.02
CA ALA B 287 21.07 -75.68 21.92
C ALA B 287 22.42 -75.52 22.61
N THR B 288 22.61 -74.38 23.30
CA THR B 288 23.86 -74.10 23.97
C THR B 288 24.11 -75.14 25.05
N GLY B 289 25.33 -75.67 25.07
CA GLY B 289 25.77 -76.62 26.09
C GLY B 289 25.19 -78.02 25.90
N THR B 290 24.80 -78.35 24.66
CA THR B 290 24.27 -79.67 24.35
C THR B 290 25.42 -80.66 24.15
N GLY B 291 26.58 -80.16 23.70
CA GLY B 291 27.81 -80.94 23.67
C GLY B 291 28.40 -81.10 22.27
N LYS B 292 28.33 -80.05 21.45
CA LYS B 292 28.86 -80.08 20.10
C LYS B 292 30.39 -80.10 20.14
N THR B 293 30.97 -79.28 21.03
CA THR B 293 32.41 -79.10 21.08
C THR B 293 33.10 -80.36 21.62
N LEU B 294 32.36 -81.17 22.38
CA LEU B 294 32.89 -82.45 22.85
C LEU B 294 33.07 -83.40 21.66
N LEU B 295 32.07 -83.46 20.78
CA LEU B 295 32.13 -84.29 19.60
C LEU B 295 33.22 -83.79 18.66
N VAL B 296 33.37 -82.46 18.57
CA VAL B 296 34.43 -81.84 17.79
C VAL B 296 35.79 -82.28 18.34
N SER B 297 35.92 -82.24 19.67
CA SER B 297 37.17 -82.58 20.34
C SER B 297 37.53 -84.04 20.10
N LYS B 298 36.53 -84.91 20.19
CA LYS B 298 36.71 -86.35 20.01
C LYS B 298 37.05 -86.66 18.56
N PHE B 299 36.36 -85.98 17.63
CA PHE B 299 36.60 -86.10 16.20
C PHE B 299 38.07 -85.86 15.88
N LEU B 300 38.63 -84.79 16.47
CA LEU B 300 40.01 -84.39 16.23
C LEU B 300 40.97 -85.32 16.97
N GLU B 301 40.56 -85.78 18.15
CA GLU B 301 41.37 -86.67 18.97
C GLU B 301 41.67 -87.96 18.19
N ASN B 302 40.70 -88.42 17.41
CA ASN B 302 40.82 -89.65 16.64
C ASN B 302 41.86 -89.50 15.55
N ALA B 303 41.77 -88.39 14.80
CA ALA B 303 42.72 -88.09 13.73
C ALA B 303 44.15 -88.18 14.25
N CYS B 304 44.40 -87.55 15.41
CA CYS B 304 45.71 -87.50 16.02
C CYS B 304 46.09 -88.87 16.57
N ARG B 305 45.09 -89.64 17.04
CA ARG B 305 45.31 -90.99 17.53
C ARG B 305 45.70 -91.92 16.38
N ASN B 306 45.26 -91.57 15.16
CA ASN B 306 45.60 -92.32 13.95
C ASN B 306 46.66 -91.57 13.15
N LYS B 307 47.51 -90.81 13.85
CA LYS B 307 48.66 -90.15 13.25
C LYS B 307 48.25 -89.35 12.02
N GLU B 308 47.16 -88.59 12.15
CA GLU B 308 46.67 -87.74 11.08
C GLU B 308 46.59 -86.29 11.59
N ARG B 309 46.91 -85.34 10.70
CA ARG B 309 46.95 -83.93 11.06
C ARG B 309 45.53 -83.35 11.01
N ALA B 310 45.27 -82.37 11.89
CA ALA B 310 43.97 -81.72 11.97
C ALA B 310 44.15 -80.27 12.41
N ILE B 311 43.19 -79.41 12.00
CA ILE B 311 43.16 -78.02 12.43
C ILE B 311 41.77 -77.72 12.98
N LEU B 312 41.74 -77.10 14.17
CA LEU B 312 40.51 -76.60 14.76
C LEU B 312 40.44 -75.08 14.56
N PHE B 313 39.42 -74.65 13.81
CA PHE B 313 39.13 -73.23 13.63
C PHE B 313 38.06 -72.83 14.63
N ALA B 314 38.47 -72.14 15.71
CA ALA B 314 37.56 -71.75 16.78
C ALA B 314 37.24 -70.27 16.69
N TYR B 315 35.97 -69.92 16.97
CA TYR B 315 35.51 -68.55 16.90
C TYR B 315 34.68 -68.20 18.13
N GLU B 316 34.78 -69.01 19.19
CA GLU B 316 33.94 -68.84 20.37
C GLU B 316 34.82 -68.85 21.63
N GLU B 317 35.71 -69.84 21.73
CA GLU B 317 36.55 -70.02 22.90
C GLU B 317 38.02 -69.85 22.53
N SER B 318 38.83 -69.48 23.53
CA SER B 318 40.27 -69.33 23.38
C SER B 318 40.94 -70.70 23.44
N ARG B 319 42.23 -70.73 23.10
CA ARG B 319 43.02 -71.95 23.12
C ARG B 319 43.09 -72.51 24.54
N ALA B 320 43.28 -71.61 25.51
CA ALA B 320 43.43 -71.98 26.91
C ALA B 320 42.17 -72.70 27.41
N GLN B 321 40.99 -72.13 27.09
CA GLN B 321 39.73 -72.66 27.57
C GLN B 321 39.44 -73.99 26.90
N LEU B 322 39.63 -74.05 25.58
CA LEU B 322 39.46 -75.28 24.81
C LEU B 322 40.26 -76.41 25.43
N LEU B 323 41.53 -76.12 25.77
CA LEU B 323 42.42 -77.09 26.37
C LEU B 323 41.91 -77.52 27.74
N ARG B 324 41.54 -76.55 28.58
CA ARG B 324 41.03 -76.82 29.91
C ARG B 324 39.80 -77.71 29.82
N ASN B 325 38.84 -77.32 28.96
CA ASN B 325 37.59 -78.01 28.81
C ASN B 325 37.84 -79.40 28.22
N ALA B 326 38.86 -79.52 27.36
CA ALA B 326 39.22 -80.79 26.74
C ALA B 326 39.82 -81.73 27.77
N THR B 327 40.76 -81.22 28.59
CA THR B 327 41.42 -82.02 29.61
C THR B 327 40.40 -82.49 30.66
N SER B 328 39.32 -81.72 30.85
CA SER B 328 38.24 -82.09 31.74
C SER B 328 37.40 -83.22 31.14
N TRP B 329 37.49 -83.39 29.80
CA TRP B 329 36.87 -84.51 29.11
C TRP B 329 37.87 -85.65 28.90
N GLY B 330 39.11 -85.46 29.39
CA GLY B 330 40.14 -86.48 29.26
C GLY B 330 40.77 -86.48 27.87
N ILE B 331 41.02 -85.28 27.32
CA ILE B 331 41.59 -85.12 26.00
C ILE B 331 42.74 -84.11 26.10
N ASP B 332 43.97 -84.57 25.84
CA ASP B 332 45.14 -83.70 25.85
C ASP B 332 45.37 -83.19 24.43
N PHE B 333 45.06 -81.90 24.20
CA PHE B 333 45.32 -81.25 22.92
C PHE B 333 46.78 -80.80 22.84
N GLU B 334 47.41 -80.58 23.99
CA GLU B 334 48.76 -80.05 24.04
C GLU B 334 49.74 -81.05 23.44
N GLU B 335 49.58 -82.34 23.80
CA GLU B 335 50.45 -83.40 23.33
C GLU B 335 50.37 -83.49 21.80
N MET B 336 49.17 -83.33 21.24
CA MET B 336 48.96 -83.45 19.81
C MET B 336 49.38 -82.15 19.11
N GLU B 337 49.26 -81.01 19.79
CA GLU B 337 49.82 -79.76 19.31
C GLU B 337 51.35 -79.87 19.28
N ARG B 338 51.92 -80.56 20.26
CA ARG B 338 53.37 -80.70 20.40
C ARG B 338 53.89 -81.76 19.42
N ASP B 339 53.11 -82.84 19.23
CA ASP B 339 53.48 -83.92 18.33
C ASP B 339 53.29 -83.49 16.87
N GLY B 340 52.69 -82.31 16.65
CA GLY B 340 52.55 -81.74 15.32
C GLY B 340 51.41 -82.38 14.53
N LEU B 341 50.33 -82.72 15.23
CA LEU B 341 49.17 -83.37 14.63
C LEU B 341 47.90 -82.56 14.87
N LEU B 342 48.06 -81.35 15.46
CA LEU B 342 46.91 -80.53 15.81
C LEU B 342 47.33 -79.06 15.79
N LYS B 343 46.49 -78.22 15.16
CA LYS B 343 46.69 -76.77 15.16
C LYS B 343 45.39 -76.09 15.55
N ILE B 344 45.42 -75.32 16.64
CA ILE B 344 44.24 -74.62 17.13
C ILE B 344 44.35 -73.15 16.73
N ILE B 345 43.50 -72.74 15.78
CA ILE B 345 43.49 -71.38 15.26
C ILE B 345 42.28 -70.66 15.85
N CYS B 346 42.52 -69.86 16.90
CA CYS B 346 41.45 -69.13 17.57
C CYS B 346 41.42 -67.69 17.07
N ALA B 347 40.21 -67.16 16.85
CA ALA B 347 40.00 -65.79 16.41
C ALA B 347 38.52 -65.45 16.52
N TYR B 348 38.22 -64.19 16.88
CA TYR B 348 36.86 -63.71 16.92
C TYR B 348 36.33 -63.58 15.48
N PRO B 349 35.01 -63.77 15.26
CA PRO B 349 34.42 -63.58 13.92
C PRO B 349 34.51 -62.13 13.41
N GLU B 350 34.48 -61.16 14.34
CA GLU B 350 34.42 -59.76 14.00
C GLU B 350 35.82 -59.21 13.73
N SER B 351 36.85 -60.03 13.95
CA SER B 351 38.24 -59.64 13.72
C SER B 351 38.47 -59.32 12.24
N THR B 352 37.73 -60.01 11.35
CA THR B 352 37.82 -59.79 9.92
C THR B 352 36.45 -60.04 9.28
N GLY B 353 36.40 -59.96 7.94
CA GLY B 353 35.24 -60.38 7.18
C GLY B 353 35.32 -61.86 6.81
N LEU B 354 34.17 -62.44 6.45
CA LEU B 354 34.08 -63.85 6.07
C LEU B 354 34.92 -64.11 4.82
N GLU B 355 34.96 -63.14 3.91
CA GLU B 355 35.80 -63.23 2.73
C GLU B 355 37.25 -63.47 3.15
N ASP B 356 37.71 -62.74 4.17
CA ASP B 356 39.05 -62.86 4.69
C ASP B 356 39.20 -64.17 5.46
N HIS B 357 38.27 -64.42 6.40
CA HIS B 357 38.26 -65.63 7.20
C HIS B 357 38.51 -66.86 6.33
N LEU B 358 37.83 -66.93 5.19
CA LEU B 358 37.90 -68.08 4.30
C LEU B 358 39.33 -68.23 3.77
N GLN B 359 39.97 -67.10 3.44
CA GLN B 359 41.31 -67.10 2.91
C GLN B 359 42.31 -67.51 3.98
N ILE B 360 42.02 -67.18 5.25
CA ILE B 360 42.85 -67.61 6.37
C ILE B 360 42.76 -69.13 6.49
N ILE B 361 41.54 -69.67 6.32
CA ILE B 361 41.29 -71.10 6.45
C ILE B 361 42.02 -71.86 5.34
N LYS B 362 41.78 -71.44 4.09
CA LYS B 362 42.39 -72.07 2.92
C LYS B 362 43.91 -72.07 3.06
N SER B 363 44.47 -70.93 3.49
CA SER B 363 45.91 -70.76 3.62
C SER B 363 46.47 -71.70 4.68
N GLU B 364 45.75 -71.83 5.80
CA GLU B 364 46.21 -72.61 6.94
C GLU B 364 46.12 -74.10 6.61
N ILE B 365 45.17 -74.46 5.73
CA ILE B 365 45.02 -75.81 5.24
C ILE B 365 46.17 -76.14 4.29
N SER B 366 46.53 -75.18 3.43
CA SER B 366 47.60 -75.36 2.46
C SER B 366 48.94 -75.63 3.14
N GLU B 367 49.14 -75.02 4.32
CA GLU B 367 50.40 -75.13 5.04
C GLU B 367 50.49 -76.49 5.74
N PHE B 368 49.51 -76.79 6.60
CA PHE B 368 49.56 -77.95 7.48
C PHE B 368 49.22 -79.22 6.70
N LYS B 369 48.38 -79.08 5.67
CA LYS B 369 47.93 -80.20 4.85
C LYS B 369 47.20 -81.22 5.72
N PRO B 370 46.05 -80.86 6.32
CA PRO B 370 45.35 -81.73 7.27
C PRO B 370 44.48 -82.78 6.59
N SER B 371 44.06 -83.78 7.38
CA SER B 371 43.14 -84.81 6.92
C SER B 371 41.73 -84.51 7.42
N ARG B 372 41.63 -83.85 8.57
CA ARG B 372 40.35 -83.42 9.12
C ARG B 372 40.40 -81.93 9.46
N ILE B 373 39.23 -81.31 9.53
CA ILE B 373 39.11 -79.89 9.85
C ILE B 373 37.87 -79.72 10.73
N ALA B 374 37.76 -78.57 11.40
CA ALA B 374 36.61 -78.31 12.25
C ALA B 374 36.41 -76.80 12.40
N ILE B 375 35.14 -76.38 12.36
CA ILE B 375 34.77 -75.00 12.62
C ILE B 375 33.82 -74.97 13.81
N ASP B 376 34.24 -74.27 14.87
CA ASP B 376 33.47 -74.14 16.10
C ASP B 376 33.35 -72.65 16.44
N SER B 377 32.31 -71.97 15.93
CA SER B 377 31.20 -72.58 15.22
C SER B 377 30.82 -71.72 14.01
N LEU B 378 29.97 -72.29 13.14
CA LEU B 378 29.41 -71.58 12.00
C LEU B 378 28.39 -70.54 12.47
N SER B 379 27.67 -70.87 13.56
CA SER B 379 26.65 -69.98 14.12
C SER B 379 27.28 -68.65 14.57
N ALA B 380 28.55 -68.68 14.94
CA ALA B 380 29.25 -67.49 15.41
C ALA B 380 29.69 -66.62 14.24
N LEU B 381 30.09 -67.26 13.14
CA LEU B 381 30.54 -66.55 11.94
C LEU B 381 29.36 -65.87 11.24
N ALA B 382 28.14 -66.30 11.55
CA ALA B 382 26.94 -65.72 10.97
C ALA B 382 26.57 -64.41 11.66
N ARG B 383 27.11 -64.17 12.86
CA ARG B 383 26.79 -62.97 13.62
C ARG B 383 27.15 -61.72 12.81
N GLY B 384 26.14 -60.85 12.62
CA GLY B 384 26.33 -59.55 12.02
C GLY B 384 26.87 -59.62 10.60
N VAL B 385 26.27 -60.48 9.78
CA VAL B 385 26.68 -60.63 8.39
C VAL B 385 25.42 -60.86 7.54
N SER B 386 25.55 -60.61 6.23
CA SER B 386 24.48 -60.87 5.28
C SER B 386 24.26 -62.38 5.15
N ASN B 387 23.00 -62.79 5.10
CA ASN B 387 22.64 -64.19 4.93
C ASN B 387 23.26 -64.74 3.65
N ASN B 388 23.36 -63.88 2.63
CA ASN B 388 23.97 -64.25 1.36
C ASN B 388 25.48 -64.45 1.54
N ALA B 389 26.10 -63.59 2.34
CA ALA B 389 27.54 -63.66 2.58
C ALA B 389 27.90 -64.94 3.33
N PHE B 390 27.11 -65.29 4.35
CA PHE B 390 27.36 -66.47 5.17
C PHE B 390 27.15 -67.73 4.35
N ARG B 391 26.16 -67.71 3.45
CA ARG B 391 25.93 -68.81 2.53
C ARG B 391 27.19 -69.03 1.71
N GLN B 392 27.69 -67.97 1.07
CA GLN B 392 28.86 -68.03 0.21
C GLN B 392 30.06 -68.56 0.98
N PHE B 393 30.13 -68.28 2.29
CA PHE B 393 31.20 -68.78 3.14
C PHE B 393 31.09 -70.30 3.28
N VAL B 394 29.90 -70.80 3.58
CA VAL B 394 29.68 -72.21 3.83
C VAL B 394 29.87 -73.00 2.54
N ILE B 395 29.35 -72.46 1.43
CA ILE B 395 29.49 -73.10 0.13
C ILE B 395 30.97 -73.20 -0.21
N GLY B 396 31.74 -72.17 0.18
CA GLY B 396 33.17 -72.13 -0.08
C GLY B 396 33.97 -73.13 0.76
N VAL B 397 33.82 -73.03 2.10
CA VAL B 397 34.57 -73.85 3.03
C VAL B 397 34.25 -75.32 2.79
N THR B 398 32.95 -75.63 2.70
CA THR B 398 32.48 -76.99 2.50
C THR B 398 32.96 -77.54 1.16
N GLY B 399 32.98 -76.67 0.14
CA GLY B 399 33.45 -77.03 -1.19
C GLY B 399 34.95 -77.37 -1.20
N TYR B 400 35.74 -76.53 -0.53
CA TYR B 400 37.19 -76.67 -0.51
C TYR B 400 37.60 -77.92 0.27
N ALA B 401 36.85 -78.23 1.34
CA ALA B 401 37.13 -79.40 2.16
C ALA B 401 36.84 -80.67 1.38
N LYS B 402 35.71 -80.68 0.66
CA LYS B 402 35.33 -81.79 -0.19
C LYS B 402 36.28 -81.90 -1.38
N GLN B 403 36.79 -80.76 -1.84
CA GLN B 403 37.73 -80.69 -2.95
C GLN B 403 39.04 -81.41 -2.57
N GLU B 404 39.65 -80.98 -1.45
CA GLU B 404 40.92 -81.51 -1.00
C GLU B 404 40.74 -82.82 -0.24
N GLU B 405 39.51 -83.36 -0.23
CA GLU B 405 39.22 -84.64 0.40
C GLU B 405 39.57 -84.55 1.88
N ILE B 406 39.09 -83.48 2.54
CA ILE B 406 39.27 -83.27 3.96
C ILE B 406 37.90 -83.40 4.63
N THR B 407 37.84 -84.23 5.69
CA THR B 407 36.62 -84.44 6.44
C THR B 407 36.37 -83.22 7.33
N GLY B 408 35.13 -82.71 7.30
CA GLY B 408 34.80 -81.46 7.98
C GLY B 408 33.66 -81.63 8.98
N PHE B 409 33.96 -81.32 10.26
CA PHE B 409 32.97 -81.34 11.32
C PHE B 409 32.64 -79.89 11.70
N PHE B 410 31.41 -79.47 11.39
CA PHE B 410 30.99 -78.09 11.64
C PHE B 410 29.98 -78.09 12.78
N THR B 411 29.94 -76.97 13.51
CA THR B 411 29.10 -76.82 14.69
C THR B 411 28.08 -75.71 14.43
N ASN B 412 26.87 -75.87 14.99
CA ASN B 412 25.83 -74.86 14.90
C ASN B 412 25.02 -74.86 16.20
N THR B 413 24.88 -73.67 16.81
CA THR B 413 24.09 -73.51 18.01
C THR B 413 22.75 -72.88 17.66
N SER B 414 21.66 -73.58 17.96
CA SER B 414 20.32 -73.06 17.74
C SER B 414 19.93 -72.16 18.90
N ASP B 415 19.16 -71.10 18.59
CA ASP B 415 18.78 -70.11 19.58
C ASP B 415 17.67 -70.64 20.49
N GLN B 416 16.89 -71.60 19.98
CA GLN B 416 15.82 -72.21 20.75
C GLN B 416 16.46 -73.19 21.75
N PHE B 417 16.10 -73.03 23.04
CA PHE B 417 16.71 -73.79 24.12
C PHE B 417 16.26 -75.25 24.09
N MET B 418 14.95 -75.46 24.22
CA MET B 418 14.42 -76.78 24.54
C MET B 418 14.10 -77.53 23.25
N GLY B 419 14.70 -78.72 23.10
CA GLY B 419 14.40 -79.64 22.03
C GLY B 419 14.75 -79.08 20.65
N SER B 420 14.37 -79.82 19.61
CA SER B 420 14.50 -79.37 18.24
C SER B 420 13.19 -78.74 17.78
N HIS B 421 12.83 -77.63 18.44
CA HIS B 421 11.57 -76.94 18.20
C HIS B 421 11.51 -76.47 16.75
N SER B 422 12.66 -76.02 16.24
CA SER B 422 12.81 -75.70 14.83
C SER B 422 14.18 -76.18 14.35
N ILE B 423 14.38 -76.15 13.03
CA ILE B 423 15.60 -76.65 12.42
C ILE B 423 16.61 -75.52 12.27
N THR B 424 17.73 -75.81 11.59
CA THR B 424 18.77 -74.84 11.32
C THR B 424 18.21 -73.74 10.43
N ASP B 425 18.29 -72.49 10.91
CA ASP B 425 17.75 -71.34 10.20
C ASP B 425 18.89 -70.67 9.42
N SER B 426 19.42 -71.37 8.43
CA SER B 426 20.48 -70.84 7.57
C SER B 426 20.56 -71.54 6.22
N HIS B 427 19.70 -72.55 5.99
CA HIS B 427 19.67 -73.29 4.73
C HIS B 427 21.04 -73.93 4.47
N ILE B 428 21.60 -74.58 5.50
CA ILE B 428 22.85 -75.30 5.39
C ILE B 428 22.57 -76.81 5.26
N SEP B 429 21.37 -77.22 5.68
CA SEP B 429 20.96 -78.62 5.71
CB SEP B 429 19.47 -78.70 5.97
OG SEP B 429 19.17 -77.98 7.19
C SEP B 429 21.33 -79.34 4.42
O SEP B 429 21.73 -80.50 4.45
P SEP B 429 18.09 -76.78 7.17
O1P SEP B 429 18.89 -75.50 7.01
O2P SEP B 429 17.35 -76.86 8.49
O3P SEP B 429 17.17 -77.04 5.98
N THR B 430 21.19 -78.65 3.28
CA THR B 430 21.37 -79.24 1.97
C THR B 430 22.86 -79.52 1.71
N ILE B 431 23.75 -78.74 2.33
CA ILE B 431 25.18 -78.90 2.11
C ILE B 431 25.72 -80.04 2.95
N THR B 432 25.39 -80.03 4.25
CA THR B 432 25.88 -81.03 5.19
C THR B 432 25.37 -82.40 4.79
N ASP B 433 26.25 -83.41 4.87
CA ASP B 433 25.96 -84.78 4.46
C ASP B 433 25.47 -85.57 5.67
N THR B 434 26.10 -85.35 6.82
CA THR B 434 25.70 -85.96 8.08
C THR B 434 25.24 -84.88 9.04
N ILE B 435 24.07 -85.08 9.66
CA ILE B 435 23.53 -84.13 10.63
C ILE B 435 23.30 -84.85 11.95
N ILE B 436 24.10 -84.48 12.97
CA ILE B 436 23.92 -84.94 14.33
C ILE B 436 23.09 -83.89 15.07
N LEU B 437 21.98 -84.33 15.67
CA LEU B 437 21.05 -83.42 16.32
C LEU B 437 21.07 -83.64 17.83
N LEU B 438 21.77 -82.74 18.54
CA LEU B 438 21.78 -82.73 19.99
C LEU B 438 20.62 -81.88 20.49
N GLN B 439 19.95 -82.34 21.55
CA GLN B 439 18.83 -81.62 22.13
C GLN B 439 18.70 -81.93 23.62
N TYR B 440 17.95 -81.07 24.32
CA TYR B 440 17.61 -81.29 25.71
C TYR B 440 16.25 -82.00 25.80
N VAL B 441 16.01 -82.65 26.94
CA VAL B 441 14.73 -83.30 27.21
C VAL B 441 14.51 -83.30 28.73
N GLU B 442 13.38 -82.71 29.15
CA GLU B 442 13.00 -82.69 30.55
C GLU B 442 12.45 -84.06 30.93
N ILE B 443 13.16 -84.76 31.82
CA ILE B 443 12.73 -86.06 32.30
C ILE B 443 12.68 -86.01 33.83
N ARG B 444 11.47 -86.16 34.37
CA ARG B 444 11.25 -86.22 35.82
C ARG B 444 11.87 -85.02 36.51
N GLY B 445 11.59 -83.82 35.98
CA GLY B 445 12.01 -82.57 36.58
C GLY B 445 13.51 -82.32 36.47
N GLU B 446 14.15 -82.94 35.47
CA GLU B 446 15.59 -82.82 35.28
C GLU B 446 15.91 -82.76 33.79
N MET B 447 16.86 -81.88 33.44
CA MET B 447 17.25 -81.64 32.07
C MET B 447 18.17 -82.77 31.59
N SER B 448 17.66 -83.62 30.69
CA SER B 448 18.47 -84.65 30.08
C SER B 448 18.92 -84.21 28.69
N ARG B 449 19.89 -84.95 28.13
CA ARG B 449 20.42 -84.69 26.80
C ARG B 449 20.06 -85.86 25.89
N ALA B 450 20.17 -85.65 24.57
CA ALA B 450 19.88 -86.70 23.61
C ALA B 450 20.69 -86.47 22.33
N ILE B 451 21.04 -87.58 21.67
CA ILE B 451 21.77 -87.54 20.40
C ILE B 451 20.97 -88.34 19.38
N ASN B 452 20.98 -87.85 18.14
CA ASN B 452 20.28 -88.50 17.04
C ASN B 452 21.03 -88.24 15.74
N VAL B 453 21.34 -89.31 14.99
CA VAL B 453 21.88 -89.17 13.66
C VAL B 453 20.73 -88.88 12.72
N PHE B 454 20.47 -87.59 12.51
CA PHE B 454 19.30 -87.13 11.77
C PHE B 454 19.40 -87.56 10.31
N LYS B 455 20.57 -87.31 9.71
CA LYS B 455 20.80 -87.64 8.31
C LYS B 455 22.19 -88.25 8.16
N MET B 456 22.33 -89.15 7.19
CA MET B 456 23.60 -89.79 6.85
C MET B 456 23.52 -90.29 5.41
N ARG B 457 23.89 -89.42 4.48
CA ARG B 457 23.84 -89.74 3.06
C ARG B 457 24.83 -90.87 2.76
N GLY B 458 24.31 -91.97 2.20
CA GLY B 458 25.14 -93.06 1.71
C GLY B 458 25.37 -94.14 2.77
N SER B 459 24.53 -94.18 3.81
CA SER B 459 24.68 -95.14 4.89
C SER B 459 23.38 -95.30 5.66
N TRP B 460 23.18 -96.50 6.22
CA TRP B 460 22.20 -96.70 7.27
C TRP B 460 22.68 -95.97 8.51
N HIS B 461 21.73 -95.36 9.23
CA HIS B 461 22.02 -94.73 10.51
C HIS B 461 20.96 -95.18 11.51
N ASP B 462 21.35 -95.27 12.79
CA ASP B 462 20.40 -95.56 13.84
C ASP B 462 19.42 -94.40 13.91
N LYS B 463 18.12 -94.71 13.88
CA LYS B 463 17.09 -93.70 13.77
C LYS B 463 16.56 -93.36 15.16
N GLY B 464 17.41 -93.51 16.18
CA GLY B 464 16.97 -93.41 17.57
C GLY B 464 17.43 -92.12 18.24
N ILE B 465 16.54 -91.57 19.08
CA ILE B 465 16.85 -90.39 19.87
C ILE B 465 17.44 -90.87 21.19
N ARG B 466 18.71 -91.26 21.15
CA ARG B 466 19.36 -91.96 22.25
C ARG B 466 19.78 -90.96 23.33
N GLU B 467 19.56 -91.33 24.59
CA GLU B 467 20.05 -90.57 25.74
C GLU B 467 21.58 -90.56 25.70
N PHE B 468 22.18 -89.47 26.19
CA PHE B 468 23.63 -89.35 26.17
C PHE B 468 24.07 -88.50 27.36
N VAL B 469 25.15 -88.93 28.03
CA VAL B 469 25.61 -88.31 29.26
C VAL B 469 27.08 -87.92 29.09
N ILE B 470 27.41 -86.69 29.52
CA ILE B 470 28.78 -86.20 29.49
C ILE B 470 29.39 -86.42 30.86
N SER B 471 30.67 -86.82 30.87
CA SER B 471 31.38 -87.14 32.10
C SER B 471 32.85 -86.73 31.95
N ASP B 472 33.69 -87.17 32.90
CA ASP B 472 35.11 -86.87 32.89
C ASP B 472 35.79 -87.60 31.73
N LYS B 473 35.25 -88.78 31.38
CA LYS B 473 35.76 -89.57 30.28
C LYS B 473 35.28 -89.00 28.95
N GLY B 474 34.10 -88.36 28.96
CA GLY B 474 33.55 -87.71 27.78
C GLY B 474 32.11 -88.15 27.51
N PRO B 475 31.71 -88.38 26.24
CA PRO B 475 30.33 -88.72 25.91
C PRO B 475 30.01 -90.20 26.13
N GLU B 476 28.81 -90.45 26.67
CA GLU B 476 28.30 -91.81 26.87
C GLU B 476 26.89 -91.89 26.29
N ILE B 477 26.80 -92.34 25.04
CA ILE B 477 25.52 -92.53 24.37
C ILE B 477 24.88 -93.80 24.92
N LYS B 478 23.58 -93.71 25.25
CA LYS B 478 22.87 -94.77 25.94
C LYS B 478 21.65 -95.18 25.11
N ASP B 479 20.58 -95.60 25.80
CA ASP B 479 19.40 -96.15 25.15
C ASP B 479 18.43 -95.03 24.80
N SER B 480 17.40 -95.38 24.03
CA SER B 480 16.40 -94.43 23.55
C SER B 480 15.34 -94.18 24.61
N PHE B 481 14.48 -93.19 24.36
CA PHE B 481 13.39 -92.82 25.24
C PHE B 481 12.09 -93.46 24.75
N ARG B 482 12.09 -94.79 24.70
CA ARG B 482 11.02 -95.54 24.06
C ARG B 482 9.69 -95.33 24.79
N ASN B 483 9.76 -95.08 26.11
CA ASN B 483 8.58 -94.97 26.95
C ASN B 483 8.20 -93.50 27.11
N PHE B 484 8.46 -92.68 26.08
CA PHE B 484 8.16 -91.26 26.11
C PHE B 484 7.68 -90.80 24.74
N GLU B 485 6.75 -89.82 24.73
CA GLU B 485 6.28 -89.17 23.52
C GLU B 485 6.64 -87.69 23.57
N ARG B 486 6.59 -87.02 22.41
CA ARG B 486 6.88 -85.61 22.28
C ARG B 486 8.27 -85.31 22.83
N ILE B 487 9.25 -86.12 22.41
CA ILE B 487 10.64 -85.98 22.82
C ILE B 487 11.28 -84.79 22.10
N ILE B 488 10.95 -84.63 20.82
CA ILE B 488 11.55 -83.61 19.98
C ILE B 488 11.16 -82.21 20.48
N SER B 489 9.98 -82.11 21.11
CA SER B 489 9.53 -80.87 21.73
C SER B 489 10.49 -80.44 22.84
N GLY B 490 11.03 -81.41 23.58
CA GLY B 490 11.91 -81.16 24.71
C GLY B 490 11.17 -81.29 26.04
N SER B 491 9.84 -81.42 25.96
CA SER B 491 9.00 -81.61 27.13
C SER B 491 8.16 -82.87 26.94
N PRO B 492 8.76 -84.08 27.09
CA PRO B 492 8.07 -85.32 26.74
C PRO B 492 6.97 -85.73 27.71
N THR B 493 6.30 -86.84 27.37
CA THR B 493 5.25 -87.41 28.20
C THR B 493 5.46 -88.93 28.28
N ARG B 494 5.41 -89.46 29.51
CA ARG B 494 5.55 -90.90 29.73
C ARG B 494 4.29 -91.60 29.25
N ILE B 495 4.49 -92.66 28.44
CA ILE B 495 3.38 -93.42 27.88
C ILE B 495 2.82 -94.36 28.96
N THR C 14 2.08 -3.56 22.99
CA THR C 14 1.30 -4.71 23.53
C THR C 14 1.84 -6.00 22.94
N ALA C 15 1.02 -7.07 23.01
CA ALA C 15 1.37 -8.37 22.44
C ALA C 15 0.67 -8.55 21.10
N VAL C 16 1.01 -9.64 20.41
CA VAL C 16 0.44 -9.94 19.10
C VAL C 16 -1.05 -10.24 19.27
N GLN C 17 -1.88 -9.40 18.64
CA GLN C 17 -3.32 -9.59 18.60
C GLN C 17 -3.68 -10.31 17.31
N LYS C 18 -4.72 -11.15 17.37
CA LYS C 18 -5.12 -11.99 16.26
C LYS C 18 -6.51 -11.57 15.76
N LEU C 19 -6.73 -11.74 14.45
CA LEU C 19 -8.01 -11.48 13.83
C LEU C 19 -8.66 -12.80 13.43
N PRO C 20 -9.99 -12.97 13.59
CA PRO C 20 -10.66 -14.21 13.23
C PRO C 20 -10.70 -14.42 11.72
N THR C 21 -10.76 -15.68 11.31
CA THR C 21 -10.81 -16.04 9.90
C THR C 21 -12.23 -16.44 9.50
N GLY C 22 -12.91 -17.17 10.39
CA GLY C 22 -14.26 -17.66 10.13
C GLY C 22 -14.24 -19.11 9.64
N ILE C 23 -13.10 -19.55 9.08
CA ILE C 23 -12.92 -20.92 8.64
C ILE C 23 -13.02 -21.84 9.85
N GLU C 24 -13.85 -22.88 9.74
CA GLU C 24 -14.15 -23.77 10.85
C GLU C 24 -12.91 -24.57 11.22
N GLY C 25 -12.24 -24.16 12.30
CA GLY C 25 -11.15 -24.93 12.89
C GLY C 25 -9.83 -24.16 12.93
N PHE C 26 -9.62 -23.27 11.95
CA PHE C 26 -8.35 -22.57 11.82
C PHE C 26 -8.10 -21.68 13.04
N ASP C 27 -9.17 -21.06 13.56
CA ASP C 27 -9.08 -20.18 14.72
C ASP C 27 -8.66 -20.97 15.95
N ASP C 28 -9.03 -22.26 16.00
CA ASP C 28 -8.65 -23.15 17.09
C ASP C 28 -7.15 -23.48 16.98
N ILE C 29 -6.71 -23.83 15.77
CA ILE C 29 -5.34 -24.27 15.54
C ILE C 29 -4.39 -23.08 15.67
N SER C 30 -4.84 -21.90 15.20
CA SER C 30 -4.05 -20.69 15.24
C SER C 30 -4.11 -20.04 16.62
N HIS C 31 -4.99 -20.54 17.50
CA HIS C 31 -5.15 -20.01 18.85
C HIS C 31 -5.61 -18.56 18.79
N GLY C 32 -6.75 -18.33 18.16
CA GLY C 32 -7.35 -16.99 18.08
C GLY C 32 -7.62 -16.56 16.64
N GLY C 33 -6.64 -16.80 15.75
CA GLY C 33 -6.73 -16.38 14.37
C GLY C 33 -5.38 -15.90 13.83
N LEU C 34 -5.40 -15.15 12.73
CA LEU C 34 -4.20 -14.65 12.08
C LEU C 34 -3.76 -13.36 12.75
N PRO C 35 -2.46 -13.23 13.14
CA PRO C 35 -1.91 -11.99 13.67
C PRO C 35 -2.33 -10.74 12.89
N ILE C 36 -2.80 -9.72 13.62
CA ILE C 36 -3.31 -8.49 13.02
C ILE C 36 -2.13 -7.62 12.59
N GLY C 37 -2.28 -6.99 11.41
CA GLY C 37 -1.27 -6.09 10.87
C GLY C 37 0.00 -6.82 10.45
N ARG C 38 -0.13 -8.12 10.15
CA ARG C 38 1.00 -8.96 9.79
C ARG C 38 0.61 -9.86 8.63
N SER C 39 1.63 -10.42 7.97
CA SER C 39 1.45 -11.21 6.76
C SER C 39 1.59 -12.70 7.08
N THR C 40 0.65 -13.49 6.55
CA THR C 40 0.69 -14.94 6.69
C THR C 40 0.94 -15.56 5.32
N LEU C 41 1.99 -16.38 5.23
CA LEU C 41 2.27 -17.16 4.04
C LEU C 41 1.42 -18.43 4.08
N VAL C 42 0.66 -18.68 3.00
CA VAL C 42 -0.09 -19.91 2.84
C VAL C 42 0.49 -20.65 1.63
N SER C 43 1.53 -21.45 1.87
CA SER C 43 2.21 -22.18 0.82
C SER C 43 1.58 -23.57 0.67
N GLY C 44 1.63 -24.10 -0.55
CA GLY C 44 1.07 -25.41 -0.84
C GLY C 44 1.22 -25.79 -2.32
N THR C 45 1.11 -27.08 -2.62
CA THR C 45 1.14 -27.57 -3.99
C THR C 45 -0.18 -27.21 -4.66
N SER C 46 -0.31 -27.59 -5.94
CA SER C 46 -1.49 -27.28 -6.72
C SER C 46 -2.69 -28.06 -6.18
N GLY C 47 -3.84 -27.37 -6.09
CA GLY C 47 -5.09 -27.97 -5.65
C GLY C 47 -5.11 -28.26 -4.14
N THR C 48 -4.38 -27.46 -3.36
CA THR C 48 -4.34 -27.60 -1.91
C THR C 48 -5.50 -26.85 -1.27
N GLY C 49 -5.72 -25.61 -1.71
CA GLY C 49 -6.82 -24.78 -1.23
C GLY C 49 -6.35 -23.41 -0.74
N LYS C 50 -5.34 -22.84 -1.42
CA LYS C 50 -4.73 -21.58 -1.02
C LYS C 50 -5.63 -20.42 -1.42
N THR C 51 -6.18 -20.49 -2.63
CA THR C 51 -7.09 -19.48 -3.14
C THR C 51 -8.40 -19.52 -2.36
N VAL C 52 -8.90 -20.74 -2.12
CA VAL C 52 -10.13 -20.93 -1.35
C VAL C 52 -9.95 -20.29 0.02
N PHE C 53 -8.81 -20.57 0.67
CA PHE C 53 -8.48 -19.98 1.96
C PHE C 53 -8.44 -18.46 1.83
N SER C 54 -7.66 -17.97 0.85
CA SER C 54 -7.49 -16.54 0.64
C SER C 54 -8.83 -15.85 0.48
N MET C 55 -9.73 -16.45 -0.31
CA MET C 55 -11.03 -15.86 -0.61
C MET C 55 -11.93 -15.93 0.61
N GLN C 56 -12.00 -17.11 1.24
CA GLN C 56 -12.85 -17.34 2.40
C GLN C 56 -12.48 -16.35 3.51
N PHE C 57 -11.19 -16.05 3.63
CA PHE C 57 -10.68 -15.07 4.58
C PHE C 57 -11.32 -13.71 4.32
N LEU C 58 -11.16 -13.20 3.10
CA LEU C 58 -11.70 -11.91 2.71
C LEU C 58 -13.23 -11.94 2.80
N TYR C 59 -13.83 -13.06 2.40
CA TYR C 59 -15.27 -13.21 2.36
C TYR C 59 -15.84 -13.10 3.78
N ASN C 60 -15.34 -13.96 4.67
CA ASN C 60 -15.79 -14.00 6.06
C ASN C 60 -15.56 -12.64 6.72
N GLY C 61 -14.43 -12.01 6.40
CA GLY C 61 -14.11 -10.67 6.88
C GLY C 61 -15.27 -9.69 6.67
N ILE C 62 -15.88 -9.74 5.49
CA ILE C 62 -16.92 -8.82 5.10
C ILE C 62 -18.26 -9.27 5.70
N THR C 63 -18.64 -10.53 5.42
CA THR C 63 -19.98 -11.01 5.69
C THR C 63 -20.20 -11.32 7.18
N HIS C 64 -19.15 -11.24 8.00
CA HIS C 64 -19.26 -11.52 9.42
C HIS C 64 -18.73 -10.35 10.24
N PHE C 65 -17.48 -9.94 9.98
CA PHE C 65 -16.75 -9.04 10.85
C PHE C 65 -16.71 -7.63 10.28
N ASP C 66 -17.42 -7.40 9.16
CA ASP C 66 -17.60 -6.08 8.59
C ASP C 66 -16.23 -5.44 8.31
N GLU C 67 -15.38 -6.17 7.59
CA GLU C 67 -14.03 -5.71 7.28
C GLU C 67 -13.79 -5.86 5.78
N PRO C 68 -13.73 -4.74 5.00
CA PRO C 68 -13.47 -4.81 3.56
C PRO C 68 -12.10 -5.40 3.23
N GLY C 69 -12.02 -6.09 2.08
CA GLY C 69 -10.81 -6.79 1.67
C GLY C 69 -10.40 -6.46 0.24
N VAL C 70 -9.14 -6.77 -0.09
CA VAL C 70 -8.59 -6.55 -1.41
C VAL C 70 -7.86 -7.82 -1.86
N PHE C 71 -8.31 -8.38 -2.99
CA PHE C 71 -7.68 -9.56 -3.56
C PHE C 71 -6.74 -9.12 -4.67
N VAL C 72 -5.50 -9.65 -4.66
CA VAL C 72 -4.53 -9.38 -5.71
C VAL C 72 -4.30 -10.67 -6.48
N THR C 73 -4.54 -10.62 -7.80
CA THR C 73 -4.39 -11.77 -8.67
C THR C 73 -3.42 -11.42 -9.80
N PHE C 74 -2.40 -12.26 -9.98
CA PHE C 74 -1.37 -12.03 -10.99
C PHE C 74 -1.57 -12.97 -12.18
N GLU C 75 -2.70 -13.70 -12.21
CA GLU C 75 -2.91 -14.70 -13.24
C GLU C 75 -4.41 -14.88 -13.48
N GLU C 76 -5.14 -15.34 -12.45
CA GLU C 76 -6.57 -15.56 -12.56
C GLU C 76 -7.27 -14.22 -12.73
N SER C 77 -8.37 -14.22 -13.52
CA SER C 77 -9.10 -13.00 -13.82
C SER C 77 -10.17 -12.76 -12.75
N PRO C 78 -10.49 -11.49 -12.41
CA PRO C 78 -11.54 -11.17 -11.46
C PRO C 78 -12.88 -11.89 -11.69
N GLN C 79 -13.21 -12.12 -12.97
CA GLN C 79 -14.48 -12.71 -13.33
C GLN C 79 -14.45 -14.23 -13.11
N ASP C 80 -13.26 -14.84 -13.28
CA ASP C 80 -13.10 -16.27 -13.04
C ASP C 80 -13.09 -16.54 -11.54
N ILE C 81 -12.54 -15.61 -10.75
CA ILE C 81 -12.48 -15.75 -9.30
C ILE C 81 -13.90 -15.82 -8.74
N ILE C 82 -14.80 -14.97 -9.26
CA ILE C 82 -16.16 -14.88 -8.76
C ILE C 82 -16.92 -16.16 -9.12
N LYS C 83 -16.65 -16.71 -10.30
CA LYS C 83 -17.32 -17.93 -10.76
C LYS C 83 -16.90 -19.12 -9.90
N ASN C 84 -15.60 -19.16 -9.56
CA ASN C 84 -15.06 -20.24 -8.73
C ASN C 84 -15.63 -20.17 -7.32
N ALA C 85 -16.00 -18.96 -6.88
CA ALA C 85 -16.50 -18.74 -5.53
C ALA C 85 -17.97 -19.15 -5.41
N ALA C 86 -18.69 -19.16 -6.54
CA ALA C 86 -20.10 -19.53 -6.57
C ALA C 86 -20.27 -20.98 -6.16
N SER C 87 -19.22 -21.79 -6.37
CA SER C 87 -19.15 -23.16 -5.88
C SER C 87 -19.61 -23.24 -4.42
N PHE C 88 -19.15 -22.28 -3.61
CA PHE C 88 -19.39 -22.28 -2.17
C PHE C 88 -20.65 -21.49 -1.83
N GLY C 89 -21.14 -20.69 -2.79
CA GLY C 89 -22.34 -19.90 -2.62
C GLY C 89 -22.04 -18.44 -2.27
N TRP C 90 -20.79 -18.03 -2.48
CA TRP C 90 -20.35 -16.67 -2.16
C TRP C 90 -20.68 -15.74 -3.31
N ASP C 91 -21.41 -14.66 -3.00
CA ASP C 91 -21.77 -13.65 -3.99
C ASP C 91 -20.72 -12.53 -3.95
N LEU C 92 -19.54 -12.82 -4.49
CA LEU C 92 -18.43 -11.86 -4.52
C LEU C 92 -18.82 -10.65 -5.36
N GLN C 93 -19.68 -10.87 -6.36
CA GLN C 93 -20.17 -9.80 -7.22
C GLN C 93 -20.92 -8.75 -6.40
N LYS C 94 -21.82 -9.21 -5.52
CA LYS C 94 -22.60 -8.33 -4.67
C LYS C 94 -21.67 -7.50 -3.79
N LEU C 95 -20.64 -8.16 -3.23
CA LEU C 95 -19.68 -7.50 -2.35
C LEU C 95 -18.88 -6.47 -3.16
N VAL C 96 -18.62 -6.79 -4.43
CA VAL C 96 -17.88 -5.90 -5.32
C VAL C 96 -18.76 -4.71 -5.69
N ASP C 97 -20.04 -4.97 -5.98
CA ASP C 97 -20.99 -3.93 -6.34
C ASP C 97 -21.35 -3.09 -5.12
N GLU C 98 -21.25 -3.69 -3.92
CA GLU C 98 -21.47 -2.99 -2.67
C GLU C 98 -20.23 -2.18 -2.31
N GLY C 99 -19.10 -2.45 -2.97
CA GLY C 99 -17.86 -1.73 -2.76
C GLY C 99 -17.11 -2.23 -1.53
N LYS C 100 -17.48 -3.43 -1.06
CA LYS C 100 -16.87 -4.03 0.12
C LYS C 100 -15.67 -4.89 -0.30
N LEU C 101 -15.60 -5.25 -1.58
CA LEU C 101 -14.53 -6.08 -2.10
C LEU C 101 -13.96 -5.48 -3.38
N PHE C 102 -12.64 -5.57 -3.54
CA PHE C 102 -11.95 -5.09 -4.73
C PHE C 102 -10.93 -6.14 -5.17
N ILE C 103 -10.98 -6.50 -6.46
CA ILE C 103 -10.01 -7.43 -7.02
C ILE C 103 -9.06 -6.64 -7.91
N LEU C 104 -7.77 -6.64 -7.55
CA LEU C 104 -6.75 -5.95 -8.31
C LEU C 104 -6.13 -6.92 -9.33
N ASP C 105 -6.50 -6.73 -10.60
CA ASP C 105 -6.01 -7.57 -11.69
C ASP C 105 -4.58 -7.17 -12.01
N ALA C 106 -3.62 -7.93 -11.46
CA ALA C 106 -2.20 -7.75 -11.74
C ALA C 106 -1.75 -8.73 -12.81
N SER C 107 -2.70 -9.35 -13.52
CA SER C 107 -2.40 -10.32 -14.55
C SER C 107 -1.82 -9.62 -15.77
N PRO C 108 -0.86 -10.24 -16.49
CA PRO C 108 -0.41 -9.73 -17.78
C PRO C 108 -1.55 -9.64 -18.80
N ASP C 109 -1.42 -8.70 -19.74
CA ASP C 109 -2.43 -8.48 -20.76
C ASP C 109 -1.82 -8.76 -22.13
N PRO C 110 -2.36 -9.72 -22.92
CA PRO C 110 -1.85 -10.01 -24.26
C PRO C 110 -1.84 -8.78 -25.18
N ASP C 120 7.57 -1.58 -10.53
CA ASP C 120 7.02 -2.94 -10.78
C ASP C 120 6.35 -3.45 -9.50
N LEU C 121 7.18 -3.94 -8.56
CA LEU C 121 6.70 -4.37 -7.26
C LEU C 121 6.34 -3.15 -6.43
N SER C 122 7.09 -2.06 -6.61
CA SER C 122 6.82 -0.78 -5.97
C SER C 122 5.52 -0.19 -6.53
N ALA C 123 5.29 -0.37 -7.83
CA ALA C 123 4.08 0.08 -8.48
C ALA C 123 2.87 -0.70 -7.96
N LEU C 124 3.05 -2.01 -7.79
CA LEU C 124 2.02 -2.87 -7.22
C LEU C 124 1.72 -2.45 -5.79
N ILE C 125 2.80 -2.23 -5.00
CA ILE C 125 2.67 -1.74 -3.63
C ILE C 125 1.86 -0.44 -3.62
N GLU C 126 2.16 0.46 -4.56
CA GLU C 126 1.48 1.74 -4.67
C GLU C 126 0.01 1.53 -5.03
N ARG C 127 -0.26 0.59 -5.93
CA ARG C 127 -1.60 0.31 -6.40
C ARG C 127 -2.44 -0.28 -5.27
N ILE C 128 -1.85 -1.20 -4.50
CA ILE C 128 -2.54 -1.85 -3.40
C ILE C 128 -2.86 -0.83 -2.32
N ASN C 129 -1.89 0.05 -2.03
CA ASN C 129 -2.03 1.06 -0.99
C ASN C 129 -3.20 1.99 -1.31
N TYR C 130 -3.32 2.36 -2.59
CA TYR C 130 -4.42 3.21 -3.05
C TYR C 130 -5.75 2.52 -2.78
N ALA C 131 -5.82 1.23 -3.11
CA ALA C 131 -7.03 0.44 -2.92
C ALA C 131 -7.37 0.35 -1.43
N ILE C 132 -6.35 0.09 -0.60
CA ILE C 132 -6.52 0.00 0.84
C ILE C 132 -7.16 1.29 1.36
N ARG C 133 -6.74 2.43 0.81
CA ARG C 133 -7.24 3.74 1.21
C ARG C 133 -8.61 3.99 0.61
N LYS C 134 -8.77 3.66 -0.69
CA LYS C 134 -9.98 3.96 -1.43
C LYS C 134 -11.14 3.08 -0.96
N TYR C 135 -10.82 1.93 -0.36
CA TYR C 135 -11.84 0.98 0.09
C TYR C 135 -11.85 0.87 1.62
N LYS C 136 -10.90 1.54 2.29
CA LYS C 136 -10.78 1.46 3.74
C LYS C 136 -10.70 -0.01 4.16
N ALA C 137 -9.81 -0.76 3.51
CA ALA C 137 -9.73 -2.20 3.67
C ALA C 137 -8.84 -2.55 4.87
N LYS C 138 -9.22 -3.61 5.58
CA LYS C 138 -8.48 -4.10 6.73
C LYS C 138 -7.84 -5.45 6.42
N ARG C 139 -8.32 -6.14 5.37
CA ARG C 139 -7.80 -7.44 4.98
C ARG C 139 -7.26 -7.35 3.55
N VAL C 140 -6.30 -8.23 3.24
CA VAL C 140 -5.71 -8.33 1.91
C VAL C 140 -5.33 -9.78 1.64
N ALA C 141 -5.26 -10.11 0.34
CA ALA C 141 -4.86 -11.43 -0.11
C ALA C 141 -4.07 -11.30 -1.42
N ILE C 142 -2.93 -12.00 -1.50
CA ILE C 142 -2.03 -11.91 -2.64
C ILE C 142 -1.86 -13.31 -3.21
N ASP C 143 -2.38 -13.52 -4.44
CA ASP C 143 -2.43 -14.86 -5.04
C ASP C 143 -2.02 -14.77 -6.50
N SER C 144 -0.82 -15.25 -6.86
CA SER C 144 0.20 -15.75 -5.94
C SER C 144 1.47 -14.95 -6.14
N VAL C 145 2.21 -14.73 -5.04
CA VAL C 145 3.40 -13.89 -5.06
C VAL C 145 4.47 -14.53 -5.93
N THR C 146 4.51 -15.88 -5.94
CA THR C 146 5.47 -16.64 -6.72
C THR C 146 5.29 -16.37 -8.22
N ALA C 147 4.05 -16.15 -8.65
CA ALA C 147 3.73 -15.94 -10.06
C ALA C 147 4.44 -14.69 -10.59
N VAL C 148 4.59 -13.67 -9.74
CA VAL C 148 5.17 -12.39 -10.14
C VAL C 148 6.65 -12.57 -10.46
N PHE C 149 7.37 -13.28 -9.59
CA PHE C 149 8.82 -13.43 -9.72
C PHE C 149 9.15 -14.30 -10.93
N GLN C 150 8.17 -15.06 -11.44
CA GLN C 150 8.30 -15.77 -12.69
C GLN C 150 8.20 -14.79 -13.86
N GLN C 151 9.16 -13.87 -13.92
CA GLN C 151 9.27 -12.89 -14.99
C GLN C 151 10.75 -12.70 -15.32
N TYR C 152 11.53 -12.33 -14.30
CA TYR C 152 12.99 -12.26 -14.42
C TYR C 152 13.58 -12.03 -13.03
N ASP C 153 13.55 -13.07 -12.19
CA ASP C 153 14.08 -12.98 -10.83
C ASP C 153 14.39 -14.39 -10.33
N VAL C 157 16.91 -11.86 -4.51
CA VAL C 157 16.01 -10.86 -5.16
C VAL C 157 14.63 -11.00 -4.53
N VAL C 158 14.10 -12.23 -4.56
CA VAL C 158 12.79 -12.55 -4.00
C VAL C 158 12.73 -12.08 -2.55
N ARG C 159 13.82 -12.28 -1.82
CA ARG C 159 13.89 -11.91 -0.42
C ARG C 159 13.61 -10.41 -0.25
N ARG C 160 14.33 -9.59 -1.01
CA ARG C 160 14.20 -8.14 -0.94
C ARG C 160 12.78 -7.73 -1.35
N GLU C 161 12.31 -8.30 -2.47
CA GLU C 161 11.00 -7.97 -3.02
C GLU C 161 9.88 -8.47 -2.10
N ILE C 162 10.14 -9.59 -1.41
CA ILE C 162 9.19 -10.15 -0.45
C ILE C 162 9.23 -9.33 0.84
N PHE C 163 10.43 -8.83 1.19
CA PHE C 163 10.59 -8.00 2.38
C PHE C 163 9.86 -6.68 2.19
N ARG C 164 9.94 -6.11 0.98
CA ARG C 164 9.36 -4.82 0.70
C ARG C 164 7.85 -4.90 0.83
N LEU C 165 7.26 -5.96 0.27
CA LEU C 165 5.82 -6.14 0.22
C LEU C 165 5.24 -6.27 1.64
N VAL C 166 5.93 -7.02 2.49
CA VAL C 166 5.49 -7.25 3.86
C VAL C 166 5.70 -5.97 4.66
N ALA C 167 6.90 -5.39 4.55
CA ALA C 167 7.26 -4.20 5.30
C ALA C 167 6.29 -3.06 5.00
N ARG C 168 6.10 -2.77 3.71
CA ARG C 168 5.23 -1.68 3.28
C ARG C 168 3.81 -1.91 3.78
N LEU C 169 3.33 -3.17 3.68
CA LEU C 169 1.98 -3.51 4.10
C LEU C 169 1.86 -3.45 5.62
N LYS C 170 2.98 -3.65 6.32
CA LYS C 170 3.03 -3.54 7.77
C LYS C 170 2.85 -2.08 8.17
N GLN C 171 3.44 -1.18 7.38
CA GLN C 171 3.32 0.26 7.60
C GLN C 171 1.86 0.68 7.41
N ILE C 172 1.22 0.12 6.38
CA ILE C 172 -0.18 0.40 6.08
C ILE C 172 -1.04 -0.11 7.23
N GLY C 173 -0.66 -1.25 7.80
CA GLY C 173 -1.39 -1.85 8.90
C GLY C 173 -2.62 -2.61 8.41
N VAL C 174 -2.40 -3.86 7.99
CA VAL C 174 -3.47 -4.70 7.48
C VAL C 174 -3.03 -6.16 7.58
N THR C 175 -3.97 -7.03 7.94
CA THR C 175 -3.73 -8.46 7.99
C THR C 175 -3.72 -9.01 6.57
N THR C 176 -2.60 -9.65 6.18
CA THR C 176 -2.39 -10.05 4.80
C THR C 176 -2.21 -11.57 4.72
N VAL C 177 -2.67 -12.14 3.60
CA VAL C 177 -2.49 -13.55 3.29
C VAL C 177 -1.79 -13.65 1.94
N MET C 178 -0.49 -14.02 1.96
CA MET C 178 0.31 -14.10 0.76
C MET C 178 0.48 -15.57 0.35
N THR C 179 -0.26 -15.96 -0.70
CA THR C 179 -0.22 -17.32 -1.23
C THR C 179 1.08 -17.54 -1.99
N THR C 180 1.74 -18.68 -1.71
CA THR C 180 2.90 -19.13 -2.46
C THR C 180 2.65 -20.57 -2.90
N GLU C 181 3.59 -21.15 -3.67
CA GLU C 181 3.39 -22.47 -4.25
C GLU C 181 4.64 -23.32 -4.07
N ARG C 182 4.43 -24.65 -4.02
CA ARG C 182 5.49 -25.62 -3.81
C ARG C 182 5.41 -26.70 -4.90
N ILE C 183 6.39 -27.61 -4.89
CA ILE C 183 6.39 -28.75 -5.79
C ILE C 183 6.24 -30.03 -4.98
N GLU C 184 7.15 -30.24 -4.02
CA GLU C 184 7.12 -31.40 -3.15
C GLU C 184 6.24 -31.11 -1.93
N GLU C 185 5.62 -32.16 -1.39
CA GLU C 185 4.67 -32.04 -0.30
C GLU C 185 5.42 -31.95 1.02
N TYR C 186 6.28 -32.94 1.29
CA TYR C 186 7.12 -32.96 2.48
C TYR C 186 8.55 -32.57 2.09
N GLY C 187 8.66 -31.52 1.27
CA GLY C 187 9.95 -31.00 0.85
C GLY C 187 10.16 -29.57 1.35
N PRO C 188 10.64 -28.63 0.50
CA PRO C 188 10.75 -27.23 0.89
C PRO C 188 9.38 -26.59 1.08
N ILE C 189 9.31 -25.61 1.99
CA ILE C 189 8.06 -24.98 2.39
C ILE C 189 7.49 -24.18 1.22
N ALA C 190 8.37 -23.53 0.46
CA ALA C 190 7.97 -22.81 -0.74
C ALA C 190 8.89 -23.23 -1.90
N ARG C 191 9.21 -22.28 -2.80
CA ARG C 191 9.96 -22.58 -4.01
C ARG C 191 11.42 -22.14 -3.86
N TYR C 192 11.62 -20.88 -3.44
CA TYR C 192 12.93 -20.25 -3.50
C TYR C 192 13.68 -20.41 -2.19
N GLY C 193 13.01 -20.91 -1.15
CA GLY C 193 13.65 -21.23 0.12
C GLY C 193 14.07 -19.98 0.89
N VAL C 194 13.19 -18.98 0.89
CA VAL C 194 13.46 -17.66 1.47
C VAL C 194 12.20 -17.14 2.13
N GLU C 195 11.09 -17.16 1.37
CA GLU C 195 9.77 -16.73 1.81
C GLU C 195 9.55 -17.05 3.29
N GLU C 196 9.83 -18.31 3.68
CA GLU C 196 9.61 -18.78 5.03
C GLU C 196 10.17 -17.80 6.06
N PHE C 197 11.46 -17.48 5.90
CA PHE C 197 12.23 -16.79 6.92
C PHE C 197 11.91 -15.30 6.92
N VAL C 198 11.40 -14.79 5.79
CA VAL C 198 10.99 -13.40 5.67
C VAL C 198 9.65 -13.22 6.39
N SER C 199 8.67 -14.05 6.02
CA SER C 199 7.32 -13.96 6.57
C SER C 199 7.32 -14.29 8.05
N ASP C 200 6.40 -13.66 8.79
CA ASP C 200 6.29 -13.83 10.23
C ASP C 200 5.38 -15.02 10.54
N ASN C 201 4.40 -15.28 9.67
CA ASN C 201 3.46 -16.37 9.84
C ASN C 201 3.55 -17.30 8.63
N VAL C 202 3.59 -18.61 8.89
CA VAL C 202 3.73 -19.61 7.83
C VAL C 202 2.72 -20.72 8.04
N VAL C 203 1.78 -20.85 7.11
CA VAL C 203 0.81 -21.92 7.09
C VAL C 203 1.10 -22.80 5.88
N ILE C 204 0.97 -24.13 6.06
CA ILE C 204 1.29 -25.08 5.01
C ILE C 204 0.07 -25.95 4.75
N LEU C 205 -0.50 -25.82 3.55
CA LEU C 205 -1.54 -26.72 3.07
C LEU C 205 -0.87 -27.85 2.31
N ARG C 206 -1.37 -29.08 2.51
CA ARG C 206 -0.78 -30.25 1.90
C ARG C 206 -1.90 -31.20 1.43
N ASN C 207 -1.67 -31.80 0.25
CA ASN C 207 -2.56 -32.79 -0.31
C ASN C 207 -1.74 -34.05 -0.59
N VAL C 208 -1.68 -34.95 0.40
CA VAL C 208 -0.74 -36.06 0.39
C VAL C 208 -1.41 -37.25 -0.31
N LEU C 209 -0.63 -37.94 -1.16
CA LEU C 209 -1.10 -39.12 -1.87
C LEU C 209 -0.56 -40.36 -1.19
N GLU C 210 -1.32 -40.86 -0.20
CA GLU C 210 -0.95 -42.06 0.53
C GLU C 210 -1.66 -43.25 -0.12
N GLY C 211 -0.92 -43.98 -0.96
CA GLY C 211 -1.48 -45.06 -1.76
C GLY C 211 -2.00 -44.54 -3.11
N GLU C 212 -3.32 -44.55 -3.27
CA GLU C 212 -3.96 -44.00 -4.46
C GLU C 212 -5.10 -43.07 -4.04
N ARG C 213 -4.99 -42.46 -2.86
CA ARG C 213 -6.05 -41.63 -2.32
C ARG C 213 -5.43 -40.45 -1.57
N ARG C 214 -6.05 -39.27 -1.71
CA ARG C 214 -5.47 -38.02 -1.27
C ARG C 214 -6.02 -37.63 0.10
N ARG C 215 -5.22 -36.88 0.88
CA ARG C 215 -5.63 -36.39 2.18
C ARG C 215 -5.13 -34.95 2.35
N ARG C 216 -6.06 -34.04 2.63
CA ARG C 216 -5.75 -32.64 2.83
C ARG C 216 -5.31 -32.42 4.28
N THR C 217 -4.21 -31.68 4.49
CA THR C 217 -3.70 -31.40 5.82
C THR C 217 -3.38 -29.90 5.93
N VAL C 218 -3.62 -29.36 7.12
CA VAL C 218 -3.28 -27.98 7.46
C VAL C 218 -2.23 -28.00 8.57
N GLU C 219 -1.20 -27.16 8.42
CA GLU C 219 -0.19 -26.98 9.45
C GLU C 219 0.12 -25.49 9.62
N ILE C 220 0.21 -25.06 10.88
CA ILE C 220 0.77 -23.76 11.22
C ILE C 220 2.16 -23.99 11.78
N LEU C 221 3.18 -23.64 10.98
CA LEU C 221 4.56 -23.93 11.34
C LEU C 221 5.07 -22.84 12.29
N LYS C 222 4.72 -21.58 11.99
CA LYS C 222 5.24 -20.44 12.72
C LYS C 222 4.14 -19.38 12.87
N LEU C 223 4.00 -18.86 14.09
CA LEU C 223 3.31 -17.61 14.37
C LEU C 223 4.18 -16.78 15.31
N ARG C 224 5.02 -15.93 14.73
CA ARG C 224 5.93 -15.09 15.51
C ARG C 224 5.14 -14.30 16.54
N GLY C 225 5.57 -14.40 17.81
CA GLY C 225 5.04 -13.58 18.88
C GLY C 225 3.71 -14.10 19.45
N THR C 226 3.35 -15.33 19.11
CA THR C 226 2.10 -15.93 19.58
C THR C 226 2.22 -17.45 19.63
N THR C 227 1.16 -18.09 20.14
CA THR C 227 1.06 -19.53 20.25
C THR C 227 0.23 -20.09 19.10
N HIS C 228 0.34 -21.40 18.88
CA HIS C 228 -0.48 -22.11 17.92
C HIS C 228 -0.40 -23.61 18.22
N MET C 229 -1.36 -24.36 17.69
CA MET C 229 -1.32 -25.81 17.74
C MET C 229 -0.30 -26.31 16.71
N LYS C 230 0.42 -27.37 17.07
CA LYS C 230 1.53 -27.87 16.25
C LYS C 230 1.08 -29.10 15.48
N GLY C 231 1.77 -29.35 14.35
CA GLY C 231 1.54 -30.54 13.55
C GLY C 231 0.51 -30.32 12.44
N GLU C 232 0.23 -31.39 11.70
CA GLU C 232 -0.73 -31.37 10.61
C GLU C 232 -2.12 -31.70 11.16
N TYR C 233 -3.13 -30.98 10.64
CA TYR C 233 -4.52 -31.19 11.01
C TYR C 233 -5.34 -31.38 9.74
N PRO C 234 -6.12 -32.47 9.60
CA PRO C 234 -6.84 -32.75 8.36
C PRO C 234 -8.00 -31.80 8.15
N PHE C 235 -8.25 -31.41 6.90
CA PHE C 235 -9.40 -30.59 6.56
C PHE C 235 -10.08 -31.16 5.31
N THR C 236 -11.22 -30.55 4.96
CA THR C 236 -11.98 -30.93 3.78
C THR C 236 -12.54 -29.67 3.15
N ILE C 237 -12.34 -29.51 1.83
CA ILE C 237 -13.00 -28.47 1.09
C ILE C 237 -14.40 -28.98 0.74
N THR C 238 -15.42 -28.20 1.10
CA THR C 238 -16.82 -28.58 0.93
C THR C 238 -17.51 -27.48 0.11
N ASN C 239 -18.84 -27.55 0.03
CA ASN C 239 -19.63 -26.46 -0.53
C ASN C 239 -19.75 -25.33 0.49
N HIS C 240 -19.05 -25.45 1.63
CA HIS C 240 -19.00 -24.42 2.64
C HIS C 240 -17.59 -23.85 2.77
N GLY C 241 -16.68 -24.30 1.88
CA GLY C 241 -15.29 -23.88 1.92
C GLY C 241 -14.43 -24.86 2.71
N ILE C 242 -13.28 -24.38 3.19
CA ILE C 242 -12.36 -25.19 3.97
C ILE C 242 -12.99 -25.45 5.35
N SER C 243 -12.99 -26.72 5.74
CA SER C 243 -13.51 -27.14 7.04
C SER C 243 -12.46 -28.00 7.75
N ILE C 244 -11.87 -27.45 8.81
CA ILE C 244 -10.84 -28.15 9.57
C ILE C 244 -11.49 -28.71 10.83
N PHE C 245 -11.09 -29.93 11.21
CA PHE C 245 -11.63 -30.61 12.38
C PHE C 245 -10.49 -30.95 13.33
N PRO C 246 -10.11 -30.06 14.28
CA PRO C 246 -8.99 -30.31 15.17
C PRO C 246 -9.33 -31.40 16.20
N LEU C 247 -8.74 -32.58 16.02
CA LEU C 247 -8.90 -33.68 16.95
C LEU C 247 -8.26 -33.31 18.29
N GLY C 248 -7.20 -32.50 18.23
CA GLY C 248 -6.55 -31.94 19.40
C GLY C 248 -7.53 -31.13 20.25
N ALA C 249 -8.46 -30.44 19.59
CA ALA C 249 -9.53 -29.71 20.26
C ALA C 249 -10.75 -30.62 20.42
N MET C 250 -10.61 -31.64 21.25
CA MET C 250 -11.68 -32.59 21.53
C MET C 250 -11.39 -33.32 22.85
N SER C 256 -21.84 -38.16 29.87
CA SER C 256 -22.06 -39.59 30.19
C SER C 256 -23.23 -39.73 31.18
N SER C 257 -24.04 -40.78 30.99
CA SER C 257 -25.25 -40.98 31.76
C SER C 257 -25.43 -42.47 32.05
N ASN C 258 -26.40 -42.78 32.93
CA ASN C 258 -26.74 -44.15 33.28
C ASN C 258 -28.07 -44.54 32.64
N VAL C 259 -28.46 -43.83 31.59
CA VAL C 259 -29.70 -44.14 30.87
C VAL C 259 -29.42 -45.33 29.97
N ARG C 260 -30.34 -46.31 30.01
CA ARG C 260 -30.19 -47.57 29.31
C ARG C 260 -31.07 -47.59 28.06
N VAL C 261 -30.53 -48.10 26.96
CA VAL C 261 -31.31 -48.40 25.76
C VAL C 261 -31.29 -49.91 25.54
N SER C 262 -32.20 -50.40 24.69
CA SER C 262 -32.31 -51.82 24.42
C SER C 262 -31.50 -52.17 23.17
N SER C 263 -31.31 -53.48 22.96
CA SER C 263 -30.48 -54.01 21.89
C SER C 263 -31.33 -54.60 20.76
N GLY C 264 -32.61 -54.85 21.04
CA GLY C 264 -33.46 -55.63 20.16
C GLY C 264 -33.54 -57.09 20.60
N VAL C 265 -32.44 -57.58 21.18
CA VAL C 265 -32.39 -58.91 21.77
C VAL C 265 -32.58 -58.76 23.27
N PRO C 266 -33.70 -59.26 23.85
CA PRO C 266 -34.00 -59.04 25.26
C PRO C 266 -33.04 -59.75 26.22
N ARG C 267 -32.58 -60.95 25.83
CA ARG C 267 -31.65 -61.74 26.63
C ARG C 267 -30.31 -61.01 26.75
N LEU C 268 -29.92 -60.30 25.68
CA LEU C 268 -28.66 -59.58 25.65
C LEU C 268 -28.71 -58.41 26.62
N ASP C 269 -29.89 -57.79 26.75
CA ASP C 269 -30.08 -56.66 27.64
C ASP C 269 -29.88 -57.09 29.09
N GLU C 270 -30.34 -58.31 29.43
CA GLU C 270 -30.15 -58.86 30.76
C GLU C 270 -28.65 -59.12 30.98
N MET C 271 -28.00 -59.63 29.93
CA MET C 271 -26.58 -59.93 29.94
C MET C 271 -25.76 -58.64 30.02
N CYS C 272 -26.38 -57.50 29.69
CA CYS C 272 -25.73 -56.20 29.74
C CYS C 272 -26.20 -55.38 30.94
N GLY C 273 -26.82 -56.05 31.93
CA GLY C 273 -27.23 -55.40 33.16
C GLY C 273 -28.39 -54.44 32.96
N GLY C 274 -29.34 -54.81 32.08
CA GLY C 274 -30.52 -54.01 31.80
C GLY C 274 -30.56 -53.52 30.36
N GLY C 275 -29.39 -53.42 29.73
CA GLY C 275 -29.28 -52.98 28.35
C GLY C 275 -28.03 -52.14 28.10
N PHE C 276 -27.82 -51.74 26.85
CA PHE C 276 -26.75 -50.82 26.49
C PHE C 276 -27.04 -49.45 27.10
N PHE C 277 -25.98 -48.73 27.50
CA PHE C 277 -26.12 -47.35 27.93
C PHE C 277 -26.41 -46.47 26.72
N LYS C 278 -26.96 -45.28 26.97
CA LYS C 278 -27.35 -44.36 25.91
C LYS C 278 -26.10 -43.80 25.23
N ASP C 279 -25.36 -42.97 25.96
CA ASP C 279 -24.09 -42.45 25.48
C ASP C 279 -23.01 -43.52 25.68
N SER C 280 -22.94 -44.47 24.74
CA SER C 280 -21.99 -45.56 24.83
C SER C 280 -21.60 -46.03 23.43
N ILE C 281 -20.44 -46.70 23.36
CA ILE C 281 -19.93 -47.29 22.13
C ILE C 281 -19.93 -48.81 22.31
N ILE C 282 -20.75 -49.49 21.51
CA ILE C 282 -20.82 -50.94 21.52
C ILE C 282 -19.97 -51.46 20.36
N LEU C 283 -19.14 -52.46 20.63
CA LEU C 283 -18.33 -53.10 19.59
C LEU C 283 -18.70 -54.57 19.51
N ALA C 284 -19.13 -55.00 18.31
CA ALA C 284 -19.37 -56.40 18.03
C ALA C 284 -18.18 -56.95 17.25
N THR C 285 -17.35 -57.76 17.93
CA THR C 285 -16.13 -58.31 17.34
C THR C 285 -16.29 -59.81 17.18
N GLY C 286 -15.92 -60.31 15.99
CA GLY C 286 -16.04 -61.72 15.67
C GLY C 286 -15.67 -62.00 14.21
N ALA C 287 -15.64 -63.28 13.86
CA ALA C 287 -15.28 -63.71 12.51
C ALA C 287 -16.45 -63.46 11.56
N THR C 288 -16.24 -63.81 10.29
CA THR C 288 -17.26 -63.65 9.26
C THR C 288 -18.38 -64.67 9.50
N GLY C 289 -19.61 -64.15 9.64
CA GLY C 289 -20.81 -64.98 9.73
C GLY C 289 -21.25 -65.26 11.16
N THR C 290 -20.55 -64.66 12.14
CA THR C 290 -20.83 -64.88 13.55
C THR C 290 -22.17 -64.26 13.94
N GLY C 291 -22.59 -63.22 13.21
CA GLY C 291 -23.90 -62.61 13.41
C GLY C 291 -23.80 -61.18 13.95
N LYS C 292 -22.77 -60.45 13.52
CA LYS C 292 -22.56 -59.06 13.92
C LYS C 292 -23.67 -58.19 13.33
N THR C 293 -23.85 -58.29 12.00
CA THR C 293 -24.78 -57.44 11.28
C THR C 293 -26.21 -57.68 11.76
N LEU C 294 -26.51 -58.92 12.17
CA LEU C 294 -27.82 -59.26 12.71
C LEU C 294 -28.10 -58.43 13.96
N LEU C 295 -27.11 -58.33 14.86
CA LEU C 295 -27.27 -57.62 16.11
C LEU C 295 -27.46 -56.12 15.85
N VAL C 296 -26.83 -55.60 14.79
CA VAL C 296 -26.94 -54.20 14.43
C VAL C 296 -28.35 -53.92 13.91
N SER C 297 -28.95 -54.91 13.25
CA SER C 297 -30.29 -54.78 12.70
C SER C 297 -31.31 -54.64 13.82
N LYS C 298 -31.25 -55.56 14.80
CA LYS C 298 -32.17 -55.56 15.93
C LYS C 298 -31.99 -54.27 16.74
N PHE C 299 -30.74 -53.78 16.80
CA PHE C 299 -30.41 -52.54 17.48
C PHE C 299 -31.12 -51.36 16.81
N LEU C 300 -31.12 -51.36 15.47
CA LEU C 300 -31.74 -50.30 14.68
C LEU C 300 -33.26 -50.48 14.66
N GLU C 301 -33.71 -51.74 14.77
CA GLU C 301 -35.13 -52.06 14.80
C GLU C 301 -35.75 -51.50 16.08
N ASN C 302 -35.04 -51.66 17.21
CA ASN C 302 -35.52 -51.22 18.51
C ASN C 302 -35.64 -49.70 18.53
N ALA C 303 -34.71 -49.02 17.83
CA ALA C 303 -34.72 -47.57 17.73
C ALA C 303 -35.97 -47.10 16.99
N CYS C 304 -36.19 -47.66 15.80
CA CYS C 304 -37.34 -47.29 14.98
C CYS C 304 -38.64 -47.79 15.61
N ARG C 305 -38.55 -48.84 16.45
CA ARG C 305 -39.70 -49.33 17.19
C ARG C 305 -40.07 -48.37 18.31
N ASN C 306 -39.05 -47.77 18.94
CA ASN C 306 -39.27 -46.81 20.02
C ASN C 306 -39.40 -45.40 19.46
N LYS C 307 -39.73 -45.28 18.17
CA LYS C 307 -39.98 -44.01 17.52
C LYS C 307 -38.71 -43.15 17.56
N GLU C 308 -37.55 -43.79 17.43
CA GLU C 308 -36.27 -43.09 17.40
C GLU C 308 -35.69 -43.23 15.98
N ARG C 309 -35.09 -42.14 15.49
CA ARG C 309 -34.44 -42.13 14.19
C ARG C 309 -33.06 -42.76 14.30
N ALA C 310 -32.63 -43.43 13.22
CA ALA C 310 -31.34 -44.09 13.17
C ALA C 310 -30.78 -44.07 11.75
N ILE C 311 -29.44 -44.09 11.65
CA ILE C 311 -28.76 -44.21 10.37
C ILE C 311 -27.81 -45.42 10.44
N LEU C 312 -27.81 -46.19 9.35
CA LEU C 312 -26.87 -47.30 9.17
C LEU C 312 -25.87 -46.93 8.08
N PHE C 313 -24.58 -46.91 8.45
CA PHE C 313 -23.50 -46.68 7.49
C PHE C 313 -22.92 -48.03 7.10
N ALA C 314 -23.38 -48.56 5.95
CA ALA C 314 -22.97 -49.87 5.47
C ALA C 314 -21.79 -49.71 4.51
N TYR C 315 -20.78 -50.59 4.69
CA TYR C 315 -19.59 -50.57 3.86
C TYR C 315 -19.26 -51.95 3.30
N GLU C 316 -20.10 -52.95 3.61
CA GLU C 316 -19.84 -54.32 3.21
C GLU C 316 -20.99 -54.87 2.35
N GLU C 317 -22.23 -54.51 2.71
CA GLU C 317 -23.41 -54.98 1.99
C GLU C 317 -24.18 -53.81 1.41
N SER C 318 -24.90 -54.08 0.31
CA SER C 318 -25.78 -53.11 -0.31
C SER C 318 -27.12 -53.06 0.43
N ARG C 319 -27.95 -52.08 0.09
CA ARG C 319 -29.23 -51.87 0.74
C ARG C 319 -30.17 -53.04 0.41
N ALA C 320 -30.21 -53.41 -0.87
CA ALA C 320 -31.06 -54.50 -1.34
C ALA C 320 -30.78 -55.78 -0.56
N GLN C 321 -29.49 -56.08 -0.36
CA GLN C 321 -29.08 -57.30 0.32
C GLN C 321 -29.37 -57.20 1.81
N LEU C 322 -29.10 -56.03 2.40
CA LEU C 322 -29.44 -55.75 3.79
C LEU C 322 -30.91 -56.00 4.03
N LEU C 323 -31.76 -55.45 3.14
CA LEU C 323 -33.21 -55.58 3.24
C LEU C 323 -33.62 -57.04 3.17
N ARG C 324 -33.08 -57.77 2.17
CA ARG C 324 -33.44 -59.15 1.94
C ARG C 324 -33.00 -60.02 3.12
N ASN C 325 -31.75 -59.83 3.56
CA ASN C 325 -31.20 -60.60 4.66
C ASN C 325 -31.93 -60.26 5.97
N ALA C 326 -32.42 -59.01 6.06
CA ALA C 326 -33.13 -58.55 7.24
C ALA C 326 -34.55 -59.11 7.27
N THR C 327 -35.21 -59.17 6.11
CA THR C 327 -36.55 -59.71 6.01
C THR C 327 -36.56 -61.21 6.31
N SER C 328 -35.41 -61.87 6.07
CA SER C 328 -35.25 -63.28 6.39
C SER C 328 -35.06 -63.48 7.89
N TRP C 329 -34.72 -62.39 8.60
CA TRP C 329 -34.65 -62.41 10.06
C TRP C 329 -35.91 -61.79 10.67
N GLY C 330 -36.85 -61.36 9.82
CA GLY C 330 -38.10 -60.77 10.28
C GLY C 330 -37.93 -59.32 10.72
N ILE C 331 -37.25 -58.53 9.89
CA ILE C 331 -36.99 -57.12 10.16
C ILE C 331 -37.33 -56.32 8.90
N ASP C 332 -38.18 -55.29 9.07
CA ASP C 332 -38.69 -54.51 7.95
C ASP C 332 -38.07 -53.11 7.97
N PHE C 333 -36.87 -52.99 7.40
CA PHE C 333 -36.17 -51.73 7.29
C PHE C 333 -36.95 -50.77 6.38
N GLU C 334 -37.55 -51.32 5.31
CA GLU C 334 -38.25 -50.52 4.31
C GLU C 334 -39.33 -49.67 4.96
N GLU C 335 -40.12 -50.29 5.85
CA GLU C 335 -41.18 -49.61 6.58
C GLU C 335 -40.58 -48.54 7.49
N MET C 336 -39.45 -48.88 8.13
CA MET C 336 -38.76 -47.97 9.04
C MET C 336 -38.27 -46.74 8.28
N GLU C 337 -37.85 -46.94 7.01
CA GLU C 337 -37.37 -45.85 6.17
C GLU C 337 -38.52 -44.95 5.75
N ARG C 338 -39.64 -45.57 5.34
CA ARG C 338 -40.82 -44.85 4.89
C ARG C 338 -41.43 -44.03 6.02
N ASP C 339 -41.30 -44.54 7.26
CA ASP C 339 -41.81 -43.86 8.45
C ASP C 339 -40.87 -42.74 8.87
N GLY C 340 -39.75 -42.57 8.15
CA GLY C 340 -38.78 -41.53 8.45
C GLY C 340 -38.05 -41.79 9.78
N LEU C 341 -37.71 -43.06 10.01
CA LEU C 341 -37.06 -43.48 11.26
C LEU C 341 -35.77 -44.24 10.98
N LEU C 342 -35.57 -44.70 9.74
CA LEU C 342 -34.34 -45.39 9.35
C LEU C 342 -33.77 -44.75 8.09
N LYS C 343 -32.45 -44.86 7.92
CA LYS C 343 -31.77 -44.36 6.75
C LYS C 343 -30.51 -45.17 6.51
N ILE C 344 -30.43 -45.82 5.34
CA ILE C 344 -29.33 -46.70 5.01
C ILE C 344 -28.41 -45.99 4.03
N ILE C 345 -27.18 -45.70 4.47
CA ILE C 345 -26.19 -45.00 3.66
C ILE C 345 -25.12 -46.01 3.25
N CYS C 346 -25.28 -46.59 2.05
CA CYS C 346 -24.35 -47.58 1.53
C CYS C 346 -23.24 -46.89 0.74
N ALA C 347 -21.99 -47.30 1.00
CA ALA C 347 -20.84 -46.73 0.33
C ALA C 347 -19.62 -47.64 0.52
N TYR C 348 -18.86 -47.87 -0.56
CA TYR C 348 -17.64 -48.65 -0.51
C TYR C 348 -16.58 -47.84 0.23
N PRO C 349 -15.74 -48.48 1.08
CA PRO C 349 -14.64 -47.78 1.77
C PRO C 349 -13.60 -47.13 0.85
N GLU C 350 -13.47 -47.65 -0.38
CA GLU C 350 -12.48 -47.18 -1.32
C GLU C 350 -13.02 -45.99 -2.12
N SER C 351 -14.28 -45.62 -1.88
CA SER C 351 -14.89 -44.47 -2.55
C SER C 351 -14.10 -43.20 -2.26
N THR C 352 -13.91 -42.90 -0.98
CA THR C 352 -13.17 -41.73 -0.53
C THR C 352 -12.27 -42.11 0.63
N GLY C 353 -11.44 -41.14 1.07
CA GLY C 353 -10.62 -41.30 2.25
C GLY C 353 -11.45 -41.26 3.53
N LEU C 354 -10.80 -41.59 4.65
CA LEU C 354 -11.47 -41.70 5.94
C LEU C 354 -11.93 -40.33 6.43
N GLU C 355 -11.11 -39.29 6.22
CA GLU C 355 -11.48 -37.93 6.57
C GLU C 355 -12.79 -37.56 5.89
N ASP C 356 -12.94 -37.96 4.62
CA ASP C 356 -14.13 -37.67 3.84
C ASP C 356 -15.31 -38.51 4.36
N HIS C 357 -15.04 -39.79 4.65
CA HIS C 357 -16.05 -40.68 5.22
C HIS C 357 -16.62 -40.09 6.51
N LEU C 358 -15.76 -39.46 7.30
CA LEU C 358 -16.15 -38.92 8.59
C LEU C 358 -17.08 -37.72 8.39
N GLN C 359 -16.75 -36.88 7.41
CA GLN C 359 -17.55 -35.70 7.07
C GLN C 359 -18.92 -36.15 6.54
N ILE C 360 -18.93 -37.22 5.74
CA ILE C 360 -20.15 -37.77 5.18
C ILE C 360 -21.06 -38.24 6.33
N ILE C 361 -20.46 -38.86 7.35
CA ILE C 361 -21.19 -39.34 8.52
C ILE C 361 -21.72 -38.15 9.30
N LYS C 362 -20.85 -37.18 9.60
CA LYS C 362 -21.23 -35.99 10.35
C LYS C 362 -22.39 -35.27 9.68
N SER C 363 -22.34 -35.19 8.34
CA SER C 363 -23.34 -34.45 7.57
C SER C 363 -24.70 -35.13 7.67
N GLU C 364 -24.76 -36.43 7.33
CA GLU C 364 -26.02 -37.15 7.22
C GLU C 364 -26.69 -37.22 8.60
N ILE C 365 -25.88 -37.17 9.65
CA ILE C 365 -26.37 -37.08 11.03
C ILE C 365 -27.11 -35.76 11.21
N SER C 366 -26.47 -34.65 10.82
CA SER C 366 -27.01 -33.31 11.07
C SER C 366 -28.44 -33.19 10.54
N GLU C 367 -28.70 -33.74 9.35
CA GLU C 367 -30.01 -33.65 8.73
C GLU C 367 -31.01 -34.55 9.46
N PHE C 368 -30.74 -35.86 9.44
CA PHE C 368 -31.68 -36.85 9.95
C PHE C 368 -31.82 -36.71 11.47
N LYS C 369 -30.74 -36.28 12.12
CA LYS C 369 -30.71 -36.07 13.57
C LYS C 369 -31.06 -37.37 14.27
N PRO C 370 -30.21 -38.41 14.19
CA PRO C 370 -30.54 -39.75 14.68
C PRO C 370 -30.22 -39.91 16.17
N SER C 371 -30.92 -40.86 16.81
CA SER C 371 -30.68 -41.19 18.20
C SER C 371 -29.58 -42.24 18.31
N ARG C 372 -29.64 -43.26 17.43
CA ARG C 372 -28.66 -44.33 17.42
C ARG C 372 -28.00 -44.40 16.05
N ILE C 373 -26.68 -44.64 16.04
CA ILE C 373 -25.91 -44.78 14.82
C ILE C 373 -25.29 -46.17 14.80
N ALA C 374 -24.95 -46.66 13.60
CA ALA C 374 -24.36 -47.98 13.44
C ALA C 374 -23.44 -48.00 12.22
N ILE C 375 -22.24 -48.57 12.38
CA ILE C 375 -21.27 -48.69 11.32
C ILE C 375 -20.92 -50.16 11.11
N ASP C 376 -21.17 -50.65 9.89
CA ASP C 376 -20.90 -52.03 9.52
C ASP C 376 -20.08 -52.04 8.24
N SER C 377 -18.74 -52.17 8.33
CA SER C 377 -18.01 -52.37 9.58
C SER C 377 -16.86 -51.38 9.66
N LEU C 378 -16.21 -51.34 10.83
CA LEU C 378 -15.00 -50.55 11.02
C LEU C 378 -13.82 -51.26 10.37
N SER C 379 -13.84 -52.60 10.37
CA SER C 379 -12.80 -53.40 9.75
C SER C 379 -12.69 -53.09 8.26
N ALA C 380 -13.84 -52.85 7.61
CA ALA C 380 -13.90 -52.56 6.19
C ALA C 380 -13.26 -51.20 5.90
N LEU C 381 -13.36 -50.27 6.86
CA LEU C 381 -12.84 -48.92 6.71
C LEU C 381 -11.34 -48.88 6.98
N ALA C 382 -10.81 -49.93 7.62
CA ALA C 382 -9.39 -50.00 7.94
C ALA C 382 -8.60 -50.68 6.82
N ARG C 383 -9.31 -51.22 5.82
CA ARG C 383 -8.67 -51.91 4.71
C ARG C 383 -7.80 -50.94 3.93
N GLY C 384 -6.47 -51.17 3.96
CA GLY C 384 -5.54 -50.39 3.17
C GLY C 384 -4.95 -49.20 3.93
N VAL C 385 -5.79 -48.55 4.75
CA VAL C 385 -5.41 -47.32 5.43
C VAL C 385 -4.45 -47.69 6.56
N SER C 386 -3.61 -46.73 6.96
CA SER C 386 -2.72 -46.89 8.11
C SER C 386 -3.54 -46.88 9.40
N ASN C 387 -2.94 -47.44 10.47
CA ASN C 387 -3.56 -47.50 11.78
C ASN C 387 -3.64 -46.09 12.37
N ASN C 388 -2.67 -45.24 12.03
CA ASN C 388 -2.62 -43.86 12.49
C ASN C 388 -3.85 -43.10 11.97
N ALA C 389 -4.09 -43.21 10.66
CA ALA C 389 -5.20 -42.53 10.02
C ALA C 389 -6.53 -43.13 10.49
N PHE C 390 -6.57 -44.46 10.60
CA PHE C 390 -7.79 -45.16 10.99
C PHE C 390 -8.17 -44.80 12.43
N ARG C 391 -7.17 -44.74 13.32
CA ARG C 391 -7.39 -44.36 14.71
C ARG C 391 -8.08 -43.00 14.77
N GLN C 392 -7.49 -42.02 14.08
CA GLN C 392 -8.02 -40.66 14.02
C GLN C 392 -9.48 -40.66 13.57
N PHE C 393 -9.80 -41.55 12.62
CA PHE C 393 -11.17 -41.73 12.17
C PHE C 393 -12.03 -42.25 13.32
N VAL C 394 -11.59 -43.34 13.95
CA VAL C 394 -12.34 -43.99 15.02
C VAL C 394 -12.52 -43.03 16.18
N ILE C 395 -11.45 -42.28 16.52
CA ILE C 395 -11.51 -41.29 17.58
C ILE C 395 -12.48 -40.18 17.18
N GLY C 396 -12.41 -39.76 15.90
CA GLY C 396 -13.26 -38.70 15.39
C GLY C 396 -14.73 -39.12 15.32
N VAL C 397 -14.98 -40.37 14.88
CA VAL C 397 -16.33 -40.87 14.70
C VAL C 397 -16.99 -41.04 16.07
N THR C 398 -16.25 -41.62 17.02
CA THR C 398 -16.77 -41.88 18.35
C THR C 398 -17.04 -40.58 19.10
N GLY C 399 -16.11 -39.62 18.99
CA GLY C 399 -16.20 -38.35 19.70
C GLY C 399 -17.41 -37.54 19.29
N TYR C 400 -17.72 -37.54 17.99
CA TYR C 400 -18.85 -36.77 17.45
C TYR C 400 -20.16 -37.30 18.04
N ALA C 401 -20.28 -38.63 18.10
CA ALA C 401 -21.48 -39.28 18.60
C ALA C 401 -21.63 -39.06 20.10
N LYS C 402 -20.50 -39.15 20.82
CA LYS C 402 -20.48 -38.95 22.27
C LYS C 402 -20.81 -37.49 22.59
N GLN C 403 -20.44 -36.58 21.70
CA GLN C 403 -20.70 -35.15 21.86
C GLN C 403 -22.17 -34.85 21.60
N GLU C 404 -22.74 -35.49 20.56
CA GLU C 404 -24.09 -35.22 20.12
C GLU C 404 -25.08 -36.22 20.73
N GLU C 405 -24.59 -37.06 21.66
CA GLU C 405 -25.42 -37.99 22.41
C GLU C 405 -26.15 -38.94 21.45
N ILE C 406 -25.36 -39.78 20.76
CA ILE C 406 -25.90 -40.77 19.84
C ILE C 406 -25.30 -42.13 20.19
N THR C 407 -26.16 -43.13 20.42
CA THR C 407 -25.74 -44.47 20.79
C THR C 407 -25.11 -45.14 19.56
N GLY C 408 -23.91 -45.69 19.75
CA GLY C 408 -23.11 -46.20 18.64
C GLY C 408 -22.87 -47.70 18.74
N PHE C 409 -23.18 -48.41 17.65
CA PHE C 409 -22.94 -49.84 17.55
C PHE C 409 -22.02 -50.10 16.35
N PHE C 410 -20.77 -50.49 16.64
CA PHE C 410 -19.75 -50.65 15.62
C PHE C 410 -19.42 -52.13 15.45
N THR C 411 -19.02 -52.49 14.23
CA THR C 411 -18.76 -53.88 13.87
C THR C 411 -17.29 -54.03 13.49
N ASN C 412 -16.72 -55.21 13.75
CA ASN C 412 -15.35 -55.51 13.40
C ASN C 412 -15.22 -57.00 13.11
N THR C 413 -14.78 -57.34 11.89
CA THR C 413 -14.58 -58.72 11.49
C THR C 413 -13.13 -59.12 11.73
N SER C 414 -12.93 -60.11 12.61
CA SER C 414 -11.60 -60.63 12.92
C SER C 414 -11.14 -61.56 11.78
N ASP C 415 -9.83 -61.59 11.56
CA ASP C 415 -9.25 -62.35 10.45
C ASP C 415 -9.29 -63.84 10.77
N GLN C 416 -8.82 -64.20 11.98
CA GLN C 416 -8.88 -65.57 12.46
C GLN C 416 -10.35 -65.96 12.68
N PHE C 417 -10.75 -67.10 12.11
CA PHE C 417 -12.15 -67.49 12.08
C PHE C 417 -12.48 -68.35 13.30
N MET C 418 -11.57 -69.27 13.66
CA MET C 418 -11.77 -70.14 14.80
C MET C 418 -11.23 -69.48 16.08
N GLY C 419 -12.12 -69.32 17.06
CA GLY C 419 -11.76 -68.82 18.37
C GLY C 419 -11.57 -67.30 18.38
N SER C 420 -11.05 -66.79 19.50
CA SER C 420 -10.76 -65.38 19.68
C SER C 420 -9.43 -65.22 20.42
N HIS C 421 -8.63 -64.24 19.98
CA HIS C 421 -7.30 -64.02 20.53
C HIS C 421 -7.07 -62.53 20.77
N SER C 422 -7.14 -61.74 19.68
CA SER C 422 -7.02 -60.30 19.75
C SER C 422 -8.41 -59.66 19.63
N THR C 424 -8.95 -56.55 20.26
CA THR C 424 -8.58 -55.37 19.43
C THR C 424 -7.40 -55.72 18.53
N ASP C 425 -7.60 -55.58 17.22
CA ASP C 425 -6.55 -55.78 16.24
C ASP C 425 -5.82 -54.46 15.97
N SER C 426 -6.39 -53.34 16.44
CA SER C 426 -5.79 -52.03 16.25
C SER C 426 -6.14 -51.08 17.40
N HIS C 427 -6.08 -51.61 18.63
CA HIS C 427 -6.22 -50.82 19.84
C HIS C 427 -7.43 -49.88 19.76
N ILE C 428 -8.60 -50.47 19.45
CA ILE C 428 -9.86 -49.74 19.45
C ILE C 428 -10.64 -50.07 20.72
N SER C 429 -10.14 -51.05 21.50
CA SER C 429 -10.82 -51.54 22.68
C SER C 429 -10.83 -50.49 23.79
N THR C 430 -9.81 -49.62 23.81
CA THR C 430 -9.71 -48.56 24.79
C THR C 430 -10.78 -47.49 24.56
N ILE C 431 -11.28 -47.41 23.32
CA ILE C 431 -12.26 -46.40 22.94
C ILE C 431 -13.67 -46.88 23.29
N THR C 432 -13.92 -48.18 23.12
CA THR C 432 -15.26 -48.73 23.28
C THR C 432 -15.56 -49.00 24.75
N ASP C 433 -16.85 -49.05 25.08
CA ASP C 433 -17.32 -49.22 26.44
C ASP C 433 -17.85 -50.65 26.62
N THR C 434 -18.63 -51.11 25.64
CA THR C 434 -19.15 -52.46 25.61
C THR C 434 -18.52 -53.24 24.45
N ILE C 435 -18.17 -54.51 24.70
CA ILE C 435 -17.68 -55.40 23.67
C ILE C 435 -18.52 -56.68 23.68
N ILE C 436 -19.13 -57.00 22.53
CA ILE C 436 -19.89 -58.22 22.34
C ILE C 436 -19.05 -59.18 21.50
N LEU C 437 -18.40 -60.14 22.16
CA LEU C 437 -17.51 -61.08 21.50
C LEU C 437 -18.31 -62.26 20.94
N LEU C 438 -18.40 -62.33 19.61
CA LEU C 438 -19.05 -63.42 18.91
C LEU C 438 -17.97 -64.34 18.33
N GLN C 439 -18.15 -65.67 18.48
CA GLN C 439 -17.16 -66.62 17.99
C GLN C 439 -17.83 -67.94 17.61
N TYR C 440 -17.15 -68.69 16.74
CA TYR C 440 -17.52 -70.05 16.39
C TYR C 440 -16.95 -71.01 17.44
N VAL C 441 -17.62 -72.15 17.62
CA VAL C 441 -17.17 -73.20 18.53
C VAL C 441 -17.52 -74.56 17.93
N GLU C 442 -16.49 -75.40 17.78
CA GLU C 442 -16.66 -76.74 17.24
C GLU C 442 -17.21 -77.66 18.32
N ILE C 443 -18.47 -78.07 18.19
CA ILE C 443 -19.10 -78.97 19.14
C ILE C 443 -19.58 -80.21 18.38
N ARG C 444 -19.01 -81.37 18.74
CA ARG C 444 -19.32 -82.65 18.12
C ARG C 444 -19.29 -82.55 16.60
N GLY C 445 -18.18 -82.00 16.06
CA GLY C 445 -17.96 -81.97 14.63
C GLY C 445 -18.93 -81.06 13.89
N GLU C 446 -19.54 -80.09 14.60
CA GLU C 446 -20.42 -79.12 13.99
C GLU C 446 -20.03 -77.72 14.47
N MET C 447 -20.38 -76.71 13.67
CA MET C 447 -19.94 -75.34 13.86
C MET C 447 -21.02 -74.55 14.60
N SER C 448 -21.00 -74.65 15.94
CA SER C 448 -21.90 -73.84 16.76
C SER C 448 -21.30 -72.45 16.94
N ARG C 449 -22.10 -71.54 17.50
CA ARG C 449 -21.68 -70.16 17.75
C ARG C 449 -21.68 -69.91 19.25
N ALA C 450 -21.21 -68.72 19.65
CA ALA C 450 -21.27 -68.31 21.04
C ALA C 450 -21.21 -66.79 21.13
N ILE C 451 -21.81 -66.25 22.21
CA ILE C 451 -21.84 -64.81 22.45
C ILE C 451 -21.38 -64.56 23.89
N ASN C 452 -20.64 -63.47 24.08
CA ASN C 452 -20.09 -63.11 25.38
C ASN C 452 -19.96 -61.59 25.46
N VAL C 453 -20.56 -61.00 26.50
CA VAL C 453 -20.34 -59.60 26.82
C VAL C 453 -18.98 -59.52 27.50
N PHE C 454 -17.96 -59.13 26.72
CA PHE C 454 -16.58 -59.17 27.15
C PHE C 454 -16.30 -58.03 28.14
N LYS C 455 -16.88 -56.85 27.84
CA LYS C 455 -16.68 -55.66 28.65
C LYS C 455 -17.98 -54.88 28.74
N MET C 456 -18.12 -54.09 29.81
CA MET C 456 -19.26 -53.22 30.01
C MET C 456 -18.92 -52.21 31.11
N ARG C 457 -18.28 -51.11 30.70
CA ARG C 457 -17.86 -50.06 31.63
C ARG C 457 -19.09 -49.43 32.28
N GLY C 458 -19.18 -49.56 33.61
CA GLY C 458 -20.22 -48.90 34.39
C GLY C 458 -21.31 -49.86 34.87
N SER C 459 -21.40 -51.04 34.23
CA SER C 459 -22.49 -51.97 34.49
C SER C 459 -21.96 -53.35 34.90
N TRP C 460 -22.82 -54.12 35.56
CA TRP C 460 -22.65 -55.56 35.68
C TRP C 460 -23.10 -56.19 34.37
N HIS C 461 -22.29 -57.11 33.84
CA HIS C 461 -22.64 -57.88 32.67
C HIS C 461 -22.52 -59.36 33.03
N ASP C 462 -23.29 -60.21 32.32
CA ASP C 462 -23.18 -61.65 32.47
C ASP C 462 -21.85 -62.09 31.87
N LYS C 463 -21.15 -62.99 32.57
CA LYS C 463 -19.79 -63.34 32.21
C LYS C 463 -19.78 -64.71 31.52
N GLY C 464 -20.87 -65.04 30.83
CA GLY C 464 -21.04 -66.38 30.27
C GLY C 464 -20.72 -66.42 28.78
N ILE C 465 -20.17 -67.56 28.33
CA ILE C 465 -19.94 -67.82 26.92
C ILE C 465 -21.13 -68.63 26.41
N ARG C 466 -22.20 -67.93 26.03
CA ARG C 466 -23.51 -68.52 25.85
C ARG C 466 -23.71 -68.96 24.40
N GLU C 467 -24.40 -70.10 24.22
CA GLU C 467 -24.70 -70.65 22.91
C GLU C 467 -25.58 -69.67 22.13
N PHE C 468 -25.18 -69.40 20.89
CA PHE C 468 -25.85 -68.43 20.04
C PHE C 468 -26.42 -69.17 18.82
N VAL C 469 -27.70 -68.89 18.49
CA VAL C 469 -28.34 -69.51 17.35
C VAL C 469 -29.07 -68.43 16.56
N ILE C 470 -29.04 -68.55 15.23
CA ILE C 470 -29.76 -67.66 14.34
C ILE C 470 -30.88 -68.46 13.67
N SER C 471 -32.02 -67.80 13.43
CA SER C 471 -33.21 -68.45 12.90
C SER C 471 -33.90 -67.51 11.92
N ASP C 472 -35.15 -67.84 11.55
CA ASP C 472 -35.98 -66.96 10.74
C ASP C 472 -36.45 -65.78 11.59
N LYS C 473 -36.46 -65.97 12.92
CA LYS C 473 -36.89 -64.93 13.85
C LYS C 473 -35.73 -64.03 14.24
N GLY C 474 -34.50 -64.58 14.21
CA GLY C 474 -33.30 -63.80 14.50
C GLY C 474 -32.42 -64.49 15.54
N PRO C 475 -31.80 -63.73 16.48
CA PRO C 475 -30.87 -64.30 17.45
C PRO C 475 -31.57 -65.00 18.60
N GLU C 476 -31.06 -66.18 18.97
CA GLU C 476 -31.60 -66.96 20.07
C GLU C 476 -30.46 -67.32 21.03
N ILE C 477 -30.27 -66.49 22.06
CA ILE C 477 -29.21 -66.70 23.04
C ILE C 477 -29.68 -67.78 24.03
N LYS C 478 -28.84 -68.80 24.21
CA LYS C 478 -29.14 -69.92 25.09
C LYS C 478 -28.20 -69.87 26.29
N ASP C 479 -27.82 -71.05 26.81
CA ASP C 479 -27.04 -71.17 28.02
C ASP C 479 -25.55 -71.33 27.67
N SER C 480 -24.72 -71.29 28.71
CA SER C 480 -23.28 -71.42 28.57
C SER C 480 -22.89 -72.83 28.14
N PHE C 481 -21.67 -72.97 27.61
CA PHE C 481 -21.08 -74.27 27.33
C PHE C 481 -20.27 -74.70 28.55
N ARG C 482 -20.97 -74.91 29.67
CA ARG C 482 -20.33 -75.14 30.96
C ARG C 482 -19.62 -76.50 30.95
N ASN C 483 -20.16 -77.45 30.18
CA ASN C 483 -19.64 -78.80 30.13
C ASN C 483 -18.57 -78.91 29.04
N PHE C 484 -17.69 -77.90 28.97
CA PHE C 484 -16.65 -77.84 27.95
C PHE C 484 -15.49 -76.97 28.44
N GLU C 485 -14.28 -77.27 27.96
CA GLU C 485 -13.08 -76.50 28.25
C GLU C 485 -12.41 -76.12 26.93
N ARG C 486 -11.51 -75.12 26.99
CA ARG C 486 -10.80 -74.61 25.83
C ARG C 486 -11.80 -74.14 24.77
N ILE C 487 -12.80 -73.36 25.20
CA ILE C 487 -13.87 -72.90 24.35
C ILE C 487 -13.40 -71.72 23.51
N ILE C 488 -12.72 -70.76 24.19
CA ILE C 488 -12.18 -69.58 23.54
C ILE C 488 -11.31 -69.98 22.35
N SER C 489 -10.66 -71.15 22.43
CA SER C 489 -9.82 -71.64 21.35
C SER C 489 -10.60 -71.81 20.06
N GLY C 490 -11.88 -72.19 20.17
CA GLY C 490 -12.72 -72.48 19.02
C GLY C 490 -12.90 -73.99 18.83
N SER C 491 -11.98 -74.77 19.41
CA SER C 491 -12.07 -76.23 19.42
C SER C 491 -12.06 -76.72 20.87
N PRO C 492 -13.22 -76.79 21.55
CA PRO C 492 -13.28 -77.18 22.97
C PRO C 492 -13.07 -78.66 23.21
N THR C 493 -13.24 -79.07 24.48
CA THR C 493 -13.13 -80.44 24.92
C THR C 493 -14.23 -80.74 25.93
N ARG C 494 -14.84 -81.94 25.83
CA ARG C 494 -15.82 -82.40 26.79
C ARG C 494 -15.13 -82.63 28.14
N ILE C 495 -15.60 -81.93 29.18
CA ILE C 495 -15.00 -81.99 30.49
C ILE C 495 -15.34 -83.34 31.15
N THR D 14 -24.52 -19.38 -11.38
CA THR D 14 -23.50 -19.19 -12.44
C THR D 14 -22.19 -19.85 -12.02
N ALA D 15 -22.27 -21.12 -11.59
CA ALA D 15 -21.11 -21.89 -11.19
C ALA D 15 -20.48 -22.53 -12.42
N VAL D 16 -19.32 -23.17 -12.22
CA VAL D 16 -18.59 -23.82 -13.30
C VAL D 16 -19.40 -25.01 -13.79
N GLN D 17 -19.94 -24.91 -15.02
CA GLN D 17 -20.60 -26.03 -15.67
C GLN D 17 -19.55 -26.86 -16.39
N LYS D 18 -19.90 -28.12 -16.68
CA LYS D 18 -18.95 -29.08 -17.24
C LYS D 18 -19.47 -29.63 -18.57
N LEU D 19 -18.54 -30.16 -19.37
CA LEU D 19 -18.83 -30.72 -20.67
C LEU D 19 -18.43 -32.19 -20.68
N PRO D 20 -19.36 -33.13 -21.02
CA PRO D 20 -19.01 -34.55 -21.11
C PRO D 20 -17.85 -34.84 -22.04
N THR D 21 -16.91 -35.67 -21.55
CA THR D 21 -15.76 -36.11 -22.33
C THR D 21 -16.16 -37.31 -23.18
N GLY D 22 -17.02 -38.17 -22.63
CA GLY D 22 -17.46 -39.39 -23.31
C GLY D 22 -16.55 -40.57 -23.01
N ILE D 23 -15.55 -40.35 -22.13
CA ILE D 23 -14.60 -41.38 -21.77
C ILE D 23 -15.15 -42.12 -20.55
N GLU D 24 -15.27 -43.45 -20.69
CA GLU D 24 -15.89 -44.28 -19.67
C GLU D 24 -15.17 -44.10 -18.34
N GLY D 25 -15.79 -43.32 -17.44
CA GLY D 25 -15.33 -43.18 -16.08
C GLY D 25 -14.82 -41.78 -15.75
N PHE D 26 -14.36 -41.05 -16.77
CA PHE D 26 -13.78 -39.72 -16.54
C PHE D 26 -14.85 -38.75 -16.08
N ASP D 27 -16.06 -38.86 -16.65
CA ASP D 27 -17.15 -37.97 -16.33
C ASP D 27 -17.67 -38.26 -14.92
N ASP D 28 -17.46 -39.50 -14.45
CA ASP D 28 -17.87 -39.90 -13.12
C ASP D 28 -16.92 -39.34 -12.07
N ILE D 29 -15.61 -39.43 -12.34
CA ILE D 29 -14.59 -38.99 -11.39
C ILE D 29 -14.46 -37.47 -11.43
N SER D 30 -14.95 -36.84 -12.51
CA SER D 30 -14.90 -35.39 -12.65
C SER D 30 -16.23 -34.76 -12.23
N HIS D 31 -17.18 -35.58 -11.75
CA HIS D 31 -18.47 -35.11 -11.30
C HIS D 31 -19.13 -34.27 -12.39
N GLY D 32 -19.16 -34.81 -13.62
CA GLY D 32 -19.79 -34.15 -14.75
C GLY D 32 -18.96 -34.26 -16.01
N GLY D 33 -17.69 -33.85 -15.93
CA GLY D 33 -16.82 -33.74 -17.10
C GLY D 33 -15.78 -32.65 -16.90
N LEU D 34 -15.28 -32.11 -18.02
CA LEU D 34 -14.28 -31.04 -17.99
C LEU D 34 -14.99 -29.69 -17.97
N PRO D 35 -14.63 -28.77 -17.05
CA PRO D 35 -15.15 -27.41 -17.05
C PRO D 35 -15.20 -26.78 -18.45
N ILE D 36 -16.38 -26.28 -18.82
CA ILE D 36 -16.61 -25.75 -20.16
C ILE D 36 -15.96 -24.38 -20.28
N GLY D 37 -15.40 -24.10 -21.47
CA GLY D 37 -14.79 -22.82 -21.78
C GLY D 37 -13.44 -22.64 -21.11
N ARG D 38 -12.89 -23.72 -20.53
CA ARG D 38 -11.65 -23.67 -19.78
C ARG D 38 -10.71 -24.76 -20.28
N SER D 39 -9.42 -24.61 -19.94
CA SER D 39 -8.38 -25.54 -20.36
C SER D 39 -8.04 -26.51 -19.23
N THR D 40 -7.77 -27.76 -19.60
CA THR D 40 -7.33 -28.78 -18.67
C THR D 40 -5.95 -29.28 -19.07
N LEU D 41 -5.01 -29.21 -18.14
CA LEU D 41 -3.68 -29.78 -18.34
C LEU D 41 -3.76 -31.28 -18.08
N VAL D 42 -3.33 -32.07 -19.06
CA VAL D 42 -3.25 -33.52 -18.93
C VAL D 42 -1.77 -33.91 -19.03
N SER D 43 -1.11 -34.02 -17.87
CA SER D 43 0.32 -34.30 -17.83
C SER D 43 0.55 -35.80 -17.63
N GLY D 44 1.75 -36.26 -18.00
CA GLY D 44 2.13 -37.66 -17.87
C GLY D 44 3.47 -37.94 -18.55
N THR D 45 4.01 -39.14 -18.31
CA THR D 45 5.23 -39.58 -18.94
C THR D 45 4.89 -40.13 -20.33
N SER D 46 5.92 -40.64 -21.03
CA SER D 46 5.75 -41.22 -22.35
C SER D 46 4.99 -42.54 -22.25
N GLY D 47 3.89 -42.64 -23.02
CA GLY D 47 3.13 -43.88 -23.14
C GLY D 47 1.99 -43.97 -22.14
N THR D 48 1.65 -42.85 -21.49
CA THR D 48 0.61 -42.83 -20.47
C THR D 48 -0.77 -42.77 -21.12
N GLY D 49 -0.87 -42.17 -22.31
CA GLY D 49 -2.13 -42.04 -23.01
C GLY D 49 -2.65 -40.60 -23.03
N LYS D 50 -1.72 -39.65 -23.24
CA LYS D 50 -2.05 -38.24 -23.32
C LYS D 50 -2.72 -37.94 -24.66
N THR D 51 -2.13 -38.47 -25.74
CA THR D 51 -2.64 -38.25 -27.09
C THR D 51 -3.97 -38.96 -27.27
N VAL D 52 -4.09 -40.18 -26.72
CA VAL D 52 -5.31 -40.95 -26.80
C VAL D 52 -6.43 -40.19 -26.09
N PHE D 53 -6.13 -39.66 -24.90
CA PHE D 53 -7.10 -38.90 -24.12
C PHE D 53 -7.54 -37.66 -24.90
N SER D 54 -6.57 -36.95 -25.49
CA SER D 54 -6.82 -35.71 -26.18
C SER D 54 -7.65 -35.96 -27.44
N MET D 55 -7.35 -37.06 -28.15
CA MET D 55 -8.07 -37.42 -29.36
C MET D 55 -9.47 -37.90 -29.01
N GLN D 56 -9.57 -38.74 -27.98
CA GLN D 56 -10.85 -39.33 -27.57
C GLN D 56 -11.82 -38.22 -27.14
N PHE D 57 -11.26 -37.15 -26.54
CA PHE D 57 -12.03 -35.97 -26.15
C PHE D 57 -12.67 -35.32 -27.37
N LEU D 58 -11.90 -35.25 -28.48
CA LEU D 58 -12.38 -34.66 -29.72
C LEU D 58 -13.32 -35.63 -30.44
N TYR D 59 -12.91 -36.90 -30.55
CA TYR D 59 -13.65 -37.91 -31.28
C TYR D 59 -15.07 -38.03 -30.73
N ASN D 60 -15.17 -38.17 -29.41
CA ASN D 60 -16.46 -38.34 -28.73
C ASN D 60 -17.28 -37.05 -28.85
N GLY D 61 -16.58 -35.90 -28.94
CA GLY D 61 -17.24 -34.63 -29.19
C GLY D 61 -18.02 -34.63 -30.50
N ILE D 62 -17.39 -35.12 -31.57
CA ILE D 62 -17.95 -35.12 -32.91
C ILE D 62 -19.06 -36.18 -33.00
N THR D 63 -18.74 -37.41 -32.58
CA THR D 63 -19.61 -38.56 -32.84
C THR D 63 -20.85 -38.53 -31.96
N HIS D 64 -20.72 -38.03 -30.71
CA HIS D 64 -21.78 -38.12 -29.73
C HIS D 64 -22.55 -36.81 -29.63
N PHE D 65 -21.83 -35.69 -29.54
CA PHE D 65 -22.41 -34.41 -29.18
C PHE D 65 -22.45 -33.44 -30.37
N ASP D 66 -21.92 -33.88 -31.52
CA ASP D 66 -21.88 -33.07 -32.73
C ASP D 66 -21.20 -31.72 -32.44
N GLU D 67 -20.03 -31.79 -31.79
CA GLU D 67 -19.21 -30.63 -31.51
C GLU D 67 -17.89 -30.78 -32.29
N PRO D 68 -17.60 -29.92 -33.30
CA PRO D 68 -16.34 -30.01 -34.03
C PRO D 68 -15.14 -29.70 -33.12
N GLY D 69 -13.97 -30.21 -33.51
CA GLY D 69 -12.76 -30.07 -32.71
C GLY D 69 -11.53 -29.79 -33.56
N VAL D 70 -10.55 -29.11 -32.94
CA VAL D 70 -9.27 -28.83 -33.58
C VAL D 70 -8.17 -29.51 -32.76
N PHE D 71 -7.19 -30.08 -33.48
CA PHE D 71 -6.07 -30.77 -32.85
C PHE D 71 -4.77 -30.10 -33.29
N VAL D 72 -4.07 -29.46 -32.35
CA VAL D 72 -2.81 -28.80 -32.61
C VAL D 72 -1.68 -29.79 -32.31
N THR D 73 -0.91 -30.13 -33.35
CA THR D 73 0.21 -31.05 -33.22
C THR D 73 1.51 -30.28 -33.43
N PHE D 74 2.47 -30.48 -32.52
CA PHE D 74 3.73 -29.76 -32.53
C PHE D 74 4.88 -30.68 -32.95
N GLU D 75 4.57 -31.93 -33.34
CA GLU D 75 5.59 -32.88 -33.71
C GLU D 75 5.01 -33.94 -34.64
N GLU D 76 4.02 -34.69 -34.12
CA GLU D 76 3.44 -35.81 -34.84
C GLU D 76 2.68 -35.27 -36.05
N SER D 77 2.89 -35.89 -37.21
CA SER D 77 2.25 -35.47 -38.45
C SER D 77 0.77 -35.83 -38.41
N PRO D 78 -0.12 -34.99 -39.00
CA PRO D 78 -1.54 -35.33 -39.11
C PRO D 78 -1.81 -36.74 -39.64
N GLN D 79 -1.04 -37.14 -40.67
CA GLN D 79 -1.19 -38.46 -41.28
C GLN D 79 -0.83 -39.56 -40.27
N ASP D 80 0.20 -39.32 -39.44
CA ASP D 80 0.59 -40.28 -38.41
C ASP D 80 -0.47 -40.35 -37.31
N ILE D 81 -1.06 -39.20 -36.97
CA ILE D 81 -2.08 -39.12 -35.94
C ILE D 81 -3.30 -39.95 -36.37
N ILE D 82 -3.62 -39.92 -37.67
CA ILE D 82 -4.78 -40.60 -38.20
C ILE D 82 -4.58 -42.11 -38.17
N LYS D 83 -3.37 -42.57 -38.54
CA LYS D 83 -3.06 -43.99 -38.62
C LYS D 83 -3.05 -44.60 -37.22
N ASN D 84 -2.61 -43.83 -36.23
CA ASN D 84 -2.49 -44.31 -34.86
C ASN D 84 -3.87 -44.50 -34.23
N ALA D 85 -4.86 -43.76 -34.71
CA ALA D 85 -6.20 -43.80 -34.16
C ALA D 85 -7.02 -44.93 -34.80
N ALA D 86 -6.53 -45.48 -35.92
CA ALA D 86 -7.24 -46.51 -36.67
C ALA D 86 -7.35 -47.79 -35.85
N SER D 87 -6.45 -47.98 -34.87
CA SER D 87 -6.49 -49.12 -33.98
C SER D 87 -7.76 -49.11 -33.15
N PHE D 88 -8.20 -47.91 -32.72
CA PHE D 88 -9.37 -47.77 -31.88
C PHE D 88 -10.66 -47.86 -32.70
N GLY D 89 -10.52 -47.79 -34.03
CA GLY D 89 -11.65 -47.81 -34.94
C GLY D 89 -12.21 -46.41 -35.18
N TRP D 90 -11.33 -45.40 -35.11
CA TRP D 90 -11.71 -44.01 -35.31
C TRP D 90 -11.27 -43.58 -36.72
N ASP D 91 -12.27 -43.36 -37.59
CA ASP D 91 -11.99 -42.89 -38.94
C ASP D 91 -11.86 -41.37 -38.90
N LEU D 92 -10.66 -40.90 -38.56
CA LEU D 92 -10.40 -39.47 -38.42
C LEU D 92 -10.30 -38.81 -39.80
N GLN D 93 -10.01 -39.61 -40.82
CA GLN D 93 -9.98 -39.13 -42.20
C GLN D 93 -11.36 -38.63 -42.60
N LYS D 94 -12.40 -39.38 -42.19
CA LYS D 94 -13.78 -39.03 -42.47
C LYS D 94 -14.11 -37.70 -41.79
N LEU D 95 -13.82 -37.61 -40.48
CA LEU D 95 -14.14 -36.44 -39.70
C LEU D 95 -13.43 -35.21 -40.28
N VAL D 96 -12.21 -35.43 -40.81
CA VAL D 96 -11.45 -34.38 -41.46
C VAL D 96 -12.09 -34.01 -42.79
N ASP D 97 -12.57 -35.02 -43.53
CA ASP D 97 -13.19 -34.81 -44.84
C ASP D 97 -14.59 -34.22 -44.69
N GLU D 98 -15.13 -34.21 -43.47
CA GLU D 98 -16.44 -33.62 -43.20
C GLU D 98 -16.29 -32.35 -42.37
N GLY D 99 -15.06 -31.83 -42.26
CA GLY D 99 -14.79 -30.57 -41.58
C GLY D 99 -15.24 -30.56 -40.12
N LYS D 100 -15.29 -31.75 -39.51
CA LYS D 100 -15.65 -31.90 -38.10
C LYS D 100 -14.38 -31.93 -37.25
N LEU D 101 -13.28 -32.40 -37.86
CA LEU D 101 -11.98 -32.41 -37.21
C LEU D 101 -10.97 -31.70 -38.11
N PHE D 102 -10.20 -30.78 -37.51
CA PHE D 102 -9.09 -30.13 -38.20
C PHE D 102 -7.82 -30.34 -37.37
N ILE D 103 -6.79 -30.90 -38.02
CA ILE D 103 -5.50 -31.10 -37.38
C ILE D 103 -4.55 -30.01 -37.87
N LEU D 104 -4.33 -29.00 -37.03
CA LEU D 104 -3.39 -27.94 -37.32
C LEU D 104 -1.97 -28.44 -37.10
N ASP D 105 -1.18 -28.48 -38.18
CA ASP D 105 0.20 -28.94 -38.12
C ASP D 105 1.10 -27.77 -37.75
N ALA D 106 1.56 -27.76 -36.49
CA ALA D 106 2.55 -26.80 -36.02
C ALA D 106 3.90 -27.49 -35.82
N SER D 107 4.07 -28.66 -36.45
CA SER D 107 5.32 -29.40 -36.37
C SER D 107 6.39 -28.68 -37.18
N PRO D 108 7.65 -28.59 -36.69
CA PRO D 108 8.72 -27.95 -37.46
C PRO D 108 8.99 -28.69 -38.77
N ASP D 109 9.62 -27.98 -39.71
CA ASP D 109 10.03 -28.59 -40.96
C ASP D 109 11.28 -29.45 -40.71
N PRO D 110 11.27 -30.75 -41.05
CA PRO D 110 12.46 -31.60 -40.89
C PRO D 110 13.67 -31.24 -41.76
N GLU D 111 13.63 -30.06 -42.41
CA GLU D 111 14.71 -29.66 -43.31
C GLU D 111 14.82 -28.12 -43.31
N PHE D 119 10.84 -14.47 -29.34
CA PHE D 119 9.94 -15.61 -29.69
C PHE D 119 8.93 -15.82 -28.57
N ASP D 120 7.64 -15.76 -28.92
CA ASP D 120 6.57 -15.88 -27.95
C ASP D 120 5.30 -16.30 -28.68
N LEU D 121 4.74 -17.46 -28.30
CA LEU D 121 3.58 -18.03 -28.94
C LEU D 121 2.47 -16.98 -29.06
N SER D 122 2.17 -16.60 -30.30
CA SER D 122 1.20 -15.54 -30.59
C SER D 122 0.60 -15.73 -31.97
N ALA D 123 1.47 -15.98 -32.97
CA ALA D 123 1.04 -16.33 -34.31
C ALA D 123 0.16 -17.57 -34.28
N LEU D 124 0.61 -18.61 -33.57
CA LEU D 124 -0.12 -19.87 -33.46
C LEU D 124 -1.50 -19.63 -32.85
N ILE D 125 -1.57 -18.76 -31.84
CA ILE D 125 -2.84 -18.41 -31.19
C ILE D 125 -3.81 -17.88 -32.24
N GLU D 126 -3.29 -17.06 -33.17
CA GLU D 126 -4.09 -16.51 -34.25
C GLU D 126 -4.56 -17.63 -35.18
N ARG D 127 -3.64 -18.56 -35.52
CA ARG D 127 -3.96 -19.65 -36.41
C ARG D 127 -5.05 -20.54 -35.80
N ILE D 128 -4.95 -20.79 -34.50
CA ILE D 128 -5.93 -21.60 -33.78
C ILE D 128 -7.29 -20.92 -33.82
N ASN D 129 -7.32 -19.61 -33.53
CA ASN D 129 -8.56 -18.86 -33.48
C ASN D 129 -9.22 -18.87 -34.86
N TYR D 130 -8.43 -18.63 -35.90
CA TYR D 130 -8.91 -18.67 -37.27
C TYR D 130 -9.58 -20.03 -37.53
N ALA D 131 -8.89 -21.11 -37.14
CA ALA D 131 -9.38 -22.46 -37.34
C ALA D 131 -10.67 -22.69 -36.56
N ILE D 132 -10.65 -22.34 -35.26
CA ILE D 132 -11.80 -22.51 -34.39
C ILE D 132 -13.04 -21.91 -35.05
N ARG D 133 -12.89 -20.70 -35.62
CA ARG D 133 -13.99 -20.00 -36.27
C ARG D 133 -14.37 -20.72 -37.57
N LYS D 134 -13.36 -21.09 -38.36
CA LYS D 134 -13.57 -21.70 -39.67
C LYS D 134 -14.36 -23.00 -39.54
N TYR D 135 -14.04 -23.81 -38.53
CA TYR D 135 -14.66 -25.12 -38.36
C TYR D 135 -15.65 -25.12 -37.20
N LYS D 136 -15.95 -23.93 -36.67
CA LYS D 136 -16.93 -23.78 -35.59
C LYS D 136 -16.62 -24.77 -34.47
N ALA D 137 -15.36 -24.76 -34.01
CA ALA D 137 -14.88 -25.74 -33.04
C ALA D 137 -15.30 -25.34 -31.64
N LYS D 138 -15.78 -26.33 -30.87
CA LYS D 138 -16.16 -26.14 -29.49
C LYS D 138 -15.15 -26.82 -28.56
N ARG D 139 -14.37 -27.76 -29.09
CA ARG D 139 -13.32 -28.44 -28.34
C ARG D 139 -11.99 -28.26 -29.07
N VAL D 140 -10.90 -28.15 -28.30
CA VAL D 140 -9.56 -28.04 -28.85
C VAL D 140 -8.63 -28.93 -28.04
N ALA D 141 -7.61 -29.50 -28.72
CA ALA D 141 -6.59 -30.30 -28.07
C ALA D 141 -5.22 -29.86 -28.56
N ILE D 142 -4.29 -29.62 -27.61
CA ILE D 142 -2.95 -29.15 -27.93
C ILE D 142 -1.96 -30.15 -27.34
N ASP D 143 -1.06 -30.65 -28.19
CA ASP D 143 -0.22 -31.78 -27.86
C ASP D 143 1.08 -31.72 -28.66
N SER D 144 2.23 -31.49 -27.99
CA SER D 144 2.33 -31.14 -26.58
C SER D 144 2.93 -29.74 -26.45
N VAL D 145 2.48 -29.00 -25.43
CA VAL D 145 2.88 -27.62 -25.24
C VAL D 145 4.34 -27.57 -24.77
N THR D 146 4.79 -28.62 -24.07
CA THR D 146 6.17 -28.70 -23.62
C THR D 146 7.13 -28.76 -24.80
N ALA D 147 6.66 -29.23 -25.96
CA ALA D 147 7.50 -29.38 -27.14
C ALA D 147 7.95 -28.01 -27.66
N VAL D 148 6.98 -27.16 -28.04
CA VAL D 148 7.28 -25.86 -28.62
C VAL D 148 8.32 -25.13 -27.76
N PHE D 149 8.15 -25.18 -26.43
CA PHE D 149 9.06 -24.51 -25.52
C PHE D 149 10.48 -25.06 -25.68
N GLN D 150 10.60 -26.39 -25.80
CA GLN D 150 11.89 -27.02 -26.02
C GLN D 150 12.31 -26.87 -27.48
N GLN D 151 11.41 -27.24 -28.41
CA GLN D 151 11.67 -27.21 -29.84
C GLN D 151 12.32 -25.88 -30.23
N TYR D 152 11.78 -24.77 -29.74
CA TYR D 152 12.38 -23.46 -29.93
C TYR D 152 13.57 -23.35 -28.97
N ASP D 153 13.41 -22.56 -27.91
CA ASP D 153 14.41 -22.48 -26.84
C ASP D 153 13.95 -21.48 -25.78
N ALA D 154 12.70 -21.62 -25.33
CA ALA D 154 12.14 -20.73 -24.33
C ALA D 154 12.69 -21.10 -22.96
N ALA D 155 12.01 -22.03 -22.27
CA ALA D 155 12.41 -22.49 -20.95
C ALA D 155 12.68 -21.30 -20.02
N SER D 156 11.94 -20.20 -20.25
CA SER D 156 12.16 -18.95 -19.55
C SER D 156 10.86 -18.15 -19.46
N VAL D 157 10.01 -18.28 -20.49
CA VAL D 157 8.75 -17.56 -20.56
C VAL D 157 7.61 -18.57 -20.63
N VAL D 158 7.80 -19.74 -19.99
CA VAL D 158 6.84 -20.82 -20.07
C VAL D 158 5.52 -20.38 -19.42
N ARG D 159 5.63 -19.75 -18.24
CA ARG D 159 4.47 -19.31 -17.49
C ARG D 159 3.73 -18.21 -18.26
N ARG D 160 4.49 -17.29 -18.84
CA ARG D 160 3.94 -16.17 -19.58
C ARG D 160 3.16 -16.67 -20.79
N GLU D 161 3.74 -17.62 -21.53
CA GLU D 161 3.17 -18.08 -22.79
C GLU D 161 1.99 -19.01 -22.53
N ILE D 162 2.11 -19.91 -21.54
CA ILE D 162 1.03 -20.80 -21.18
C ILE D 162 -0.15 -19.98 -20.69
N PHE D 163 0.12 -18.90 -19.96
CA PHE D 163 -0.93 -18.01 -19.48
C PHE D 163 -1.64 -17.33 -20.66
N ARG D 164 -0.85 -16.91 -21.66
CA ARG D 164 -1.40 -16.25 -22.84
C ARG D 164 -2.34 -17.21 -23.56
N LEU D 165 -1.83 -18.40 -23.89
CA LEU D 165 -2.58 -19.39 -24.65
C LEU D 165 -3.89 -19.72 -23.94
N VAL D 166 -3.81 -19.91 -22.60
CA VAL D 166 -4.97 -20.24 -21.79
C VAL D 166 -5.99 -19.10 -21.84
N ALA D 167 -5.50 -17.86 -21.71
CA ALA D 167 -6.36 -16.69 -21.62
C ALA D 167 -7.07 -16.44 -22.95
N ARG D 168 -6.31 -16.54 -24.06
CA ARG D 168 -6.83 -16.29 -25.39
C ARG D 168 -7.90 -17.31 -25.74
N LEU D 169 -7.72 -18.56 -25.28
CA LEU D 169 -8.66 -19.63 -25.53
C LEU D 169 -9.92 -19.46 -24.68
N LYS D 170 -9.76 -18.88 -23.49
CA LYS D 170 -10.90 -18.56 -22.63
C LYS D 170 -11.77 -17.50 -23.30
N GLN D 171 -11.12 -16.57 -24.03
CA GLN D 171 -11.81 -15.52 -24.76
C GLN D 171 -12.64 -16.15 -25.89
N ILE D 172 -12.00 -16.99 -26.70
CA ILE D 172 -12.68 -17.71 -27.77
C ILE D 172 -13.84 -18.50 -27.18
N GLY D 173 -13.64 -19.05 -25.97
CA GLY D 173 -14.69 -19.73 -25.24
C GLY D 173 -14.76 -21.21 -25.63
N VAL D 174 -13.58 -21.84 -25.73
CA VAL D 174 -13.46 -23.23 -26.14
C VAL D 174 -12.92 -24.04 -24.96
N THR D 175 -13.44 -25.26 -24.82
CA THR D 175 -12.91 -26.21 -23.85
C THR D 175 -11.64 -26.84 -24.42
N THR D 176 -10.53 -26.72 -23.68
CA THR D 176 -9.23 -27.12 -24.19
C THR D 176 -8.67 -28.26 -23.36
N VAL D 177 -7.83 -29.09 -24.02
CA VAL D 177 -7.02 -30.09 -23.34
C VAL D 177 -5.56 -29.87 -23.78
N MET D 178 -4.68 -29.60 -22.80
CA MET D 178 -3.29 -29.33 -23.07
C MET D 178 -2.44 -30.47 -22.52
N THR D 179 -1.67 -31.10 -23.41
CA THR D 179 -0.81 -32.22 -23.05
C THR D 179 0.54 -31.69 -22.57
N THR D 180 0.98 -32.17 -21.40
CA THR D 180 2.28 -31.83 -20.84
C THR D 180 3.10 -33.11 -20.65
N GLU D 181 4.39 -32.95 -20.34
CA GLU D 181 5.31 -34.07 -20.23
C GLU D 181 5.97 -34.09 -18.86
N ARG D 182 6.19 -35.31 -18.34
CA ARG D 182 6.86 -35.50 -17.06
C ARG D 182 8.03 -36.46 -17.23
N ILE D 183 8.88 -36.56 -16.21
CA ILE D 183 9.99 -37.50 -16.20
C ILE D 183 9.77 -38.52 -15.07
N GLU D 184 9.24 -38.08 -13.93
CA GLU D 184 9.01 -38.94 -12.79
C GLU D 184 7.50 -39.09 -12.56
N GLU D 185 7.11 -40.29 -12.12
CA GLU D 185 5.70 -40.67 -12.03
C GLU D 185 5.07 -40.06 -10.79
N TYR D 186 5.82 -40.07 -9.68
CA TYR D 186 5.37 -39.47 -8.43
C TYR D 186 6.25 -38.28 -8.07
N GLY D 187 6.77 -37.60 -9.10
CA GLY D 187 7.58 -36.40 -8.92
C GLY D 187 6.81 -35.13 -9.25
N PRO D 188 7.42 -34.13 -9.93
CA PRO D 188 6.71 -32.92 -10.32
C PRO D 188 5.65 -33.22 -11.38
N ILE D 189 4.58 -32.41 -11.39
CA ILE D 189 3.40 -32.67 -12.19
C ILE D 189 3.71 -32.38 -13.66
N ALA D 190 4.65 -31.47 -13.90
CA ALA D 190 5.08 -31.12 -15.25
C ALA D 190 6.59 -30.93 -15.27
N ARG D 191 7.11 -30.38 -16.38
CA ARG D 191 8.53 -30.35 -16.64
C ARG D 191 9.17 -29.10 -16.02
N TYR D 192 8.51 -27.94 -16.21
CA TYR D 192 9.07 -26.65 -15.82
C TYR D 192 8.55 -26.26 -14.42
N GLY D 193 7.66 -27.06 -13.85
CA GLY D 193 7.16 -26.85 -12.50
C GLY D 193 6.40 -25.53 -12.36
N VAL D 194 5.69 -25.16 -13.43
CA VAL D 194 4.99 -23.89 -13.49
C VAL D 194 3.64 -24.04 -14.19
N GLU D 195 3.51 -25.08 -15.04
CA GLU D 195 2.36 -25.24 -15.92
C GLU D 195 1.11 -25.58 -15.12
N GLU D 196 1.30 -26.19 -13.95
CA GLU D 196 0.20 -26.69 -13.13
C GLU D 196 -0.58 -25.54 -12.53
N PHE D 197 0.14 -24.49 -12.10
CA PHE D 197 -0.43 -23.41 -11.33
C PHE D 197 -1.15 -22.43 -12.24
N VAL D 198 -0.71 -22.33 -13.50
CA VAL D 198 -1.34 -21.46 -14.47
C VAL D 198 -2.66 -22.08 -14.90
N SER D 199 -2.63 -23.39 -15.18
CA SER D 199 -3.81 -24.12 -15.65
C SER D 199 -4.89 -24.11 -14.57
N ASP D 200 -6.15 -24.05 -15.01
CA ASP D 200 -7.29 -24.07 -14.11
C ASP D 200 -7.53 -25.50 -13.63
N ASN D 201 -7.30 -26.46 -14.53
CA ASN D 201 -7.60 -27.86 -14.29
C ASN D 201 -6.34 -28.68 -14.55
N VAL D 202 -6.10 -29.68 -13.69
CA VAL D 202 -4.92 -30.52 -13.80
C VAL D 202 -5.35 -31.98 -13.68
N VAL D 203 -4.94 -32.78 -14.68
CA VAL D 203 -5.14 -34.22 -14.67
C VAL D 203 -3.78 -34.88 -14.88
N ILE D 204 -3.55 -35.99 -14.16
CA ILE D 204 -2.26 -36.67 -14.22
C ILE D 204 -2.49 -38.11 -14.65
N LEU D 205 -1.93 -38.48 -15.81
CA LEU D 205 -1.89 -39.86 -16.26
C LEU D 205 -0.58 -40.47 -15.78
N ARG D 206 -0.65 -41.68 -15.21
CA ARG D 206 0.54 -42.35 -14.72
C ARG D 206 0.62 -43.77 -15.29
N ASN D 207 1.85 -44.27 -15.41
CA ASN D 207 2.11 -45.66 -15.79
C ASN D 207 3.18 -46.19 -14.83
N VAL D 208 2.74 -46.60 -13.64
CA VAL D 208 3.65 -46.91 -12.54
C VAL D 208 4.20 -48.33 -12.72
N LEU D 209 5.53 -48.46 -12.65
CA LEU D 209 6.19 -49.76 -12.74
C LEU D 209 6.31 -50.36 -11.34
N GLU D 210 5.41 -51.30 -11.02
CA GLU D 210 5.40 -51.98 -9.74
C GLU D 210 5.89 -53.41 -9.93
N GLY D 211 7.01 -53.74 -9.27
CA GLY D 211 7.68 -55.02 -9.48
C GLY D 211 8.34 -55.07 -10.86
N GLU D 212 7.67 -55.75 -11.81
CA GLU D 212 8.06 -55.72 -13.20
C GLU D 212 6.81 -55.50 -14.07
N ARG D 213 5.77 -54.95 -13.46
CA ARG D 213 4.47 -54.77 -14.12
C ARG D 213 4.07 -53.31 -14.04
N ARG D 214 3.39 -52.82 -15.10
CA ARG D 214 2.95 -51.44 -15.17
C ARG D 214 1.46 -51.37 -14.80
N ARG D 215 1.06 -50.22 -14.21
CA ARG D 215 -0.32 -49.94 -13.90
C ARG D 215 -0.67 -48.52 -14.32
N ARG D 216 -1.69 -48.38 -15.17
CA ARG D 216 -2.15 -47.09 -15.63
C ARG D 216 -3.11 -46.49 -14.62
N THR D 217 -2.88 -45.23 -14.22
CA THR D 217 -3.74 -44.56 -13.25
C THR D 217 -4.04 -43.14 -13.73
N VAL D 218 -5.24 -42.65 -13.41
CA VAL D 218 -5.64 -41.28 -13.69
C VAL D 218 -6.00 -40.58 -12.38
N GLU D 219 -5.58 -39.32 -12.26
CA GLU D 219 -5.94 -38.48 -11.14
C GLU D 219 -6.36 -37.10 -11.64
N ILE D 220 -7.51 -36.62 -11.15
CA ILE D 220 -7.89 -35.23 -11.29
C ILE D 220 -7.40 -34.51 -10.02
N LEU D 221 -6.30 -33.75 -10.18
CA LEU D 221 -5.65 -33.09 -9.06
C LEU D 221 -6.46 -31.85 -8.67
N LYS D 222 -6.86 -31.06 -9.68
CA LYS D 222 -7.48 -29.77 -9.47
C LYS D 222 -8.60 -29.55 -10.48
N LEU D 223 -9.74 -29.04 -9.98
CA LEU D 223 -10.76 -28.43 -10.81
C LEU D 223 -11.27 -27.18 -10.10
N ARG D 224 -10.70 -26.01 -10.43
CA ARG D 224 -11.09 -24.76 -9.81
C ARG D 224 -12.57 -24.50 -10.06
N GLY D 225 -13.33 -24.30 -8.98
CA GLY D 225 -14.71 -23.85 -9.05
C GLY D 225 -15.73 -24.99 -9.10
N THR D 226 -15.25 -26.23 -8.96
CA THR D 226 -16.13 -27.39 -9.00
C THR D 226 -15.55 -28.52 -8.15
N THR D 227 -16.33 -29.60 -8.04
CA THR D 227 -15.96 -30.77 -7.26
C THR D 227 -15.45 -31.86 -8.20
N HIS D 228 -14.67 -32.80 -7.64
CA HIS D 228 -14.14 -33.93 -8.38
C HIS D 228 -13.80 -35.04 -7.38
N MET D 229 -13.56 -36.24 -7.90
CA MET D 229 -13.12 -37.36 -7.10
C MET D 229 -11.61 -37.29 -6.94
N LYS D 230 -11.15 -37.36 -5.68
CA LYS D 230 -9.72 -37.26 -5.38
C LYS D 230 -9.10 -38.65 -5.46
N GLY D 231 -7.78 -38.68 -5.67
CA GLY D 231 -7.00 -39.91 -5.69
C GLY D 231 -6.84 -40.48 -7.10
N GLU D 232 -6.03 -41.54 -7.20
CA GLU D 232 -5.78 -42.23 -8.45
C GLU D 232 -6.87 -43.27 -8.68
N TYR D 233 -7.27 -43.44 -9.95
CA TYR D 233 -8.21 -44.46 -10.34
C TYR D 233 -7.61 -45.24 -11.51
N PRO D 234 -7.68 -46.59 -11.51
CA PRO D 234 -7.06 -47.39 -12.57
C PRO D 234 -7.78 -47.25 -13.90
N PHE D 235 -7.03 -47.27 -15.01
CA PHE D 235 -7.61 -47.26 -16.34
C PHE D 235 -6.83 -48.18 -17.26
N THR D 236 -7.36 -48.34 -18.48
CA THR D 236 -6.77 -49.21 -19.49
C THR D 236 -7.01 -48.59 -20.87
N ILE D 237 -6.00 -48.72 -21.75
CA ILE D 237 -6.15 -48.36 -23.15
C ILE D 237 -6.45 -49.65 -23.92
N THR D 238 -7.69 -49.76 -24.40
CA THR D 238 -8.14 -50.91 -25.17
C THR D 238 -8.35 -50.48 -26.62
N ASN D 239 -8.98 -51.34 -27.42
CA ASN D 239 -9.30 -51.02 -28.81
C ASN D 239 -10.53 -50.10 -28.87
N HIS D 240 -11.01 -49.67 -27.69
CA HIS D 240 -12.11 -48.72 -27.60
C HIS D 240 -11.65 -47.47 -26.86
N GLY D 241 -10.33 -47.25 -26.81
CA GLY D 241 -9.76 -46.06 -26.19
C GLY D 241 -9.55 -46.23 -24.68
N ILE D 242 -9.44 -45.09 -23.98
CA ILE D 242 -9.24 -45.08 -22.55
C ILE D 242 -10.54 -45.48 -21.86
N SER D 243 -10.46 -46.47 -20.96
CA SER D 243 -11.58 -46.92 -20.16
C SER D 243 -11.20 -46.89 -18.68
N ILE D 244 -11.67 -45.86 -17.97
CA ILE D 244 -11.43 -45.74 -16.54
C ILE D 244 -12.46 -46.58 -15.80
N PHE D 245 -12.01 -47.26 -14.75
CA PHE D 245 -12.88 -48.04 -13.88
C PHE D 245 -13.11 -47.28 -12.58
N PRO D 246 -14.20 -46.50 -12.44
CA PRO D 246 -14.47 -45.77 -11.21
C PRO D 246 -14.75 -46.74 -10.06
N LEU D 247 -13.66 -47.23 -9.45
CA LEU D 247 -13.74 -48.22 -8.39
C LEU D 247 -14.46 -47.62 -7.18
N GLY D 248 -14.15 -46.35 -6.91
CA GLY D 248 -14.76 -45.64 -5.80
C GLY D 248 -16.21 -45.25 -6.08
N ALA D 249 -16.49 -44.86 -7.33
CA ALA D 249 -17.81 -44.37 -7.71
C ALA D 249 -18.84 -45.50 -7.67
N MET D 250 -18.48 -46.65 -8.26
CA MET D 250 -19.33 -47.83 -8.24
C MET D 250 -19.96 -47.97 -6.86
N ARG D 251 -21.27 -47.71 -6.78
CA ARG D 251 -21.97 -47.60 -5.51
C ARG D 251 -22.57 -48.94 -5.12
N LEU D 252 -22.69 -49.17 -3.81
CA LEU D 252 -23.40 -50.32 -3.26
C LEU D 252 -24.89 -50.16 -3.53
N THR D 253 -25.34 -50.66 -4.69
CA THR D 253 -26.73 -50.56 -5.10
C THR D 253 -27.05 -51.72 -6.06
N GLN D 254 -27.68 -52.77 -5.51
CA GLN D 254 -27.93 -54.00 -6.25
C GLN D 254 -29.44 -54.28 -6.23
N ARG D 255 -29.82 -55.55 -6.45
CA ARG D 255 -31.22 -55.95 -6.51
C ARG D 255 -31.52 -56.98 -5.42
N SER D 256 -30.76 -58.07 -5.41
CA SER D 256 -30.83 -59.10 -4.37
C SER D 256 -32.19 -59.78 -4.35
N SER D 257 -32.20 -61.10 -4.55
CA SER D 257 -33.43 -61.88 -4.55
C SER D 257 -33.22 -63.20 -3.80
N ASN D 258 -34.33 -63.87 -3.49
CA ASN D 258 -34.32 -65.13 -2.76
C ASN D 258 -34.37 -66.31 -3.74
N VAL D 259 -34.33 -66.02 -5.05
CA VAL D 259 -34.23 -67.05 -6.07
C VAL D 259 -32.91 -67.79 -5.87
N ARG D 260 -32.94 -69.13 -6.01
CA ARG D 260 -31.78 -69.95 -5.75
C ARG D 260 -31.31 -70.64 -7.04
N VAL D 261 -30.02 -71.00 -7.05
CA VAL D 261 -29.42 -71.80 -8.09
C VAL D 261 -28.73 -72.99 -7.43
N SER D 262 -28.61 -74.11 -8.18
CA SER D 262 -27.99 -75.31 -7.65
C SER D 262 -26.49 -75.29 -7.92
N SER D 263 -25.77 -76.11 -7.14
CA SER D 263 -24.32 -76.20 -7.21
C SER D 263 -23.89 -77.32 -8.16
N GLY D 264 -24.82 -78.23 -8.49
CA GLY D 264 -24.50 -79.45 -9.21
C GLY D 264 -24.24 -80.61 -8.27
N VAL D 265 -24.03 -80.29 -6.98
CA VAL D 265 -23.89 -81.28 -5.93
C VAL D 265 -25.12 -81.18 -5.03
N PRO D 266 -26.04 -82.19 -5.05
CA PRO D 266 -27.32 -82.09 -4.34
C PRO D 266 -27.21 -81.93 -2.84
N ARG D 267 -26.32 -82.69 -2.19
CA ARG D 267 -26.19 -82.66 -0.74
C ARG D 267 -25.67 -81.29 -0.29
N LEU D 268 -24.88 -80.63 -1.15
CA LEU D 268 -24.38 -79.29 -0.86
C LEU D 268 -25.53 -78.30 -0.90
N ASP D 269 -26.43 -78.46 -1.89
CA ASP D 269 -27.57 -77.58 -2.03
C ASP D 269 -28.46 -77.69 -0.80
N GLU D 270 -28.55 -78.89 -0.22
CA GLU D 270 -29.26 -79.11 1.03
C GLU D 270 -28.51 -78.43 2.17
N MET D 271 -27.17 -78.49 2.11
CA MET D 271 -26.32 -77.86 3.11
C MET D 271 -26.41 -76.34 3.02
N CYS D 272 -26.75 -75.81 1.84
CA CYS D 272 -26.90 -74.39 1.62
C CYS D 272 -28.35 -73.94 1.85
N GLY D 273 -29.23 -74.89 2.19
CA GLY D 273 -30.61 -74.58 2.51
C GLY D 273 -31.47 -74.42 1.26
N GLY D 274 -31.17 -75.22 0.23
CA GLY D 274 -31.91 -75.18 -1.03
C GLY D 274 -31.00 -74.95 -2.23
N GLY D 275 -29.84 -74.32 -1.98
CA GLY D 275 -28.89 -73.99 -3.02
C GLY D 275 -28.38 -72.56 -2.88
N PHE D 276 -27.40 -72.19 -3.73
CA PHE D 276 -26.87 -70.84 -3.72
C PHE D 276 -27.94 -69.86 -4.20
N PHE D 277 -27.90 -68.63 -3.67
CA PHE D 277 -28.74 -67.57 -4.18
C PHE D 277 -28.23 -67.14 -5.55
N LYS D 278 -29.15 -66.72 -6.42
CA LYS D 278 -28.81 -66.27 -7.76
C LYS D 278 -27.95 -65.02 -7.67
N ASP D 279 -28.32 -64.11 -6.78
CA ASP D 279 -27.56 -62.89 -6.54
C ASP D 279 -26.59 -63.14 -5.38
N SER D 280 -25.42 -63.71 -5.69
CA SER D 280 -24.51 -64.13 -4.65
C SER D 280 -23.07 -64.23 -5.17
N ILE D 281 -22.13 -64.11 -4.23
CA ILE D 281 -20.72 -64.39 -4.44
C ILE D 281 -20.36 -65.59 -3.58
N ILE D 282 -19.88 -66.67 -4.22
CA ILE D 282 -19.56 -67.91 -3.52
C ILE D 282 -18.04 -68.06 -3.48
N LEU D 283 -17.50 -68.45 -2.32
CA LEU D 283 -16.07 -68.69 -2.17
C LEU D 283 -15.85 -70.11 -1.67
N ALA D 284 -14.91 -70.82 -2.32
CA ALA D 284 -14.45 -72.12 -1.86
C ALA D 284 -13.00 -72.00 -1.44
N THR D 285 -12.76 -71.96 -0.13
CA THR D 285 -11.41 -71.84 0.42
C THR D 285 -10.95 -73.21 0.93
N GLY D 286 -9.70 -73.56 0.62
CA GLY D 286 -9.12 -74.81 1.07
C GLY D 286 -7.70 -75.01 0.54
N ALA D 287 -6.99 -75.98 1.11
CA ALA D 287 -5.63 -76.30 0.71
C ALA D 287 -5.61 -76.86 -0.71
N THR D 288 -4.42 -77.20 -1.20
CA THR D 288 -4.27 -77.75 -2.53
C THR D 288 -4.79 -79.18 -2.57
N GLY D 289 -5.63 -79.46 -3.57
CA GLY D 289 -6.16 -80.80 -3.80
C GLY D 289 -7.44 -81.08 -3.02
N THR D 290 -7.94 -80.08 -2.29
CA THR D 290 -9.12 -80.26 -1.44
C THR D 290 -10.36 -80.50 -2.29
N GLY D 291 -10.38 -79.97 -3.52
CA GLY D 291 -11.44 -80.26 -4.47
C GLY D 291 -12.28 -79.04 -4.82
N LYS D 292 -11.62 -77.90 -5.03
CA LYS D 292 -12.27 -76.64 -5.34
C LYS D 292 -12.67 -76.59 -6.80
N THR D 293 -11.80 -77.12 -7.68
CA THR D 293 -12.04 -77.09 -9.11
C THR D 293 -13.22 -77.99 -9.47
N LEU D 294 -13.41 -79.07 -8.70
CA LEU D 294 -14.54 -79.96 -8.88
C LEU D 294 -15.83 -79.22 -8.58
N LEU D 295 -15.86 -78.50 -7.44
CA LEU D 295 -17.03 -77.71 -7.07
C LEU D 295 -17.34 -76.69 -8.16
N VAL D 296 -16.29 -76.07 -8.71
CA VAL D 296 -16.43 -75.11 -9.80
C VAL D 296 -16.99 -75.83 -11.02
N SER D 297 -16.42 -77.00 -11.33
CA SER D 297 -16.78 -77.74 -12.53
C SER D 297 -18.24 -78.17 -12.49
N LYS D 298 -18.74 -78.50 -11.30
CA LYS D 298 -20.10 -78.98 -11.13
C LYS D 298 -21.07 -77.80 -11.22
N PHE D 299 -20.60 -76.61 -10.82
CA PHE D 299 -21.41 -75.40 -10.79
C PHE D 299 -21.69 -74.90 -12.21
N LEU D 300 -20.73 -75.14 -13.12
CA LEU D 300 -20.87 -74.74 -14.51
C LEU D 300 -21.74 -75.76 -15.26
N GLU D 301 -21.54 -77.05 -14.93
CA GLU D 301 -22.36 -78.12 -15.47
C GLU D 301 -23.83 -77.83 -15.18
N ASN D 302 -24.13 -77.45 -13.94
CA ASN D 302 -25.48 -77.19 -13.50
C ASN D 302 -26.13 -76.11 -14.37
N ALA D 303 -25.36 -75.05 -14.66
CA ALA D 303 -25.82 -73.96 -15.49
C ALA D 303 -26.22 -74.48 -16.87
N CYS D 304 -25.30 -75.22 -17.50
CA CYS D 304 -25.47 -75.71 -18.87
C CYS D 304 -26.60 -76.73 -18.94
N ARG D 305 -26.82 -77.48 -17.85
CA ARG D 305 -27.91 -78.44 -17.78
C ARG D 305 -29.25 -77.71 -17.65
N ASN D 306 -29.25 -76.59 -16.91
CA ASN D 306 -30.44 -75.77 -16.72
C ASN D 306 -30.58 -74.77 -17.87
N LYS D 307 -29.87 -75.03 -18.98
CA LYS D 307 -29.97 -74.21 -20.19
C LYS D 307 -29.58 -72.77 -19.88
N GLU D 308 -28.50 -72.60 -19.11
CA GLU D 308 -27.94 -71.29 -18.80
C GLU D 308 -26.51 -71.22 -19.36
N ARG D 309 -26.11 -70.00 -19.75
CA ARG D 309 -24.75 -69.77 -20.22
C ARG D 309 -23.84 -69.49 -19.03
N ALA D 310 -22.57 -69.90 -19.16
CA ALA D 310 -21.57 -69.66 -18.12
C ALA D 310 -20.19 -69.54 -18.76
N ILE D 311 -19.28 -68.85 -18.04
CA ILE D 311 -17.90 -68.70 -18.47
C ILE D 311 -16.99 -69.18 -17.34
N LEU D 312 -15.97 -69.97 -17.71
CA LEU D 312 -14.91 -70.36 -16.80
C LEU D 312 -13.68 -69.50 -17.08
N PHE D 313 -13.20 -68.81 -16.05
CA PHE D 313 -11.96 -68.05 -16.12
C PHE D 313 -10.87 -68.80 -15.36
N ALA D 314 -10.02 -69.51 -16.11
CA ALA D 314 -8.97 -70.34 -15.54
C ALA D 314 -7.66 -69.57 -15.48
N TYR D 315 -6.93 -69.74 -14.37
CA TYR D 315 -5.65 -69.07 -14.16
C TYR D 315 -4.60 -70.04 -13.61
N GLU D 316 -4.92 -71.34 -13.61
CA GLU D 316 -4.04 -72.34 -13.01
C GLU D 316 -3.80 -73.49 -13.98
N GLU D 317 -4.88 -73.98 -14.61
CA GLU D 317 -4.81 -75.13 -15.50
C GLU D 317 -5.19 -74.72 -16.92
N SER D 318 -4.71 -75.50 -17.90
CA SER D 318 -5.06 -75.31 -19.30
C SER D 318 -6.43 -75.95 -19.57
N ARG D 319 -6.97 -75.71 -20.78
CA ARG D 319 -8.22 -76.34 -21.19
C ARG D 319 -8.06 -77.87 -21.17
N ALA D 320 -7.00 -78.36 -21.83
CA ALA D 320 -6.76 -79.78 -21.98
C ALA D 320 -6.76 -80.46 -20.61
N GLN D 321 -6.06 -79.84 -19.65
CA GLN D 321 -5.96 -80.37 -18.29
C GLN D 321 -7.33 -80.32 -17.61
N LEU D 322 -8.02 -79.17 -17.72
CA LEU D 322 -9.34 -79.00 -17.16
C LEU D 322 -10.29 -80.04 -17.74
N LEU D 323 -10.24 -80.23 -19.07
CA LEU D 323 -11.12 -81.15 -19.76
C LEU D 323 -10.84 -82.59 -19.31
N ARG D 324 -9.56 -82.97 -19.25
CA ARG D 324 -9.18 -84.31 -18.83
C ARG D 324 -9.65 -84.57 -17.40
N ASN D 325 -9.25 -83.67 -16.49
CA ASN D 325 -9.52 -83.83 -15.07
C ASN D 325 -11.03 -83.83 -14.81
N ALA D 326 -11.79 -83.18 -15.70
CA ALA D 326 -13.24 -83.12 -15.59
C ALA D 326 -13.86 -84.43 -16.07
N THR D 327 -13.34 -84.97 -17.19
CA THR D 327 -13.85 -86.20 -17.77
C THR D 327 -13.61 -87.36 -16.80
N SER D 328 -12.56 -87.25 -15.97
CA SER D 328 -12.31 -88.19 -14.90
C SER D 328 -13.42 -88.08 -13.84
N TRP D 329 -13.90 -86.86 -13.59
CA TRP D 329 -15.02 -86.63 -12.69
C TRP D 329 -16.37 -86.85 -13.40
N GLY D 330 -16.34 -86.97 -14.73
CA GLY D 330 -17.53 -87.27 -15.51
C GLY D 330 -18.30 -86.01 -15.87
N ILE D 331 -17.59 -85.01 -16.41
CA ILE D 331 -18.18 -83.75 -16.84
C ILE D 331 -17.64 -83.41 -18.23
N ASP D 332 -18.50 -83.51 -19.24
CA ASP D 332 -18.11 -83.21 -20.62
C ASP D 332 -18.30 -81.71 -20.86
N PHE D 333 -17.20 -80.96 -20.84
CA PHE D 333 -17.23 -79.53 -21.05
C PHE D 333 -17.31 -79.20 -22.55
N GLU D 334 -16.71 -80.05 -23.38
CA GLU D 334 -16.72 -79.86 -24.83
C GLU D 334 -18.16 -79.85 -25.33
N GLU D 335 -19.00 -80.75 -24.79
CA GLU D 335 -20.40 -80.84 -25.19
C GLU D 335 -21.13 -79.55 -24.86
N MET D 336 -20.72 -78.90 -23.75
CA MET D 336 -21.28 -77.63 -23.33
C MET D 336 -20.76 -76.51 -24.22
N GLU D 337 -19.47 -76.59 -24.59
CA GLU D 337 -18.87 -75.64 -25.51
C GLU D 337 -19.57 -75.72 -26.87
N ARG D 338 -19.78 -76.95 -27.36
CA ARG D 338 -20.42 -77.17 -28.64
C ARG D 338 -21.89 -76.72 -28.58
N ASP D 339 -22.53 -76.93 -27.43
CA ASP D 339 -23.91 -76.53 -27.23
C ASP D 339 -24.03 -75.01 -27.20
N GLY D 340 -22.96 -74.33 -26.75
CA GLY D 340 -22.93 -72.89 -26.68
C GLY D 340 -23.40 -72.38 -25.32
N LEU D 341 -23.09 -73.14 -24.26
CA LEU D 341 -23.50 -72.83 -22.91
C LEU D 341 -22.29 -72.66 -22.00
N LEU D 342 -21.08 -72.82 -22.55
CA LEU D 342 -19.85 -72.74 -21.77
C LEU D 342 -18.76 -72.09 -22.62
N LYS D 343 -17.95 -71.24 -21.97
CA LYS D 343 -16.77 -70.67 -22.60
C LYS D 343 -15.63 -70.65 -21.59
N ILE D 344 -14.61 -71.48 -21.84
CA ILE D 344 -13.44 -71.55 -20.98
C ILE D 344 -12.42 -70.52 -21.47
N ILE D 345 -12.06 -69.58 -20.59
CA ILE D 345 -11.09 -68.55 -20.90
C ILE D 345 -9.84 -68.77 -20.03
N CYS D 346 -8.83 -69.44 -20.62
CA CYS D 346 -7.59 -69.75 -19.93
C CYS D 346 -6.57 -68.64 -20.16
N ALA D 347 -5.85 -68.27 -19.09
CA ALA D 347 -4.81 -67.26 -19.16
C ALA D 347 -3.94 -67.34 -17.91
N TYR D 348 -2.63 -67.13 -18.08
CA TYR D 348 -1.71 -67.02 -16.96
C TYR D 348 -1.99 -65.71 -16.23
N PRO D 349 -1.89 -65.67 -14.88
CA PRO D 349 -2.09 -64.42 -14.13
C PRO D 349 -1.14 -63.29 -14.55
N GLU D 350 0.05 -63.67 -15.04
CA GLU D 350 1.06 -62.70 -15.45
C GLU D 350 0.96 -62.42 -16.95
N SER D 351 -0.07 -62.97 -17.61
CA SER D 351 -0.35 -62.68 -19.01
C SER D 351 -0.66 -61.20 -19.18
N THR D 352 -1.23 -60.59 -18.14
CA THR D 352 -1.43 -59.15 -18.09
C THR D 352 -1.53 -58.72 -16.63
N GLY D 353 -1.90 -57.45 -16.40
CA GLY D 353 -2.15 -56.94 -15.06
C GLY D 353 -3.60 -57.15 -14.64
N LEU D 354 -3.84 -57.01 -13.33
CA LEU D 354 -5.17 -57.19 -12.75
C LEU D 354 -6.19 -56.24 -13.38
N GLU D 355 -5.73 -55.05 -13.79
CA GLU D 355 -6.59 -54.07 -14.43
C GLU D 355 -7.14 -54.62 -15.74
N ASP D 356 -6.24 -55.20 -16.57
CA ASP D 356 -6.61 -55.72 -17.87
C ASP D 356 -7.42 -57.01 -17.71
N HIS D 357 -7.06 -57.82 -16.71
CA HIS D 357 -7.79 -59.04 -16.39
C HIS D 357 -9.27 -58.73 -16.19
N LEU D 358 -9.54 -57.70 -15.37
CA LEU D 358 -10.90 -57.32 -15.02
C LEU D 358 -11.65 -56.85 -16.26
N GLN D 359 -10.94 -56.16 -17.17
CA GLN D 359 -11.50 -55.69 -18.42
C GLN D 359 -11.81 -56.86 -19.34
N ILE D 360 -10.86 -57.80 -19.48
CA ILE D 360 -11.05 -58.98 -20.30
C ILE D 360 -12.27 -59.75 -19.80
N ILE D 361 -12.43 -59.82 -18.48
CA ILE D 361 -13.59 -60.46 -17.86
C ILE D 361 -14.84 -59.71 -18.28
N LYS D 362 -14.89 -58.40 -17.99
CA LYS D 362 -16.05 -57.57 -18.25
C LYS D 362 -16.43 -57.62 -19.73
N SER D 363 -15.41 -57.64 -20.61
CA SER D 363 -15.63 -57.65 -22.05
C SER D 363 -16.23 -58.98 -22.50
N GLU D 364 -15.62 -60.08 -22.03
CA GLU D 364 -16.03 -61.42 -22.42
C GLU D 364 -17.45 -61.69 -21.92
N ILE D 365 -17.76 -61.17 -20.73
CA ILE D 365 -19.10 -61.27 -20.15
C ILE D 365 -20.12 -60.62 -21.08
N SER D 366 -19.85 -59.37 -21.49
CA SER D 366 -20.78 -58.61 -22.30
C SER D 366 -21.10 -59.34 -23.61
N GLU D 367 -20.11 -60.06 -24.16
CA GLU D 367 -20.25 -60.76 -25.41
C GLU D 367 -21.15 -61.99 -25.24
N PHE D 368 -20.71 -62.92 -24.38
CA PHE D 368 -21.38 -64.20 -24.21
C PHE D 368 -22.69 -64.02 -23.43
N LYS D 369 -22.72 -63.01 -22.56
CA LYS D 369 -23.88 -62.71 -21.73
C LYS D 369 -24.18 -63.91 -20.84
N PRO D 370 -23.31 -64.22 -19.85
CA PRO D 370 -23.48 -65.40 -19.00
C PRO D 370 -24.41 -65.15 -17.82
N SER D 371 -24.95 -66.24 -17.27
CA SER D 371 -25.76 -66.20 -16.06
C SER D 371 -24.89 -66.50 -14.83
N ARG D 372 -23.93 -67.43 -15.01
CA ARG D 372 -23.00 -67.79 -13.95
C ARG D 372 -21.57 -67.58 -14.43
N ILE D 373 -20.66 -67.33 -13.48
CA ILE D 373 -19.25 -67.15 -13.78
C ILE D 373 -18.43 -67.85 -12.70
N ALA D 374 -17.19 -68.21 -13.06
CA ALA D 374 -16.28 -68.88 -12.13
C ALA D 374 -14.84 -68.48 -12.43
N ILE D 375 -14.15 -67.96 -11.41
CA ILE D 375 -12.75 -67.63 -11.50
C ILE D 375 -11.95 -68.65 -10.69
N ASP D 376 -11.01 -69.34 -11.36
CA ASP D 376 -10.22 -70.39 -10.75
C ASP D 376 -8.75 -70.12 -11.04
N SER D 377 -8.05 -69.41 -10.14
CA SER D 377 -8.56 -69.00 -8.84
C SER D 377 -8.20 -67.53 -8.58
N LEU D 378 -8.58 -67.03 -7.41
CA LEU D 378 -8.27 -65.67 -7.00
C LEU D 378 -6.85 -65.61 -6.43
N SER D 379 -6.43 -66.67 -5.73
CA SER D 379 -5.11 -66.74 -5.13
C SER D 379 -4.01 -66.69 -6.19
N ALA D 380 -4.32 -67.19 -7.39
CA ALA D 380 -3.38 -67.18 -8.51
C ALA D 380 -3.19 -65.76 -9.03
N LEU D 381 -4.28 -64.98 -9.05
CA LEU D 381 -4.25 -63.61 -9.55
C LEU D 381 -3.57 -62.69 -8.52
N ALA D 382 -3.52 -63.12 -7.26
CA ALA D 382 -2.90 -62.35 -6.20
C ALA D 382 -1.41 -62.66 -6.08
N ARG D 383 -0.84 -63.30 -7.12
CA ARG D 383 0.59 -63.60 -7.14
C ARG D 383 1.38 -62.36 -7.50
N GLY D 384 2.15 -61.85 -6.53
CA GLY D 384 3.07 -60.74 -6.76
C GLY D 384 2.42 -59.38 -6.54
N VAL D 385 1.15 -59.25 -6.99
CA VAL D 385 0.44 -57.97 -6.94
C VAL D 385 0.22 -57.61 -5.48
N SER D 386 0.11 -56.31 -5.21
CA SER D 386 -0.12 -55.79 -3.87
C SER D 386 -1.49 -56.21 -3.36
N ASN D 387 -1.62 -56.30 -2.04
CA ASN D 387 -2.88 -56.65 -1.39
C ASN D 387 -3.92 -55.57 -1.65
N ASN D 388 -3.46 -54.35 -1.93
CA ASN D 388 -4.32 -53.23 -2.24
C ASN D 388 -4.96 -53.41 -3.61
N ALA D 389 -4.11 -53.58 -4.64
CA ALA D 389 -4.56 -53.68 -6.02
C ALA D 389 -5.44 -54.91 -6.21
N PHE D 390 -5.19 -55.96 -5.42
CA PHE D 390 -5.99 -57.17 -5.47
C PHE D 390 -7.37 -56.90 -4.90
N ARG D 391 -7.44 -56.17 -3.78
CA ARG D 391 -8.69 -55.76 -3.19
C ARG D 391 -9.54 -55.02 -4.23
N GLN D 392 -8.89 -54.15 -5.01
CA GLN D 392 -9.56 -53.36 -6.03
C GLN D 392 -10.13 -54.25 -7.14
N PHE D 393 -9.41 -55.35 -7.45
CA PHE D 393 -9.85 -56.30 -8.44
C PHE D 393 -11.08 -57.06 -7.94
N VAL D 394 -10.97 -57.62 -6.73
CA VAL D 394 -12.03 -58.43 -6.14
C VAL D 394 -13.32 -57.62 -6.09
N ILE D 395 -13.25 -56.40 -5.53
CA ILE D 395 -14.40 -55.54 -5.41
C ILE D 395 -14.96 -55.23 -6.80
N GLY D 396 -14.07 -55.01 -7.78
CA GLY D 396 -14.46 -54.73 -9.15
C GLY D 396 -15.22 -55.87 -9.80
N VAL D 397 -14.74 -57.12 -9.57
CA VAL D 397 -15.37 -58.30 -10.13
C VAL D 397 -16.67 -58.58 -9.37
N THR D 398 -16.58 -58.61 -8.04
CA THR D 398 -17.73 -58.80 -7.17
C THR D 398 -18.87 -57.87 -7.59
N GLY D 399 -18.57 -56.56 -7.64
CA GLY D 399 -19.57 -55.55 -7.91
C GLY D 399 -20.21 -55.67 -9.30
N TYR D 400 -19.41 -56.08 -10.30
CA TYR D 400 -19.88 -56.17 -11.66
C TYR D 400 -20.92 -57.28 -11.77
N ALA D 401 -20.64 -58.42 -11.13
CA ALA D 401 -21.49 -59.59 -11.20
C ALA D 401 -22.84 -59.33 -10.53
N LYS D 402 -22.80 -58.72 -9.34
CA LYS D 402 -24.01 -58.42 -8.58
C LYS D 402 -24.85 -57.36 -9.31
N GLN D 403 -24.17 -56.49 -10.08
CA GLN D 403 -24.83 -55.44 -10.84
C GLN D 403 -25.42 -56.01 -12.12
N GLU D 404 -24.74 -57.01 -12.71
CA GLU D 404 -25.14 -57.58 -13.98
C GLU D 404 -25.98 -58.84 -13.77
N GLU D 405 -26.32 -59.12 -12.51
CA GLU D 405 -27.16 -60.26 -12.14
C GLU D 405 -26.51 -61.56 -12.61
N ILE D 406 -25.23 -61.73 -12.27
CA ILE D 406 -24.48 -62.93 -12.57
C ILE D 406 -24.03 -63.57 -11.25
N THR D 407 -24.35 -64.86 -11.08
CA THR D 407 -23.89 -65.63 -9.94
C THR D 407 -22.41 -65.94 -10.13
N GLY D 408 -21.63 -65.85 -9.06
CA GLY D 408 -20.18 -65.97 -9.12
C GLY D 408 -19.63 -66.96 -8.10
N PHE D 409 -18.88 -67.96 -8.60
CA PHE D 409 -18.18 -68.90 -7.75
C PHE D 409 -16.68 -68.64 -7.86
N PHE D 410 -16.05 -68.35 -6.72
CA PHE D 410 -14.63 -68.03 -6.68
C PHE D 410 -13.88 -69.07 -5.86
N THR D 411 -12.60 -69.25 -6.18
CA THR D 411 -11.74 -70.24 -5.55
C THR D 411 -10.55 -69.52 -4.90
N ASN D 412 -10.05 -70.08 -3.80
CA ASN D 412 -8.91 -69.53 -3.09
C ASN D 412 -8.15 -70.67 -2.42
N THR D 413 -6.87 -70.81 -2.77
CA THR D 413 -6.02 -71.84 -2.18
C THR D 413 -5.34 -71.27 -0.94
N SER D 414 -5.56 -71.90 0.22
CA SER D 414 -4.93 -71.50 1.46
C SER D 414 -3.51 -72.07 1.51
N ASP D 415 -2.58 -71.28 2.05
CA ASP D 415 -1.17 -71.67 2.11
C ASP D 415 -0.98 -72.78 3.14
N GLN D 416 -1.65 -72.64 4.30
CA GLN D 416 -1.62 -73.66 5.33
C GLN D 416 -2.34 -74.91 4.81
N PHE D 417 -1.64 -76.04 4.83
CA PHE D 417 -2.10 -77.26 4.20
C PHE D 417 -3.11 -77.99 5.09
N MET D 418 -2.96 -77.84 6.41
CA MET D 418 -3.72 -78.64 7.36
C MET D 418 -4.87 -77.83 7.95
N GLY D 419 -6.07 -78.41 7.89
CA GLY D 419 -7.26 -77.82 8.47
C GLY D 419 -7.58 -76.45 7.87
N SER D 420 -7.85 -75.49 8.74
CA SER D 420 -8.05 -74.09 8.33
C SER D 420 -7.66 -73.17 9.48
N HIS D 421 -7.27 -71.93 9.14
CA HIS D 421 -6.78 -70.97 10.11
C HIS D 421 -7.44 -69.61 9.89
N SER D 422 -7.31 -69.08 8.67
CA SER D 422 -7.81 -67.75 8.34
C SER D 422 -7.89 -67.58 6.83
N ILE D 423 -8.06 -66.32 6.39
CA ILE D 423 -8.03 -65.97 4.98
C ILE D 423 -6.94 -64.92 4.77
N THR D 424 -6.26 -65.00 3.63
CA THR D 424 -5.14 -64.12 3.31
C THR D 424 -5.60 -62.67 3.34
N ASP D 425 -6.59 -62.36 2.50
CA ASP D 425 -7.20 -61.04 2.46
C ASP D 425 -8.51 -61.08 3.25
N SER D 426 -8.63 -60.17 4.23
CA SER D 426 -9.84 -60.03 5.02
C SER D 426 -10.96 -59.44 4.16
N HIS D 427 -10.58 -58.75 3.08
CA HIS D 427 -11.52 -58.16 2.14
C HIS D 427 -12.39 -59.25 1.50
N ILE D 428 -11.74 -60.32 1.03
CA ILE D 428 -12.43 -61.40 0.34
C ILE D 428 -13.56 -61.95 1.22
N SER D 429 -13.23 -62.26 2.47
CA SER D 429 -14.13 -62.93 3.39
C SER D 429 -15.43 -62.14 3.58
N THR D 430 -15.31 -60.81 3.68
CA THR D 430 -16.45 -59.95 3.94
C THR D 430 -17.16 -59.58 2.64
N ILE D 431 -16.52 -59.82 1.50
CA ILE D 431 -17.07 -59.46 0.20
C ILE D 431 -17.77 -60.67 -0.44
N THR D 432 -17.78 -61.81 0.26
CA THR D 432 -18.41 -63.03 -0.23
C THR D 432 -19.63 -63.33 0.64
N ASP D 433 -20.71 -63.78 -0.02
CA ASP D 433 -21.97 -64.05 0.66
C ASP D 433 -21.95 -65.46 1.23
N THR D 434 -21.35 -66.39 0.48
CA THR D 434 -21.27 -67.79 0.91
C THR D 434 -19.81 -68.22 0.94
N ILE D 435 -19.42 -68.90 2.02
CA ILE D 435 -18.06 -69.41 2.18
C ILE D 435 -18.12 -70.92 2.41
N ILE D 436 -17.57 -71.68 1.44
CA ILE D 436 -17.44 -73.12 1.58
C ILE D 436 -16.01 -73.41 2.02
N LEU D 437 -15.86 -74.06 3.19
CA LEU D 437 -14.55 -74.40 3.72
C LEU D 437 -14.26 -75.87 3.47
N LEU D 438 -13.32 -76.14 2.55
CA LEU D 438 -12.79 -77.47 2.34
C LEU D 438 -11.48 -77.59 3.13
N GLN D 439 -11.29 -78.74 3.81
CA GLN D 439 -10.10 -78.94 4.61
C GLN D 439 -9.69 -80.42 4.58
N TYR D 440 -8.47 -80.70 5.07
CA TYR D 440 -7.97 -82.05 5.24
C TYR D 440 -8.10 -82.45 6.71
N VAL D 441 -8.33 -83.74 6.95
CA VAL D 441 -8.44 -84.29 8.30
C VAL D 441 -7.72 -85.63 8.34
N GLU D 442 -6.84 -85.78 9.34
CA GLU D 442 -6.09 -87.00 9.56
C GLU D 442 -6.90 -87.96 10.42
N ILE D 443 -7.42 -89.03 9.79
CA ILE D 443 -8.22 -90.02 10.49
C ILE D 443 -7.56 -91.39 10.32
N ARG D 444 -7.02 -91.91 11.44
CA ARG D 444 -6.46 -93.26 11.49
C ARG D 444 -5.40 -93.43 10.39
N GLY D 445 -4.44 -92.51 10.36
CA GLY D 445 -3.32 -92.57 9.43
C GLY D 445 -3.74 -92.46 7.97
N GLU D 446 -4.81 -91.68 7.72
CA GLU D 446 -5.26 -91.41 6.36
C GLU D 446 -5.68 -89.94 6.24
N MET D 447 -5.42 -89.38 5.06
CA MET D 447 -5.75 -88.00 4.75
C MET D 447 -7.19 -87.93 4.24
N SER D 448 -8.13 -87.79 5.18
CA SER D 448 -9.53 -87.55 4.85
C SER D 448 -9.71 -86.08 4.45
N ARG D 449 -10.89 -85.76 3.92
CA ARG D 449 -11.23 -84.41 3.50
C ARG D 449 -12.63 -84.09 4.00
N ALA D 450 -12.87 -82.82 4.35
CA ALA D 450 -14.14 -82.41 4.95
C ALA D 450 -14.62 -81.10 4.31
N ILE D 451 -15.94 -80.95 4.23
CA ILE D 451 -16.57 -79.77 3.65
C ILE D 451 -17.47 -79.14 4.71
N ASN D 452 -17.59 -77.81 4.66
CA ASN D 452 -18.37 -77.06 5.63
C ASN D 452 -18.85 -75.75 5.00
N VAL D 453 -20.16 -75.50 5.10
CA VAL D 453 -20.72 -74.21 4.72
C VAL D 453 -20.56 -73.27 5.91
N PHE D 454 -19.58 -72.36 5.81
CA PHE D 454 -19.18 -71.51 6.91
C PHE D 454 -20.11 -70.31 7.03
N LYS D 455 -20.71 -69.92 5.89
CA LYS D 455 -21.47 -68.69 5.77
C LYS D 455 -22.40 -68.82 4.58
N MET D 456 -23.62 -68.26 4.69
CA MET D 456 -24.58 -68.29 3.59
C MET D 456 -25.23 -66.92 3.36
N ARG D 457 -25.30 -66.09 4.42
CA ARG D 457 -25.96 -64.78 4.35
C ARG D 457 -27.34 -64.89 3.72
N GLY D 458 -28.37 -65.01 4.57
CA GLY D 458 -29.75 -64.91 4.13
C GLY D 458 -30.46 -66.26 4.05
N SER D 459 -29.77 -67.34 4.47
CA SER D 459 -30.35 -68.67 4.44
C SER D 459 -29.87 -69.47 5.64
N TRP D 460 -30.60 -70.56 5.94
CA TRP D 460 -30.08 -71.62 6.77
C TRP D 460 -28.99 -72.35 6.00
N HIS D 461 -27.88 -72.66 6.68
CA HIS D 461 -26.85 -73.50 6.13
C HIS D 461 -26.52 -74.58 7.15
N ASP D 462 -26.24 -75.79 6.67
CA ASP D 462 -25.82 -76.88 7.54
C ASP D 462 -24.56 -76.43 8.27
N LYS D 463 -24.58 -76.58 9.60
CA LYS D 463 -23.50 -76.09 10.45
C LYS D 463 -22.49 -77.20 10.70
N GLY D 464 -22.56 -78.28 9.89
CA GLY D 464 -21.76 -79.47 10.13
C GLY D 464 -20.48 -79.48 9.29
N ILE D 465 -19.44 -80.13 9.83
CA ILE D 465 -18.18 -80.32 9.13
C ILE D 465 -18.15 -81.76 8.62
N ARG D 466 -18.67 -81.96 7.40
CA ARG D 466 -18.99 -83.28 6.90
C ARG D 466 -17.82 -83.84 6.08
N GLU D 467 -17.55 -85.13 6.26
CA GLU D 467 -16.61 -85.86 5.43
C GLU D 467 -17.15 -85.92 4.01
N PHE D 468 -16.25 -85.83 3.02
CA PHE D 468 -16.63 -86.07 1.64
C PHE D 468 -15.52 -86.85 0.94
N VAL D 469 -15.91 -87.60 -0.10
CA VAL D 469 -14.98 -88.44 -0.86
C VAL D 469 -15.12 -88.07 -2.33
N ILE D 470 -13.98 -87.92 -3.01
CA ILE D 470 -13.96 -87.64 -4.43
C ILE D 470 -13.85 -88.97 -5.17
N SER D 471 -14.77 -89.19 -6.11
CA SER D 471 -14.82 -90.41 -6.89
C SER D 471 -14.92 -90.06 -8.38
N ASP D 472 -15.01 -91.10 -9.22
CA ASP D 472 -15.19 -90.92 -10.65
C ASP D 472 -16.52 -90.20 -10.91
N LYS D 473 -17.51 -90.45 -10.03
CA LYS D 473 -18.80 -89.80 -10.10
C LYS D 473 -18.67 -88.33 -9.72
N GLY D 474 -17.85 -88.05 -8.68
CA GLY D 474 -17.63 -86.69 -8.20
C GLY D 474 -17.60 -86.65 -6.67
N PRO D 475 -18.12 -85.58 -6.04
CA PRO D 475 -18.11 -85.47 -4.58
C PRO D 475 -19.26 -86.25 -3.94
N GLU D 476 -18.94 -87.03 -2.90
CA GLU D 476 -19.91 -87.78 -2.14
C GLU D 476 -19.88 -87.30 -0.69
N ILE D 477 -20.67 -86.25 -0.40
CA ILE D 477 -20.67 -85.62 0.91
C ILE D 477 -21.34 -86.57 1.91
N LYS D 478 -20.54 -87.06 2.87
CA LYS D 478 -20.99 -88.02 3.86
C LYS D 478 -21.43 -87.27 5.12
N ASP D 479 -21.22 -87.90 6.29
CA ASP D 479 -21.72 -87.38 7.56
C ASP D 479 -20.60 -86.67 8.30
N SER D 480 -20.97 -86.00 9.41
CA SER D 480 -20.05 -85.21 10.21
C SER D 480 -19.19 -86.12 11.09
N PHE D 481 -17.96 -85.66 11.36
CA PHE D 481 -17.07 -86.34 12.29
C PHE D 481 -17.53 -86.04 13.72
N ARG D 482 -18.62 -86.68 14.13
CA ARG D 482 -19.31 -86.35 15.37
C ARG D 482 -18.50 -86.81 16.57
N ASN D 483 -17.81 -87.95 16.42
CA ASN D 483 -17.09 -88.57 17.53
C ASN D 483 -15.62 -88.14 17.52
N PHE D 484 -15.33 -86.95 16.98
CA PHE D 484 -13.98 -86.41 16.97
C PHE D 484 -13.97 -84.97 17.50
N GLU D 485 -12.81 -84.57 18.04
CA GLU D 485 -12.58 -83.21 18.52
C GLU D 485 -11.35 -82.64 17.83
N ARG D 486 -11.26 -81.30 17.79
CA ARG D 486 -10.14 -80.59 17.19
C ARG D 486 -10.03 -80.93 15.71
N ILE D 487 -11.16 -80.87 15.01
CA ILE D 487 -11.23 -81.20 13.59
C ILE D 487 -10.71 -80.02 12.76
N ILE D 488 -10.80 -78.80 13.31
CA ILE D 488 -10.36 -77.61 12.60
C ILE D 488 -8.83 -77.60 12.50
N SER D 489 -8.16 -78.22 13.49
CA SER D 489 -6.71 -78.33 13.50
C SER D 489 -6.24 -79.12 12.27
N GLY D 490 -6.99 -80.16 11.92
CA GLY D 490 -6.60 -81.07 10.84
C GLY D 490 -6.06 -82.39 11.39
N SER D 491 -5.59 -82.36 12.64
CA SER D 491 -5.20 -83.55 13.38
C SER D 491 -6.15 -83.71 14.57
N PRO D 492 -7.29 -84.42 14.42
CA PRO D 492 -8.28 -84.54 15.48
C PRO D 492 -7.92 -85.57 16.55
N THR D 493 -8.85 -85.77 17.50
CA THR D 493 -8.71 -86.76 18.55
C THR D 493 -10.08 -87.41 18.80
N ARG D 494 -10.15 -88.73 18.62
CA ARG D 494 -11.37 -89.48 18.87
C ARG D 494 -11.65 -89.48 20.38
N ILE D 495 -12.91 -89.22 20.74
CA ILE D 495 -13.34 -89.16 22.13
C ILE D 495 -14.44 -90.20 22.34
N THR D 496 -14.11 -91.26 23.09
CA THR D 496 -15.04 -92.35 23.34
C THR D 496 -16.23 -91.85 24.18
N VAL E 16 57.08 -49.58 2.86
CA VAL E 16 56.39 -48.36 3.39
C VAL E 16 56.24 -48.50 4.90
N GLN E 17 57.05 -47.72 5.63
CA GLN E 17 57.07 -47.78 7.09
C GLN E 17 56.11 -46.75 7.66
N LYS E 18 55.73 -46.95 8.93
CA LYS E 18 54.81 -46.07 9.64
C LYS E 18 55.48 -45.57 10.91
N LEU E 19 55.01 -44.42 11.41
CA LEU E 19 55.41 -43.93 12.74
C LEU E 19 54.20 -43.99 13.67
N PRO E 20 54.40 -44.35 14.96
CA PRO E 20 53.30 -44.37 15.93
C PRO E 20 52.76 -42.98 16.22
N THR E 21 51.43 -42.83 16.09
CA THR E 21 50.75 -41.58 16.38
C THR E 21 50.69 -41.34 17.89
N GLY E 22 50.68 -42.44 18.66
CA GLY E 22 50.54 -42.39 20.10
C GLY E 22 49.07 -42.44 20.53
N ILE E 23 48.16 -42.31 19.57
CA ILE E 23 46.73 -42.34 19.83
C ILE E 23 46.35 -43.78 20.21
N GLU E 24 45.52 -43.91 21.24
CA GLU E 24 45.16 -45.21 21.80
C GLU E 24 44.20 -45.92 20.86
N GLY E 25 44.70 -46.94 20.16
CA GLY E 25 43.88 -47.78 19.30
C GLY E 25 44.06 -47.46 17.81
N PHE E 26 44.57 -46.26 17.50
CA PHE E 26 44.78 -45.88 16.11
C PHE E 26 45.94 -46.67 15.50
N ASP E 27 46.99 -46.87 16.30
CA ASP E 27 48.18 -47.57 15.85
C ASP E 27 47.89 -49.05 15.66
N ASP E 28 46.76 -49.53 16.23
CA ASP E 28 46.32 -50.90 16.07
C ASP E 28 45.53 -51.06 14.77
N ILE E 29 44.62 -50.12 14.50
CA ILE E 29 43.79 -50.17 13.31
C ILE E 29 44.61 -49.82 12.07
N SER E 30 45.66 -49.01 12.26
CA SER E 30 46.51 -48.59 11.16
C SER E 30 47.66 -49.57 10.93
N HIS E 31 47.74 -50.61 11.76
CA HIS E 31 48.77 -51.64 11.64
C HIS E 31 50.15 -50.99 11.71
N GLY E 32 50.36 -50.16 12.75
CA GLY E 32 51.64 -49.52 12.99
C GLY E 32 51.51 -48.02 13.26
N GLY E 33 50.70 -47.34 12.44
CA GLY E 33 50.58 -45.90 12.50
C GLY E 33 50.39 -45.28 11.12
N LEU E 34 50.74 -44.00 11.00
CA LEU E 34 50.65 -43.28 9.73
C LEU E 34 51.94 -43.50 8.94
N PRO E 35 51.85 -43.90 7.64
CA PRO E 35 53.03 -43.99 6.77
C PRO E 35 53.91 -42.75 6.80
N ILE E 36 55.23 -42.96 6.82
CA ILE E 36 56.20 -41.90 7.02
C ILE E 36 56.49 -41.24 5.67
N GLY E 37 56.52 -39.90 5.67
CA GLY E 37 56.89 -39.12 4.50
C GLY E 37 55.72 -38.92 3.54
N ARG E 38 54.50 -39.29 3.98
CA ARG E 38 53.31 -39.19 3.16
C ARG E 38 52.23 -38.46 3.95
N SER E 39 51.30 -37.81 3.24
CA SER E 39 50.25 -37.02 3.86
C SER E 39 49.01 -37.90 4.08
N THR E 40 48.36 -37.70 5.24
CA THR E 40 47.15 -38.42 5.57
C THR E 40 45.97 -37.45 5.66
N LEU E 41 44.87 -37.78 4.99
CA LEU E 41 43.67 -36.96 5.00
C LEU E 41 42.76 -37.45 6.13
N VAL E 42 42.45 -36.54 7.06
CA VAL E 42 41.50 -36.81 8.13
C VAL E 42 40.22 -36.02 7.87
N SER E 43 39.24 -36.67 7.22
CA SER E 43 38.01 -36.01 6.83
C SER E 43 36.92 -36.29 7.86
N GLY E 44 35.98 -35.34 7.99
CA GLY E 44 34.84 -35.51 8.88
C GLY E 44 33.96 -34.27 8.88
N THR E 45 32.70 -34.45 9.34
CA THR E 45 31.78 -33.34 9.54
C THR E 45 32.21 -32.53 10.75
N SER E 46 31.43 -31.49 11.09
CA SER E 46 31.73 -30.64 12.23
C SER E 46 31.58 -31.43 13.53
N GLY E 47 32.48 -31.16 14.49
CA GLY E 47 32.46 -31.80 15.80
C GLY E 47 32.81 -33.28 15.76
N THR E 48 33.66 -33.69 14.80
CA THR E 48 34.05 -35.09 14.66
C THR E 48 35.29 -35.39 15.47
N GLY E 49 36.27 -34.47 15.45
CA GLY E 49 37.51 -34.62 16.20
C GLY E 49 38.75 -34.60 15.31
N LYS E 50 38.74 -33.69 14.31
CA LYS E 50 39.81 -33.61 13.33
C LYS E 50 40.95 -32.77 13.90
N THR E 51 40.60 -31.64 14.53
CA THR E 51 41.57 -30.75 15.14
C THR E 51 42.19 -31.42 16.37
N VAL E 52 41.39 -32.22 17.08
CA VAL E 52 41.87 -32.96 18.24
C VAL E 52 42.93 -33.98 17.77
N PHE E 53 42.58 -34.74 16.73
CA PHE E 53 43.46 -35.73 16.15
C PHE E 53 44.77 -35.08 15.72
N SER E 54 44.66 -33.99 14.96
CA SER E 54 45.81 -33.25 14.45
C SER E 54 46.75 -32.88 15.59
N MET E 55 46.18 -32.36 16.69
CA MET E 55 46.95 -31.92 17.83
C MET E 55 47.62 -33.12 18.52
N GLN E 56 46.83 -34.17 18.76
CA GLN E 56 47.31 -35.34 19.48
C GLN E 56 48.44 -36.01 18.70
N PHE E 57 48.35 -35.96 17.36
CA PHE E 57 49.39 -36.47 16.48
C PHE E 57 50.70 -35.75 16.74
N LEU E 58 50.65 -34.41 16.72
CA LEU E 58 51.84 -33.59 16.94
C LEU E 58 52.30 -33.70 18.39
N TYR E 59 51.37 -33.48 19.32
CA TYR E 59 51.67 -33.46 20.75
C TYR E 59 52.44 -34.71 21.14
N ASN E 60 51.87 -35.88 20.83
CA ASN E 60 52.51 -37.16 21.14
C ASN E 60 53.88 -37.22 20.47
N GLY E 61 53.97 -36.70 19.24
CA GLY E 61 55.22 -36.60 18.51
C GLY E 61 56.33 -35.93 19.34
N ILE E 62 55.98 -34.78 19.95
CA ILE E 62 56.94 -33.96 20.68
C ILE E 62 57.26 -34.61 22.03
N THR E 63 56.21 -35.02 22.76
CA THR E 63 56.37 -35.47 24.14
C THR E 63 56.89 -36.90 24.18
N HIS E 64 56.32 -37.77 23.34
CA HIS E 64 56.57 -39.20 23.44
C HIS E 64 57.75 -39.62 22.56
N PHE E 65 57.94 -38.95 21.42
CA PHE E 65 58.89 -39.41 20.41
C PHE E 65 59.98 -38.38 20.16
N ASP E 66 59.93 -37.24 20.86
CA ASP E 66 60.93 -36.19 20.72
C ASP E 66 61.06 -35.76 19.26
N GLU E 67 59.91 -35.74 18.56
CA GLU E 67 59.86 -35.35 17.16
C GLU E 67 59.13 -34.01 17.06
N PRO E 68 59.83 -32.90 16.73
CA PRO E 68 59.19 -31.58 16.64
C PRO E 68 58.12 -31.56 15.54
N GLY E 69 57.20 -30.60 15.62
CA GLY E 69 56.09 -30.50 14.69
C GLY E 69 55.63 -29.06 14.47
N VAL E 70 54.90 -28.85 13.37
CA VAL E 70 54.36 -27.55 13.01
C VAL E 70 52.88 -27.71 12.71
N PHE E 71 52.09 -26.71 13.12
CA PHE E 71 50.65 -26.73 12.93
C PHE E 71 50.23 -25.51 12.10
N VAL E 72 49.52 -25.76 11.00
CA VAL E 72 49.05 -24.72 10.11
C VAL E 72 47.55 -24.50 10.37
N THR E 73 47.16 -23.24 10.57
CA THR E 73 45.78 -22.88 10.81
C THR E 73 45.39 -21.71 9.91
N PHE E 74 44.30 -21.89 9.15
CA PHE E 74 43.82 -20.88 8.22
C PHE E 74 42.59 -20.15 8.79
N GLU E 75 42.35 -20.31 10.10
CA GLU E 75 41.17 -19.71 10.72
C GLU E 75 41.43 -19.45 12.20
N GLU E 76 41.56 -20.53 12.99
CA GLU E 76 41.72 -20.43 14.43
C GLU E 76 43.07 -19.77 14.74
N SER E 77 43.08 -18.92 15.77
CA SER E 77 44.28 -18.23 16.19
C SER E 77 45.09 -19.13 17.13
N PRO E 78 46.44 -19.17 17.02
CA PRO E 78 47.28 -19.96 17.91
C PRO E 78 46.86 -19.94 19.38
N GLN E 79 46.53 -18.75 19.89
CA GLN E 79 46.07 -18.58 21.26
C GLN E 79 44.86 -19.47 21.54
N ASP E 80 43.98 -19.64 20.54
CA ASP E 80 42.80 -20.48 20.68
C ASP E 80 43.18 -21.96 20.58
N ILE E 81 44.05 -22.30 19.61
CA ILE E 81 44.50 -23.68 19.43
C ILE E 81 45.04 -24.22 20.75
N ILE E 82 45.71 -23.35 21.52
CA ILE E 82 46.31 -23.73 22.80
C ILE E 82 45.22 -23.81 23.87
N LYS E 83 44.35 -22.79 23.90
CA LYS E 83 43.25 -22.70 24.84
C LYS E 83 42.38 -23.97 24.75
N ASN E 84 42.10 -24.41 23.52
CA ASN E 84 41.22 -25.54 23.28
C ASN E 84 41.93 -26.85 23.64
N ALA E 85 43.27 -26.85 23.61
CA ALA E 85 44.06 -28.02 23.95
C ALA E 85 44.18 -28.19 25.46
N ALA E 86 43.77 -27.16 26.22
CA ALA E 86 43.85 -27.18 27.68
C ALA E 86 42.90 -28.25 28.24
N SER E 87 41.77 -28.46 27.56
CA SER E 87 40.80 -29.47 27.93
C SER E 87 41.47 -30.83 28.12
N PHE E 88 42.36 -31.20 27.21
CA PHE E 88 42.99 -32.51 27.19
C PHE E 88 44.16 -32.56 28.16
N GLY E 89 44.58 -31.40 28.67
CA GLY E 89 45.70 -31.31 29.60
C GLY E 89 47.03 -31.20 28.88
N TRP E 90 47.05 -30.41 27.80
CA TRP E 90 48.21 -30.25 26.94
C TRP E 90 48.71 -28.81 27.02
N ASP E 91 49.91 -28.63 27.59
CA ASP E 91 50.54 -27.32 27.65
C ASP E 91 51.33 -27.10 26.37
N LEU E 92 50.69 -26.43 25.40
CA LEU E 92 51.27 -26.22 24.08
C LEU E 92 52.21 -25.01 24.11
N GLN E 93 51.83 -23.98 24.89
CA GLN E 93 52.65 -22.78 25.05
C GLN E 93 54.07 -23.17 25.47
N LYS E 94 54.17 -24.18 26.35
CA LYS E 94 55.45 -24.71 26.79
C LYS E 94 56.24 -25.24 25.60
N LEU E 95 55.58 -26.05 24.76
CA LEU E 95 56.21 -26.67 23.60
C LEU E 95 56.54 -25.60 22.56
N VAL E 96 55.71 -24.56 22.48
CA VAL E 96 55.95 -23.43 21.59
C VAL E 96 57.18 -22.66 22.07
N ASP E 97 57.22 -22.37 23.38
CA ASP E 97 58.31 -21.62 23.97
C ASP E 97 59.60 -22.43 23.92
N GLU E 98 59.49 -23.74 24.18
CA GLU E 98 60.63 -24.65 24.12
C GLU E 98 61.14 -24.77 22.70
N GLY E 99 60.25 -24.55 21.71
CA GLY E 99 60.59 -24.61 20.31
C GLY E 99 60.33 -25.99 19.72
N LYS E 100 59.61 -26.84 20.47
CA LYS E 100 59.27 -28.17 20.03
C LYS E 100 58.05 -28.11 19.10
N LEU E 101 57.24 -27.05 19.24
CA LEU E 101 56.06 -26.85 18.40
C LEU E 101 56.07 -25.44 17.82
N PHE E 102 55.27 -25.24 16.77
CA PHE E 102 55.11 -23.94 16.13
C PHE E 102 53.76 -23.87 15.43
N ILE E 103 53.04 -22.76 15.64
CA ILE E 103 51.72 -22.56 15.06
C ILE E 103 51.81 -21.46 14.01
N LEU E 104 51.77 -21.84 12.74
CA LEU E 104 51.78 -20.89 11.63
C LEU E 104 50.34 -20.42 11.37
N ASP E 105 50.09 -19.13 11.66
CA ASP E 105 48.77 -18.56 11.52
C ASP E 105 48.63 -17.99 10.10
N ALA E 106 48.06 -18.79 9.20
CA ALA E 106 47.75 -18.35 7.84
C ALA E 106 46.30 -17.89 7.77
N SER E 107 45.80 -17.30 8.86
CA SER E 107 44.45 -16.76 8.91
C SER E 107 44.37 -15.51 8.03
N PRO E 108 43.22 -15.24 7.38
CA PRO E 108 43.08 -14.06 6.52
C PRO E 108 43.35 -12.75 7.26
N ASP E 109 43.75 -11.72 6.50
CA ASP E 109 44.04 -10.41 7.06
C ASP E 109 42.74 -9.75 7.51
N PRO E 110 42.78 -8.85 8.51
CA PRO E 110 41.58 -8.12 8.96
C PRO E 110 40.69 -7.62 7.82
N GLU E 111 41.32 -6.99 6.82
CA GLU E 111 40.61 -6.48 5.66
C GLU E 111 40.47 -7.60 4.62
N LEU E 121 48.95 -21.71 -3.93
CA LEU E 121 49.82 -22.02 -2.75
C LEU E 121 51.12 -21.22 -2.85
N SER E 122 52.20 -21.88 -3.29
CA SER E 122 53.50 -21.25 -3.50
C SER E 122 53.99 -20.55 -2.24
N ALA E 123 53.42 -19.39 -1.94
CA ALA E 123 53.82 -18.56 -0.80
C ALA E 123 53.68 -19.34 0.50
N LEU E 124 52.58 -20.10 0.64
CA LEU E 124 52.29 -20.86 1.85
C LEU E 124 53.31 -21.98 2.02
N ILE E 125 53.66 -22.63 0.90
CA ILE E 125 54.53 -23.81 0.94
C ILE E 125 55.95 -23.38 1.32
N GLU E 126 56.35 -22.18 0.87
CA GLU E 126 57.67 -21.64 1.16
C GLU E 126 57.81 -21.38 2.66
N ARG E 127 56.78 -20.77 3.26
CA ARG E 127 56.78 -20.42 4.67
C ARG E 127 56.81 -21.69 5.52
N ILE E 128 56.12 -22.74 5.04
CA ILE E 128 56.04 -24.02 5.75
C ILE E 128 57.41 -24.69 5.76
N ASN E 129 58.10 -24.64 4.61
CA ASN E 129 59.43 -25.21 4.47
C ASN E 129 60.38 -24.59 5.48
N TYR E 130 60.25 -23.27 5.69
CA TYR E 130 61.04 -22.53 6.65
C TYR E 130 60.85 -23.14 8.04
N ALA E 131 59.58 -23.28 8.45
CA ALA E 131 59.23 -23.79 9.77
C ALA E 131 59.75 -25.22 9.95
N ILE E 132 59.66 -26.03 8.88
CA ILE E 132 60.10 -27.41 8.92
C ILE E 132 61.58 -27.49 9.28
N ARG E 133 62.38 -26.56 8.74
CA ARG E 133 63.81 -26.54 8.96
C ARG E 133 64.15 -25.72 10.20
N LYS E 134 63.37 -24.67 10.48
CA LYS E 134 63.60 -23.80 11.62
C LYS E 134 63.37 -24.56 12.92
N TYR E 135 62.41 -25.49 12.93
CA TYR E 135 62.08 -26.25 14.13
C TYR E 135 62.47 -27.72 13.95
N LYS E 136 63.09 -28.06 12.81
CA LYS E 136 63.54 -29.42 12.53
C LYS E 136 62.38 -30.39 12.76
N ALA E 137 61.25 -30.13 12.07
CA ALA E 137 60.01 -30.84 12.32
C ALA E 137 60.04 -32.21 11.66
N LYS E 138 59.44 -33.20 12.34
CA LYS E 138 59.24 -34.54 11.81
C LYS E 138 57.77 -34.72 11.40
N ARG E 139 56.87 -33.97 12.06
CA ARG E 139 55.43 -34.07 11.83
C ARG E 139 54.89 -32.70 11.46
N VAL E 140 53.83 -32.67 10.65
CA VAL E 140 53.22 -31.44 10.18
C VAL E 140 51.71 -31.64 10.15
N ALA E 141 50.95 -30.55 10.37
CA ALA E 141 49.50 -30.58 10.36
C ALA E 141 48.96 -29.37 9.60
N ILE E 142 47.94 -29.61 8.77
CA ILE E 142 47.25 -28.57 8.03
C ILE E 142 45.76 -28.66 8.37
N ASP E 143 45.15 -27.53 8.73
CA ASP E 143 43.79 -27.55 9.26
C ASP E 143 43.14 -26.17 9.11
N SER E 144 42.10 -26.05 8.28
CA SER E 144 41.66 -27.08 7.34
C SER E 144 41.95 -26.59 5.92
N VAL E 145 42.46 -27.49 5.07
CA VAL E 145 42.90 -27.12 3.73
C VAL E 145 41.70 -26.66 2.91
N THR E 146 40.52 -27.21 3.22
CA THR E 146 39.29 -26.85 2.53
C THR E 146 39.09 -25.34 2.55
N ALA E 147 39.42 -24.70 3.68
CA ALA E 147 39.16 -23.29 3.90
C ALA E 147 39.93 -22.41 2.91
N VAL E 148 41.21 -22.74 2.68
CA VAL E 148 42.06 -21.93 1.81
C VAL E 148 41.46 -21.89 0.40
N PHE E 149 40.70 -22.94 0.05
CA PHE E 149 40.09 -23.08 -1.26
C PHE E 149 38.74 -22.36 -1.31
N GLN E 150 38.15 -22.08 -0.15
CA GLN E 150 36.84 -21.43 -0.08
C GLN E 150 36.98 -19.93 -0.36
N GLN E 151 37.95 -19.56 -1.22
CA GLN E 151 38.07 -18.20 -1.74
C GLN E 151 37.44 -18.15 -3.13
N TYR E 152 37.95 -19.00 -4.03
CA TYR E 152 37.41 -19.10 -5.38
C TYR E 152 37.97 -20.36 -6.06
N ASP E 153 37.88 -21.49 -5.37
CA ASP E 153 38.39 -22.76 -5.87
C ASP E 153 37.36 -23.37 -6.83
N ALA E 154 37.76 -24.46 -7.49
CA ALA E 154 36.95 -25.09 -8.53
C ALA E 154 37.49 -26.48 -8.85
N ALA E 155 37.25 -27.43 -7.95
CA ALA E 155 37.52 -28.84 -8.14
C ALA E 155 38.89 -29.09 -8.77
N SER E 156 39.00 -28.82 -10.09
CA SER E 156 40.25 -28.98 -10.81
C SER E 156 41.35 -28.12 -10.19
N VAL E 157 40.96 -26.94 -9.71
CA VAL E 157 41.86 -26.05 -8.99
C VAL E 157 42.29 -26.71 -7.69
N VAL E 158 41.33 -27.31 -6.97
CA VAL E 158 41.58 -27.94 -5.69
C VAL E 158 42.62 -29.05 -5.88
N ARG E 159 42.34 -29.97 -6.81
CA ARG E 159 43.20 -31.11 -7.08
C ARG E 159 44.62 -30.64 -7.42
N ARG E 160 44.72 -29.70 -8.36
CA ARG E 160 46.01 -29.22 -8.83
C ARG E 160 46.83 -28.67 -7.67
N GLU E 161 46.19 -27.85 -6.83
CA GLU E 161 46.87 -27.14 -5.75
C GLU E 161 47.15 -28.07 -4.57
N ILE E 162 46.21 -28.97 -4.26
CA ILE E 162 46.42 -29.94 -3.20
C ILE E 162 47.58 -30.87 -3.59
N PHE E 163 47.62 -31.28 -4.86
CA PHE E 163 48.68 -32.13 -5.37
C PHE E 163 50.04 -31.49 -5.11
N ARG E 164 50.15 -30.18 -5.37
CA ARG E 164 51.40 -29.45 -5.22
C ARG E 164 51.83 -29.44 -3.75
N LEU E 165 50.85 -29.35 -2.84
CA LEU E 165 51.12 -29.26 -1.42
C LEU E 165 51.62 -30.60 -0.88
N VAL E 166 50.92 -31.69 -1.26
CA VAL E 166 51.28 -33.03 -0.80
C VAL E 166 52.65 -33.41 -1.36
N ALA E 167 52.86 -33.13 -2.65
CA ALA E 167 54.10 -33.49 -3.33
C ALA E 167 55.29 -32.79 -2.67
N ARG E 168 55.18 -31.47 -2.50
CA ARG E 168 56.24 -30.66 -1.92
C ARG E 168 56.54 -31.13 -0.50
N LEU E 169 55.49 -31.39 0.27
CA LEU E 169 55.62 -31.86 1.65
C LEU E 169 56.29 -33.23 1.66
N LYS E 170 55.94 -34.08 0.67
CA LYS E 170 56.56 -35.38 0.52
C LYS E 170 58.03 -35.22 0.18
N GLN E 171 58.34 -34.25 -0.69
CA GLN E 171 59.70 -33.91 -1.04
C GLN E 171 60.47 -33.49 0.20
N ILE E 172 59.84 -32.65 1.04
CA ILE E 172 60.41 -32.23 2.30
C ILE E 172 60.61 -33.45 3.21
N GLY E 173 59.65 -34.37 3.16
CA GLY E 173 59.75 -35.64 3.86
C GLY E 173 59.16 -35.58 5.27
N VAL E 174 58.09 -34.80 5.43
CA VAL E 174 57.39 -34.67 6.70
C VAL E 174 56.08 -35.45 6.63
N THR E 175 55.77 -36.18 7.71
CA THR E 175 54.53 -36.91 7.84
C THR E 175 53.42 -35.91 8.15
N THR E 176 52.56 -35.66 7.15
CA THR E 176 51.57 -34.59 7.24
C THR E 176 50.20 -35.18 7.57
N VAL E 177 49.40 -34.40 8.31
CA VAL E 177 47.99 -34.67 8.52
C VAL E 177 47.22 -33.43 8.06
N MET E 178 46.31 -33.61 7.10
CA MET E 178 45.58 -32.50 6.52
C MET E 178 44.09 -32.71 6.74
N THR E 179 43.49 -31.78 7.48
CA THR E 179 42.08 -31.83 7.85
C THR E 179 41.22 -31.38 6.68
N THR E 180 40.10 -32.08 6.46
CA THR E 180 39.18 -31.76 5.37
C THR E 180 37.74 -31.86 5.89
N GLU E 181 36.84 -31.09 5.27
CA GLU E 181 35.47 -30.94 5.75
C GLU E 181 34.52 -31.70 4.84
N ARG E 182 33.58 -32.43 5.48
CA ARG E 182 32.47 -33.07 4.78
C ARG E 182 31.18 -32.50 5.33
N ILE E 183 30.05 -32.85 4.69
CA ILE E 183 28.75 -32.41 5.15
C ILE E 183 27.92 -33.64 5.54
N GLU E 184 27.97 -34.70 4.73
CA GLU E 184 27.24 -35.93 5.01
C GLU E 184 28.16 -36.90 5.75
N GLU E 185 27.54 -37.76 6.56
CA GLU E 185 28.29 -38.74 7.35
C GLU E 185 28.61 -39.94 6.46
N TYR E 186 27.55 -40.54 5.92
CA TYR E 186 27.68 -41.63 4.96
C TYR E 186 27.43 -41.09 3.56
N GLY E 187 28.31 -40.18 3.12
CA GLY E 187 28.25 -39.60 1.79
C GLY E 187 29.65 -39.38 1.23
N PRO E 188 29.89 -38.35 0.37
CA PRO E 188 31.23 -38.06 -0.13
C PRO E 188 32.24 -37.91 1.01
N ILE E 189 33.45 -38.44 0.77
CA ILE E 189 34.51 -38.51 1.77
C ILE E 189 35.02 -37.10 2.07
N ALA E 190 34.99 -36.23 1.05
CA ALA E 190 35.40 -34.85 1.20
C ALA E 190 34.31 -33.94 0.61
N ARG E 191 34.69 -32.72 0.21
CA ARG E 191 33.73 -31.74 -0.29
C ARG E 191 33.74 -31.72 -1.81
N TYR E 192 34.93 -31.51 -2.39
CA TYR E 192 35.07 -31.29 -3.81
C TYR E 192 35.14 -32.61 -4.57
N GLY E 193 35.25 -33.72 -3.82
CA GLY E 193 35.25 -35.05 -4.40
C GLY E 193 36.52 -35.36 -5.17
N VAL E 194 37.63 -34.72 -4.77
CA VAL E 194 38.88 -34.84 -5.49
C VAL E 194 40.04 -35.03 -4.51
N GLU E 195 39.79 -34.86 -3.20
CA GLU E 195 40.85 -34.84 -2.20
C GLU E 195 41.26 -36.27 -1.82
N GLU E 196 40.35 -37.23 -2.01
CA GLU E 196 40.59 -38.60 -1.60
C GLU E 196 41.65 -39.24 -2.50
N PHE E 197 41.65 -38.82 -3.77
CA PHE E 197 42.40 -39.48 -4.82
C PHE E 197 43.82 -38.93 -4.90
N VAL E 198 44.02 -37.71 -4.34
CA VAL E 198 45.33 -37.07 -4.32
C VAL E 198 46.14 -37.61 -3.14
N SER E 199 45.53 -37.59 -1.95
CA SER E 199 46.19 -38.06 -0.74
C SER E 199 46.44 -39.57 -0.83
N ASP E 200 47.56 -40.00 -0.24
CA ASP E 200 47.94 -41.40 -0.24
C ASP E 200 47.15 -42.15 0.81
N ASN E 201 46.83 -41.46 1.92
CA ASN E 201 46.17 -42.06 3.06
C ASN E 201 44.89 -41.27 3.37
N VAL E 202 43.81 -41.99 3.68
CA VAL E 202 42.51 -41.39 3.94
C VAL E 202 41.94 -41.99 5.22
N VAL E 203 41.62 -41.11 6.18
CA VAL E 203 40.93 -41.47 7.41
C VAL E 203 39.65 -40.66 7.49
N ILE E 204 38.56 -41.31 7.92
CA ILE E 204 37.26 -40.68 7.97
C ILE E 204 36.73 -40.76 9.40
N LEU E 205 36.55 -39.59 10.04
CA LEU E 205 35.89 -39.49 11.33
C LEU E 205 34.40 -39.21 11.09
N ARG E 206 33.54 -39.91 11.83
CA ARG E 206 32.10 -39.79 11.69
C ARG E 206 31.45 -39.60 13.05
N ASN E 207 30.53 -38.63 13.12
CA ASN E 207 29.72 -38.41 14.31
C ASN E 207 28.26 -38.66 13.92
N VAL E 208 27.90 -39.93 13.80
CA VAL E 208 26.64 -40.33 13.19
C VAL E 208 25.54 -40.20 14.23
N LEU E 209 24.36 -39.75 13.78
CA LEU E 209 23.17 -39.68 14.62
C LEU E 209 22.17 -40.73 14.16
N GLU E 210 22.03 -41.80 14.96
CA GLU E 210 20.96 -42.78 14.79
C GLU E 210 20.08 -42.74 16.03
N GLY E 211 18.78 -42.46 15.84
CA GLY E 211 17.88 -42.16 16.94
C GLY E 211 18.06 -40.72 17.41
N GLU E 212 18.26 -40.54 18.71
CA GLU E 212 18.53 -39.23 19.28
C GLU E 212 19.95 -39.17 19.85
N ARG E 213 20.75 -40.21 19.58
CA ARG E 213 22.09 -40.33 20.15
C ARG E 213 23.14 -40.34 19.05
N ARG E 214 24.35 -39.91 19.40
CA ARG E 214 25.48 -39.84 18.48
C ARG E 214 26.47 -40.97 18.79
N ARG E 215 27.12 -41.47 17.75
CA ARG E 215 28.18 -42.46 17.87
C ARG E 215 29.38 -42.00 17.06
N ARG E 216 30.55 -41.93 17.71
CA ARG E 216 31.77 -41.49 17.07
C ARG E 216 32.51 -42.71 16.51
N THR E 217 32.74 -42.73 15.19
CA THR E 217 33.41 -43.84 14.55
C THR E 217 34.59 -43.32 13.72
N VAL E 218 35.67 -44.10 13.69
CA VAL E 218 36.85 -43.79 12.89
C VAL E 218 37.08 -44.94 11.91
N GLU E 219 37.41 -44.59 10.67
CA GLU E 219 37.71 -45.57 9.64
C GLU E 219 38.99 -45.15 8.92
N ILE E 220 39.81 -46.14 8.57
CA ILE E 220 40.93 -45.96 7.67
C ILE E 220 40.53 -46.54 6.32
N LEU E 221 40.24 -45.65 5.36
CA LEU E 221 39.73 -46.07 4.06
C LEU E 221 40.87 -46.62 3.22
N LYS E 222 42.05 -45.98 3.32
CA LYS E 222 43.15 -46.26 2.42
C LYS E 222 44.48 -45.96 3.10
N LEU E 223 45.40 -46.92 3.02
CA LEU E 223 46.82 -46.72 3.31
C LEU E 223 47.63 -47.28 2.15
N ARG E 224 48.00 -46.40 1.20
CA ARG E 224 48.74 -46.84 0.02
C ARG E 224 50.06 -47.48 0.43
N GLY E 225 50.30 -48.70 -0.09
CA GLY E 225 51.57 -49.38 0.07
C GLY E 225 51.67 -50.17 1.37
N THR E 226 50.56 -50.28 2.11
CA THR E 226 50.55 -50.93 3.42
C THR E 226 49.17 -51.49 3.74
N THR E 227 49.07 -52.15 4.89
CA THR E 227 47.86 -52.79 5.35
C THR E 227 47.20 -51.94 6.43
N HIS E 228 45.92 -52.24 6.69
CA HIS E 228 45.17 -51.63 7.79
C HIS E 228 43.94 -52.49 8.09
N MET E 229 43.30 -52.18 9.23
CA MET E 229 42.02 -52.79 9.58
C MET E 229 40.91 -52.04 8.87
N LYS E 230 40.03 -52.78 8.18
CA LYS E 230 39.02 -52.18 7.32
C LYS E 230 37.72 -51.99 8.12
N GLY E 231 36.98 -50.94 7.77
CA GLY E 231 35.68 -50.66 8.36
C GLY E 231 35.76 -49.56 9.41
N GLU E 232 34.61 -49.26 10.04
CA GLU E 232 34.53 -48.26 11.08
C GLU E 232 34.85 -48.91 12.43
N TYR E 233 35.38 -48.10 13.35
CA TYR E 233 35.62 -48.53 14.72
C TYR E 233 35.22 -47.38 15.65
N PRO E 234 34.48 -47.66 16.75
CA PRO E 234 34.02 -46.61 17.64
C PRO E 234 35.16 -45.99 18.43
N PHE E 235 35.12 -44.66 18.61
CA PHE E 235 36.10 -43.97 19.43
C PHE E 235 35.35 -43.03 20.38
N THR E 236 36.08 -42.46 21.34
CA THR E 236 35.52 -41.59 22.35
C THR E 236 36.51 -40.48 22.66
N ILE E 237 36.08 -39.22 22.44
CA ILE E 237 36.88 -38.08 22.83
C ILE E 237 36.70 -37.88 24.33
N THR E 238 37.82 -37.96 25.06
CA THR E 238 37.82 -37.83 26.51
C THR E 238 38.75 -36.67 26.89
N ASN E 239 38.99 -36.51 28.19
CA ASN E 239 39.96 -35.55 28.69
C ASN E 239 41.38 -36.04 28.41
N HIS E 240 41.50 -37.25 27.86
CA HIS E 240 42.78 -37.78 27.42
C HIS E 240 42.82 -37.91 25.89
N GLY E 241 42.01 -37.09 25.21
CA GLY E 241 42.02 -37.03 23.75
C GLY E 241 41.23 -38.18 23.12
N ILE E 242 41.65 -38.60 21.92
CA ILE E 242 40.99 -39.65 21.17
C ILE E 242 41.29 -40.99 21.84
N SER E 243 40.24 -41.79 22.06
CA SER E 243 40.36 -43.10 22.68
C SER E 243 39.61 -44.13 21.84
N ILE E 244 40.37 -44.92 21.06
CA ILE E 244 39.80 -45.93 20.19
C ILE E 244 40.01 -47.30 20.84
N PHE E 245 39.03 -48.18 20.66
CA PHE E 245 39.11 -49.54 21.16
C PHE E 245 38.73 -50.50 20.04
N PRO E 246 39.71 -51.03 19.26
CA PRO E 246 39.41 -51.94 18.16
C PRO E 246 38.98 -53.30 18.70
N LEU E 247 37.71 -53.66 18.43
CA LEU E 247 37.16 -54.93 18.87
C LEU E 247 37.76 -56.09 18.06
N GLY E 248 38.34 -55.75 16.89
CA GLY E 248 39.04 -56.72 16.07
C GLY E 248 40.43 -57.05 16.62
N ALA E 249 41.10 -56.04 17.19
CA ALA E 249 42.44 -56.21 17.75
C ALA E 249 42.40 -57.13 18.95
N MET E 250 41.28 -57.11 19.69
CA MET E 250 41.05 -58.05 20.78
C MET E 250 41.08 -59.46 20.21
N ARG E 251 42.10 -60.24 20.62
CA ARG E 251 42.32 -61.57 20.10
C ARG E 251 41.68 -62.60 21.04
N LEU E 252 41.31 -63.76 20.49
CA LEU E 252 40.72 -64.83 21.27
C LEU E 252 41.83 -65.60 21.97
N THR E 253 42.55 -64.91 22.85
CA THR E 253 43.76 -65.43 23.47
C THR E 253 43.77 -65.10 24.96
N GLN E 254 42.66 -65.41 25.63
CA GLN E 254 42.52 -65.22 27.08
C GLN E 254 42.82 -66.54 27.77
N ARG E 255 43.27 -66.44 29.04
CA ARG E 255 43.69 -67.60 29.81
C ARG E 255 42.48 -68.25 30.47
N SER E 256 42.69 -69.45 31.02
CA SER E 256 41.61 -70.23 31.63
C SER E 256 42.17 -71.08 32.77
N SER E 257 41.43 -71.12 33.89
CA SER E 257 41.80 -71.91 35.04
C SER E 257 40.61 -72.72 35.53
N ASN E 258 40.88 -73.65 36.45
CA ASN E 258 39.84 -74.43 37.11
C ASN E 258 39.61 -73.89 38.52
N VAL E 259 40.18 -72.71 38.81
CA VAL E 259 40.00 -72.06 40.10
C VAL E 259 38.52 -71.69 40.24
N ARG E 260 37.93 -72.02 41.40
CA ARG E 260 36.51 -71.84 41.64
C ARG E 260 36.28 -70.64 42.56
N VAL E 261 35.12 -70.00 42.41
CA VAL E 261 34.66 -68.96 43.32
C VAL E 261 33.20 -69.27 43.69
N SER E 262 32.78 -68.75 44.85
CA SER E 262 31.46 -69.07 45.39
C SER E 262 30.44 -68.04 44.90
N SER E 263 29.20 -68.52 44.71
CA SER E 263 28.09 -67.69 44.27
C SER E 263 27.47 -66.95 45.45
N GLY E 264 27.77 -67.42 46.67
CA GLY E 264 27.14 -66.91 47.88
C GLY E 264 25.97 -67.79 48.32
N VAL E 265 25.56 -68.71 47.43
CA VAL E 265 24.49 -69.66 47.72
C VAL E 265 25.10 -71.06 47.69
N PRO E 266 25.35 -71.69 48.85
CA PRO E 266 26.08 -72.96 48.90
C PRO E 266 25.45 -74.09 48.08
N ARG E 267 24.12 -74.13 48.02
CA ARG E 267 23.41 -75.14 47.26
C ARG E 267 23.68 -74.95 45.77
N LEU E 268 23.87 -73.69 45.34
CA LEU E 268 24.13 -73.37 43.94
C LEU E 268 25.56 -73.79 43.60
N ASP E 269 26.49 -73.54 44.53
CA ASP E 269 27.89 -73.90 44.34
C ASP E 269 28.00 -75.41 44.12
N GLU E 270 27.23 -76.19 44.87
CA GLU E 270 27.15 -77.63 44.67
C GLU E 270 26.59 -77.94 43.29
N MET E 271 25.52 -77.22 42.92
CA MET E 271 24.85 -77.39 41.63
C MET E 271 25.77 -77.02 40.48
N CYS E 272 26.80 -76.21 40.76
CA CYS E 272 27.76 -75.78 39.75
C CYS E 272 29.03 -76.64 39.78
N GLY E 273 29.04 -77.69 40.60
CA GLY E 273 30.14 -78.63 40.67
C GLY E 273 31.31 -78.11 41.48
N GLY E 274 31.00 -77.26 42.49
CA GLY E 274 32.01 -76.69 43.36
C GLY E 274 32.17 -75.17 43.18
N GLY E 275 31.08 -74.51 42.76
CA GLY E 275 31.07 -73.06 42.60
C GLY E 275 31.32 -72.63 41.16
N PHE E 276 31.24 -71.31 40.93
CA PHE E 276 31.56 -70.73 39.64
C PHE E 276 33.07 -70.81 39.42
N PHE E 277 33.49 -70.55 38.18
CA PHE E 277 34.90 -70.47 37.85
C PHE E 277 35.37 -69.02 37.96
N LYS E 278 36.60 -68.83 38.44
CA LYS E 278 37.20 -67.51 38.55
C LYS E 278 37.23 -66.85 37.17
N ASP E 279 37.77 -67.57 36.19
CA ASP E 279 37.88 -67.08 34.82
C ASP E 279 36.67 -67.60 34.03
N SER E 280 35.54 -66.91 34.15
CA SER E 280 34.32 -67.30 33.45
C SER E 280 33.36 -66.13 33.33
N ILE E 281 32.36 -66.31 32.44
CA ILE E 281 31.26 -65.38 32.28
C ILE E 281 29.97 -66.09 32.69
N ILE E 282 29.32 -65.59 33.74
CA ILE E 282 28.08 -66.16 34.25
C ILE E 282 26.92 -65.36 33.68
N LEU E 283 25.83 -66.05 33.31
CA LEU E 283 24.61 -65.40 32.84
C LEU E 283 23.43 -65.92 33.64
N ALA E 284 22.65 -64.99 34.20
CA ALA E 284 21.38 -65.31 34.84
C ALA E 284 20.23 -64.77 33.99
N THR E 285 19.59 -65.66 33.23
CA THR E 285 18.42 -65.33 32.43
C THR E 285 17.16 -65.65 33.22
N GLY E 286 16.07 -64.94 32.87
CA GLY E 286 14.76 -65.18 33.47
C GLY E 286 13.83 -63.99 33.28
N ALA E 287 12.54 -64.23 33.57
CA ALA E 287 11.52 -63.18 33.51
C ALA E 287 11.72 -62.19 34.66
N THR E 288 10.90 -61.15 34.67
CA THR E 288 11.01 -60.10 35.69
C THR E 288 10.61 -60.67 37.05
N GLY E 289 11.46 -60.44 38.04
CA GLY E 289 11.18 -60.81 39.42
C GLY E 289 11.53 -62.26 39.72
N THR E 290 12.24 -62.94 38.80
CA THR E 290 12.59 -64.34 38.97
C THR E 290 13.68 -64.47 40.02
N GLY E 291 14.57 -63.47 40.10
CA GLY E 291 15.52 -63.36 41.22
C GLY E 291 16.97 -63.30 40.75
N LYS E 292 17.26 -62.47 39.74
CA LYS E 292 18.60 -62.34 39.20
C LYS E 292 19.43 -61.42 40.08
N THR E 293 18.86 -60.26 40.42
CA THR E 293 19.56 -59.25 41.21
C THR E 293 19.94 -59.81 42.58
N LEU E 294 19.14 -60.77 43.08
CA LEU E 294 19.45 -61.46 44.31
C LEU E 294 20.71 -62.29 44.15
N LEU E 295 20.79 -63.06 43.06
CA LEU E 295 21.95 -63.89 42.78
C LEU E 295 23.19 -63.02 42.57
N VAL E 296 22.99 -61.84 41.97
CA VAL E 296 24.06 -60.86 41.78
C VAL E 296 24.49 -60.32 43.14
N SER E 297 23.52 -60.00 43.99
CA SER E 297 23.78 -59.43 45.31
C SER E 297 24.60 -60.39 46.16
N LYS E 298 24.32 -61.70 46.03
CA LYS E 298 24.99 -62.73 46.80
C LYS E 298 26.40 -62.99 46.23
N PHE E 299 26.53 -62.86 44.91
CA PHE E 299 27.80 -63.08 44.21
C PHE E 299 28.82 -62.00 44.60
N LEU E 300 28.34 -60.77 44.80
CA LEU E 300 29.18 -59.65 45.18
C LEU E 300 29.45 -59.67 46.67
N GLU E 301 28.46 -60.10 47.45
CA GLU E 301 28.58 -60.25 48.89
C GLU E 301 29.73 -61.18 49.23
N ASN E 302 29.78 -62.33 48.55
CA ASN E 302 30.78 -63.35 48.77
C ASN E 302 32.18 -62.77 48.62
N ALA E 303 32.37 -61.95 47.58
CA ALA E 303 33.66 -61.35 47.28
C ALA E 303 34.13 -60.47 48.45
N CYS E 304 33.22 -59.60 48.93
CA CYS E 304 33.52 -58.67 50.01
C CYS E 304 33.74 -59.42 51.33
N ARG E 305 33.07 -60.56 51.48
CA ARG E 305 33.23 -61.41 52.66
C ARG E 305 34.58 -62.12 52.61
N ASN E 306 35.10 -62.34 51.40
CA ASN E 306 36.41 -62.96 51.21
C ASN E 306 37.47 -61.88 51.02
N LYS E 307 37.15 -60.63 51.38
CA LYS E 307 38.08 -59.52 51.35
C LYS E 307 38.56 -59.25 49.93
N GLU E 308 37.67 -59.48 48.95
CA GLU E 308 37.96 -59.21 47.54
C GLU E 308 37.19 -57.96 47.13
N ARG E 309 37.57 -57.40 45.98
CA ARG E 309 36.95 -56.19 45.46
C ARG E 309 35.99 -56.55 44.32
N ALA E 310 34.89 -55.80 44.22
CA ALA E 310 33.88 -56.04 43.19
C ALA E 310 33.16 -54.73 42.87
N ILE E 311 32.61 -54.65 41.65
CA ILE E 311 31.83 -53.50 41.21
C ILE E 311 30.49 -54.00 40.69
N LEU E 312 29.43 -53.23 40.97
CA LEU E 312 28.12 -53.46 40.37
C LEU E 312 27.80 -52.30 39.43
N PHE E 313 27.78 -52.61 38.13
CA PHE E 313 27.31 -51.67 37.12
C PHE E 313 25.81 -51.86 36.96
N ALA E 314 25.02 -50.99 37.62
CA ALA E 314 23.59 -51.09 37.63
C ALA E 314 23.00 -50.11 36.61
N TYR E 315 21.97 -50.56 35.88
CA TYR E 315 21.33 -49.76 34.86
C TYR E 315 19.81 -49.76 34.99
N GLU E 316 19.29 -50.44 36.02
CA GLU E 316 17.85 -50.60 36.20
C GLU E 316 17.41 -49.93 37.50
N GLU E 317 18.12 -50.22 38.60
CA GLU E 317 17.77 -49.73 39.92
C GLU E 317 18.83 -48.77 40.43
N SER E 318 18.41 -47.85 41.31
CA SER E 318 19.31 -46.91 41.96
C SER E 318 20.00 -47.57 43.15
N ARG E 319 20.98 -46.87 43.72
CA ARG E 319 21.74 -47.38 44.85
C ARG E 319 20.83 -47.52 46.06
N ALA E 320 19.96 -46.52 46.26
CA ALA E 320 19.04 -46.48 47.38
C ALA E 320 18.19 -47.75 47.43
N GLN E 321 17.60 -48.11 46.28
CA GLN E 321 16.68 -49.23 46.20
C GLN E 321 17.47 -50.54 46.28
N LEU E 322 18.57 -50.61 45.53
CA LEU E 322 19.45 -51.78 45.55
C LEU E 322 19.87 -52.11 46.98
N LEU E 323 20.06 -51.07 47.80
CA LEU E 323 20.41 -51.24 49.20
C LEU E 323 19.20 -51.69 50.01
N ARG E 324 18.08 -50.98 49.88
CA ARG E 324 16.87 -51.30 50.61
C ARG E 324 16.47 -52.76 50.33
N ASN E 325 16.46 -53.13 49.04
CA ASN E 325 16.02 -54.44 48.61
C ASN E 325 17.00 -55.51 49.08
N ALA E 326 18.27 -55.14 49.26
CA ALA E 326 19.30 -56.06 49.72
C ALA E 326 19.19 -56.31 51.21
N THR E 327 18.89 -55.26 51.98
CA THR E 327 18.76 -55.38 53.44
C THR E 327 17.54 -56.22 53.80
N SER E 328 16.56 -56.27 52.90
CA SER E 328 15.40 -57.16 53.05
C SER E 328 15.79 -58.61 52.77
N TRP E 329 16.95 -58.81 52.14
CA TRP E 329 17.49 -60.13 51.86
C TRP E 329 18.57 -60.52 52.88
N GLY E 330 19.08 -59.53 53.63
CA GLY E 330 20.09 -59.77 54.65
C GLY E 330 21.50 -59.45 54.15
N ILE E 331 21.59 -58.68 53.05
CA ILE E 331 22.86 -58.25 52.49
C ILE E 331 23.03 -56.76 52.76
N ASP E 332 24.19 -56.38 53.32
CA ASP E 332 24.49 -55.01 53.67
C ASP E 332 25.58 -54.48 52.74
N PHE E 333 25.17 -53.80 51.67
CA PHE E 333 26.11 -53.23 50.71
C PHE E 333 26.84 -52.03 51.29
N GLU E 334 26.19 -51.33 52.25
CA GLU E 334 26.74 -50.11 52.81
C GLU E 334 28.09 -50.41 53.45
N GLU E 335 28.12 -51.42 54.33
CA GLU E 335 29.34 -51.82 55.02
C GLU E 335 30.42 -52.21 54.02
N MET E 336 30.00 -52.92 52.95
CA MET E 336 30.92 -53.37 51.91
C MET E 336 31.55 -52.17 51.21
N GLU E 337 30.75 -51.10 51.02
CA GLU E 337 31.22 -49.90 50.35
C GLU E 337 32.19 -49.13 51.25
N ARG E 338 31.84 -48.98 52.53
CA ARG E 338 32.64 -48.22 53.47
C ARG E 338 33.99 -48.90 53.68
N ASP E 339 33.99 -50.24 53.71
CA ASP E 339 35.23 -51.01 53.82
C ASP E 339 36.08 -50.83 52.57
N GLY E 340 35.45 -50.46 51.45
CA GLY E 340 36.16 -50.13 50.22
C GLY E 340 36.38 -51.37 49.36
N LEU E 341 35.42 -52.30 49.40
CA LEU E 341 35.49 -53.55 48.67
C LEU E 341 34.41 -53.61 47.59
N LEU E 342 33.33 -52.83 47.76
CA LEU E 342 32.21 -52.85 46.84
C LEU E 342 32.01 -51.44 46.28
N LYS E 343 31.70 -51.36 44.98
CA LYS E 343 31.41 -50.10 44.32
C LYS E 343 30.16 -50.27 43.47
N ILE E 344 29.20 -49.35 43.64
CA ILE E 344 27.96 -49.36 42.88
C ILE E 344 27.98 -48.16 41.93
N ILE E 345 28.07 -48.45 40.62
CA ILE E 345 28.02 -47.41 39.60
C ILE E 345 26.65 -47.48 38.93
N CYS E 346 25.78 -46.52 39.27
CA CYS E 346 24.43 -46.48 38.74
C CYS E 346 24.36 -45.47 37.59
N ALA E 347 23.63 -45.84 36.53
CA ALA E 347 23.47 -44.98 35.36
C ALA E 347 22.38 -45.53 34.45
N TYR E 348 21.58 -44.65 33.86
CA TYR E 348 20.57 -45.05 32.89
C TYR E 348 21.26 -45.52 31.61
N PRO E 349 20.75 -46.57 30.93
CA PRO E 349 21.31 -47.01 29.65
C PRO E 349 21.24 -45.97 28.52
N GLU E 350 20.51 -44.88 28.75
CA GLU E 350 20.33 -43.84 27.74
C GLU E 350 21.20 -42.62 28.05
N SER E 351 21.84 -42.59 29.22
CA SER E 351 22.66 -41.45 29.62
C SER E 351 23.77 -41.21 28.62
N THR E 352 24.38 -42.31 28.15
CA THR E 352 25.48 -42.25 27.19
C THR E 352 25.27 -43.32 26.12
N GLY E 353 26.20 -43.39 25.16
CA GLY E 353 26.25 -44.48 24.20
C GLY E 353 27.00 -45.67 24.76
N LEU E 354 26.83 -46.84 24.13
CA LEU E 354 27.47 -48.07 24.57
C LEU E 354 28.98 -47.97 24.43
N GLU E 355 29.45 -47.28 23.40
CA GLU E 355 30.88 -47.03 23.21
C GLU E 355 31.43 -46.28 24.43
N ASP E 356 30.66 -45.33 24.95
CA ASP E 356 31.05 -44.57 26.13
C ASP E 356 30.91 -45.46 27.37
N HIS E 357 29.76 -46.13 27.50
CA HIS E 357 29.47 -47.00 28.62
C HIS E 357 30.63 -47.97 28.88
N LEU E 358 31.21 -48.51 27.80
CA LEU E 358 32.27 -49.50 27.91
C LEU E 358 33.53 -48.84 28.49
N GLN E 359 33.79 -47.60 28.07
CA GLN E 359 34.92 -46.83 28.56
C GLN E 359 34.75 -46.56 30.05
N ILE E 360 33.50 -46.30 30.48
CA ILE E 360 33.19 -46.07 31.88
C ILE E 360 33.55 -47.33 32.68
N ILE E 361 33.24 -48.49 32.12
CA ILE E 361 33.47 -49.77 32.77
C ILE E 361 34.98 -50.03 32.85
N LYS E 362 35.64 -50.04 31.69
CA LYS E 362 37.06 -50.37 31.62
C LYS E 362 37.87 -49.46 32.54
N SER E 363 37.50 -48.17 32.58
CA SER E 363 38.21 -47.19 33.39
C SER E 363 38.00 -47.46 34.88
N GLU E 364 36.76 -47.77 35.26
CA GLU E 364 36.41 -47.96 36.66
C GLU E 364 37.07 -49.24 37.19
N ILE E 365 37.26 -50.22 36.30
CA ILE E 365 37.97 -51.45 36.61
C ILE E 365 39.42 -51.12 36.92
N SER E 366 40.09 -50.43 35.97
CA SER E 366 41.50 -50.08 36.10
C SER E 366 41.78 -49.44 37.47
N GLU E 367 40.88 -48.55 37.91
CA GLU E 367 41.07 -47.81 39.15
C GLU E 367 40.91 -48.74 40.35
N PHE E 368 39.73 -49.36 40.46
CA PHE E 368 39.37 -50.14 41.64
C PHE E 368 40.13 -51.47 41.65
N LYS E 369 40.46 -51.97 40.46
CA LYS E 369 41.18 -53.23 40.29
C LYS E 369 40.38 -54.35 40.95
N PRO E 370 39.15 -54.67 40.46
CA PRO E 370 38.28 -55.65 41.10
C PRO E 370 38.64 -57.09 40.74
N SER E 371 38.08 -58.03 41.49
CA SER E 371 38.21 -59.45 41.19
C SER E 371 36.94 -59.98 40.54
N ARG E 372 35.78 -59.40 40.92
CA ARG E 372 34.50 -59.77 40.33
C ARG E 372 33.80 -58.53 39.79
N ILE E 373 32.94 -58.72 38.79
CA ILE E 373 32.18 -57.63 38.19
C ILE E 373 30.74 -58.11 38.00
N ALA E 374 29.79 -57.16 37.98
CA ALA E 374 28.39 -57.47 37.78
C ALA E 374 27.74 -56.42 36.90
N ILE E 375 27.08 -56.89 35.82
CA ILE E 375 26.36 -56.01 34.90
C ILE E 375 24.87 -56.35 34.99
N ASP E 376 24.11 -55.49 35.66
CA ASP E 376 22.69 -55.72 35.90
C ASP E 376 21.91 -54.53 35.36
N SER E 377 21.34 -54.64 34.14
CA SER E 377 21.29 -55.87 33.35
C SER E 377 21.80 -55.57 31.93
N LEU E 378 22.07 -56.64 31.17
CA LEU E 378 22.47 -56.53 29.78
C LEU E 378 21.26 -56.18 28.92
N SER E 379 20.08 -56.68 29.30
CA SER E 379 18.85 -56.41 28.56
C SER E 379 18.53 -54.92 28.58
N ALA E 380 18.93 -54.22 29.66
CA ALA E 380 18.73 -52.79 29.79
C ALA E 380 19.60 -52.04 28.78
N LEU E 381 20.85 -52.51 28.62
CA LEU E 381 21.81 -51.85 27.75
C LEU E 381 21.46 -52.10 26.27
N ALA E 382 20.58 -53.07 26.00
CA ALA E 382 20.15 -53.37 24.65
C ALA E 382 19.04 -52.42 24.20
N ARG E 383 18.41 -51.71 25.15
CA ARG E 383 17.34 -50.78 24.84
C ARG E 383 17.80 -49.73 23.83
N GLY E 384 17.13 -49.71 22.68
CA GLY E 384 17.30 -48.65 21.69
C GLY E 384 18.70 -48.63 21.08
N VAL E 385 19.28 -49.82 20.88
CA VAL E 385 20.57 -49.97 20.23
C VAL E 385 20.42 -50.97 19.09
N SER E 386 21.30 -50.86 18.09
CA SER E 386 21.40 -51.87 17.05
C SER E 386 21.94 -53.16 17.65
N ASN E 387 21.48 -54.29 17.12
CA ASN E 387 21.93 -55.60 17.58
C ASN E 387 23.44 -55.75 17.33
N ASN E 388 23.94 -55.06 16.30
CA ASN E 388 25.35 -55.03 15.99
C ASN E 388 26.14 -54.38 17.14
N ALA E 389 25.74 -53.16 17.51
CA ALA E 389 26.49 -52.39 18.50
C ALA E 389 26.40 -53.04 19.88
N PHE E 390 25.25 -53.65 20.18
CA PHE E 390 25.07 -54.35 21.44
C PHE E 390 25.99 -55.58 21.48
N ARG E 391 26.03 -56.32 20.38
CA ARG E 391 26.95 -57.45 20.24
C ARG E 391 28.37 -56.98 20.53
N GLN E 392 28.78 -55.91 19.83
CA GLN E 392 30.11 -55.35 19.96
C GLN E 392 30.40 -54.97 21.42
N PHE E 393 29.37 -54.48 22.13
CA PHE E 393 29.50 -54.15 23.54
C PHE E 393 29.73 -55.43 24.34
N VAL E 394 28.87 -56.44 24.13
CA VAL E 394 28.91 -57.67 24.91
C VAL E 394 30.25 -58.36 24.70
N ILE E 395 30.68 -58.49 23.43
CA ILE E 395 31.94 -59.14 23.10
C ILE E 395 33.08 -58.38 23.77
N GLY E 396 32.96 -57.05 23.82
CA GLY E 396 33.99 -56.19 24.39
C GLY E 396 34.15 -56.40 25.90
N VAL E 397 33.05 -56.28 26.65
CA VAL E 397 33.08 -56.36 28.11
C VAL E 397 33.45 -57.78 28.51
N THR E 398 32.81 -58.76 27.85
CA THR E 398 33.11 -60.17 28.05
C THR E 398 34.61 -60.42 27.88
N GLY E 399 35.14 -60.01 26.73
CA GLY E 399 36.53 -60.24 26.37
C GLY E 399 37.50 -59.55 27.33
N TYR E 400 37.20 -58.28 27.66
CA TYR E 400 38.05 -57.49 28.55
C TYR E 400 38.15 -58.17 29.91
N ALA E 401 37.02 -58.73 30.39
CA ALA E 401 36.97 -59.36 31.70
C ALA E 401 37.80 -60.66 31.70
N LYS E 402 37.73 -61.42 30.60
CA LYS E 402 38.42 -62.68 30.48
C LYS E 402 39.92 -62.47 30.36
N GLN E 403 40.33 -61.31 29.82
CA GLN E 403 41.75 -61.01 29.64
C GLN E 403 42.33 -60.41 30.93
N GLU E 404 41.47 -59.74 31.72
CA GLU E 404 41.90 -59.13 32.97
C GLU E 404 41.67 -60.06 34.16
N GLU E 405 41.22 -61.30 33.89
CA GLU E 405 41.07 -62.33 34.91
C GLU E 405 40.05 -61.88 35.97
N ILE E 406 38.93 -61.30 35.51
CA ILE E 406 37.86 -60.87 36.38
C ILE E 406 36.64 -61.76 36.14
N THR E 407 36.02 -62.22 37.23
CA THR E 407 34.81 -63.01 37.16
C THR E 407 33.62 -62.08 36.88
N GLY E 408 32.81 -62.44 35.88
CA GLY E 408 31.70 -61.59 35.44
C GLY E 408 30.35 -62.29 35.58
N PHE E 409 29.44 -61.66 36.33
CA PHE E 409 28.06 -62.10 36.43
C PHE E 409 27.19 -61.12 35.64
N PHE E 410 26.47 -61.63 34.64
CA PHE E 410 25.64 -60.79 33.78
C PHE E 410 24.18 -61.23 33.90
N THR E 411 23.28 -60.26 33.77
CA THR E 411 21.85 -60.47 33.97
C THR E 411 21.11 -60.17 32.67
N ASN E 412 20.04 -60.94 32.41
CA ASN E 412 19.19 -60.73 31.25
C ASN E 412 17.74 -60.98 31.65
N THR E 413 16.85 -60.06 31.27
CA THR E 413 15.42 -60.20 31.52
C THR E 413 14.73 -60.62 30.23
N SER E 414 14.02 -61.76 30.28
CA SER E 414 13.23 -62.24 29.16
C SER E 414 11.89 -61.50 29.13
N ASP E 415 11.41 -61.22 27.90
CA ASP E 415 10.19 -60.46 27.71
C ASP E 415 8.97 -61.31 28.04
N GLN E 416 9.10 -62.63 27.90
CA GLN E 416 8.03 -63.56 28.21
C GLN E 416 8.06 -63.95 29.68
N PHE E 417 6.87 -64.07 30.29
CA PHE E 417 6.73 -64.41 31.69
C PHE E 417 7.00 -65.90 31.91
N MET E 418 6.25 -66.72 31.17
CA MET E 418 6.39 -68.17 31.21
C MET E 418 6.43 -68.69 29.77
N GLY E 419 7.65 -68.75 29.22
CA GLY E 419 7.87 -69.26 27.87
C GLY E 419 9.36 -69.25 27.52
N SER E 420 10.17 -69.87 28.39
CA SER E 420 11.61 -69.91 28.25
C SER E 420 11.98 -70.50 26.89
N HIS E 421 12.12 -69.61 25.89
CA HIS E 421 12.34 -70.01 24.50
C HIS E 421 13.83 -69.89 24.18
N SER E 422 14.37 -68.68 24.29
CA SER E 422 15.74 -68.39 23.90
C SER E 422 16.39 -67.46 24.92
N ILE E 423 17.67 -67.14 24.67
CA ILE E 423 18.40 -66.18 25.50
C ILE E 423 18.33 -64.81 24.82
N THR E 424 17.09 -64.34 24.60
CA THR E 424 16.83 -63.11 23.86
C THR E 424 17.20 -63.31 22.39
N ASP E 425 17.03 -62.25 21.60
CA ASP E 425 17.47 -62.22 20.21
C ASP E 425 18.82 -61.49 20.14
N SER E 426 19.70 -61.79 21.09
CA SER E 426 21.01 -61.16 21.19
C SER E 426 22.12 -62.16 20.88
N HIS E 427 21.88 -63.44 21.21
CA HIS E 427 22.82 -64.52 20.92
C HIS E 427 24.12 -64.28 21.69
N ILE E 428 23.99 -64.19 23.02
CA ILE E 428 25.13 -63.99 23.90
C ILE E 428 25.35 -65.26 24.73
N SER E 429 24.84 -66.39 24.23
CA SER E 429 24.93 -67.67 24.93
C SER E 429 26.27 -68.33 24.63
N THR E 430 26.67 -68.32 23.35
CA THR E 430 27.99 -68.72 22.91
C THR E 430 29.08 -68.04 23.75
N ILE E 431 28.85 -66.77 24.10
CA ILE E 431 29.82 -66.00 24.86
C ILE E 431 29.94 -66.56 26.27
N THR E 432 28.80 -66.68 26.96
CA THR E 432 28.77 -67.04 28.38
C THR E 432 29.15 -68.51 28.55
N ASP E 433 29.87 -68.78 29.65
CA ASP E 433 30.38 -70.12 29.96
C ASP E 433 29.38 -70.85 30.85
N THR E 434 28.80 -70.12 31.81
CA THR E 434 27.78 -70.65 32.71
C THR E 434 26.46 -69.91 32.48
N ILE E 435 25.36 -70.67 32.39
CA ILE E 435 24.04 -70.09 32.25
C ILE E 435 23.15 -70.62 33.38
N ILE E 436 22.68 -69.71 34.23
CA ILE E 436 21.69 -69.99 35.26
C ILE E 436 20.33 -69.57 34.71
N LEU E 437 19.36 -70.48 34.74
CA LEU E 437 18.03 -70.21 34.21
C LEU E 437 17.02 -70.15 35.36
N LEU E 438 16.49 -68.95 35.60
CA LEU E 438 15.41 -68.73 36.54
C LEU E 438 14.10 -68.60 35.77
N GLN E 439 13.05 -69.26 36.26
CA GLN E 439 11.74 -69.19 35.62
C GLN E 439 10.63 -69.30 36.66
N TYR E 440 9.39 -69.04 36.20
CA TYR E 440 8.20 -69.23 37.00
C TYR E 440 7.56 -70.57 36.63
N VAL E 441 6.89 -71.20 37.59
CA VAL E 441 6.15 -72.43 37.37
C VAL E 441 4.81 -72.31 38.08
N GLU E 442 3.72 -72.60 37.37
CA GLU E 442 2.39 -72.56 37.95
C GLU E 442 2.11 -73.90 38.65
N ILE E 443 2.13 -73.89 39.99
CA ILE E 443 1.86 -75.09 40.76
C ILE E 443 0.67 -74.81 41.68
N ARG E 444 -0.47 -75.43 41.37
CA ARG E 444 -1.65 -75.42 42.21
C ARG E 444 -2.12 -73.98 42.45
N GLY E 445 -2.36 -73.27 41.34
CA GLY E 445 -2.89 -71.91 41.38
C GLY E 445 -1.94 -70.92 42.07
N GLU E 446 -0.63 -71.22 42.02
CA GLU E 446 0.38 -70.40 42.67
C GLU E 446 1.60 -70.30 41.76
N MET E 447 2.20 -69.11 41.74
CA MET E 447 3.36 -68.80 40.91
C MET E 447 4.63 -69.17 41.67
N SER E 448 5.11 -70.40 41.45
CA SER E 448 6.36 -70.86 42.03
C SER E 448 7.52 -70.49 41.12
N ARG E 449 8.75 -70.60 41.63
CA ARG E 449 9.96 -70.31 40.87
C ARG E 449 10.80 -71.58 40.76
N ALA E 450 11.77 -71.55 39.84
CA ALA E 450 12.68 -72.67 39.64
C ALA E 450 14.05 -72.14 39.24
N ILE E 451 15.09 -72.93 39.55
CA ILE E 451 16.47 -72.59 39.19
C ILE E 451 17.11 -73.80 38.51
N ASN E 452 17.93 -73.53 37.50
CA ASN E 452 18.54 -74.57 36.69
C ASN E 452 19.88 -74.08 36.17
N VAL E 453 20.95 -74.82 36.49
CA VAL E 453 22.25 -74.62 35.88
C VAL E 453 22.18 -75.23 34.47
N PHE E 454 21.79 -74.40 33.50
CA PHE E 454 21.52 -74.84 32.14
C PHE E 454 22.80 -75.34 31.49
N LYS E 455 23.90 -74.62 31.71
CA LYS E 455 25.19 -74.91 31.10
C LYS E 455 26.30 -74.57 32.09
N MET E 456 27.41 -75.31 32.01
CA MET E 456 28.57 -75.07 32.87
C MET E 456 29.81 -75.69 32.22
N ARG E 457 30.49 -74.89 31.39
CA ARG E 457 31.67 -75.35 30.67
C ARG E 457 32.78 -75.69 31.66
N GLY E 458 33.34 -76.89 31.52
CA GLY E 458 34.50 -77.31 32.28
C GLY E 458 34.14 -77.98 33.60
N SER E 459 32.83 -78.28 33.79
CA SER E 459 32.36 -78.81 35.07
C SER E 459 31.09 -79.63 34.86
N TRP E 460 30.88 -80.59 35.78
CA TRP E 460 29.57 -81.19 35.97
C TRP E 460 28.68 -80.17 36.68
N HIS E 461 27.39 -80.19 36.34
CA HIS E 461 26.41 -79.33 36.99
C HIS E 461 25.15 -80.15 37.24
N ASP E 462 24.44 -79.83 38.31
CA ASP E 462 23.17 -80.46 38.61
C ASP E 462 22.23 -80.21 37.43
N LYS E 463 21.62 -81.29 36.91
CA LYS E 463 20.80 -81.21 35.72
C LYS E 463 19.35 -80.92 36.11
N GLY E 464 19.10 -80.74 37.41
CA GLY E 464 17.75 -80.62 37.94
C GLY E 464 17.21 -79.20 37.83
N ILE E 465 15.89 -79.10 37.66
CA ILE E 465 15.17 -77.84 37.66
C ILE E 465 14.53 -77.68 39.04
N ARG E 466 15.30 -77.14 39.99
CA ARG E 466 14.95 -77.20 41.40
C ARG E 466 14.08 -76.00 41.78
N GLU E 467 13.18 -76.23 42.75
CA GLU E 467 12.32 -75.19 43.27
C GLU E 467 13.16 -74.14 43.99
N PHE E 468 12.74 -72.88 43.86
CA PHE E 468 13.52 -71.74 44.32
C PHE E 468 12.59 -70.79 45.09
N VAL E 469 12.96 -70.48 46.34
CA VAL E 469 12.18 -69.61 47.20
C VAL E 469 13.07 -68.44 47.62
N ILE E 470 12.48 -67.24 47.63
CA ILE E 470 13.16 -66.04 48.10
C ILE E 470 12.52 -65.63 49.42
N SER E 471 13.37 -65.36 50.42
CA SER E 471 12.94 -65.06 51.78
C SER E 471 13.72 -63.86 52.30
N ASP E 472 13.57 -63.56 53.59
CA ASP E 472 14.33 -62.50 54.24
C ASP E 472 15.77 -62.98 54.47
N LYS E 473 15.98 -64.30 54.43
CA LYS E 473 17.30 -64.88 54.55
C LYS E 473 17.94 -65.08 53.17
N GLY E 474 17.19 -64.73 52.11
CA GLY E 474 17.70 -64.78 50.75
C GLY E 474 17.21 -66.02 50.00
N PRO E 475 18.01 -66.58 49.07
CA PRO E 475 17.59 -67.72 48.26
C PRO E 475 17.64 -69.04 49.03
N GLU E 476 16.63 -69.89 48.79
CA GLU E 476 16.53 -71.18 49.47
C GLU E 476 16.12 -72.23 48.43
N ILE E 477 17.12 -72.88 47.82
CA ILE E 477 16.90 -73.81 46.73
C ILE E 477 16.44 -75.14 47.31
N LYS E 478 15.42 -75.73 46.68
CA LYS E 478 14.71 -76.88 47.21
C LYS E 478 14.93 -78.07 46.26
N ASP E 479 13.99 -79.02 46.25
CA ASP E 479 14.07 -80.20 45.40
C ASP E 479 13.54 -79.87 44.00
N SER E 480 13.60 -80.87 43.10
CA SER E 480 13.11 -80.73 41.74
C SER E 480 11.61 -81.01 41.69
N PHE E 481 10.98 -80.56 40.59
CA PHE E 481 9.57 -80.83 40.34
C PHE E 481 9.46 -82.16 39.61
N ARG E 482 9.65 -83.25 40.35
CA ARG E 482 9.77 -84.59 39.78
C ARG E 482 8.40 -85.11 39.36
N ASN E 483 7.37 -84.77 40.15
CA ASN E 483 6.03 -85.30 39.96
C ASN E 483 5.25 -84.46 38.96
N PHE E 484 5.95 -83.68 38.12
CA PHE E 484 5.31 -82.85 37.11
C PHE E 484 5.94 -83.08 35.73
N GLU E 485 5.22 -82.62 34.70
CA GLU E 485 5.69 -82.65 33.32
C GLU E 485 5.47 -81.28 32.68
N ARG E 486 6.21 -81.02 31.59
CA ARG E 486 6.14 -79.78 30.84
C ARG E 486 6.38 -78.59 31.78
N ILE E 487 7.54 -78.60 32.43
CA ILE E 487 7.89 -77.59 33.43
C ILE E 487 8.36 -76.32 32.74
N ILE E 488 9.07 -76.47 31.59
CA ILE E 488 9.69 -75.33 30.94
C ILE E 488 8.61 -74.46 30.29
N SER E 489 7.46 -75.06 29.99
CA SER E 489 6.30 -74.31 29.50
C SER E 489 5.97 -73.17 30.46
N GLY E 490 6.09 -73.44 31.76
CA GLY E 490 5.71 -72.50 32.80
C GLY E 490 4.39 -72.89 33.45
N SER E 491 3.59 -73.68 32.71
CA SER E 491 2.35 -74.25 33.22
C SER E 491 2.44 -75.77 33.15
N PRO E 492 3.02 -76.43 34.18
CA PRO E 492 3.23 -77.88 34.15
C PRO E 492 1.96 -78.68 34.43
N THR E 493 2.08 -80.01 34.34
CA THR E 493 1.00 -80.94 34.63
C THR E 493 1.51 -82.02 35.58
N ARG E 494 0.74 -82.29 36.64
CA ARG E 494 1.09 -83.30 37.61
C ARG E 494 0.94 -84.68 36.97
N ILE E 495 2.01 -85.49 37.08
CA ILE E 495 2.02 -86.85 36.58
C ILE E 495 2.26 -87.78 37.77
N THR E 496 1.44 -87.63 38.81
CA THR E 496 1.63 -88.35 40.06
C THR E 496 1.18 -89.80 39.90
N THR F 14 43.59 -20.40 30.18
CA THR F 14 43.76 -21.87 30.18
C THR F 14 42.43 -22.55 30.47
N ALA F 15 41.90 -23.27 29.47
CA ALA F 15 40.62 -23.97 29.56
C ALA F 15 39.48 -22.97 29.39
N VAL F 16 38.46 -23.38 28.63
CA VAL F 16 37.38 -22.49 28.23
C VAL F 16 36.31 -22.50 29.32
N GLN F 17 36.09 -21.34 29.94
CA GLN F 17 35.00 -21.13 30.87
C GLN F 17 33.73 -20.83 30.07
N LYS F 18 32.58 -20.83 30.75
CA LYS F 18 31.28 -20.75 30.10
C LYS F 18 30.38 -19.73 30.81
N LEU F 19 29.64 -18.96 30.01
CA LEU F 19 28.61 -18.06 30.53
C LEU F 19 27.31 -18.84 30.71
N PRO F 20 26.67 -18.76 31.90
CA PRO F 20 25.33 -19.34 32.08
C PRO F 20 24.29 -18.63 31.22
N THR F 21 23.49 -19.41 30.48
CA THR F 21 22.46 -18.87 29.62
C THR F 21 21.23 -18.50 30.46
N GLY F 22 20.93 -19.34 31.46
CA GLY F 22 19.73 -19.18 32.26
C GLY F 22 18.57 -20.01 31.73
N ILE F 23 18.72 -20.53 30.50
CA ILE F 23 17.72 -21.38 29.89
C ILE F 23 17.76 -22.73 30.61
N GLU F 24 16.60 -23.16 31.11
CA GLU F 24 16.49 -24.37 31.91
C GLU F 24 16.83 -25.58 31.04
N GLY F 25 18.03 -26.13 31.25
CA GLY F 25 18.46 -27.35 30.59
C GLY F 25 19.71 -27.15 29.74
N PHE F 26 19.81 -25.99 29.09
CA PHE F 26 20.91 -25.73 28.16
C PHE F 26 22.24 -25.76 28.90
N ASP F 27 22.27 -25.19 30.11
CA ASP F 27 23.48 -25.14 30.92
C ASP F 27 23.92 -26.55 31.29
N ASP F 28 22.94 -27.46 31.44
CA ASP F 28 23.20 -28.85 31.78
C ASP F 28 23.76 -29.59 30.57
N ILE F 29 23.13 -29.40 29.40
CA ILE F 29 23.53 -30.07 28.17
C ILE F 29 24.89 -29.54 27.72
N SER F 30 25.12 -28.23 27.90
CA SER F 30 26.34 -27.58 27.47
C SER F 30 27.45 -27.73 28.52
N HIS F 31 27.17 -28.46 29.60
CA HIS F 31 28.13 -28.67 30.67
C HIS F 31 28.67 -27.33 31.16
N GLY F 32 27.76 -26.44 31.55
CA GLY F 32 28.12 -25.12 32.08
C GLY F 32 27.31 -24.00 31.43
N GLY F 33 27.38 -23.91 30.10
CA GLY F 33 26.77 -22.81 29.36
C GLY F 33 27.49 -22.59 28.02
N LEU F 34 27.44 -21.34 27.54
CA LEU F 34 28.10 -20.98 26.30
C LEU F 34 29.52 -20.52 26.58
N PRO F 35 30.55 -21.11 25.93
CA PRO F 35 31.92 -20.61 26.01
C PRO F 35 32.03 -19.09 25.94
N ILE F 36 32.77 -18.51 26.89
CA ILE F 36 32.87 -17.07 27.04
C ILE F 36 33.87 -16.54 26.01
N GLY F 37 33.54 -15.42 25.37
CA GLY F 37 34.38 -14.81 24.37
C GLY F 37 34.11 -15.36 22.97
N ARG F 38 33.71 -16.64 22.91
CA ARG F 38 33.48 -17.33 21.65
C ARG F 38 32.05 -17.07 21.19
N SER F 39 31.81 -17.24 19.89
CA SER F 39 30.47 -17.15 19.31
C SER F 39 29.91 -18.56 19.13
N THR F 40 28.58 -18.67 19.19
CA THR F 40 27.89 -19.94 19.03
C THR F 40 26.88 -19.82 17.90
N LEU F 41 26.93 -20.77 16.96
CA LEU F 41 25.95 -20.85 15.88
C LEU F 41 24.72 -21.59 16.39
N VAL F 42 23.53 -21.02 16.15
CA VAL F 42 22.28 -21.66 16.50
C VAL F 42 21.43 -21.76 15.24
N SER F 43 21.67 -22.82 14.46
CA SER F 43 21.00 -23.03 13.19
C SER F 43 19.71 -23.81 13.40
N GLY F 44 18.77 -23.64 12.46
CA GLY F 44 17.49 -24.33 12.51
C GLY F 44 16.59 -23.91 11.36
N THR F 45 15.56 -24.72 11.09
CA THR F 45 14.54 -24.39 10.11
C THR F 45 13.62 -23.30 10.69
N SER F 46 12.67 -22.83 9.87
CA SER F 46 11.75 -21.81 10.29
C SER F 46 10.83 -22.34 11.39
N GLY F 47 10.74 -21.58 12.49
CA GLY F 47 9.82 -21.88 13.58
C GLY F 47 10.42 -22.83 14.61
N THR F 48 11.75 -22.97 14.62
CA THR F 48 12.43 -23.87 15.54
C THR F 48 12.56 -23.20 16.92
N GLY F 49 12.94 -21.92 16.93
CA GLY F 49 13.08 -21.16 18.16
C GLY F 49 14.48 -20.57 18.31
N LYS F 50 15.00 -19.97 17.24
CA LYS F 50 16.33 -19.40 17.22
C LYS F 50 16.28 -17.96 17.74
N THR F 51 15.25 -17.22 17.31
CA THR F 51 15.05 -15.85 17.76
C THR F 51 14.68 -15.82 19.23
N VAL F 52 13.98 -16.86 19.70
CA VAL F 52 13.62 -16.99 21.11
C VAL F 52 14.89 -17.21 21.92
N PHE F 53 15.66 -18.24 21.55
CA PHE F 53 16.91 -18.58 22.22
C PHE F 53 17.83 -17.36 22.26
N SER F 54 17.96 -16.68 21.11
CA SER F 54 18.86 -15.55 20.97
C SER F 54 18.46 -14.42 21.93
N MET F 55 17.15 -14.15 22.03
CA MET F 55 16.65 -13.07 22.85
C MET F 55 16.76 -13.44 24.33
N GLN F 56 16.42 -14.71 24.64
CA GLN F 56 16.43 -15.20 26.02
C GLN F 56 17.85 -15.14 26.58
N PHE F 57 18.85 -15.36 25.71
CA PHE F 57 20.25 -15.28 26.07
C PHE F 57 20.57 -13.89 26.63
N LEU F 58 20.02 -12.85 25.99
CA LEU F 58 20.26 -11.46 26.38
C LEU F 58 19.41 -11.11 27.61
N TYR F 59 18.13 -11.46 27.55
CA TYR F 59 17.19 -11.14 28.62
C TYR F 59 17.75 -11.62 29.96
N ASN F 60 18.07 -12.91 30.04
CA ASN F 60 18.59 -13.52 31.25
C ASN F 60 19.88 -12.82 31.66
N GLY F 61 20.75 -12.54 30.68
CA GLY F 61 21.96 -11.77 30.90
C GLY F 61 21.69 -10.51 31.73
N ILE F 62 20.65 -9.77 31.34
CA ILE F 62 20.33 -8.47 31.92
C ILE F 62 19.59 -8.67 33.24
N THR F 63 18.55 -9.53 33.23
CA THR F 63 17.60 -9.61 34.33
C THR F 63 18.06 -10.61 35.40
N HIS F 64 19.18 -11.31 35.15
CA HIS F 64 19.66 -12.33 36.07
C HIS F 64 21.14 -12.12 36.41
N PHE F 65 21.95 -11.72 35.42
CA PHE F 65 23.40 -11.66 35.58
C PHE F 65 23.92 -10.22 35.50
N ASP F 66 23.04 -9.27 35.18
CA ASP F 66 23.40 -7.87 35.07
C ASP F 66 24.50 -7.69 34.02
N GLU F 67 24.36 -8.42 32.90
CA GLU F 67 25.28 -8.33 31.78
C GLU F 67 24.50 -7.76 30.58
N PRO F 68 24.72 -6.48 30.21
CA PRO F 68 24.00 -5.88 29.08
C PRO F 68 24.28 -6.60 27.76
N GLY F 69 23.35 -6.45 26.80
CA GLY F 69 23.44 -7.16 25.54
C GLY F 69 22.97 -6.32 24.35
N VAL F 70 23.44 -6.69 23.15
CA VAL F 70 23.08 -6.03 21.91
C VAL F 70 22.48 -7.06 20.96
N PHE F 71 21.32 -6.72 20.38
CA PHE F 71 20.62 -7.59 19.45
C PHE F 71 20.67 -6.98 18.05
N VAL F 72 21.37 -7.63 17.13
CA VAL F 72 21.46 -7.18 15.75
C VAL F 72 20.32 -7.84 14.97
N THR F 73 19.49 -7.00 14.32
CA THR F 73 18.39 -7.48 13.50
C THR F 73 18.65 -7.08 12.05
N PHE F 74 18.43 -8.03 11.12
CA PHE F 74 18.64 -7.81 9.70
C PHE F 74 17.30 -7.68 8.96
N GLU F 75 16.19 -8.01 9.63
CA GLU F 75 14.89 -8.07 8.98
C GLU F 75 13.81 -7.51 9.89
N GLU F 76 13.53 -8.22 10.99
CA GLU F 76 12.44 -7.86 11.89
C GLU F 76 12.71 -6.48 12.49
N SER F 77 11.71 -5.59 12.40
CA SER F 77 11.82 -4.24 12.92
C SER F 77 11.96 -4.30 14.44
N PRO F 78 12.84 -3.47 15.05
CA PRO F 78 13.01 -3.45 16.50
C PRO F 78 11.71 -3.52 17.30
N GLN F 79 10.70 -2.76 16.86
CA GLN F 79 9.41 -2.71 17.52
C GLN F 79 8.74 -4.09 17.47
N ASP F 80 8.84 -4.79 16.34
CA ASP F 80 8.25 -6.11 16.18
C ASP F 80 8.95 -7.12 17.09
N ILE F 81 10.25 -6.92 17.35
CA ILE F 81 11.02 -7.83 18.19
C ILE F 81 10.52 -7.72 19.63
N ILE F 82 10.19 -6.50 20.07
CA ILE F 82 9.71 -6.26 21.42
C ILE F 82 8.31 -6.84 21.57
N LYS F 83 7.50 -6.71 20.51
CA LYS F 83 6.12 -7.16 20.51
C LYS F 83 6.06 -8.68 20.68
N ASN F 84 7.01 -9.38 20.04
CA ASN F 84 7.04 -10.83 20.03
C ASN F 84 7.57 -11.37 21.35
N ALA F 85 8.47 -10.60 21.99
CA ALA F 85 9.09 -11.01 23.25
C ALA F 85 8.08 -10.95 24.40
N ALA F 86 7.05 -10.11 24.25
CA ALA F 86 6.02 -9.95 25.26
C ALA F 86 5.19 -11.23 25.40
N SER F 87 5.27 -12.11 24.41
CA SER F 87 4.62 -13.41 24.46
C SER F 87 5.14 -14.23 25.64
N PHE F 88 6.39 -13.98 26.04
CA PHE F 88 7.04 -14.73 27.11
C PHE F 88 7.01 -13.94 28.43
N GLY F 89 6.43 -12.73 28.39
CA GLY F 89 6.36 -11.87 29.56
C GLY F 89 7.65 -11.09 29.78
N TRP F 90 8.28 -10.67 28.68
CA TRP F 90 9.53 -9.91 28.72
C TRP F 90 9.26 -8.48 28.26
N ASP F 91 9.50 -7.52 29.15
CA ASP F 91 9.42 -6.11 28.80
C ASP F 91 10.78 -5.67 28.27
N LEU F 92 10.99 -5.89 26.97
CA LEU F 92 12.25 -5.55 26.31
C LEU F 92 12.38 -4.03 26.22
N GLN F 93 11.26 -3.34 26.02
CA GLN F 93 11.24 -1.88 25.90
C GLN F 93 11.86 -1.23 27.13
N LYS F 94 11.48 -1.73 28.32
CA LYS F 94 12.00 -1.21 29.58
C LYS F 94 13.51 -1.37 29.63
N LEU F 95 14.02 -2.49 29.11
CA LEU F 95 15.44 -2.79 29.12
C LEU F 95 16.18 -1.88 28.15
N VAL F 96 15.55 -1.57 27.01
CA VAL F 96 16.14 -0.70 25.99
C VAL F 96 16.29 0.71 26.55
N ASP F 97 15.24 1.19 27.24
CA ASP F 97 15.18 2.56 27.74
C ASP F 97 16.21 2.76 28.85
N GLU F 98 16.41 1.73 29.68
CA GLU F 98 17.32 1.80 30.81
C GLU F 98 18.77 1.61 30.37
N GLY F 99 18.99 1.46 29.06
CA GLY F 99 20.33 1.30 28.51
C GLY F 99 20.94 -0.05 28.85
N LYS F 100 20.07 -1.04 29.11
CA LYS F 100 20.49 -2.39 29.43
C LYS F 100 20.55 -3.24 28.15
N LEU F 101 19.74 -2.87 27.16
CA LEU F 101 19.71 -3.55 25.87
C LEU F 101 19.71 -2.54 24.74
N PHE F 102 20.13 -2.98 23.56
CA PHE F 102 20.12 -2.16 22.36
C PHE F 102 19.84 -3.02 21.13
N ILE F 103 18.91 -2.55 20.29
CA ILE F 103 18.55 -3.24 19.05
C ILE F 103 19.11 -2.44 17.88
N LEU F 104 20.00 -3.07 17.11
CA LEU F 104 20.62 -2.44 15.95
C LEU F 104 19.86 -2.86 14.69
N ASP F 105 19.16 -1.89 14.07
CA ASP F 105 18.35 -2.17 12.90
C ASP F 105 19.24 -2.15 11.66
N ALA F 106 19.86 -3.31 11.36
CA ALA F 106 20.68 -3.48 10.18
C ALA F 106 19.80 -3.96 9.01
N SER F 107 18.52 -3.56 9.01
CA SER F 107 17.59 -3.93 7.96
C SER F 107 17.79 -3.02 6.74
N PRO F 108 17.34 -3.42 5.53
CA PRO F 108 17.47 -2.59 4.35
C PRO F 108 16.61 -1.33 4.41
N ASP F 109 15.35 -1.41 3.99
CA ASP F 109 14.49 -0.24 3.86
C ASP F 109 13.07 -0.69 3.47
N ASP F 120 30.98 -2.64 4.42
CA ASP F 120 29.72 -3.43 4.40
C ASP F 120 29.62 -4.25 5.67
N LEU F 121 30.40 -5.35 5.73
CA LEU F 121 30.47 -6.19 6.91
C LEU F 121 31.22 -5.45 8.02
N SER F 122 32.34 -4.82 7.63
CA SER F 122 33.14 -4.03 8.55
C SER F 122 32.33 -2.85 9.10
N ALA F 123 31.53 -2.23 8.24
CA ALA F 123 30.67 -1.12 8.63
C ALA F 123 29.76 -1.53 9.78
N LEU F 124 29.18 -2.73 9.68
CA LEU F 124 28.29 -3.27 10.69
C LEU F 124 29.07 -3.68 11.94
N ILE F 125 30.27 -4.23 11.73
CA ILE F 125 31.15 -4.62 12.81
C ILE F 125 31.53 -3.39 13.64
N GLU F 126 31.76 -2.26 12.95
CA GLU F 126 32.10 -1.00 13.61
C GLU F 126 30.92 -0.51 14.44
N ARG F 127 29.71 -0.60 13.85
CA ARG F 127 28.48 -0.21 14.53
C ARG F 127 28.23 -1.13 15.73
N ILE F 128 28.58 -2.42 15.57
CA ILE F 128 28.41 -3.41 16.63
C ILE F 128 29.41 -3.15 17.75
N ASN F 129 30.67 -2.87 17.37
CA ASN F 129 31.74 -2.61 18.32
C ASN F 129 31.39 -1.34 19.11
N TYR F 130 30.88 -0.32 18.42
CA TYR F 130 30.48 0.93 19.07
C TYR F 130 29.45 0.65 20.15
N ALA F 131 28.37 -0.05 19.77
CA ALA F 131 27.29 -0.37 20.68
C ALA F 131 27.81 -1.19 21.85
N ILE F 132 28.72 -2.13 21.58
CA ILE F 132 29.30 -2.98 22.60
C ILE F 132 29.90 -2.12 23.71
N ARG F 133 30.74 -1.16 23.31
CA ARG F 133 31.42 -0.29 24.26
C ARG F 133 30.46 0.76 24.82
N LYS F 134 29.54 1.25 23.96
CA LYS F 134 28.61 2.29 24.34
C LYS F 134 27.63 1.80 25.40
N TYR F 135 27.34 0.49 25.39
CA TYR F 135 26.35 -0.09 26.30
C TYR F 135 27.01 -1.05 27.29
N LYS F 136 28.35 -1.12 27.29
CA LYS F 136 29.08 -2.03 28.15
C LYS F 136 28.49 -3.44 28.03
N ALA F 137 28.35 -3.90 26.79
CA ALA F 137 27.67 -5.16 26.50
C ALA F 137 28.61 -6.34 26.75
N LYS F 138 28.05 -7.41 27.33
CA LYS F 138 28.77 -8.65 27.53
C LYS F 138 28.25 -9.73 26.58
N ARG F 139 26.94 -9.69 26.29
CA ARG F 139 26.29 -10.66 25.42
C ARG F 139 25.89 -9.99 24.12
N VAL F 140 25.91 -10.75 23.02
CA VAL F 140 25.52 -10.25 21.72
C VAL F 140 24.66 -11.29 21.03
N ALA F 141 23.77 -10.84 20.12
CA ALA F 141 22.93 -11.72 19.35
C ALA F 141 22.81 -11.20 17.92
N ILE F 142 23.03 -12.09 16.94
CA ILE F 142 22.92 -11.75 15.54
C ILE F 142 21.85 -12.65 14.93
N ASP F 143 20.78 -12.03 14.39
CA ASP F 143 19.64 -12.76 13.86
C ASP F 143 19.10 -12.04 12.63
N SER F 144 19.23 -12.64 11.44
CA SER F 144 19.96 -13.88 11.18
C SER F 144 21.03 -13.60 10.14
N VAL F 145 22.29 -13.96 10.45
CA VAL F 145 23.42 -13.63 9.61
C VAL F 145 23.15 -14.00 8.16
N THR F 146 22.54 -15.17 7.93
CA THR F 146 22.32 -15.67 6.59
C THR F 146 21.63 -14.60 5.73
N ALA F 147 20.74 -13.81 6.37
CA ALA F 147 19.94 -12.82 5.68
C ALA F 147 20.81 -11.80 4.93
N VAL F 148 21.88 -11.32 5.56
CA VAL F 148 22.68 -10.24 5.00
C VAL F 148 23.39 -10.74 3.73
N PHE F 149 23.79 -12.02 3.72
CA PHE F 149 24.50 -12.61 2.59
C PHE F 149 23.54 -12.86 1.42
N GLN F 150 22.23 -12.89 1.71
CA GLN F 150 21.22 -13.14 0.70
C GLN F 150 21.04 -11.92 -0.21
N GLN F 151 21.89 -10.89 -0.04
CA GLN F 151 22.01 -9.83 -1.03
C GLN F 151 22.43 -10.43 -2.37
N TYR F 152 23.68 -10.93 -2.42
CA TYR F 152 24.17 -11.69 -3.57
C TYR F 152 25.49 -12.35 -3.21
N ASP F 153 25.61 -12.83 -1.97
CA ASP F 153 26.84 -13.41 -1.46
C ASP F 153 26.81 -14.92 -1.67
N ALA F 154 28.01 -15.53 -1.58
CA ALA F 154 28.15 -16.97 -1.78
C ALA F 154 29.33 -17.49 -0.96
N VAL F 157 32.66 -15.86 -0.10
CA VAL F 157 32.44 -14.62 0.70
C VAL F 157 31.97 -15.00 2.11
N VAL F 158 30.86 -15.75 2.17
CA VAL F 158 30.19 -16.09 3.42
C VAL F 158 31.22 -16.50 4.47
N ARG F 159 32.16 -17.37 4.08
CA ARG F 159 33.15 -17.91 5.00
C ARG F 159 34.10 -16.81 5.47
N ARG F 160 34.58 -15.99 4.51
CA ARG F 160 35.51 -14.93 4.81
C ARG F 160 34.86 -13.89 5.73
N GLU F 161 33.60 -13.55 5.45
CA GLU F 161 32.89 -12.54 6.21
C GLU F 161 32.59 -13.06 7.62
N ILE F 162 32.18 -14.33 7.71
CA ILE F 162 31.88 -14.96 9.00
C ILE F 162 33.10 -14.89 9.89
N PHE F 163 34.27 -15.29 9.35
CA PHE F 163 35.53 -15.21 10.06
C PHE F 163 35.75 -13.81 10.60
N ARG F 164 35.56 -12.80 9.73
CA ARG F 164 35.81 -11.41 10.08
C ARG F 164 34.94 -11.02 11.27
N LEU F 165 33.64 -11.34 11.19
CA LEU F 165 32.70 -11.04 12.26
C LEU F 165 33.11 -11.76 13.54
N VAL F 166 33.27 -13.09 13.43
CA VAL F 166 33.60 -13.93 14.56
C VAL F 166 34.89 -13.44 15.22
N ALA F 167 35.92 -13.19 14.39
CA ALA F 167 37.22 -12.77 14.89
C ALA F 167 37.10 -11.46 15.67
N ARG F 168 36.46 -10.46 15.04
CA ARG F 168 36.29 -9.14 15.65
C ARG F 168 35.50 -9.25 16.94
N LEU F 169 34.41 -10.02 16.90
CA LEU F 169 33.55 -10.25 18.06
C LEU F 169 34.34 -10.94 19.17
N LYS F 170 35.30 -11.79 18.80
CA LYS F 170 36.18 -12.45 19.76
C LYS F 170 37.16 -11.45 20.35
N GLN F 171 37.74 -10.59 19.49
CA GLN F 171 38.71 -9.60 19.91
C GLN F 171 38.07 -8.61 20.89
N ILE F 172 36.88 -8.11 20.52
CA ILE F 172 36.14 -7.19 21.35
C ILE F 172 35.88 -7.82 22.72
N GLY F 173 35.78 -9.15 22.74
CA GLY F 173 35.65 -9.91 23.98
C GLY F 173 34.19 -9.96 24.43
N VAL F 174 33.40 -10.78 23.72
CA VAL F 174 31.96 -10.87 23.96
C VAL F 174 31.49 -12.26 23.56
N THR F 175 30.50 -12.78 24.30
CA THR F 175 29.86 -14.04 23.99
C THR F 175 28.68 -13.78 23.07
N THR F 176 28.77 -14.29 21.82
CA THR F 176 27.81 -13.97 20.79
C THR F 176 26.94 -15.19 20.47
N VAL F 177 25.75 -14.92 19.93
CA VAL F 177 24.88 -15.97 19.40
C VAL F 177 24.49 -15.59 17.97
N MET F 178 24.82 -16.48 17.03
CA MET F 178 24.57 -16.24 15.61
C MET F 178 23.50 -17.21 15.12
N THR F 179 22.40 -16.65 14.59
CA THR F 179 21.29 -17.44 14.08
C THR F 179 21.49 -17.70 12.59
N THR F 180 21.31 -18.96 12.17
CA THR F 180 21.46 -19.37 10.79
C THR F 180 20.22 -20.14 10.34
N GLU F 181 20.02 -20.24 9.03
CA GLU F 181 18.81 -20.81 8.46
C GLU F 181 19.12 -22.17 7.82
N ARG F 182 18.13 -23.08 7.89
CA ARG F 182 18.23 -24.41 7.31
C ARG F 182 16.95 -24.71 6.54
N ILE F 183 17.04 -25.58 5.54
CA ILE F 183 15.87 -26.02 4.78
C ILE F 183 15.49 -27.42 5.24
N GLU F 184 16.44 -28.36 5.16
CA GLU F 184 16.21 -29.75 5.52
C GLU F 184 16.61 -29.95 6.98
N GLU F 185 15.81 -30.74 7.71
CA GLU F 185 15.93 -30.88 9.14
C GLU F 185 17.12 -31.79 9.48
N TYR F 186 17.19 -32.95 8.79
CA TYR F 186 18.28 -33.89 8.96
C TYR F 186 19.16 -33.88 7.71
N GLY F 187 19.69 -32.70 7.39
CA GLY F 187 20.58 -32.53 6.25
C GLY F 187 21.70 -31.56 6.57
N PRO F 188 21.89 -30.47 5.77
CA PRO F 188 22.95 -29.50 6.05
C PRO F 188 22.68 -28.70 7.32
N ILE F 189 23.75 -28.49 8.10
CA ILE F 189 23.68 -27.80 9.38
C ILE F 189 23.30 -26.34 9.14
N ALA F 190 23.81 -25.77 8.05
CA ALA F 190 23.49 -24.40 7.66
C ALA F 190 23.13 -24.37 6.18
N ARG F 191 22.94 -23.17 5.62
CA ARG F 191 22.45 -23.01 4.27
C ARG F 191 23.60 -23.22 3.28
N TYR F 192 24.71 -22.51 3.51
CA TYR F 192 25.81 -22.47 2.54
C TYR F 192 26.80 -23.60 2.80
N GLY F 193 26.70 -24.26 3.96
CA GLY F 193 27.56 -25.39 4.29
C GLY F 193 28.99 -24.96 4.56
N VAL F 194 29.13 -23.96 5.45
CA VAL F 194 30.42 -23.36 5.75
C VAL F 194 30.41 -22.80 7.17
N GLU F 195 29.29 -22.16 7.55
CA GLU F 195 29.10 -21.53 8.85
C GLU F 195 29.43 -22.52 9.98
N GLU F 196 29.09 -23.80 9.77
CA GLU F 196 29.29 -24.85 10.76
C GLU F 196 30.77 -25.09 11.05
N PHE F 197 31.65 -24.80 10.07
CA PHE F 197 33.07 -25.06 10.21
C PHE F 197 33.82 -23.82 10.69
N VAL F 198 33.17 -22.65 10.58
CA VAL F 198 33.77 -21.39 11.00
C VAL F 198 33.54 -21.20 12.50
N SER F 199 32.28 -21.32 12.92
CA SER F 199 31.88 -21.13 14.30
C SER F 199 32.65 -22.10 15.21
N ASP F 200 33.00 -21.62 16.41
CA ASP F 200 33.70 -22.41 17.40
C ASP F 200 32.73 -23.39 18.04
N ASN F 201 31.46 -22.94 18.16
CA ASN F 201 30.41 -23.69 18.84
C ASN F 201 29.18 -23.74 17.93
N VAL F 202 28.50 -24.89 17.94
CA VAL F 202 27.34 -25.11 17.08
C VAL F 202 26.22 -25.76 17.87
N VAL F 203 25.01 -25.18 17.76
CA VAL F 203 23.79 -25.76 18.29
C VAL F 203 22.81 -25.92 17.13
N ILE F 204 22.02 -27.00 17.15
CA ILE F 204 21.08 -27.29 16.07
C ILE F 204 19.70 -27.45 16.68
N LEU F 205 18.77 -26.56 16.28
CA LEU F 205 17.38 -26.65 16.67
C LEU F 205 16.59 -27.32 15.55
N ARG F 206 15.77 -28.32 15.91
CA ARG F 206 15.03 -29.10 14.94
C ARG F 206 13.58 -29.22 15.38
N ASN F 207 12.67 -29.02 14.42
CA ASN F 207 11.25 -29.25 14.63
C ASN F 207 10.82 -30.38 13.70
N VAL F 208 10.96 -31.62 14.19
CA VAL F 208 10.84 -32.80 13.35
C VAL F 208 9.38 -33.23 13.31
N LEU F 209 8.85 -33.40 12.08
CA LEU F 209 7.50 -33.90 11.89
C LEU F 209 7.55 -35.41 11.74
N GLU F 210 6.90 -36.12 12.68
CA GLU F 210 6.79 -37.57 12.65
C GLU F 210 5.32 -37.96 12.68
N GLY F 211 4.86 -38.57 11.58
CA GLY F 211 3.44 -38.85 11.38
C GLY F 211 2.71 -37.57 10.96
N GLU F 212 2.02 -36.95 11.92
CA GLU F 212 1.40 -35.64 11.72
C GLU F 212 1.64 -34.74 12.93
N ARG F 213 2.62 -35.09 13.77
CA ARG F 213 2.92 -34.29 14.96
C ARG F 213 4.39 -33.88 14.94
N ARG F 214 4.65 -32.71 15.54
CA ARG F 214 5.96 -32.08 15.52
C ARG F 214 6.65 -32.27 16.86
N ARG F 215 7.99 -32.32 16.83
CA ARG F 215 8.81 -32.52 18.02
C ARG F 215 10.01 -31.59 17.96
N ARG F 216 10.08 -30.63 18.89
CA ARG F 216 11.21 -29.73 19.00
C ARG F 216 12.35 -30.45 19.71
N THR F 217 13.55 -30.36 19.14
CA THR F 217 14.74 -30.97 19.72
C THR F 217 15.94 -30.03 19.59
N VAL F 218 16.78 -30.03 20.62
CA VAL F 218 18.00 -29.23 20.65
C VAL F 218 19.19 -30.17 20.77
N GLU F 219 20.26 -29.87 20.02
CA GLU F 219 21.49 -30.63 20.05
C GLU F 219 22.68 -29.68 20.01
N ILE F 220 23.65 -29.93 20.90
CA ILE F 220 24.95 -29.29 20.81
C ILE F 220 25.88 -30.25 20.07
N LEU F 221 26.26 -29.87 18.86
CA LEU F 221 27.09 -30.72 18.01
C LEU F 221 28.55 -30.53 18.41
N LYS F 222 28.93 -29.28 18.69
CA LYS F 222 30.33 -28.92 18.90
C LYS F 222 30.43 -27.81 19.93
N LEU F 223 31.26 -28.04 20.96
CA LEU F 223 31.77 -26.99 21.83
C LEU F 223 33.29 -27.11 21.89
N ARG F 224 33.99 -26.39 20.99
CA ARG F 224 35.44 -26.46 20.92
C ARG F 224 36.06 -26.11 22.27
N GLY F 225 37.05 -26.92 22.68
CA GLY F 225 37.84 -26.65 23.86
C GLY F 225 37.09 -26.96 25.16
N THR F 226 35.95 -27.65 25.05
CA THR F 226 35.13 -27.96 26.20
C THR F 226 34.30 -29.22 25.92
N THR F 227 33.60 -29.68 26.96
CA THR F 227 32.77 -30.87 26.88
C THR F 227 31.29 -30.45 26.81
N HIS F 228 30.43 -31.40 26.48
CA HIS F 228 28.99 -31.19 26.42
C HIS F 228 28.28 -32.54 26.32
N MET F 229 26.98 -32.53 26.55
CA MET F 229 26.15 -33.71 26.35
C MET F 229 25.88 -33.87 24.86
N LYS F 230 26.02 -35.10 24.36
CA LYS F 230 25.93 -35.38 22.94
C LYS F 230 24.50 -35.83 22.59
N GLY F 231 24.09 -35.55 21.36
CA GLY F 231 22.82 -36.03 20.82
C GLY F 231 21.70 -35.00 20.96
N GLU F 232 20.49 -35.41 20.55
CA GLU F 232 19.31 -34.56 20.60
C GLU F 232 18.67 -34.66 21.99
N TYR F 233 18.08 -33.54 22.44
CA TYR F 233 17.31 -33.51 23.66
C TYR F 233 16.03 -32.72 23.40
N PRO F 234 14.85 -33.21 23.85
CA PRO F 234 13.58 -32.54 23.58
C PRO F 234 13.44 -31.24 24.38
N PHE F 235 12.85 -30.22 23.74
CA PHE F 235 12.59 -28.96 24.40
C PHE F 235 11.20 -28.48 24.00
N THR F 236 10.74 -27.40 24.64
CA THR F 236 9.41 -26.85 24.42
C THR F 236 9.46 -25.34 24.60
N ILE F 237 8.84 -24.61 23.67
CA ILE F 237 8.67 -23.17 23.80
C ILE F 237 7.37 -22.94 24.57
N THR F 238 7.48 -22.25 25.72
CA THR F 238 6.36 -21.99 26.59
C THR F 238 6.13 -20.48 26.66
N ASN F 239 5.28 -20.05 27.59
CA ASN F 239 5.15 -18.64 27.93
C ASN F 239 6.28 -18.22 28.86
N HIS F 240 7.21 -19.15 29.15
CA HIS F 240 8.40 -18.85 29.94
C HIS F 240 9.66 -19.12 29.12
N GLY F 241 9.53 -19.11 27.79
CA GLY F 241 10.67 -19.27 26.90
C GLY F 241 10.99 -20.74 26.62
N ILE F 242 12.26 -21.00 26.26
CA ILE F 242 12.70 -22.34 25.92
C ILE F 242 12.92 -23.11 27.22
N SER F 243 12.26 -24.27 27.31
CA SER F 243 12.38 -25.16 28.47
C SER F 243 12.82 -26.54 27.99
N ILE F 244 14.12 -26.82 28.19
CA ILE F 244 14.71 -28.09 27.77
C ILE F 244 14.67 -29.05 28.95
N PHE F 245 14.44 -30.34 28.66
CA PHE F 245 14.35 -31.37 29.68
C PHE F 245 15.40 -32.45 29.42
N PRO F 246 16.62 -32.33 30.01
CA PRO F 246 17.66 -33.35 29.85
C PRO F 246 17.21 -34.69 30.44
N LEU F 247 17.22 -35.73 29.61
CA LEU F 247 16.64 -37.02 29.97
C LEU F 247 17.68 -37.87 30.71
N GLY F 248 18.76 -38.23 30.01
CA GLY F 248 19.78 -39.11 30.57
C GLY F 248 20.57 -38.46 31.70
N ALA F 249 20.64 -37.12 31.67
CA ALA F 249 21.27 -36.34 32.73
C ALA F 249 20.72 -36.76 34.10
N MET F 250 19.39 -36.92 34.17
CA MET F 250 18.72 -37.50 35.31
C MET F 250 19.58 -38.65 35.84
N ARG F 251 20.21 -38.44 37.00
CA ARG F 251 21.07 -39.45 37.59
C ARG F 251 20.21 -40.52 38.24
N LEU F 252 20.59 -41.80 38.05
CA LEU F 252 19.90 -42.91 38.67
C LEU F 252 20.32 -42.98 40.14
N THR F 253 19.83 -42.00 40.91
CA THR F 253 20.22 -41.81 42.30
C THR F 253 19.05 -41.15 43.05
N GLN F 254 18.11 -41.98 43.48
CA GLN F 254 16.89 -41.55 44.16
C GLN F 254 16.93 -42.07 45.60
N ARG F 255 15.80 -41.96 46.32
CA ARG F 255 15.68 -42.49 47.66
C ARG F 255 14.75 -43.70 47.66
N SER F 256 14.84 -44.53 48.71
CA SER F 256 14.04 -45.73 48.83
C SER F 256 13.82 -46.06 50.31
N SER F 257 12.54 -45.96 50.74
CA SER F 257 12.16 -46.26 52.12
C SER F 257 11.30 -47.51 52.16
N ASN F 258 11.02 -48.00 53.38
CA ASN F 258 10.18 -49.16 53.59
C ASN F 258 8.80 -48.72 54.09
N VAL F 259 8.42 -47.46 53.81
CA VAL F 259 7.13 -46.94 54.20
C VAL F 259 6.09 -47.49 53.24
N ARG F 260 4.95 -47.96 53.80
CA ARG F 260 3.91 -48.62 53.03
C ARG F 260 2.73 -47.67 52.85
N VAL F 261 2.13 -47.70 51.66
CA VAL F 261 0.86 -47.02 51.39
C VAL F 261 -0.17 -48.09 51.00
N SER F 262 -1.44 -47.81 51.29
CA SER F 262 -2.50 -48.76 51.01
C SER F 262 -2.97 -48.61 49.56
N SER F 263 -3.53 -49.70 49.03
CA SER F 263 -3.99 -49.75 47.64
C SER F 263 -5.45 -49.31 47.54
N GLY F 264 -6.16 -49.32 48.68
CA GLY F 264 -7.60 -49.15 48.70
C GLY F 264 -8.33 -50.50 48.71
N VAL F 265 -7.57 -51.57 48.47
CA VAL F 265 -8.08 -52.93 48.52
C VAL F 265 -7.34 -53.66 49.64
N PRO F 266 -7.98 -53.91 50.81
CA PRO F 266 -7.28 -54.43 51.99
C PRO F 266 -6.66 -55.81 51.78
N ARG F 267 -7.26 -56.62 50.89
CA ARG F 267 -6.76 -57.95 50.60
C ARG F 267 -5.51 -57.86 49.71
N LEU F 268 -5.45 -56.82 48.87
CA LEU F 268 -4.31 -56.61 47.99
C LEU F 268 -3.12 -56.14 48.82
N ASP F 269 -3.40 -55.29 49.82
CA ASP F 269 -2.38 -54.83 50.75
C ASP F 269 -1.70 -56.02 51.41
N GLU F 270 -2.51 -57.02 51.81
CA GLU F 270 -2.00 -58.23 52.42
C GLU F 270 -1.17 -59.01 51.40
N MET F 271 -1.69 -59.10 50.16
CA MET F 271 -1.04 -59.84 49.09
C MET F 271 0.31 -59.21 48.74
N CYS F 272 0.47 -57.91 49.03
CA CYS F 272 1.71 -57.19 48.77
C CYS F 272 2.55 -57.06 50.04
N GLY F 273 2.23 -57.87 51.06
CA GLY F 273 3.03 -57.91 52.29
C GLY F 273 2.90 -56.63 53.11
N GLY F 274 1.70 -56.04 53.12
CA GLY F 274 1.41 -54.88 53.95
C GLY F 274 1.15 -53.60 53.15
N GLY F 275 0.88 -53.75 51.85
CA GLY F 275 0.57 -52.61 50.99
C GLY F 275 1.73 -52.25 50.07
N PHE F 276 1.48 -51.31 49.14
CA PHE F 276 2.52 -50.80 48.26
C PHE F 276 3.48 -49.95 49.07
N PHE F 277 4.71 -49.78 48.55
CA PHE F 277 5.68 -48.85 49.13
C PHE F 277 5.36 -47.44 48.64
N LYS F 278 5.67 -46.44 49.48
CA LYS F 278 5.54 -45.05 49.08
C LYS F 278 6.51 -44.77 47.94
N ASP F 279 7.75 -45.25 48.09
CA ASP F 279 8.79 -45.08 47.09
C ASP F 279 8.80 -46.30 46.16
N SER F 280 7.88 -46.30 45.18
CA SER F 280 7.79 -47.39 44.22
C SER F 280 6.99 -46.97 43.00
N ILE F 281 7.10 -47.81 41.95
CA ILE F 281 6.32 -47.67 40.73
C ILE F 281 5.51 -48.95 40.55
N ILE F 282 4.17 -48.82 40.56
CA ILE F 282 3.27 -49.96 40.44
C ILE F 282 2.81 -50.04 38.98
N LEU F 283 2.57 -51.27 38.49
CA LEU F 283 2.05 -51.49 37.16
C LEU F 283 0.93 -52.53 37.21
N ALA F 284 -0.21 -52.19 36.58
CA ALA F 284 -1.32 -53.11 36.43
C ALA F 284 -1.46 -53.48 34.95
N THR F 285 -1.15 -54.74 34.62
CA THR F 285 -1.17 -55.21 33.24
C THR F 285 -2.32 -56.19 33.08
N GLY F 286 -3.00 -56.11 31.93
CA GLY F 286 -4.11 -57.01 31.63
C GLY F 286 -4.86 -56.58 30.39
N ALA F 287 -5.77 -57.45 29.92
CA ALA F 287 -6.58 -57.19 28.75
C ALA F 287 -7.64 -56.14 29.06
N THR F 288 -8.41 -55.76 28.04
CA THR F 288 -9.46 -54.76 28.18
C THR F 288 -10.58 -55.33 29.06
N GLY F 289 -10.86 -54.63 30.17
CA GLY F 289 -11.96 -54.96 31.05
C GLY F 289 -11.53 -55.77 32.27
N THR F 290 -10.23 -56.04 32.40
CA THR F 290 -9.70 -56.86 33.48
C THR F 290 -9.81 -56.12 34.81
N GLY F 291 -9.82 -54.78 34.75
CA GLY F 291 -10.15 -53.96 35.92
C GLY F 291 -8.95 -53.17 36.44
N LYS F 292 -8.20 -52.52 35.54
CA LYS F 292 -7.05 -51.73 35.91
C LYS F 292 -7.50 -50.38 36.47
N THR F 293 -8.49 -49.75 35.82
CA THR F 293 -8.93 -48.41 36.17
C THR F 293 -9.59 -48.39 37.54
N LEU F 294 -10.14 -49.54 37.97
CA LEU F 294 -10.70 -49.67 39.30
C LEU F 294 -9.58 -49.62 40.34
N LEU F 295 -8.54 -50.43 40.14
CA LEU F 295 -7.38 -50.45 41.03
C LEU F 295 -6.78 -49.05 41.14
N VAL F 296 -6.74 -48.34 40.00
CA VAL F 296 -6.26 -46.97 39.96
C VAL F 296 -7.14 -46.11 40.87
N SER F 297 -8.46 -46.23 40.69
CA SER F 297 -9.41 -45.37 41.39
C SER F 297 -9.29 -45.53 42.91
N LYS F 298 -9.04 -46.76 43.36
CA LYS F 298 -8.89 -47.06 44.77
C LYS F 298 -7.58 -46.46 45.29
N PHE F 299 -6.50 -46.63 44.51
CA PHE F 299 -5.20 -46.08 44.83
C PHE F 299 -5.29 -44.57 45.08
N LEU F 300 -6.10 -43.89 44.25
CA LEU F 300 -6.31 -42.47 44.35
C LEU F 300 -7.19 -42.15 45.55
N GLU F 301 -8.30 -42.90 45.68
CA GLU F 301 -9.25 -42.69 46.75
C GLU F 301 -8.57 -42.80 48.11
N ASN F 302 -7.72 -43.83 48.27
CA ASN F 302 -7.03 -44.06 49.52
C ASN F 302 -6.25 -42.84 49.94
N ALA F 303 -5.56 -42.21 48.96
CA ALA F 303 -4.80 -41.00 49.21
C ALA F 303 -5.71 -39.91 49.76
N CYS F 304 -6.81 -39.63 49.03
CA CYS F 304 -7.74 -38.57 49.39
C CYS F 304 -8.44 -38.89 50.71
N ARG F 305 -8.57 -40.19 51.03
CA ARG F 305 -9.16 -40.63 52.28
C ARG F 305 -8.22 -40.34 53.44
N ASN F 306 -6.90 -40.48 53.20
CA ASN F 306 -5.89 -40.18 54.20
C ASN F 306 -5.43 -38.73 54.07
N LYS F 307 -6.28 -37.88 53.46
CA LYS F 307 -6.01 -36.46 53.31
C LYS F 307 -4.69 -36.23 52.57
N GLU F 308 -4.42 -37.08 51.57
CA GLU F 308 -3.24 -36.94 50.72
C GLU F 308 -3.67 -36.42 49.36
N ARG F 309 -2.75 -35.75 48.66
CA ARG F 309 -3.02 -35.23 47.33
C ARG F 309 -2.68 -36.29 46.29
N ALA F 310 -3.38 -36.24 45.15
CA ALA F 310 -3.16 -37.20 44.07
C ALA F 310 -3.68 -36.63 42.75
N ILE F 311 -3.03 -37.01 41.64
CA ILE F 311 -3.43 -36.60 40.31
C ILE F 311 -3.71 -37.84 39.47
N LEU F 312 -4.79 -37.77 38.67
CA LEU F 312 -5.08 -38.79 37.67
C LEU F 312 -4.83 -38.20 36.28
N PHE F 313 -3.87 -38.80 35.56
CA PHE F 313 -3.61 -38.46 34.18
C PHE F 313 -4.33 -39.47 33.29
N ALA F 314 -5.50 -39.08 32.77
CA ALA F 314 -6.35 -39.98 31.99
C ALA F 314 -6.11 -39.74 30.50
N TYR F 315 -5.99 -40.85 29.75
CA TYR F 315 -5.69 -40.80 28.33
C TYR F 315 -6.61 -41.73 27.54
N GLU F 316 -7.69 -42.22 28.17
CA GLU F 316 -8.59 -43.17 27.54
C GLU F 316 -10.02 -42.68 27.65
N GLU F 317 -10.50 -42.47 28.88
CA GLU F 317 -11.88 -42.10 29.12
C GLU F 317 -11.98 -40.59 29.38
N SER F 318 -13.20 -40.05 29.20
CA SER F 318 -13.49 -38.65 29.52
C SER F 318 -13.84 -38.53 31.00
N ARG F 319 -13.85 -37.29 31.50
CA ARG F 319 -14.19 -37.03 32.90
C ARG F 319 -15.56 -37.62 33.23
N ALA F 320 -16.53 -37.36 32.34
CA ALA F 320 -17.91 -37.78 32.56
C ALA F 320 -17.97 -39.29 32.72
N GLN F 321 -17.29 -40.01 31.84
CA GLN F 321 -17.34 -41.47 31.83
C GLN F 321 -16.60 -42.02 33.04
N LEU F 322 -15.44 -41.42 33.35
CA LEU F 322 -14.67 -41.76 34.54
C LEU F 322 -15.53 -41.55 35.79
N LEU F 323 -16.16 -40.37 35.87
CA LEU F 323 -16.96 -39.99 37.03
C LEU F 323 -18.10 -40.97 37.24
N ARG F 324 -18.79 -41.33 36.16
CA ARG F 324 -19.93 -42.24 36.21
C ARG F 324 -19.47 -43.61 36.72
N ASN F 325 -18.47 -44.18 36.05
CA ASN F 325 -18.02 -45.55 36.31
C ASN F 325 -17.50 -45.66 37.74
N ALA F 326 -16.91 -44.57 38.25
CA ALA F 326 -16.36 -44.55 39.59
C ALA F 326 -17.48 -44.53 40.64
N THR F 327 -18.53 -43.72 40.39
CA THR F 327 -19.65 -43.62 41.29
C THR F 327 -20.47 -44.92 41.31
N SER F 328 -20.37 -45.70 40.22
CA SER F 328 -20.98 -47.02 40.17
C SER F 328 -20.19 -48.01 41.03
N TRP F 329 -18.89 -47.75 41.20
CA TRP F 329 -18.06 -48.51 42.13
C TRP F 329 -18.07 -47.86 43.51
N GLY F 330 -18.74 -46.71 43.64
CA GLY F 330 -18.92 -46.04 44.92
C GLY F 330 -17.72 -45.20 45.29
N ILE F 331 -17.26 -44.37 44.33
CA ILE F 331 -16.09 -43.51 44.52
C ILE F 331 -16.48 -42.10 44.06
N ASP F 332 -16.48 -41.15 45.01
CA ASP F 332 -16.87 -39.78 44.72
C ASP F 332 -15.63 -38.96 44.43
N PHE F 333 -15.21 -38.96 43.15
CA PHE F 333 -14.06 -38.20 42.71
C PHE F 333 -14.35 -36.70 42.77
N GLU F 334 -15.61 -36.32 42.52
CA GLU F 334 -16.02 -34.92 42.53
C GLU F 334 -15.75 -34.31 43.91
N GLU F 335 -16.14 -35.03 44.96
CA GLU F 335 -15.92 -34.58 46.34
C GLU F 335 -14.43 -34.33 46.56
N MET F 336 -13.60 -35.28 46.13
CA MET F 336 -12.16 -35.24 46.34
C MET F 336 -11.56 -34.04 45.62
N GLU F 337 -12.09 -33.73 44.42
CA GLU F 337 -11.64 -32.58 43.65
C GLU F 337 -12.03 -31.28 44.36
N ARG F 338 -13.26 -31.23 44.90
CA ARG F 338 -13.75 -30.06 45.59
C ARG F 338 -12.97 -29.84 46.88
N ASP F 339 -12.63 -30.94 47.57
CA ASP F 339 -11.87 -30.89 48.81
C ASP F 339 -10.45 -30.41 48.54
N GLY F 340 -10.02 -30.45 47.27
CA GLY F 340 -8.69 -30.00 46.88
C GLY F 340 -7.64 -31.08 47.14
N LEU F 341 -7.97 -32.33 46.77
CA LEU F 341 -7.13 -33.48 47.02
C LEU F 341 -6.89 -34.28 45.74
N LEU F 342 -7.88 -34.30 44.83
CA LEU F 342 -7.79 -35.06 43.60
C LEU F 342 -7.80 -34.10 42.41
N LYS F 343 -7.11 -34.49 41.33
CA LYS F 343 -7.09 -33.72 40.10
C LYS F 343 -7.15 -34.68 38.91
N ILE F 344 -8.14 -34.50 38.04
CA ILE F 344 -8.31 -35.31 36.86
C ILE F 344 -7.87 -34.50 35.64
N ILE F 345 -6.75 -34.90 35.03
CA ILE F 345 -6.24 -34.25 33.84
C ILE F 345 -6.51 -35.16 32.65
N CYS F 346 -7.62 -34.92 31.95
CA CYS F 346 -8.02 -35.71 30.80
C CYS F 346 -7.44 -35.10 29.52
N ALA F 347 -6.89 -35.96 28.66
CA ALA F 347 -6.32 -35.55 27.40
C ALA F 347 -6.14 -36.75 26.47
N TYR F 348 -6.37 -36.55 25.17
CA TYR F 348 -6.15 -37.58 24.18
C TYR F 348 -4.65 -37.68 23.91
N PRO F 349 -4.08 -38.91 23.80
CA PRO F 349 -2.65 -39.07 23.52
C PRO F 349 -2.16 -38.36 22.25
N GLU F 350 -2.99 -38.40 21.21
CA GLU F 350 -2.62 -37.92 19.89
C GLU F 350 -2.56 -36.39 19.85
N SER F 351 -3.33 -35.74 20.74
CA SER F 351 -3.45 -34.28 20.75
C SER F 351 -2.08 -33.62 20.62
N THR F 352 -1.17 -33.97 21.53
CA THR F 352 0.18 -33.40 21.56
C THR F 352 1.20 -34.53 21.48
N GLY F 353 2.47 -34.21 21.74
CA GLY F 353 3.54 -35.19 21.74
C GLY F 353 3.98 -35.57 23.15
N LEU F 354 4.79 -36.63 23.24
CA LEU F 354 5.25 -37.18 24.50
C LEU F 354 6.15 -36.18 25.24
N GLU F 355 6.88 -35.35 24.48
CA GLU F 355 7.71 -34.30 25.06
C GLU F 355 6.82 -33.33 25.85
N ASP F 356 5.68 -32.96 25.24
CA ASP F 356 4.74 -32.03 25.85
C ASP F 356 4.05 -32.71 27.04
N HIS F 357 3.53 -33.92 26.81
CA HIS F 357 2.85 -34.69 27.83
C HIS F 357 3.69 -34.77 29.11
N LEU F 358 4.99 -35.03 28.96
CA LEU F 358 5.89 -35.20 30.09
C LEU F 358 6.02 -33.88 30.84
N GLN F 359 6.04 -32.77 30.09
CA GLN F 359 6.12 -31.44 30.68
C GLN F 359 4.84 -31.14 31.45
N ILE F 360 3.68 -31.44 30.83
CA ILE F 360 2.39 -31.20 31.46
C ILE F 360 2.34 -31.90 32.82
N ILE F 361 2.83 -33.15 32.87
CA ILE F 361 2.84 -33.94 34.08
C ILE F 361 3.75 -33.27 35.12
N LYS F 362 4.99 -32.95 34.70
CA LYS F 362 5.98 -32.37 35.60
C LYS F 362 5.54 -30.99 36.06
N SER F 363 4.77 -30.29 35.22
CA SER F 363 4.23 -28.98 35.56
C SER F 363 3.22 -29.11 36.70
N GLU F 364 2.21 -29.97 36.50
CA GLU F 364 1.15 -30.16 37.48
C GLU F 364 1.69 -30.82 38.75
N ILE F 365 2.72 -31.66 38.62
CA ILE F 365 3.30 -32.36 39.75
C ILE F 365 4.07 -31.38 40.64
N SER F 366 4.55 -30.28 40.05
CA SER F 366 5.30 -29.28 40.79
C SER F 366 4.35 -28.30 41.49
N GLU F 367 3.16 -28.10 40.92
CA GLU F 367 2.19 -27.14 41.44
C GLU F 367 1.36 -27.78 42.55
N PHE F 368 0.68 -28.88 42.22
CA PHE F 368 -0.25 -29.54 43.12
C PHE F 368 0.51 -30.27 44.23
N LYS F 369 1.80 -30.56 43.99
CA LYS F 369 2.66 -31.22 44.97
C LYS F 369 1.98 -32.49 45.47
N PRO F 370 1.70 -33.48 44.59
CA PRO F 370 1.00 -34.71 44.99
C PRO F 370 1.90 -35.67 45.76
N SER F 371 1.26 -36.65 46.41
CA SER F 371 1.97 -37.76 47.04
C SER F 371 1.82 -39.03 46.22
N ARG F 372 0.71 -39.13 45.46
CA ARG F 372 0.46 -40.25 44.57
C ARG F 372 0.06 -39.73 43.19
N ILE F 373 0.39 -40.50 42.16
CA ILE F 373 0.09 -40.15 40.78
C ILE F 373 -0.28 -41.43 40.02
N ALA F 374 -1.19 -41.29 39.06
CA ALA F 374 -1.65 -42.42 38.26
C ALA F 374 -1.75 -42.02 36.80
N ILE F 375 -1.27 -42.91 35.92
CA ILE F 375 -1.37 -42.72 34.47
C ILE F 375 -2.18 -43.87 33.88
N ASP F 376 -3.35 -43.54 33.34
CA ASP F 376 -4.23 -44.51 32.70
C ASP F 376 -4.52 -44.03 31.27
N SER F 377 -3.81 -44.58 30.27
CA SER F 377 -2.83 -45.63 30.42
C SER F 377 -1.55 -45.28 29.68
N LEU F 378 -0.48 -46.03 29.96
CA LEU F 378 0.78 -45.88 29.25
C LEU F 378 0.67 -46.50 27.85
N SER F 379 -0.15 -47.55 27.72
CA SER F 379 -0.33 -48.24 26.45
C SER F 379 -0.99 -47.32 25.42
N ALA F 380 -1.79 -46.36 25.90
CA ALA F 380 -2.48 -45.42 25.02
C ALA F 380 -1.49 -44.36 24.51
N LEU F 381 -0.54 -43.97 25.36
CA LEU F 381 0.46 -42.97 25.01
C LEU F 381 1.50 -43.55 24.06
N ALA F 382 1.55 -44.89 23.96
CA ALA F 382 2.50 -45.57 23.10
C ALA F 382 1.95 -45.71 21.68
N ARG F 383 0.67 -45.41 21.49
CA ARG F 383 0.02 -45.52 20.18
C ARG F 383 0.54 -44.42 19.26
N GLY F 384 1.09 -44.82 18.10
CA GLY F 384 1.58 -43.87 17.11
C GLY F 384 3.03 -43.48 17.35
N VAL F 385 3.35 -43.09 18.60
CA VAL F 385 4.68 -42.66 18.98
C VAL F 385 5.67 -43.80 18.77
N SER F 386 6.94 -43.43 18.55
CA SER F 386 8.01 -44.40 18.36
C SER F 386 8.31 -45.11 19.68
N ASN F 387 8.98 -46.27 19.58
CA ASN F 387 9.34 -47.06 20.75
C ASN F 387 10.34 -46.29 21.60
N ASN F 388 11.23 -45.54 20.93
CA ASN F 388 12.29 -44.80 21.60
C ASN F 388 11.71 -43.60 22.34
N ALA F 389 10.82 -42.85 21.67
CA ALA F 389 10.18 -41.69 22.27
C ALA F 389 9.32 -42.11 23.46
N PHE F 390 8.64 -43.25 23.31
CA PHE F 390 7.84 -43.85 24.36
C PHE F 390 8.73 -44.19 25.55
N ARG F 391 9.86 -44.84 25.29
CA ARG F 391 10.81 -45.22 26.33
C ARG F 391 11.26 -43.98 27.09
N GLN F 392 11.59 -42.92 26.35
CA GLN F 392 12.06 -41.66 26.93
C GLN F 392 11.00 -41.10 27.88
N PHE F 393 9.73 -41.20 27.49
CA PHE F 393 8.63 -40.75 28.33
C PHE F 393 8.55 -41.58 29.60
N VAL F 394 8.49 -42.91 29.44
CA VAL F 394 8.32 -43.82 30.55
C VAL F 394 9.41 -43.58 31.59
N ILE F 395 10.66 -43.49 31.12
CA ILE F 395 11.81 -43.26 32.00
C ILE F 395 11.66 -41.90 32.67
N GLY F 396 11.38 -40.87 31.85
CA GLY F 396 11.30 -39.50 32.32
C GLY F 396 10.24 -39.33 33.42
N VAL F 397 9.08 -39.95 33.24
CA VAL F 397 7.99 -39.87 34.19
C VAL F 397 8.39 -40.64 35.45
N THR F 398 8.78 -41.91 35.26
CA THR F 398 9.20 -42.77 36.36
C THR F 398 10.26 -42.07 37.21
N GLY F 399 11.32 -41.59 36.55
CA GLY F 399 12.44 -40.95 37.22
C GLY F 399 12.01 -39.74 38.05
N TYR F 400 11.12 -38.92 37.47
CA TYR F 400 10.65 -37.71 38.13
C TYR F 400 9.90 -38.09 39.40
N ALA F 401 9.02 -39.09 39.32
CA ALA F 401 8.20 -39.52 40.44
C ALA F 401 9.08 -40.12 41.53
N LYS F 402 10.04 -40.96 41.13
CA LYS F 402 10.98 -41.57 42.06
C LYS F 402 11.83 -40.48 42.74
N GLN F 403 12.14 -39.42 41.99
CA GLN F 403 12.94 -38.31 42.49
C GLN F 403 12.10 -37.43 43.40
N GLU F 404 10.88 -37.07 42.95
CA GLU F 404 9.98 -36.23 43.72
C GLU F 404 9.32 -37.03 44.84
N GLU F 405 9.61 -38.33 44.91
CA GLU F 405 9.15 -39.19 46.00
C GLU F 405 7.64 -39.33 45.94
N ILE F 406 7.11 -39.59 44.74
CA ILE F 406 5.69 -39.75 44.51
C ILE F 406 5.41 -41.19 44.08
N THR F 407 4.40 -41.81 44.70
CA THR F 407 4.03 -43.19 44.41
C THR F 407 3.28 -43.23 43.08
N GLY F 408 3.78 -44.02 42.13
CA GLY F 408 3.24 -44.06 40.78
C GLY F 408 2.48 -45.35 40.50
N PHE F 409 1.28 -45.22 39.95
CA PHE F 409 0.48 -46.36 39.49
C PHE F 409 0.22 -46.20 38.00
N PHE F 410 0.70 -47.16 37.19
CA PHE F 410 0.59 -47.09 35.74
C PHE F 410 -0.22 -48.27 35.24
N THR F 411 -0.89 -48.06 34.10
CA THR F 411 -1.77 -49.05 33.49
C THR F 411 -1.24 -49.40 32.11
N ASN F 412 -1.41 -50.69 31.73
CA ASN F 412 -1.03 -51.17 30.42
C ASN F 412 -2.08 -52.19 29.97
N THR F 413 -2.59 -51.99 28.75
CA THR F 413 -3.55 -52.92 28.15
C THR F 413 -2.81 -53.83 27.18
N SER F 414 -2.76 -55.14 27.50
CA SER F 414 -2.17 -56.12 26.61
C SER F 414 -3.10 -56.34 25.42
N ASP F 415 -2.50 -56.54 24.23
CA ASP F 415 -3.26 -56.70 23.00
C ASP F 415 -4.06 -58.00 23.05
N GLN F 416 -3.49 -59.03 23.68
CA GLN F 416 -4.13 -60.34 23.78
C GLN F 416 -5.30 -60.27 24.76
N PHE F 417 -6.39 -60.97 24.42
CA PHE F 417 -7.59 -60.98 25.24
C PHE F 417 -7.39 -61.87 26.46
N MET F 418 -6.88 -63.08 26.24
CA MET F 418 -7.00 -64.15 27.22
C MET F 418 -5.62 -64.56 27.73
N GLY F 419 -5.52 -64.75 29.05
CA GLY F 419 -4.31 -65.24 29.69
C GLY F 419 -3.23 -64.17 29.76
N SER F 420 -2.20 -64.43 30.60
CA SER F 420 -1.01 -63.61 30.65
C SER F 420 -0.27 -63.73 29.33
N HIS F 421 -0.10 -64.98 28.86
CA HIS F 421 0.46 -65.27 27.55
C HIS F 421 1.87 -64.69 27.46
N SER F 422 2.06 -63.73 26.53
CA SER F 422 3.34 -63.07 26.34
C SER F 422 3.15 -61.56 26.41
N ILE F 423 2.56 -61.10 27.52
CA ILE F 423 2.30 -59.68 27.74
C ILE F 423 3.58 -59.00 28.21
N THR F 424 3.49 -57.68 28.44
CA THR F 424 4.65 -56.86 28.75
C THR F 424 5.57 -56.81 27.53
N ASP F 425 5.07 -56.19 26.45
CA ASP F 425 5.75 -56.15 25.17
C ASP F 425 6.26 -54.74 24.91
N SER F 426 7.05 -54.20 25.84
CA SER F 426 7.64 -52.88 25.70
C SER F 426 8.86 -52.69 26.62
N HIS F 427 9.15 -53.69 27.47
CA HIS F 427 10.28 -53.63 28.39
C HIS F 427 10.10 -52.47 29.37
N ILE F 428 8.92 -52.42 30.00
CA ILE F 428 8.63 -51.48 31.07
C ILE F 428 8.61 -52.22 32.41
N SER F 429 9.15 -53.45 32.40
CA SER F 429 9.18 -54.30 33.58
C SER F 429 10.36 -53.92 34.49
N THR F 430 11.48 -53.53 33.87
CA THR F 430 12.68 -53.15 34.61
C THR F 430 12.44 -51.87 35.39
N ILE F 431 11.61 -50.98 34.84
CA ILE F 431 11.32 -49.68 35.42
C ILE F 431 10.43 -49.85 36.65
N THR F 432 9.45 -50.75 36.56
CA THR F 432 8.44 -50.94 37.60
C THR F 432 8.99 -51.84 38.71
N ASP F 433 8.60 -51.53 39.95
CA ASP F 433 9.03 -52.28 41.12
C ASP F 433 7.98 -53.33 41.48
N THR F 434 6.70 -52.97 41.32
CA THR F 434 5.59 -53.88 41.57
C THR F 434 4.81 -54.10 40.27
N ILE F 435 4.37 -55.35 40.05
CA ILE F 435 3.55 -55.68 38.90
C ILE F 435 2.32 -56.46 39.37
N ILE F 436 1.14 -55.87 39.14
CA ILE F 436 -0.13 -56.52 39.37
C ILE F 436 -0.62 -57.07 38.03
N LEU F 437 -0.82 -58.39 37.97
CA LEU F 437 -1.22 -59.06 36.72
C LEU F 437 -2.68 -59.49 36.82
N LEU F 438 -3.54 -58.76 36.10
CA LEU F 438 -4.94 -59.09 35.96
C LEU F 438 -5.13 -59.86 34.65
N GLN F 439 -5.92 -60.94 34.69
CA GLN F 439 -6.15 -61.75 33.49
C GLN F 439 -7.54 -62.37 33.54
N TYR F 440 -8.02 -62.79 32.36
CA TYR F 440 -9.27 -63.51 32.23
C TYR F 440 -8.99 -65.02 32.32
N VAL F 441 -9.94 -65.74 32.93
CA VAL F 441 -9.88 -67.20 33.00
C VAL F 441 -11.24 -67.76 32.57
N GLU F 442 -11.21 -68.95 31.98
CA GLU F 442 -12.40 -69.62 31.50
C GLU F 442 -12.75 -70.78 32.44
N ILE F 443 -13.74 -70.56 33.31
CA ILE F 443 -14.19 -71.58 34.24
C ILE F 443 -15.66 -71.89 33.95
N ARG F 444 -15.94 -73.13 33.55
CA ARG F 444 -17.30 -73.65 33.43
C ARG F 444 -18.13 -72.76 32.51
N GLY F 445 -17.60 -72.45 31.33
CA GLY F 445 -18.34 -71.71 30.33
C GLY F 445 -18.57 -70.24 30.71
N GLU F 446 -17.83 -69.75 31.72
CA GLU F 446 -17.93 -68.37 32.15
C GLU F 446 -16.54 -67.71 32.02
N MET F 447 -16.55 -66.38 31.93
CA MET F 447 -15.34 -65.58 31.83
C MET F 447 -15.03 -64.98 33.20
N SER F 448 -14.27 -65.73 34.02
CA SER F 448 -13.86 -65.26 35.33
C SER F 448 -12.66 -64.32 35.21
N ARG F 449 -12.30 -63.70 36.33
CA ARG F 449 -11.16 -62.80 36.39
C ARG F 449 -10.16 -63.33 37.43
N ALA F 450 -8.93 -62.83 37.36
CA ALA F 450 -7.88 -63.27 38.27
C ALA F 450 -6.87 -62.14 38.49
N ILE F 451 -6.34 -62.06 39.71
CA ILE F 451 -5.33 -61.09 40.08
C ILE F 451 -4.12 -61.84 40.63
N ASN F 452 -2.93 -61.25 40.45
CA ASN F 452 -1.69 -61.85 40.87
C ASN F 452 -0.64 -60.78 41.05
N VAL F 453 0.03 -60.78 42.22
CA VAL F 453 1.16 -59.90 42.47
C VAL F 453 2.39 -60.57 41.85
N PHE F 454 2.63 -60.26 40.57
CA PHE F 454 3.66 -60.93 39.79
C PHE F 454 5.04 -60.64 40.38
N LYS F 455 5.28 -59.38 40.73
CA LYS F 455 6.57 -58.94 41.25
C LYS F 455 6.33 -57.89 42.34
N MET F 456 7.16 -57.93 43.38
CA MET F 456 7.15 -56.95 44.45
C MET F 456 8.57 -56.80 45.01
N ARG F 457 9.39 -56.02 44.29
CA ARG F 457 10.74 -55.70 44.74
C ARG F 457 10.66 -55.12 46.15
N GLY F 458 11.41 -55.74 47.07
CA GLY F 458 11.58 -55.20 48.42
C GLY F 458 10.72 -55.91 49.46
N SER F 459 9.69 -56.64 49.03
CA SER F 459 8.72 -57.23 49.93
C SER F 459 8.44 -58.68 49.55
N TRP F 460 7.94 -59.45 50.52
CA TRP F 460 7.26 -60.70 50.23
C TRP F 460 5.91 -60.38 49.62
N HIS F 461 5.45 -61.23 48.69
CA HIS F 461 4.14 -61.07 48.10
C HIS F 461 3.47 -62.45 48.02
N ASP F 462 2.14 -62.45 48.05
CA ASP F 462 1.36 -63.64 47.80
C ASP F 462 1.65 -64.09 46.37
N LYS F 463 2.00 -65.38 46.21
CA LYS F 463 2.41 -65.91 44.91
C LYS F 463 1.20 -66.56 44.23
N GLY F 464 -0.01 -66.21 44.69
CA GLY F 464 -1.22 -66.90 44.25
C GLY F 464 -1.94 -66.16 43.12
N ILE F 465 -2.46 -66.93 42.16
CA ILE F 465 -3.26 -66.40 41.07
C ILE F 465 -4.71 -66.40 41.53
N ARG F 466 -5.10 -65.34 42.24
CA ARG F 466 -6.34 -65.33 43.00
C ARG F 466 -7.48 -64.82 42.13
N GLU F 467 -8.65 -65.47 42.27
CA GLU F 467 -9.87 -65.03 41.62
C GLU F 467 -10.32 -63.72 42.25
N PHE F 468 -10.81 -62.79 41.43
CA PHE F 468 -11.32 -61.52 41.92
C PHE F 468 -12.56 -61.16 41.12
N VAL F 469 -13.50 -60.46 41.77
CA VAL F 469 -14.77 -60.12 41.15
C VAL F 469 -14.99 -58.62 41.35
N ILE F 470 -15.74 -58.00 40.42
CA ILE F 470 -16.04 -56.58 40.49
C ILE F 470 -17.54 -56.43 40.78
N SER F 471 -17.87 -55.42 41.60
CA SER F 471 -19.22 -55.18 42.07
C SER F 471 -19.44 -53.69 42.27
N ASP F 472 -20.62 -53.32 42.78
CA ASP F 472 -20.92 -51.94 43.11
C ASP F 472 -20.08 -51.50 44.31
N LYS F 473 -19.77 -52.45 45.20
CA LYS F 473 -18.92 -52.20 46.35
C LYS F 473 -17.47 -52.01 45.89
N GLY F 474 -17.11 -52.67 44.78
CA GLY F 474 -15.78 -52.57 44.20
C GLY F 474 -15.17 -53.96 43.98
N PRO F 475 -13.84 -54.11 44.18
CA PRO F 475 -13.18 -55.40 43.98
C PRO F 475 -13.30 -56.34 45.17
N GLU F 476 -13.41 -57.64 44.89
CA GLU F 476 -13.47 -58.67 45.92
C GLU F 476 -12.54 -59.81 45.52
N ILE F 477 -11.33 -59.81 46.10
CA ILE F 477 -10.34 -60.83 45.83
C ILE F 477 -10.68 -62.05 46.69
N LYS F 478 -10.76 -63.23 46.04
CA LYS F 478 -11.20 -64.45 46.68
C LYS F 478 -9.99 -65.38 46.87
N ASP F 479 -10.05 -66.58 46.27
CA ASP F 479 -9.04 -67.60 46.49
C ASP F 479 -8.48 -68.05 45.14
N SER F 480 -7.35 -68.76 45.18
CA SER F 480 -6.67 -69.20 43.98
C SER F 480 -7.40 -70.39 43.35
N PHE F 481 -7.13 -70.60 42.06
CA PHE F 481 -7.69 -71.73 41.32
C PHE F 481 -6.80 -72.95 41.56
N ARG F 482 -6.89 -73.51 42.77
CA ARG F 482 -5.96 -74.52 43.24
C ARG F 482 -6.16 -75.84 42.50
N ASN F 483 -7.41 -76.11 42.08
CA ASN F 483 -7.75 -77.34 41.40
C ASN F 483 -7.85 -77.09 39.90
N PHE F 484 -6.84 -76.42 39.35
CA PHE F 484 -6.80 -76.06 37.93
C PHE F 484 -5.34 -75.95 37.47
N GLU F 485 -5.11 -76.27 36.19
CA GLU F 485 -3.81 -76.14 35.56
C GLU F 485 -3.95 -75.36 34.26
N ARG F 486 -2.85 -74.74 33.82
CA ARG F 486 -2.80 -73.88 32.64
C ARG F 486 -3.69 -72.66 32.85
N ILE F 487 -3.57 -72.02 34.01
CA ILE F 487 -4.33 -70.83 34.34
C ILE F 487 -3.87 -69.67 33.46
N ILE F 488 -2.55 -69.57 33.25
CA ILE F 488 -1.94 -68.45 32.56
C ILE F 488 -2.36 -68.41 31.09
N SER F 489 -2.81 -69.55 30.56
CA SER F 489 -3.33 -69.61 29.20
C SER F 489 -4.64 -68.84 29.07
N GLY F 490 -5.44 -68.85 30.15
CA GLY F 490 -6.76 -68.26 30.14
C GLY F 490 -7.85 -69.31 29.94
N SER F 491 -7.45 -70.47 29.40
CA SER F 491 -8.32 -71.62 29.22
C SER F 491 -7.79 -72.79 30.06
N PRO F 492 -8.08 -72.84 31.38
CA PRO F 492 -7.51 -73.86 32.26
C PRO F 492 -8.05 -75.27 32.04
N THR F 493 -7.45 -76.22 32.76
CA THR F 493 -7.87 -77.61 32.77
C THR F 493 -8.05 -78.05 34.21
N ARG F 494 -9.22 -78.60 34.53
CA ARG F 494 -9.52 -79.05 35.89
C ARG F 494 -8.67 -80.28 36.20
N ILE F 495 -8.03 -80.27 37.38
CA ILE F 495 -7.16 -81.34 37.81
C ILE F 495 -7.93 -82.23 38.79
N THR F 496 -8.72 -83.15 38.26
CA THR F 496 -9.52 -84.08 39.05
C THR F 496 -8.94 -85.49 38.94
N ALA G 15 -46.53 23.41 -23.89
CA ALA G 15 -45.54 24.31 -23.26
C ALA G 15 -45.76 24.36 -21.75
N VAL G 16 -44.88 25.09 -21.05
CA VAL G 16 -44.93 25.17 -19.60
C VAL G 16 -45.97 26.19 -19.18
N GLN G 17 -47.03 25.72 -18.51
CA GLN G 17 -48.05 26.58 -17.92
C GLN G 17 -47.63 26.92 -16.49
N LYS G 18 -48.27 27.96 -15.92
CA LYS G 18 -47.87 28.50 -14.63
C LYS G 18 -49.10 28.64 -13.71
N LEU G 19 -48.88 28.38 -12.42
CA LEU G 19 -49.88 28.60 -11.38
C LEU G 19 -49.69 30.00 -10.79
N PRO G 20 -50.76 30.83 -10.71
CA PRO G 20 -50.67 32.10 -9.99
C PRO G 20 -50.45 31.89 -8.50
N THR G 21 -49.49 32.64 -7.93
CA THR G 21 -49.13 32.53 -6.53
C THR G 21 -50.06 33.40 -5.68
N GLY G 22 -50.59 34.47 -6.29
CA GLY G 22 -51.42 35.43 -5.58
C GLY G 22 -50.59 36.51 -4.87
N ILE G 23 -49.27 36.42 -4.99
CA ILE G 23 -48.36 37.35 -4.34
C ILE G 23 -48.17 38.56 -5.25
N GLU G 24 -48.19 39.76 -4.64
CA GLU G 24 -48.17 41.00 -5.39
C GLU G 24 -46.78 41.21 -6.00
N GLY G 25 -46.73 41.16 -7.34
CA GLY G 25 -45.51 41.44 -8.07
C GLY G 25 -44.83 40.18 -8.60
N PHE G 26 -44.94 39.07 -7.86
CA PHE G 26 -44.24 37.85 -8.22
C PHE G 26 -44.73 37.33 -9.57
N ASP G 27 -46.05 37.36 -9.77
CA ASP G 27 -46.67 36.84 -10.98
C ASP G 27 -46.30 37.73 -12.17
N ASP G 28 -45.89 38.97 -11.89
CA ASP G 28 -45.40 39.89 -12.90
C ASP G 28 -43.97 39.51 -13.28
N ILE G 29 -43.15 39.23 -12.27
CA ILE G 29 -41.74 38.92 -12.46
C ILE G 29 -41.60 37.56 -13.11
N SER G 30 -42.44 36.60 -12.69
CA SER G 30 -42.39 35.23 -13.19
C SER G 30 -43.18 35.10 -14.49
N HIS G 31 -43.78 36.19 -14.97
CA HIS G 31 -44.53 36.20 -16.22
C HIS G 31 -45.67 35.18 -16.14
N GLY G 32 -46.42 35.21 -15.04
CA GLY G 32 -47.59 34.35 -14.89
C GLY G 32 -47.64 33.66 -13.52
N GLY G 33 -46.49 33.19 -13.04
CA GLY G 33 -46.42 32.45 -11.79
C GLY G 33 -45.40 31.30 -11.87
N LEU G 34 -45.54 30.35 -10.95
CA LEU G 34 -44.63 29.22 -10.86
C LEU G 34 -45.02 28.15 -11.87
N PRO G 35 -44.08 27.66 -12.71
CA PRO G 35 -44.35 26.54 -13.62
C PRO G 35 -45.04 25.36 -12.93
N ILE G 36 -46.19 24.96 -13.49
CA ILE G 36 -47.04 23.95 -12.86
C ILE G 36 -46.43 22.57 -13.04
N GLY G 37 -46.44 21.79 -11.96
CA GLY G 37 -46.02 20.40 -11.98
C GLY G 37 -44.51 20.22 -11.79
N ARG G 38 -43.82 21.32 -11.46
CA ARG G 38 -42.38 21.32 -11.31
C ARG G 38 -42.02 21.98 -9.98
N SER G 39 -40.82 21.65 -9.47
CA SER G 39 -40.37 22.14 -8.17
C SER G 39 -39.62 23.45 -8.33
N THR G 40 -39.86 24.38 -7.39
CA THR G 40 -39.17 25.67 -7.36
C THR G 40 -38.31 25.74 -6.10
N LEU G 41 -37.03 26.12 -6.28
CA LEU G 41 -36.09 26.27 -5.19
C LEU G 41 -36.04 27.72 -4.76
N VAL G 42 -36.60 28.03 -3.59
CA VAL G 42 -36.55 29.37 -3.02
C VAL G 42 -35.46 29.38 -1.95
N SER G 43 -34.29 29.92 -2.30
CA SER G 43 -33.15 29.95 -1.39
C SER G 43 -33.00 31.34 -0.78
N GLY G 44 -32.29 31.40 0.34
CA GLY G 44 -32.05 32.66 1.04
C GLY G 44 -31.40 32.43 2.40
N THR G 45 -30.77 33.49 2.93
CA THR G 45 -30.18 33.48 4.26
C THR G 45 -31.30 33.54 5.30
N SER G 46 -30.92 33.47 6.58
CA SER G 46 -31.86 33.48 7.68
C SER G 46 -32.57 34.84 7.76
N GLY G 47 -33.91 34.81 7.71
CA GLY G 47 -34.72 36.00 7.88
C GLY G 47 -35.03 36.72 6.56
N THR G 48 -34.81 36.03 5.44
CA THR G 48 -35.09 36.59 4.12
C THR G 48 -36.60 36.57 3.86
N GLY G 49 -37.25 35.45 4.19
CA GLY G 49 -38.69 35.31 4.09
C GLY G 49 -39.11 34.10 3.26
N LYS G 50 -38.41 32.96 3.47
CA LYS G 50 -38.62 31.77 2.66
C LYS G 50 -39.87 31.03 3.13
N THR G 51 -40.09 31.03 4.45
CA THR G 51 -41.24 30.35 5.03
C THR G 51 -42.51 31.15 4.76
N VAL G 52 -42.39 32.48 4.73
CA VAL G 52 -43.53 33.34 4.43
C VAL G 52 -43.96 33.12 2.99
N PHE G 53 -42.98 33.07 2.07
CA PHE G 53 -43.25 32.83 0.66
C PHE G 53 -43.92 31.48 0.48
N SER G 54 -43.37 30.45 1.14
CA SER G 54 -43.86 29.09 1.02
C SER G 54 -45.26 28.96 1.58
N MET G 55 -45.58 29.74 2.63
CA MET G 55 -46.88 29.70 3.26
C MET G 55 -47.89 30.49 2.45
N GLN G 56 -47.48 31.68 1.97
CA GLN G 56 -48.34 32.56 1.21
C GLN G 56 -48.76 31.90 -0.10
N PHE G 57 -47.90 31.02 -0.63
CA PHE G 57 -48.18 30.24 -1.82
C PHE G 57 -49.39 29.34 -1.60
N LEU G 58 -49.37 28.57 -0.50
CA LEU G 58 -50.42 27.62 -0.19
C LEU G 58 -51.69 28.37 0.23
N TYR G 59 -51.53 29.35 1.13
CA TYR G 59 -52.65 30.10 1.67
C TYR G 59 -53.50 30.68 0.55
N ASN G 60 -52.86 31.40 -0.36
CA ASN G 60 -53.54 31.98 -1.52
C ASN G 60 -54.12 30.86 -2.37
N GLY G 61 -53.34 29.79 -2.57
CA GLY G 61 -53.80 28.60 -3.28
C GLY G 61 -55.15 28.10 -2.78
N ILE G 62 -55.35 28.17 -1.45
CA ILE G 62 -56.58 27.72 -0.82
C ILE G 62 -57.63 28.83 -0.92
N THR G 63 -57.27 30.04 -0.49
CA THR G 63 -58.24 31.11 -0.25
C THR G 63 -58.63 31.82 -1.54
N HIS G 64 -57.88 31.59 -2.63
CA HIS G 64 -58.14 32.28 -3.89
C HIS G 64 -58.53 31.28 -4.99
N PHE G 65 -57.67 30.29 -5.22
CA PHE G 65 -57.79 29.43 -6.39
C PHE G 65 -58.39 28.07 -6.00
N ASP G 66 -58.72 27.90 -4.71
CA ASP G 66 -59.37 26.69 -4.22
C ASP G 66 -58.53 25.47 -4.57
N GLU G 67 -57.28 25.46 -4.09
CA GLU G 67 -56.35 24.36 -4.31
C GLU G 67 -55.77 23.94 -2.96
N PRO G 68 -56.03 22.70 -2.49
CA PRO G 68 -55.50 22.25 -1.19
C PRO G 68 -53.98 22.15 -1.20
N GLY G 69 -53.38 22.30 -0.02
CA GLY G 69 -51.93 22.35 0.11
C GLY G 69 -51.42 21.44 1.23
N VAL G 70 -50.14 21.05 1.12
CA VAL G 70 -49.45 20.32 2.17
C VAL G 70 -48.13 21.03 2.44
N PHE G 71 -47.80 21.19 3.73
CA PHE G 71 -46.60 21.89 4.15
C PHE G 71 -45.74 20.92 4.97
N VAL G 72 -44.59 20.53 4.42
CA VAL G 72 -43.66 19.65 5.09
C VAL G 72 -42.66 20.50 5.88
N THR G 73 -42.61 20.30 7.19
CA THR G 73 -41.66 20.99 8.06
C THR G 73 -40.70 19.96 8.64
N PHE G 74 -39.41 20.32 8.71
CA PHE G 74 -38.35 19.43 9.14
C PHE G 74 -37.75 19.89 10.48
N GLU G 75 -38.39 20.87 11.12
CA GLU G 75 -37.87 21.42 12.37
C GLU G 75 -38.97 22.18 13.11
N GLU G 76 -39.48 23.24 12.47
CA GLU G 76 -40.47 24.11 13.09
C GLU G 76 -41.75 23.32 13.32
N SER G 77 -42.31 23.44 14.53
CA SER G 77 -43.48 22.66 14.93
C SER G 77 -44.72 23.22 14.23
N PRO G 78 -45.66 22.35 13.77
CA PRO G 78 -46.92 22.80 13.17
C PRO G 78 -47.61 23.94 13.92
N GLN G 79 -47.67 23.83 15.25
CA GLN G 79 -48.34 24.81 16.09
C GLN G 79 -47.69 26.19 15.92
N ASP G 80 -46.35 26.21 15.80
CA ASP G 80 -45.61 27.45 15.67
C ASP G 80 -45.84 28.08 14.30
N ILE G 81 -45.95 27.25 13.26
CA ILE G 81 -46.20 27.71 11.91
C ILE G 81 -47.52 28.49 11.87
N ILE G 82 -48.49 28.10 12.71
CA ILE G 82 -49.79 28.73 12.75
C ILE G 82 -49.70 30.04 13.53
N LYS G 83 -49.03 30.00 14.69
CA LYS G 83 -48.80 31.20 15.51
C LYS G 83 -48.11 32.28 14.68
N ASN G 84 -47.15 31.87 13.84
CA ASN G 84 -46.32 32.81 13.09
C ASN G 84 -47.09 33.36 11.88
N ALA G 85 -48.10 32.62 11.40
CA ALA G 85 -48.91 33.05 10.29
C ALA G 85 -50.00 34.02 10.76
N ALA G 86 -50.22 34.08 12.08
CA ALA G 86 -51.22 34.96 12.67
C ALA G 86 -50.84 36.43 12.48
N SER G 87 -49.53 36.69 12.36
CA SER G 87 -49.01 38.04 12.13
C SER G 87 -49.59 38.64 10.85
N PHE G 88 -49.85 37.78 9.85
CA PHE G 88 -50.31 38.21 8.54
C PHE G 88 -51.84 38.21 8.46
N GLY G 89 -52.50 37.70 9.50
CA GLY G 89 -53.96 37.63 9.54
C GLY G 89 -54.49 36.39 8.81
N TRP G 90 -53.72 35.30 8.87
CA TRP G 90 -54.08 34.04 8.24
C TRP G 90 -54.43 33.02 9.32
N ASP G 91 -55.65 32.47 9.26
CA ASP G 91 -56.07 31.43 10.19
C ASP G 91 -55.85 30.08 9.51
N LEU G 92 -54.65 29.51 9.70
CA LEU G 92 -54.27 28.26 9.08
C LEU G 92 -54.97 27.08 9.76
N GLN G 93 -55.18 27.22 11.08
CA GLN G 93 -55.85 26.19 11.87
C GLN G 93 -57.21 25.86 11.26
N LYS G 94 -57.98 26.90 10.93
CA LYS G 94 -59.31 26.74 10.36
C LYS G 94 -59.23 25.98 9.03
N LEU G 95 -58.18 26.26 8.26
CA LEU G 95 -57.97 25.61 6.97
C LEU G 95 -57.51 24.17 7.19
N VAL G 96 -56.75 23.92 8.26
CA VAL G 96 -56.35 22.58 8.63
C VAL G 96 -57.57 21.79 9.10
N ASP G 97 -58.47 22.47 9.83
CA ASP G 97 -59.70 21.87 10.33
C ASP G 97 -60.62 21.52 9.16
N GLU G 98 -60.60 22.34 8.11
CA GLU G 98 -61.50 22.19 6.97
C GLU G 98 -60.95 21.17 5.97
N GLY G 99 -59.73 20.66 6.21
CA GLY G 99 -59.13 19.66 5.34
C GLY G 99 -58.58 20.26 4.05
N LYS G 100 -58.34 21.57 4.05
CA LYS G 100 -57.77 22.27 2.91
C LYS G 100 -56.24 22.28 3.02
N LEU G 101 -55.73 22.32 4.26
CA LEU G 101 -54.30 22.37 4.53
C LEU G 101 -53.90 21.19 5.40
N PHE G 102 -52.65 20.74 5.23
CA PHE G 102 -52.06 19.71 6.07
C PHE G 102 -50.57 20.02 6.29
N ILE G 103 -50.17 20.14 7.56
CA ILE G 103 -48.78 20.38 7.92
C ILE G 103 -48.16 19.07 8.37
N LEU G 104 -47.40 18.43 7.48
CA LEU G 104 -46.75 17.17 7.77
C LEU G 104 -45.50 17.45 8.61
N ASP G 105 -45.53 17.00 9.88
CA ASP G 105 -44.43 17.21 10.80
C ASP G 105 -43.39 16.11 10.59
N ALA G 106 -42.25 16.49 9.99
CA ALA G 106 -41.11 15.59 9.84
C ALA G 106 -39.98 16.03 10.76
N SER G 107 -40.31 16.81 11.79
CA SER G 107 -39.31 17.34 12.70
C SER G 107 -38.78 16.21 13.60
N PRO G 108 -37.51 16.29 14.05
CA PRO G 108 -36.97 15.29 14.97
C PRO G 108 -37.58 15.38 16.37
N ASP G 109 -37.22 14.43 17.23
CA ASP G 109 -37.71 14.39 18.60
C ASP G 109 -36.74 15.15 19.51
N PRO G 110 -37.24 15.97 20.47
CA PRO G 110 -36.38 16.57 21.49
C PRO G 110 -35.88 15.58 22.53
N GLU G 111 -36.48 14.38 22.55
CA GLU G 111 -36.06 13.31 23.44
C GLU G 111 -35.88 12.01 22.63
N LEU G 121 -35.22 8.72 2.65
CA LEU G 121 -36.20 9.73 2.16
C LEU G 121 -37.44 9.05 1.58
N SER G 122 -37.30 7.79 1.15
CA SER G 122 -38.39 7.02 0.56
C SER G 122 -39.60 7.01 1.49
N ALA G 123 -39.35 6.94 2.80
CA ALA G 123 -40.40 6.94 3.81
C ALA G 123 -41.19 8.24 3.76
N LEU G 124 -40.48 9.37 3.67
CA LEU G 124 -41.11 10.69 3.65
C LEU G 124 -41.94 10.85 2.37
N ILE G 125 -41.38 10.41 1.24
CA ILE G 125 -42.06 10.50 -0.05
C ILE G 125 -43.40 9.78 0.03
N GLU G 126 -43.42 8.63 0.73
CA GLU G 126 -44.62 7.83 0.89
C GLU G 126 -45.64 8.57 1.74
N ARG G 127 -45.16 9.30 2.75
CA ARG G 127 -46.02 10.06 3.66
C ARG G 127 -46.58 11.29 2.95
N ILE G 128 -45.76 11.93 2.11
CA ILE G 128 -46.16 13.11 1.37
C ILE G 128 -47.20 12.72 0.32
N ASN G 129 -46.90 11.67 -0.45
CA ASN G 129 -47.78 11.18 -1.49
C ASN G 129 -49.18 10.95 -0.92
N TYR G 130 -49.25 10.27 0.23
CA TYR G 130 -50.51 9.94 0.87
C TYR G 130 -51.29 11.22 1.17
N ALA G 131 -50.61 12.20 1.77
CA ALA G 131 -51.24 13.47 2.14
C ALA G 131 -51.79 14.17 0.91
N ILE G 132 -51.01 14.16 -0.18
CA ILE G 132 -51.41 14.79 -1.43
C ILE G 132 -52.68 14.10 -1.94
N ARG G 133 -52.65 12.77 -1.98
CA ARG G 133 -53.77 11.98 -2.48
C ARG G 133 -54.96 12.08 -1.53
N LYS G 134 -54.70 12.17 -0.23
CA LYS G 134 -55.75 12.22 0.78
C LYS G 134 -56.46 13.58 0.71
N TYR G 135 -55.70 14.66 0.88
CA TYR G 135 -56.27 16.00 0.95
C TYR G 135 -56.50 16.55 -0.46
N LYS G 136 -56.09 15.80 -1.49
CA LYS G 136 -56.30 16.18 -2.88
C LYS G 136 -55.51 17.47 -3.15
N ALA G 137 -54.27 17.51 -2.66
CA ALA G 137 -53.46 18.72 -2.67
C ALA G 137 -52.94 19.01 -4.07
N LYS G 138 -52.99 20.28 -4.45
CA LYS G 138 -52.46 20.74 -5.74
C LYS G 138 -51.08 21.37 -5.54
N ARG G 139 -50.89 22.03 -4.38
CA ARG G 139 -49.65 22.73 -4.09
C ARG G 139 -48.97 22.07 -2.90
N VAL G 140 -47.63 22.17 -2.86
CA VAL G 140 -46.83 21.63 -1.77
C VAL G 140 -45.69 22.61 -1.48
N ALA G 141 -45.28 22.67 -0.21
CA ALA G 141 -44.14 23.47 0.21
C ALA G 141 -43.32 22.69 1.24
N ILE G 142 -42.00 22.75 1.09
CA ILE G 142 -41.08 22.01 1.94
C ILE G 142 -40.08 22.99 2.56
N ASP G 143 -39.90 22.88 3.88
CA ASP G 143 -39.11 23.85 4.64
C ASP G 143 -38.50 23.15 5.84
N SER G 144 -37.22 22.75 5.77
CA SER G 144 -36.35 22.95 4.61
C SER G 144 -35.57 21.68 4.33
N VAL G 145 -35.30 21.42 3.04
CA VAL G 145 -34.62 20.21 2.61
C VAL G 145 -33.20 20.17 3.15
N THR G 146 -32.60 21.36 3.37
CA THR G 146 -31.22 21.46 3.80
C THR G 146 -31.06 20.97 5.24
N ALA G 147 -32.15 21.03 6.01
CA ALA G 147 -32.14 20.65 7.42
C ALA G 147 -32.01 19.13 7.57
N VAL G 148 -32.58 18.36 6.63
CA VAL G 148 -32.60 16.92 6.74
C VAL G 148 -31.18 16.39 6.55
N PHE G 149 -30.42 17.06 5.67
CA PHE G 149 -29.08 16.63 5.31
C PHE G 149 -28.09 16.96 6.43
N GLN G 150 -28.48 17.87 7.33
CA GLN G 150 -27.67 18.21 8.49
C GLN G 150 -27.83 17.11 9.54
N GLN G 151 -27.29 15.92 9.22
CA GLN G 151 -27.36 14.75 10.09
C GLN G 151 -26.61 13.60 9.43
N TYR G 152 -25.37 13.87 9.01
CA TYR G 152 -24.57 12.89 8.27
C TYR G 152 -23.10 13.36 8.27
N ALA G 155 -24.24 16.04 4.59
CA ALA G 155 -24.45 14.77 3.84
C ALA G 155 -23.77 14.86 2.48
N SER G 156 -23.37 13.69 1.96
CA SER G 156 -22.74 13.58 0.66
C SER G 156 -23.62 12.78 -0.29
N VAL G 157 -24.94 13.05 -0.25
CA VAL G 157 -25.91 12.38 -1.10
C VAL G 157 -27.02 13.36 -1.49
N VAL G 158 -26.77 14.66 -1.30
CA VAL G 158 -27.81 15.66 -1.42
C VAL G 158 -28.47 15.57 -2.79
N ARG G 159 -27.65 15.42 -3.84
CA ARG G 159 -28.13 15.46 -5.22
C ARG G 159 -29.10 14.32 -5.49
N ARG G 160 -28.67 13.09 -5.17
CA ARG G 160 -29.47 11.90 -5.42
C ARG G 160 -30.80 11.99 -4.66
N GLU G 161 -30.76 12.50 -3.43
CA GLU G 161 -31.93 12.57 -2.57
C GLU G 161 -32.86 13.69 -3.03
N ILE G 162 -32.28 14.86 -3.38
CA ILE G 162 -33.06 15.98 -3.89
C ILE G 162 -33.70 15.58 -5.22
N PHE G 163 -33.01 14.74 -5.99
CA PHE G 163 -33.52 14.28 -7.27
C PHE G 163 -34.74 13.37 -7.06
N ARG G 164 -34.62 12.41 -6.14
CA ARG G 164 -35.69 11.46 -5.85
C ARG G 164 -36.97 12.20 -5.50
N LEU G 165 -36.84 13.24 -4.66
CA LEU G 165 -37.97 13.99 -4.16
C LEU G 165 -38.63 14.78 -5.28
N VAL G 166 -37.82 15.54 -6.04
CA VAL G 166 -38.30 16.35 -7.14
C VAL G 166 -38.97 15.45 -8.18
N ALA G 167 -38.30 14.33 -8.52
CA ALA G 167 -38.78 13.41 -9.54
C ALA G 167 -40.12 12.81 -9.13
N ARG G 168 -40.20 12.33 -7.87
CA ARG G 168 -41.39 11.67 -7.37
C ARG G 168 -42.55 12.66 -7.23
N LEU G 169 -42.22 13.92 -6.93
CA LEU G 169 -43.23 14.97 -6.81
C LEU G 169 -43.76 15.37 -8.19
N LYS G 170 -42.91 15.21 -9.22
CA LYS G 170 -43.32 15.48 -10.60
C LYS G 170 -44.31 14.40 -11.04
N GLN G 171 -44.04 13.15 -10.67
CA GLN G 171 -44.93 12.04 -10.99
C GLN G 171 -46.30 12.26 -10.36
N ILE G 172 -46.31 12.70 -9.09
CA ILE G 172 -47.53 12.92 -8.33
C ILE G 172 -48.34 14.05 -8.97
N GLY G 173 -47.65 14.98 -9.64
CA GLY G 173 -48.31 16.07 -10.34
C GLY G 173 -48.75 17.17 -9.37
N VAL G 174 -47.76 17.89 -8.84
CA VAL G 174 -47.97 18.89 -7.82
C VAL G 174 -46.89 19.97 -7.97
N THR G 175 -47.29 21.23 -7.79
CA THR G 175 -46.36 22.36 -7.87
C THR G 175 -45.76 22.58 -6.49
N THR G 176 -44.42 22.45 -6.40
CA THR G 176 -43.72 22.39 -5.13
C THR G 176 -42.87 23.65 -4.94
N VAL G 177 -42.72 24.07 -3.67
CA VAL G 177 -41.82 25.14 -3.29
C VAL G 177 -40.86 24.60 -2.23
N MET G 178 -39.58 24.39 -2.62
CA MET G 178 -38.58 23.84 -1.73
C MET G 178 -37.71 24.99 -1.19
N THR G 179 -37.54 25.01 0.14
CA THR G 179 -36.75 26.04 0.80
C THR G 179 -35.33 25.52 1.01
N THR G 180 -34.34 26.38 0.69
CA THR G 180 -32.95 26.09 0.95
C THR G 180 -32.34 27.29 1.68
N GLU G 181 -31.13 27.12 2.22
CA GLU G 181 -30.54 28.13 3.09
C GLU G 181 -29.10 28.43 2.62
N ARG G 182 -28.74 29.72 2.67
CA ARG G 182 -27.44 30.20 2.22
C ARG G 182 -26.72 30.85 3.39
N ILE G 183 -25.39 30.97 3.26
CA ILE G 183 -24.56 31.64 4.26
C ILE G 183 -24.29 33.08 3.82
N GLU G 184 -24.10 33.29 2.51
CA GLU G 184 -23.80 34.60 1.96
C GLU G 184 -24.95 35.08 1.09
N GLU G 185 -25.01 36.40 0.89
CA GLU G 185 -26.08 37.04 0.15
C GLU G 185 -25.73 37.03 -1.34
N TYR G 186 -24.54 37.55 -1.67
CA TYR G 186 -24.03 37.53 -3.02
C TYR G 186 -22.90 36.52 -3.12
N GLY G 187 -23.24 35.24 -2.94
CA GLY G 187 -22.27 34.15 -3.02
C GLY G 187 -22.88 32.89 -3.62
N PRO G 188 -22.74 31.71 -2.97
CA PRO G 188 -23.37 30.48 -3.48
C PRO G 188 -24.88 30.54 -3.32
N ILE G 189 -25.61 29.95 -4.29
CA ILE G 189 -27.05 30.04 -4.37
C ILE G 189 -27.68 29.24 -3.24
N ALA G 190 -27.17 28.00 -3.03
CA ALA G 190 -27.64 27.13 -1.97
C ALA G 190 -26.47 26.88 -1.01
N ARG G 191 -26.42 25.67 -0.43
CA ARG G 191 -25.41 25.35 0.57
C ARG G 191 -24.35 24.42 -0.02
N TYR G 192 -24.79 23.32 -0.65
CA TYR G 192 -23.90 22.25 -1.07
C TYR G 192 -23.47 22.43 -2.52
N GLY G 193 -23.98 23.45 -3.20
CA GLY G 193 -23.62 23.73 -4.58
C GLY G 193 -24.12 22.65 -5.53
N VAL G 194 -25.38 22.24 -5.32
CA VAL G 194 -25.99 21.12 -6.04
C VAL G 194 -27.48 21.36 -6.22
N GLU G 195 -28.13 21.94 -5.20
CA GLU G 195 -29.58 22.04 -5.13
C GLU G 195 -30.13 22.86 -6.30
N GLU G 196 -29.32 23.78 -6.84
CA GLU G 196 -29.75 24.67 -7.90
C GLU G 196 -29.94 23.89 -9.20
N PHE G 197 -28.97 23.01 -9.49
CA PHE G 197 -28.86 22.38 -10.79
C PHE G 197 -29.92 21.30 -10.95
N VAL G 198 -30.34 20.70 -9.84
CA VAL G 198 -31.35 19.65 -9.86
C VAL G 198 -32.72 20.30 -10.09
N SER G 199 -32.99 21.37 -9.35
CA SER G 199 -34.28 22.05 -9.40
C SER G 199 -34.50 22.67 -10.78
N ASP G 200 -35.77 22.68 -11.22
CA ASP G 200 -36.14 23.23 -12.52
C ASP G 200 -36.21 24.75 -12.43
N ASN G 201 -36.68 25.26 -11.28
CA ASN G 201 -36.88 26.68 -11.07
C ASN G 201 -36.11 27.11 -9.83
N VAL G 202 -35.49 28.30 -9.90
CA VAL G 202 -34.69 28.82 -8.79
C VAL G 202 -35.08 30.27 -8.55
N VAL G 203 -35.43 30.57 -7.29
CA VAL G 203 -35.70 31.93 -6.84
C VAL G 203 -34.77 32.23 -5.66
N ILE G 204 -34.22 33.44 -5.62
CA ILE G 204 -33.24 33.81 -4.61
C ILE G 204 -33.76 35.00 -3.83
N LEU G 205 -33.99 34.81 -2.52
CA LEU G 205 -34.35 35.89 -1.61
C LEU G 205 -33.06 36.39 -0.96
N ARG G 206 -32.91 37.72 -0.89
CA ARG G 206 -31.71 38.34 -0.37
C ARG G 206 -32.07 39.49 0.56
N ASN G 207 -31.51 39.46 1.77
CA ASN G 207 -31.59 40.56 2.72
C ASN G 207 -30.20 41.19 2.83
N VAL G 208 -29.95 42.25 2.06
CA VAL G 208 -28.62 42.83 1.90
C VAL G 208 -28.46 43.97 2.90
N LEU G 209 -27.27 44.03 3.52
CA LEU G 209 -26.94 45.07 4.48
C LEU G 209 -25.86 45.99 3.89
N GLU G 210 -26.28 47.21 3.51
CA GLU G 210 -25.36 48.22 3.01
C GLU G 210 -25.69 49.55 3.67
N GLY G 211 -24.79 50.03 4.53
CA GLY G 211 -24.93 51.31 5.20
C GLY G 211 -25.82 51.23 6.43
N GLU G 212 -25.75 50.09 7.14
CA GLU G 212 -26.48 49.88 8.38
C GLU G 212 -27.99 49.78 8.12
N ARG G 213 -28.37 49.54 6.86
CA ARG G 213 -29.77 49.43 6.47
C ARG G 213 -29.94 48.18 5.59
N ARG G 214 -31.01 47.43 5.85
CA ARG G 214 -31.27 46.18 5.15
C ARG G 214 -32.14 46.45 3.92
N ARG G 215 -32.00 45.57 2.91
CA ARG G 215 -32.79 45.66 1.68
C ARG G 215 -33.13 44.26 1.21
N ARG G 216 -34.43 43.96 1.13
CA ARG G 216 -34.91 42.67 0.68
C ARG G 216 -35.09 42.70 -0.84
N THR G 217 -34.57 41.68 -1.53
CA THR G 217 -34.67 41.60 -2.98
C THR G 217 -35.15 40.20 -3.39
N VAL G 218 -35.95 40.15 -4.47
CA VAL G 218 -36.37 38.90 -5.09
C VAL G 218 -35.75 38.82 -6.47
N GLU G 219 -35.16 37.66 -6.78
CA GLU G 219 -34.64 37.37 -8.10
C GLU G 219 -35.11 35.98 -8.53
N ILE G 220 -35.55 35.86 -9.79
CA ILE G 220 -35.80 34.58 -10.42
C ILE G 220 -34.64 34.31 -11.37
N LEU G 221 -33.80 33.34 -11.03
CA LEU G 221 -32.59 33.06 -11.78
C LEU G 221 -32.93 32.20 -13.00
N LYS G 222 -33.87 31.27 -12.81
CA LYS G 222 -34.15 30.25 -13.81
C LYS G 222 -35.62 29.82 -13.73
N LEU G 223 -36.30 29.84 -14.88
CA LEU G 223 -37.55 29.13 -15.08
C LEU G 223 -37.41 28.30 -16.36
N ARG G 224 -36.97 27.03 -16.21
CA ARG G 224 -36.75 26.16 -17.35
C ARG G 224 -37.99 26.12 -18.24
N GLY G 225 -37.81 26.52 -19.50
CA GLY G 225 -38.83 26.36 -20.52
C GLY G 225 -39.83 27.51 -20.57
N THR G 226 -39.50 28.62 -19.90
CA THR G 226 -40.40 29.77 -19.84
C THR G 226 -39.61 31.06 -19.73
N THR G 227 -40.33 32.18 -19.88
CA THR G 227 -39.77 33.51 -19.79
C THR G 227 -39.98 34.05 -18.37
N HIS G 228 -39.12 34.99 -17.95
CA HIS G 228 -39.24 35.63 -16.65
C HIS G 228 -38.43 36.93 -16.67
N MET G 229 -38.81 37.86 -15.78
CA MET G 229 -38.06 39.09 -15.58
C MET G 229 -36.73 38.75 -14.88
N LYS G 230 -35.66 39.41 -15.32
CA LYS G 230 -34.32 39.09 -14.87
C LYS G 230 -33.87 40.14 -13.85
N GLY G 231 -32.97 39.74 -12.95
CA GLY G 231 -32.37 40.65 -11.98
C GLY G 231 -33.10 40.63 -10.63
N GLU G 232 -32.66 41.50 -9.72
CA GLU G 232 -33.23 41.62 -8.40
C GLU G 232 -34.36 42.64 -8.42
N TYR G 233 -35.42 42.36 -7.65
CA TYR G 233 -36.55 43.27 -7.52
C TYR G 233 -36.87 43.43 -6.04
N PRO G 234 -36.92 44.67 -5.51
CA PRO G 234 -37.08 44.89 -4.07
C PRO G 234 -38.47 44.53 -3.56
N PHE G 235 -38.51 43.86 -2.39
CA PHE G 235 -39.78 43.46 -1.80
C PHE G 235 -39.78 43.84 -0.32
N THR G 236 -40.95 43.72 0.31
CA THR G 236 -41.13 44.00 1.73
C THR G 236 -42.07 42.96 2.33
N ILE G 237 -41.82 42.59 3.59
CA ILE G 237 -42.73 41.75 4.34
C ILE G 237 -43.60 42.67 5.21
N THR G 238 -44.92 42.61 4.98
CA THR G 238 -45.88 43.44 5.68
C THR G 238 -46.85 42.54 6.44
N ASN G 239 -47.89 43.14 7.06
CA ASN G 239 -48.94 42.40 7.71
C ASN G 239 -49.84 41.72 6.68
N HIS G 240 -49.51 41.86 5.39
CA HIS G 240 -50.19 41.13 4.32
C HIS G 240 -49.21 40.20 3.60
N GLY G 241 -48.03 39.97 4.19
CA GLY G 241 -47.04 39.06 3.64
C GLY G 241 -46.05 39.77 2.71
N ILE G 242 -45.54 39.03 1.73
CA ILE G 242 -44.55 39.53 0.78
C ILE G 242 -45.28 40.37 -0.28
N SER G 243 -44.76 41.58 -0.50
CA SER G 243 -45.27 42.50 -1.50
C SER G 243 -44.11 43.03 -2.32
N ILE G 244 -44.04 42.64 -3.60
CA ILE G 244 -42.92 42.97 -4.47
C ILE G 244 -43.32 44.15 -5.36
N PHE G 245 -42.33 45.01 -5.65
CA PHE G 245 -42.53 46.16 -6.53
C PHE G 245 -41.64 45.99 -7.76
N PRO G 246 -42.16 45.44 -8.89
CA PRO G 246 -41.35 45.22 -10.08
C PRO G 246 -40.89 46.52 -10.75
N ARG G 251 -43.92 49.67 -16.73
CA ARG G 251 -45.08 49.94 -17.62
C ARG G 251 -45.16 51.44 -17.91
N LEU G 252 -44.37 51.88 -18.89
CA LEU G 252 -44.35 53.27 -19.31
C LEU G 252 -45.51 53.52 -20.27
N THR G 253 -46.73 53.36 -19.74
CA THR G 253 -47.96 53.49 -20.49
C THR G 253 -48.95 54.31 -19.66
N GLN G 254 -48.58 55.57 -19.40
CA GLN G 254 -49.33 56.45 -18.51
C GLN G 254 -50.46 57.09 -19.30
N ARG G 255 -51.12 58.08 -18.70
CA ARG G 255 -52.06 58.93 -19.39
C ARG G 255 -51.63 60.38 -19.25
N SER G 256 -51.97 61.22 -20.23
CA SER G 256 -51.51 62.59 -20.30
C SER G 256 -52.65 63.51 -20.76
N SER G 257 -52.91 64.55 -19.97
CA SER G 257 -53.97 65.51 -20.26
C SER G 257 -53.40 66.93 -20.26
N ASN G 258 -54.15 67.86 -20.88
CA ASN G 258 -53.79 69.27 -20.90
C ASN G 258 -54.57 70.01 -19.82
N VAL G 259 -55.20 69.27 -18.89
CA VAL G 259 -55.91 69.86 -17.77
C VAL G 259 -54.89 70.53 -16.85
N ARG G 260 -55.21 71.73 -16.37
CA ARG G 260 -54.29 72.54 -15.59
C ARG G 260 -54.73 72.58 -14.13
N VAL G 261 -53.73 72.65 -13.22
CA VAL G 261 -53.97 72.90 -11.81
C VAL G 261 -53.11 74.09 -11.40
N SER G 262 -53.58 74.83 -10.39
CA SER G 262 -52.88 76.03 -9.93
C SER G 262 -51.80 75.64 -8.93
N SER G 263 -50.84 76.56 -8.75
CA SER G 263 -49.70 76.36 -7.87
C SER G 263 -49.95 76.98 -6.51
N GLY G 264 -50.98 77.83 -6.41
CA GLY G 264 -51.19 78.67 -5.24
C GLY G 264 -50.68 80.09 -5.48
N VAL G 265 -49.60 80.20 -6.26
CA VAL G 265 -49.04 81.49 -6.65
C VAL G 265 -49.59 81.82 -8.03
N PRO G 266 -50.45 82.86 -8.17
CA PRO G 266 -51.13 83.16 -9.44
C PRO G 266 -50.18 83.57 -10.56
N ARG G 267 -49.09 84.24 -10.20
CA ARG G 267 -48.13 84.75 -11.18
C ARG G 267 -47.23 83.63 -11.67
N LEU G 268 -47.06 82.57 -10.86
CA LEU G 268 -46.31 81.40 -11.27
C LEU G 268 -47.16 80.61 -12.28
N ASP G 269 -48.47 80.58 -12.05
CA ASP G 269 -49.41 79.95 -12.98
C ASP G 269 -49.37 80.68 -14.32
N GLU G 270 -49.27 82.01 -14.27
CA GLU G 270 -49.10 82.82 -15.46
C GLU G 270 -47.77 82.50 -16.13
N MET G 271 -46.73 82.31 -15.31
CA MET G 271 -45.40 81.98 -15.80
C MET G 271 -45.36 80.58 -16.41
N CYS G 272 -46.29 79.71 -15.99
CA CYS G 272 -46.36 78.34 -16.49
C CYS G 272 -47.38 78.23 -17.62
N GLY G 273 -47.95 79.36 -18.04
CA GLY G 273 -48.90 79.39 -19.15
C GLY G 273 -50.27 78.83 -18.76
N GLY G 274 -50.75 79.23 -17.57
CA GLY G 274 -52.06 78.84 -17.10
C GLY G 274 -52.00 77.90 -15.90
N GLY G 275 -50.79 77.57 -15.42
CA GLY G 275 -50.60 76.72 -14.26
C GLY G 275 -49.95 75.39 -14.63
N PHE G 276 -49.68 74.56 -13.61
CA PHE G 276 -49.13 73.24 -13.83
C PHE G 276 -50.18 72.36 -14.50
N PHE G 277 -49.74 71.23 -15.06
CA PHE G 277 -50.64 70.21 -15.58
C PHE G 277 -51.02 69.26 -14.44
N LYS G 278 -52.27 68.80 -14.44
CA LYS G 278 -52.74 67.82 -13.47
C LYS G 278 -51.94 66.53 -13.64
N ASP G 279 -51.54 66.24 -14.89
CA ASP G 279 -50.67 65.12 -15.21
C ASP G 279 -49.27 65.64 -15.50
N SER G 280 -48.51 65.96 -14.44
CA SER G 280 -47.12 66.36 -14.59
C SER G 280 -46.37 66.17 -13.28
N ILE G 281 -45.04 66.07 -13.39
CA ILE G 281 -44.15 65.98 -12.24
C ILE G 281 -43.39 67.31 -12.14
N ILE G 282 -43.72 68.09 -11.11
CA ILE G 282 -43.11 69.38 -10.89
C ILE G 282 -41.88 69.17 -10.01
N LEU G 283 -40.83 69.96 -10.26
CA LEU G 283 -39.61 69.91 -9.45
C LEU G 283 -39.17 71.34 -9.11
N ALA G 284 -38.94 71.57 -7.81
CA ALA G 284 -38.36 72.82 -7.35
C ALA G 284 -36.93 72.55 -6.88
N THR G 285 -35.97 73.05 -7.65
CA THR G 285 -34.56 72.89 -7.35
C THR G 285 -33.99 74.24 -6.91
N GLY G 286 -33.08 74.20 -5.93
CA GLY G 286 -32.42 75.39 -5.44
C GLY G 286 -31.60 75.11 -4.18
N ALA G 287 -30.84 76.13 -3.74
CA ALA G 287 -30.05 76.05 -2.53
C ALA G 287 -30.97 76.06 -1.30
N THR G 288 -30.35 75.99 -0.12
CA THR G 288 -31.07 76.01 1.14
C THR G 288 -31.62 77.41 1.39
N GLY G 289 -32.94 77.50 1.61
CA GLY G 289 -33.61 78.74 1.95
C GLY G 289 -34.08 79.53 0.73
N THR G 290 -34.05 78.90 -0.45
CA THR G 290 -34.43 79.56 -1.69
C THR G 290 -35.95 79.63 -1.82
N GLY G 291 -36.66 78.89 -0.98
CA GLY G 291 -38.12 78.98 -0.89
C GLY G 291 -38.84 77.80 -1.54
N LYS G 292 -38.19 76.63 -1.53
CA LYS G 292 -38.73 75.42 -2.13
C LYS G 292 -39.96 74.96 -1.36
N THR G 293 -39.82 74.85 -0.02
CA THR G 293 -40.87 74.35 0.85
C THR G 293 -42.12 75.23 0.76
N LEU G 294 -41.92 76.54 0.55
CA LEU G 294 -43.02 77.48 0.43
C LEU G 294 -43.85 77.14 -0.81
N LEU G 295 -43.17 76.95 -1.95
CA LEU G 295 -43.86 76.66 -3.22
C LEU G 295 -44.66 75.37 -3.11
N VAL G 296 -44.15 74.40 -2.32
CA VAL G 296 -44.85 73.16 -2.05
C VAL G 296 -46.05 73.43 -1.16
N SER G 297 -45.86 74.28 -0.13
CA SER G 297 -46.91 74.57 0.84
C SER G 297 -48.10 75.25 0.16
N LYS G 298 -47.81 76.09 -0.84
CA LYS G 298 -48.85 76.77 -1.60
C LYS G 298 -49.55 75.78 -2.53
N PHE G 299 -48.77 74.84 -3.07
CA PHE G 299 -49.28 73.82 -3.98
C PHE G 299 -50.24 72.88 -3.25
N LEU G 300 -49.94 72.59 -1.97
CA LEU G 300 -50.78 71.75 -1.15
C LEU G 300 -52.04 72.51 -0.71
N GLU G 301 -51.91 73.82 -0.51
CA GLU G 301 -53.02 74.65 -0.07
C GLU G 301 -54.09 74.74 -1.15
N ASN G 302 -53.66 75.04 -2.39
CA ASN G 302 -54.56 75.22 -3.51
C ASN G 302 -55.45 73.98 -3.70
N ALA G 303 -54.87 72.80 -3.48
CA ALA G 303 -55.61 71.55 -3.54
C ALA G 303 -56.77 71.59 -2.55
N CYS G 304 -56.45 71.88 -1.29
CA CYS G 304 -57.41 71.83 -0.20
C CYS G 304 -58.48 72.91 -0.37
N ARG G 305 -58.08 74.08 -0.88
CA ARG G 305 -59.00 75.18 -1.11
C ARG G 305 -60.00 74.84 -2.20
N ASN G 306 -59.57 74.00 -3.17
CA ASN G 306 -60.45 73.54 -4.24
C ASN G 306 -61.09 72.20 -3.87
N LYS G 307 -61.17 71.93 -2.56
CA LYS G 307 -61.80 70.71 -2.04
C LYS G 307 -61.18 69.48 -2.69
N GLU G 308 -59.84 69.41 -2.69
CA GLU G 308 -59.11 68.29 -3.26
C GLU G 308 -58.10 67.79 -2.23
N ARG G 309 -57.86 66.47 -2.24
CA ARG G 309 -57.02 65.83 -1.24
C ARG G 309 -55.56 65.87 -1.70
N ALA G 310 -54.65 65.96 -0.71
CA ALA G 310 -53.22 65.97 -0.96
C ALA G 310 -52.49 65.34 0.22
N ILE G 311 -51.27 64.82 -0.04
CA ILE G 311 -50.42 64.29 1.00
C ILE G 311 -49.05 64.98 0.90
N LEU G 312 -48.53 65.36 2.07
CA LEU G 312 -47.15 65.83 2.19
C LEU G 312 -46.29 64.72 2.78
N PHE G 313 -45.18 64.42 2.09
CA PHE G 313 -44.19 63.46 2.57
C PHE G 313 -42.91 64.23 2.93
N ALA G 314 -42.82 64.62 4.21
CA ALA G 314 -41.70 65.44 4.68
C ALA G 314 -40.60 64.54 5.23
N TYR G 315 -39.34 64.89 4.94
CA TYR G 315 -38.18 64.13 5.38
C TYR G 315 -37.08 65.06 5.89
N GLU G 316 -37.45 66.32 6.18
CA GLU G 316 -36.47 67.33 6.56
C GLU G 316 -36.87 67.95 7.89
N GLU G 317 -38.10 68.49 7.95
CA GLU G 317 -38.60 69.22 9.10
C GLU G 317 -39.68 68.39 9.79
N SER G 318 -39.84 68.61 11.10
CA SER G 318 -40.90 67.98 11.87
C SER G 318 -42.21 68.71 11.62
N ARG G 319 -43.34 68.05 11.95
CA ARG G 319 -44.66 68.63 11.80
C ARG G 319 -44.72 70.00 12.47
N ALA G 320 -44.25 70.07 13.72
CA ALA G 320 -44.28 71.30 14.50
C ALA G 320 -43.66 72.45 13.70
N GLN G 321 -42.43 72.23 13.22
CA GLN G 321 -41.71 73.22 12.45
C GLN G 321 -42.52 73.61 11.21
N LEU G 322 -42.95 72.59 10.45
CA LEU G 322 -43.71 72.80 9.22
C LEU G 322 -44.91 73.68 9.50
N LEU G 323 -45.67 73.36 10.56
CA LEU G 323 -46.90 74.07 10.89
C LEU G 323 -46.59 75.51 11.27
N ARG G 324 -45.61 75.70 12.17
CA ARG G 324 -45.23 77.02 12.63
C ARG G 324 -44.77 77.89 11.46
N ASN G 325 -43.87 77.33 10.64
CA ASN G 325 -43.26 78.06 9.54
C ASN G 325 -44.30 78.35 8.46
N ALA G 326 -45.34 77.51 8.38
CA ALA G 326 -46.40 77.66 7.39
C ALA G 326 -47.41 78.72 7.83
N THR G 327 -47.67 78.81 9.15
CA THR G 327 -48.55 79.82 9.69
C THR G 327 -47.91 81.21 9.58
N SER G 328 -46.58 81.24 9.51
CA SER G 328 -45.84 82.47 9.29
C SER G 328 -46.03 82.96 7.86
N TRP G 329 -46.33 82.04 6.94
CA TRP G 329 -46.63 82.37 5.55
C TRP G 329 -48.14 82.51 5.34
N GLY G 330 -48.94 82.19 6.36
CA GLY G 330 -50.39 82.34 6.30
C GLY G 330 -51.07 81.09 5.74
N ILE G 331 -50.57 79.92 6.15
CA ILE G 331 -51.12 78.64 5.69
C ILE G 331 -51.43 77.80 6.93
N ASP G 332 -52.73 77.50 7.10
CA ASP G 332 -53.21 76.69 8.22
C ASP G 332 -53.39 75.26 7.74
N PHE G 333 -52.33 74.45 7.92
CA PHE G 333 -52.32 73.06 7.49
C PHE G 333 -53.14 72.19 8.44
N GLU G 334 -53.28 72.63 9.70
CA GLU G 334 -54.01 71.88 10.71
C GLU G 334 -55.49 71.79 10.34
N GLU G 335 -56.06 72.91 9.87
CA GLU G 335 -57.47 72.99 9.51
C GLU G 335 -57.74 72.13 8.28
N MET G 336 -56.80 72.14 7.32
CA MET G 336 -56.90 71.36 6.11
C MET G 336 -56.91 69.86 6.45
N GLU G 337 -56.09 69.49 7.46
CA GLU G 337 -56.07 68.13 7.96
C GLU G 337 -57.38 67.80 8.68
N ARG G 338 -57.83 68.72 9.55
CA ARG G 338 -59.05 68.54 10.31
C ARG G 338 -60.23 68.34 9.36
N ASP G 339 -60.27 69.13 8.28
CA ASP G 339 -61.32 69.03 7.28
C ASP G 339 -61.19 67.71 6.51
N GLY G 340 -59.98 67.14 6.50
CA GLY G 340 -59.73 65.85 5.89
C GLY G 340 -59.36 65.98 4.41
N LEU G 341 -58.52 66.98 4.11
CA LEU G 341 -58.07 67.25 2.74
C LEU G 341 -56.54 67.36 2.70
N LEU G 342 -55.87 67.05 3.80
CA LEU G 342 -54.41 67.10 3.88
C LEU G 342 -53.93 65.97 4.78
N LYS G 343 -52.79 65.38 4.44
CA LYS G 343 -52.17 64.34 5.24
C LYS G 343 -50.67 64.59 5.29
N ILE G 344 -50.15 64.87 6.50
CA ILE G 344 -48.75 65.18 6.69
C ILE G 344 -48.05 63.95 7.26
N ILE G 345 -47.41 63.17 6.39
CA ILE G 345 -46.58 62.04 6.80
C ILE G 345 -45.16 62.57 7.03
N CYS G 346 -44.74 62.60 8.30
CA CYS G 346 -43.39 63.02 8.67
C CYS G 346 -42.54 61.79 8.98
N ALA G 347 -41.31 61.78 8.46
CA ALA G 347 -40.38 60.69 8.67
C ALA G 347 -38.95 61.19 8.43
N TYR G 348 -37.97 60.34 8.72
CA TYR G 348 -36.57 60.63 8.44
C TYR G 348 -36.07 59.63 7.40
N PRO G 349 -35.25 60.05 6.41
CA PRO G 349 -34.71 59.12 5.41
C PRO G 349 -33.86 57.99 6.00
N GLU G 350 -33.24 58.25 7.15
CA GLU G 350 -32.33 57.31 7.80
C GLU G 350 -33.10 56.29 8.63
N SER G 351 -34.42 56.50 8.79
CA SER G 351 -35.25 55.59 9.58
C SER G 351 -35.33 54.22 8.92
N THR G 352 -35.76 54.20 7.65
CA THR G 352 -35.95 52.98 6.89
C THR G 352 -35.28 53.11 5.53
N GLY G 353 -35.26 52.00 4.78
CA GLY G 353 -34.76 51.99 3.42
C GLY G 353 -35.77 52.59 2.44
N LEU G 354 -35.31 52.90 1.23
CA LEU G 354 -36.12 53.53 0.20
C LEU G 354 -37.18 52.57 -0.34
N GLU G 355 -36.96 51.26 -0.18
CA GLU G 355 -37.95 50.27 -0.53
C GLU G 355 -39.13 50.35 0.45
N ASP G 356 -38.80 50.55 1.73
CA ASP G 356 -39.81 50.65 2.78
C ASP G 356 -40.56 51.97 2.64
N HIS G 357 -39.81 53.06 2.41
CA HIS G 357 -40.39 54.38 2.17
C HIS G 357 -41.38 54.33 1.02
N LEU G 358 -40.98 53.68 -0.09
CA LEU G 358 -41.78 53.60 -1.29
C LEU G 358 -43.12 52.92 -0.99
N GLN G 359 -43.07 51.94 -0.08
CA GLN G 359 -44.26 51.20 0.34
C GLN G 359 -45.22 52.11 1.09
N ILE G 360 -44.68 52.97 1.98
CA ILE G 360 -45.49 53.87 2.78
C ILE G 360 -46.24 54.83 1.84
N ILE G 361 -45.54 55.29 0.80
CA ILE G 361 -46.09 56.26 -0.14
C ILE G 361 -47.24 55.64 -0.92
N LYS G 362 -47.00 54.48 -1.53
CA LYS G 362 -48.00 53.80 -2.33
C LYS G 362 -49.20 53.42 -1.47
N SER G 363 -48.94 52.97 -0.24
CA SER G 363 -49.98 52.51 0.67
C SER G 363 -50.89 53.66 1.08
N GLU G 364 -50.29 54.82 1.40
CA GLU G 364 -51.04 56.00 1.82
C GLU G 364 -51.87 56.55 0.65
N ILE G 365 -51.35 56.40 -0.57
CA ILE G 365 -52.04 56.87 -1.77
C ILE G 365 -53.30 56.03 -2.00
N SER G 366 -53.20 54.71 -1.83
CA SER G 366 -54.32 53.81 -2.03
C SER G 366 -55.39 54.03 -0.98
N GLU G 367 -54.99 54.51 0.21
CA GLU G 367 -55.91 54.75 1.31
C GLU G 367 -56.57 56.12 1.15
N PHE G 368 -55.75 57.18 1.24
CA PHE G 368 -56.25 58.54 1.26
C PHE G 368 -56.80 58.93 -0.11
N LYS G 369 -56.23 58.35 -1.17
CA LYS G 369 -56.63 58.61 -2.55
C LYS G 369 -56.45 60.09 -2.85
N PRO G 370 -55.21 60.61 -2.89
CA PRO G 370 -54.94 62.03 -3.12
C PRO G 370 -54.96 62.40 -4.60
N SER G 371 -55.18 63.69 -4.87
CA SER G 371 -55.12 64.23 -6.22
C SER G 371 -53.75 64.86 -6.47
N ARG G 372 -53.12 65.39 -5.41
CA ARG G 372 -51.78 65.94 -5.49
C ARG G 372 -50.91 65.31 -4.40
N ILE G 373 -49.59 65.33 -4.63
CA ILE G 373 -48.64 64.77 -3.68
C ILE G 373 -47.40 65.68 -3.65
N ALA G 374 -46.68 65.66 -2.53
CA ALA G 374 -45.45 66.44 -2.38
C ALA G 374 -44.43 65.63 -1.61
N ILE G 375 -43.16 65.74 -2.01
CA ILE G 375 -42.05 65.10 -1.33
C ILE G 375 -40.99 66.15 -1.04
N ASP G 376 -40.70 66.36 0.25
CA ASP G 376 -39.75 67.36 0.69
C ASP G 376 -38.77 66.70 1.65
N SER G 377 -37.62 66.23 1.15
CA SER G 377 -37.21 66.38 -0.24
C SER G 377 -36.51 65.11 -0.72
N LEU G 378 -36.39 64.99 -2.05
CA LEU G 378 -35.70 63.88 -2.68
C LEU G 378 -34.23 63.87 -2.28
N SER G 379 -33.61 65.07 -2.22
CA SER G 379 -32.22 65.21 -1.85
C SER G 379 -31.95 64.67 -0.45
N ALA G 380 -32.96 64.72 0.42
CA ALA G 380 -32.87 64.14 1.76
C ALA G 380 -32.94 62.62 1.68
N LEU G 381 -33.79 62.11 0.80
CA LEU G 381 -33.98 60.68 0.63
C LEU G 381 -32.80 60.05 -0.10
N ALA G 382 -31.92 60.88 -0.68
CA ALA G 382 -30.73 60.41 -1.37
C ALA G 382 -29.55 60.29 -0.40
N ARG G 383 -29.73 60.74 0.86
CA ARG G 383 -28.66 60.72 1.85
C ARG G 383 -28.30 59.27 2.20
N GLY G 384 -27.08 58.88 1.84
CA GLY G 384 -26.53 57.58 2.21
C GLY G 384 -27.29 56.43 1.55
N VAL G 385 -27.56 56.56 0.25
CA VAL G 385 -28.21 55.51 -0.54
C VAL G 385 -27.40 55.32 -1.82
N SER G 386 -27.47 54.11 -2.39
CA SER G 386 -26.90 53.85 -3.69
C SER G 386 -27.65 54.68 -4.74
N ASN G 387 -26.89 55.32 -5.63
CA ASN G 387 -27.45 56.19 -6.65
C ASN G 387 -28.44 55.39 -7.51
N ASN G 388 -28.20 54.09 -7.64
CA ASN G 388 -29.06 53.19 -8.39
C ASN G 388 -30.41 53.04 -7.69
N ALA G 389 -30.38 52.79 -6.37
CA ALA G 389 -31.59 52.56 -5.60
C ALA G 389 -32.45 53.82 -5.59
N PHE G 390 -31.82 54.99 -5.53
CA PHE G 390 -32.52 56.26 -5.52
C PHE G 390 -33.22 56.46 -6.87
N ARG G 391 -32.58 55.99 -7.96
CA ARG G 391 -33.15 56.08 -9.29
C ARG G 391 -34.40 55.20 -9.38
N GLN G 392 -34.30 53.99 -8.80
CA GLN G 392 -35.42 53.06 -8.76
C GLN G 392 -36.54 53.60 -7.88
N PHE G 393 -36.15 54.36 -6.84
CA PHE G 393 -37.11 54.99 -5.94
C PHE G 393 -37.84 56.12 -6.68
N VAL G 394 -37.07 57.04 -7.27
CA VAL G 394 -37.63 58.19 -7.97
C VAL G 394 -38.51 57.71 -9.13
N ILE G 395 -38.00 56.75 -9.91
CA ILE G 395 -38.72 56.22 -11.06
C ILE G 395 -40.01 55.55 -10.59
N GLY G 396 -39.96 54.89 -9.42
CA GLY G 396 -41.10 54.23 -8.84
C GLY G 396 -42.21 55.21 -8.48
N VAL G 397 -41.86 56.25 -7.72
CA VAL G 397 -42.82 57.25 -7.28
C VAL G 397 -43.35 58.00 -8.50
N THR G 398 -42.44 58.40 -9.39
CA THR G 398 -42.77 59.13 -10.61
C THR G 398 -43.76 58.31 -11.44
N GLY G 399 -43.53 57.00 -11.52
CA GLY G 399 -44.37 56.10 -12.31
C GLY G 399 -45.76 55.95 -11.72
N TYR G 400 -45.84 55.77 -10.39
CA TYR G 400 -47.10 55.48 -9.72
C TYR G 400 -48.02 56.68 -9.80
N ALA G 401 -47.48 57.88 -9.53
CA ALA G 401 -48.26 59.11 -9.56
C ALA G 401 -48.81 59.35 -10.97
N LYS G 402 -48.02 58.99 -11.99
CA LYS G 402 -48.40 59.19 -13.38
C LYS G 402 -49.55 58.25 -13.76
N GLN G 403 -49.51 57.00 -13.27
CA GLN G 403 -50.50 56.01 -13.62
C GLN G 403 -51.78 56.22 -12.79
N GLU G 404 -51.63 56.86 -11.61
CA GLU G 404 -52.74 57.02 -10.69
C GLU G 404 -53.35 58.42 -10.81
N GLU G 405 -52.86 59.21 -11.77
CA GLU G 405 -53.40 60.53 -12.08
C GLU G 405 -53.25 61.43 -10.86
N ILE G 406 -52.01 61.56 -10.36
CA ILE G 406 -51.71 62.40 -9.22
C ILE G 406 -50.61 63.39 -9.62
N THR G 407 -50.81 64.67 -9.27
CA THR G 407 -49.84 65.71 -9.56
C THR G 407 -48.78 65.71 -8.46
N GLY G 408 -47.51 65.60 -8.86
CA GLY G 408 -46.41 65.43 -7.91
C GLY G 408 -45.41 66.59 -7.96
N PHE G 409 -45.28 67.28 -6.83
CA PHE G 409 -44.30 68.35 -6.67
C PHE G 409 -43.16 67.85 -5.78
N PHE G 410 -41.94 67.81 -6.34
CA PHE G 410 -40.78 67.29 -5.63
C PHE G 410 -39.80 68.44 -5.35
N THR G 411 -38.94 68.23 -4.36
CA THR G 411 -37.99 69.24 -3.91
C THR G 411 -36.57 68.67 -4.02
N ASN G 412 -35.59 69.55 -4.26
CA ASN G 412 -34.20 69.15 -4.38
C ASN G 412 -33.30 70.30 -3.93
N THR G 413 -32.53 70.07 -2.86
CA THR G 413 -31.58 71.04 -2.36
C THR G 413 -30.22 70.80 -3.00
N SER G 414 -29.77 71.75 -3.84
CA SER G 414 -28.43 71.72 -4.41
C SER G 414 -27.41 72.15 -3.35
N ASP G 415 -26.18 71.65 -3.48
CA ASP G 415 -25.15 71.85 -2.47
C ASP G 415 -24.48 73.20 -2.68
N GLN G 416 -24.08 73.49 -3.93
CA GLN G 416 -23.53 74.79 -4.28
C GLN G 416 -24.62 75.85 -4.11
N PHE G 417 -24.49 76.67 -3.06
CA PHE G 417 -25.60 77.53 -2.64
C PHE G 417 -25.69 78.79 -3.50
N MET G 418 -24.61 79.11 -4.23
CA MET G 418 -24.58 80.31 -5.05
C MET G 418 -24.95 79.99 -6.49
N GLY G 419 -26.01 80.63 -6.99
CA GLY G 419 -26.43 80.52 -8.37
C GLY G 419 -26.90 79.11 -8.72
N SER G 420 -26.91 78.81 -10.02
CA SER G 420 -27.20 77.48 -10.52
C SER G 420 -25.93 76.86 -11.12
N HIS G 421 -25.96 75.54 -11.31
CA HIS G 421 -24.84 74.83 -11.91
C HIS G 421 -25.38 73.59 -12.64
N SER G 422 -25.28 72.42 -12.01
CA SER G 422 -25.86 71.20 -12.52
C SER G 422 -27.26 71.03 -11.91
N ILE G 423 -28.26 71.61 -12.56
CA ILE G 423 -29.63 71.68 -12.06
C ILE G 423 -29.88 70.53 -11.08
N THR G 424 -29.94 69.30 -11.60
CA THR G 424 -30.02 68.10 -10.78
C THR G 424 -28.70 67.33 -10.89
N ASP G 425 -28.24 66.80 -9.76
CA ASP G 425 -26.96 66.11 -9.70
C ASP G 425 -27.16 64.59 -9.70
N SER G 426 -28.38 64.14 -10.02
CA SER G 426 -28.69 62.72 -10.03
C SER G 426 -29.55 62.33 -11.24
N HIS G 427 -29.53 63.16 -12.29
CA HIS G 427 -30.23 62.87 -13.53
C HIS G 427 -31.70 62.58 -13.27
N ILE G 428 -32.37 63.48 -12.56
CA ILE G 428 -33.80 63.41 -12.32
C ILE G 428 -34.56 64.19 -13.39
N SER G 429 -33.86 65.14 -14.05
CA SER G 429 -34.47 66.04 -15.02
C SER G 429 -35.31 65.28 -16.05
N THR G 430 -34.84 64.09 -16.46
CA THR G 430 -35.52 63.27 -17.44
C THR G 430 -36.94 62.94 -16.98
N ILE G 431 -37.07 62.54 -15.70
CA ILE G 431 -38.34 62.10 -15.15
C ILE G 431 -39.29 63.29 -15.00
N THR G 432 -38.74 64.48 -14.74
CA THR G 432 -39.55 65.65 -14.46
C THR G 432 -40.02 66.30 -15.76
N ASP G 433 -41.22 66.88 -15.72
CA ASP G 433 -41.83 67.54 -16.87
C ASP G 433 -41.69 69.06 -16.72
N THR G 434 -41.88 69.55 -15.48
CA THR G 434 -41.75 70.96 -15.16
C THR G 434 -40.65 71.14 -14.12
N ILE G 435 -39.76 72.12 -14.34
CA ILE G 435 -38.68 72.42 -13.41
C ILE G 435 -38.73 73.90 -13.07
N ILE G 436 -38.87 74.19 -11.76
CA ILE G 436 -38.79 75.54 -11.23
C ILE G 436 -37.40 75.71 -10.63
N LEU G 437 -36.68 76.75 -11.06
CA LEU G 437 -35.31 76.95 -10.63
C LEU G 437 -35.25 78.17 -9.70
N LEU G 438 -35.01 77.90 -8.40
CA LEU G 438 -34.86 78.96 -7.41
C LEU G 438 -33.37 79.14 -7.10
N GLN G 439 -32.91 80.40 -7.09
CA GLN G 439 -31.50 80.68 -6.86
C GLN G 439 -31.35 82.00 -6.08
N TYR G 440 -30.16 82.17 -5.48
CA TYR G 440 -29.77 83.42 -4.86
C TYR G 440 -29.02 84.28 -5.88
N VAL G 441 -29.16 85.60 -5.75
CA VAL G 441 -28.46 86.55 -6.60
C VAL G 441 -27.96 87.72 -5.74
N GLU G 442 -26.71 88.11 -5.98
CA GLU G 442 -26.06 89.18 -5.23
C GLU G 442 -26.32 90.51 -5.93
N ILE G 443 -27.25 91.31 -5.38
CA ILE G 443 -27.58 92.61 -5.94
C ILE G 443 -27.34 93.68 -4.88
N ARG G 444 -26.38 94.57 -5.15
CA ARG G 444 -26.11 95.74 -4.32
C ARG G 444 -25.71 95.31 -2.91
N GLY G 445 -24.79 94.33 -2.83
CA GLY G 445 -24.29 93.83 -1.55
C GLY G 445 -25.38 93.21 -0.70
N GLU G 446 -26.44 92.69 -1.34
CA GLU G 446 -27.54 92.06 -0.65
C GLU G 446 -27.97 90.81 -1.39
N MET G 447 -28.35 89.78 -0.61
CA MET G 447 -28.73 88.48 -1.13
C MET G 447 -30.18 88.52 -1.58
N SER G 448 -30.40 88.77 -2.88
CA SER G 448 -31.72 88.65 -3.47
C SER G 448 -31.93 87.21 -3.93
N ARG G 449 -33.17 86.91 -4.35
CA ARG G 449 -33.56 85.57 -4.76
C ARG G 449 -34.39 85.68 -6.04
N ALA G 450 -34.35 84.62 -6.86
CA ALA G 450 -34.99 84.63 -8.16
C ALA G 450 -35.73 83.32 -8.41
N ILE G 451 -36.62 83.34 -9.41
CA ILE G 451 -37.38 82.17 -9.81
C ILE G 451 -37.38 82.10 -11.34
N ASN G 452 -37.34 80.88 -11.87
CA ASN G 452 -37.31 80.66 -13.31
C ASN G 452 -37.90 79.29 -13.62
N VAL G 453 -38.96 79.28 -14.44
CA VAL G 453 -39.51 78.03 -14.97
C VAL G 453 -38.59 77.58 -16.10
N PHE G 454 -37.64 76.69 -15.76
CA PHE G 454 -36.60 76.27 -16.68
C PHE G 454 -37.20 75.42 -17.79
N LYS G 455 -38.15 74.54 -17.42
CA LYS G 455 -38.75 73.60 -18.34
C LYS G 455 -40.24 73.48 -18.06
N MET G 456 -41.03 73.33 -19.14
CA MET G 456 -42.44 72.96 -19.03
C MET G 456 -42.86 72.26 -20.33
N ARG G 457 -42.91 70.92 -20.27
CA ARG G 457 -43.29 70.12 -21.42
C ARG G 457 -44.76 70.36 -21.75
N GLY G 458 -45.04 70.74 -23.00
CA GLY G 458 -46.40 70.87 -23.50
C GLY G 458 -47.03 72.22 -23.20
N SER G 459 -46.20 73.22 -22.86
CA SER G 459 -46.69 74.55 -22.52
C SER G 459 -45.63 75.60 -22.83
N TRP G 460 -46.11 76.80 -23.16
CA TRP G 460 -45.27 77.99 -23.09
C TRP G 460 -45.07 78.34 -21.63
N HIS G 461 -43.82 78.60 -21.25
CA HIS G 461 -43.50 79.10 -19.93
C HIS G 461 -42.75 80.43 -20.10
N ASP G 462 -42.86 81.30 -19.09
CA ASP G 462 -42.10 82.54 -19.07
C ASP G 462 -40.62 82.18 -18.95
N LYS G 463 -39.80 82.83 -19.78
CA LYS G 463 -38.38 82.48 -19.89
C LYS G 463 -37.55 83.41 -19.01
N GLY G 464 -38.21 84.15 -18.10
CA GLY G 464 -37.55 85.19 -17.33
C GLY G 464 -37.04 84.67 -15.98
N ILE G 465 -35.95 85.28 -15.51
CA ILE G 465 -35.36 84.97 -14.21
C ILE G 465 -35.87 86.03 -13.24
N ARG G 466 -37.13 85.90 -12.83
CA ARG G 466 -37.83 86.97 -12.14
C ARG G 466 -37.43 87.00 -10.66
N GLU G 467 -37.23 88.23 -10.15
CA GLU G 467 -37.01 88.48 -8.74
C GLU G 467 -38.25 88.04 -7.96
N PHE G 468 -38.03 87.48 -6.76
CA PHE G 468 -39.14 87.04 -5.93
C PHE G 468 -38.76 87.28 -4.47
N VAL G 469 -39.77 87.65 -3.66
CA VAL G 469 -39.56 88.03 -2.28
C VAL G 469 -40.51 87.21 -1.40
N ILE G 470 -39.99 86.67 -0.29
CA ILE G 470 -40.80 85.94 0.67
C ILE G 470 -41.27 86.92 1.74
N SER G 471 -42.55 86.82 2.09
CA SER G 471 -43.19 87.70 3.06
C SER G 471 -44.08 86.88 3.98
N ASP G 472 -44.82 87.56 4.86
CA ASP G 472 -45.80 86.91 5.72
C ASP G 472 -47.02 86.48 4.91
N LYS G 473 -47.23 87.11 3.74
CA LYS G 473 -48.31 86.76 2.84
C LYS G 473 -47.91 85.56 1.99
N GLY G 474 -46.60 85.39 1.76
CA GLY G 474 -46.08 84.31 0.95
C GLY G 474 -45.12 84.82 -0.12
N PRO G 475 -45.09 84.19 -1.32
CA PRO G 475 -44.20 84.64 -2.40
C PRO G 475 -44.78 85.81 -3.20
N GLU G 476 -43.92 86.74 -3.59
CA GLU G 476 -44.29 87.86 -4.44
C GLU G 476 -43.32 87.94 -5.60
N ILE G 477 -43.72 87.35 -6.74
CA ILE G 477 -42.89 87.31 -7.93
C ILE G 477 -42.89 88.70 -8.56
N LYS G 478 -41.70 89.32 -8.58
CA LYS G 478 -41.51 90.63 -9.19
C LYS G 478 -41.02 90.43 -10.62
N ASP G 479 -40.17 91.37 -11.11
CA ASP G 479 -39.76 91.40 -12.50
C ASP G 479 -38.36 90.81 -12.64
N SER G 480 -37.96 90.57 -13.90
CA SER G 480 -36.65 90.00 -14.22
C SER G 480 -35.55 91.03 -14.02
N PHE G 481 -34.31 90.54 -13.89
CA PHE G 481 -33.14 91.39 -13.81
C PHE G 481 -32.67 91.72 -15.23
N ARG G 482 -33.42 92.60 -15.91
CA ARG G 482 -33.20 92.88 -17.32
C ARG G 482 -31.92 93.68 -17.53
N ASN G 483 -31.40 94.29 -16.45
CA ASN G 483 -30.27 95.19 -16.53
C ASN G 483 -29.06 94.57 -15.83
N PHE G 484 -28.88 93.24 -15.98
CA PHE G 484 -27.76 92.54 -15.39
C PHE G 484 -27.27 91.42 -16.32
N GLU G 485 -25.99 91.07 -16.16
CA GLU G 485 -25.38 89.93 -16.83
C GLU G 485 -24.85 88.97 -15.76
N ARG G 486 -24.65 87.70 -16.15
CA ARG G 486 -24.08 86.69 -15.27
C ARG G 486 -24.95 86.51 -14.03
N ILE G 487 -26.28 86.42 -14.26
CA ILE G 487 -27.25 86.23 -13.20
C ILE G 487 -27.21 84.79 -12.71
N ILE G 488 -26.99 83.84 -13.63
CA ILE G 488 -26.97 82.42 -13.31
C ILE G 488 -25.80 82.11 -12.37
N SER G 489 -24.74 82.92 -12.42
CA SER G 489 -23.58 82.75 -11.56
C SER G 489 -23.97 82.95 -10.09
N GLY G 490 -24.87 83.89 -9.83
CA GLY G 490 -25.25 84.27 -8.48
C GLY G 490 -24.62 85.59 -8.07
N SER G 491 -23.56 86.00 -8.79
CA SER G 491 -22.93 87.29 -8.62
C SER G 491 -22.97 88.04 -9.96
N PRO G 492 -24.10 88.70 -10.31
CA PRO G 492 -24.26 89.34 -11.60
C PRO G 492 -23.42 90.60 -11.80
N THR G 493 -23.55 91.20 -13.00
CA THR G 493 -22.84 92.41 -13.36
C THR G 493 -23.86 93.44 -13.86
N ARG G 494 -23.97 94.56 -13.14
CA ARG G 494 -24.86 95.65 -13.52
C ARG G 494 -24.30 96.33 -14.77
N ILE G 495 -25.16 96.51 -15.78
CA ILE G 495 -24.79 97.15 -17.04
C ILE G 495 -25.78 98.29 -17.30
N ALA H 15 -51.18 33.88 18.52
CA ALA H 15 -50.18 34.83 17.96
C ALA H 15 -48.92 34.83 18.83
N VAL H 16 -47.95 35.69 18.47
CA VAL H 16 -46.65 35.72 19.11
C VAL H 16 -46.59 36.95 20.03
N GLN H 17 -46.58 36.70 21.34
CA GLN H 17 -46.45 37.75 22.34
C GLN H 17 -44.96 37.98 22.63
N LYS H 18 -44.64 39.14 23.23
CA LYS H 18 -43.27 39.55 23.48
C LYS H 18 -43.10 39.99 24.93
N LEU H 19 -41.96 39.63 25.53
CA LEU H 19 -41.61 40.03 26.88
C LEU H 19 -40.73 41.28 26.83
N PRO H 20 -40.95 42.28 27.72
CA PRO H 20 -40.01 43.40 27.86
C PRO H 20 -38.64 42.94 28.36
N THR H 21 -37.58 43.28 27.60
CA THR H 21 -36.22 42.97 28.00
C THR H 21 -35.76 43.96 29.07
N GLY H 22 -36.34 45.17 29.04
CA GLY H 22 -36.00 46.21 30.00
C GLY H 22 -34.71 46.93 29.64
N ILE H 23 -34.25 46.76 28.39
CA ILE H 23 -33.05 47.42 27.90
C ILE H 23 -33.50 48.63 27.08
N GLU H 24 -32.80 49.75 27.27
CA GLU H 24 -33.17 51.01 26.65
C GLU H 24 -32.91 50.95 25.15
N GLY H 25 -33.98 50.75 24.37
CA GLY H 25 -33.89 50.76 22.92
C GLY H 25 -34.21 49.41 22.29
N PHE H 26 -33.86 48.33 22.99
CA PHE H 26 -34.07 46.99 22.45
C PHE H 26 -35.57 46.73 22.28
N ASP H 27 -36.36 47.16 23.26
CA ASP H 27 -37.81 47.01 23.24
C ASP H 27 -38.40 47.83 22.09
N ASP H 28 -37.70 48.90 21.69
CA ASP H 28 -38.14 49.74 20.57
C ASP H 28 -37.87 49.02 19.25
N ILE H 29 -36.63 48.52 19.07
CA ILE H 29 -36.21 47.92 17.81
C ILE H 29 -36.81 46.53 17.66
N SER H 30 -37.11 45.86 18.77
CA SER H 30 -37.72 44.54 18.75
C SER H 30 -39.25 44.64 18.72
N HIS H 31 -39.77 45.88 18.78
CA HIS H 31 -41.20 46.13 18.73
C HIS H 31 -41.89 45.39 19.88
N GLY H 32 -41.49 45.71 21.12
CA GLY H 32 -42.16 45.19 22.31
C GLY H 32 -41.23 44.37 23.20
N GLY H 33 -40.26 43.68 22.59
CA GLY H 33 -39.30 42.87 23.33
C GLY H 33 -39.04 41.53 22.66
N LEU H 34 -38.58 40.55 23.45
CA LEU H 34 -38.26 39.23 22.93
C LEU H 34 -39.50 38.34 22.94
N PRO H 35 -39.81 37.66 21.82
CA PRO H 35 -40.92 36.70 21.76
C PRO H 35 -40.93 35.74 22.95
N ILE H 36 -42.10 35.60 23.59
CA ILE H 36 -42.24 34.87 24.83
C ILE H 36 -42.24 33.37 24.54
N GLY H 37 -41.59 32.60 25.41
CA GLY H 37 -41.57 31.14 25.32
C GLY H 37 -40.76 30.65 24.13
N ARG H 38 -39.82 31.49 23.66
CA ARG H 38 -38.96 31.14 22.53
C ARG H 38 -37.55 31.60 22.82
N SER H 39 -36.57 30.90 22.25
CA SER H 39 -35.16 31.21 22.46
C SER H 39 -34.69 32.21 21.41
N THR H 40 -33.89 33.19 21.84
CA THR H 40 -33.31 34.17 20.95
C THR H 40 -31.80 33.98 20.89
N LEU H 41 -31.25 34.03 19.68
CA LEU H 41 -29.82 33.88 19.47
C LEU H 41 -29.16 35.26 19.47
N VAL H 42 -28.14 35.42 20.31
CA VAL H 42 -27.35 36.64 20.36
C VAL H 42 -25.91 36.28 20.01
N SER H 43 -25.53 36.52 18.75
CA SER H 43 -24.19 36.21 18.27
C SER H 43 -23.38 37.50 18.14
N GLY H 44 -22.06 37.38 18.32
CA GLY H 44 -21.15 38.51 18.21
C GLY H 44 -19.71 38.07 18.42
N THR H 45 -18.77 38.92 17.98
CA THR H 45 -17.35 38.71 18.23
C THR H 45 -17.06 39.02 19.70
N SER H 46 -15.84 38.70 20.15
CA SER H 46 -15.47 38.87 21.54
C SER H 46 -15.50 40.36 21.91
N GLY H 47 -16.13 40.66 23.05
CA GLY H 47 -16.25 42.02 23.55
C GLY H 47 -17.32 42.84 22.84
N THR H 48 -18.37 42.16 22.36
CA THR H 48 -19.48 42.85 21.70
C THR H 48 -20.54 43.26 22.73
N GLY H 49 -20.73 42.43 23.76
CA GLY H 49 -21.67 42.72 24.84
C GLY H 49 -22.76 41.67 24.95
N LYS H 50 -22.39 40.40 24.72
CA LYS H 50 -23.34 39.29 24.71
C LYS H 50 -23.70 38.89 26.13
N THR H 51 -22.68 38.79 26.98
CA THR H 51 -22.85 38.43 28.38
C THR H 51 -23.59 39.55 29.12
N VAL H 52 -23.26 40.81 28.77
CA VAL H 52 -23.88 41.97 29.40
C VAL H 52 -25.36 41.96 29.11
N PHE H 53 -25.74 41.65 27.86
CA PHE H 53 -27.13 41.56 27.45
C PHE H 53 -27.83 40.44 28.22
N SER H 54 -27.16 39.28 28.30
CA SER H 54 -27.71 38.10 28.94
C SER H 54 -28.07 38.39 30.40
N MET H 55 -27.15 39.06 31.12
CA MET H 55 -27.34 39.35 32.54
C MET H 55 -28.40 40.42 32.72
N GLN H 56 -28.36 41.46 31.87
CA GLN H 56 -29.29 42.57 31.94
C GLN H 56 -30.71 42.07 31.71
N PHE H 57 -30.83 41.07 30.83
CA PHE H 57 -32.11 40.43 30.52
C PHE H 57 -32.68 39.79 31.79
N LEU H 58 -31.85 38.98 32.47
CA LEU H 58 -32.26 38.31 33.70
C LEU H 58 -32.47 39.32 34.82
N TYR H 59 -31.57 40.31 34.91
CA TYR H 59 -31.57 41.29 35.98
C TYR H 59 -32.88 42.07 35.99
N ASN H 60 -33.24 42.64 34.83
CA ASN H 60 -34.45 43.44 34.70
C ASN H 60 -35.67 42.60 35.05
N GLY H 61 -35.67 41.33 34.60
CA GLY H 61 -36.74 40.39 34.91
C GLY H 61 -37.05 40.34 36.41
N ILE H 62 -36.00 40.21 37.22
CA ILE H 62 -36.12 40.03 38.65
C ILE H 62 -36.49 41.36 39.32
N THR H 63 -35.80 42.44 38.93
CA THR H 63 -35.91 43.71 39.61
C THR H 63 -37.18 44.45 39.18
N HIS H 64 -37.45 44.47 37.86
CA HIS H 64 -38.49 45.31 37.30
C HIS H 64 -39.82 44.56 37.19
N PHE H 65 -39.77 43.26 36.87
CA PHE H 65 -40.96 42.52 36.48
C PHE H 65 -41.24 41.36 37.44
N ASP H 66 -40.35 41.14 38.41
CA ASP H 66 -40.52 40.10 39.43
C ASP H 66 -40.61 38.72 38.77
N GLU H 67 -39.82 38.53 37.69
CA GLU H 67 -39.74 37.25 37.01
C GLU H 67 -38.36 36.64 37.28
N PRO H 68 -38.26 35.56 38.10
CA PRO H 68 -36.98 34.90 38.37
C PRO H 68 -36.31 34.38 37.11
N GLY H 69 -34.99 34.20 37.18
CA GLY H 69 -34.20 33.80 36.02
C GLY H 69 -33.05 32.87 36.38
N VAL H 70 -32.54 32.14 35.38
CA VAL H 70 -31.43 31.22 35.55
C VAL H 70 -30.35 31.57 34.52
N PHE H 71 -29.09 31.57 34.95
CA PHE H 71 -27.96 31.86 34.08
C PHE H 71 -27.09 30.62 33.96
N VAL H 72 -27.02 30.06 32.74
CA VAL H 72 -26.21 28.89 32.47
C VAL H 72 -24.85 29.36 31.92
N THR H 73 -23.77 28.95 32.58
CA THR H 73 -22.42 29.34 32.19
C THR H 73 -21.57 28.09 32.00
N PHE H 74 -20.84 28.04 30.88
CA PHE H 74 -20.06 26.87 30.50
C PHE H 74 -18.56 27.10 30.74
N GLU H 75 -18.18 28.28 31.23
CA GLU H 75 -16.77 28.60 31.44
C GLU H 75 -16.62 29.57 32.61
N GLU H 76 -17.22 30.76 32.50
CA GLU H 76 -17.11 31.78 33.54
C GLU H 76 -17.75 31.26 34.82
N SER H 77 -17.14 31.59 35.96
CA SER H 77 -17.63 31.15 37.25
C SER H 77 -18.68 32.13 37.77
N PRO H 78 -19.62 31.69 38.63
CA PRO H 78 -20.62 32.59 39.23
C PRO H 78 -20.03 33.80 39.96
N GLN H 79 -18.90 33.58 40.65
CA GLN H 79 -18.24 34.61 41.43
C GLN H 79 -17.66 35.68 40.51
N ASP H 80 -17.25 35.28 39.29
CA ASP H 80 -16.80 36.23 38.28
C ASP H 80 -17.98 36.98 37.69
N ILE H 81 -19.07 36.23 37.42
CA ILE H 81 -20.27 36.79 36.81
C ILE H 81 -20.85 37.90 37.72
N ILE H 82 -20.81 37.66 39.04
CA ILE H 82 -21.31 38.61 40.01
C ILE H 82 -20.39 39.83 40.05
N LYS H 83 -19.07 39.60 39.93
CA LYS H 83 -18.08 40.65 40.01
C LYS H 83 -18.14 41.54 38.76
N ASN H 84 -18.25 40.91 37.58
CA ASN H 84 -18.28 41.64 36.32
C ASN H 84 -19.58 42.44 36.21
N ALA H 85 -20.62 41.99 36.94
CA ALA H 85 -21.92 42.64 36.91
C ALA H 85 -21.94 43.85 37.85
N ALA H 86 -21.10 43.82 38.89
CA ALA H 86 -21.01 44.90 39.87
C ALA H 86 -20.50 46.18 39.20
N SER H 87 -19.94 46.04 37.99
CA SER H 87 -19.54 47.16 37.15
C SER H 87 -20.70 48.13 36.94
N PHE H 88 -21.91 47.59 36.73
CA PHE H 88 -23.08 48.36 36.36
C PHE H 88 -23.91 48.74 37.57
N GLY H 89 -23.56 48.19 38.75
CA GLY H 89 -24.34 48.38 39.96
C GLY H 89 -25.42 47.31 40.11
N TRP H 90 -25.06 46.06 39.77
CA TRP H 90 -25.97 44.93 39.83
C TRP H 90 -25.55 43.99 40.96
N ASP H 91 -26.19 44.13 42.12
CA ASP H 91 -25.94 43.24 43.26
C ASP H 91 -26.58 41.90 42.98
N LEU H 92 -25.86 41.05 42.23
CA LEU H 92 -26.38 39.74 41.83
C LEU H 92 -26.41 38.80 43.02
N GLN H 93 -25.46 38.97 43.95
CA GLN H 93 -25.35 38.11 45.12
C GLN H 93 -26.64 38.19 45.95
N LYS H 94 -27.20 39.39 46.07
CA LYS H 94 -28.44 39.61 46.80
C LYS H 94 -29.57 38.81 46.16
N LEU H 95 -29.59 38.78 44.82
CA LEU H 95 -30.63 38.10 44.06
C LEU H 95 -30.39 36.60 44.10
N VAL H 96 -29.12 36.18 44.22
CA VAL H 96 -28.77 34.79 44.40
C VAL H 96 -29.21 34.34 45.80
N ASP H 97 -29.04 35.23 46.79
CA ASP H 97 -29.35 34.94 48.17
C ASP H 97 -30.86 34.87 48.38
N GLU H 98 -31.58 35.84 47.80
CA GLU H 98 -33.03 35.89 47.89
C GLU H 98 -33.67 34.76 47.09
N GLY H 99 -32.89 34.14 46.18
CA GLY H 99 -33.32 32.99 45.42
C GLY H 99 -34.07 33.38 44.15
N LYS H 100 -33.94 34.64 43.74
CA LYS H 100 -34.55 35.15 42.52
C LYS H 100 -33.70 34.79 41.31
N LEU H 101 -32.39 34.59 41.54
CA LEU H 101 -31.45 34.27 40.49
C LEU H 101 -30.70 32.99 40.85
N PHE H 102 -30.38 32.19 39.83
CA PHE H 102 -29.56 30.99 40.00
C PHE H 102 -28.57 30.90 38.84
N ILE H 103 -27.29 30.64 39.18
CA ILE H 103 -26.25 30.52 38.18
C ILE H 103 -25.82 29.05 38.12
N LEU H 104 -26.25 28.36 37.06
CA LEU H 104 -25.92 26.96 36.86
C LEU H 104 -24.53 26.85 36.26
N ASP H 105 -23.55 26.56 37.13
CA ASP H 105 -22.16 26.43 36.72
C ASP H 105 -22.00 25.12 35.96
N ALA H 106 -21.99 25.21 34.62
CA ALA H 106 -21.77 24.07 33.74
C ALA H 106 -20.32 24.08 33.23
N SER H 107 -19.43 24.75 33.97
CA SER H 107 -18.02 24.77 33.64
C SER H 107 -17.42 23.37 33.81
N PRO H 108 -16.59 22.89 32.86
CA PRO H 108 -15.93 21.59 33.02
C PRO H 108 -15.02 21.54 34.24
N ASP H 109 -14.80 20.33 34.76
CA ASP H 109 -13.89 20.12 35.88
C ASP H 109 -12.46 20.06 35.34
N PRO H 110 -11.45 20.59 36.08
CA PRO H 110 -10.05 20.40 35.72
C PRO H 110 -9.67 18.93 35.51
N GLU H 111 -10.30 18.05 36.30
CA GLU H 111 -10.15 16.60 36.14
C GLU H 111 -11.44 16.03 35.56
N GLY H 112 -11.42 15.72 34.26
CA GLY H 112 -12.57 15.18 33.56
C GLY H 112 -12.18 14.36 32.34
N GLN H 113 -13.13 13.56 31.84
CA GLN H 113 -12.92 12.71 30.68
C GLN H 113 -14.26 12.45 29.99
N GLU H 114 -14.19 11.99 28.74
CA GLU H 114 -15.37 11.71 27.93
C GLU H 114 -16.19 10.58 28.57
N PHE H 119 -22.38 12.40 22.98
CA PHE H 119 -22.41 13.89 22.97
C PHE H 119 -23.85 14.38 22.84
N ASP H 120 -24.46 14.73 23.98
CA ASP H 120 -25.84 15.20 24.02
C ASP H 120 -25.99 16.23 25.13
N LEU H 121 -27.00 17.09 25.00
CA LEU H 121 -27.28 18.12 25.99
C LEU H 121 -28.25 17.59 27.06
N SER H 122 -28.77 16.36 26.84
CA SER H 122 -29.73 15.72 27.72
C SER H 122 -29.51 16.12 29.18
N ALA H 123 -28.30 15.82 29.68
CA ALA H 123 -27.96 16.07 31.07
C ALA H 123 -28.23 17.52 31.43
N LEU H 124 -27.61 18.45 30.69
CA LEU H 124 -27.76 19.87 30.93
C LEU H 124 -29.25 20.25 30.91
N ILE H 125 -29.97 19.75 29.90
CA ILE H 125 -31.39 20.08 29.74
C ILE H 125 -32.15 19.62 30.98
N GLU H 126 -31.78 18.45 31.51
CA GLU H 126 -32.41 17.91 32.71
C GLU H 126 -32.06 18.78 33.91
N ARG H 127 -30.80 19.23 33.98
CA ARG H 127 -30.33 20.11 35.05
C ARG H 127 -31.01 21.47 34.95
N ILE H 128 -31.09 22.01 33.74
CA ILE H 128 -31.72 23.29 33.49
C ILE H 128 -33.20 23.21 33.90
N ASN H 129 -33.87 22.13 33.46
CA ASN H 129 -35.28 21.90 33.77
C ASN H 129 -35.49 21.88 35.29
N TYR H 130 -34.53 21.30 36.03
CA TYR H 130 -34.61 21.20 37.47
C TYR H 130 -34.54 22.58 38.10
N ALA H 131 -33.53 23.36 37.68
CA ALA H 131 -33.30 24.70 38.23
C ALA H 131 -34.46 25.63 37.89
N ILE H 132 -34.94 25.56 36.64
CA ILE H 132 -36.10 26.33 36.22
C ILE H 132 -37.26 26.07 37.17
N ARG H 133 -37.52 24.78 37.45
CA ARG H 133 -38.64 24.37 38.29
C ARG H 133 -38.42 24.83 39.72
N LYS H 134 -37.22 24.54 40.26
CA LYS H 134 -36.90 24.83 41.65
C LYS H 134 -37.07 26.32 41.93
N TYR H 135 -36.55 27.17 41.03
CA TYR H 135 -36.52 28.61 41.23
C TYR H 135 -37.74 29.27 40.57
N LYS H 136 -38.57 28.47 39.88
CA LYS H 136 -39.78 28.98 39.23
C LYS H 136 -39.40 30.11 38.28
N ALA H 137 -38.42 29.83 37.41
CA ALA H 137 -37.85 30.83 36.53
C ALA H 137 -38.72 31.00 35.29
N LYS H 138 -38.83 32.25 34.83
CA LYS H 138 -39.54 32.59 33.60
C LYS H 138 -38.55 32.94 32.48
N ARG H 139 -37.38 33.45 32.87
CA ARG H 139 -36.34 33.81 31.92
C ARG H 139 -35.11 32.91 32.14
N VAL H 140 -34.39 32.62 31.06
CA VAL H 140 -33.14 31.87 31.14
C VAL H 140 -32.14 32.50 30.16
N ALA H 141 -30.84 32.39 30.49
CA ALA H 141 -29.78 32.86 29.61
C ALA H 141 -28.64 31.83 29.62
N ILE H 142 -28.18 31.45 28.42
CA ILE H 142 -27.16 30.45 28.25
C ILE H 142 -25.98 31.08 27.51
N ASP H 143 -24.77 30.95 28.08
CA ASP H 143 -23.59 31.63 27.58
C ASP H 143 -22.34 30.81 27.88
N SER H 144 -21.64 30.32 26.85
CA SER H 144 -22.02 30.43 25.44
C SER H 144 -22.23 29.02 24.88
N VAL H 145 -23.33 28.85 24.14
CA VAL H 145 -23.73 27.54 23.64
C VAL H 145 -22.63 26.97 22.75
N THR H 146 -21.86 27.84 22.10
CA THR H 146 -20.79 27.44 21.21
C THR H 146 -19.69 26.70 21.98
N ALA H 147 -19.49 27.10 23.25
CA ALA H 147 -18.41 26.59 24.08
C ALA H 147 -18.55 25.08 24.29
N VAL H 148 -19.70 24.65 24.80
CA VAL H 148 -19.93 23.26 25.17
C VAL H 148 -19.63 22.35 23.97
N PHE H 149 -20.03 22.78 22.77
CA PHE H 149 -19.82 21.99 21.56
C PHE H 149 -18.34 21.87 21.26
N GLN H 150 -17.60 22.98 21.37
CA GLN H 150 -16.16 22.98 21.18
C GLN H 150 -15.49 22.18 22.30
N GLN H 151 -15.77 22.57 23.55
CA GLN H 151 -15.16 21.97 24.73
C GLN H 151 -14.88 20.49 24.51
N TYR H 152 -15.91 19.75 24.08
CA TYR H 152 -15.79 18.31 23.86
C TYR H 152 -15.33 18.08 22.42
N ASP H 153 -16.25 17.75 21.52
CA ASP H 153 -15.91 17.59 20.11
C ASP H 153 -17.19 17.33 19.32
N ALA H 154 -18.12 18.29 19.39
CA ALA H 154 -19.43 18.16 18.75
C ALA H 154 -19.28 18.45 17.25
N ALA H 155 -19.34 19.73 16.88
CA ALA H 155 -19.21 20.17 15.50
C ALA H 155 -20.30 19.56 14.61
N SER H 156 -20.18 18.25 14.34
CA SER H 156 -21.10 17.55 13.45
C SER H 156 -22.29 17.02 14.23
N VAL H 157 -22.84 17.83 15.15
CA VAL H 157 -24.02 17.46 15.91
C VAL H 157 -24.72 18.71 16.46
N VAL H 158 -24.25 19.90 16.05
CA VAL H 158 -24.68 21.15 16.68
C VAL H 158 -26.16 21.37 16.42
N ARG H 159 -26.56 21.33 15.15
CA ARG H 159 -27.93 21.60 14.75
C ARG H 159 -28.89 20.65 15.48
N ARG H 160 -28.52 19.37 15.58
CA ARG H 160 -29.36 18.37 16.22
C ARG H 160 -29.55 18.73 17.70
N GLU H 161 -28.47 19.17 18.35
CA GLU H 161 -28.47 19.41 19.79
C GLU H 161 -29.02 20.79 20.11
N ILE H 162 -28.83 21.77 19.22
CA ILE H 162 -29.38 23.09 19.42
C ILE H 162 -30.90 23.04 19.21
N PHE H 163 -31.34 22.22 18.25
CA PHE H 163 -32.77 21.97 18.06
C PHE H 163 -33.35 21.37 19.34
N ARG H 164 -32.63 20.39 19.92
CA ARG H 164 -33.05 19.71 21.13
C ARG H 164 -33.28 20.73 22.25
N LEU H 165 -32.33 21.66 22.41
CA LEU H 165 -32.36 22.61 23.50
C LEU H 165 -33.45 23.65 23.26
N VAL H 166 -33.53 24.18 22.04
CA VAL H 166 -34.54 25.16 21.68
C VAL H 166 -35.92 24.55 21.88
N ALA H 167 -36.07 23.29 21.47
CA ALA H 167 -37.35 22.60 21.54
C ALA H 167 -37.75 22.35 22.99
N ARG H 168 -36.86 21.69 23.74
CA ARG H 168 -37.12 21.32 25.13
C ARG H 168 -37.48 22.55 25.96
N LEU H 169 -36.76 23.65 25.75
CA LEU H 169 -36.96 24.88 26.50
C LEU H 169 -38.32 25.48 26.17
N LYS H 170 -38.78 25.29 24.92
CA LYS H 170 -40.10 25.73 24.50
C LYS H 170 -41.18 24.92 25.23
N GLN H 171 -40.89 23.64 25.46
CA GLN H 171 -41.80 22.74 26.17
C GLN H 171 -41.93 23.19 27.63
N ILE H 172 -40.83 23.64 28.23
CA ILE H 172 -40.83 24.10 29.62
C ILE H 172 -41.63 25.40 29.70
N GLY H 173 -41.50 26.24 28.66
CA GLY H 173 -42.23 27.50 28.57
C GLY H 173 -41.44 28.66 29.17
N VAL H 174 -40.27 28.92 28.57
CA VAL H 174 -39.34 29.90 29.07
C VAL H 174 -38.77 30.70 27.90
N THR H 175 -38.66 32.03 28.09
CA THR H 175 -38.02 32.90 27.12
C THR H 175 -36.50 32.85 27.35
N THR H 176 -35.77 32.36 26.35
CA THR H 176 -34.35 32.07 26.50
C THR H 176 -33.53 33.01 25.63
N VAL H 177 -32.30 33.30 26.09
CA VAL H 177 -31.31 34.04 25.33
C VAL H 177 -30.06 33.19 25.24
N MET H 178 -29.67 32.81 24.01
CA MET H 178 -28.54 31.93 23.78
C MET H 178 -27.40 32.72 23.15
N THR H 179 -26.25 32.78 23.83
CA THR H 179 -25.08 33.47 23.33
C THR H 179 -24.32 32.55 22.38
N THR H 180 -23.95 33.09 21.20
CA THR H 180 -23.14 32.37 20.23
C THR H 180 -21.99 33.29 19.80
N GLU H 181 -20.96 32.69 19.20
CA GLU H 181 -19.71 33.38 18.92
C GLU H 181 -19.50 33.53 17.42
N ARG H 182 -18.74 34.56 17.03
CA ARG H 182 -18.40 34.83 15.64
C ARG H 182 -16.91 35.12 15.53
N ILE H 183 -16.39 35.05 14.30
CA ILE H 183 -15.00 35.36 14.01
C ILE H 183 -14.92 36.71 13.27
N GLU H 184 -15.83 36.92 12.31
CA GLU H 184 -15.83 38.12 11.50
C GLU H 184 -17.04 38.97 11.88
N GLU H 185 -16.95 40.28 11.63
CA GLU H 185 -17.99 41.21 12.03
C GLU H 185 -19.11 41.19 11.01
N TYR H 186 -18.77 41.49 9.75
CA TYR H 186 -19.71 41.43 8.64
C TYR H 186 -19.45 40.16 7.83
N GLY H 187 -19.76 39.01 8.44
CA GLY H 187 -19.58 37.72 7.80
C GLY H 187 -20.62 36.71 8.29
N PRO H 188 -20.25 35.42 8.54
CA PRO H 188 -21.20 34.43 9.06
C PRO H 188 -21.77 34.86 10.41
N ILE H 189 -23.08 34.62 10.58
CA ILE H 189 -23.81 35.10 11.74
C ILE H 189 -23.32 34.37 12.99
N ALA H 190 -23.02 33.08 12.85
CA ALA H 190 -22.50 32.28 13.95
C ALA H 190 -21.20 31.60 13.51
N ARG H 191 -20.89 30.44 14.10
CA ARG H 191 -19.63 29.75 13.85
C ARG H 191 -19.83 28.61 12.85
N TYR H 192 -20.90 27.84 13.05
CA TYR H 192 -21.10 26.59 12.31
C TYR H 192 -22.09 26.78 11.16
N GLY H 193 -22.62 27.99 11.00
CA GLY H 193 -23.51 28.33 9.90
C GLY H 193 -24.78 27.48 9.91
N VAL H 194 -25.36 27.32 11.10
CA VAL H 194 -26.49 26.43 11.29
C VAL H 194 -27.39 26.93 12.44
N GLU H 195 -26.83 27.75 13.34
CA GLU H 195 -27.50 28.15 14.56
C GLU H 195 -28.67 29.09 14.25
N GLU H 196 -28.54 29.88 13.18
CA GLU H 196 -29.51 30.90 12.83
C GLU H 196 -30.83 30.23 12.39
N PHE H 197 -30.69 29.11 11.67
CA PHE H 197 -31.81 28.45 11.04
C PHE H 197 -32.57 27.59 12.05
N VAL H 198 -31.86 27.13 13.08
CA VAL H 198 -32.46 26.36 14.16
C VAL H 198 -33.27 27.29 15.05
N SER H 199 -32.70 28.45 15.38
CA SER H 199 -33.32 29.39 16.30
C SER H 199 -34.47 30.13 15.61
N ASP H 200 -35.38 30.66 16.42
CA ASP H 200 -36.56 31.38 15.93
C ASP H 200 -36.26 32.88 15.85
N ASN H 201 -35.35 33.35 16.71
CA ASN H 201 -35.02 34.76 16.81
C ASN H 201 -33.51 34.92 16.74
N VAL H 202 -33.04 35.86 15.91
CA VAL H 202 -31.61 36.09 15.74
C VAL H 202 -31.32 37.58 15.93
N VAL H 203 -30.48 37.87 16.95
CA VAL H 203 -29.96 39.21 17.19
C VAL H 203 -28.44 39.15 17.01
N ILE H 204 -27.88 40.22 16.42
CA ILE H 204 -26.45 40.27 16.12
C ILE H 204 -25.87 41.52 16.77
N LEU H 205 -24.84 41.32 17.60
CA LEU H 205 -24.07 42.41 18.17
C LEU H 205 -22.75 42.53 17.41
N ARG H 206 -22.37 43.76 17.04
CA ARG H 206 -21.19 43.99 16.23
C ARG H 206 -20.34 45.08 16.87
N ASN H 207 -19.01 44.91 16.77
CA ASN H 207 -18.03 45.89 17.21
C ASN H 207 -17.03 46.10 16.07
N VAL H 208 -17.28 47.11 15.25
CA VAL H 208 -16.63 47.26 13.95
C VAL H 208 -15.47 48.25 14.08
N LEU H 209 -14.27 47.81 13.69
CA LEU H 209 -13.10 48.67 13.65
C LEU H 209 -13.12 49.47 12.36
N GLU H 210 -13.76 50.65 12.40
CA GLU H 210 -14.01 51.46 11.22
C GLU H 210 -12.67 51.95 10.64
N GLY H 211 -11.98 52.80 11.40
CA GLY H 211 -10.69 53.33 11.00
C GLY H 211 -9.83 53.71 12.21
N GLU H 212 -9.48 52.68 13.00
CA GLU H 212 -8.73 52.84 14.23
C GLU H 212 -9.68 53.26 15.36
N ARG H 213 -11.00 53.11 15.13
CA ARG H 213 -12.01 53.34 16.15
C ARG H 213 -13.09 52.27 16.01
N ARG H 214 -13.69 51.90 17.15
CA ARG H 214 -14.67 50.82 17.19
C ARG H 214 -16.07 51.40 17.31
N ARG H 215 -17.03 50.74 16.65
CA ARG H 215 -18.42 51.18 16.63
C ARG H 215 -19.30 49.99 16.99
N ARG H 216 -20.01 50.08 18.12
CA ARG H 216 -20.89 49.02 18.59
C ARG H 216 -22.27 49.19 17.95
N THR H 217 -22.79 48.09 17.37
CA THR H 217 -24.08 48.10 16.70
C THR H 217 -24.84 46.80 16.99
N VAL H 218 -26.15 46.93 17.20
CA VAL H 218 -27.06 45.81 17.34
C VAL H 218 -27.91 45.72 16.08
N GLU H 219 -28.24 44.48 15.68
CA GLU H 219 -29.19 44.23 14.61
C GLU H 219 -30.10 43.08 15.03
N ILE H 220 -31.40 43.23 14.73
CA ILE H 220 -32.36 42.14 14.84
C ILE H 220 -32.66 41.64 13.44
N LEU H 221 -32.11 40.47 13.10
CA LEU H 221 -32.17 39.95 11.74
C LEU H 221 -33.52 39.27 11.52
N LYS H 222 -33.94 38.45 12.50
CA LYS H 222 -35.13 37.62 12.36
C LYS H 222 -35.89 37.58 13.69
N LEU H 223 -37.18 37.94 13.64
CA LEU H 223 -38.13 37.62 14.69
C LEU H 223 -39.32 36.88 14.05
N ARG H 224 -39.26 35.55 14.04
CA ARG H 224 -40.32 34.75 13.44
C ARG H 224 -41.67 35.10 14.05
N GLY H 225 -42.65 35.35 13.18
CA GLY H 225 -44.04 35.52 13.60
C GLY H 225 -44.31 36.87 14.26
N THR H 226 -43.46 37.86 14.01
CA THR H 226 -43.58 39.16 14.63
C THR H 226 -42.80 40.19 13.82
N THR H 227 -42.84 41.45 14.27
CA THR H 227 -42.23 42.57 13.58
C THR H 227 -41.01 43.07 14.35
N HIS H 228 -40.15 43.82 13.66
CA HIS H 228 -38.95 44.37 14.27
C HIS H 228 -38.37 45.46 13.36
N MET H 229 -37.55 46.34 13.94
CA MET H 229 -36.87 47.38 13.18
C MET H 229 -35.66 46.77 12.49
N LYS H 230 -35.61 46.91 11.16
CA LYS H 230 -34.56 46.29 10.36
C LYS H 230 -33.29 47.16 10.43
N GLY H 231 -32.17 46.58 9.97
CA GLY H 231 -30.91 47.29 9.92
C GLY H 231 -30.13 47.19 11.23
N GLU H 232 -28.99 47.89 11.29
CA GLU H 232 -28.16 47.95 12.48
C GLU H 232 -28.38 49.29 13.17
N TYR H 233 -28.36 49.26 14.51
CA TYR H 233 -28.57 50.45 15.32
C TYR H 233 -27.40 50.61 16.28
N PRO H 234 -26.84 51.83 16.44
CA PRO H 234 -25.64 52.03 17.26
C PRO H 234 -25.96 51.99 18.75
N PHE H 235 -25.10 51.31 19.52
CA PHE H 235 -25.28 51.23 20.97
C PHE H 235 -23.94 51.44 21.66
N THR H 236 -24.01 51.69 22.98
CA THR H 236 -22.86 51.81 23.83
C THR H 236 -23.12 51.05 25.13
N ILE H 237 -22.06 50.45 25.68
CA ILE H 237 -22.12 49.86 27.01
C ILE H 237 -21.67 50.92 28.01
N THR H 238 -22.55 51.24 28.96
CA THR H 238 -22.33 52.30 29.93
C THR H 238 -22.24 51.66 31.32
N ASN H 239 -22.31 52.51 32.36
CA ASN H 239 -22.45 52.02 33.73
C ASN H 239 -23.91 51.70 34.03
N HIS H 240 -24.78 51.85 33.02
CA HIS H 240 -26.19 51.49 33.12
C HIS H 240 -26.48 50.30 32.20
N GLY H 241 -25.43 49.55 31.83
CA GLY H 241 -25.57 48.43 30.91
C GLY H 241 -25.68 48.91 29.45
N ILE H 242 -26.33 48.09 28.62
CA ILE H 242 -26.48 48.38 27.20
C ILE H 242 -27.47 49.54 27.03
N SER H 243 -27.11 50.49 26.15
CA SER H 243 -27.96 51.62 25.81
C SER H 243 -27.92 51.82 24.30
N ILE H 244 -29.07 51.58 23.65
CA ILE H 244 -29.20 51.71 22.21
C ILE H 244 -30.27 52.76 21.91
N PHE H 245 -29.85 53.94 21.43
CA PHE H 245 -30.77 55.00 21.05
C PHE H 245 -31.01 54.93 19.54
N PRO H 246 -32.19 54.45 19.07
CA PRO H 246 -32.48 54.39 17.64
C PRO H 246 -32.64 55.78 17.01
N LEU H 252 -40.60 61.45 16.47
CA LEU H 252 -40.10 62.82 16.76
C LEU H 252 -41.28 63.71 17.15
N THR H 253 -41.51 63.82 18.48
CA THR H 253 -42.55 64.68 19.01
C THR H 253 -41.95 66.04 19.40
N GLN H 254 -41.12 66.59 18.50
CA GLN H 254 -40.48 67.86 18.73
C GLN H 254 -41.46 68.99 18.42
N ARG H 255 -41.49 70.01 19.28
CA ARG H 255 -42.38 71.15 19.13
C ARG H 255 -41.61 72.30 18.47
N SER H 256 -42.34 73.38 18.16
CA SER H 256 -41.77 74.56 17.54
C SER H 256 -42.56 75.80 17.95
N SER H 257 -41.85 76.81 18.46
CA SER H 257 -42.46 78.03 18.98
C SER H 257 -41.89 79.26 18.28
N ASN H 258 -42.56 80.40 18.47
CA ASN H 258 -42.12 81.68 17.93
C ASN H 258 -41.43 82.50 19.02
N VAL H 259 -41.19 81.88 20.19
CA VAL H 259 -40.48 82.53 21.27
C VAL H 259 -39.03 82.76 20.83
N ARG H 260 -38.56 83.99 21.00
CA ARG H 260 -37.26 84.41 20.49
C ARG H 260 -36.21 84.39 21.61
N VAL H 261 -34.94 84.23 21.23
CA VAL H 261 -33.81 84.38 22.12
C VAL H 261 -32.76 85.24 21.41
N SER H 262 -31.93 85.94 22.20
CA SER H 262 -30.95 86.86 21.66
C SER H 262 -29.66 86.11 21.34
N SER H 263 -28.82 86.76 20.52
CA SER H 263 -27.56 86.19 20.05
C SER H 263 -26.40 86.68 20.92
N GLY H 264 -26.59 87.84 21.57
CA GLY H 264 -25.51 88.54 22.24
C GLY H 264 -25.02 89.74 21.44
N VAL H 265 -25.49 89.83 20.18
CA VAL H 265 -25.18 90.94 19.30
C VAL H 265 -26.51 91.55 18.85
N PRO H 266 -26.85 92.80 19.27
CA PRO H 266 -28.16 93.38 18.97
C PRO H 266 -28.43 93.59 17.49
N ARG H 267 -27.37 93.88 16.72
CA ARG H 267 -27.50 94.11 15.28
C ARG H 267 -27.82 92.79 14.58
N LEU H 268 -27.22 91.70 15.05
CA LEU H 268 -27.45 90.38 14.47
C LEU H 268 -28.87 89.92 14.79
N ASP H 269 -29.36 90.25 15.99
CA ASP H 269 -30.70 89.92 16.40
C ASP H 269 -31.72 90.61 15.49
N GLU H 270 -31.43 91.86 15.12
CA GLU H 270 -32.30 92.63 14.23
C GLU H 270 -32.27 92.00 12.84
N MET H 271 -31.08 91.56 12.40
CA MET H 271 -30.89 90.89 11.13
C MET H 271 -31.65 89.57 11.10
N CYS H 272 -31.91 89.02 12.30
CA CYS H 272 -32.62 87.75 12.46
C CYS H 272 -34.10 88.00 12.75
N GLY H 273 -34.59 89.22 12.49
CA GLY H 273 -35.99 89.56 12.67
C GLY H 273 -36.40 89.56 14.14
N GLY H 274 -35.46 89.86 15.03
CA GLY H 274 -35.71 89.90 16.47
C GLY H 274 -35.17 88.67 17.19
N GLY H 275 -33.93 88.30 16.88
CA GLY H 275 -33.24 87.23 17.58
C GLY H 275 -33.53 85.85 17.01
N PHE H 276 -32.86 84.83 17.56
CA PHE H 276 -33.10 83.45 17.17
C PHE H 276 -34.40 82.96 17.79
N PHE H 277 -34.81 81.75 17.41
CA PHE H 277 -35.90 81.05 18.08
C PHE H 277 -35.32 80.16 19.18
N LYS H 278 -36.10 79.93 20.25
CA LYS H 278 -35.66 79.13 21.37
C LYS H 278 -35.52 77.66 20.93
N ASP H 279 -36.45 77.22 20.09
CA ASP H 279 -36.44 75.86 19.56
C ASP H 279 -35.91 75.88 18.12
N SER H 280 -34.61 76.15 17.99
CA SER H 280 -33.98 76.21 16.68
C SER H 280 -32.52 75.74 16.76
N ILE H 281 -32.04 75.21 15.64
CA ILE H 281 -30.65 74.85 15.45
C ILE H 281 -29.98 75.93 14.61
N ILE H 282 -29.02 76.64 15.21
CA ILE H 282 -28.31 77.71 14.53
C ILE H 282 -26.96 77.17 14.05
N LEU H 283 -26.61 77.49 12.80
CA LEU H 283 -25.32 77.12 12.24
C LEU H 283 -24.57 78.38 11.83
N ALA H 284 -23.30 78.47 12.24
CA ALA H 284 -22.41 79.53 11.80
C ALA H 284 -21.29 78.92 10.94
N THR H 285 -21.32 79.22 9.64
CA THR H 285 -20.38 78.63 8.69
C THR H 285 -19.43 79.72 8.18
N GLY H 286 -18.16 79.34 7.99
CA GLY H 286 -17.15 80.25 7.47
C GLY H 286 -15.76 79.64 7.52
N ALA H 287 -14.79 80.33 6.91
CA ALA H 287 -13.40 79.93 6.95
C ALA H 287 -12.84 80.13 8.35
N THR H 288 -11.57 79.74 8.55
CA THR H 288 -10.92 79.85 9.85
C THR H 288 -10.66 81.32 10.16
N GLY H 289 -11.04 81.73 11.38
CA GLY H 289 -10.75 83.07 11.89
C GLY H 289 -11.81 84.09 11.48
N THR H 290 -12.97 83.62 11.00
CA THR H 290 -14.04 84.49 10.55
C THR H 290 -14.82 85.04 11.73
N GLY H 291 -14.77 84.35 12.88
CA GLY H 291 -15.40 84.80 14.10
C GLY H 291 -16.61 83.94 14.48
N LYS H 292 -16.46 82.62 14.35
CA LYS H 292 -17.52 81.67 14.70
C LYS H 292 -17.56 81.48 16.21
N THR H 293 -16.38 81.29 16.82
CA THR H 293 -16.27 81.06 18.25
C THR H 293 -16.71 82.30 19.03
N LEU H 294 -16.52 83.48 18.43
CA LEU H 294 -16.94 84.74 19.04
C LEU H 294 -18.45 84.78 19.20
N LEU H 295 -19.18 84.35 18.16
CA LEU H 295 -20.63 84.40 18.16
C LEU H 295 -21.20 83.39 19.15
N VAL H 296 -20.53 82.22 19.25
CA VAL H 296 -20.90 81.21 20.21
C VAL H 296 -20.68 81.75 21.62
N SER H 297 -19.57 82.46 21.82
CA SER H 297 -19.23 83.02 23.12
C SER H 297 -20.28 84.04 23.55
N LYS H 298 -20.76 84.86 22.61
CA LYS H 298 -21.78 85.86 22.88
C LYS H 298 -23.12 85.19 23.13
N PHE H 299 -23.38 84.08 22.42
CA PHE H 299 -24.61 83.32 22.54
C PHE H 299 -24.72 82.69 23.93
N LEU H 300 -23.58 82.23 24.47
CA LEU H 300 -23.52 81.63 25.79
C LEU H 300 -23.63 82.71 26.87
N GLU H 301 -23.21 83.93 26.55
CA GLU H 301 -23.20 85.03 27.50
C GLU H 301 -24.64 85.49 27.80
N ASN H 302 -25.44 85.64 26.73
CA ASN H 302 -26.82 86.10 26.87
C ASN H 302 -27.60 85.16 27.79
N ALA H 303 -27.31 83.86 27.71
CA ALA H 303 -27.91 82.87 28.59
C ALA H 303 -27.58 83.20 30.05
N CYS H 304 -26.28 83.39 30.32
CA CYS H 304 -25.81 83.67 31.67
C CYS H 304 -26.28 85.06 32.12
N ARG H 305 -26.49 85.97 31.16
CA ARG H 305 -26.99 87.30 31.45
C ARG H 305 -28.47 87.22 31.82
N ASN H 306 -29.19 86.24 31.25
CA ASN H 306 -30.61 86.06 31.52
C ASN H 306 -30.83 84.93 32.54
N LYS H 307 -29.79 84.63 33.33
CA LYS H 307 -29.88 83.64 34.40
C LYS H 307 -30.32 82.30 33.82
N GLU H 308 -29.58 81.82 32.82
CA GLU H 308 -29.88 80.56 32.15
C GLU H 308 -28.58 79.76 31.98
N ARG H 309 -28.64 78.47 32.31
CA ARG H 309 -27.49 77.59 32.24
C ARG H 309 -27.20 77.25 30.78
N ALA H 310 -25.93 76.95 30.49
CA ALA H 310 -25.51 76.60 29.14
C ALA H 310 -24.23 75.76 29.20
N ILE H 311 -24.04 74.91 28.18
CA ILE H 311 -22.85 74.07 28.08
C ILE H 311 -22.11 74.43 26.80
N LEU H 312 -20.78 74.44 26.87
CA LEU H 312 -19.92 74.62 25.71
C LEU H 312 -19.15 73.33 25.44
N PHE H 313 -19.61 72.59 24.43
CA PHE H 313 -18.91 71.41 23.96
C PHE H 313 -17.83 71.84 22.98
N ALA H 314 -16.57 71.84 23.45
CA ALA H 314 -15.44 72.32 22.67
C ALA H 314 -14.61 71.15 22.18
N TYR H 315 -14.20 71.21 20.90
CA TYR H 315 -13.42 70.15 20.28
C TYR H 315 -12.23 70.72 19.50
N GLU H 316 -12.00 72.04 19.61
CA GLU H 316 -10.94 72.70 18.86
C GLU H 316 -10.00 73.47 19.80
N GLU H 317 -10.51 73.96 20.93
CA GLU H 317 -9.73 74.75 21.86
C GLU H 317 -9.97 74.28 23.29
N SER H 318 -8.97 74.50 24.15
CA SER H 318 -9.03 74.10 25.54
C SER H 318 -9.74 75.16 26.37
N ARG H 319 -10.16 74.77 27.58
CA ARG H 319 -10.88 75.65 28.49
C ARG H 319 -10.10 76.96 28.67
N ALA H 320 -8.80 76.83 28.96
CA ALA H 320 -7.92 77.97 29.20
C ALA H 320 -7.93 78.91 27.98
N GLN H 321 -7.72 78.34 26.79
CA GLN H 321 -7.66 79.11 25.56
C GLN H 321 -8.99 79.83 25.33
N LEU H 322 -10.09 79.10 25.50
CA LEU H 322 -11.43 79.63 25.32
C LEU H 322 -11.68 80.79 26.28
N LEU H 323 -11.15 80.67 27.50
CA LEU H 323 -11.28 81.70 28.52
C LEU H 323 -10.49 82.94 28.12
N ARG H 324 -9.21 82.75 27.79
CA ARG H 324 -8.31 83.84 27.47
C ARG H 324 -8.80 84.60 26.24
N ASN H 325 -9.16 83.85 25.18
CA ASN H 325 -9.59 84.43 23.93
C ASN H 325 -10.88 85.21 24.12
N ALA H 326 -11.70 84.79 25.09
CA ALA H 326 -12.97 85.45 25.40
C ALA H 326 -12.75 86.69 26.27
N THR H 327 -11.75 86.64 27.17
CA THR H 327 -11.41 87.77 28.01
C THR H 327 -10.83 88.90 27.16
N SER H 328 -10.20 88.54 26.03
CA SER H 328 -9.74 89.51 25.06
C SER H 328 -10.92 90.19 24.36
N TRP H 329 -12.06 89.49 24.29
CA TRP H 329 -13.28 90.03 23.70
C TRP H 329 -14.17 90.67 24.77
N GLY H 330 -13.70 90.70 26.02
CA GLY H 330 -14.45 91.31 27.11
C GLY H 330 -15.60 90.42 27.58
N ILE H 331 -15.33 89.12 27.68
CA ILE H 331 -16.30 88.15 28.15
C ILE H 331 -15.65 87.35 29.29
N ASP H 332 -16.05 87.66 30.53
CA ASP H 332 -15.56 86.95 31.70
C ASP H 332 -16.34 85.64 31.83
N PHE H 333 -15.69 84.54 31.40
CA PHE H 333 -16.34 83.23 31.36
C PHE H 333 -16.11 82.48 32.68
N GLU H 334 -15.02 82.80 33.38
CA GLU H 334 -14.69 82.17 34.65
C GLU H 334 -15.78 82.46 35.68
N GLU H 335 -16.35 83.67 35.62
CA GLU H 335 -17.42 84.07 36.53
C GLU H 335 -18.69 83.28 36.24
N MET H 336 -19.00 83.10 34.95
CA MET H 336 -20.19 82.38 34.51
C MET H 336 -20.10 80.92 34.96
N GLU H 337 -18.87 80.37 34.98
CA GLU H 337 -18.64 79.01 35.44
C GLU H 337 -18.78 78.93 36.95
N ARG H 338 -18.28 79.97 37.66
CA ARG H 338 -18.29 80.00 39.11
C ARG H 338 -19.71 80.17 39.64
N ASP H 339 -20.51 81.02 38.96
CA ASP H 339 -21.88 81.27 39.34
C ASP H 339 -22.74 80.04 39.10
N GLY H 340 -22.23 79.09 38.30
CA GLY H 340 -22.91 77.83 38.05
C GLY H 340 -23.97 77.97 36.97
N LEU H 341 -23.69 78.82 35.97
CA LEU H 341 -24.60 79.06 34.87
C LEU H 341 -23.89 78.82 33.53
N LEU H 342 -22.77 78.09 33.58
CA LEU H 342 -21.95 77.83 32.39
C LEU H 342 -21.02 76.65 32.68
N LYS H 343 -20.86 75.76 31.69
CA LYS H 343 -19.97 74.63 31.81
C LYS H 343 -19.26 74.41 30.48
N ILE H 344 -17.93 74.21 30.54
CA ILE H 344 -17.12 74.00 29.35
C ILE H 344 -16.60 72.56 29.38
N ILE H 345 -17.02 71.76 28.39
CA ILE H 345 -16.61 70.37 28.26
C ILE H 345 -15.65 70.25 27.08
N CYS H 346 -14.36 70.11 27.37
CA CYS H 346 -13.32 70.02 26.37
C CYS H 346 -12.95 68.55 26.14
N ALA H 347 -12.81 68.17 24.87
CA ALA H 347 -12.40 66.82 24.49
C ALA H 347 -12.03 66.80 23.01
N TYR H 348 -11.08 65.93 22.64
CA TYR H 348 -10.64 65.79 21.27
C TYR H 348 -11.65 64.93 20.52
N PRO H 349 -12.02 65.28 19.25
CA PRO H 349 -12.89 64.44 18.43
C PRO H 349 -12.41 63.00 18.28
N GLU H 350 -11.08 62.85 18.12
CA GLU H 350 -10.47 61.55 17.87
C GLU H 350 -10.36 60.73 19.15
N SER H 351 -10.73 61.32 20.29
CA SER H 351 -10.64 60.64 21.58
C SER H 351 -11.58 59.43 21.61
N THR H 352 -12.88 59.68 21.48
CA THR H 352 -13.90 58.65 21.57
C THR H 352 -14.53 58.45 20.19
N GLY H 353 -15.67 57.74 20.15
CA GLY H 353 -16.48 57.63 18.96
C GLY H 353 -17.68 58.59 19.00
N LEU H 354 -18.30 58.82 17.84
CA LEU H 354 -19.43 59.73 17.71
C LEU H 354 -20.61 59.24 18.55
N GLU H 355 -20.79 57.92 18.64
CA GLU H 355 -21.85 57.34 19.45
C GLU H 355 -21.63 57.69 20.92
N ASP H 356 -20.36 57.68 21.35
CA ASP H 356 -20.01 58.03 22.71
C ASP H 356 -20.20 59.53 22.91
N HIS H 357 -19.57 60.33 22.04
CA HIS H 357 -19.69 61.79 22.08
C HIS H 357 -21.13 62.21 22.33
N LEU H 358 -22.07 61.56 21.61
CA LEU H 358 -23.48 61.90 21.70
C LEU H 358 -23.99 61.62 23.11
N GLN H 359 -23.57 60.47 23.67
CA GLN H 359 -23.99 60.05 25.00
C GLN H 359 -23.34 60.93 26.07
N ILE H 360 -22.12 61.40 25.79
CA ILE H 360 -21.43 62.33 26.69
C ILE H 360 -22.19 63.65 26.71
N ILE H 361 -22.61 64.11 25.52
CA ILE H 361 -23.40 65.32 25.40
C ILE H 361 -24.72 65.13 26.16
N LYS H 362 -25.44 64.04 25.83
CA LYS H 362 -26.73 63.74 26.42
C LYS H 362 -26.63 63.67 27.95
N SER H 363 -25.58 63.00 28.45
CA SER H 363 -25.40 62.80 29.88
C SER H 363 -25.13 64.13 30.58
N GLU H 364 -24.30 64.97 29.94
CA GLU H 364 -23.87 66.23 30.54
C GLU H 364 -25.01 67.24 30.45
N ILE H 365 -25.80 67.17 29.37
CA ILE H 365 -27.03 67.94 29.25
C ILE H 365 -28.00 67.50 30.34
N SER H 366 -28.10 66.18 30.54
CA SER H 366 -29.00 65.60 31.52
C SER H 366 -28.72 66.13 32.93
N GLU H 367 -27.43 66.30 33.24
CA GLU H 367 -27.01 66.70 34.58
C GLU H 367 -27.28 68.19 34.79
N PHE H 368 -26.63 69.03 33.98
CA PHE H 368 -26.64 70.48 34.18
C PHE H 368 -28.01 71.06 33.79
N LYS H 369 -28.72 70.37 32.89
CA LYS H 369 -30.07 70.76 32.49
C LYS H 369 -30.04 72.17 31.93
N PRO H 370 -29.32 72.40 30.80
CA PRO H 370 -29.14 73.75 30.25
C PRO H 370 -30.30 74.24 29.39
N SER H 371 -30.30 75.54 29.10
CA SER H 371 -31.27 76.17 28.21
C SER H 371 -30.68 76.32 26.81
N ARG H 372 -29.37 76.64 26.74
CA ARG H 372 -28.68 76.82 25.47
C ARG H 372 -27.51 75.83 25.40
N ILE H 373 -27.22 75.38 24.17
CA ILE H 373 -26.08 74.50 23.93
C ILE H 373 -25.27 75.06 22.77
N ALA H 374 -23.96 74.83 22.80
CA ALA H 374 -23.05 75.29 21.76
C ALA H 374 -21.98 74.25 21.50
N ILE H 375 -21.88 73.81 20.23
CA ILE H 375 -20.89 72.83 19.83
C ILE H 375 -19.88 73.52 18.90
N ASP H 376 -18.60 73.47 19.29
CA ASP H 376 -17.52 74.11 18.56
C ASP H 376 -16.38 73.10 18.43
N SER H 377 -16.34 72.34 17.32
CA SER H 377 -17.20 72.52 16.16
C SER H 377 -17.66 71.17 15.62
N LEU H 378 -18.58 71.22 14.65
CA LEU H 378 -19.08 70.03 13.98
C LEU H 378 -18.08 69.57 12.91
N SER H 379 -17.40 70.53 12.27
CA SER H 379 -16.38 70.21 11.28
C SER H 379 -15.23 69.43 11.92
N ALA H 380 -15.03 69.62 13.23
CA ALA H 380 -14.01 68.90 13.97
C ALA H 380 -14.40 67.44 14.14
N LEU H 381 -15.66 67.20 14.52
CA LEU H 381 -16.15 65.87 14.82
C LEU H 381 -16.33 65.05 13.52
N ALA H 382 -16.29 65.73 12.37
CA ALA H 382 -16.45 65.08 11.08
C ALA H 382 -15.12 64.51 10.57
N ARG H 383 -14.01 64.87 11.24
CA ARG H 383 -12.68 64.52 10.78
C ARG H 383 -12.44 63.01 10.96
N GLY H 384 -12.19 62.33 9.83
CA GLY H 384 -11.74 60.94 9.85
C GLY H 384 -12.87 59.93 10.01
N VAL H 385 -14.12 60.41 10.03
CA VAL H 385 -15.28 59.57 10.26
C VAL H 385 -16.06 59.45 8.95
N SER H 386 -16.90 58.41 8.85
CA SER H 386 -17.78 58.24 7.71
C SER H 386 -18.85 59.33 7.73
N ASN H 387 -19.33 59.70 6.53
CA ASN H 387 -20.34 60.73 6.38
C ASN H 387 -21.66 60.27 7.00
N ASN H 388 -21.92 58.95 6.95
CA ASN H 388 -23.14 58.37 7.48
C ASN H 388 -23.18 58.53 9.00
N ALA H 389 -22.08 58.16 9.66
CA ALA H 389 -21.99 58.22 11.12
C ALA H 389 -22.19 59.65 11.61
N PHE H 390 -21.55 60.61 10.90
CA PHE H 390 -21.64 62.02 11.25
C PHE H 390 -23.07 62.51 11.11
N ARG H 391 -23.71 62.18 9.99
CA ARG H 391 -25.10 62.53 9.76
C ARG H 391 -25.97 62.03 10.90
N GLN H 392 -25.65 60.83 11.41
CA GLN H 392 -26.36 60.24 12.54
C GLN H 392 -26.10 61.05 13.81
N PHE H 393 -24.84 61.46 14.00
CA PHE H 393 -24.46 62.26 15.16
C PHE H 393 -25.23 63.58 15.14
N VAL H 394 -25.24 64.24 13.98
CA VAL H 394 -25.90 65.53 13.84
C VAL H 394 -27.40 65.35 14.08
N ILE H 395 -28.00 64.34 13.44
CA ILE H 395 -29.42 64.05 13.58
C ILE H 395 -29.74 63.73 15.03
N GLY H 396 -28.82 63.03 15.70
CA GLY H 396 -29.00 62.67 17.11
C GLY H 396 -28.92 63.88 18.03
N VAL H 397 -27.86 64.68 17.87
CA VAL H 397 -27.65 65.87 18.67
C VAL H 397 -28.75 66.88 18.38
N THR H 398 -29.05 67.07 17.09
CA THR H 398 -30.07 68.00 16.63
C THR H 398 -31.42 67.64 17.22
N GLY H 399 -31.78 66.35 17.14
CA GLY H 399 -33.09 65.87 17.57
C GLY H 399 -33.27 65.96 19.09
N TYR H 400 -32.23 65.58 19.84
CA TYR H 400 -32.27 65.55 21.29
C TYR H 400 -32.49 66.96 21.85
N ALA H 401 -31.88 67.95 21.20
CA ALA H 401 -31.95 69.33 21.66
C ALA H 401 -33.34 69.90 21.42
N LYS H 402 -33.91 69.63 20.23
CA LYS H 402 -35.25 70.08 19.88
C LYS H 402 -36.27 69.50 20.86
N GLN H 403 -36.09 68.20 21.19
CA GLN H 403 -37.01 67.50 22.07
C GLN H 403 -36.88 68.01 23.50
N GLU H 404 -35.65 68.37 23.91
CA GLU H 404 -35.36 68.78 25.27
C GLU H 404 -35.53 70.29 25.43
N GLU H 405 -36.03 70.97 24.39
CA GLU H 405 -36.32 72.39 24.44
C GLU H 405 -35.04 73.19 24.65
N ILE H 406 -33.97 72.79 23.95
CA ILE H 406 -32.67 73.44 24.06
C ILE H 406 -32.33 74.11 22.73
N THR H 407 -31.72 75.30 22.82
CA THR H 407 -31.31 76.06 21.64
C THR H 407 -29.86 75.68 21.31
N GLY H 408 -29.63 75.30 20.04
CA GLY H 408 -28.33 74.82 19.61
C GLY H 408 -27.63 75.83 18.70
N PHE H 409 -26.33 76.05 18.97
CA PHE H 409 -25.47 76.87 18.11
C PHE H 409 -24.30 76.02 17.65
N PHE H 410 -24.19 75.83 16.33
CA PHE H 410 -23.20 74.92 15.77
C PHE H 410 -22.23 75.71 14.90
N THR H 411 -21.01 75.17 14.77
CA THR H 411 -19.93 75.80 14.04
C THR H 411 -19.41 74.85 12.97
N ASN H 412 -18.99 75.40 11.82
CA ASN H 412 -18.46 74.60 10.73
C ASN H 412 -17.38 75.41 10.00
N THR H 413 -16.12 74.95 10.14
CA THR H 413 -15.00 75.58 9.47
C THR H 413 -14.90 75.05 8.04
N SER H 414 -15.27 75.89 7.07
CA SER H 414 -15.20 75.52 5.66
C SER H 414 -13.74 75.42 5.23
N ASP H 415 -13.48 74.54 4.26
CA ASP H 415 -12.12 74.21 3.85
C ASP H 415 -11.53 75.34 3.01
N GLN H 416 -12.40 76.10 2.32
CA GLN H 416 -11.95 77.21 1.48
C GLN H 416 -11.63 78.42 2.36
N PHE H 417 -10.47 79.05 2.10
CA PHE H 417 -10.06 80.25 2.79
C PHE H 417 -10.99 81.41 2.43
N MET H 418 -11.15 81.66 1.12
CA MET H 418 -11.76 82.88 0.62
C MET H 418 -13.11 82.58 -0.01
N GLY H 419 -14.07 83.47 0.23
CA GLY H 419 -15.36 83.43 -0.43
C GLY H 419 -16.32 82.44 0.22
N SER H 420 -17.61 82.57 -0.11
CA SER H 420 -18.64 81.63 0.29
C SER H 420 -18.93 80.68 -0.88
N HIS H 421 -18.37 79.46 -0.79
CA HIS H 421 -18.44 78.50 -1.87
C HIS H 421 -19.65 77.60 -1.69
N SER H 422 -19.53 76.62 -0.79
CA SER H 422 -20.59 75.65 -0.54
C SER H 422 -20.48 75.13 0.89
N ILE H 423 -21.50 75.46 1.71
CA ILE H 423 -21.55 75.08 3.11
C ILE H 423 -22.08 73.66 3.23
N THR H 424 -22.72 73.16 2.15
CA THR H 424 -23.21 71.79 2.10
C THR H 424 -22.05 70.84 1.81
N ASP H 425 -21.06 70.83 2.72
CA ASP H 425 -19.95 69.91 2.65
C ASP H 425 -20.42 68.53 3.13
N SER H 426 -21.37 68.53 4.07
CA SER H 426 -21.94 67.30 4.60
C SER H 426 -23.47 67.39 4.67
N HIS H 427 -24.07 68.31 3.89
CA HIS H 427 -25.51 68.45 3.79
C HIS H 427 -26.15 68.46 5.17
N ILE H 428 -25.82 69.50 5.96
CA ILE H 428 -26.42 69.72 7.27
C ILE H 428 -27.29 70.98 7.20
N SER H 429 -27.57 71.45 5.98
CA SER H 429 -28.31 72.69 5.76
C SER H 429 -29.79 72.46 6.02
N THR H 430 -30.31 71.31 5.56
CA THR H 430 -31.72 70.98 5.71
C THR H 430 -32.10 70.82 7.18
N ILE H 431 -31.11 70.52 8.02
CA ILE H 431 -31.34 70.20 9.43
C ILE H 431 -31.39 71.51 10.21
N THR H 432 -30.37 72.35 10.02
CA THR H 432 -30.27 73.63 10.71
C THR H 432 -31.33 74.59 10.17
N ASP H 433 -31.78 75.50 11.05
CA ASP H 433 -32.89 76.40 10.76
C ASP H 433 -32.37 77.78 10.38
N THR H 434 -31.34 78.25 11.10
CA THR H 434 -30.71 79.53 10.82
C THR H 434 -29.26 79.30 10.41
N ILE H 435 -28.88 79.89 9.26
CA ILE H 435 -27.52 79.80 8.76
C ILE H 435 -26.90 81.20 8.78
N ILE H 436 -25.95 81.42 9.69
CA ILE H 436 -25.13 82.63 9.70
C ILE H 436 -23.88 82.36 8.88
N LEU H 437 -23.69 83.12 7.80
CA LEU H 437 -22.61 82.88 6.87
C LEU H 437 -21.56 83.99 7.02
N LEU H 438 -20.32 83.57 7.33
CA LEU H 438 -19.21 84.47 7.55
C LEU H 438 -18.14 84.21 6.48
N GLN H 439 -17.71 85.28 5.79
CA GLN H 439 -16.72 85.14 4.74
C GLN H 439 -15.72 86.29 4.81
N TYR H 440 -14.55 86.07 4.20
CA TYR H 440 -13.54 87.10 4.02
C TYR H 440 -13.80 87.83 2.71
N VAL H 441 -13.29 89.07 2.61
CA VAL H 441 -13.37 89.85 1.38
C VAL H 441 -12.14 90.74 1.27
N GLU H 442 -11.39 90.56 0.18
CA GLU H 442 -10.24 91.40 -0.13
C GLU H 442 -10.73 92.77 -0.57
N ILE H 443 -10.62 93.76 0.32
CA ILE H 443 -11.02 95.12 0.03
C ILE H 443 -9.76 95.99 0.07
N ARG H 444 -9.29 96.40 -1.12
CA ARG H 444 -8.18 97.35 -1.26
C ARG H 444 -6.92 96.79 -0.59
N GLY H 445 -6.57 95.54 -0.97
CA GLY H 445 -5.37 94.89 -0.48
C GLY H 445 -5.40 94.63 1.02
N GLU H 446 -6.59 94.41 1.56
CA GLU H 446 -6.77 94.16 2.98
C GLU H 446 -7.98 93.24 3.19
N MET H 447 -7.78 92.21 4.02
CA MET H 447 -8.77 91.17 4.24
C MET H 447 -9.86 91.69 5.17
N SER H 448 -11.04 91.97 4.61
CA SER H 448 -12.21 92.32 5.41
C SER H 448 -13.03 91.07 5.70
N ARG H 449 -14.05 91.22 6.56
CA ARG H 449 -14.95 90.13 6.91
C ARG H 449 -16.37 90.55 6.57
N ALA H 450 -17.26 89.57 6.42
CA ALA H 450 -18.65 89.84 6.11
C ALA H 450 -19.55 88.78 6.76
N ILE H 451 -20.66 89.24 7.36
CA ILE H 451 -21.65 88.37 7.97
C ILE H 451 -22.93 88.47 7.16
N ASN H 452 -23.69 87.36 7.13
CA ASN H 452 -24.94 87.30 6.39
C ASN H 452 -25.82 86.23 7.01
N VAL H 453 -27.11 86.56 7.23
CA VAL H 453 -28.10 85.57 7.62
C VAL H 453 -28.63 84.93 6.34
N PHE H 454 -28.07 83.75 6.01
CA PHE H 454 -28.36 83.09 4.74
C PHE H 454 -29.76 82.48 4.79
N LYS H 455 -30.11 81.90 5.94
CA LYS H 455 -31.42 81.28 6.12
C LYS H 455 -31.94 81.60 7.52
N MET H 456 -33.27 81.70 7.62
CA MET H 456 -33.96 81.90 8.89
C MET H 456 -35.40 81.43 8.74
N ARG H 457 -35.59 80.11 8.87
CA ARG H 457 -36.89 79.49 8.70
C ARG H 457 -37.82 80.00 9.80
N GLY H 458 -38.83 80.79 9.41
CA GLY H 458 -39.86 81.25 10.32
C GLY H 458 -39.85 82.76 10.53
N SER H 459 -38.91 83.47 9.88
CA SER H 459 -38.73 84.89 10.11
C SER H 459 -38.21 85.59 8.85
N TRP H 460 -38.52 86.88 8.73
CA TRP H 460 -37.77 87.78 7.87
C TRP H 460 -36.37 87.92 8.44
N HIS H 461 -35.36 87.69 7.59
CA HIS H 461 -33.98 88.00 7.94
C HIS H 461 -33.50 89.11 7.01
N ASP H 462 -32.51 89.88 7.47
CA ASP H 462 -31.87 90.88 6.64
C ASP H 462 -31.09 90.16 5.54
N LYS H 463 -31.27 90.62 4.30
CA LYS H 463 -30.73 89.94 3.14
C LYS H 463 -29.41 90.58 2.73
N GLY H 464 -28.65 91.09 3.71
CA GLY H 464 -27.47 91.90 3.44
C GLY H 464 -26.17 91.20 3.81
N ILE H 465 -25.12 91.48 3.03
CA ILE H 465 -23.79 90.96 3.27
C ILE H 465 -22.97 92.07 3.92
N ARG H 466 -23.04 92.16 5.25
CA ARG H 466 -22.60 93.33 5.99
C ARG H 466 -21.14 93.16 6.42
N GLU H 467 -20.45 94.30 6.62
CA GLU H 467 -19.08 94.31 7.09
C GLU H 467 -19.05 93.88 8.56
N PHE H 468 -17.95 93.21 8.95
CA PHE H 468 -17.84 92.60 10.26
C PHE H 468 -16.46 92.93 10.83
N VAL H 469 -16.44 93.62 11.97
CA VAL H 469 -15.21 94.02 12.63
C VAL H 469 -15.20 93.44 14.05
N ILE H 470 -14.08 92.80 14.41
CA ILE H 470 -13.90 92.26 15.75
C ILE H 470 -12.99 93.19 16.53
N SER H 471 -13.27 93.34 17.84
CA SER H 471 -12.52 94.21 18.72
C SER H 471 -12.47 93.60 20.12
N ASP H 472 -11.95 94.36 21.09
CA ASP H 472 -11.91 93.92 22.47
C ASP H 472 -13.28 94.09 23.14
N LYS H 473 -14.23 94.68 22.39
CA LYS H 473 -15.59 94.85 22.88
C LYS H 473 -16.55 93.90 22.14
N GLY H 474 -15.99 92.93 21.40
CA GLY H 474 -16.78 91.91 20.73
C GLY H 474 -17.03 92.21 19.26
N PRO H 475 -18.11 91.67 18.66
CA PRO H 475 -18.41 91.87 17.24
C PRO H 475 -19.05 93.22 16.93
N GLU H 476 -18.71 93.77 15.75
CA GLU H 476 -19.22 95.06 15.29
C GLU H 476 -19.77 94.87 13.87
N ILE H 477 -21.08 94.63 13.76
CA ILE H 477 -21.74 94.47 12.47
C ILE H 477 -22.00 95.86 11.90
N LYS H 478 -21.55 96.10 10.66
CA LYS H 478 -21.57 97.41 10.05
C LYS H 478 -22.48 97.39 8.82
N ASP H 479 -22.15 98.20 7.82
CA ASP H 479 -22.99 98.39 6.65
C ASP H 479 -22.57 97.43 5.54
N SER H 480 -23.51 97.15 4.63
CA SER H 480 -23.29 96.24 3.52
C SER H 480 -22.34 96.85 2.51
N PHE H 481 -21.67 95.99 1.74
CA PHE H 481 -20.77 96.40 0.67
C PHE H 481 -21.60 96.67 -0.58
N ARG H 482 -22.46 97.69 -0.52
CA ARG H 482 -23.43 97.97 -1.56
C ARG H 482 -22.72 98.36 -2.85
N ASN H 483 -21.60 99.09 -2.72
CA ASN H 483 -20.85 99.60 -3.85
C ASN H 483 -19.77 98.61 -4.26
N PHE H 484 -20.11 97.32 -4.26
CA PHE H 484 -19.18 96.27 -4.64
C PHE H 484 -19.94 95.13 -5.33
N GLU H 485 -19.21 94.33 -6.12
CA GLU H 485 -19.78 93.19 -6.83
C GLU H 485 -18.80 92.02 -6.77
N ARG H 486 -19.33 90.80 -6.95
CA ARG H 486 -18.57 89.56 -6.80
C ARG H 486 -17.98 89.48 -5.39
N ILE H 487 -18.81 89.77 -4.39
CA ILE H 487 -18.40 89.76 -3.00
C ILE H 487 -18.31 88.32 -2.50
N ILE H 488 -19.28 87.49 -2.90
CA ILE H 488 -19.36 86.11 -2.47
C ILE H 488 -18.12 85.35 -2.94
N SER H 489 -17.52 85.80 -4.04
CA SER H 489 -16.29 85.23 -4.56
C SER H 489 -15.14 85.42 -3.57
N GLY H 490 -15.14 86.56 -2.87
CA GLY H 490 -14.09 86.91 -1.93
C GLY H 490 -13.13 87.96 -2.51
N SER H 491 -13.18 88.14 -3.84
CA SER H 491 -12.39 89.15 -4.52
C SER H 491 -13.34 90.09 -5.26
N PRO H 492 -13.92 91.11 -4.57
CA PRO H 492 -14.95 91.97 -5.15
C PRO H 492 -14.44 92.93 -6.23
N THR H 493 -15.38 93.68 -6.83
CA THR H 493 -15.08 94.74 -7.77
C THR H 493 -15.86 95.98 -7.38
N ARG H 494 -15.17 97.13 -7.33
CA ARG H 494 -15.79 98.40 -7.02
C ARG H 494 -16.62 98.86 -8.21
N ILE H 495 -17.95 98.98 -7.99
CA ILE H 495 -18.88 99.36 -9.04
C ILE H 495 -18.55 100.78 -9.49
N THR H 496 -18.62 101.73 -8.56
CA THR H 496 -18.26 103.11 -8.80
C THR H 496 -19.11 103.69 -9.94
N VAL I 16 25.88 29.95 -17.25
CA VAL I 16 24.67 29.33 -17.85
C VAL I 16 24.44 29.91 -19.24
N GLN I 17 24.76 29.11 -20.27
CA GLN I 17 24.52 29.49 -21.65
C GLN I 17 23.06 29.21 -21.99
N LYS I 18 22.52 29.96 -22.96
CA LYS I 18 21.10 29.92 -23.27
C LYS I 18 20.90 29.47 -24.72
N LEU I 19 19.90 28.60 -24.91
CA LEU I 19 19.52 28.09 -26.22
C LEU I 19 18.39 28.96 -26.79
N PRO I 20 18.51 29.47 -28.03
CA PRO I 20 17.44 30.27 -28.63
C PRO I 20 16.18 29.44 -28.90
N THR I 21 15.02 30.08 -28.77
CA THR I 21 13.73 29.42 -28.94
C THR I 21 13.19 29.65 -30.35
N GLY I 22 13.52 30.82 -30.93
CA GLY I 22 13.00 31.22 -32.22
C GLY I 22 11.64 31.93 -32.09
N ILE I 23 11.11 31.96 -30.86
CA ILE I 23 9.85 32.61 -30.56
C ILE I 23 10.09 34.11 -30.50
N GLU I 24 9.31 34.88 -31.28
CA GLU I 24 9.52 36.30 -31.43
C GLU I 24 9.28 36.99 -30.08
N GLY I 25 10.38 37.43 -29.43
CA GLY I 25 10.30 38.22 -28.23
C GLY I 25 10.86 37.50 -27.01
N PHE I 26 10.79 36.16 -26.99
CA PHE I 26 11.20 35.38 -25.83
C PHE I 26 12.71 35.49 -25.62
N ASP I 27 13.47 35.39 -26.71
CA ASP I 27 14.92 35.48 -26.66
C ASP I 27 15.35 36.85 -26.14
N ASP I 28 14.53 37.87 -26.45
CA ASP I 28 14.78 39.23 -25.98
C ASP I 28 14.42 39.36 -24.50
N ILE I 29 13.30 38.72 -24.11
CA ILE I 29 12.79 38.81 -22.75
C ILE I 29 13.63 37.94 -21.82
N SER I 30 14.23 36.88 -22.36
CA SER I 30 14.97 35.91 -21.56
C SER I 30 16.47 36.25 -21.52
N HIS I 31 16.86 37.31 -22.21
CA HIS I 31 18.26 37.71 -22.31
C HIS I 31 19.09 36.56 -22.89
N GLY I 32 18.63 36.03 -24.03
CA GLY I 32 19.35 34.96 -24.72
C GLY I 32 18.41 33.84 -25.17
N GLY I 33 17.68 33.26 -24.21
CA GLY I 33 16.83 32.12 -24.47
C GLY I 33 16.63 31.27 -23.20
N LEU I 34 16.12 30.04 -23.39
CA LEU I 34 16.02 29.09 -22.31
C LEU I 34 17.41 28.52 -22.02
N PRO I 35 17.81 28.37 -20.74
CA PRO I 35 19.16 27.93 -20.40
C PRO I 35 19.42 26.49 -20.83
N ILE I 36 20.54 26.27 -21.52
CA ILE I 36 20.86 24.99 -22.13
C ILE I 36 21.22 23.99 -21.03
N GLY I 37 20.53 22.85 -21.03
CA GLY I 37 20.79 21.76 -20.09
C GLY I 37 19.83 21.78 -18.90
N ARG I 38 18.98 22.80 -18.81
CA ARG I 38 18.10 22.99 -17.67
C ARG I 38 16.65 23.00 -18.16
N SER I 39 15.74 22.54 -17.30
CA SER I 39 14.32 22.46 -17.64
C SER I 39 13.62 23.75 -17.22
N THR I 40 12.66 24.19 -18.04
CA THR I 40 11.89 25.41 -17.79
C THR I 40 10.41 25.06 -17.64
N LEU I 41 9.81 25.54 -16.54
CA LEU I 41 8.40 25.32 -16.27
C LEU I 41 7.59 26.41 -16.96
N VAL I 42 6.61 26.01 -17.77
CA VAL I 42 5.72 26.93 -18.45
C VAL I 42 4.30 26.70 -17.94
N SER I 43 3.90 27.49 -16.93
CA SER I 43 2.59 27.35 -16.30
C SER I 43 1.61 28.35 -16.91
N GLY I 44 0.31 28.04 -16.76
CA GLY I 44 -0.75 28.89 -17.27
C GLY I 44 -2.11 28.21 -17.16
N THR I 45 -3.17 29.02 -17.24
CA THR I 45 -4.53 28.52 -17.30
C THR I 45 -4.80 27.92 -18.68
N SER I 46 -6.00 27.37 -18.86
CA SER I 46 -6.41 26.80 -20.14
C SER I 46 -6.50 27.90 -21.19
N GLY I 47 -5.95 27.61 -22.38
CA GLY I 47 -6.04 28.51 -23.52
C GLY I 47 -5.05 29.67 -23.44
N THR I 48 -3.95 29.46 -22.72
CA THR I 48 -2.90 30.47 -22.59
C THR I 48 -1.92 30.35 -23.75
N GLY I 49 -1.48 29.11 -24.04
CA GLY I 49 -0.59 28.85 -25.16
C GLY I 49 0.64 28.05 -24.76
N LYS I 50 0.45 27.01 -23.94
CA LYS I 50 1.55 26.22 -23.41
C LYS I 50 1.92 25.12 -24.41
N THR I 51 0.89 24.53 -25.05
CA THR I 51 1.12 23.50 -26.06
C THR I 51 1.76 24.13 -27.29
N VAL I 52 1.29 25.34 -27.66
CA VAL I 52 1.84 26.06 -28.79
C VAL I 52 3.31 26.38 -28.51
N PHE I 53 3.57 26.93 -27.32
CA PHE I 53 4.92 27.30 -26.91
C PHE I 53 5.84 26.08 -26.94
N SER I 54 5.33 24.94 -26.45
CA SER I 54 6.08 23.69 -26.41
C SER I 54 6.46 23.25 -27.81
N MET I 55 5.46 23.20 -28.71
CA MET I 55 5.65 22.74 -30.08
C MET I 55 6.52 23.73 -30.86
N GLN I 56 6.34 25.03 -30.60
CA GLN I 56 7.07 26.07 -31.31
C GLN I 56 8.55 26.00 -30.97
N PHE I 57 8.86 25.67 -29.71
CA PHE I 57 10.22 25.49 -29.24
C PHE I 57 10.90 24.37 -30.03
N LEU I 58 10.15 23.28 -30.28
CA LEU I 58 10.68 22.13 -31.00
C LEU I 58 10.75 22.43 -32.49
N TYR I 59 9.64 22.93 -33.06
CA TYR I 59 9.55 23.20 -34.48
C TYR I 59 10.70 24.10 -34.92
N ASN I 60 10.85 25.24 -34.23
CA ASN I 60 11.92 26.19 -34.51
C ASN I 60 13.27 25.50 -34.34
N GLY I 61 13.42 24.74 -33.24
CA GLY I 61 14.62 23.96 -32.99
C GLY I 61 15.07 23.17 -34.22
N ILE I 62 14.10 22.57 -34.92
CA ILE I 62 14.37 21.73 -36.07
C ILE I 62 14.49 22.59 -37.33
N THR I 63 13.54 23.52 -37.51
CA THR I 63 13.45 24.32 -38.72
C THR I 63 14.16 25.67 -38.51
N HIS I 64 15.42 25.61 -38.07
CA HIS I 64 16.21 26.80 -37.80
C HIS I 64 17.64 26.43 -37.42
N PHE I 65 17.77 25.48 -36.49
CA PHE I 65 19.08 25.07 -35.98
C PHE I 65 19.36 23.61 -36.31
N ASP I 66 18.42 22.97 -37.02
CA ASP I 66 18.49 21.54 -37.33
C ASP I 66 18.80 20.76 -36.05
N GLU I 67 18.15 21.16 -34.95
CA GLU I 67 18.32 20.52 -33.65
C GLU I 67 17.05 19.74 -33.33
N PRO I 68 17.06 18.38 -33.41
CA PRO I 68 15.85 17.59 -33.23
C PRO I 68 15.26 17.69 -31.83
N GLY I 69 13.98 17.27 -31.71
CA GLY I 69 13.26 17.34 -30.45
C GLY I 69 12.20 16.25 -30.34
N VAL I 70 11.71 16.03 -29.11
CA VAL I 70 10.72 15.00 -28.83
C VAL I 70 9.60 15.62 -27.98
N PHE I 71 8.35 15.31 -28.33
CA PHE I 71 7.18 15.87 -27.65
C PHE I 71 6.43 14.76 -26.93
N VAL I 72 6.52 14.74 -25.59
CA VAL I 72 5.77 13.80 -24.78
C VAL I 72 4.36 14.34 -24.57
N THR I 73 3.38 13.43 -24.49
CA THR I 73 1.99 13.79 -24.28
C THR I 73 1.33 12.77 -23.35
N PHE I 74 0.42 13.26 -22.51
CA PHE I 74 -0.28 12.42 -21.53
C PHE I 74 -1.79 12.49 -21.72
N GLU I 75 -2.26 13.21 -22.76
CA GLU I 75 -3.69 13.36 -23.01
C GLU I 75 -3.93 13.46 -24.51
N GLU I 76 -3.42 14.54 -25.10
CA GLU I 76 -3.67 14.86 -26.51
C GLU I 76 -2.98 13.81 -27.38
N SER I 77 -3.75 13.18 -28.28
CA SER I 77 -3.23 12.14 -29.16
C SER I 77 -2.20 12.73 -30.11
N PRO I 78 -1.11 11.99 -30.46
CA PRO I 78 -0.11 12.47 -31.42
C PRO I 78 -0.68 13.04 -32.71
N GLN I 79 -1.76 12.43 -33.21
CA GLN I 79 -2.39 12.86 -34.44
C GLN I 79 -3.05 14.23 -34.25
N ASP I 80 -3.63 14.48 -33.07
CA ASP I 80 -4.27 15.75 -32.76
C ASP I 80 -3.22 16.85 -32.63
N ILE I 81 -2.07 16.52 -32.02
CA ILE I 81 -1.00 17.48 -31.83
C ILE I 81 -0.47 17.92 -33.20
N ILE I 82 -0.41 16.98 -34.14
CA ILE I 82 0.03 17.25 -35.50
C ILE I 82 -0.98 18.13 -36.21
N LYS I 83 -2.28 17.82 -36.01
CA LYS I 83 -3.36 18.54 -36.69
C LYS I 83 -3.47 19.96 -36.17
N ASN I 84 -3.26 20.14 -34.86
CA ASN I 84 -3.43 21.44 -34.21
C ASN I 84 -2.26 22.37 -34.54
N ALA I 85 -1.16 21.79 -35.07
CA ALA I 85 -0.01 22.56 -35.49
C ALA I 85 -0.16 23.00 -36.94
N ALA I 86 -1.03 22.31 -37.70
CA ALA I 86 -1.25 22.62 -39.11
C ALA I 86 -1.78 24.04 -39.28
N SER I 87 -2.45 24.57 -38.25
CA SER I 87 -2.92 25.93 -38.24
C SER I 87 -1.78 26.93 -38.41
N PHE I 88 -0.61 26.61 -37.83
CA PHE I 88 0.54 27.51 -37.86
C PHE I 88 1.39 27.28 -39.10
N GLY I 89 1.05 26.25 -39.90
CA GLY I 89 1.78 25.92 -41.10
C GLY I 89 2.97 25.00 -40.82
N TRP I 90 2.93 24.30 -39.67
CA TRP I 90 3.98 23.39 -39.27
C TRP I 90 3.64 21.99 -39.74
N ASP I 91 4.46 21.44 -40.65
CA ASP I 91 4.26 20.10 -41.16
C ASP I 91 4.95 19.11 -40.22
N LEU I 92 4.32 18.87 -39.06
CA LEU I 92 4.87 17.99 -38.04
C LEU I 92 5.01 16.58 -38.60
N GLN I 93 4.11 16.19 -39.51
CA GLN I 93 4.10 14.86 -40.10
C GLN I 93 5.43 14.60 -40.82
N LYS I 94 5.85 15.58 -41.64
CA LYS I 94 7.07 15.46 -42.42
C LYS I 94 8.29 15.32 -41.49
N LEU I 95 8.23 15.98 -40.33
CA LEU I 95 9.34 15.96 -39.37
C LEU I 95 9.42 14.59 -38.71
N VAL I 96 8.26 13.97 -38.44
CA VAL I 96 8.21 12.64 -37.85
C VAL I 96 8.66 11.63 -38.90
N ASP I 97 8.26 11.86 -40.16
CA ASP I 97 8.61 10.98 -41.27
C ASP I 97 10.09 11.12 -41.60
N GLU I 98 10.64 12.33 -41.41
CA GLU I 98 12.04 12.60 -41.68
C GLU I 98 12.91 12.17 -40.50
N GLY I 99 12.28 11.84 -39.36
CA GLY I 99 12.99 11.39 -38.17
C GLY I 99 13.56 12.54 -37.37
N LYS I 100 13.09 13.76 -37.65
CA LYS I 100 13.54 14.97 -36.96
C LYS I 100 12.71 15.20 -35.70
N LEU I 101 11.47 14.67 -35.70
CA LEU I 101 10.56 14.84 -34.58
C LEU I 101 10.04 13.48 -34.15
N PHE I 102 9.75 13.33 -32.85
CA PHE I 102 9.12 12.14 -32.31
C PHE I 102 8.14 12.55 -31.21
N ILE I 103 6.96 11.92 -31.21
CA ILE I 103 5.93 12.20 -30.23
C ILE I 103 5.71 10.95 -29.37
N LEU I 104 6.20 10.98 -28.13
CA LEU I 104 5.99 9.89 -27.20
C LEU I 104 4.59 9.99 -26.60
N ASP I 105 3.78 8.95 -26.82
CA ASP I 105 2.40 8.93 -26.37
C ASP I 105 2.30 8.20 -25.03
N ALA I 106 2.23 8.98 -23.95
CA ALA I 106 1.99 8.44 -22.61
C ALA I 106 0.53 8.63 -22.23
N SER I 107 -0.33 8.91 -23.21
CA SER I 107 -1.76 9.03 -22.98
C SER I 107 -2.34 7.65 -22.68
N PRO I 108 -3.11 7.48 -21.57
CA PRO I 108 -3.67 6.18 -21.23
C PRO I 108 -4.71 5.68 -22.25
N ASP I 109 -5.06 4.41 -22.16
CA ASP I 109 -6.04 3.79 -23.04
C ASP I 109 -7.43 4.06 -22.49
N PRO I 110 -8.43 4.41 -23.33
CA PRO I 110 -9.83 4.47 -22.91
C PRO I 110 -10.32 3.18 -22.25
N GLU I 111 -9.87 2.04 -22.79
CA GLU I 111 -10.16 0.73 -22.22
C GLU I 111 -9.39 0.57 -20.91
N LEU I 121 6.53 6.22 -14.01
CA LEU I 121 7.38 7.43 -14.16
C LEU I 121 8.78 7.03 -14.63
N SER I 122 9.36 6.03 -13.94
CA SER I 122 10.69 5.53 -14.27
C SER I 122 10.74 5.00 -15.70
N ALA I 123 9.63 4.38 -16.14
CA ALA I 123 9.53 3.83 -17.48
C ALA I 123 9.64 4.93 -18.53
N LEU I 124 8.83 5.99 -18.36
CA LEU I 124 8.80 7.10 -19.30
C LEU I 124 10.15 7.82 -19.30
N ILE I 125 10.82 7.84 -18.15
CA ILE I 125 12.14 8.45 -18.01
C ILE I 125 13.14 7.72 -18.91
N GLU I 126 13.06 6.39 -18.93
CA GLU I 126 13.95 5.57 -19.73
C GLU I 126 13.55 5.66 -21.21
N ARG I 127 12.24 5.70 -21.47
CA ARG I 127 11.72 5.80 -22.82
C ARG I 127 12.18 7.11 -23.46
N ILE I 128 12.16 8.20 -22.68
CA ILE I 128 12.58 9.51 -23.14
C ILE I 128 14.08 9.49 -23.41
N ASN I 129 14.84 8.83 -22.54
CA ASN I 129 16.28 8.71 -22.69
C ASN I 129 16.62 8.03 -24.02
N TYR I 130 15.93 6.93 -24.31
CA TYR I 130 16.15 6.17 -25.53
C TYR I 130 15.81 7.04 -26.75
N ALA I 131 14.61 7.62 -26.72
CA ALA I 131 14.09 8.41 -27.84
C ALA I 131 14.95 9.63 -28.10
N ILE I 132 15.48 10.23 -27.02
CA ILE I 132 16.33 11.41 -27.13
C ILE I 132 17.54 11.07 -28.00
N ARG I 133 18.24 9.99 -27.65
CA ARG I 133 19.46 9.60 -28.34
C ARG I 133 19.12 8.94 -29.68
N LYS I 134 17.96 8.27 -29.75
CA LYS I 134 17.54 7.55 -30.96
C LYS I 134 17.38 8.52 -32.12
N TYR I 135 16.81 9.70 -31.84
CA TYR I 135 16.56 10.70 -32.87
C TYR I 135 17.58 11.83 -32.77
N LYS I 136 18.53 11.71 -31.82
CA LYS I 136 19.55 12.72 -31.59
C LYS I 136 18.86 14.04 -31.22
N ALA I 137 17.90 13.96 -30.30
CA ALA I 137 17.06 15.09 -29.94
C ALA I 137 17.79 15.99 -28.95
N LYS I 138 17.98 17.26 -29.34
CA LYS I 138 18.58 18.27 -28.49
C LYS I 138 17.54 18.78 -27.50
N ARG I 139 16.32 19.01 -28.00
CA ARG I 139 15.25 19.64 -27.22
C ARG I 139 14.23 18.58 -26.80
N VAL I 140 13.39 18.94 -25.83
CA VAL I 140 12.34 18.08 -25.33
C VAL I 140 11.21 18.93 -24.79
N ALA I 141 9.99 18.38 -24.79
CA ALA I 141 8.81 19.11 -24.34
C ALA I 141 7.79 18.14 -23.73
N ILE I 142 7.54 18.31 -22.43
CA ILE I 142 6.63 17.46 -21.68
C ILE I 142 5.35 18.26 -21.41
N ASP I 143 4.20 17.68 -21.78
CA ASP I 143 2.93 18.37 -21.75
C ASP I 143 1.79 17.36 -21.60
N SER I 144 1.09 17.37 -20.44
CA SER I 144 1.39 18.18 -19.28
C SER I 144 1.65 17.25 -18.09
N VAL I 145 2.59 17.66 -17.24
CA VAL I 145 3.03 16.84 -16.10
C VAL I 145 1.93 16.75 -15.07
N THR I 146 1.08 17.77 -15.00
CA THR I 146 -0.05 17.82 -14.06
C THR I 146 -0.90 16.57 -14.22
N ALA I 147 -1.28 16.26 -15.47
CA ALA I 147 -2.14 15.13 -15.79
C ALA I 147 -1.65 13.85 -15.09
N VAL I 148 -0.34 13.60 -15.17
CA VAL I 148 0.26 12.42 -14.60
C VAL I 148 0.01 12.38 -13.09
N PHE I 149 0.38 13.46 -12.41
CA PHE I 149 0.22 13.56 -10.96
C PHE I 149 -1.25 13.46 -10.59
N GLN I 150 -2.13 13.97 -11.45
CA GLN I 150 -3.58 13.86 -11.26
C GLN I 150 -4.03 12.45 -11.64
N SER I 156 4.23 17.04 -2.08
CA SER I 156 5.37 16.25 -1.55
C SER I 156 5.74 15.14 -2.52
N VAL I 157 4.73 14.33 -2.90
CA VAL I 157 4.91 13.24 -3.85
C VAL I 157 5.17 13.82 -5.23
N VAL I 158 4.56 14.97 -5.52
CA VAL I 158 4.72 15.65 -6.81
C VAL I 158 6.16 16.16 -6.94
N ARG I 159 6.66 16.79 -5.86
CA ARG I 159 7.99 17.36 -5.84
C ARG I 159 9.05 16.27 -6.03
N ARG I 160 8.86 15.15 -5.31
CA ARG I 160 9.78 14.02 -5.37
C ARG I 160 9.87 13.49 -6.80
N GLU I 161 8.70 13.31 -7.43
CA GLU I 161 8.62 12.77 -8.77
C GLU I 161 9.17 13.78 -9.78
N ILE I 162 8.82 15.06 -9.59
CA ILE I 162 9.25 16.14 -10.46
C ILE I 162 10.77 16.26 -10.42
N PHE I 163 11.34 16.21 -9.20
CA PHE I 163 12.78 16.31 -9.00
C PHE I 163 13.51 15.24 -9.82
N ARG I 164 12.95 14.03 -9.84
CA ARG I 164 13.56 12.90 -10.54
C ARG I 164 13.52 13.12 -12.05
N LEU I 165 12.38 13.62 -12.54
CA LEU I 165 12.18 13.82 -13.97
C LEU I 165 13.17 14.85 -14.52
N VAL I 166 13.33 15.95 -13.79
CA VAL I 166 14.24 17.03 -14.19
C VAL I 166 15.67 16.52 -14.12
N ALA I 167 16.01 15.87 -13.00
CA ALA I 167 17.36 15.36 -12.77
C ALA I 167 17.79 14.45 -13.92
N ARG I 168 16.89 13.57 -14.35
CA ARG I 168 17.17 12.62 -15.41
C ARG I 168 17.48 13.35 -16.71
N LEU I 169 16.64 14.35 -17.03
CA LEU I 169 16.76 15.10 -18.28
C LEU I 169 18.01 16.00 -18.23
N LYS I 170 18.39 16.43 -17.02
CA LYS I 170 19.59 17.23 -16.83
C LYS I 170 20.82 16.38 -17.13
N GLN I 171 20.76 15.09 -16.76
CA GLN I 171 21.84 14.15 -16.98
C GLN I 171 22.01 13.87 -18.47
N ILE I 172 20.88 13.66 -19.17
CA ILE I 172 20.88 13.41 -20.60
C ILE I 172 21.38 14.65 -21.34
N GLY I 173 21.26 15.82 -20.71
CA GLY I 173 21.83 17.06 -21.23
C GLY I 173 20.92 17.69 -22.29
N VAL I 174 19.61 17.66 -22.03
CA VAL I 174 18.61 18.19 -22.95
C VAL I 174 17.94 19.39 -22.30
N THR I 175 17.67 20.42 -23.11
CA THR I 175 16.89 21.58 -22.68
C THR I 175 15.41 21.25 -22.80
N THR I 176 14.70 21.26 -21.65
CA THR I 176 13.33 20.80 -21.58
C THR I 176 12.38 21.96 -21.29
N VAL I 177 11.12 21.81 -21.72
CA VAL I 177 10.04 22.70 -21.38
C VAL I 177 8.88 21.87 -20.82
N MET I 178 8.53 22.11 -19.56
CA MET I 178 7.52 21.33 -18.85
C MET I 178 6.27 22.16 -18.64
N THR I 179 5.17 21.78 -19.30
CA THR I 179 3.90 22.46 -19.19
C THR I 179 3.22 22.08 -17.88
N THR I 180 2.60 23.08 -17.22
CA THR I 180 1.83 22.88 -16.00
C THR I 180 0.53 23.67 -16.09
N GLU I 181 -0.37 23.42 -15.12
CA GLU I 181 -1.72 23.96 -15.15
C GLU I 181 -1.95 24.85 -13.93
N ARG I 182 -2.72 25.91 -14.14
CA ARG I 182 -3.12 26.84 -13.09
C ARG I 182 -4.63 27.04 -13.14
N ILE I 183 -5.22 27.39 -12.00
CA ILE I 183 -6.66 27.61 -11.90
C ILE I 183 -6.97 29.10 -11.83
N GLU I 184 -5.96 29.92 -11.50
CA GLU I 184 -6.16 31.34 -11.25
C GLU I 184 -5.03 32.12 -11.89
N GLU I 185 -5.39 33.24 -12.54
CA GLU I 185 -4.47 34.00 -13.38
C GLU I 185 -3.41 34.64 -12.49
N TYR I 186 -3.85 35.47 -11.54
CA TYR I 186 -2.97 36.11 -10.58
C TYR I 186 -3.13 35.41 -9.23
N GLY I 187 -2.39 34.30 -9.06
CA GLY I 187 -2.45 33.51 -7.85
C GLY I 187 -1.31 32.50 -7.79
N PRO I 188 -1.57 31.23 -7.39
CA PRO I 188 -0.50 30.23 -7.30
C PRO I 188 0.12 29.96 -8.68
N ILE I 189 1.44 29.76 -8.69
CA ILE I 189 2.20 29.63 -9.93
C ILE I 189 1.87 28.30 -10.61
N ALA I 190 1.56 27.29 -9.80
CA ALA I 190 1.11 26.00 -10.30
C ALA I 190 -0.07 25.51 -9.46
N ARG I 191 -0.58 24.31 -9.78
CA ARG I 191 -1.72 23.76 -9.07
C ARG I 191 -1.33 23.39 -7.64
N TYR I 192 -0.32 22.51 -7.52
CA TYR I 192 0.03 21.91 -6.24
C TYR I 192 0.87 22.88 -5.42
N GLY I 193 1.48 23.87 -6.08
CA GLY I 193 2.33 24.84 -5.41
C GLY I 193 3.66 24.23 -4.98
N VAL I 194 4.25 23.42 -5.86
CA VAL I 194 5.48 22.70 -5.59
C VAL I 194 6.43 22.85 -6.77
N GLU I 195 5.92 22.60 -7.98
CA GLU I 195 6.70 22.64 -9.21
C GLU I 195 7.52 23.92 -9.29
N GLU I 196 6.86 25.06 -9.03
CA GLU I 196 7.48 26.38 -9.05
C GLU I 196 8.87 26.35 -8.41
N PHE I 197 8.99 25.70 -7.25
CA PHE I 197 10.24 25.68 -6.49
C PHE I 197 11.14 24.55 -6.99
N VAL I 198 10.53 23.42 -7.35
CA VAL I 198 11.28 22.23 -7.78
C VAL I 198 12.02 22.54 -9.08
N SER I 199 11.47 23.44 -9.90
CA SER I 199 12.08 23.81 -11.17
C SER I 199 13.13 24.91 -10.95
N ASP I 200 14.05 25.02 -11.91
CA ASP I 200 15.12 26.01 -11.88
C ASP I 200 14.69 27.25 -12.65
N ASN I 201 13.80 27.07 -13.64
CA ASN I 201 13.31 28.16 -14.48
C ASN I 201 11.79 28.11 -14.50
N VAL I 202 11.17 29.30 -14.54
CA VAL I 202 9.71 29.40 -14.50
C VAL I 202 9.27 30.51 -15.46
N VAL I 203 8.26 30.18 -16.30
CA VAL I 203 7.62 31.14 -17.18
C VAL I 203 6.11 31.01 -16.97
N ILE I 204 5.45 32.16 -16.79
CA ILE I 204 4.02 32.19 -16.51
C ILE I 204 3.30 32.85 -17.68
N LEU I 205 2.41 32.08 -18.33
CA LEU I 205 1.53 32.62 -19.36
C LEU I 205 0.18 32.95 -18.72
N ARG I 206 -0.48 34.00 -19.22
CA ARG I 206 -1.73 34.46 -18.63
C ARG I 206 -2.65 35.03 -19.71
N ASN I 207 -3.91 34.61 -19.67
CA ASN I 207 -4.97 35.19 -20.49
C ASN I 207 -5.91 35.94 -19.55
N VAL I 208 -5.64 37.24 -19.36
CA VAL I 208 -6.30 38.03 -18.32
C VAL I 208 -7.55 38.67 -18.89
N LEU I 209 -8.69 38.44 -18.23
CA LEU I 209 -9.96 39.03 -18.61
C LEU I 209 -10.20 40.29 -17.78
N GLU I 210 -9.77 41.44 -18.32
CA GLU I 210 -10.06 42.73 -17.74
C GLU I 210 -11.14 43.41 -18.58
N GLY I 211 -12.31 43.62 -17.98
CA GLY I 211 -13.49 44.07 -18.70
C GLY I 211 -14.24 42.90 -19.32
N GLU I 212 -14.36 42.90 -20.65
CA GLU I 212 -14.92 41.76 -21.38
C GLU I 212 -13.96 41.33 -22.49
N ARG I 213 -12.74 41.86 -22.48
CA ARG I 213 -11.71 41.50 -23.44
C ARG I 213 -10.58 40.81 -22.68
N ARG I 214 -9.88 39.88 -23.34
CA ARG I 214 -8.80 39.14 -22.69
C ARG I 214 -7.45 39.53 -23.30
N ARG I 215 -6.43 39.58 -22.45
CA ARG I 215 -5.08 39.95 -22.84
C ARG I 215 -4.13 38.81 -22.49
N ARG I 216 -3.33 38.38 -23.48
CA ARG I 216 -2.30 37.39 -23.27
C ARG I 216 -1.03 38.09 -22.79
N THR I 217 -0.37 37.52 -21.78
CA THR I 217 0.85 38.09 -21.22
C THR I 217 1.85 36.97 -20.91
N VAL I 218 3.14 37.29 -21.08
CA VAL I 218 4.22 36.38 -20.77
C VAL I 218 5.10 37.02 -19.70
N GLU I 219 5.53 36.20 -18.73
CA GLU I 219 6.44 36.62 -17.69
C GLU I 219 7.44 35.51 -17.40
N ILE I 220 8.71 35.91 -17.25
CA ILE I 220 9.76 35.02 -16.78
C ILE I 220 10.02 35.35 -15.30
N LEU I 221 9.53 34.50 -14.41
CA LEU I 221 9.61 34.76 -12.97
C LEU I 221 11.03 34.51 -12.50
N LYS I 222 11.65 33.43 -12.99
CA LYS I 222 12.92 32.96 -12.48
C LYS I 222 13.73 32.32 -13.60
N LEU I 223 15.02 32.71 -13.66
CA LEU I 223 16.05 31.99 -14.40
C LEU I 223 17.28 31.87 -13.50
N ARG I 224 17.39 30.75 -12.77
CA ARG I 224 18.50 30.55 -11.86
C ARG I 224 19.81 30.55 -12.64
N GLY I 225 20.70 31.50 -12.32
CA GLY I 225 22.06 31.52 -12.83
C GLY I 225 22.30 32.56 -13.92
N THR I 226 21.24 33.25 -14.36
CA THR I 226 21.35 34.21 -15.44
C THR I 226 20.33 35.35 -15.23
N THR I 227 20.36 36.31 -16.15
CA THR I 227 19.48 37.47 -16.13
C THR I 227 18.28 37.23 -17.04
N HIS I 228 17.29 38.13 -16.92
CA HIS I 228 16.10 38.11 -17.76
C HIS I 228 15.36 39.43 -17.58
N MET I 229 14.44 39.72 -18.51
CA MET I 229 13.56 40.87 -18.37
C MET I 229 12.46 40.51 -17.37
N LYS I 230 12.24 41.40 -16.39
CA LYS I 230 11.25 41.16 -15.35
C LYS I 230 9.92 41.81 -15.75
N GLY I 231 8.81 41.21 -15.29
CA GLY I 231 7.48 41.75 -15.51
C GLY I 231 6.70 40.96 -16.56
N GLU I 232 5.45 41.39 -16.79
CA GLU I 232 4.60 40.82 -17.83
C GLU I 232 4.84 41.57 -19.14
N TYR I 233 4.89 40.82 -20.24
CA TYR I 233 5.02 41.40 -21.58
C TYR I 233 3.92 40.82 -22.47
N PRO I 234 3.23 41.66 -23.28
CA PRO I 234 2.11 41.19 -24.10
C PRO I 234 2.54 40.27 -25.23
N PHE I 235 1.68 39.31 -25.58
CA PHE I 235 1.94 38.41 -26.68
C PHE I 235 0.62 38.06 -27.37
N THR I 236 0.71 37.62 -28.63
CA THR I 236 -0.45 37.20 -29.39
C THR I 236 -0.17 35.86 -30.05
N ILE I 237 -1.19 34.99 -30.05
CA ILE I 237 -1.16 33.76 -30.82
C ILE I 237 -1.79 34.05 -32.18
N THR I 238 -0.96 33.95 -33.23
CA THR I 238 -1.37 34.24 -34.59
C THR I 238 -1.17 32.98 -35.44
N ASN I 239 -1.35 33.12 -36.76
CA ASN I 239 -1.14 32.04 -37.70
C ASN I 239 0.34 31.67 -37.80
N HIS I 240 1.21 32.41 -37.08
CA HIS I 240 2.63 32.09 -37.03
C HIS I 240 3.04 31.74 -35.60
N GLY I 241 2.07 31.40 -34.75
CA GLY I 241 2.33 30.96 -33.38
C GLY I 241 2.40 32.14 -32.41
N ILE I 242 3.11 31.94 -31.30
CA ILE I 242 3.27 32.95 -30.27
C ILE I 242 4.25 34.01 -30.75
N SER I 243 3.82 35.28 -30.68
CA SER I 243 4.66 36.41 -31.03
C SER I 243 4.59 37.45 -29.90
N ILE I 244 5.68 37.54 -29.11
CA ILE I 244 5.73 38.38 -27.93
C ILE I 244 6.27 39.75 -28.35
N PHE I 245 5.78 40.80 -27.67
CA PHE I 245 6.09 42.17 -28.04
C PHE I 245 6.69 42.91 -26.84
N PRO I 246 8.02 42.80 -26.58
CA PRO I 246 8.66 43.58 -25.54
C PRO I 246 8.93 45.01 -25.99
N LEU I 247 8.53 45.98 -25.16
CA LEU I 247 8.76 47.40 -25.45
C LEU I 247 10.24 47.71 -25.22
N GLY I 248 11.03 47.64 -26.30
CA GLY I 248 12.47 47.84 -26.23
C GLY I 248 13.00 48.64 -27.41
N ALA I 249 14.22 49.15 -27.26
CA ALA I 249 14.89 49.93 -28.30
C ALA I 249 16.37 49.54 -28.34
N SER I 256 17.79 60.14 -37.70
CA SER I 256 16.99 61.40 -37.79
C SER I 256 17.61 62.34 -38.82
N SER I 257 16.86 62.61 -39.90
CA SER I 257 17.31 63.48 -40.98
C SER I 257 16.52 64.79 -40.94
N ASN I 258 17.02 65.78 -41.69
CA ASN I 258 16.36 67.08 -41.82
C ASN I 258 15.62 67.15 -43.15
N VAL I 259 15.27 65.98 -43.72
CA VAL I 259 14.57 65.91 -44.99
C VAL I 259 13.12 66.28 -44.76
N ARG I 260 12.59 67.17 -45.61
CA ARG I 260 11.25 67.71 -45.45
C ARG I 260 10.28 67.03 -46.42
N VAL I 261 9.06 66.77 -45.94
CA VAL I 261 7.97 66.29 -46.77
C VAL I 261 6.79 67.25 -46.61
N SER I 262 6.01 67.42 -47.69
CA SER I 262 4.90 68.34 -47.70
C SER I 262 3.68 67.70 -47.03
N SER I 263 2.86 68.55 -46.40
CA SER I 263 1.65 68.13 -45.73
C SER I 263 0.49 68.03 -46.71
N GLY I 264 0.67 68.60 -47.91
CA GLY I 264 -0.41 68.76 -48.87
C GLY I 264 -1.02 70.16 -48.79
N VAL I 265 -0.87 70.79 -47.63
CA VAL I 265 -1.37 72.14 -47.39
C VAL I 265 -0.17 73.09 -47.43
N PRO I 266 -0.06 73.98 -48.45
CA PRO I 266 1.12 74.83 -48.61
C PRO I 266 1.42 75.74 -47.42
N ARG I 267 0.40 76.43 -46.92
CA ARG I 267 0.56 77.38 -45.82
C ARG I 267 1.02 76.67 -44.56
N LEU I 268 0.63 75.40 -44.39
CA LEU I 268 0.98 74.62 -43.22
C LEU I 268 2.47 74.27 -43.29
N ASP I 269 2.98 74.01 -44.51
CA ASP I 269 4.37 73.67 -44.72
C ASP I 269 5.26 74.88 -44.40
N GLU I 270 4.82 76.07 -44.82
CA GLU I 270 5.51 77.31 -44.51
C GLU I 270 5.53 77.50 -43.00
N MET I 271 4.39 77.21 -42.35
CA MET I 271 4.23 77.37 -40.92
C MET I 271 5.09 76.35 -40.16
N CYS I 272 5.45 75.25 -40.82
CA CYS I 272 6.27 74.21 -40.23
C CYS I 272 7.74 74.37 -40.64
N GLY I 273 8.12 75.57 -41.11
CA GLY I 273 9.50 75.87 -41.44
C GLY I 273 9.95 75.22 -42.74
N GLY I 274 9.01 75.01 -43.68
CA GLY I 274 9.32 74.45 -44.98
C GLY I 274 8.62 73.11 -45.23
N GLY I 275 8.06 72.52 -44.16
CA GLY I 275 7.32 71.27 -44.28
C GLY I 275 7.52 70.36 -43.07
N PHE I 276 6.85 69.21 -43.11
CA PHE I 276 7.03 68.16 -42.11
C PHE I 276 8.37 67.48 -42.35
N PHE I 277 9.01 67.01 -41.28
CA PHE I 277 10.18 66.16 -41.40
C PHE I 277 9.71 64.75 -41.79
N LYS I 278 10.46 64.11 -42.68
CA LYS I 278 10.16 62.75 -43.12
C LYS I 278 10.19 61.81 -41.92
N ASP I 279 11.30 61.85 -41.18
CA ASP I 279 11.46 61.06 -39.97
C ASP I 279 10.86 61.83 -38.79
N SER I 280 9.54 61.77 -38.65
CA SER I 280 8.84 62.43 -37.55
C SER I 280 7.44 61.84 -37.36
N ILE I 281 6.91 62.03 -36.15
CA ILE I 281 5.53 61.71 -35.82
C ILE I 281 4.77 63.03 -35.71
N ILE I 282 3.76 63.21 -36.58
CA ILE I 282 2.94 64.41 -36.57
C ILE I 282 1.59 64.07 -35.92
N LEU I 283 1.15 64.92 -34.98
CA LEU I 283 -0.13 64.76 -34.31
C LEU I 283 -1.03 65.94 -34.65
N ALA I 284 -2.28 65.64 -35.04
CA ALA I 284 -3.32 66.64 -35.13
C ALA I 284 -4.29 66.45 -33.97
N THR I 285 -4.26 67.38 -33.01
CA THR I 285 -5.09 67.31 -31.82
C THR I 285 -6.17 68.38 -31.92
N GLY I 286 -7.42 68.00 -31.63
CA GLY I 286 -8.52 68.94 -31.68
C GLY I 286 -9.87 68.29 -31.37
N ALA I 287 -10.89 69.15 -31.21
CA ALA I 287 -12.25 68.70 -30.97
C ALA I 287 -12.82 68.09 -32.24
N THR I 288 -14.05 67.56 -32.13
CA THR I 288 -14.69 66.87 -33.24
C THR I 288 -15.08 67.88 -34.31
N GLY I 289 -14.84 67.52 -35.57
CA GLY I 289 -15.21 68.36 -36.71
C GLY I 289 -14.30 69.57 -36.89
N THR I 290 -13.12 69.54 -36.26
CA THR I 290 -12.17 70.63 -36.34
C THR I 290 -11.34 70.52 -37.61
N GLY I 291 -11.26 69.32 -38.18
CA GLY I 291 -10.61 69.11 -39.47
C GLY I 291 -9.31 68.31 -39.36
N LYS I 292 -9.29 67.32 -38.46
CA LYS I 292 -8.14 66.45 -38.26
C LYS I 292 -8.01 65.48 -39.42
N THR I 293 -9.14 64.94 -39.88
CA THR I 293 -9.16 63.94 -40.94
C THR I 293 -8.84 64.59 -42.29
N LEU I 294 -9.25 65.86 -42.46
CA LEU I 294 -8.97 66.59 -43.69
C LEU I 294 -7.47 66.72 -43.88
N LEU I 295 -6.74 67.00 -42.79
CA LEU I 295 -5.30 67.12 -42.83
C LEU I 295 -4.67 65.75 -43.17
N VAL I 296 -5.19 64.69 -42.55
CA VAL I 296 -4.75 63.33 -42.82
C VAL I 296 -4.90 63.02 -44.30
N SER I 297 -6.01 63.49 -44.89
CA SER I 297 -6.34 63.16 -46.27
C SER I 297 -5.34 63.77 -47.25
N LYS I 298 -4.98 65.04 -47.04
CA LYS I 298 -4.09 65.75 -47.95
C LYS I 298 -2.65 65.28 -47.76
N PHE I 299 -2.31 64.83 -46.54
CA PHE I 299 -1.00 64.27 -46.24
C PHE I 299 -0.79 63.00 -47.07
N LEU I 300 -1.83 62.18 -47.16
CA LEU I 300 -1.81 60.96 -47.96
C LEU I 300 -1.87 61.31 -49.44
N GLU I 301 -2.53 62.43 -49.77
CA GLU I 301 -2.68 62.89 -51.14
C GLU I 301 -1.32 63.27 -51.72
N ASN I 302 -0.49 63.96 -50.91
CA ASN I 302 0.81 64.42 -51.35
C ASN I 302 1.72 63.24 -51.66
N ALA I 303 1.67 62.21 -50.80
CA ALA I 303 2.45 61.00 -50.99
C ALA I 303 2.21 60.43 -52.39
N CYS I 304 0.93 60.22 -52.72
CA CYS I 304 0.54 59.63 -53.98
C CYS I 304 0.90 60.54 -55.15
N ARG I 305 0.86 61.85 -54.92
CA ARG I 305 1.23 62.84 -55.93
C ARG I 305 2.72 62.73 -56.25
N ASN I 306 3.51 62.19 -55.31
CA ASN I 306 4.94 62.02 -55.48
C ASN I 306 5.28 60.54 -55.68
N LYS I 307 4.28 59.75 -56.10
CA LYS I 307 4.46 58.32 -56.38
C LYS I 307 4.98 57.59 -55.14
N GLU I 308 4.58 58.06 -53.96
CA GLU I 308 4.93 57.42 -52.71
C GLU I 308 3.74 56.59 -52.22
N ARG I 309 4.03 55.43 -51.63
CA ARG I 309 2.99 54.55 -51.10
C ARG I 309 2.60 55.04 -49.70
N ALA I 310 1.30 54.90 -49.38
CA ALA I 310 0.78 55.34 -48.10
C ALA I 310 -0.39 54.45 -47.68
N ILE I 311 -0.49 54.20 -46.36
CA ILE I 311 -1.58 53.42 -45.79
C ILE I 311 -2.39 54.32 -44.86
N LEU I 312 -3.72 54.11 -44.84
CA LEU I 312 -4.60 54.78 -43.90
C LEU I 312 -5.22 53.73 -42.98
N PHE I 313 -4.90 53.81 -41.68
CA PHE I 313 -5.47 52.95 -40.67
C PHE I 313 -6.64 53.68 -40.01
N ALA I 314 -7.86 53.38 -40.47
CA ALA I 314 -9.07 54.05 -40.03
C ALA I 314 -9.78 53.22 -38.96
N TYR I 315 -10.23 53.90 -37.90
CA TYR I 315 -10.95 53.25 -36.81
C TYR I 315 -12.18 54.09 -36.42
N GLU I 316 -12.70 54.86 -37.39
CA GLU I 316 -13.81 55.76 -37.12
C GLU I 316 -14.82 55.71 -38.26
N GLU I 317 -14.34 55.90 -39.51
CA GLU I 317 -15.20 55.97 -40.67
C GLU I 317 -14.90 54.82 -41.62
N SER I 318 -15.91 54.44 -42.41
CA SER I 318 -15.79 53.40 -43.42
C SER I 318 -15.09 53.97 -44.65
N ARG I 319 -14.67 53.07 -45.54
CA ARG I 319 -13.97 53.46 -46.77
C ARG I 319 -14.88 54.34 -47.61
N ALA I 320 -16.15 53.93 -47.73
CA ALA I 320 -17.15 54.65 -48.51
C ALA I 320 -17.28 56.10 -48.04
N GLN I 321 -17.33 56.29 -46.71
CA GLN I 321 -17.55 57.60 -46.12
C GLN I 321 -16.30 58.46 -46.32
N LEU I 322 -15.13 57.88 -46.09
CA LEU I 322 -13.85 58.54 -46.32
C LEU I 322 -13.77 59.00 -47.77
N LEU I 323 -14.13 58.12 -48.70
CA LEU I 323 -14.08 58.39 -50.13
C LEU I 323 -15.05 59.52 -50.49
N ARG I 324 -16.29 59.41 -50.01
CA ARG I 324 -17.29 60.46 -50.23
C ARG I 324 -16.75 61.79 -49.73
N ASN I 325 -16.36 61.82 -48.45
CA ASN I 325 -15.94 63.04 -47.79
C ASN I 325 -14.68 63.60 -48.44
N ALA I 326 -13.83 62.71 -48.96
CA ALA I 326 -12.61 63.09 -49.65
C ALA I 326 -12.93 63.77 -50.98
N THR I 327 -13.91 63.20 -51.71
CA THR I 327 -14.33 63.75 -52.99
C THR I 327 -14.98 65.12 -52.77
N SER I 328 -15.59 65.32 -51.61
CA SER I 328 -16.20 66.58 -51.25
C SER I 328 -15.13 67.65 -50.99
N TRP I 329 -13.91 67.20 -50.66
CA TRP I 329 -12.77 68.09 -50.51
C TRP I 329 -11.89 68.10 -51.78
N GLY I 330 -12.27 67.29 -52.77
CA GLY I 330 -11.56 67.23 -54.03
C GLY I 330 -10.33 66.31 -53.97
N ILE I 331 -10.54 65.11 -53.40
CA ILE I 331 -9.49 64.12 -53.26
C ILE I 331 -10.04 62.78 -53.76
N ASP I 332 -9.44 62.27 -54.85
CA ASP I 332 -9.85 61.00 -55.43
C ASP I 332 -9.01 59.90 -54.78
N PHE I 333 -9.46 59.41 -53.61
CA PHE I 333 -8.81 58.32 -52.91
C PHE I 333 -8.81 57.05 -53.75
N GLU I 334 -9.81 56.92 -54.64
CA GLU I 334 -9.97 55.72 -55.45
C GLU I 334 -8.89 55.63 -56.52
N GLU I 335 -8.54 56.78 -57.12
CA GLU I 335 -7.59 56.83 -58.23
C GLU I 335 -6.19 56.44 -57.74
N MET I 336 -5.86 56.81 -56.50
CA MET I 336 -4.54 56.54 -55.94
C MET I 336 -4.47 55.11 -55.42
N GLU I 337 -5.65 54.51 -55.14
CA GLU I 337 -5.74 53.08 -54.85
C GLU I 337 -5.53 52.29 -56.14
N ARG I 338 -6.13 52.78 -57.23
CA ARG I 338 -6.06 52.13 -58.53
C ARG I 338 -4.61 52.10 -59.03
N ASP I 339 -3.89 53.22 -58.83
CA ASP I 339 -2.50 53.32 -59.23
C ASP I 339 -1.62 52.43 -58.35
N GLY I 340 -2.10 52.11 -57.15
CA GLY I 340 -1.41 51.22 -56.23
C GLY I 340 -0.54 51.98 -55.23
N LEU I 341 -0.94 53.23 -54.93
CA LEU I 341 -0.17 54.11 -54.07
C LEU I 341 -0.91 54.36 -52.75
N LEU I 342 -2.12 53.81 -52.62
CA LEU I 342 -2.95 54.04 -51.44
C LEU I 342 -3.54 52.70 -50.99
N LYS I 343 -3.82 52.59 -49.69
CA LYS I 343 -4.45 51.41 -49.14
C LYS I 343 -5.15 51.79 -47.83
N ILE I 344 -6.47 51.61 -47.79
CA ILE I 344 -7.27 51.99 -46.63
C ILE I 344 -7.72 50.71 -45.92
N ILE I 345 -7.13 50.46 -44.73
CA ILE I 345 -7.47 49.31 -43.91
C ILE I 345 -8.35 49.77 -42.76
N CYS I 346 -9.68 49.69 -42.95
CA CYS I 346 -10.64 50.11 -41.95
C CYS I 346 -10.93 48.96 -40.99
N ALA I 347 -11.22 49.31 -39.73
CA ALA I 347 -11.59 48.33 -38.71
C ALA I 347 -12.06 49.06 -37.45
N TYR I 348 -13.09 48.51 -36.80
CA TYR I 348 -13.53 49.00 -35.51
C TYR I 348 -12.43 48.73 -34.49
N PRO I 349 -12.15 49.66 -33.54
CA PRO I 349 -11.13 49.45 -32.51
C PRO I 349 -11.30 48.17 -31.69
N GLU I 350 -12.55 47.73 -31.51
CA GLU I 350 -12.87 46.62 -30.63
C GLU I 350 -12.83 45.29 -31.40
N SER I 351 -12.57 45.35 -32.72
CA SER I 351 -12.48 44.16 -33.54
C SER I 351 -11.44 43.20 -32.96
N THR I 352 -10.32 43.76 -32.49
CA THR I 352 -9.29 43.00 -31.77
C THR I 352 -8.72 43.88 -30.66
N GLY I 353 -7.73 43.35 -29.94
CA GLY I 353 -6.98 44.12 -28.97
C GLY I 353 -5.86 44.94 -29.62
N LEU I 354 -5.37 45.94 -28.89
CA LEU I 354 -4.29 46.81 -29.34
C LEU I 354 -3.04 45.99 -29.63
N GLU I 355 -2.86 44.89 -28.92
CA GLU I 355 -1.76 43.97 -29.17
C GLU I 355 -1.83 43.43 -30.60
N ASP I 356 -3.05 43.09 -31.03
CA ASP I 356 -3.28 42.54 -32.35
C ASP I 356 -3.23 43.65 -33.40
N HIS I 357 -3.83 44.80 -33.08
CA HIS I 357 -3.84 45.96 -33.96
C HIS I 357 -2.43 46.33 -34.39
N LEU I 358 -1.50 46.36 -33.43
CA LEU I 358 -0.12 46.74 -33.68
C LEU I 358 0.54 45.77 -34.66
N GLN I 359 0.23 44.47 -34.50
CA GLN I 359 0.78 43.44 -35.37
C GLN I 359 0.17 43.56 -36.77
N ILE I 360 -1.14 43.86 -36.82
CA ILE I 360 -1.84 44.03 -38.09
C ILE I 360 -1.23 45.21 -38.85
N ILE I 361 -1.01 46.32 -38.13
CA ILE I 361 -0.37 47.50 -38.70
C ILE I 361 1.00 47.10 -39.26
N LYS I 362 1.82 46.48 -38.42
CA LYS I 362 3.17 46.08 -38.79
C LYS I 362 3.14 45.19 -40.03
N SER I 363 2.24 44.20 -40.03
CA SER I 363 2.10 43.25 -41.13
C SER I 363 1.80 44.00 -42.43
N GLU I 364 0.85 44.93 -42.38
CA GLU I 364 0.42 45.67 -43.56
C GLU I 364 1.55 46.57 -44.07
N ILE I 365 2.36 47.10 -43.16
CA ILE I 365 3.46 47.98 -43.52
C ILE I 365 4.49 47.20 -44.32
N SER I 366 5.05 46.15 -43.71
CA SER I 366 6.08 45.33 -44.34
C SER I 366 5.64 44.89 -45.74
N GLU I 367 4.37 44.50 -45.86
CA GLU I 367 3.81 44.02 -47.12
C GLU I 367 3.83 45.12 -48.17
N PHE I 368 3.17 46.24 -47.86
CA PHE I 368 2.99 47.33 -48.81
C PHE I 368 4.26 48.15 -48.94
N LYS I 369 5.04 48.22 -47.85
CA LYS I 369 6.27 48.99 -47.79
C LYS I 369 5.96 50.47 -48.01
N PRO I 370 5.17 51.11 -47.11
CA PRO I 370 4.78 52.51 -47.29
C PRO I 370 5.82 53.51 -46.81
N SER I 371 5.73 54.73 -47.34
CA SER I 371 6.60 55.83 -46.93
C SER I 371 5.91 56.67 -45.86
N ARG I 372 4.60 56.90 -46.03
CA ARG I 372 3.80 57.64 -45.06
C ARG I 372 2.70 56.73 -44.51
N ILE I 373 2.41 56.88 -43.21
CA ILE I 373 1.34 56.15 -42.55
C ILE I 373 0.40 57.14 -41.87
N ALA I 374 -0.81 56.68 -41.54
CA ALA I 374 -1.79 57.51 -40.86
C ALA I 374 -2.69 56.64 -39.98
N ILE I 375 -2.93 57.11 -38.75
CA ILE I 375 -3.81 56.43 -37.81
C ILE I 375 -4.88 57.43 -37.37
N ASP I 376 -6.10 57.25 -37.90
CA ASP I 376 -7.24 58.10 -37.61
C ASP I 376 -8.32 57.23 -36.97
N SER I 377 -8.42 57.23 -35.63
CA SER I 377 -7.63 58.06 -34.73
C SER I 377 -7.07 57.22 -33.58
N LEU I 378 -6.15 57.81 -32.83
CA LEU I 378 -5.59 57.19 -31.64
C LEU I 378 -6.61 57.21 -30.50
N SER I 379 -7.43 58.27 -30.48
CA SER I 379 -8.44 58.45 -29.43
C SER I 379 -9.47 57.32 -29.47
N ALA I 380 -9.75 56.81 -30.69
CA ALA I 380 -10.70 55.73 -30.87
C ALA I 380 -10.13 54.42 -30.34
N LEU I 381 -8.83 54.19 -30.59
CA LEU I 381 -8.13 52.99 -30.15
C LEU I 381 -7.94 53.00 -28.63
N ALA I 382 -8.08 54.18 -28.01
CA ALA I 382 -7.91 54.33 -26.58
C ALA I 382 -9.21 54.02 -25.83
N ARG I 383 -10.32 53.87 -26.56
CA ARG I 383 -11.62 53.62 -25.95
C ARG I 383 -11.65 52.22 -25.34
N GLY I 384 -11.90 52.17 -24.02
CA GLY I 384 -12.13 50.91 -23.33
C GLY I 384 -10.85 50.08 -23.19
N VAL I 385 -9.71 50.76 -23.03
CA VAL I 385 -8.44 50.09 -22.81
C VAL I 385 -7.73 50.79 -21.66
N SER I 386 -6.74 50.11 -21.07
CA SER I 386 -5.91 50.70 -20.04
C SER I 386 -4.95 51.71 -20.66
N ASN I 387 -4.60 52.75 -19.89
CA ASN I 387 -3.66 53.77 -20.33
C ASN I 387 -2.31 53.13 -20.62
N ASN I 388 -1.97 52.07 -19.87
CA ASN I 388 -0.72 51.34 -20.06
C ASN I 388 -0.71 50.65 -21.42
N ALA I 389 -1.78 49.89 -21.71
CA ALA I 389 -1.91 49.20 -22.99
C ALA I 389 -1.85 50.18 -24.14
N PHE I 390 -2.52 51.33 -23.98
CA PHE I 390 -2.54 52.38 -24.99
C PHE I 390 -1.14 52.98 -25.13
N ARG I 391 -0.48 53.23 -23.99
CA ARG I 391 0.87 53.78 -23.99
C ARG I 391 1.81 52.81 -24.72
N GLN I 392 1.60 51.51 -24.54
CA GLN I 392 2.42 50.49 -25.19
C GLN I 392 2.13 50.46 -26.69
N PHE I 393 0.88 50.75 -27.08
CA PHE I 393 0.49 50.76 -28.47
C PHE I 393 1.13 51.93 -29.21
N VAL I 394 1.02 53.14 -28.62
CA VAL I 394 1.49 54.36 -29.26
C VAL I 394 3.01 54.30 -29.40
N ILE I 395 3.71 53.90 -28.33
CA ILE I 395 5.16 53.80 -28.35
C ILE I 395 5.59 52.83 -29.46
N GLY I 396 5.02 51.62 -29.43
CA GLY I 396 5.35 50.59 -30.40
C GLY I 396 5.09 51.03 -31.84
N VAL I 397 3.97 51.74 -32.05
CA VAL I 397 3.59 52.24 -33.36
C VAL I 397 4.55 53.37 -33.75
N THR I 398 4.75 54.33 -32.83
CA THR I 398 5.65 55.45 -33.06
C THR I 398 7.06 54.93 -33.34
N GLY I 399 7.50 53.94 -32.55
CA GLY I 399 8.84 53.38 -32.65
C GLY I 399 9.10 52.70 -33.99
N TYR I 400 8.15 51.84 -34.41
CA TYR I 400 8.27 51.10 -35.64
C TYR I 400 8.39 52.05 -36.82
N ALA I 401 7.61 53.14 -36.78
CA ALA I 401 7.58 54.13 -37.86
C ALA I 401 8.94 54.81 -37.98
N LYS I 402 9.52 55.18 -36.83
CA LYS I 402 10.84 55.83 -36.80
C LYS I 402 11.92 54.82 -37.16
N GLN I 403 11.71 53.55 -36.79
CA GLN I 403 12.67 52.49 -37.02
C GLN I 403 12.74 52.16 -38.51
N GLU I 404 11.60 52.24 -39.21
CA GLU I 404 11.51 51.90 -40.62
C GLU I 404 11.51 53.17 -41.48
N GLU I 405 11.74 54.33 -40.86
CA GLU I 405 11.83 55.60 -41.55
C GLU I 405 10.53 55.86 -42.33
N ILE I 406 9.40 55.74 -41.63
CA ILE I 406 8.08 55.99 -42.21
C ILE I 406 7.49 57.21 -41.50
N THR I 407 7.04 58.19 -42.27
CA THR I 407 6.38 59.37 -41.73
C THR I 407 5.01 58.95 -41.19
N GLY I 408 4.71 59.37 -39.95
CA GLY I 408 3.50 58.95 -39.28
C GLY I 408 2.63 60.14 -38.88
N PHE I 409 1.41 60.19 -39.44
CA PHE I 409 0.42 61.19 -39.06
C PHE I 409 -0.61 60.55 -38.14
N PHE I 410 -0.82 61.13 -36.96
CA PHE I 410 -1.77 60.62 -35.99
C PHE I 410 -2.76 61.72 -35.63
N THR I 411 -4.01 61.34 -35.36
CA THR I 411 -5.03 62.28 -34.94
C THR I 411 -5.53 61.90 -33.55
N ASN I 412 -6.01 62.89 -32.81
CA ASN I 412 -6.58 62.68 -31.48
C ASN I 412 -7.73 63.67 -31.28
N THR I 413 -8.88 63.15 -30.82
CA THR I 413 -10.05 63.96 -30.54
C THR I 413 -10.07 64.32 -29.06
N SER I 414 -10.24 65.62 -28.76
CA SER I 414 -10.33 66.10 -27.38
C SER I 414 -11.78 66.08 -26.92
N ASP I 415 -11.98 65.95 -25.61
CA ASP I 415 -13.29 65.80 -25.02
C ASP I 415 -14.05 67.13 -25.09
N GLN I 416 -13.41 68.20 -24.60
CA GLN I 416 -14.00 69.53 -24.59
C GLN I 416 -13.89 70.12 -26.00
N PHE I 417 -14.97 70.75 -26.46
CA PHE I 417 -15.05 71.23 -27.82
C PHE I 417 -14.45 72.65 -27.94
N MET I 418 -14.85 73.55 -27.05
CA MET I 418 -14.44 74.94 -27.15
C MET I 418 -13.14 75.12 -26.37
N GLY I 419 -12.07 75.49 -27.09
CA GLY I 419 -10.76 75.72 -26.49
C GLY I 419 -9.75 74.67 -26.95
N SER I 420 -8.60 74.62 -26.26
CA SER I 420 -7.53 73.69 -26.58
C SER I 420 -6.94 73.09 -25.31
N HIS I 421 -7.68 73.15 -24.20
CA HIS I 421 -7.16 72.82 -22.88
C HIS I 421 -6.56 71.42 -22.89
N SER I 422 -5.34 71.28 -22.34
CA SER I 422 -4.66 70.00 -22.21
C SER I 422 -4.56 69.31 -23.56
N ILE I 423 -3.39 69.48 -24.20
CA ILE I 423 -3.17 68.99 -25.57
C ILE I 423 -3.81 67.62 -25.71
N THR I 424 -3.34 66.66 -24.91
CA THR I 424 -3.88 65.31 -24.89
C THR I 424 -4.15 64.91 -23.45
N ASP I 425 -5.04 63.92 -23.26
CA ASP I 425 -5.37 63.41 -21.94
C ASP I 425 -4.36 62.32 -21.52
N SER I 426 -3.32 62.13 -22.33
CA SER I 426 -2.27 61.15 -22.07
C SER I 426 -0.91 61.79 -22.35
N HIS I 427 0.14 61.25 -21.71
CA HIS I 427 1.50 61.69 -21.97
C HIS I 427 1.97 61.09 -23.30
N ILE I 428 1.33 61.54 -24.38
CA ILE I 428 1.66 61.12 -25.74
C ILE I 428 2.38 62.25 -26.47
N SEP I 429 2.27 63.48 -25.94
CA SEP I 429 2.88 64.66 -26.53
CB SEP I 429 2.51 65.89 -25.72
OG SEP I 429 1.15 65.76 -25.26
C SEP I 429 4.40 64.49 -26.62
O SEP I 429 5.03 65.01 -27.54
P SEP I 429 0.84 66.08 -23.69
O1P SEP I 429 1.07 67.57 -23.53
O2P SEP I 429 -0.61 65.69 -23.48
O3P SEP I 429 1.81 65.23 -22.90
N THR I 430 4.97 63.77 -25.66
CA THR I 430 6.40 63.55 -25.58
C THR I 430 6.86 62.64 -26.72
N ILE I 431 5.97 61.74 -27.17
CA ILE I 431 6.26 60.85 -28.28
C ILE I 431 6.17 61.63 -29.59
N THR I 432 5.28 62.63 -29.65
CA THR I 432 5.06 63.40 -30.86
C THR I 432 6.20 64.40 -31.06
N ASP I 433 6.54 64.63 -32.33
CA ASP I 433 7.58 65.59 -32.70
C ASP I 433 6.92 66.88 -33.18
N THR I 434 5.89 66.74 -34.02
CA THR I 434 5.10 67.87 -34.49
C THR I 434 3.68 67.76 -33.93
N ILE I 435 3.20 68.83 -33.29
CA ILE I 435 1.83 68.89 -32.80
C ILE I 435 1.10 70.00 -33.56
N ILE I 436 0.04 69.59 -34.28
CA ILE I 436 -0.88 70.54 -34.90
C ILE I 436 -2.10 70.62 -33.99
N LEU I 437 -2.41 71.83 -33.51
CA LEU I 437 -3.53 72.05 -32.61
C LEU I 437 -4.63 72.78 -33.37
N LEU I 438 -5.77 72.11 -33.56
CA LEU I 438 -6.95 72.70 -34.17
C LEU I 438 -7.97 72.97 -33.06
N GLN I 439 -8.67 74.11 -33.15
CA GLN I 439 -9.65 74.47 -32.14
C GLN I 439 -10.76 75.32 -32.76
N TYR I 440 -11.85 75.50 -31.99
CA TYR I 440 -12.95 76.36 -32.36
C TYR I 440 -12.76 77.73 -31.70
N VAL I 441 -13.23 78.78 -32.38
CA VAL I 441 -13.15 80.14 -31.89
C VAL I 441 -14.49 80.82 -32.13
N GLU I 442 -15.14 81.22 -31.03
CA GLU I 442 -16.40 81.95 -31.09
C GLU I 442 -16.12 83.37 -31.55
N ILE I 443 -16.58 83.72 -32.76
CA ILE I 443 -16.36 85.05 -33.31
C ILE I 443 -17.69 85.59 -33.87
N ARG I 444 -18.26 86.58 -33.17
CA ARG I 444 -19.46 87.27 -33.60
C ARG I 444 -20.62 86.27 -33.72
N GLY I 445 -20.81 85.45 -32.67
CA GLY I 445 -21.87 84.45 -32.64
C GLY I 445 -21.72 83.41 -33.75
N GLU I 446 -20.48 83.18 -34.20
CA GLU I 446 -20.19 82.21 -35.24
C GLU I 446 -19.02 81.33 -34.78
N MET I 447 -19.05 80.06 -35.18
CA MET I 447 -18.06 79.08 -34.77
C MET I 447 -16.94 79.02 -35.81
N SER I 448 -15.90 79.83 -35.60
CA SER I 448 -14.73 79.81 -36.46
C SER I 448 -13.79 78.70 -36.02
N ARG I 449 -12.81 78.37 -36.88
CA ARG I 449 -11.83 77.34 -36.62
C ARG I 449 -10.44 77.98 -36.62
N ALA I 450 -9.48 77.33 -35.96
CA ALA I 450 -8.12 77.82 -35.88
C ALA I 450 -7.13 76.68 -36.01
N ILE I 451 -5.90 77.03 -36.43
CA ILE I 451 -4.81 76.07 -36.58
C ILE I 451 -3.55 76.71 -36.00
N ASN I 452 -2.79 75.91 -35.25
CA ASN I 452 -1.57 76.38 -34.60
C ASN I 452 -0.56 75.24 -34.55
N VAL I 453 0.60 75.46 -35.18
CA VAL I 453 1.69 74.51 -35.07
C VAL I 453 2.29 74.66 -33.67
N PHE I 454 1.72 73.89 -32.72
CA PHE I 454 2.04 74.03 -31.31
C PHE I 454 3.52 73.72 -31.08
N LYS I 455 4.02 72.69 -31.76
CA LYS I 455 5.39 72.25 -31.60
C LYS I 455 5.92 71.72 -32.94
N MET I 456 7.23 71.92 -33.16
CA MET I 456 7.91 71.39 -34.33
C MET I 456 9.39 71.23 -33.97
N ARG I 457 9.72 70.09 -33.36
CA ARG I 457 11.07 69.81 -32.92
C ARG I 457 12.02 69.82 -34.11
N GLY I 458 13.05 70.68 -34.04
CA GLY I 458 14.12 70.69 -35.03
C GLY I 458 13.88 71.70 -36.15
N SER I 459 12.94 72.63 -35.95
CA SER I 459 12.60 73.62 -36.96
C SER I 459 11.97 74.85 -36.32
N TRP I 460 12.11 75.99 -37.01
CA TRP I 460 11.25 77.14 -36.77
C TRP I 460 9.85 76.77 -37.24
N HIS I 461 8.84 77.10 -36.43
CA HIS I 461 7.45 77.01 -36.84
C HIS I 461 6.81 78.37 -36.64
N ASP I 462 5.72 78.63 -37.38
CA ASP I 462 4.95 79.85 -37.22
C ASP I 462 4.22 79.78 -35.89
N LYS I 463 4.33 80.85 -35.10
CA LYS I 463 3.84 80.85 -33.73
C LYS I 463 2.45 81.50 -33.68
N GLY I 464 1.68 81.35 -34.76
CA GLY I 464 0.41 82.05 -34.91
C GLY I 464 -0.78 81.10 -34.79
N ILE I 465 -1.90 81.63 -34.29
CA ILE I 465 -3.16 80.91 -34.21
C ILE I 465 -4.04 81.40 -35.34
N ARG I 466 -3.90 80.75 -36.51
CA ARG I 466 -4.43 81.27 -37.76
C ARG I 466 -5.84 80.74 -37.98
N GLU I 467 -6.70 81.61 -38.55
CA GLU I 467 -8.03 81.23 -39.00
C GLU I 467 -7.89 80.25 -40.16
N PHE I 468 -8.78 79.25 -40.21
CA PHE I 468 -8.72 78.25 -41.25
C PHE I 468 -10.15 77.82 -41.60
N VAL I 469 -10.45 77.77 -42.91
CA VAL I 469 -11.78 77.47 -43.41
C VAL I 469 -11.69 76.23 -44.28
N ILE I 470 -12.75 75.41 -44.25
CA ILE I 470 -12.84 74.20 -45.05
C ILE I 470 -13.85 74.44 -46.16
N SER I 471 -13.51 73.97 -47.37
CA SER I 471 -14.33 74.17 -48.56
C SER I 471 -14.25 72.92 -49.44
N ASP I 472 -14.86 73.00 -50.63
CA ASP I 472 -14.80 71.93 -51.60
C ASP I 472 -13.38 71.80 -52.15
N LYS I 473 -12.60 72.89 -52.06
CA LYS I 473 -11.18 72.88 -52.40
C LYS I 473 -10.39 72.20 -51.28
N GLY I 474 -10.74 72.51 -50.03
CA GLY I 474 -10.11 71.91 -48.87
C GLY I 474 -9.77 72.97 -47.81
N PRO I 475 -8.61 72.86 -47.12
CA PRO I 475 -8.25 73.82 -46.07
C PRO I 475 -7.64 75.09 -46.64
N GLU I 476 -8.03 76.24 -46.08
CA GLU I 476 -7.56 77.53 -46.54
C GLU I 476 -7.12 78.35 -45.32
N ILE I 477 -5.84 78.23 -44.98
CA ILE I 477 -5.28 78.87 -43.79
C ILE I 477 -5.10 80.36 -44.09
N LYS I 478 -5.38 81.20 -43.09
CA LYS I 478 -5.45 82.65 -43.26
C LYS I 478 -4.69 83.33 -42.12
N ASP I 479 -5.03 84.60 -41.85
CA ASP I 479 -4.34 85.41 -40.85
C ASP I 479 -4.81 85.02 -39.45
N SER I 480 -4.07 85.51 -38.45
CA SER I 480 -4.32 85.18 -37.05
C SER I 480 -5.35 86.15 -36.46
N PHE I 481 -5.76 85.86 -35.21
CA PHE I 481 -6.74 86.67 -34.50
C PHE I 481 -6.00 87.69 -33.63
N ARG I 482 -5.37 88.67 -34.29
CA ARG I 482 -4.57 89.68 -33.61
C ARG I 482 -5.45 90.69 -32.88
N ASN I 483 -6.75 90.71 -33.23
CA ASN I 483 -7.67 91.71 -32.72
C ASN I 483 -8.34 91.23 -31.44
N PHE I 484 -7.97 90.04 -30.96
CA PHE I 484 -8.71 89.34 -29.94
C PHE I 484 -7.77 88.87 -28.82
N GLU I 485 -8.35 88.58 -27.65
CA GLU I 485 -7.64 88.00 -26.53
C GLU I 485 -8.41 86.79 -26.02
N ARG I 486 -7.70 85.86 -25.37
CA ARG I 486 -8.27 84.61 -24.87
C ARG I 486 -8.81 83.78 -26.02
N ILE I 487 -7.95 83.51 -27.02
CA ILE I 487 -8.30 82.70 -28.17
C ILE I 487 -8.38 81.23 -27.76
N ILE I 488 -7.41 80.81 -26.93
CA ILE I 488 -7.23 79.40 -26.59
C ILE I 488 -8.40 78.93 -25.71
N SER I 489 -9.10 79.88 -25.07
CA SER I 489 -10.29 79.58 -24.30
C SER I 489 -11.41 79.08 -25.22
N GLY I 490 -11.53 79.69 -26.40
CA GLY I 490 -12.59 79.39 -27.34
C GLY I 490 -13.63 80.50 -27.40
N SER I 491 -13.69 81.32 -26.33
CA SER I 491 -14.59 82.45 -26.24
C SER I 491 -13.77 83.73 -26.08
N PRO I 492 -13.19 84.29 -27.16
CA PRO I 492 -12.30 85.45 -27.06
C PRO I 492 -13.01 86.78 -26.81
N THR I 493 -12.20 87.82 -26.62
CA THR I 493 -12.69 89.18 -26.42
C THR I 493 -11.98 90.11 -27.41
N ARG I 494 -12.76 90.86 -28.18
CA ARG I 494 -12.22 91.85 -29.10
C ARG I 494 -11.55 92.96 -28.30
N ILE I 495 -10.33 93.33 -28.69
CA ILE I 495 -9.55 94.33 -27.98
C ILE I 495 -9.29 95.51 -28.93
N ALA J 15 -6.38 19.31 -41.03
CA ALA J 15 -6.68 20.59 -40.36
C ALA J 15 -7.91 20.44 -39.45
N VAL J 16 -8.21 21.50 -38.70
CA VAL J 16 -9.36 21.52 -37.80
C VAL J 16 -10.49 22.29 -38.49
N GLN J 17 -11.44 21.53 -39.05
CA GLN J 17 -12.61 22.09 -39.72
C GLN J 17 -13.74 22.24 -38.71
N LYS J 18 -14.57 23.28 -38.90
CA LYS J 18 -15.62 23.63 -37.95
C LYS J 18 -16.98 23.27 -38.54
N LEU J 19 -17.87 22.76 -37.67
CA LEU J 19 -19.24 22.43 -38.04
C LEU J 19 -20.15 23.58 -37.61
N PRO J 20 -21.01 24.12 -38.51
CA PRO J 20 -21.90 25.22 -38.17
C PRO J 20 -22.91 24.84 -37.10
N THR J 21 -23.04 25.71 -36.07
CA THR J 21 -23.99 25.50 -35.00
C THR J 21 -25.37 26.01 -35.43
N GLY J 22 -25.39 27.14 -36.16
CA GLY J 22 -26.62 27.75 -36.61
C GLY J 22 -27.12 28.82 -35.63
N ILE J 23 -26.41 28.99 -34.52
CA ILE J 23 -26.73 30.01 -33.54
C ILE J 23 -26.29 31.36 -34.10
N GLU J 24 -27.19 32.34 -34.04
CA GLU J 24 -26.93 33.67 -34.56
C GLU J 24 -25.86 34.35 -33.71
N GLY J 25 -24.61 34.32 -34.19
CA GLY J 25 -23.51 35.02 -33.53
C GLY J 25 -22.38 34.07 -33.14
N PHE J 26 -22.71 32.88 -32.67
CA PHE J 26 -21.71 31.94 -32.16
C PHE J 26 -20.75 31.53 -33.27
N ASP J 27 -21.27 31.37 -34.49
CA ASP J 27 -20.47 30.97 -35.64
C ASP J 27 -19.46 32.06 -35.98
N ASP J 28 -19.81 33.32 -35.70
CA ASP J 28 -18.95 34.46 -35.99
C ASP J 28 -17.85 34.56 -34.93
N ILE J 29 -18.21 34.26 -33.66
CA ILE J 29 -17.26 34.27 -32.56
C ILE J 29 -16.34 33.06 -32.68
N SER J 30 -16.90 31.92 -33.11
CA SER J 30 -16.15 30.68 -33.23
C SER J 30 -15.37 30.64 -34.54
N HIS J 31 -15.60 31.62 -35.43
CA HIS J 31 -14.92 31.69 -36.72
C HIS J 31 -15.28 30.48 -37.57
N GLY J 32 -16.57 30.12 -37.60
CA GLY J 32 -17.06 29.05 -38.45
C GLY J 32 -18.05 28.14 -37.75
N GLY J 33 -17.76 27.80 -36.49
CA GLY J 33 -18.54 26.82 -35.74
C GLY J 33 -17.66 26.05 -34.76
N LEU J 34 -18.16 24.89 -34.31
CA LEU J 34 -17.43 24.05 -33.37
C LEU J 34 -16.60 23.03 -34.14
N PRO J 35 -15.31 22.84 -33.78
CA PRO J 35 -14.46 21.82 -34.40
C PRO J 35 -15.16 20.47 -34.57
N ILE J 36 -15.16 19.97 -35.81
CA ILE J 36 -15.86 18.75 -36.17
C ILE J 36 -15.14 17.55 -35.56
N GLY J 37 -15.93 16.62 -35.00
CA GLY J 37 -15.41 15.36 -34.49
C GLY J 37 -14.75 15.50 -33.12
N ARG J 38 -14.96 16.64 -32.47
CA ARG J 38 -14.34 16.92 -31.17
C ARG J 38 -15.42 17.35 -30.18
N SER J 39 -15.05 17.33 -28.89
CA SER J 39 -15.95 17.72 -27.81
C SER J 39 -15.75 19.19 -27.47
N THR J 40 -16.82 19.85 -27.01
CA THR J 40 -16.77 21.24 -26.58
C THR J 40 -17.43 21.36 -25.21
N LEU J 41 -16.66 21.88 -24.25
CA LEU J 41 -17.15 22.11 -22.90
C LEU J 41 -17.94 23.41 -22.86
N VAL J 42 -19.19 23.34 -22.41
CA VAL J 42 -20.01 24.54 -22.18
C VAL J 42 -20.29 24.63 -20.69
N SER J 43 -19.45 25.39 -19.97
CA SER J 43 -19.58 25.53 -18.53
C SER J 43 -20.29 26.84 -18.20
N GLY J 44 -21.04 26.82 -17.09
CA GLY J 44 -21.81 27.98 -16.65
C GLY J 44 -22.63 27.69 -15.40
N THR J 45 -22.98 28.76 -14.68
CA THR J 45 -23.84 28.66 -13.51
C THR J 45 -25.27 28.35 -13.95
N SER J 46 -26.17 28.20 -12.98
CA SER J 46 -27.55 27.81 -13.26
C SER J 46 -28.30 28.99 -13.92
N GLY J 47 -28.99 28.69 -15.03
CA GLY J 47 -29.80 29.68 -15.73
C GLY J 47 -28.99 30.47 -16.74
N THR J 48 -27.81 29.95 -17.13
CA THR J 48 -26.94 30.62 -18.09
C THR J 48 -27.40 30.34 -19.51
N GLY J 49 -27.95 29.13 -19.75
CA GLY J 49 -28.47 28.73 -21.05
C GLY J 49 -27.66 27.62 -21.69
N LYS J 50 -27.18 26.67 -20.88
CA LYS J 50 -26.31 25.60 -21.35
C LYS J 50 -27.12 24.54 -22.08
N THR J 51 -28.31 24.23 -21.53
CA THR J 51 -29.18 23.21 -22.08
C THR J 51 -29.87 23.73 -23.34
N VAL J 52 -30.17 25.04 -23.37
CA VAL J 52 -30.72 25.67 -24.56
C VAL J 52 -29.68 25.56 -25.69
N PHE J 53 -28.44 25.97 -25.37
CA PHE J 53 -27.32 25.87 -26.30
C PHE J 53 -27.17 24.43 -26.78
N SER J 54 -27.29 23.48 -25.86
CA SER J 54 -27.13 22.06 -26.16
C SER J 54 -28.15 21.60 -27.20
N MET J 55 -29.42 21.98 -27.01
CA MET J 55 -30.48 21.52 -27.88
C MET J 55 -30.49 22.31 -29.19
N GLN J 56 -30.14 23.59 -29.12
CA GLN J 56 -30.12 24.45 -30.29
C GLN J 56 -29.05 23.96 -31.27
N PHE J 57 -27.96 23.42 -30.72
CA PHE J 57 -26.92 22.76 -31.51
C PHE J 57 -27.52 21.61 -32.33
N LEU J 58 -28.33 20.77 -31.66
CA LEU J 58 -28.89 19.58 -32.28
C LEU J 58 -30.03 19.97 -33.22
N TYR J 59 -30.97 20.77 -32.71
CA TYR J 59 -32.16 21.18 -33.47
C TYR J 59 -31.74 21.72 -34.84
N ASN J 60 -30.79 22.67 -34.84
CA ASN J 60 -30.31 23.29 -36.06
C ASN J 60 -29.60 22.25 -36.92
N GLY J 61 -28.87 21.34 -36.27
CA GLY J 61 -28.23 20.22 -36.94
C GLY J 61 -29.21 19.45 -37.83
N ILE J 62 -30.42 19.24 -37.32
CA ILE J 62 -31.42 18.42 -37.99
C ILE J 62 -32.19 19.27 -39.02
N THR J 63 -32.69 20.42 -38.56
CA THR J 63 -33.63 21.21 -39.34
C THR J 63 -32.93 21.91 -40.50
N HIS J 64 -31.65 22.27 -40.33
CA HIS J 64 -30.92 23.06 -41.31
C HIS J 64 -29.91 22.20 -42.07
N PHE J 65 -29.25 21.25 -41.38
CA PHE J 65 -28.10 20.56 -41.94
C PHE J 65 -28.39 19.08 -42.15
N ASP J 66 -29.51 18.57 -41.62
CA ASP J 66 -29.92 17.18 -41.79
C ASP J 66 -28.90 16.26 -41.12
N GLU J 67 -28.37 16.69 -39.97
CA GLU J 67 -27.43 15.91 -39.19
C GLU J 67 -28.15 15.42 -37.92
N PRO J 68 -28.44 14.09 -37.80
CA PRO J 68 -29.15 13.57 -36.62
C PRO J 68 -28.33 13.71 -35.35
N GLY J 69 -29.01 13.81 -34.20
CA GLY J 69 -28.36 14.09 -32.94
C GLY J 69 -28.95 13.27 -31.78
N VAL J 70 -28.10 12.95 -30.81
CA VAL J 70 -28.49 12.23 -29.61
C VAL J 70 -28.24 13.14 -28.40
N PHE J 71 -29.26 13.29 -27.54
CA PHE J 71 -29.15 14.10 -26.35
C PHE J 71 -29.13 13.20 -25.11
N VAL J 72 -28.03 13.24 -24.36
CA VAL J 72 -27.87 12.45 -23.15
C VAL J 72 -28.26 13.30 -21.95
N THR J 73 -29.30 12.87 -21.22
CA THR J 73 -29.75 13.55 -20.02
C THR J 73 -29.50 12.66 -18.81
N PHE J 74 -29.03 13.27 -17.71
CA PHE J 74 -28.72 12.56 -16.49
C PHE J 74 -29.67 12.96 -15.36
N GLU J 75 -30.73 13.70 -15.68
CA GLU J 75 -31.63 14.23 -14.66
C GLU J 75 -33.01 14.49 -15.26
N GLU J 76 -33.07 15.44 -16.21
CA GLU J 76 -34.34 15.82 -16.81
C GLU J 76 -34.90 14.65 -17.61
N SER J 77 -36.24 14.55 -17.65
CA SER J 77 -36.90 13.50 -18.42
C SER J 77 -36.97 13.93 -19.88
N PRO J 78 -36.92 12.99 -20.84
CA PRO J 78 -37.18 13.29 -22.25
C PRO J 78 -38.44 14.11 -22.50
N GLN J 79 -39.43 13.96 -21.61
CA GLN J 79 -40.68 14.70 -21.69
C GLN J 79 -40.43 16.18 -21.38
N ASP J 80 -39.64 16.46 -20.33
CA ASP J 80 -39.39 17.83 -19.90
C ASP J 80 -38.57 18.57 -20.95
N ILE J 81 -37.58 17.87 -21.53
CA ILE J 81 -36.72 18.44 -22.56
C ILE J 81 -37.57 18.89 -23.75
N ILE J 82 -38.61 18.10 -24.07
CA ILE J 82 -39.52 18.41 -25.17
C ILE J 82 -40.40 19.60 -24.79
N LYS J 83 -40.94 19.58 -23.57
CA LYS J 83 -41.87 20.59 -23.10
C LYS J 83 -41.19 21.96 -23.03
N ASN J 84 -39.92 21.98 -22.59
CA ASN J 84 -39.17 23.21 -22.46
C ASN J 84 -38.78 23.75 -23.84
N ALA J 85 -38.60 22.85 -24.80
CA ALA J 85 -38.20 23.22 -26.15
C ALA J 85 -39.33 23.95 -26.87
N ALA J 86 -40.58 23.63 -26.51
CA ALA J 86 -41.76 24.28 -27.08
C ALA J 86 -41.68 25.79 -26.90
N SER J 87 -41.05 26.22 -25.81
CA SER J 87 -40.82 27.63 -25.52
C SER J 87 -40.36 28.39 -26.77
N PHE J 88 -39.41 27.78 -27.51
CA PHE J 88 -38.80 28.43 -28.66
C PHE J 88 -39.51 28.03 -29.95
N GLY J 89 -40.55 27.19 -29.84
CA GLY J 89 -41.26 26.68 -31.00
C GLY J 89 -40.48 25.56 -31.70
N TRP J 90 -39.83 24.71 -30.89
CA TRP J 90 -39.09 23.56 -31.38
C TRP J 90 -39.91 22.29 -31.12
N ASP J 91 -40.44 21.69 -32.18
CA ASP J 91 -41.20 20.45 -32.07
C ASP J 91 -40.22 19.29 -31.94
N LEU J 92 -39.89 18.93 -30.70
CA LEU J 92 -38.93 17.87 -30.42
C LEU J 92 -39.58 16.51 -30.68
N GLN J 93 -40.87 16.38 -30.33
CA GLN J 93 -41.59 15.13 -30.45
C GLN J 93 -41.60 14.65 -31.90
N LYS J 94 -41.76 15.59 -32.84
CA LYS J 94 -41.72 15.29 -34.27
C LYS J 94 -40.39 14.62 -34.61
N LEU J 95 -39.29 15.28 -34.22
CA LEU J 95 -37.95 14.84 -34.57
C LEU J 95 -37.62 13.52 -33.87
N VAL J 96 -38.26 13.27 -32.73
CA VAL J 96 -38.15 12.00 -32.03
C VAL J 96 -38.91 10.93 -32.82
N ASP J 97 -40.15 11.25 -33.20
CA ASP J 97 -41.01 10.33 -33.93
C ASP J 97 -40.39 9.95 -35.26
N GLU J 98 -39.79 10.94 -35.94
CA GLU J 98 -39.17 10.74 -37.25
C GLU J 98 -37.83 10.00 -37.10
N GLY J 99 -37.28 9.99 -35.88
CA GLY J 99 -36.05 9.26 -35.59
C GLY J 99 -34.80 10.09 -35.88
N LYS J 100 -34.97 11.41 -35.99
CA LYS J 100 -33.88 12.32 -36.26
C LYS J 100 -33.21 12.74 -34.96
N LEU J 101 -33.97 12.68 -33.85
CA LEU J 101 -33.45 13.00 -32.53
C LEU J 101 -33.73 11.85 -31.57
N PHE J 102 -32.80 11.62 -30.63
CA PHE J 102 -32.96 10.61 -29.61
C PHE J 102 -32.46 11.15 -28.27
N ILE J 103 -33.33 11.11 -27.25
CA ILE J 103 -32.97 11.54 -25.91
C ILE J 103 -32.68 10.30 -25.07
N LEU J 104 -31.38 10.00 -24.90
CA LEU J 104 -30.95 8.88 -24.07
C LEU J 104 -31.09 9.27 -22.60
N ASP J 105 -32.01 8.60 -21.90
CA ASP J 105 -32.24 8.87 -20.49
C ASP J 105 -31.26 8.05 -19.66
N ALA J 106 -30.30 8.75 -19.04
CA ALA J 106 -29.38 8.16 -18.09
C ALA J 106 -29.64 8.74 -16.69
N SER J 107 -30.89 9.14 -16.44
CA SER J 107 -31.31 9.63 -15.15
C SER J 107 -31.40 8.46 -14.18
N PRO J 108 -30.95 8.61 -12.91
CA PRO J 108 -31.05 7.53 -11.93
C PRO J 108 -32.49 7.04 -11.72
N ASP J 109 -32.64 5.73 -11.50
CA ASP J 109 -33.94 5.14 -11.21
C ASP J 109 -34.35 5.53 -9.80
N PRO J 110 -35.59 6.01 -9.57
CA PRO J 110 -36.04 6.40 -8.22
C PRO J 110 -36.19 5.20 -7.29
N GLU J 111 -35.06 4.59 -6.92
CA GLU J 111 -35.05 3.40 -6.08
C GLU J 111 -33.65 3.22 -5.49
N ASP J 120 -16.01 2.99 -15.38
CA ASP J 120 -17.19 3.58 -14.71
C ASP J 120 -18.19 4.05 -15.76
N LEU J 121 -17.71 4.89 -16.69
CA LEU J 121 -18.54 5.44 -17.75
C LEU J 121 -18.33 4.66 -19.05
N SER J 122 -18.09 3.35 -18.93
CA SER J 122 -17.94 2.48 -20.08
C SER J 122 -19.30 1.96 -20.54
N ALA J 123 -20.20 1.73 -19.58
CA ALA J 123 -21.55 1.25 -19.86
C ALA J 123 -22.35 2.33 -20.58
N LEU J 124 -22.15 3.59 -20.17
CA LEU J 124 -22.91 4.72 -20.70
C LEU J 124 -22.37 5.10 -22.07
N ILE J 125 -21.07 4.82 -22.29
CA ILE J 125 -20.44 5.01 -23.59
C ILE J 125 -20.99 3.98 -24.57
N GLU J 126 -21.25 2.77 -24.08
CA GLU J 126 -21.79 1.69 -24.90
C GLU J 126 -23.20 2.06 -25.35
N ARG J 127 -23.95 2.75 -24.47
CA ARG J 127 -25.31 3.18 -24.77
C ARG J 127 -25.29 4.32 -25.78
N ILE J 128 -24.31 5.22 -25.63
CA ILE J 128 -24.17 6.36 -26.52
C ILE J 128 -23.80 5.88 -27.93
N ASN J 129 -22.90 4.89 -28.00
CA ASN J 129 -22.44 4.36 -29.28
C ASN J 129 -23.60 3.72 -30.04
N TYR J 130 -24.31 2.80 -29.35
CA TYR J 130 -25.47 2.12 -29.90
C TYR J 130 -26.43 3.14 -30.50
N ALA J 131 -26.69 4.22 -29.75
CA ALA J 131 -27.62 5.26 -30.16
C ALA J 131 -27.09 5.96 -31.41
N ILE J 132 -25.85 6.46 -31.35
CA ILE J 132 -25.22 7.16 -32.46
C ILE J 132 -25.29 6.28 -33.71
N ARG J 133 -25.03 4.97 -33.53
CA ARG J 133 -25.07 4.02 -34.63
C ARG J 133 -26.49 3.84 -35.14
N LYS J 134 -27.42 3.55 -34.21
CA LYS J 134 -28.81 3.30 -34.56
C LYS J 134 -29.43 4.51 -35.26
N TYR J 135 -29.10 5.71 -34.77
CA TYR J 135 -29.70 6.94 -35.26
C TYR J 135 -28.77 7.65 -36.25
N LYS J 136 -27.65 7.00 -36.60
CA LYS J 136 -26.71 7.52 -37.57
C LYS J 136 -26.43 9.00 -37.30
N ALA J 137 -26.11 9.31 -36.04
CA ALA J 137 -25.99 10.68 -35.58
C ALA J 137 -24.60 11.22 -35.88
N LYS J 138 -24.50 12.57 -35.96
CA LYS J 138 -23.24 13.25 -36.18
C LYS J 138 -23.01 14.33 -35.12
N ARG J 139 -24.07 14.71 -34.40
CA ARG J 139 -23.98 15.64 -33.28
C ARG J 139 -24.45 14.93 -32.01
N VAL J 140 -23.88 15.32 -30.86
CA VAL J 140 -24.21 14.74 -29.58
C VAL J 140 -24.12 15.82 -28.50
N ALA J 141 -25.04 15.74 -27.52
CA ALA J 141 -25.07 16.69 -26.42
C ALA J 141 -25.20 15.92 -25.10
N ILE J 142 -24.37 16.28 -24.11
CA ILE J 142 -24.41 15.67 -22.80
C ILE J 142 -24.69 16.77 -21.78
N ASP J 143 -25.73 16.57 -20.96
CA ASP J 143 -26.16 17.58 -19.99
C ASP J 143 -26.69 16.86 -18.75
N SER J 144 -25.94 16.91 -17.63
CA SER J 144 -24.62 17.51 -17.53
C SER J 144 -23.66 16.52 -16.88
N VAL J 145 -22.48 16.34 -17.49
CA VAL J 145 -21.51 15.34 -17.06
C VAL J 145 -21.25 15.48 -15.56
N THR J 146 -21.29 16.73 -15.05
CA THR J 146 -21.06 17.01 -13.64
C THR J 146 -21.92 16.10 -12.76
N ALA J 147 -23.21 15.98 -13.11
CA ALA J 147 -24.18 15.27 -12.30
C ALA J 147 -23.76 13.82 -12.05
N VAL J 148 -23.17 13.18 -13.07
CA VAL J 148 -22.76 11.79 -12.98
C VAL J 148 -21.80 11.62 -11.80
N PHE J 149 -20.73 12.42 -11.80
CA PHE J 149 -19.67 12.31 -10.80
C PHE J 149 -20.17 12.81 -9.44
N GLN J 150 -21.23 13.62 -9.46
CA GLN J 150 -21.83 14.16 -8.24
C GLN J 150 -22.63 13.07 -7.54
N GLN J 151 -21.96 11.93 -7.28
CA GLN J 151 -22.52 10.83 -6.52
C GLN J 151 -21.47 10.37 -5.50
N TYR J 152 -20.26 10.07 -6.01
CA TYR J 152 -19.13 9.73 -5.17
C TYR J 152 -17.80 10.05 -5.88
N ASP J 153 -17.80 10.06 -7.23
CA ASP J 153 -16.59 10.22 -8.00
C ASP J 153 -16.06 11.65 -7.86
N ALA J 154 -14.73 11.80 -8.00
CA ALA J 154 -14.07 13.09 -7.89
C ALA J 154 -12.66 12.99 -8.48
N VAL J 157 -10.25 11.11 -10.58
CA VAL J 157 -11.36 10.23 -11.05
C VAL J 157 -12.08 10.88 -12.22
N VAL J 158 -12.50 12.14 -12.02
CA VAL J 158 -13.21 12.90 -13.04
C VAL J 158 -12.37 12.94 -14.32
N ARG J 159 -11.08 13.25 -14.16
CA ARG J 159 -10.18 13.41 -15.29
C ARG J 159 -10.14 12.15 -16.13
N ARG J 160 -9.88 11.00 -15.48
CA ARG J 160 -9.78 9.72 -16.15
C ARG J 160 -11.07 9.40 -16.90
N GLU J 161 -12.22 9.72 -16.28
CA GLU J 161 -13.51 9.39 -16.84
C GLU J 161 -13.87 10.33 -17.97
N ILE J 162 -13.66 11.64 -17.77
CA ILE J 162 -13.89 12.63 -18.81
C ILE J 162 -13.01 12.32 -20.02
N PHE J 163 -11.77 11.92 -19.76
CA PHE J 163 -10.83 11.56 -20.82
C PHE J 163 -11.38 10.41 -21.64
N ARG J 164 -11.81 9.34 -20.96
CA ARG J 164 -12.34 8.15 -21.59
C ARG J 164 -13.53 8.51 -22.47
N LEU J 165 -14.39 9.42 -21.99
CA LEU J 165 -15.61 9.78 -22.67
C LEU J 165 -15.26 10.54 -23.96
N VAL J 166 -14.41 11.57 -23.82
CA VAL J 166 -14.02 12.42 -24.93
C VAL J 166 -13.32 11.58 -26.00
N ALA J 167 -12.39 10.71 -25.57
CA ALA J 167 -11.60 9.91 -26.48
C ALA J 167 -12.49 8.97 -27.28
N ARG J 168 -13.40 8.27 -26.59
CA ARG J 168 -14.31 7.33 -27.23
C ARG J 168 -15.14 8.06 -28.28
N LEU J 169 -15.77 9.17 -27.88
CA LEU J 169 -16.61 9.98 -28.75
C LEU J 169 -15.84 10.39 -30.00
N LYS J 170 -14.55 10.72 -29.84
CA LYS J 170 -13.69 11.10 -30.96
C LYS J 170 -13.47 9.90 -31.88
N GLN J 171 -13.33 8.71 -31.28
CA GLN J 171 -13.18 7.47 -32.02
C GLN J 171 -14.43 7.21 -32.86
N ILE J 172 -15.61 7.55 -32.32
CA ILE J 172 -16.86 7.46 -33.06
C ILE J 172 -16.82 8.49 -34.19
N GLY J 173 -16.35 9.70 -33.85
CA GLY J 173 -16.25 10.80 -34.80
C GLY J 173 -17.53 11.64 -34.82
N VAL J 174 -17.95 12.08 -33.63
CA VAL J 174 -19.16 12.86 -33.46
C VAL J 174 -18.80 14.17 -32.77
N THR J 175 -19.38 15.28 -33.24
CA THR J 175 -19.17 16.59 -32.65
C THR J 175 -20.02 16.70 -31.38
N THR J 176 -19.36 16.77 -30.23
CA THR J 176 -20.02 16.64 -28.95
C THR J 176 -20.07 17.98 -28.23
N VAL J 177 -21.10 18.15 -27.38
CA VAL J 177 -21.24 19.31 -26.51
C VAL J 177 -21.51 18.81 -25.09
N MET J 178 -20.53 18.98 -24.19
CA MET J 178 -20.62 18.49 -22.83
C MET J 178 -20.89 19.67 -21.89
N THR J 179 -22.05 19.68 -21.26
CA THR J 179 -22.45 20.75 -20.34
C THR J 179 -21.81 20.50 -18.98
N THR J 180 -21.35 21.60 -18.35
CA THR J 180 -20.67 21.52 -17.06
C THR J 180 -21.15 22.67 -16.17
N GLU J 181 -21.01 22.50 -14.85
CA GLU J 181 -21.61 23.41 -13.88
C GLU J 181 -20.52 24.18 -13.15
N ARG J 182 -20.87 25.40 -12.71
CA ARG J 182 -19.97 26.25 -11.95
C ARG J 182 -20.72 26.90 -10.79
N ILE J 183 -19.97 27.40 -9.81
CA ILE J 183 -20.54 28.10 -8.66
C ILE J 183 -20.40 29.60 -8.87
N GLU J 184 -19.14 30.05 -9.09
CA GLU J 184 -18.84 31.47 -9.23
C GLU J 184 -18.74 31.83 -10.71
N GLU J 185 -19.13 33.08 -11.04
CA GLU J 185 -19.22 33.54 -12.41
C GLU J 185 -17.81 33.76 -12.96
N TYR J 186 -17.01 34.55 -12.23
CA TYR J 186 -15.62 34.80 -12.56
C TYR J 186 -14.72 34.06 -11.56
N GLY J 187 -14.41 32.80 -11.87
CA GLY J 187 -13.58 31.98 -11.00
C GLY J 187 -13.23 30.64 -11.64
N PRO J 188 -13.46 29.49 -10.95
CA PRO J 188 -13.22 28.18 -11.56
C PRO J 188 -14.10 27.99 -12.80
N ILE J 189 -13.45 27.64 -13.92
CA ILE J 189 -14.13 27.45 -15.19
C ILE J 189 -15.20 26.36 -15.04
N ALA J 190 -14.88 25.35 -14.22
CA ALA J 190 -15.84 24.30 -13.91
C ALA J 190 -15.94 24.17 -12.39
N ARG J 191 -15.83 22.94 -11.85
CA ARG J 191 -15.99 22.68 -10.43
C ARG J 191 -14.74 22.00 -9.89
N TYR J 192 -14.39 20.85 -10.51
CA TYR J 192 -13.30 20.01 -10.04
C TYR J 192 -11.95 20.58 -10.49
N GLY J 193 -11.98 21.48 -11.48
CA GLY J 193 -10.79 22.21 -11.90
C GLY J 193 -9.89 21.35 -12.79
N VAL J 194 -10.52 20.57 -13.67
CA VAL J 194 -9.83 19.57 -14.48
C VAL J 194 -10.53 19.42 -15.84
N GLU J 195 -11.87 19.53 -15.83
CA GLU J 195 -12.68 19.33 -17.02
C GLU J 195 -12.23 20.24 -18.17
N GLU J 196 -11.51 21.32 -17.84
CA GLU J 196 -11.11 22.32 -18.81
C GLU J 196 -9.99 21.77 -19.70
N PHE J 197 -8.99 21.15 -19.05
CA PHE J 197 -7.74 20.80 -19.69
C PHE J 197 -7.89 19.53 -20.52
N VAL J 198 -8.89 18.71 -20.17
CA VAL J 198 -9.16 17.47 -20.89
C VAL J 198 -9.89 17.81 -22.19
N SER J 199 -10.81 18.77 -22.11
CA SER J 199 -11.60 19.20 -23.26
C SER J 199 -10.71 19.97 -24.24
N ASP J 200 -10.90 19.70 -25.54
CA ASP J 200 -10.16 20.37 -26.59
C ASP J 200 -10.71 21.77 -26.81
N ASN J 201 -12.02 21.93 -26.58
CA ASN J 201 -12.70 23.20 -26.80
C ASN J 201 -13.48 23.58 -25.54
N VAL J 202 -13.48 24.88 -25.21
CA VAL J 202 -14.11 25.35 -23.99
C VAL J 202 -14.89 26.64 -24.28
N VAL J 203 -16.19 26.61 -23.97
CA VAL J 203 -17.06 27.78 -24.01
C VAL J 203 -17.58 28.03 -22.59
N ILE J 204 -17.67 29.29 -22.19
CA ILE J 204 -18.17 29.65 -20.87
C ILE J 204 -19.33 30.61 -21.03
N LEU J 205 -20.48 30.26 -20.42
CA LEU J 205 -21.65 31.12 -20.37
C LEU J 205 -21.73 31.74 -18.98
N ARG J 206 -22.12 33.02 -18.93
CA ARG J 206 -22.15 33.75 -17.67
C ARG J 206 -23.43 34.58 -17.58
N ASN J 207 -23.88 34.79 -16.34
CA ASN J 207 -25.06 35.60 -16.04
C ASN J 207 -24.73 36.48 -14.84
N VAL J 208 -23.95 37.55 -15.09
CA VAL J 208 -23.35 38.35 -14.04
C VAL J 208 -24.39 39.32 -13.48
N LEU J 209 -24.42 39.47 -12.16
CA LEU J 209 -25.34 40.37 -11.48
C LEU J 209 -24.64 41.72 -11.31
N GLU J 210 -25.11 42.74 -12.03
CA GLU J 210 -24.52 44.06 -12.00
C GLU J 210 -25.57 45.06 -11.49
N GLY J 211 -25.27 45.68 -10.33
CA GLY J 211 -26.24 46.51 -9.63
C GLY J 211 -27.37 45.66 -9.05
N GLU J 212 -28.47 45.57 -9.80
CA GLU J 212 -29.51 44.59 -9.55
C GLU J 212 -29.95 43.93 -10.85
N ARG J 213 -29.19 44.15 -11.93
CA ARG J 213 -29.54 43.64 -13.25
C ARG J 213 -28.58 42.52 -13.62
N ARG J 214 -29.07 41.57 -14.42
CA ARG J 214 -28.28 40.43 -14.89
C ARG J 214 -27.91 40.64 -16.35
N ARG J 215 -26.67 40.29 -16.70
CA ARG J 215 -26.19 40.36 -18.08
C ARG J 215 -25.66 39.00 -18.50
N ARG J 216 -26.16 38.50 -19.64
CA ARG J 216 -25.68 37.25 -20.23
C ARG J 216 -24.46 37.54 -21.10
N THR J 217 -23.45 36.66 -21.02
CA THR J 217 -22.26 36.78 -21.85
C THR J 217 -21.73 35.39 -22.21
N VAL J 218 -21.27 35.26 -23.46
CA VAL J 218 -20.66 34.04 -23.95
C VAL J 218 -19.18 34.32 -24.23
N GLU J 219 -18.32 33.35 -23.91
CA GLU J 219 -16.90 33.44 -24.19
C GLU J 219 -16.42 32.11 -24.78
N ILE J 220 -15.58 32.20 -25.82
CA ILE J 220 -14.80 31.07 -26.28
C ILE J 220 -13.40 31.21 -25.71
N LEU J 221 -13.04 30.29 -24.81
CA LEU J 221 -11.77 30.37 -24.10
C LEU J 221 -10.69 29.69 -24.93
N LYS J 222 -10.99 28.47 -25.40
CA LYS J 222 -10.03 27.64 -26.09
C LYS J 222 -10.71 26.92 -27.26
N LEU J 223 -10.11 27.05 -28.45
CA LEU J 223 -10.40 26.18 -29.59
C LEU J 223 -9.07 25.61 -30.10
N ARG J 224 -8.62 24.51 -29.49
CA ARG J 224 -7.35 23.90 -29.86
C ARG J 224 -7.26 23.73 -31.37
N GLY J 225 -6.26 24.37 -31.97
CA GLY J 225 -5.90 24.15 -33.37
C GLY J 225 -6.67 25.05 -34.33
N THR J 226 -7.36 26.07 -33.81
CA THR J 226 -8.13 26.99 -34.64
C THR J 226 -8.15 28.38 -34.04
N THR J 227 -8.63 29.34 -34.85
CA THR J 227 -8.79 30.73 -34.44
C THR J 227 -10.17 30.90 -33.82
N HIS J 228 -10.33 31.97 -33.01
CA HIS J 228 -11.62 32.33 -32.45
C HIS J 228 -11.55 33.75 -31.91
N MET J 229 -12.73 34.39 -31.80
CA MET J 229 -12.83 35.71 -31.21
C MET J 229 -12.64 35.60 -29.70
N LYS J 230 -11.87 36.55 -29.13
CA LYS J 230 -11.41 36.45 -27.76
C LYS J 230 -12.25 37.38 -26.88
N GLY J 231 -12.63 36.90 -25.70
CA GLY J 231 -13.31 37.73 -24.70
C GLY J 231 -14.78 37.35 -24.55
N GLU J 232 -15.47 38.10 -23.67
CA GLU J 232 -16.90 37.93 -23.44
C GLU J 232 -17.68 38.72 -24.48
N TYR J 233 -18.70 38.09 -25.07
CA TYR J 233 -19.64 38.77 -25.95
C TYR J 233 -21.04 38.58 -25.38
N PRO J 234 -21.90 39.63 -25.38
CA PRO J 234 -23.24 39.53 -24.80
C PRO J 234 -24.21 38.75 -25.69
N PHE J 235 -25.11 37.99 -25.06
CA PHE J 235 -26.15 37.27 -25.78
C PHE J 235 -27.48 37.41 -25.03
N THR J 236 -28.53 36.88 -25.66
CA THR J 236 -29.89 36.94 -25.13
C THR J 236 -30.61 35.64 -25.50
N ILE J 237 -31.36 35.09 -24.55
CA ILE J 237 -32.23 33.96 -24.83
C ILE J 237 -33.62 34.51 -25.13
N THR J 238 -34.10 34.26 -26.34
CA THR J 238 -35.36 34.78 -26.84
C THR J 238 -36.30 33.62 -27.12
N ASN J 239 -37.35 33.87 -27.92
CA ASN J 239 -38.25 32.82 -28.38
C ASN J 239 -37.61 32.08 -29.55
N HIS J 240 -36.39 32.48 -29.94
CA HIS J 240 -35.64 31.81 -30.99
C HIS J 240 -34.36 31.21 -30.40
N GLY J 241 -34.30 31.11 -29.07
CA GLY J 241 -33.13 30.56 -28.38
C GLY J 241 -32.04 31.60 -28.20
N ILE J 242 -30.79 31.13 -28.17
CA ILE J 242 -29.63 32.00 -27.97
C ILE J 242 -29.43 32.85 -29.23
N SER J 243 -29.31 34.17 -29.03
CA SER J 243 -29.01 35.11 -30.09
C SER J 243 -27.87 36.02 -29.63
N ILE J 244 -26.68 35.80 -30.18
CA ILE J 244 -25.47 36.47 -29.76
C ILE J 244 -25.18 37.60 -30.75
N PHE J 245 -24.70 38.74 -30.23
CA PHE J 245 -24.40 39.90 -31.05
C PHE J 245 -22.92 40.25 -30.92
N PRO J 246 -22.03 39.67 -31.76
CA PRO J 246 -20.61 39.98 -31.71
C PRO J 246 -20.34 41.37 -32.29
N LEU J 247 -19.80 42.26 -31.45
CA LEU J 247 -19.53 43.64 -31.83
C LEU J 247 -18.28 43.69 -32.70
N GLY J 248 -17.25 42.95 -32.29
CA GLY J 248 -15.99 42.90 -33.03
C GLY J 248 -16.17 42.41 -34.47
N ALA J 249 -17.16 41.54 -34.68
CA ALA J 249 -17.48 41.02 -36.00
C ALA J 249 -17.91 42.15 -36.93
N MET J 250 -18.76 43.05 -36.41
CA MET J 250 -19.21 44.21 -37.18
C MET J 250 -18.01 44.88 -37.83
N ARG J 251 -18.00 44.91 -39.17
CA ARG J 251 -16.91 45.50 -39.93
C ARG J 251 -17.29 46.94 -40.27
N LEU J 252 -16.27 47.80 -40.38
CA LEU J 252 -16.46 49.21 -40.67
C LEU J 252 -16.64 49.38 -42.18
N THR J 253 -17.67 48.73 -42.73
CA THR J 253 -17.88 48.66 -44.17
C THR J 253 -19.24 49.23 -44.54
N GLN J 254 -19.76 50.12 -43.69
CA GLN J 254 -21.03 50.79 -43.96
C GLN J 254 -20.86 51.69 -45.18
N ARG J 255 -21.93 51.76 -45.99
CA ARG J 255 -21.91 52.55 -47.23
C ARG J 255 -22.15 54.01 -46.90
N SER J 256 -21.97 54.88 -47.90
CA SER J 256 -22.14 56.32 -47.74
C SER J 256 -22.58 56.95 -49.06
N SER J 257 -23.71 57.67 -49.02
CA SER J 257 -24.26 58.34 -50.19
C SER J 257 -24.35 59.84 -49.92
N ASN J 258 -24.58 60.62 -50.99
CA ASN J 258 -24.77 62.05 -50.90
C ASN J 258 -26.26 62.39 -50.94
N VAL J 259 -27.11 61.36 -50.85
CA VAL J 259 -28.55 61.54 -50.85
C VAL J 259 -28.95 62.18 -49.52
N ARG J 260 -29.80 63.22 -49.61
CA ARG J 260 -30.16 64.03 -48.46
C ARG J 260 -31.56 63.67 -47.99
N VAL J 261 -31.85 63.96 -46.71
CA VAL J 261 -33.18 63.83 -46.12
C VAL J 261 -33.42 65.02 -45.21
N SER J 262 -34.65 65.53 -45.21
CA SER J 262 -34.99 66.74 -44.48
C SER J 262 -35.15 66.43 -42.99
N SER J 263 -35.06 67.50 -42.18
CA SER J 263 -35.12 67.39 -40.73
C SER J 263 -36.53 67.69 -40.22
N GLY J 264 -37.35 68.34 -41.07
CA GLY J 264 -38.66 68.83 -40.66
C GLY J 264 -38.63 70.34 -40.44
N VAL J 265 -37.51 70.84 -39.91
CA VAL J 265 -37.28 72.27 -39.78
C VAL J 265 -36.51 72.71 -41.03
N PRO J 266 -37.06 73.62 -41.86
CA PRO J 266 -36.41 73.98 -43.13
C PRO J 266 -35.13 74.78 -42.94
N ARG J 267 -35.10 75.64 -41.92
CA ARG J 267 -33.95 76.48 -41.64
C ARG J 267 -32.75 75.61 -41.24
N LEU J 268 -33.00 74.49 -40.55
CA LEU J 268 -31.94 73.61 -40.10
C LEU J 268 -31.34 72.87 -41.30
N ASP J 269 -32.18 72.60 -42.31
CA ASP J 269 -31.74 71.93 -43.52
C ASP J 269 -30.78 72.84 -44.29
N GLU J 270 -31.09 74.14 -44.33
CA GLU J 270 -30.20 75.13 -44.92
C GLU J 270 -28.88 75.13 -44.17
N MET J 271 -28.97 75.13 -42.83
CA MET J 271 -27.83 75.18 -41.94
C MET J 271 -26.99 73.90 -42.07
N CYS J 272 -27.61 72.80 -42.54
CA CYS J 272 -26.91 71.55 -42.75
C CYS J 272 -26.46 71.40 -44.21
N GLY J 273 -26.71 72.44 -45.03
CA GLY J 273 -26.28 72.43 -46.42
C GLY J 273 -27.17 71.54 -47.28
N GLY J 274 -28.48 71.62 -47.07
CA GLY J 274 -29.46 70.89 -47.86
C GLY J 274 -30.02 69.66 -47.15
N GLY J 275 -30.06 69.71 -45.80
CA GLY J 275 -30.62 68.63 -45.00
C GLY J 275 -29.56 67.61 -44.59
N PHE J 276 -29.98 66.63 -43.77
CA PHE J 276 -29.10 65.57 -43.32
C PHE J 276 -28.85 64.59 -44.47
N PHE J 277 -27.76 63.83 -44.37
CA PHE J 277 -27.50 62.73 -45.29
C PHE J 277 -28.35 61.52 -44.88
N LYS J 278 -28.75 60.72 -45.87
CA LYS J 278 -29.58 59.54 -45.62
C LYS J 278 -28.74 58.49 -44.88
N ASP J 279 -27.45 58.40 -45.23
CA ASP J 279 -26.54 57.45 -44.61
C ASP J 279 -25.76 58.18 -43.51
N SER J 280 -26.47 58.60 -42.46
CA SER J 280 -25.85 59.39 -41.40
C SER J 280 -26.40 59.01 -40.03
N ILE J 281 -25.65 59.38 -38.99
CA ILE J 281 -26.08 59.29 -37.61
C ILE J 281 -26.01 60.70 -37.01
N ILE J 282 -27.17 61.25 -36.64
CA ILE J 282 -27.26 62.60 -36.11
C ILE J 282 -27.37 62.50 -34.59
N LEU J 283 -26.76 63.48 -33.90
CA LEU J 283 -26.85 63.59 -32.45
C LEU J 283 -27.24 65.03 -32.07
N ALA J 284 -28.31 65.15 -31.29
CA ALA J 284 -28.68 66.42 -30.68
C ALA J 284 -28.28 66.39 -29.20
N THR J 285 -27.38 67.29 -28.79
CA THR J 285 -26.90 67.37 -27.43
C THR J 285 -27.30 68.70 -26.82
N GLY J 286 -27.62 68.69 -25.53
CA GLY J 286 -28.03 69.90 -24.81
C GLY J 286 -28.64 69.57 -23.45
N ALA J 287 -28.89 70.61 -22.66
CA ALA J 287 -29.53 70.48 -21.35
C ALA J 287 -30.99 70.08 -21.51
N THR J 288 -31.70 69.95 -20.39
CA THR J 288 -33.10 69.59 -20.41
C THR J 288 -33.92 70.81 -20.80
N GLY J 289 -34.86 70.62 -21.74
CA GLY J 289 -35.76 71.68 -22.19
C GLY J 289 -35.18 72.50 -23.33
N THR J 290 -34.05 72.06 -23.89
CA THR J 290 -33.37 72.78 -24.96
C THR J 290 -34.10 72.57 -26.29
N GLY J 291 -34.85 71.46 -26.39
CA GLY J 291 -35.72 71.22 -27.54
C GLY J 291 -35.24 70.06 -28.41
N LYS J 292 -34.72 69.01 -27.77
CA LYS J 292 -34.20 67.83 -28.46
C LYS J 292 -35.35 66.98 -28.99
N THR J 293 -36.37 66.77 -28.15
CA THR J 293 -37.49 65.91 -28.50
C THR J 293 -38.33 66.56 -29.59
N LEU J 294 -38.33 67.90 -29.65
CA LEU J 294 -39.02 68.62 -30.71
C LEU J 294 -38.38 68.30 -32.06
N LEU J 295 -37.04 68.24 -32.10
CA LEU J 295 -36.31 67.93 -33.31
C LEU J 295 -36.57 66.48 -33.72
N VAL J 296 -36.54 65.56 -32.73
CA VAL J 296 -36.83 64.16 -32.97
C VAL J 296 -38.23 64.04 -33.59
N SER J 297 -39.19 64.79 -33.04
CA SER J 297 -40.56 64.74 -33.48
C SER J 297 -40.68 65.20 -34.93
N LYS J 298 -39.89 66.21 -35.30
CA LYS J 298 -39.95 66.81 -36.62
C LYS J 298 -39.24 65.90 -37.62
N PHE J 299 -38.22 65.18 -37.15
CA PHE J 299 -37.44 64.27 -37.96
C PHE J 299 -38.30 63.10 -38.44
N LEU J 300 -39.10 62.54 -37.52
CA LEU J 300 -39.96 61.40 -37.80
C LEU J 300 -41.16 61.85 -38.63
N GLU J 301 -41.64 63.07 -38.36
CA GLU J 301 -42.79 63.64 -39.06
C GLU J 301 -42.49 63.72 -40.55
N ASN J 302 -41.31 64.25 -40.89
CA ASN J 302 -40.90 64.45 -42.27
C ASN J 302 -40.88 63.12 -43.03
N ALA J 303 -40.52 62.05 -42.33
CA ALA J 303 -40.48 60.71 -42.92
C ALA J 303 -41.90 60.27 -43.28
N CYS J 304 -42.81 60.32 -42.30
CA CYS J 304 -44.18 59.88 -42.49
C CYS J 304 -44.90 60.78 -43.49
N ARG J 305 -44.50 62.05 -43.56
CA ARG J 305 -44.98 62.97 -44.59
C ARG J 305 -44.61 62.46 -45.98
N ASN J 306 -43.34 62.03 -46.12
CA ASN J 306 -42.83 61.56 -47.41
C ASN J 306 -43.13 60.08 -47.59
N LYS J 307 -44.17 59.57 -46.91
CA LYS J 307 -44.61 58.19 -47.03
C LYS J 307 -43.43 57.25 -46.75
N GLU J 308 -42.68 57.55 -45.69
CA GLU J 308 -41.55 56.74 -45.27
C GLU J 308 -41.76 56.30 -43.83
N ARG J 309 -41.34 55.06 -43.51
CA ARG J 309 -41.57 54.49 -42.20
C ARG J 309 -40.48 54.93 -41.24
N ALA J 310 -40.83 55.02 -39.96
CA ALA J 310 -39.90 55.37 -38.90
C ALA J 310 -40.34 54.76 -37.58
N ILE J 311 -39.38 54.60 -36.65
CA ILE J 311 -39.67 54.12 -35.30
C ILE J 311 -39.03 55.06 -34.30
N LEU J 312 -39.80 55.39 -33.25
CA LEU J 312 -39.28 56.13 -32.10
C LEU J 312 -39.07 55.15 -30.95
N PHE J 313 -37.85 55.14 -30.39
CA PHE J 313 -37.55 54.38 -29.19
C PHE J 313 -37.38 55.35 -28.03
N ALA J 314 -38.45 55.50 -27.23
CA ALA J 314 -38.47 56.47 -26.14
C ALA J 314 -38.14 55.75 -24.83
N TYR J 315 -37.23 56.34 -24.04
CA TYR J 315 -36.89 55.82 -22.72
C TYR J 315 -36.91 56.95 -21.70
N GLU J 316 -37.76 57.96 -21.93
CA GLU J 316 -37.88 59.09 -21.02
C GLU J 316 -39.34 59.43 -20.80
N GLU J 317 -40.14 59.45 -21.87
CA GLU J 317 -41.55 59.82 -21.80
C GLU J 317 -42.41 58.66 -22.29
N SER J 318 -43.70 58.71 -21.93
CA SER J 318 -44.68 57.73 -22.36
C SER J 318 -45.26 58.12 -23.71
N ARG J 319 -45.99 57.19 -24.33
CA ARG J 319 -46.63 57.43 -25.62
C ARG J 319 -47.75 58.45 -25.47
N ALA J 320 -48.35 58.51 -24.27
CA ALA J 320 -49.42 59.44 -23.97
C ALA J 320 -48.88 60.87 -23.96
N GLN J 321 -47.77 61.09 -23.25
CA GLN J 321 -47.22 62.43 -23.06
C GLN J 321 -46.59 62.91 -24.37
N LEU J 322 -45.87 62.01 -25.04
CA LEU J 322 -45.30 62.28 -26.36
C LEU J 322 -46.37 62.84 -27.30
N LEU J 323 -47.57 62.25 -27.25
CA LEU J 323 -48.67 62.64 -28.12
C LEU J 323 -49.21 64.02 -27.73
N ARG J 324 -49.48 64.21 -26.44
CA ARG J 324 -49.97 65.48 -25.94
C ARG J 324 -49.02 66.60 -26.34
N ASN J 325 -47.73 66.37 -26.08
CA ASN J 325 -46.70 67.39 -26.28
C ASN J 325 -46.49 67.63 -27.78
N ALA J 326 -46.64 66.57 -28.58
CA ALA J 326 -46.46 66.65 -30.02
C ALA J 326 -47.62 67.41 -30.67
N THR J 327 -48.83 67.24 -30.13
CA THR J 327 -50.00 67.95 -30.64
C THR J 327 -49.95 69.42 -30.23
N SER J 328 -49.22 69.72 -29.15
CA SER J 328 -49.00 71.09 -28.72
C SER J 328 -47.96 71.78 -29.60
N TRP J 329 -47.29 71.00 -30.47
CA TRP J 329 -46.33 71.52 -31.42
C TRP J 329 -46.89 71.50 -32.85
N GLY J 330 -48.01 70.79 -33.05
CA GLY J 330 -48.64 70.68 -34.36
C GLY J 330 -48.23 69.40 -35.08
N ILE J 331 -48.11 68.30 -34.32
CA ILE J 331 -47.73 67.01 -34.87
C ILE J 331 -48.76 65.98 -34.40
N ASP J 332 -49.19 65.12 -35.33
CA ASP J 332 -50.23 64.13 -35.06
C ASP J 332 -49.65 62.73 -35.27
N PHE J 333 -48.85 62.28 -34.30
CA PHE J 333 -48.25 60.95 -34.32
C PHE J 333 -49.31 59.86 -34.43
N GLU J 334 -50.47 60.09 -33.81
CA GLU J 334 -51.55 59.12 -33.79
C GLU J 334 -51.96 58.74 -35.22
N GLU J 335 -52.10 59.75 -36.09
CA GLU J 335 -52.51 59.52 -37.46
C GLU J 335 -51.37 58.87 -38.24
N MET J 336 -50.13 59.16 -37.86
CA MET J 336 -48.96 58.59 -38.51
C MET J 336 -48.88 57.11 -38.18
N GLU J 337 -49.26 56.75 -36.94
CA GLU J 337 -49.32 55.36 -36.51
C GLU J 337 -50.43 54.63 -37.28
N ARG J 338 -51.59 55.29 -37.40
CA ARG J 338 -52.77 54.69 -38.03
C ARG J 338 -52.50 54.42 -39.51
N ASP J 339 -51.75 55.31 -40.16
CA ASP J 339 -51.39 55.15 -41.57
C ASP J 339 -50.31 54.10 -41.71
N GLY J 340 -49.76 53.62 -40.59
CA GLY J 340 -48.79 52.53 -40.58
C GLY J 340 -47.40 53.01 -41.00
N LEU J 341 -47.04 54.21 -40.55
CA LEU J 341 -45.79 54.86 -40.94
C LEU J 341 -44.94 55.21 -39.71
N LEU J 342 -45.55 55.27 -38.52
CA LEU J 342 -44.85 55.65 -37.31
C LEU J 342 -45.11 54.60 -36.23
N LYS J 343 -44.10 54.35 -35.39
CA LYS J 343 -44.19 53.33 -34.36
C LYS J 343 -43.43 53.81 -33.13
N ILE J 344 -44.14 53.97 -32.00
CA ILE J 344 -43.54 54.43 -30.76
C ILE J 344 -43.40 53.25 -29.81
N ILE J 345 -42.14 52.89 -29.49
CA ILE J 345 -41.84 51.82 -28.55
C ILE J 345 -41.38 52.47 -27.24
N CYS J 346 -42.22 52.42 -26.21
CA CYS J 346 -41.89 53.00 -24.91
C CYS J 346 -41.38 51.90 -23.98
N ALA J 347 -40.35 52.24 -23.18
CA ALA J 347 -39.78 51.33 -22.21
C ALA J 347 -38.81 52.08 -21.30
N TYR J 348 -38.91 51.82 -19.99
CA TYR J 348 -37.93 52.31 -19.03
C TYR J 348 -36.58 51.67 -19.36
N PRO J 349 -35.44 52.43 -19.29
CA PRO J 349 -34.12 51.83 -19.45
C PRO J 349 -33.86 50.68 -18.49
N GLU J 350 -34.48 50.73 -17.30
CA GLU J 350 -34.23 49.77 -16.23
C GLU J 350 -35.10 48.51 -16.43
N SER J 351 -36.13 48.60 -17.27
CA SER J 351 -37.04 47.50 -17.52
C SER J 351 -36.27 46.22 -17.85
N THR J 352 -35.16 46.37 -18.58
CA THR J 352 -34.30 45.25 -18.92
C THR J 352 -32.86 45.74 -19.07
N GLY J 353 -31.98 44.84 -19.53
CA GLY J 353 -30.59 45.17 -19.79
C GLY J 353 -30.41 45.83 -21.15
N LEU J 354 -29.20 46.40 -21.36
CA LEU J 354 -28.90 47.17 -22.55
C LEU J 354 -28.71 46.25 -23.73
N GLU J 355 -28.18 45.04 -23.47
CA GLU J 355 -28.04 44.01 -24.48
C GLU J 355 -29.42 43.58 -25.00
N ASP J 356 -30.41 43.58 -24.11
CA ASP J 356 -31.77 43.20 -24.46
C ASP J 356 -32.44 44.35 -25.21
N HIS J 357 -32.23 45.59 -24.73
CA HIS J 357 -32.75 46.78 -25.36
C HIS J 357 -32.38 46.82 -26.85
N LEU J 358 -31.19 46.32 -27.18
CA LEU J 358 -30.67 46.37 -28.53
C LEU J 358 -31.43 45.39 -29.42
N GLN J 359 -31.65 44.17 -28.94
CA GLN J 359 -32.33 43.15 -29.71
C GLN J 359 -33.77 43.56 -29.98
N ILE J 360 -34.39 44.24 -29.02
CA ILE J 360 -35.72 44.82 -29.21
C ILE J 360 -35.67 45.76 -30.42
N ILE J 361 -34.63 46.60 -30.47
CA ILE J 361 -34.45 47.54 -31.57
C ILE J 361 -34.29 46.78 -32.88
N LYS J 362 -33.31 45.87 -32.92
CA LYS J 362 -32.97 45.16 -34.14
C LYS J 362 -34.16 44.36 -34.65
N SER J 363 -34.83 43.64 -33.73
CA SER J 363 -36.00 42.86 -34.09
C SER J 363 -37.11 43.77 -34.63
N GLU J 364 -37.29 44.92 -33.98
CA GLU J 364 -38.32 45.88 -34.37
C GLU J 364 -37.99 46.47 -35.75
N ILE J 365 -36.70 46.70 -36.00
CA ILE J 365 -36.24 47.23 -37.27
C ILE J 365 -36.44 46.19 -38.37
N SER J 366 -36.22 44.91 -38.03
CA SER J 366 -36.30 43.82 -39.00
C SER J 366 -37.75 43.56 -39.43
N GLU J 367 -38.72 44.05 -38.64
CA GLU J 367 -40.13 43.83 -38.91
C GLU J 367 -40.71 45.01 -39.69
N PHE J 368 -40.63 46.21 -39.09
CA PHE J 368 -41.21 47.40 -39.67
C PHE J 368 -40.40 47.83 -40.90
N LYS J 369 -39.09 47.56 -40.87
CA LYS J 369 -38.18 47.90 -41.96
C LYS J 369 -38.23 49.40 -42.24
N PRO J 370 -37.88 50.26 -41.25
CA PRO J 370 -38.06 51.70 -41.38
C PRO J 370 -36.93 52.37 -42.16
N SER J 371 -37.21 53.58 -42.64
CA SER J 371 -36.22 54.40 -43.34
C SER J 371 -35.50 55.32 -42.35
N ARG J 372 -36.13 55.59 -41.21
CA ARG J 372 -35.57 56.46 -40.18
C ARG J 372 -35.79 55.85 -38.80
N ILE J 373 -34.94 56.21 -37.85
CA ILE J 373 -35.02 55.72 -36.48
C ILE J 373 -34.66 56.87 -35.54
N ALA J 374 -35.17 56.81 -34.30
CA ALA J 374 -34.84 57.81 -33.29
C ALA J 374 -34.83 57.17 -31.91
N ILE J 375 -33.73 57.40 -31.17
CA ILE J 375 -33.61 56.99 -29.78
C ILE J 375 -33.59 58.24 -28.90
N ASP J 376 -34.57 58.34 -28.00
CA ASP J 376 -34.71 59.48 -27.12
C ASP J 376 -34.89 58.99 -25.69
N SER J 377 -33.81 58.92 -24.90
CA SER J 377 -32.50 59.44 -25.24
C SER J 377 -31.42 58.38 -24.99
N LEU J 378 -30.20 58.68 -25.45
CA LEU J 378 -29.04 57.84 -25.20
C LEU J 378 -28.58 58.02 -23.75
N SER J 379 -28.70 59.25 -23.23
CA SER J 379 -28.27 59.57 -21.88
C SER J 379 -29.07 58.76 -20.85
N ALA J 380 -30.33 58.45 -21.18
CA ALA J 380 -31.19 57.67 -20.30
C ALA J 380 -30.69 56.23 -20.22
N LEU J 381 -30.25 55.70 -21.35
CA LEU J 381 -29.82 54.31 -21.47
C LEU J 381 -28.48 54.09 -20.76
N ALA J 382 -27.70 55.17 -20.61
CA ALA J 382 -26.37 55.09 -20.00
C ALA J 382 -26.48 54.98 -18.48
N ARG J 383 -27.55 55.51 -17.90
CA ARG J 383 -27.70 55.61 -16.45
C ARG J 383 -27.59 54.21 -15.83
N GLY J 384 -26.65 54.05 -14.88
CA GLY J 384 -26.50 52.81 -14.14
C GLY J 384 -26.05 51.65 -15.04
N VAL J 385 -25.12 51.95 -15.97
CA VAL J 385 -24.54 50.95 -16.84
C VAL J 385 -23.04 51.21 -16.91
N SER J 386 -22.26 50.16 -17.21
CA SER J 386 -20.84 50.31 -17.49
C SER J 386 -20.66 51.19 -18.72
N ASN J 387 -19.69 52.11 -18.66
CA ASN J 387 -19.48 53.09 -19.72
C ASN J 387 -19.02 52.37 -20.99
N ASN J 388 -18.35 51.22 -20.81
CA ASN J 388 -17.93 50.38 -21.93
C ASN J 388 -19.12 49.60 -22.47
N ALA J 389 -19.99 49.11 -21.58
CA ALA J 389 -21.20 48.40 -21.97
C ALA J 389 -22.10 49.31 -22.81
N PHE J 390 -22.16 50.60 -22.44
CA PHE J 390 -22.96 51.57 -23.16
C PHE J 390 -22.32 51.87 -24.52
N ARG J 391 -20.97 51.83 -24.57
CA ARG J 391 -20.25 52.02 -25.81
C ARG J 391 -20.62 50.91 -26.80
N GLN J 392 -20.65 49.66 -26.32
CA GLN J 392 -21.02 48.51 -27.12
C GLN J 392 -22.42 48.70 -27.71
N PHE J 393 -23.31 49.30 -26.92
CA PHE J 393 -24.67 49.58 -27.35
C PHE J 393 -24.69 50.62 -28.47
N VAL J 394 -23.96 51.71 -28.28
CA VAL J 394 -23.94 52.81 -29.23
C VAL J 394 -23.33 52.33 -30.54
N ILE J 395 -22.21 51.60 -30.44
CA ILE J 395 -21.54 51.05 -31.61
C ILE J 395 -22.48 50.08 -32.33
N GLY J 396 -23.27 49.32 -31.56
CA GLY J 396 -24.20 48.35 -32.11
C GLY J 396 -25.32 49.01 -32.92
N VAL J 397 -26.02 49.96 -32.29
CA VAL J 397 -27.18 50.60 -32.90
C VAL J 397 -26.73 51.41 -34.10
N THR J 398 -25.66 52.21 -33.91
CA THR J 398 -25.09 53.01 -34.97
C THR J 398 -24.73 52.13 -36.15
N GLY J 399 -23.89 51.13 -35.91
CA GLY J 399 -23.38 50.24 -36.95
C GLY J 399 -24.51 49.56 -37.73
N TYR J 400 -25.50 49.04 -37.01
CA TYR J 400 -26.63 48.34 -37.61
C TYR J 400 -27.38 49.28 -38.55
N ALA J 401 -27.68 50.48 -38.06
CA ALA J 401 -28.44 51.47 -38.83
C ALA J 401 -27.71 51.78 -40.15
N LYS J 402 -26.40 52.02 -40.07
CA LYS J 402 -25.61 52.36 -41.24
C LYS J 402 -25.47 51.14 -42.15
N GLN J 403 -25.45 49.94 -41.56
CA GLN J 403 -25.38 48.70 -42.32
C GLN J 403 -26.68 48.46 -43.07
N GLU J 404 -27.81 48.88 -42.48
CA GLU J 404 -29.13 48.67 -43.07
C GLU J 404 -29.63 49.95 -43.74
N GLU J 405 -28.78 50.98 -43.80
CA GLU J 405 -29.08 52.24 -44.47
C GLU J 405 -30.31 52.89 -43.85
N ILE J 406 -30.20 53.26 -42.57
CA ILE J 406 -31.27 53.91 -41.83
C ILE J 406 -30.71 55.19 -41.21
N THR J 407 -31.41 56.32 -41.42
CA THR J 407 -31.01 57.59 -40.86
C THR J 407 -31.42 57.65 -39.39
N GLY J 408 -30.42 57.67 -38.51
CA GLY J 408 -30.67 57.64 -37.07
C GLY J 408 -30.45 59.00 -36.42
N PHE J 409 -31.43 59.43 -35.60
CA PHE J 409 -31.35 60.66 -34.85
C PHE J 409 -31.34 60.32 -33.36
N PHE J 410 -30.21 60.58 -32.70
CA PHE J 410 -30.04 60.25 -31.29
C PHE J 410 -30.08 61.52 -30.45
N THR J 411 -30.39 61.35 -29.16
CA THR J 411 -30.54 62.46 -28.23
C THR J 411 -29.66 62.20 -27.01
N ASN J 412 -29.11 63.28 -26.44
CA ASN J 412 -28.27 63.20 -25.26
C ASN J 412 -28.48 64.46 -24.42
N THR J 413 -28.98 64.27 -23.19
CA THR J 413 -29.12 65.38 -22.26
C THR J 413 -27.81 65.57 -21.50
N SER J 414 -27.27 66.80 -21.55
CA SER J 414 -26.08 67.15 -20.80
C SER J 414 -26.46 67.48 -19.37
N ASP J 415 -25.59 67.11 -18.42
CA ASP J 415 -25.84 67.29 -17.00
C ASP J 415 -25.74 68.78 -16.64
N GLN J 416 -24.83 69.49 -17.31
CA GLN J 416 -24.63 70.91 -17.09
C GLN J 416 -25.88 71.67 -17.56
N PHE J 417 -26.49 72.42 -16.63
CA PHE J 417 -27.78 73.06 -16.86
C PHE J 417 -27.65 74.10 -17.98
N MET J 418 -26.57 74.89 -17.95
CA MET J 418 -26.38 75.95 -18.92
C MET J 418 -24.98 75.87 -19.53
N GLY J 419 -24.86 76.33 -20.77
CA GLY J 419 -23.59 76.43 -21.47
C GLY J 419 -23.08 75.08 -21.95
N SER J 420 -22.73 75.00 -23.24
CA SER J 420 -22.14 73.80 -23.81
C SER J 420 -20.74 73.58 -23.21
N HIS J 421 -20.48 72.36 -22.76
CA HIS J 421 -19.24 72.04 -22.05
C HIS J 421 -18.48 70.95 -22.80
N SER J 422 -19.08 69.76 -22.91
CA SER J 422 -18.42 68.61 -23.52
C SER J 422 -19.46 67.56 -23.91
N ILE J 423 -18.98 66.37 -24.32
CA ILE J 423 -19.84 65.26 -24.67
C ILE J 423 -20.15 64.44 -23.41
N THR J 424 -19.10 64.10 -22.66
CA THR J 424 -19.22 63.43 -21.36
C THR J 424 -19.60 61.96 -21.56
N ASP J 425 -20.90 61.73 -21.84
CA ASP J 425 -21.47 60.39 -21.94
C ASP J 425 -20.40 59.38 -22.36
N SER J 426 -19.83 59.56 -23.55
CA SER J 426 -18.81 58.67 -24.07
C SER J 426 -18.17 59.29 -25.32
N HIS J 427 -17.53 58.43 -26.14
CA HIS J 427 -17.01 58.85 -27.43
C HIS J 427 -18.05 58.55 -28.51
N ILE J 428 -19.27 59.07 -28.30
CA ILE J 428 -20.33 58.99 -29.29
C ILE J 428 -20.05 60.01 -30.40
N SER J 429 -19.33 61.07 -30.05
CA SER J 429 -18.95 62.12 -30.99
C SER J 429 -18.25 61.54 -32.21
N THR J 430 -17.34 60.57 -31.97
CA THR J 430 -16.59 59.94 -33.05
C THR J 430 -17.53 59.12 -33.95
N ILE J 431 -18.52 58.47 -33.34
CA ILE J 431 -19.43 57.58 -34.05
C ILE J 431 -20.46 58.42 -34.81
N THR J 432 -20.74 59.61 -34.29
CA THR J 432 -21.71 60.52 -34.90
C THR J 432 -21.12 61.13 -36.17
N ASP J 433 -22.01 61.50 -37.11
CA ASP J 433 -21.63 62.15 -38.34
C ASP J 433 -22.02 63.63 -38.30
N THR J 434 -23.21 63.92 -37.75
CA THR J 434 -23.71 65.28 -37.62
C THR J 434 -24.12 65.54 -36.17
N ILE J 435 -23.57 66.61 -35.59
CA ILE J 435 -23.92 67.00 -34.22
C ILE J 435 -24.65 68.34 -34.27
N ILE J 436 -25.88 68.36 -33.74
CA ILE J 436 -26.60 69.59 -33.46
C ILE J 436 -26.38 69.91 -31.98
N LEU J 437 -26.19 71.20 -31.66
CA LEU J 437 -25.80 71.59 -30.32
C LEU J 437 -26.77 72.66 -29.80
N LEU J 438 -27.77 72.20 -29.05
CA LEU J 438 -28.74 73.07 -28.40
C LEU J 438 -28.21 73.51 -27.05
N GLN J 439 -28.48 74.76 -26.67
CA GLN J 439 -28.04 75.27 -25.37
C GLN J 439 -28.90 76.46 -24.96
N TYR J 440 -28.77 76.85 -23.68
CA TYR J 440 -29.42 78.03 -23.14
C TYR J 440 -28.46 79.22 -23.19
N VAL J 441 -29.02 80.43 -23.20
CA VAL J 441 -28.26 81.66 -23.16
C VAL J 441 -29.04 82.71 -22.38
N GLU J 442 -28.34 83.44 -21.51
CA GLU J 442 -28.93 84.47 -20.68
C GLU J 442 -28.82 85.81 -21.39
N ILE J 443 -29.92 86.28 -21.98
CA ILE J 443 -29.96 87.54 -22.68
C ILE J 443 -30.95 88.47 -21.97
N ARG J 444 -30.42 89.51 -21.32
CA ARG J 444 -31.20 90.57 -20.71
C ARG J 444 -32.13 89.99 -19.64
N GLY J 445 -31.55 89.22 -18.70
CA GLY J 445 -32.28 88.65 -17.59
C GLY J 445 -33.33 87.62 -18.03
N GLU J 446 -33.13 87.05 -19.23
CA GLU J 446 -34.08 86.12 -19.81
C GLU J 446 -33.32 84.88 -20.28
N MET J 447 -33.98 83.72 -20.25
CA MET J 447 -33.38 82.46 -20.64
C MET J 447 -33.77 82.14 -22.09
N SER J 448 -32.91 82.52 -23.03
CA SER J 448 -33.11 82.19 -24.44
C SER J 448 -32.40 80.89 -24.78
N ARG J 449 -32.69 80.34 -25.96
CA ARG J 449 -32.03 79.13 -26.45
C ARG J 449 -31.19 79.46 -27.68
N ALA J 450 -30.30 78.53 -28.01
CA ALA J 450 -29.46 78.63 -29.20
C ALA J 450 -29.30 77.25 -29.84
N ILE J 451 -29.06 77.25 -31.15
CA ILE J 451 -28.84 76.02 -31.91
C ILE J 451 -27.64 76.24 -32.82
N ASN J 452 -26.83 75.18 -32.99
CA ASN J 452 -25.63 75.24 -33.81
C ASN J 452 -25.33 73.85 -34.36
N VAL J 453 -25.10 73.77 -35.67
CA VAL J 453 -24.64 72.55 -36.31
C VAL J 453 -23.14 72.47 -36.10
N PHE J 454 -22.72 71.69 -35.10
CA PHE J 454 -21.33 71.67 -34.67
C PHE J 454 -20.48 70.94 -35.70
N LYS J 455 -21.03 69.88 -36.29
CA LYS J 455 -20.31 69.02 -37.20
C LYS J 455 -21.24 68.56 -38.31
N MET J 456 -20.66 68.25 -39.48
CA MET J 456 -21.41 67.77 -40.64
C MET J 456 -20.43 67.20 -41.67
N ARG J 457 -20.15 65.89 -41.55
CA ARG J 457 -19.23 65.22 -42.44
C ARG J 457 -19.84 65.14 -43.84
N GLY J 458 -19.15 65.72 -44.83
CA GLY J 458 -19.53 65.60 -46.23
C GLY J 458 -20.32 66.80 -46.73
N SER J 459 -20.56 67.79 -45.86
CA SER J 459 -21.36 68.95 -46.22
C SER J 459 -20.77 70.21 -45.59
N TRP J 460 -21.02 71.35 -46.25
CA TRP J 460 -20.91 72.65 -45.59
C TRP J 460 -22.07 72.77 -44.60
N HIS J 461 -21.78 73.34 -43.42
CA HIS J 461 -22.82 73.66 -42.46
C HIS J 461 -22.67 75.12 -42.08
N ASP J 462 -23.79 75.75 -41.69
CA ASP J 462 -23.77 77.10 -41.17
C ASP J 462 -23.11 77.08 -39.79
N LYS J 463 -22.19 78.02 -39.57
CA LYS J 463 -21.32 78.00 -38.42
C LYS J 463 -21.85 78.95 -37.34
N GLY J 464 -23.17 79.22 -37.38
CA GLY J 464 -23.75 80.24 -36.54
C GLY J 464 -24.44 79.64 -35.31
N ILE J 465 -24.32 80.35 -34.18
CA ILE J 465 -25.04 80.02 -32.96
C ILE J 465 -26.32 80.83 -32.95
N ARG J 466 -27.39 80.24 -33.50
CA ARG J 466 -28.59 80.98 -33.86
C ARG J 466 -29.63 80.85 -32.75
N GLU J 467 -30.46 81.90 -32.61
CA GLU J 467 -31.47 81.97 -31.57
C GLU J 467 -32.61 81.00 -31.91
N PHE J 468 -32.82 80.04 -31.01
CA PHE J 468 -33.83 79.00 -31.17
C PHE J 468 -35.07 79.40 -30.36
N VAL J 469 -36.26 79.24 -30.96
CA VAL J 469 -37.50 79.63 -30.32
C VAL J 469 -38.54 78.54 -30.55
N ILE J 470 -39.14 78.05 -29.45
CA ILE J 470 -40.18 77.03 -29.52
C ILE J 470 -41.53 77.70 -29.27
N SER J 471 -42.54 77.26 -30.03
CA SER J 471 -43.88 77.82 -29.96
C SER J 471 -44.91 76.70 -30.13
N ASP J 472 -46.16 77.07 -30.45
CA ASP J 472 -47.21 76.11 -30.74
C ASP J 472 -47.04 75.57 -32.15
N LYS J 473 -46.25 76.27 -32.97
CA LYS J 473 -45.97 75.87 -34.34
C LYS J 473 -44.68 75.05 -34.38
N GLY J 474 -44.06 74.86 -33.20
CA GLY J 474 -42.86 74.06 -33.07
C GLY J 474 -41.59 74.93 -33.10
N PRO J 475 -40.57 74.55 -33.90
CA PRO J 475 -39.28 75.25 -33.88
C PRO J 475 -39.22 76.49 -34.78
N GLU J 476 -38.55 77.53 -34.29
CA GLU J 476 -38.26 78.73 -35.05
C GLU J 476 -36.81 79.13 -34.82
N ILE J 477 -35.96 78.92 -35.84
CA ILE J 477 -34.56 79.27 -35.80
C ILE J 477 -34.41 80.69 -36.36
N LYS J 478 -33.83 81.59 -35.55
CA LYS J 478 -33.70 82.99 -35.92
C LYS J 478 -32.23 83.30 -36.20
N ASP J 479 -31.84 84.58 -36.03
CA ASP J 479 -30.51 85.03 -36.39
C ASP J 479 -29.54 84.79 -35.24
N SER J 480 -28.24 84.91 -35.55
CA SER J 480 -27.17 84.67 -34.60
C SER J 480 -27.04 85.83 -33.63
N PHE J 481 -26.42 85.56 -32.46
CA PHE J 481 -26.13 86.59 -31.48
C PHE J 481 -24.78 87.22 -31.83
N ARG J 482 -24.80 88.10 -32.85
CA ARG J 482 -23.58 88.66 -33.41
C ARG J 482 -23.08 89.81 -32.52
N ASN J 483 -23.94 90.31 -31.63
CA ASN J 483 -23.62 91.46 -30.78
C ASN J 483 -23.34 91.00 -29.35
N PHE J 484 -22.71 89.83 -29.21
CA PHE J 484 -22.43 89.27 -27.89
C PHE J 484 -21.12 88.46 -27.91
N GLU J 485 -20.51 88.31 -26.72
CA GLU J 485 -19.37 87.46 -26.50
C GLU J 485 -19.69 86.47 -25.39
N ARG J 486 -18.93 85.36 -25.35
CA ARG J 486 -19.07 84.35 -24.32
C ARG J 486 -20.47 83.72 -24.38
N ILE J 487 -20.89 83.36 -25.59
CA ILE J 487 -22.19 82.74 -25.83
C ILE J 487 -22.19 81.33 -25.27
N ILE J 488 -21.11 80.58 -25.53
CA ILE J 488 -21.05 79.16 -25.20
C ILE J 488 -20.99 78.97 -23.69
N SER J 489 -20.55 80.01 -22.97
CA SER J 489 -20.52 80.00 -21.52
C SER J 489 -21.94 79.82 -20.95
N GLY J 490 -22.93 80.38 -21.66
CA GLY J 490 -24.32 80.34 -21.20
C GLY J 490 -24.76 81.69 -20.64
N SER J 491 -23.81 82.45 -20.09
CA SER J 491 -24.03 83.80 -19.64
C SER J 491 -23.15 84.76 -20.43
N PRO J 492 -23.61 85.28 -21.59
CA PRO J 492 -22.78 86.12 -22.46
C PRO J 492 -22.66 87.57 -21.97
N THR J 493 -21.89 88.36 -22.74
CA THR J 493 -21.71 89.78 -22.48
C THR J 493 -22.01 90.55 -23.77
N ARG J 494 -22.84 91.58 -23.66
CA ARG J 494 -23.23 92.41 -24.80
C ARG J 494 -22.12 93.41 -25.09
N ILE J 495 -21.39 93.18 -26.19
CA ILE J 495 -20.31 94.06 -26.62
C ILE J 495 -20.90 95.18 -27.47
N VAL K 16 -14.07 45.04 40.42
CA VAL K 16 -12.93 44.58 39.59
C VAL K 16 -11.85 45.68 39.59
N GLN K 17 -10.82 45.48 40.42
CA GLN K 17 -9.71 46.41 40.51
C GLN K 17 -8.66 46.05 39.46
N LYS K 18 -7.72 46.98 39.24
CA LYS K 18 -6.73 46.85 38.17
C LYS K 18 -5.32 46.98 38.72
N LEU K 19 -4.38 46.29 38.07
CA LEU K 19 -2.98 46.28 38.46
C LEU K 19 -2.21 47.15 37.47
N PRO K 20 -1.52 48.23 37.90
CA PRO K 20 -0.74 49.07 36.98
C PRO K 20 0.35 48.28 36.26
N THR K 21 0.37 48.38 34.93
CA THR K 21 1.35 47.68 34.11
C THR K 21 2.68 48.44 34.13
N GLY K 22 2.60 49.77 34.33
CA GLY K 22 3.78 50.63 34.29
C GLY K 22 4.13 51.09 32.89
N ILE K 23 3.42 50.54 31.88
CA ILE K 23 3.67 50.88 30.49
C ILE K 23 3.07 52.26 30.22
N GLU K 24 3.82 53.09 29.49
CA GLU K 24 3.44 54.47 29.24
C GLU K 24 2.29 54.50 28.23
N GLY K 25 1.06 54.64 28.75
CA GLY K 25 -0.13 54.76 27.92
C GLY K 25 -1.14 53.64 28.20
N PHE K 26 -0.65 52.44 28.51
CA PHE K 26 -1.51 51.28 28.69
C PHE K 26 -2.45 51.49 29.87
N ASP K 27 -1.91 52.01 30.98
CA ASP K 27 -2.68 52.28 32.18
C ASP K 27 -3.72 53.38 31.89
N ASP K 28 -3.49 54.16 30.84
CA ASP K 28 -4.42 55.18 30.39
C ASP K 28 -5.54 54.56 29.57
N ILE K 29 -5.17 53.73 28.57
CA ILE K 29 -6.14 53.18 27.63
C ILE K 29 -6.90 52.02 28.26
N SER K 30 -6.40 51.47 29.38
CA SER K 30 -7.08 50.41 30.09
C SER K 30 -7.80 50.97 31.32
N HIS K 31 -7.85 52.31 31.44
CA HIS K 31 -8.56 52.99 32.52
C HIS K 31 -8.09 52.46 33.88
N GLY K 32 -6.77 52.34 34.05
CA GLY K 32 -6.19 51.96 35.34
C GLY K 32 -5.09 50.91 35.22
N GLY K 33 -5.24 49.98 34.28
CA GLY K 33 -4.31 48.87 34.11
C GLY K 33 -5.03 47.58 33.76
N LEU K 34 -4.37 46.44 34.04
CA LEU K 34 -4.96 45.13 33.78
C LEU K 34 -5.73 44.66 35.02
N PRO K 35 -6.98 44.19 34.87
CA PRO K 35 -7.74 43.61 35.98
C PRO K 35 -6.95 42.61 36.81
N ILE K 36 -7.05 42.73 38.14
CA ILE K 36 -6.27 41.92 39.06
C ILE K 36 -6.88 40.53 39.20
N GLY K 37 -6.02 39.51 39.20
CA GLY K 37 -6.44 38.13 39.41
C GLY K 37 -7.16 37.55 38.20
N ARG K 38 -6.84 38.05 37.01
CA ARG K 38 -7.48 37.63 35.77
C ARG K 38 -6.40 37.40 34.71
N SER K 39 -6.80 36.80 33.58
CA SER K 39 -5.89 36.49 32.50
C SER K 39 -6.15 37.41 31.31
N THR K 40 -5.08 38.01 30.76
CA THR K 40 -5.17 38.90 29.62
C THR K 40 -4.44 38.27 28.43
N LEU K 41 -5.17 38.12 27.32
CA LEU K 41 -4.60 37.61 26.08
C LEU K 41 -3.91 38.76 25.35
N VAL K 42 -2.70 38.52 24.85
CA VAL K 42 -1.97 39.49 24.04
C VAL K 42 -1.60 38.82 22.73
N SER K 43 -2.53 38.87 21.77
CA SER K 43 -2.34 38.22 20.48
C SER K 43 -1.71 39.21 19.49
N GLY K 44 -1.00 38.66 18.50
CA GLY K 44 -0.34 39.47 17.49
C GLY K 44 0.47 38.61 16.53
N THR K 45 0.91 39.22 15.43
CA THR K 45 1.76 38.55 14.44
C THR K 45 3.21 38.60 14.93
N SER K 46 4.08 37.88 14.22
CA SER K 46 5.48 37.76 14.62
C SER K 46 6.16 39.13 14.58
N GLY K 47 6.62 39.57 15.76
CA GLY K 47 7.41 40.79 15.88
C GLY K 47 6.56 42.02 16.16
N THR K 48 5.39 41.82 16.77
CA THR K 48 4.51 42.92 17.14
C THR K 48 4.94 43.50 18.49
N GLY K 49 5.60 42.68 19.32
CA GLY K 49 6.08 43.10 20.62
C GLY K 49 5.35 42.40 21.76
N LYS K 50 5.09 41.10 21.59
CA LYS K 50 4.32 40.32 22.55
C LYS K 50 5.21 39.98 23.74
N THR K 51 6.45 39.53 23.45
CA THR K 51 7.40 39.14 24.48
C THR K 51 7.88 40.38 25.24
N VAL K 52 8.03 41.51 24.53
CA VAL K 52 8.45 42.75 25.16
C VAL K 52 7.39 43.17 26.18
N PHE K 53 6.14 43.27 25.72
CA PHE K 53 5.02 43.64 26.57
C PHE K 53 4.95 42.73 27.79
N SER K 54 5.17 41.43 27.56
CA SER K 54 5.11 40.42 28.61
C SER K 54 6.15 40.70 29.69
N MET K 55 7.40 40.90 29.27
CA MET K 55 8.51 41.09 30.19
C MET K 55 8.40 42.44 30.90
N GLN K 56 7.83 43.44 30.20
CA GLN K 56 7.73 44.79 30.73
C GLN K 56 6.70 44.80 31.87
N PHE K 57 5.61 44.04 31.70
CA PHE K 57 4.60 43.85 32.72
C PHE K 57 5.23 43.32 34.01
N LEU K 58 6.22 42.42 33.87
CA LEU K 58 6.90 41.82 35.01
C LEU K 58 7.96 42.77 35.56
N TYR K 59 8.83 43.27 34.67
CA TYR K 59 9.94 44.14 35.06
C TYR K 59 9.42 45.32 35.87
N ASN K 60 8.34 45.96 35.37
CA ASN K 60 7.72 47.09 36.03
C ASN K 60 7.14 46.64 37.37
N GLY K 61 6.48 45.47 37.36
CA GLY K 61 5.93 44.89 38.58
C GLY K 61 6.97 44.76 39.70
N ILE K 62 8.17 44.32 39.32
CA ILE K 62 9.26 44.13 40.27
C ILE K 62 9.85 45.48 40.65
N THR K 63 10.29 46.24 39.64
CA THR K 63 11.08 47.44 39.86
C THR K 63 10.19 48.67 40.03
N HIS K 64 9.03 48.51 40.69
CA HIS K 64 8.10 49.61 40.86
C HIS K 64 7.07 49.31 41.94
N PHE K 65 6.51 48.08 41.94
CA PHE K 65 5.38 47.74 42.77
C PHE K 65 5.70 46.61 43.74
N ASP K 66 6.98 46.19 43.79
CA ASP K 66 7.44 45.15 44.71
C ASP K 66 6.61 43.88 44.52
N GLU K 67 6.21 43.61 43.26
CA GLU K 67 5.39 42.46 42.93
C GLU K 67 6.25 41.46 42.16
N PRO K 68 6.54 40.25 42.72
CA PRO K 68 7.34 39.26 42.02
C PRO K 68 6.60 38.69 40.82
N GLY K 69 7.34 38.03 39.92
CA GLY K 69 6.79 37.56 38.67
C GLY K 69 7.38 36.22 38.22
N VAL K 70 6.62 35.50 37.38
CA VAL K 70 7.06 34.24 36.79
C VAL K 70 6.82 34.31 35.29
N PHE K 71 7.87 34.00 34.51
CA PHE K 71 7.80 34.01 33.06
C PHE K 71 7.89 32.58 32.55
N VAL K 72 6.85 32.10 31.85
CA VAL K 72 6.81 30.75 31.33
C VAL K 72 7.12 30.81 29.84
N THR K 73 8.12 30.03 29.39
CA THR K 73 8.55 30.03 28.01
C THR K 73 8.58 28.59 27.49
N PHE K 74 7.97 28.37 26.32
CA PHE K 74 7.86 27.06 25.72
C PHE K 74 8.75 26.94 24.49
N GLU K 75 9.67 27.91 24.29
CA GLU K 75 10.51 27.93 23.10
C GLU K 75 11.79 28.70 23.38
N GLU K 76 11.67 30.01 23.60
CA GLU K 76 12.82 30.87 23.82
C GLU K 76 13.48 30.50 25.14
N SER K 77 14.82 30.43 25.13
CA SER K 77 15.58 30.02 26.30
C SER K 77 15.70 31.19 27.28
N PRO K 78 15.64 30.93 28.61
CA PRO K 78 15.81 31.98 29.61
C PRO K 78 17.02 32.90 29.38
N GLN K 79 18.14 32.32 28.97
CA GLN K 79 19.37 33.07 28.75
C GLN K 79 19.16 34.07 27.60
N ASP K 80 18.44 33.65 26.56
CA ASP K 80 18.18 34.51 25.40
C ASP K 80 17.20 35.62 25.79
N ILE K 81 16.23 35.29 26.65
CA ILE K 81 15.25 36.25 27.12
C ILE K 81 15.97 37.37 27.89
N ILE K 82 16.95 36.98 28.72
CA ILE K 82 17.72 37.92 29.51
C ILE K 82 18.59 38.78 28.58
N LYS K 83 19.13 38.16 27.53
CA LYS K 83 19.99 38.84 26.58
C LYS K 83 19.16 39.80 25.72
N ASN K 84 17.95 39.38 25.35
CA ASN K 84 17.09 40.15 24.46
C ASN K 84 16.41 41.29 25.23
N ALA K 85 16.56 41.31 26.56
CA ALA K 85 16.05 42.40 27.38
C ALA K 85 17.17 43.38 27.74
N ALA K 86 18.40 43.07 27.33
CA ALA K 86 19.57 43.89 27.65
C ALA K 86 19.64 45.12 26.75
N SER K 87 18.93 45.07 25.62
CA SER K 87 18.89 46.20 24.69
C SER K 87 17.96 47.30 25.21
N PHE K 88 17.09 46.95 26.18
CA PHE K 88 16.22 47.92 26.83
C PHE K 88 16.90 48.51 28.07
N GLY K 89 17.85 47.76 28.63
CA GLY K 89 18.51 48.16 29.87
C GLY K 89 17.83 47.54 31.09
N TRP K 90 17.39 46.28 30.95
CA TRP K 90 16.80 45.52 32.04
C TRP K 90 17.75 44.40 32.44
N ASP K 91 18.27 44.46 33.67
CA ASP K 91 19.12 43.40 34.20
C ASP K 91 18.23 42.29 34.74
N LEU K 92 17.92 41.31 33.89
CA LEU K 92 17.02 40.22 34.26
C LEU K 92 17.75 39.17 35.09
N GLN K 93 19.03 38.91 34.76
CA GLN K 93 19.85 38.02 35.56
C GLN K 93 19.90 38.51 37.01
N LYS K 94 19.97 39.83 37.19
CA LYS K 94 19.95 40.42 38.51
C LYS K 94 18.66 40.05 39.22
N LEU K 95 17.52 40.24 38.54
CA LEU K 95 16.21 39.98 39.11
C LEU K 95 16.01 38.47 39.33
N VAL K 96 16.67 37.65 38.49
CA VAL K 96 16.63 36.21 38.64
C VAL K 96 17.40 35.80 39.89
N ASP K 97 18.59 36.39 40.07
CA ASP K 97 19.46 36.07 41.19
C ASP K 97 18.78 36.48 42.51
N GLU K 98 18.22 37.69 42.53
CA GLU K 98 17.56 38.22 43.72
C GLU K 98 16.33 37.37 44.05
N GLY K 99 15.61 36.94 43.00
CA GLY K 99 14.47 36.04 43.15
C GLY K 99 13.14 36.76 42.98
N LYS K 100 13.14 37.89 42.27
CA LYS K 100 11.93 38.63 41.97
C LYS K 100 11.31 38.11 40.67
N LEU K 101 12.15 37.54 39.79
CA LEU K 101 11.69 36.96 38.55
C LEU K 101 12.14 35.49 38.49
N PHE K 102 11.22 34.61 38.09
CA PHE K 102 11.55 33.22 37.79
C PHE K 102 11.11 32.89 36.37
N ILE K 103 12.07 32.45 35.54
CA ILE K 103 11.79 32.05 34.17
C ILE K 103 11.70 30.53 34.13
N LEU K 104 10.46 30.02 34.14
CA LEU K 104 10.22 28.58 34.04
C LEU K 104 10.36 28.15 32.59
N ASP K 105 11.36 27.31 32.32
CA ASP K 105 11.64 26.82 30.97
C ASP K 105 10.80 25.57 30.71
N ALA K 106 9.78 25.71 29.86
CA ALA K 106 8.96 24.59 29.43
C ALA K 106 9.32 24.19 28.00
N SER K 107 10.42 24.74 27.48
CA SER K 107 10.95 24.37 26.18
C SER K 107 11.05 22.84 26.06
N PRO K 108 10.58 22.24 24.94
CA PRO K 108 10.76 20.80 24.71
C PRO K 108 12.22 20.36 24.80
N ASP K 109 12.45 19.18 25.38
CA ASP K 109 13.79 18.66 25.59
C ASP K 109 14.41 18.29 24.24
N LEU K 121 -1.87 18.87 29.44
CA LEU K 121 -1.30 19.99 30.25
C LEU K 121 -1.11 19.52 31.69
N SER K 122 -1.88 20.09 32.62
CA SER K 122 -1.93 19.68 34.02
C SER K 122 -0.56 19.87 34.70
N ALA K 123 0.42 19.06 34.30
CA ALA K 123 1.76 19.09 34.88
C ALA K 123 2.31 20.52 34.94
N LEU K 124 2.27 21.22 33.80
CA LEU K 124 2.79 22.57 33.68
C LEU K 124 1.99 23.52 34.59
N ILE K 125 0.70 23.23 34.78
CA ILE K 125 -0.18 24.08 35.57
C ILE K 125 0.14 23.92 37.05
N GLU K 126 0.73 22.76 37.41
CA GLU K 126 1.17 22.50 38.77
C GLU K 126 2.54 23.11 39.00
N ARG K 127 3.44 22.95 38.01
CA ARG K 127 4.79 23.50 38.08
C ARG K 127 4.73 25.01 38.26
N ILE K 128 3.85 25.67 37.49
CA ILE K 128 3.64 27.10 37.58
C ILE K 128 3.12 27.45 38.98
N ASN K 129 2.07 26.74 39.42
CA ASN K 129 1.44 26.97 40.70
C ASN K 129 2.49 26.96 41.82
N TYR K 130 3.42 26.00 41.75
CA TYR K 130 4.45 25.85 42.76
C TYR K 130 5.32 27.10 42.81
N ALA K 131 5.72 27.60 41.64
CA ALA K 131 6.59 28.76 41.54
C ALA K 131 5.89 30.01 42.07
N ILE K 132 4.60 30.16 41.75
CA ILE K 132 3.83 31.33 42.18
C ILE K 132 3.80 31.39 43.70
N ARG K 133 3.66 30.21 44.34
CA ARG K 133 3.63 30.11 45.79
C ARG K 133 5.05 30.31 46.35
N LYS K 134 6.04 29.76 45.67
CA LYS K 134 7.43 29.83 46.09
C LYS K 134 7.92 31.29 46.03
N TYR K 135 7.78 31.91 44.86
CA TYR K 135 8.28 33.25 44.62
C TYR K 135 7.27 34.29 45.05
N LYS K 136 6.13 33.85 45.61
CA LYS K 136 5.08 34.74 46.09
C LYS K 136 4.69 35.70 44.96
N ALA K 137 4.56 35.15 43.74
CA ALA K 137 4.38 35.94 42.54
C ALA K 137 2.94 36.47 42.46
N LYS K 138 2.81 37.71 41.97
CA LYS K 138 1.51 38.32 41.72
C LYS K 138 1.30 38.57 40.23
N ARG K 139 2.34 38.35 39.42
CA ARG K 139 2.26 38.55 37.98
C ARG K 139 2.87 37.34 37.28
N VAL K 140 2.21 36.89 36.21
CA VAL K 140 2.68 35.75 35.44
C VAL K 140 2.55 36.09 33.96
N ALA K 141 3.45 35.51 33.14
CA ALA K 141 3.45 35.73 31.70
C ALA K 141 3.74 34.41 30.98
N ILE K 142 2.83 34.02 30.09
CA ILE K 142 2.94 32.76 29.37
C ILE K 142 3.23 33.09 27.90
N ASP K 143 4.29 32.51 27.34
CA ASP K 143 4.77 32.88 26.02
C ASP K 143 5.47 31.69 25.36
N SER K 144 4.82 31.01 24.39
CA SER K 144 3.46 31.29 23.95
C SER K 144 2.64 30.01 24.00
N VAL K 145 1.44 30.09 24.56
CA VAL K 145 0.59 28.93 24.81
C VAL K 145 0.25 28.22 23.50
N THR K 146 0.08 29.00 22.42
CA THR K 146 -0.27 28.46 21.11
C THR K 146 0.74 27.39 20.69
N ALA K 147 2.03 27.62 21.00
CA ALA K 147 3.11 26.73 20.61
C ALA K 147 2.94 25.34 21.24
N VAL K 148 2.37 25.29 22.43
CA VAL K 148 2.12 24.02 23.12
C VAL K 148 1.15 23.19 22.27
N PHE K 149 0.05 23.82 21.87
CA PHE K 149 -1.01 23.16 21.13
C PHE K 149 -0.58 22.89 19.68
N GLN K 150 0.47 23.60 19.23
CA GLN K 150 1.13 23.26 17.97
C GLN K 150 1.95 21.99 18.18
N GLN K 151 1.27 20.95 18.69
CA GLN K 151 1.79 19.59 18.76
C GLN K 151 0.64 18.63 18.53
N TYR K 152 -0.24 19.01 17.59
CA TYR K 152 -1.49 18.30 17.31
C TYR K 152 -2.46 18.51 18.46
N ASP K 153 -3.37 19.47 18.30
CA ASP K 153 -4.42 19.75 19.28
C ASP K 153 -5.57 20.48 18.58
N ALA K 154 -6.80 19.98 18.79
CA ALA K 154 -7.98 20.57 18.18
C ALA K 154 -8.36 21.84 18.94
N ALA K 155 -9.07 22.75 18.25
CA ALA K 155 -9.60 23.96 18.88
C ALA K 155 -10.44 23.59 20.09
N SER K 156 -11.07 22.40 20.03
CA SER K 156 -11.76 21.81 21.17
C SER K 156 -10.78 21.59 22.32
N VAL K 157 -9.70 20.85 22.06
CA VAL K 157 -8.68 20.56 23.05
C VAL K 157 -8.08 21.88 23.55
N VAL K 158 -7.78 22.78 22.60
CA VAL K 158 -7.25 24.09 22.89
C VAL K 158 -8.17 24.79 23.90
N ARG K 159 -9.47 24.82 23.58
CA ARG K 159 -10.44 25.52 24.43
C ARG K 159 -10.50 24.89 25.81
N ARG K 160 -10.48 23.55 25.86
CA ARG K 160 -10.56 22.82 27.12
C ARG K 160 -9.31 23.10 27.97
N GLU K 161 -8.14 22.98 27.35
CA GLU K 161 -6.88 23.03 28.08
C GLU K 161 -6.53 24.48 28.45
N ILE K 162 -6.90 25.44 27.59
CA ILE K 162 -6.67 26.85 27.90
C ILE K 162 -7.57 27.27 29.07
N PHE K 163 -8.78 26.73 29.11
CA PHE K 163 -9.71 27.03 30.19
C PHE K 163 -9.11 26.56 31.52
N ARG K 164 -8.63 25.31 31.53
CA ARG K 164 -7.98 24.71 32.68
C ARG K 164 -6.92 25.65 33.24
N LEU K 165 -6.14 26.27 32.34
CA LEU K 165 -5.04 27.15 32.73
C LEU K 165 -5.59 28.46 33.31
N VAL K 166 -6.47 29.13 32.55
CA VAL K 166 -7.04 30.40 32.97
C VAL K 166 -7.69 30.24 34.34
N ALA K 167 -8.43 29.13 34.51
CA ALA K 167 -9.18 28.87 35.73
C ALA K 167 -8.24 28.64 36.90
N ARG K 168 -7.25 27.76 36.72
CA ARG K 168 -6.30 27.40 37.76
C ARG K 168 -5.53 28.65 38.20
N LEU K 169 -5.08 29.45 37.23
CA LEU K 169 -4.36 30.68 37.51
C LEU K 169 -5.28 31.71 38.16
N LYS K 170 -6.54 31.72 37.73
CA LYS K 170 -7.54 32.60 38.33
C LYS K 170 -7.77 32.21 39.79
N GLN K 171 -7.78 30.90 40.06
CA GLN K 171 -7.92 30.38 41.40
C GLN K 171 -6.69 30.73 42.24
N ILE K 172 -5.50 30.59 41.61
CA ILE K 172 -4.25 30.94 42.25
C ILE K 172 -4.27 32.41 42.68
N GLY K 173 -4.96 33.25 41.89
CA GLY K 173 -5.17 34.65 42.22
C GLY K 173 -4.08 35.56 41.63
N VAL K 174 -3.45 35.09 40.54
CA VAL K 174 -2.37 35.82 39.90
C VAL K 174 -2.93 36.56 38.68
N THR K 175 -2.41 37.76 38.43
CA THR K 175 -2.72 38.51 37.22
C THR K 175 -1.83 37.97 36.10
N THR K 176 -2.46 37.38 35.07
CA THR K 176 -1.74 36.63 34.06
C THR K 176 -1.79 37.37 32.72
N VAL K 177 -0.74 37.16 31.91
CA VAL K 177 -0.67 37.65 30.55
C VAL K 177 -0.28 36.48 29.65
N MET K 178 -1.11 36.19 28.64
CA MET K 178 -0.91 35.05 27.76
C MET K 178 -0.66 35.53 26.34
N THR K 179 0.49 35.13 25.78
CA THR K 179 0.87 35.50 24.43
C THR K 179 0.33 34.45 23.45
N THR K 180 -0.32 34.92 22.38
CA THR K 180 -0.85 34.07 21.33
C THR K 180 -0.36 34.59 19.98
N GLU K 181 -0.65 33.86 18.91
CA GLU K 181 -0.10 34.15 17.59
C GLU K 181 -1.24 34.42 16.60
N ARG K 182 -0.94 35.21 15.57
CA ARG K 182 -1.88 35.50 14.49
C ARG K 182 -1.16 35.33 13.15
N ILE K 183 -1.94 35.28 12.07
CA ILE K 183 -1.41 35.22 10.71
C ILE K 183 -1.69 36.55 10.00
N GLU K 184 -2.88 37.12 10.23
CA GLU K 184 -3.30 38.35 9.57
C GLU K 184 -3.47 39.45 10.61
N GLU K 185 -3.44 40.70 10.13
CA GLU K 185 -3.42 41.88 10.99
C GLU K 185 -4.86 42.26 11.35
N TYR K 186 -5.72 42.34 10.33
CA TYR K 186 -7.13 42.66 10.52
C TYR K 186 -7.98 41.44 10.21
N GLY K 187 -7.59 40.27 10.74
CA GLY K 187 -8.29 39.02 10.54
C GLY K 187 -8.63 38.35 11.86
N PRO K 188 -8.59 37.00 11.96
CA PRO K 188 -8.85 36.31 13.22
C PRO K 188 -7.90 36.78 14.32
N ILE K 189 -8.45 37.01 15.52
CA ILE K 189 -7.72 37.59 16.63
C ILE K 189 -6.68 36.58 17.14
N ALA K 190 -6.94 35.29 16.94
CA ALA K 190 -6.02 34.23 17.34
C ALA K 190 -5.87 33.23 16.20
N ARG K 191 -5.23 32.09 16.50
CA ARG K 191 -4.99 31.05 15.50
C ARG K 191 -6.18 30.08 15.47
N TYR K 192 -6.64 29.66 16.65
CA TYR K 192 -7.60 28.57 16.77
C TYR K 192 -9.03 29.11 16.83
N GLY K 193 -9.19 30.44 16.93
CA GLY K 193 -10.52 31.04 16.99
C GLY K 193 -11.31 30.55 18.19
N VAL K 194 -10.68 30.62 19.37
CA VAL K 194 -11.18 30.01 20.58
C VAL K 194 -10.61 30.74 21.81
N GLU K 195 -9.32 31.12 21.73
CA GLU K 195 -8.60 31.70 22.85
C GLU K 195 -9.18 33.05 23.24
N GLU K 196 -9.75 33.76 22.25
CA GLU K 196 -10.35 35.07 22.46
C GLU K 196 -11.44 34.99 23.52
N PHE K 197 -12.26 33.94 23.42
CA PHE K 197 -13.50 33.84 24.17
C PHE K 197 -13.24 33.32 25.58
N VAL K 198 -12.29 32.38 25.71
CA VAL K 198 -11.95 31.77 26.99
C VAL K 198 -11.42 32.84 27.93
N SER K 199 -10.51 33.68 27.41
CA SER K 199 -9.86 34.72 28.20
C SER K 199 -10.84 35.85 28.49
N ASP K 200 -10.69 36.47 29.66
CA ASP K 200 -11.59 37.51 30.13
C ASP K 200 -11.16 38.88 29.59
N ASN K 201 -9.85 39.04 29.35
CA ASN K 201 -9.31 40.27 28.78
C ASN K 201 -8.54 39.91 27.51
N VAL K 202 -8.66 40.77 26.48
CA VAL K 202 -8.01 40.54 25.21
C VAL K 202 -7.36 41.85 24.74
N VAL K 203 -6.07 41.76 24.37
CA VAL K 203 -5.33 42.89 23.84
C VAL K 203 -4.70 42.45 22.50
N ILE K 204 -4.80 43.32 21.50
CA ILE K 204 -4.37 42.99 20.14
C ILE K 204 -3.24 43.93 19.74
N LEU K 205 -2.05 43.35 19.50
CA LEU K 205 -0.92 44.09 18.98
C LEU K 205 -0.83 43.86 17.47
N ARG K 206 -0.62 44.94 16.72
CA ARG K 206 -0.59 44.89 15.27
C ARG K 206 0.64 45.61 14.74
N ASN K 207 1.05 45.23 13.52
CA ASN K 207 2.13 45.89 12.81
C ASN K 207 1.73 45.99 11.34
N VAL K 208 1.03 47.08 11.00
CA VAL K 208 0.31 47.18 9.73
C VAL K 208 1.23 47.77 8.68
N LEU K 209 1.32 47.10 7.52
CA LEU K 209 2.16 47.56 6.42
C LEU K 209 1.36 48.53 5.54
N GLU K 210 1.53 49.83 5.82
CA GLU K 210 0.87 50.88 5.06
C GLU K 210 1.76 51.26 3.87
N GLY K 211 1.52 50.58 2.74
CA GLY K 211 2.35 50.74 1.56
C GLY K 211 3.66 49.97 1.70
N GLU K 212 4.69 50.66 2.21
CA GLU K 212 5.97 50.03 2.50
C GLU K 212 6.47 50.40 3.89
N ARG K 213 5.65 51.13 4.66
CA ARG K 213 5.98 51.49 6.04
C ARG K 213 5.05 50.72 7.00
N ARG K 214 5.59 50.38 8.18
CA ARG K 214 4.89 49.60 9.17
C ARG K 214 4.40 50.53 10.28
N ARG K 215 3.25 50.19 10.88
CA ARG K 215 2.68 50.97 11.98
C ARG K 215 2.23 50.03 13.10
N ARG K 216 2.88 50.18 14.27
CA ARG K 216 2.52 49.41 15.45
C ARG K 216 1.30 50.05 16.12
N THR K 217 0.33 49.22 16.52
CA THR K 217 -0.89 49.70 17.17
C THR K 217 -1.25 48.77 18.33
N VAL K 218 -1.89 49.34 19.37
CA VAL K 218 -2.41 48.59 20.48
C VAL K 218 -3.93 48.77 20.51
N GLU K 219 -4.65 47.66 20.70
CA GLU K 219 -6.08 47.70 20.95
C GLU K 219 -6.41 46.80 22.14
N ILE K 220 -7.07 47.39 23.15
CA ILE K 220 -7.75 46.62 24.18
C ILE K 220 -9.17 46.39 23.69
N LEU K 221 -9.44 45.18 23.17
CA LEU K 221 -10.73 44.86 22.58
C LEU K 221 -11.73 44.61 23.70
N LYS K 222 -11.33 43.81 24.69
CA LYS K 222 -12.22 43.37 25.75
C LYS K 222 -11.51 43.50 27.10
N LEU K 223 -12.28 43.89 28.12
CA LEU K 223 -11.85 43.87 29.51
C LEU K 223 -13.06 43.63 30.39
N ARG K 224 -13.40 42.34 30.57
CA ARG K 224 -14.61 41.94 31.26
C ARG K 224 -14.64 42.55 32.66
N GLY K 225 -15.76 43.23 32.98
CA GLY K 225 -16.05 43.66 34.33
C GLY K 225 -15.60 45.09 34.63
N THR K 226 -14.94 45.73 33.66
CA THR K 226 -14.43 47.09 33.84
C THR K 226 -14.50 47.84 32.52
N THR K 227 -14.05 49.11 32.57
CA THR K 227 -14.05 49.99 31.42
C THR K 227 -12.66 50.02 30.80
N HIS K 228 -12.59 50.48 29.55
CA HIS K 228 -11.33 50.69 28.85
C HIS K 228 -11.57 51.66 27.69
N MET K 229 -10.47 52.16 27.10
CA MET K 229 -10.55 52.95 25.89
C MET K 229 -10.63 52.00 24.69
N LYS K 230 -11.56 52.29 23.78
CA LYS K 230 -11.81 51.43 22.63
C LYS K 230 -10.94 51.88 21.47
N GLY K 231 -10.72 50.96 20.52
CA GLY K 231 -10.05 51.27 19.26
C GLY K 231 -8.53 51.13 19.34
N GLU K 232 -7.88 51.32 18.19
CA GLU K 232 -6.44 51.19 18.07
C GLU K 232 -5.75 52.45 18.60
N TYR K 233 -4.55 52.26 19.15
CA TYR K 233 -3.72 53.36 19.62
C TYR K 233 -2.27 53.06 19.24
N PRO K 234 -1.54 54.02 18.60
CA PRO K 234 -0.20 53.75 18.09
C PRO K 234 0.84 53.67 19.21
N PHE K 235 1.84 52.80 19.03
CA PHE K 235 2.92 52.66 19.99
C PHE K 235 4.24 52.46 19.26
N THR K 236 5.34 52.48 20.02
CA THR K 236 6.68 52.27 19.51
C THR K 236 7.47 51.41 20.48
N ILE K 237 8.37 50.59 19.95
CA ILE K 237 9.31 49.82 20.75
C ILE K 237 10.64 50.56 20.75
N THR K 238 10.89 51.30 21.84
CA THR K 238 12.07 52.14 21.97
C THR K 238 13.13 51.39 22.77
N ASN K 239 14.21 52.08 23.14
CA ASN K 239 15.23 51.53 24.02
C ASN K 239 14.75 51.56 25.46
N HIS K 240 13.53 52.05 25.70
CA HIS K 240 12.91 52.03 27.02
C HIS K 240 11.68 51.11 27.01
N GLY K 241 11.58 50.24 26.00
CA GLY K 241 10.49 49.28 25.89
C GLY K 241 9.32 49.85 25.08
N ILE K 242 8.11 49.35 25.38
CA ILE K 242 6.90 49.79 24.72
C ILE K 242 6.53 51.18 25.23
N SER K 243 6.13 52.05 24.29
CA SER K 243 5.66 53.39 24.60
C SER K 243 4.42 53.68 23.76
N ILE K 244 3.25 53.62 24.40
CA ILE K 244 1.98 53.81 23.73
C ILE K 244 1.65 55.31 23.74
N PHE K 245 1.00 55.77 22.68
CA PHE K 245 0.66 57.19 22.53
C PHE K 245 -0.85 57.36 22.43
N PRO K 246 -1.56 57.51 23.57
CA PRO K 246 -3.01 57.75 23.55
C PRO K 246 -3.39 59.08 22.90
N MET K 250 -4.90 62.49 24.05
CA MET K 250 -4.72 63.00 25.44
C MET K 250 -5.95 63.80 25.86
N ARG K 251 -5.75 64.82 26.71
CA ARG K 251 -6.83 65.66 27.19
C ARG K 251 -6.51 67.11 26.88
N LEU K 252 -7.55 67.89 26.53
CA LEU K 252 -7.41 69.31 26.25
C LEU K 252 -7.39 70.07 27.56
N THR K 253 -6.28 69.94 28.30
CA THR K 253 -6.10 70.60 29.58
C THR K 253 -4.86 71.48 29.51
N GLN K 254 -4.69 72.16 28.37
CA GLN K 254 -3.54 73.03 28.15
C GLN K 254 -3.79 74.38 28.81
N ARG K 255 -2.71 75.11 29.09
CA ARG K 255 -2.79 76.43 29.72
C ARG K 255 -2.68 77.51 28.65
N SER K 256 -3.06 78.73 29.02
CA SER K 256 -3.04 79.87 28.11
C SER K 256 -2.41 81.08 28.79
N SER K 257 -1.82 81.97 27.98
CA SER K 257 -1.17 83.17 28.47
C SER K 257 -1.14 84.23 27.37
N ASN K 258 -1.05 85.50 27.79
CA ASN K 258 -0.98 86.62 26.87
C ASN K 258 0.48 87.04 26.66
N VAL K 259 1.43 86.18 27.07
CA VAL K 259 2.84 86.45 26.92
C VAL K 259 3.20 86.34 25.44
N ARG K 260 3.88 87.37 24.92
CA ARG K 260 4.21 87.45 23.50
C ARG K 260 5.69 87.15 23.28
N VAL K 261 6.00 86.51 22.15
CA VAL K 261 7.36 86.32 21.69
C VAL K 261 7.47 86.88 20.27
N SER K 262 8.70 87.21 19.86
CA SER K 262 8.92 87.85 18.57
C SER K 262 9.20 86.81 17.49
N SER K 263 8.89 87.18 16.25
CA SER K 263 9.10 86.34 15.08
C SER K 263 10.55 86.41 14.62
N GLY K 264 11.24 87.51 14.98
CA GLY K 264 12.54 87.84 14.41
C GLY K 264 12.40 88.90 13.33
N VAL K 265 11.20 89.02 12.76
CA VAL K 265 10.86 90.08 11.82
C VAL K 265 9.95 91.07 12.55
N PRO K 266 10.42 92.31 12.82
CA PRO K 266 9.67 93.25 13.67
C PRO K 266 8.38 93.80 13.06
N ARG K 267 8.35 93.90 11.72
CA ARG K 267 7.16 94.33 11.01
C ARG K 267 6.05 93.30 11.18
N LEU K 268 6.42 92.01 11.15
CA LEU K 268 5.48 90.92 11.31
C LEU K 268 4.91 90.95 12.73
N ASP K 269 5.75 91.36 13.69
CA ASP K 269 5.34 91.47 15.09
C ASP K 269 4.28 92.56 15.25
N GLU K 270 4.49 93.70 14.57
CA GLU K 270 3.48 94.75 14.50
C GLU K 270 2.20 94.20 13.87
N MET K 271 2.37 93.42 12.79
CA MET K 271 1.26 92.86 12.05
C MET K 271 0.48 91.86 12.92
N CYS K 272 1.15 91.26 13.90
CA CYS K 272 0.53 90.31 14.82
C CYS K 272 -0.03 91.02 16.05
N GLY K 273 0.34 92.30 16.23
CA GLY K 273 -0.17 93.12 17.33
C GLY K 273 0.69 93.00 18.59
N GLY K 274 2.01 92.94 18.38
CA GLY K 274 2.96 92.81 19.48
C GLY K 274 3.91 91.62 19.29
N GLY K 275 3.46 90.62 18.52
CA GLY K 275 4.25 89.43 18.24
C GLY K 275 3.41 88.16 18.37
N PHE K 276 4.09 87.01 18.26
CA PHE K 276 3.46 85.71 18.46
C PHE K 276 3.20 85.50 19.95
N PHE K 277 2.22 84.65 20.27
CA PHE K 277 2.00 84.21 21.64
C PHE K 277 2.95 83.04 21.94
N LYS K 278 3.32 82.90 23.22
CA LYS K 278 4.24 81.85 23.65
C LYS K 278 3.51 80.51 23.61
N ASP K 279 2.35 80.45 24.26
CA ASP K 279 1.51 79.27 24.26
C ASP K 279 0.60 79.32 23.03
N SER K 280 1.18 79.00 21.86
CA SER K 280 0.43 79.04 20.61
C SER K 280 1.13 78.20 19.53
N ILE K 281 0.37 77.89 18.47
CA ILE K 281 0.86 77.18 17.31
C ILE K 281 0.85 78.16 16.12
N ILE K 282 2.02 78.33 15.48
CA ILE K 282 2.16 79.24 14.35
C ILE K 282 2.25 78.40 13.08
N LEU K 283 1.46 78.76 12.07
CA LEU K 283 1.54 78.13 10.76
C LEU K 283 1.92 79.17 9.72
N ALA K 284 2.81 78.76 8.80
CA ALA K 284 3.13 79.53 7.62
C ALA K 284 2.79 78.72 6.38
N THR K 285 1.63 79.03 5.78
CA THR K 285 1.22 78.42 4.53
C THR K 285 1.69 79.28 3.35
N GLY K 286 2.04 78.62 2.25
CA GLY K 286 2.47 79.29 1.05
C GLY K 286 3.11 78.34 0.04
N ALA K 287 3.26 78.80 -1.20
CA ALA K 287 3.85 78.02 -2.27
C ALA K 287 5.35 77.85 -2.03
N THR K 288 6.01 77.13 -2.94
CA THR K 288 7.44 76.87 -2.82
C THR K 288 8.21 78.15 -3.13
N GLY K 289 9.14 78.51 -2.22
CA GLY K 289 10.01 79.65 -2.40
C GLY K 289 9.35 80.98 -2.02
N THR K 290 8.26 80.91 -1.24
CA THR K 290 7.55 82.11 -0.80
C THR K 290 8.19 82.65 0.48
N GLY K 291 9.07 81.87 1.10
CA GLY K 291 9.94 82.36 2.16
C GLY K 291 9.52 81.91 3.56
N LYS K 292 9.02 80.67 3.68
CA LYS K 292 8.61 80.13 4.97
C LYS K 292 9.85 79.85 5.82
N THR K 293 10.79 79.08 5.26
CA THR K 293 12.00 78.66 5.98
C THR K 293 12.71 79.88 6.56
N LEU K 294 12.68 81.01 5.83
CA LEU K 294 13.28 82.25 6.28
C LEU K 294 12.59 82.74 7.55
N LEU K 295 11.25 82.70 7.56
CA LEU K 295 10.48 83.14 8.72
C LEU K 295 10.77 82.23 9.92
N VAL K 296 10.99 80.93 9.65
CA VAL K 296 11.37 79.97 10.67
C VAL K 296 12.78 80.26 11.15
N SER K 297 13.69 80.52 10.21
CA SER K 297 15.08 80.81 10.53
C SER K 297 15.18 81.99 11.50
N LYS K 298 14.28 82.96 11.33
CA LYS K 298 14.31 84.19 12.10
C LYS K 298 13.71 83.94 13.49
N PHE K 299 12.65 83.13 13.53
CA PHE K 299 11.98 82.74 14.77
C PHE K 299 12.97 82.05 15.71
N LEU K 300 13.86 81.24 15.15
CA LEU K 300 14.87 80.52 15.91
C LEU K 300 15.97 81.48 16.36
N GLU K 301 16.43 82.34 15.43
CA GLU K 301 17.50 83.27 15.69
C GLU K 301 17.15 84.16 16.88
N ASN K 302 15.89 84.59 16.95
CA ASN K 302 15.40 85.46 18.01
C ASN K 302 15.56 84.76 19.36
N ALA K 303 15.17 83.48 19.41
CA ALA K 303 15.20 82.69 20.65
C ALA K 303 16.64 82.52 21.14
N CYS K 304 17.54 82.14 20.22
CA CYS K 304 18.95 81.95 20.55
C CYS K 304 19.59 83.26 20.98
N ARG K 305 19.08 84.38 20.45
CA ARG K 305 19.53 85.71 20.83
C ARG K 305 19.04 86.05 22.24
N ASN K 306 17.80 85.62 22.57
CA ASN K 306 17.23 85.84 23.88
C ASN K 306 17.70 84.76 24.86
N LYS K 307 18.69 83.96 24.43
CA LYS K 307 19.31 82.94 25.29
C LYS K 307 18.29 81.86 25.63
N GLU K 308 17.43 81.53 24.66
CA GLU K 308 16.47 80.44 24.78
C GLU K 308 16.88 79.33 23.82
N ARG K 309 16.65 78.08 24.24
CA ARG K 309 17.03 76.92 23.45
C ARG K 309 15.88 76.54 22.52
N ALA K 310 16.24 76.05 21.33
CA ALA K 310 15.27 75.71 20.30
C ALA K 310 15.81 74.58 19.42
N ILE K 311 14.89 73.80 18.86
CA ILE K 311 15.23 72.70 17.97
C ILE K 311 14.49 72.89 16.65
N LEU K 312 15.25 72.85 15.54
CA LEU K 312 14.67 72.82 14.21
C LEU K 312 14.58 71.38 13.73
N PHE K 313 13.35 70.91 13.48
CA PHE K 313 13.11 69.60 12.91
C PHE K 313 12.94 69.75 11.40
N ALA K 314 14.04 69.53 10.66
CA ALA K 314 14.05 69.70 9.22
C ALA K 314 13.72 68.37 8.55
N TYR K 315 12.82 68.42 7.55
CA TYR K 315 12.42 67.24 6.80
C TYR K 315 12.40 67.56 5.31
N GLU K 316 13.33 68.43 4.87
CA GLU K 316 13.36 68.89 3.49
C GLU K 316 14.79 69.18 3.06
N GLU K 317 15.51 69.99 3.85
CA GLU K 317 16.86 70.41 3.50
C GLU K 317 17.88 69.81 4.48
N SER K 318 19.12 69.65 4.01
CA SER K 318 20.21 69.15 4.83
C SER K 318 20.69 70.25 5.78
N ARG K 319 21.49 69.86 6.77
CA ARG K 319 22.02 70.80 7.76
C ARG K 319 22.92 71.81 7.06
N ALA K 320 23.79 71.31 6.17
CA ALA K 320 24.75 72.15 5.47
C ALA K 320 24.03 73.16 4.57
N GLN K 321 22.96 72.69 3.90
CA GLN K 321 22.19 73.53 2.99
C GLN K 321 21.50 74.65 3.76
N LEU K 322 20.89 74.30 4.89
CA LEU K 322 20.24 75.26 5.76
C LEU K 322 21.24 76.33 6.21
N LEU K 323 22.41 75.89 6.69
CA LEU K 323 23.42 76.79 7.23
C LEU K 323 23.95 77.73 6.15
N ARG K 324 24.14 77.22 4.94
CA ARG K 324 24.61 78.03 3.82
C ARG K 324 23.58 79.11 3.49
N ASN K 325 22.33 78.68 3.33
CA ASN K 325 21.24 79.57 2.94
C ASN K 325 20.93 80.55 4.07
N ALA K 326 21.24 80.15 5.31
CA ALA K 326 21.03 81.00 6.47
C ALA K 326 22.06 82.12 6.52
N THR K 327 23.32 81.78 6.22
CA THR K 327 24.41 82.75 6.24
C THR K 327 24.32 83.71 5.06
N SER K 328 23.48 83.37 4.07
CA SER K 328 23.21 84.26 2.95
C SER K 328 22.15 85.30 3.32
N TRP K 329 21.38 85.01 4.37
CA TRP K 329 20.37 85.93 4.86
C TRP K 329 20.87 86.72 6.08
N GLY K 330 22.05 86.34 6.59
CA GLY K 330 22.61 86.98 7.77
C GLY K 330 22.19 86.28 9.06
N ILE K 331 22.29 84.95 9.05
CA ILE K 331 21.97 84.13 10.21
C ILE K 331 23.14 83.17 10.43
N ASP K 332 23.69 83.18 11.66
CA ASP K 332 24.81 82.33 12.02
C ASP K 332 24.30 81.16 12.85
N PHE K 333 23.67 80.19 12.18
CA PHE K 333 23.13 78.99 12.82
C PHE K 333 24.22 78.24 13.57
N GLU K 334 25.43 78.20 13.01
CA GLU K 334 26.53 77.44 13.57
C GLU K 334 26.93 77.98 14.94
N GLU K 335 26.91 79.32 15.08
CA GLU K 335 27.29 79.97 16.32
C GLU K 335 26.34 79.60 17.45
N MET K 336 25.04 79.49 17.12
CA MET K 336 24.01 79.15 18.09
C MET K 336 24.06 77.66 18.42
N GLU K 337 24.53 76.85 17.45
CA GLU K 337 24.77 75.43 17.69
C GLU K 337 25.94 75.27 18.66
N ARG K 338 27.03 76.00 18.40
CA ARG K 338 28.24 75.93 19.20
C ARG K 338 27.97 76.44 20.61
N ASP K 339 27.09 77.45 20.73
CA ASP K 339 26.75 78.07 22.00
C ASP K 339 25.70 77.24 22.75
N GLY K 340 25.33 76.08 22.20
CA GLY K 340 24.42 75.17 22.86
C GLY K 340 23.02 75.75 23.00
N LEU K 341 22.55 76.42 21.95
CA LEU K 341 21.24 77.06 21.92
C LEU K 341 20.40 76.56 20.75
N LEU K 342 21.00 75.79 19.83
CA LEU K 342 20.32 75.34 18.64
C LEU K 342 20.64 73.87 18.39
N LYS K 343 19.65 73.11 17.91
CA LYS K 343 19.82 71.75 17.46
C LYS K 343 19.00 71.52 16.19
N ILE K 344 19.70 71.26 15.08
CA ILE K 344 19.06 71.00 13.80
C ILE K 344 18.98 69.49 13.61
N ILE K 345 17.75 68.96 13.56
CA ILE K 345 17.52 67.53 13.42
C ILE K 345 17.01 67.26 11.99
N CYS K 346 17.95 66.95 11.09
CA CYS K 346 17.63 66.63 9.71
C CYS K 346 17.21 65.17 9.60
N ALA K 347 16.13 64.92 8.84
CA ALA K 347 15.61 63.57 8.64
C ALA K 347 14.66 63.56 7.45
N TYR K 348 14.82 62.57 6.57
CA TYR K 348 13.88 62.34 5.49
C TYR K 348 12.54 61.89 6.09
N PRO K 349 11.39 62.38 5.58
CA PRO K 349 10.08 61.89 6.03
C PRO K 349 9.92 60.37 5.93
N GLU K 350 10.58 59.76 4.94
CA GLU K 350 10.43 58.36 4.63
C GLU K 350 11.41 57.50 5.43
N SER K 351 12.25 58.15 6.26
CA SER K 351 13.21 57.44 7.09
C SER K 351 12.49 56.57 8.12
N THR K 352 11.38 57.09 8.67
CA THR K 352 10.57 56.38 9.65
C THR K 352 9.11 56.73 9.47
N GLY K 353 8.24 56.11 10.27
CA GLY K 353 6.83 56.45 10.31
C GLY K 353 6.57 57.64 11.24
N LEU K 354 5.39 58.25 11.09
CA LEU K 354 5.01 59.40 11.91
C LEU K 354 5.03 59.02 13.40
N GLU K 355 4.66 57.79 13.71
CA GLU K 355 4.64 57.29 15.08
C GLU K 355 6.02 57.46 15.71
N ASP K 356 7.07 57.12 14.97
CA ASP K 356 8.44 57.20 15.45
C ASP K 356 8.92 58.66 15.42
N HIS K 357 8.57 59.36 14.33
CA HIS K 357 8.90 60.78 14.17
C HIS K 357 8.44 61.58 15.39
N LEU K 358 7.23 61.25 15.89
CA LEU K 358 6.64 61.98 16.99
C LEU K 358 7.41 61.70 18.28
N GLN K 359 7.91 60.45 18.41
CA GLN K 359 8.70 60.05 19.56
C GLN K 359 10.07 60.71 19.52
N ILE K 360 10.69 60.74 18.32
CA ILE K 360 12.00 61.33 18.14
C ILE K 360 11.97 62.80 18.55
N ILE K 361 10.87 63.48 18.23
CA ILE K 361 10.65 64.87 18.62
C ILE K 361 10.52 64.95 20.14
N LYS K 362 9.64 64.11 20.71
CA LYS K 362 9.35 64.11 22.13
C LYS K 362 10.62 63.75 22.93
N SER K 363 11.45 62.87 22.36
CA SER K 363 12.67 62.41 23.02
C SER K 363 13.69 63.54 23.09
N GLU K 364 13.88 64.25 21.97
CA GLU K 364 14.86 65.32 21.87
C GLU K 364 14.37 66.56 22.63
N ILE K 365 13.05 66.66 22.84
CA ILE K 365 12.47 67.74 23.60
C ILE K 365 12.79 67.59 25.09
N SER K 366 13.11 66.35 25.51
CA SER K 366 13.41 66.06 26.90
C SER K 366 14.92 66.14 27.17
N GLU K 367 15.73 66.06 26.11
CA GLU K 367 17.19 66.01 26.24
C GLU K 367 17.82 67.36 25.92
N PHE K 368 17.00 68.41 25.84
CA PHE K 368 17.46 69.76 25.52
C PHE K 368 16.63 70.79 26.28
N LYS K 369 15.34 70.50 26.48
CA LYS K 369 14.43 71.36 27.21
C LYS K 369 14.28 72.69 26.47
N PRO K 370 13.82 72.69 25.20
CA PRO K 370 13.73 73.91 24.40
C PRO K 370 12.47 74.72 24.70
N SER K 371 12.56 76.03 24.51
CA SER K 371 11.41 76.93 24.64
C SER K 371 10.68 77.03 23.30
N ARG K 372 11.44 76.97 22.21
CA ARG K 372 10.92 77.17 20.87
C ARG K 372 11.22 75.93 20.02
N ILE K 373 10.30 75.58 19.12
CA ILE K 373 10.50 74.48 18.19
C ILE K 373 9.99 74.90 16.80
N ALA K 374 10.45 74.17 15.78
CA ALA K 374 10.06 74.41 14.41
C ALA K 374 10.02 73.10 13.63
N ILE K 375 8.99 72.95 12.79
CA ILE K 375 8.88 71.80 11.90
C ILE K 375 8.76 72.32 10.47
N ASP K 376 9.85 72.14 9.70
CA ASP K 376 9.90 72.54 8.30
C ASP K 376 10.20 71.28 7.48
N SER K 377 9.15 70.64 6.92
CA SER K 377 7.79 71.15 6.91
C SER K 377 6.81 70.03 7.26
N LEU K 378 5.56 70.40 7.56
CA LEU K 378 4.49 69.44 7.82
C LEU K 378 4.04 68.80 6.52
N SER K 379 4.07 69.57 5.42
CA SER K 379 3.69 69.07 4.10
C SER K 379 4.59 67.91 3.70
N ALA K 380 5.86 67.95 4.14
CA ALA K 380 6.84 66.93 3.80
C ALA K 380 6.54 65.62 4.55
N LEU K 381 6.13 65.74 5.82
CA LEU K 381 5.81 64.57 6.64
C LEU K 381 4.48 63.95 6.22
N ALA K 382 3.69 64.68 5.42
CA ALA K 382 2.42 64.18 4.92
C ALA K 382 2.61 63.40 3.62
N ARG K 383 3.79 63.54 2.99
CA ARG K 383 4.07 62.90 1.71
C ARG K 383 3.96 61.39 1.86
N GLY K 384 3.01 60.80 1.13
CA GLY K 384 2.83 59.35 1.09
C GLY K 384 2.45 58.79 2.46
N VAL K 385 1.33 59.27 3.00
CA VAL K 385 0.82 58.83 4.29
C VAL K 385 -0.68 59.00 4.31
N SER K 386 -1.31 58.43 5.35
CA SER K 386 -2.76 58.53 5.53
C SER K 386 -3.11 59.94 5.99
N ASN K 387 -4.27 60.43 5.55
CA ASN K 387 -4.77 61.74 5.97
C ASN K 387 -5.20 61.69 7.44
N ASN K 388 -5.39 60.47 7.97
CA ASN K 388 -5.76 60.27 9.37
C ASN K 388 -4.49 60.24 10.23
N ALA K 389 -3.53 59.40 9.84
CA ALA K 389 -2.29 59.24 10.58
C ALA K 389 -1.57 60.58 10.72
N PHE K 390 -1.62 61.40 9.66
CA PHE K 390 -1.03 62.72 9.68
C PHE K 390 -1.81 63.64 10.64
N ARG K 391 -3.14 63.50 10.63
CA ARG K 391 -3.99 64.23 11.55
C ARG K 391 -3.63 63.89 12.99
N GLN K 392 -3.28 62.62 13.22
CA GLN K 392 -2.86 62.16 14.54
C GLN K 392 -1.52 62.78 14.91
N PHE K 393 -0.59 62.81 13.96
CA PHE K 393 0.74 63.38 14.16
C PHE K 393 0.61 64.86 14.52
N VAL K 394 -0.23 65.59 13.79
CA VAL K 394 -0.40 67.02 13.99
C VAL K 394 -0.97 67.27 15.38
N ILE K 395 -2.07 66.59 15.72
CA ILE K 395 -2.74 66.74 16.99
C ILE K 395 -1.78 66.37 18.13
N GLY K 396 -0.90 65.40 17.88
CA GLY K 396 0.08 64.96 18.85
C GLY K 396 1.16 66.01 19.12
N VAL K 397 1.78 66.50 18.04
CA VAL K 397 2.87 67.46 18.15
C VAL K 397 2.33 68.79 18.66
N THR K 398 1.16 69.19 18.15
CA THR K 398 0.50 70.42 18.57
C THR K 398 0.21 70.33 20.07
N GLY K 399 -0.42 69.23 20.49
CA GLY K 399 -0.82 69.03 21.88
C GLY K 399 0.38 69.01 22.84
N TYR K 400 1.45 68.30 22.44
CA TYR K 400 2.61 68.11 23.30
C TYR K 400 3.28 69.45 23.57
N ALA K 401 3.43 70.27 22.53
CA ALA K 401 4.06 71.58 22.64
C ALA K 401 3.21 72.50 23.52
N LYS K 402 1.89 72.45 23.35
CA LYS K 402 0.97 73.28 24.12
C LYS K 402 0.87 72.76 25.55
N GLN K 403 1.27 71.50 25.78
CA GLN K 403 1.24 70.90 27.11
C GLN K 403 2.49 71.30 27.89
N GLU K 404 3.67 71.12 27.27
CA GLU K 404 4.93 71.50 27.88
C GLU K 404 5.16 73.01 27.79
N GLU K 405 4.19 73.73 27.19
CA GLU K 405 4.23 75.18 27.09
C GLU K 405 5.42 75.59 26.23
N ILE K 406 5.44 75.10 24.99
CA ILE K 406 6.50 75.39 24.04
C ILE K 406 5.87 76.04 22.79
N THR K 407 6.56 77.04 22.24
CA THR K 407 6.08 77.75 21.07
C THR K 407 6.47 76.97 19.82
N GLY K 408 5.48 76.69 18.96
CA GLY K 408 5.67 75.85 17.79
C GLY K 408 5.37 76.58 16.49
N PHE K 409 6.39 76.67 15.62
CA PHE K 409 6.24 77.24 14.29
C PHE K 409 6.28 76.10 13.27
N PHE K 410 5.19 75.92 12.52
CA PHE K 410 5.08 74.85 11.55
C PHE K 410 4.99 75.45 10.15
N THR K 411 5.53 74.72 9.16
CA THR K 411 5.54 75.15 7.77
C THR K 411 4.71 74.18 6.94
N ASN K 412 4.02 74.72 5.92
CA ASN K 412 3.22 73.92 5.00
C ASN K 412 3.37 74.48 3.59
N THR K 413 3.94 73.69 2.69
CA THR K 413 4.12 74.09 1.30
C THR K 413 2.86 73.75 0.51
N SER K 414 2.26 74.77 -0.11
CA SER K 414 1.07 74.61 -0.93
C SER K 414 1.45 74.05 -2.31
N ASP K 415 0.58 73.18 -2.84
CA ASP K 415 0.79 72.59 -4.16
C ASP K 415 0.53 73.64 -5.24
N GLN K 416 -0.52 74.44 -5.04
CA GLN K 416 -0.86 75.51 -5.97
C GLN K 416 0.18 76.62 -5.86
N PHE K 417 0.71 77.05 -7.01
CA PHE K 417 1.83 77.98 -7.05
C PHE K 417 1.33 79.42 -6.84
N MET K 418 0.40 79.85 -7.70
CA MET K 418 0.01 81.24 -7.79
C MET K 418 -1.21 81.50 -6.90
N GLY K 419 -1.04 82.40 -5.94
CA GLY K 419 -2.12 82.83 -5.07
C GLY K 419 -2.38 81.82 -3.95
N SER K 420 -2.89 82.31 -2.82
CA SER K 420 -3.28 81.47 -1.70
C SER K 420 -4.31 80.45 -2.18
N HIS K 421 -5.39 80.94 -2.78
CA HIS K 421 -6.40 80.11 -3.43
C HIS K 421 -7.02 79.15 -2.43
N SER K 422 -6.39 77.99 -2.25
CA SER K 422 -6.89 76.95 -1.36
C SER K 422 -6.25 77.09 0.02
N ILE K 423 -6.90 76.49 1.03
CA ILE K 423 -6.44 76.53 2.40
C ILE K 423 -5.63 75.27 2.70
N THR K 424 -5.35 75.05 3.99
CA THR K 424 -4.73 73.82 4.45
C THR K 424 -5.57 72.63 3.97
N ASP K 425 -4.93 71.75 3.21
CA ASP K 425 -5.61 70.63 2.57
C ASP K 425 -6.03 69.59 3.60
N SER K 426 -5.27 69.51 4.70
CA SER K 426 -5.48 68.49 5.72
C SER K 426 -6.23 69.05 6.93
N HIS K 427 -6.87 70.22 6.77
CA HIS K 427 -7.71 70.81 7.80
C HIS K 427 -6.96 70.88 9.13
N ILE K 428 -5.74 71.42 9.10
CA ILE K 428 -4.92 71.63 10.27
C ILE K 428 -5.20 73.01 10.87
N SER K 429 -5.83 73.87 10.07
CA SER K 429 -6.19 75.23 10.48
C SER K 429 -6.81 75.27 11.86
N THR K 430 -7.67 74.28 12.16
CA THR K 430 -8.35 74.18 13.44
C THR K 430 -7.36 74.28 14.59
N ILE K 431 -6.25 73.53 14.48
CA ILE K 431 -5.28 73.39 15.55
C ILE K 431 -4.38 74.61 15.62
N THR K 432 -4.20 75.31 14.49
CA THR K 432 -3.31 76.47 14.42
C THR K 432 -3.96 77.65 15.14
N ASP K 433 -3.11 78.48 15.75
CA ASP K 433 -3.57 79.66 16.47
C ASP K 433 -3.26 80.91 15.64
N THR K 434 -2.10 80.90 14.96
CA THR K 434 -1.73 81.96 14.02
C THR K 434 -1.49 81.34 12.65
N ILE K 435 -2.03 81.99 11.62
CA ILE K 435 -1.80 81.58 10.24
C ILE K 435 -1.21 82.76 9.47
N ILE K 436 0.06 82.61 9.06
CA ILE K 436 0.71 83.55 8.16
C ILE K 436 0.59 83.01 6.74
N LEU K 437 0.08 83.83 5.83
CA LEU K 437 -0.17 83.43 4.45
C LEU K 437 0.82 84.13 3.53
N LEU K 438 1.78 83.36 3.01
CA LEU K 438 2.72 83.84 2.01
C LEU K 438 2.22 83.44 0.63
N GLN K 439 2.25 84.39 -0.33
CA GLN K 439 1.80 84.09 -1.68
C GLN K 439 2.62 84.88 -2.70
N TYR K 440 2.63 84.38 -3.94
CA TYR K 440 3.16 85.09 -5.08
C TYR K 440 2.07 85.99 -5.67
N VAL K 441 2.48 87.18 -6.13
CA VAL K 441 1.57 88.08 -6.83
C VAL K 441 2.27 88.54 -8.11
N GLU K 442 1.56 88.45 -9.23
CA GLU K 442 2.08 88.91 -10.52
C GLU K 442 1.82 90.40 -10.65
N ILE K 443 2.90 91.20 -10.69
CA ILE K 443 2.80 92.64 -10.85
C ILE K 443 3.73 93.07 -11.97
N ARG K 444 3.14 93.55 -13.08
CA ARG K 444 3.87 94.10 -14.22
C ARG K 444 4.92 93.10 -14.70
N GLY K 445 4.45 91.89 -15.05
CA GLY K 445 5.29 90.85 -15.61
C GLY K 445 6.45 90.45 -14.68
N GLU K 446 6.21 90.53 -13.37
CA GLU K 446 7.24 90.24 -12.38
C GLU K 446 6.60 89.53 -11.19
N MET K 447 7.24 88.43 -10.77
CA MET K 447 6.76 87.62 -9.66
C MET K 447 7.12 88.30 -8.34
N SER K 448 6.19 89.08 -7.79
CA SER K 448 6.34 89.66 -6.47
C SER K 448 5.74 88.72 -5.42
N ARG K 449 5.95 89.05 -4.14
CA ARG K 449 5.47 88.23 -3.04
C ARG K 449 4.53 89.05 -2.16
N ALA K 450 3.86 88.35 -1.23
CA ALA K 450 2.97 89.02 -0.28
C ALA K 450 2.95 88.24 1.04
N ILE K 451 2.55 88.95 2.11
CA ILE K 451 2.44 88.38 3.44
C ILE K 451 1.11 88.85 4.05
N ASN K 452 0.42 87.96 4.76
CA ASN K 452 -0.84 88.28 5.39
C ASN K 452 -1.02 87.43 6.64
N VAL K 453 -1.20 88.10 7.78
CA VAL K 453 -1.60 87.42 9.01
C VAL K 453 -3.09 87.13 8.89
N PHE K 454 -3.41 85.90 8.46
CA PHE K 454 -4.77 85.49 8.16
C PHE K 454 -5.57 85.36 9.46
N LYS K 455 -4.97 84.71 10.47
CA LYS K 455 -5.60 84.48 11.75
C LYS K 455 -4.63 84.82 12.87
N MET K 456 -5.18 85.24 14.01
CA MET K 456 -4.41 85.50 15.22
C MET K 456 -5.36 85.52 16.41
N ARG K 457 -5.57 84.35 17.01
CA ARG K 457 -6.49 84.19 18.13
C ARG K 457 -5.94 84.94 19.34
N GLY K 458 -6.75 85.84 19.90
CA GLY K 458 -6.42 86.54 21.14
C GLY K 458 -5.77 87.90 20.90
N SER K 459 -5.67 88.32 19.64
CA SER K 459 -5.00 89.56 19.28
C SER K 459 -5.65 90.21 18.07
N TRP K 460 -5.48 91.53 17.96
CA TRP K 460 -5.70 92.23 16.71
C TRP K 460 -4.50 91.95 15.81
N HIS K 461 -4.78 91.52 14.57
CA HIS K 461 -3.75 91.39 13.55
C HIS K 461 -4.03 92.40 12.45
N ASP K 462 -2.96 92.86 11.79
CA ASP K 462 -3.09 93.68 10.60
C ASP K 462 -3.76 92.85 9.52
N LYS K 463 -4.77 93.43 8.88
CA LYS K 463 -5.61 92.70 7.94
C LYS K 463 -5.08 92.90 6.52
N GLY K 464 -3.91 93.54 6.39
CA GLY K 464 -3.37 93.92 5.09
C GLY K 464 -2.59 92.79 4.43
N ILE K 465 -2.65 92.75 3.10
CA ILE K 465 -1.86 91.83 2.29
C ILE K 465 -0.66 92.60 1.76
N ARG K 466 0.41 92.63 2.55
CA ARG K 466 1.52 93.55 2.33
C ARG K 466 2.57 92.91 1.42
N GLU K 467 3.30 93.76 0.69
CA GLU K 467 4.35 93.34 -0.22
C GLU K 467 5.54 92.83 0.59
N PHE K 468 6.14 91.73 0.11
CA PHE K 468 7.17 91.01 0.82
C PHE K 468 8.41 90.94 -0.08
N VAL K 469 9.59 91.22 0.50
CA VAL K 469 10.83 91.28 -0.26
C VAL K 469 11.93 90.57 0.52
N ILE K 470 12.60 89.62 -0.15
CA ILE K 470 13.71 88.87 0.43
C ILE K 470 15.01 89.42 -0.17
N SER K 471 16.04 89.53 0.67
CA SER K 471 17.32 90.09 0.28
C SER K 471 18.45 89.36 1.01
N ASP K 472 19.65 89.94 1.01
CA ASP K 472 20.77 89.43 1.78
C ASP K 472 20.54 89.70 3.26
N LYS K 473 19.73 90.73 3.56
CA LYS K 473 19.38 91.09 4.92
C LYS K 473 18.22 90.23 5.43
N GLY K 474 17.51 89.57 4.50
CA GLY K 474 16.42 88.68 4.84
C GLY K 474 15.07 89.25 4.42
N PRO K 475 14.01 89.17 5.27
CA PRO K 475 12.69 89.67 4.92
C PRO K 475 12.56 91.18 5.11
N GLU K 476 11.75 91.82 4.25
CA GLU K 476 11.55 93.27 4.31
C GLU K 476 10.13 93.56 3.85
N ILE K 477 9.21 93.68 4.81
CA ILE K 477 7.78 93.81 4.54
C ILE K 477 7.48 95.28 4.23
N LYS K 478 6.67 95.50 3.18
CA LYS K 478 6.41 96.84 2.65
C LYS K 478 4.96 97.20 2.95
N ASP K 479 4.31 97.92 2.02
CA ASP K 479 2.92 98.31 2.15
C ASP K 479 2.04 97.34 1.35
N SER K 480 0.72 97.47 1.53
CA SER K 480 -0.24 96.58 0.89
C SER K 480 -0.45 96.99 -0.57
N PHE K 481 -1.12 96.11 -1.32
CA PHE K 481 -1.45 96.35 -2.71
C PHE K 481 -2.83 97.01 -2.76
N ARG K 482 -2.89 98.29 -2.36
CA ARG K 482 -4.14 98.99 -2.15
C ARG K 482 -4.86 99.25 -3.48
N ASN K 483 -4.08 99.42 -4.56
CA ASN K 483 -4.63 99.79 -5.85
C ASN K 483 -4.72 98.56 -6.76
N PHE K 484 -5.04 97.39 -6.18
CA PHE K 484 -5.12 96.15 -6.93
C PHE K 484 -6.33 95.34 -6.45
N GLU K 485 -6.95 94.62 -7.39
CA GLU K 485 -8.06 93.71 -7.10
C GLU K 485 -7.65 92.30 -7.48
N ARG K 486 -8.32 91.31 -6.88
CA ARG K 486 -8.08 89.90 -7.15
C ARG K 486 -6.61 89.56 -6.92
N ILE K 487 -6.10 89.98 -5.74
CA ILE K 487 -4.72 89.72 -5.35
C ILE K 487 -4.57 88.25 -4.94
N ILE K 488 -5.62 87.70 -4.31
CA ILE K 488 -5.59 86.35 -3.78
C ILE K 488 -5.49 85.35 -4.92
N SER K 489 -5.99 85.72 -6.11
CA SER K 489 -5.86 84.90 -7.30
C SER K 489 -4.39 84.68 -7.63
N GLY K 490 -3.55 85.69 -7.38
CA GLY K 490 -2.15 85.66 -7.75
C GLY K 490 -1.88 86.58 -8.95
N SER K 491 -2.85 86.63 -9.86
CA SER K 491 -2.81 87.52 -11.01
C SER K 491 -3.86 88.62 -10.84
N PRO K 492 -3.49 89.76 -10.20
CA PRO K 492 -4.45 90.83 -9.93
C PRO K 492 -4.70 91.76 -11.12
N THR K 493 -5.54 92.77 -10.88
CA THR K 493 -5.81 93.82 -11.85
C THR K 493 -5.69 95.17 -11.16
N ARG K 494 -4.88 96.06 -11.74
CA ARG K 494 -4.68 97.41 -11.20
C ARG K 494 -5.93 98.24 -11.46
N ILE K 495 -6.48 98.83 -10.39
CA ILE K 495 -7.70 99.62 -10.48
C ILE K 495 -7.32 101.08 -10.70
N THR L 14 25.21 40.60 27.55
CA THR L 14 25.37 42.07 27.62
C THR L 14 24.51 42.74 26.55
N ALA L 15 24.56 42.20 25.33
CA ALA L 15 23.76 42.71 24.22
C ALA L 15 23.76 41.69 23.08
N VAL L 16 22.92 41.94 22.07
CA VAL L 16 22.88 41.10 20.87
C VAL L 16 23.76 41.77 19.82
N GLN L 17 24.98 41.26 19.66
CA GLN L 17 25.92 41.76 18.68
C GLN L 17 25.59 41.15 17.31
N LYS L 18 25.94 41.89 16.24
CA LYS L 18 25.55 41.53 14.89
C LYS L 18 26.79 41.27 14.03
N LEU L 19 26.72 40.22 13.20
CA LEU L 19 27.78 39.89 12.27
C LEU L 19 27.49 40.56 10.93
N PRO L 20 28.44 41.33 10.35
CA PRO L 20 28.22 42.00 9.07
C PRO L 20 28.04 41.02 7.92
N THR L 21 27.04 41.29 7.08
CA THR L 21 26.66 40.41 5.97
C THR L 21 27.53 40.70 4.75
N GLY L 22 27.81 42.00 4.52
CA GLY L 22 28.55 42.44 3.35
C GLY L 22 27.63 42.79 2.18
N ILE L 23 26.32 42.57 2.36
CA ILE L 23 25.34 42.94 1.37
C ILE L 23 25.13 44.46 1.46
N GLU L 24 25.14 45.12 0.30
CA GLU L 24 25.03 46.57 0.23
C GLU L 24 23.65 47.00 0.70
N GLY L 25 23.59 47.55 1.92
CA GLY L 25 22.36 48.12 2.46
C GLY L 25 21.79 47.32 3.62
N PHE L 26 21.97 45.99 3.58
CA PHE L 26 21.35 45.09 4.55
C PHE L 26 21.83 45.44 5.96
N ASP L 27 23.13 45.72 6.10
CA ASP L 27 23.74 45.99 7.39
C ASP L 27 23.22 47.31 7.95
N ASP L 28 22.85 48.23 7.04
CA ASP L 28 22.26 49.51 7.42
C ASP L 28 20.81 49.31 7.83
N ILE L 29 20.09 48.44 7.11
CA ILE L 29 18.71 48.12 7.40
C ILE L 29 18.62 47.33 8.70
N SER L 30 19.57 46.40 8.91
CA SER L 30 19.59 45.55 10.08
C SER L 30 20.35 46.20 11.23
N HIS L 31 20.83 47.44 11.03
CA HIS L 31 21.49 48.21 12.06
C HIS L 31 22.68 47.42 12.63
N GLY L 32 23.59 47.00 11.73
CA GLY L 32 24.78 46.27 12.12
C GLY L 32 25.01 45.04 11.25
N GLY L 33 23.96 44.21 11.11
CA GLY L 33 24.06 42.94 10.42
C GLY L 33 23.10 41.91 11.01
N LEU L 34 23.43 40.62 10.83
CA LEU L 34 22.64 39.53 11.36
C LEU L 34 23.14 39.18 12.77
N PRO L 35 22.25 39.09 13.78
CA PRO L 35 22.63 38.67 15.13
C PRO L 35 23.50 37.41 15.18
N ILE L 36 24.58 37.47 15.95
CA ILE L 36 25.58 36.40 16.00
C ILE L 36 25.05 35.25 16.85
N GLY L 37 25.29 34.01 16.38
CA GLY L 37 24.97 32.81 17.12
C GLY L 37 23.47 32.49 17.10
N ARG L 38 22.74 33.10 16.16
CA ARG L 38 21.30 32.88 16.03
C ARG L 38 20.99 32.60 14.57
N SER L 39 19.80 32.04 14.31
CA SER L 39 19.36 31.74 12.96
C SER L 39 18.38 32.80 12.47
N THR L 40 18.43 33.10 11.17
CA THR L 40 17.55 34.07 10.54
C THR L 40 16.80 33.40 9.39
N LEU L 41 15.48 33.55 9.37
CA LEU L 41 14.65 33.03 8.30
C LEU L 41 14.55 34.07 7.19
N VAL L 42 14.93 33.68 5.97
CA VAL L 42 14.78 34.52 4.79
C VAL L 42 13.70 33.90 3.91
N SER L 43 12.45 34.32 4.13
CA SER L 43 11.30 33.75 3.43
C SER L 43 11.00 34.56 2.18
N GLY L 44 10.31 33.93 1.22
CA GLY L 44 9.94 34.59 -0.02
C GLY L 44 9.43 33.59 -1.06
N THR L 45 8.72 34.10 -2.06
CA THR L 45 8.25 33.31 -3.19
C THR L 45 9.43 32.98 -4.10
N SER L 46 9.20 32.13 -5.10
CA SER L 46 10.24 31.71 -6.02
C SER L 46 10.70 32.90 -6.87
N GLY L 47 12.02 33.08 -6.96
CA GLY L 47 12.62 34.12 -7.79
C GLY L 47 12.97 35.37 -6.99
N THR L 48 12.64 35.39 -5.69
CA THR L 48 12.85 36.56 -4.86
C THR L 48 14.34 36.85 -4.70
N GLY L 49 15.13 35.80 -4.46
CA GLY L 49 16.57 35.92 -4.29
C GLY L 49 17.03 35.39 -2.93
N LYS L 50 16.48 34.23 -2.54
CA LYS L 50 16.75 33.64 -1.24
C LYS L 50 18.07 32.87 -1.28
N THR L 51 18.28 32.14 -2.39
CA THR L 51 19.48 31.34 -2.57
C THR L 51 20.68 32.26 -2.78
N VAL L 52 20.47 33.39 -3.45
CA VAL L 52 21.53 34.37 -3.69
C VAL L 52 21.94 34.98 -2.35
N PHE L 53 20.94 35.44 -1.58
CA PHE L 53 21.19 36.06 -0.28
C PHE L 53 21.96 35.10 0.62
N SER L 54 21.57 33.82 0.61
CA SER L 54 22.19 32.82 1.46
C SER L 54 23.65 32.60 1.06
N MET L 55 23.93 32.66 -0.25
CA MET L 55 25.26 32.45 -0.77
C MET L 55 26.14 33.67 -0.46
N GLN L 56 25.63 34.86 -0.77
CA GLN L 56 26.35 36.11 -0.60
C GLN L 56 26.79 36.26 0.85
N PHE L 57 25.94 35.80 1.78
CA PHE L 57 26.22 35.80 3.20
C PHE L 57 27.48 34.98 3.50
N LEU L 58 27.56 33.76 2.93
CA LEU L 58 28.68 32.87 3.16
C LEU L 58 29.90 33.34 2.37
N TYR L 59 29.68 33.80 1.14
CA TYR L 59 30.75 34.26 0.27
C TYR L 59 31.49 35.42 0.94
N ASN L 60 30.75 36.49 1.22
CA ASN L 60 31.30 37.69 1.85
C ASN L 60 32.00 37.32 3.16
N GLY L 61 31.39 36.38 3.89
CA GLY L 61 31.97 35.83 5.12
C GLY L 61 33.46 35.51 4.96
N ILE L 62 33.80 34.83 3.86
CA ILE L 62 35.15 34.37 3.61
C ILE L 62 35.97 35.48 2.94
N THR L 63 35.40 36.09 1.88
CA THR L 63 36.14 36.98 1.01
C THR L 63 36.30 38.37 1.63
N HIS L 64 35.67 38.61 2.79
CA HIS L 64 35.83 39.88 3.49
C HIS L 64 36.27 39.65 4.93
N PHE L 65 35.52 38.81 5.67
CA PHE L 65 35.67 38.71 7.11
C PHE L 65 36.44 37.44 7.48
N ASP L 66 36.80 36.61 6.49
CA ASP L 66 37.61 35.43 6.68
C ASP L 66 36.93 34.49 7.68
N GLU L 67 35.68 34.11 7.38
CA GLU L 67 34.91 33.17 8.18
C GLU L 67 34.47 32.02 7.29
N PRO L 68 34.98 30.78 7.48
CA PRO L 68 34.51 29.62 6.74
C PRO L 68 33.02 29.36 6.96
N GLY L 69 32.38 28.75 5.96
CA GLY L 69 30.93 28.53 5.98
C GLY L 69 30.54 27.20 5.34
N VAL L 70 29.31 26.77 5.64
CA VAL L 70 28.76 25.53 5.12
C VAL L 70 27.39 25.80 4.52
N PHE L 71 27.22 25.40 3.25
CA PHE L 71 25.96 25.57 2.53
C PHE L 71 25.25 24.21 2.48
N VAL L 72 24.09 24.12 3.16
CA VAL L 72 23.28 22.91 3.15
C VAL L 72 22.19 23.08 2.09
N THR L 73 22.10 22.11 1.17
CA THR L 73 21.12 22.14 0.11
C THR L 73 20.25 20.88 0.18
N PHE L 74 18.93 21.07 0.07
CA PHE L 74 17.96 19.99 0.12
C PHE L 74 17.30 19.80 -1.24
N GLU L 75 17.90 20.38 -2.30
CA GLU L 75 17.32 20.32 -3.63
C GLU L 75 18.38 20.60 -4.69
N GLU L 76 18.93 21.82 -4.69
CA GLU L 76 19.82 22.28 -5.73
C GLU L 76 21.18 21.61 -5.55
N SER L 77 21.79 21.16 -6.66
CA SER L 77 23.03 20.40 -6.60
C SER L 77 24.21 21.33 -6.38
N PRO L 78 25.25 20.91 -5.62
CA PRO L 78 26.48 21.69 -5.46
C PRO L 78 27.09 22.18 -6.77
N GLN L 79 27.02 21.33 -7.81
CA GLN L 79 27.52 21.68 -9.13
C GLN L 79 26.72 22.83 -9.71
N ASP L 80 25.39 22.80 -9.53
CA ASP L 80 24.50 23.84 -10.02
C ASP L 80 24.67 25.11 -9.18
N ILE L 81 24.68 24.96 -7.86
CA ILE L 81 24.86 26.09 -6.95
C ILE L 81 26.14 26.84 -7.32
N ILE L 82 27.19 26.08 -7.66
CA ILE L 82 28.47 26.64 -8.07
C ILE L 82 28.33 27.30 -9.45
N LYS L 83 27.62 26.62 -10.35
CA LYS L 83 27.42 27.11 -11.71
C LYS L 83 26.60 28.39 -11.70
N ASN L 84 25.53 28.41 -10.89
CA ASN L 84 24.62 29.54 -10.84
C ASN L 84 25.31 30.77 -10.24
N ALA L 85 26.26 30.54 -9.32
CA ALA L 85 26.94 31.61 -8.63
C ALA L 85 28.03 32.23 -9.51
N ALA L 86 28.42 31.53 -10.58
CA ALA L 86 29.44 32.00 -11.51
C ALA L 86 29.02 33.31 -12.15
N SER L 87 27.71 33.53 -12.27
CA SER L 87 27.15 34.75 -12.81
C SER L 87 27.68 35.97 -12.06
N PHE L 88 27.84 35.85 -10.73
CA PHE L 88 28.21 36.96 -9.88
C PHE L 88 29.73 37.12 -9.79
N GLY L 89 30.47 36.15 -10.35
CA GLY L 89 31.93 36.18 -10.35
C GLY L 89 32.51 35.51 -9.11
N TRP L 90 31.65 34.94 -8.26
CA TRP L 90 32.07 34.26 -7.05
C TRP L 90 32.63 32.88 -7.42
N ASP L 91 33.96 32.77 -7.49
CA ASP L 91 34.61 31.50 -7.75
C ASP L 91 34.48 30.61 -6.52
N LEU L 92 33.30 29.97 -6.38
CA LEU L 92 32.96 29.21 -5.20
C LEU L 92 33.69 27.86 -5.20
N GLN L 93 34.07 27.40 -6.39
CA GLN L 93 34.79 26.14 -6.54
C GLN L 93 36.12 26.21 -5.80
N LYS L 94 36.82 27.34 -5.92
CA LYS L 94 38.10 27.56 -5.26
C LYS L 94 37.93 27.47 -3.75
N LEU L 95 36.91 28.15 -3.22
CA LEU L 95 36.64 28.20 -1.80
C LEU L 95 36.44 26.77 -1.25
N VAL L 96 35.76 25.93 -2.05
CA VAL L 96 35.46 24.57 -1.66
C VAL L 96 36.75 23.76 -1.56
N ASP L 97 37.62 23.88 -2.57
CA ASP L 97 38.87 23.15 -2.64
C ASP L 97 39.83 23.65 -1.56
N GLU L 98 39.79 24.97 -1.30
CA GLU L 98 40.67 25.59 -0.31
C GLU L 98 40.18 25.29 1.11
N GLY L 99 38.94 24.78 1.24
CA GLY L 99 38.38 24.43 2.53
C GLY L 99 37.72 25.61 3.23
N LYS L 100 37.58 26.73 2.50
CA LYS L 100 36.90 27.91 3.00
C LYS L 100 35.39 27.67 2.97
N LEU L 101 34.94 26.84 2.03
CA LEU L 101 33.52 26.56 1.84
C LEU L 101 33.30 25.05 1.82
N PHE L 102 32.09 24.63 2.19
CA PHE L 102 31.67 23.24 2.08
C PHE L 102 30.17 23.20 1.75
N ILE L 103 29.82 22.60 0.61
CA ILE L 103 28.43 22.46 0.21
C ILE L 103 27.96 21.06 0.56
N LEU L 104 27.24 20.94 1.69
CA LEU L 104 26.71 19.66 2.13
C LEU L 104 25.46 19.33 1.31
N ASP L 105 25.61 18.38 0.37
CA ASP L 105 24.52 17.96 -0.49
C ASP L 105 23.62 16.99 0.29
N ALA L 106 22.41 17.44 0.60
CA ALA L 106 21.38 16.59 1.18
C ALA L 106 20.20 16.49 0.21
N SER L 107 20.44 16.81 -1.06
CA SER L 107 19.41 16.77 -2.09
C SER L 107 19.02 15.32 -2.38
N PRO L 108 17.77 14.89 -2.06
CA PRO L 108 17.36 13.50 -2.24
C PRO L 108 16.92 13.19 -3.68
N ASP L 120 17.01 11.22 10.19
CA ASP L 120 16.71 12.24 9.16
C ASP L 120 17.17 13.61 9.65
N LEU L 121 16.47 14.14 10.67
CA LEU L 121 16.76 15.45 11.23
C LEU L 121 18.03 15.38 12.08
N SER L 122 18.11 14.34 12.92
CA SER L 122 19.23 14.16 13.84
C SER L 122 20.51 13.88 13.06
N ALA L 123 20.42 13.01 12.05
CA ALA L 123 21.56 12.66 11.21
C ALA L 123 22.05 13.90 10.45
N LEU L 124 21.10 14.65 9.87
CA LEU L 124 21.40 15.89 9.17
C LEU L 124 22.09 16.87 10.12
N ILE L 125 21.61 16.92 11.37
CA ILE L 125 22.20 17.77 12.39
C ILE L 125 23.64 17.35 12.66
N GLU L 126 23.87 16.02 12.70
CA GLU L 126 25.19 15.47 12.93
C GLU L 126 26.10 15.75 11.74
N ARG L 127 25.59 15.50 10.53
CA ARG L 127 26.30 15.79 9.30
C ARG L 127 26.75 17.25 9.28
N ILE L 128 25.83 18.16 9.64
CA ILE L 128 26.09 19.59 9.65
C ILE L 128 27.09 19.92 10.76
N ASN L 129 26.79 19.47 11.98
CA ASN L 129 27.62 19.72 13.15
C ASN L 129 29.05 19.23 12.88
N TYR L 130 29.16 18.07 12.22
CA TYR L 130 30.45 17.49 11.86
C TYR L 130 31.20 18.46 10.94
N ALA L 131 30.51 18.92 9.89
CA ALA L 131 31.10 19.82 8.91
C ALA L 131 31.49 21.15 9.57
N ILE L 132 30.57 21.69 10.39
CA ILE L 132 30.80 22.94 11.10
C ILE L 132 32.06 22.80 11.96
N ARG L 133 32.20 21.64 12.62
CA ARG L 133 33.34 21.38 13.49
C ARG L 133 34.59 21.11 12.65
N LYS L 134 34.42 20.34 11.56
CA LYS L 134 35.53 19.92 10.72
C LYS L 134 36.13 21.10 9.97
N TYR L 135 35.26 21.83 9.24
CA TYR L 135 35.69 22.96 8.44
C TYR L 135 35.90 24.19 9.31
N LYS L 136 35.47 24.13 10.58
CA LYS L 136 35.64 25.22 11.53
C LYS L 136 34.89 26.44 11.00
N ALA L 137 33.58 26.26 10.78
CA ALA L 137 32.74 27.26 10.16
C ALA L 137 32.11 28.16 11.24
N LYS L 138 31.74 29.37 10.82
CA LYS L 138 31.03 30.32 11.66
C LYS L 138 29.63 30.56 11.10
N ARG L 139 29.55 30.74 9.77
CA ARG L 139 28.30 30.99 9.07
C ARG L 139 27.79 29.69 8.45
N VAL L 140 26.46 29.53 8.42
CA VAL L 140 25.82 28.37 7.81
C VAL L 140 24.57 28.84 7.08
N ALA L 141 24.21 28.12 6.01
CA ALA L 141 23.00 28.42 5.25
C ALA L 141 22.26 27.11 4.94
N ILE L 142 20.93 27.16 5.07
CA ILE L 142 20.06 26.02 4.78
C ILE L 142 19.01 26.47 3.76
N ASP L 143 18.94 25.76 2.64
CA ASP L 143 18.13 26.17 1.51
C ASP L 143 17.69 24.94 0.71
N SER L 144 16.41 24.54 0.79
CA SER L 144 15.38 25.19 1.58
C SER L 144 14.79 24.20 2.57
N VAL L 145 14.43 24.69 3.76
CA VAL L 145 14.05 23.84 4.88
C VAL L 145 12.65 23.28 4.63
N THR L 146 11.85 24.01 3.86
CA THR L 146 10.46 23.66 3.62
C THR L 146 10.38 22.33 2.85
N ALA L 147 11.38 22.07 2.00
CA ALA L 147 11.41 20.88 1.17
C ALA L 147 11.48 19.62 2.03
N VAL L 148 12.40 19.61 3.00
CA VAL L 148 12.64 18.44 3.83
C VAL L 148 11.44 18.20 4.75
N PHE L 149 10.72 19.28 5.09
CA PHE L 149 9.53 19.20 5.92
C PHE L 149 8.27 19.23 5.06
N GLN L 150 8.35 18.69 3.84
CA GLN L 150 7.22 18.62 2.93
C GLN L 150 7.21 17.24 2.25
N SER L 156 2.91 21.80 13.33
CA SER L 156 3.18 21.02 14.58
C SER L 156 4.41 20.14 14.40
N VAL L 157 4.38 19.29 13.36
CA VAL L 157 5.52 18.49 12.96
C VAL L 157 6.67 19.41 12.57
N VAL L 158 6.35 20.54 11.92
CA VAL L 158 7.34 21.49 11.45
C VAL L 158 7.95 22.23 12.65
N ARG L 159 7.10 22.73 13.55
CA ARG L 159 7.53 23.54 14.67
C ARG L 159 8.55 22.77 15.53
N ARG L 160 8.19 21.54 15.89
CA ARG L 160 9.03 20.69 16.73
C ARG L 160 10.37 20.42 16.03
N GLU L 161 10.32 20.23 14.71
CA GLU L 161 11.49 19.89 13.93
C GLU L 161 12.41 21.11 13.80
N ILE L 162 11.82 22.26 13.46
CA ILE L 162 12.58 23.49 13.25
C ILE L 162 13.22 23.92 14.58
N PHE L 163 12.45 23.83 15.67
CA PHE L 163 12.94 24.20 16.99
C PHE L 163 14.20 23.41 17.33
N ARG L 164 14.21 22.12 16.98
CA ARG L 164 15.35 21.24 17.25
C ARG L 164 16.57 21.70 16.47
N LEU L 165 16.38 22.06 15.19
CA LEU L 165 17.46 22.41 14.31
C LEU L 165 18.04 23.77 14.68
N VAL L 166 17.17 24.76 14.89
CA VAL L 166 17.58 26.12 15.21
C VAL L 166 18.38 26.11 16.51
N ALA L 167 17.91 25.33 17.49
CA ALA L 167 18.55 25.25 18.81
C ALA L 167 19.89 24.54 18.71
N ARG L 168 19.92 23.42 17.98
CA ARG L 168 21.12 22.62 17.81
C ARG L 168 22.23 23.47 17.20
N LEU L 169 21.86 24.32 16.24
CA LEU L 169 22.80 25.22 15.58
C LEU L 169 23.23 26.32 16.56
N LYS L 170 22.28 26.80 17.36
CA LYS L 170 22.53 27.84 18.35
C LYS L 170 23.48 27.32 19.43
N GLN L 171 23.34 26.04 19.78
CA GLN L 171 24.20 25.39 20.75
C GLN L 171 25.64 25.35 20.23
N ILE L 172 25.78 24.97 18.95
CA ILE L 172 27.08 24.94 18.28
C ILE L 172 27.62 26.37 18.20
N GLY L 173 26.72 27.35 18.09
CA GLY L 173 27.09 28.75 18.12
C GLY L 173 27.51 29.26 16.75
N VAL L 174 26.61 29.10 15.77
CA VAL L 174 26.86 29.52 14.40
C VAL L 174 25.75 30.47 13.97
N THR L 175 26.13 31.47 13.14
CA THR L 175 25.18 32.42 12.60
C THR L 175 24.55 31.81 11.34
N THR L 176 23.34 31.28 11.49
CA THR L 176 22.69 30.50 10.44
C THR L 176 21.75 31.38 9.64
N VAL L 177 21.47 30.97 8.39
CA VAL L 177 20.49 31.62 7.54
C VAL L 177 19.69 30.54 6.83
N MET L 178 18.40 30.42 7.18
CA MET L 178 17.54 29.37 6.64
C MET L 178 16.51 30.00 5.72
N THR L 179 16.16 29.26 4.65
CA THR L 179 15.36 29.77 3.56
C THR L 179 14.00 29.05 3.56
N THR L 180 12.92 29.84 3.50
CA THR L 180 11.56 29.32 3.48
C THR L 180 10.85 29.78 2.22
N GLU L 181 9.71 29.15 1.92
CA GLU L 181 9.00 29.36 0.67
C GLU L 181 7.58 29.87 0.97
N ARG L 182 7.05 30.69 0.05
CA ARG L 182 5.72 31.27 0.20
C ARG L 182 4.95 31.13 -1.11
N ILE L 183 3.63 31.37 -1.02
CA ILE L 183 2.75 31.36 -2.18
C ILE L 183 2.39 32.81 -2.55
N GLU L 184 2.11 33.63 -1.52
CA GLU L 184 1.59 34.97 -1.71
C GLU L 184 2.64 35.97 -1.21
N GLU L 185 2.58 37.20 -1.76
CA GLU L 185 3.60 38.21 -1.51
C GLU L 185 3.26 38.93 -0.21
N TYR L 186 2.03 39.43 -0.11
CA TYR L 186 1.54 40.11 1.09
C TYR L 186 0.56 39.19 1.82
N GLY L 187 0.95 37.92 2.00
CA GLY L 187 0.12 36.94 2.68
C GLY L 187 0.82 36.38 3.92
N PRO L 188 0.77 35.05 4.17
CA PRO L 188 1.52 34.45 5.27
C PRO L 188 3.03 34.48 5.01
N ILE L 189 3.81 34.56 6.09
CA ILE L 189 5.25 34.77 5.99
C ILE L 189 5.92 33.50 5.49
N ALA L 190 5.53 32.35 6.03
CA ALA L 190 6.06 31.06 5.63
C ALA L 190 4.90 30.12 5.23
N ARG L 191 5.26 28.93 4.74
CA ARG L 191 4.28 27.99 4.22
C ARG L 191 3.38 27.45 5.34
N TYR L 192 4.00 26.79 6.32
CA TYR L 192 3.25 26.05 7.33
C TYR L 192 2.72 27.00 8.41
N GLY L 193 3.26 28.22 8.46
CA GLY L 193 2.70 29.27 9.29
C GLY L 193 3.10 29.14 10.77
N VAL L 194 4.21 28.44 11.03
CA VAL L 194 4.74 28.30 12.36
C VAL L 194 6.21 28.72 12.39
N GLU L 195 6.86 28.75 11.22
CA GLU L 195 8.30 28.94 11.12
C GLU L 195 8.70 30.35 11.60
N GLU L 196 7.75 31.30 11.52
CA GLU L 196 8.00 32.69 11.85
C GLU L 196 8.31 32.83 13.34
N PHE L 197 7.49 32.17 14.16
CA PHE L 197 7.49 32.37 15.60
C PHE L 197 8.63 31.58 16.24
N VAL L 198 9.11 30.55 15.54
CA VAL L 198 10.21 29.72 16.02
C VAL L 198 11.53 30.46 15.79
N SER L 199 11.68 31.06 14.60
CA SER L 199 12.90 31.77 14.25
C SER L 199 13.02 33.05 15.09
N ASP L 200 14.25 33.34 15.52
CA ASP L 200 14.55 34.52 16.31
C ASP L 200 14.49 35.75 15.43
N ASN L 201 15.00 35.61 14.21
CA ASN L 201 15.07 36.70 13.25
C ASN L 201 14.29 36.32 11.99
N VAL L 202 13.61 37.30 11.38
CA VAL L 202 12.84 37.08 10.17
C VAL L 202 13.14 38.19 9.17
N VAL L 203 13.37 37.80 7.92
CA VAL L 203 13.53 38.74 6.81
C VAL L 203 12.67 38.24 5.66
N ILE L 204 11.96 39.16 5.00
CA ILE L 204 11.02 38.81 3.94
C ILE L 204 11.48 39.45 2.64
N LEU L 205 11.84 38.61 1.66
CA LEU L 205 12.05 39.05 0.29
C LEU L 205 10.72 38.93 -0.45
N ARG L 206 10.41 39.96 -1.26
CA ARG L 206 9.16 40.02 -1.99
C ARG L 206 9.42 40.40 -3.45
N ASN L 207 8.56 39.89 -4.34
CA ASN L 207 8.59 40.22 -5.75
C ASN L 207 7.16 40.56 -6.17
N VAL L 208 6.80 41.84 -6.03
CA VAL L 208 5.43 42.29 -6.18
C VAL L 208 5.20 42.74 -7.63
N LEU L 209 4.07 42.29 -8.20
CA LEU L 209 3.71 42.65 -9.57
C LEU L 209 2.86 43.91 -9.54
N GLU L 210 3.55 45.07 -9.51
CA GLU L 210 2.91 46.37 -9.52
C GLU L 210 2.76 46.85 -10.97
N GLY L 211 1.51 46.86 -11.46
CA GLY L 211 1.26 47.07 -12.87
C GLY L 211 1.57 45.80 -13.67
N GLU L 212 2.33 45.96 -14.75
CA GLU L 212 2.87 44.82 -15.49
C GLU L 212 4.34 44.63 -15.12
N ARG L 213 4.85 45.46 -14.20
CA ARG L 213 6.26 45.42 -13.81
C ARG L 213 6.37 44.79 -12.42
N ARG L 214 7.59 44.30 -12.11
CA ARG L 214 7.86 43.67 -10.83
C ARG L 214 8.71 44.59 -9.96
N ARG L 215 8.59 44.43 -8.63
CA ARG L 215 9.36 45.21 -7.67
C ARG L 215 9.88 44.29 -6.57
N ARG L 216 11.22 44.23 -6.44
CA ARG L 216 11.86 43.48 -5.37
C ARG L 216 11.99 44.37 -4.14
N THR L 217 11.62 43.84 -2.96
CA THR L 217 11.73 44.58 -1.72
C THR L 217 12.21 43.65 -0.61
N VAL L 218 12.99 44.21 0.32
CA VAL L 218 13.45 43.51 1.51
C VAL L 218 12.68 44.05 2.70
N GLU L 219 12.31 43.15 3.62
CA GLU L 219 11.63 43.51 4.86
C GLU L 219 12.25 42.72 6.00
N ILE L 220 12.84 43.44 6.97
CA ILE L 220 13.24 42.82 8.22
C ILE L 220 12.06 42.94 9.18
N LEU L 221 11.36 41.81 9.38
CA LEU L 221 10.13 41.80 10.17
C LEU L 221 10.49 41.86 11.65
N LYS L 222 11.43 41.01 12.07
CA LYS L 222 11.80 40.90 13.47
C LYS L 222 13.30 40.62 13.61
N LEU L 223 13.93 41.32 14.56
CA LEU L 223 15.25 41.00 15.09
C LEU L 223 15.18 41.02 16.61
N ARG L 224 14.88 39.87 17.21
CA ARG L 224 14.74 39.76 18.66
C ARG L 224 16.00 40.29 19.34
N GLY L 225 15.81 41.21 20.30
CA GLY L 225 16.87 41.63 21.21
C GLY L 225 17.75 42.73 20.62
N THR L 226 17.31 43.35 19.52
CA THR L 226 18.06 44.42 18.87
C THR L 226 17.12 45.31 18.07
N THR L 227 17.70 46.38 17.51
CA THR L 227 16.98 47.35 16.69
C THR L 227 17.13 46.98 15.21
N HIS L 228 16.25 47.54 14.38
CA HIS L 228 16.33 47.42 12.94
C HIS L 228 15.43 48.45 12.28
N MET L 229 15.58 48.60 10.96
CA MET L 229 14.76 49.49 10.17
C MET L 229 13.49 48.74 9.75
N LYS L 230 12.33 49.30 10.09
CA LYS L 230 11.05 48.65 9.83
C LYS L 230 10.56 49.00 8.42
N GLY L 231 9.83 48.07 7.80
CA GLY L 231 9.17 48.30 6.52
C GLY L 231 9.92 47.66 5.36
N GLU L 232 9.38 47.87 4.15
CA GLU L 232 9.95 47.36 2.92
C GLU L 232 10.96 48.37 2.36
N TYR L 233 12.14 47.87 1.98
CA TYR L 233 13.13 48.68 1.27
C TYR L 233 13.46 47.99 -0.05
N PRO L 234 13.49 48.72 -1.18
CA PRO L 234 13.68 48.10 -2.50
C PRO L 234 15.10 47.55 -2.68
N PHE L 235 15.23 46.56 -3.56
CA PHE L 235 16.53 46.01 -3.89
C PHE L 235 16.53 45.50 -5.33
N THR L 236 17.71 45.10 -5.81
CA THR L 236 17.87 44.56 -7.15
C THR L 236 18.97 43.50 -7.14
N ILE L 237 18.79 42.47 -7.96
CA ILE L 237 19.81 41.46 -8.19
C ILE L 237 20.66 41.94 -9.37
N THR L 238 21.94 42.23 -9.10
CA THR L 238 22.85 42.72 -10.13
C THR L 238 23.84 41.61 -10.46
N ASN L 239 24.87 41.94 -11.25
CA ASN L 239 25.99 41.04 -11.50
C ASN L 239 26.87 40.95 -10.25
N HIS L 240 26.68 41.89 -9.31
CA HIS L 240 27.38 41.86 -8.04
C HIS L 240 26.55 41.14 -6.98
N GLY L 241 25.21 41.15 -7.15
CA GLY L 241 24.30 40.41 -6.28
C GLY L 241 23.20 41.30 -5.72
N ILE L 242 22.80 41.03 -4.48
CA ILE L 242 21.73 41.76 -3.82
C ILE L 242 22.20 43.21 -3.60
N SER L 243 21.52 44.16 -4.26
CA SER L 243 21.84 45.57 -4.13
C SER L 243 20.67 46.32 -3.50
N ILE L 244 20.77 46.58 -2.20
CA ILE L 244 19.71 47.23 -1.44
C ILE L 244 20.05 48.71 -1.28
N PHE L 245 19.05 49.57 -1.55
CA PHE L 245 19.19 51.02 -1.44
C PHE L 245 18.25 51.53 -0.35
N PRO L 246 18.73 51.75 0.90
CA PRO L 246 17.93 52.39 1.93
C PRO L 246 17.65 53.86 1.63
N LEU L 247 16.51 54.36 2.12
CA LEU L 247 16.14 55.76 1.97
C LEU L 247 15.90 56.38 3.35
N GLY L 248 16.53 55.80 4.38
CA GLY L 248 16.37 56.26 5.75
C GLY L 248 17.73 56.51 6.42
N ALA L 249 18.61 55.50 6.36
CA ALA L 249 19.99 55.65 6.80
C ALA L 249 20.70 56.65 5.89
N MET L 250 20.32 56.65 4.60
CA MET L 250 20.69 57.73 3.70
C MET L 250 20.07 59.02 4.21
N ARG L 251 20.77 59.66 5.17
CA ARG L 251 20.21 60.76 5.93
C ARG L 251 20.25 62.04 5.11
N LEU L 252 19.55 63.07 5.61
CA LEU L 252 19.56 64.38 5.00
C LEU L 252 20.82 65.11 5.46
N THR L 253 21.98 64.56 5.07
CA THR L 253 23.27 64.98 5.61
C THR L 253 24.29 65.02 4.49
N GLN L 254 24.09 65.97 3.55
CA GLN L 254 24.97 66.16 2.43
C GLN L 254 25.93 67.31 2.75
N ARG L 255 26.37 68.03 1.70
CA ARG L 255 27.26 69.18 1.84
C ARG L 255 26.81 70.27 0.86
N SER L 256 26.93 71.53 1.30
CA SER L 256 26.45 72.66 0.52
C SER L 256 27.64 73.48 0.05
N SER L 257 27.51 74.09 -1.14
CA SER L 257 28.61 74.80 -1.78
C SER L 257 28.11 76.12 -2.35
N ASN L 258 29.00 77.13 -2.34
CA ASN L 258 28.73 78.42 -2.96
C ASN L 258 29.27 78.44 -4.38
N VAL L 259 29.77 77.28 -4.85
CA VAL L 259 30.34 77.14 -6.18
C VAL L 259 29.21 77.30 -7.21
N ARG L 260 29.46 78.13 -8.22
CA ARG L 260 28.48 78.47 -9.23
C ARG L 260 28.82 77.75 -10.54
N VAL L 261 27.84 77.03 -11.11
CA VAL L 261 27.99 76.44 -12.44
C VAL L 261 27.14 77.24 -13.42
N SER L 262 27.50 77.16 -14.70
CA SER L 262 26.83 77.89 -15.75
C SER L 262 25.77 77.02 -16.41
N SER L 263 24.78 77.69 -17.02
CA SER L 263 23.66 77.03 -17.67
C SER L 263 23.96 76.80 -19.15
N GLY L 264 24.92 77.56 -19.69
CA GLY L 264 25.12 77.66 -21.13
C GLY L 264 24.36 78.84 -21.72
N VAL L 265 23.37 79.33 -20.95
CA VAL L 265 22.62 80.52 -21.29
C VAL L 265 23.05 81.64 -20.35
N PRO L 266 23.90 82.59 -20.80
CA PRO L 266 24.49 83.59 -19.91
C PRO L 266 23.49 84.53 -19.25
N ARG L 267 22.40 84.85 -19.96
CA ARG L 267 21.36 85.72 -19.43
C ARG L 267 20.62 85.00 -18.31
N LEU L 268 20.58 83.66 -18.38
CA LEU L 268 19.95 82.85 -17.35
C LEU L 268 20.86 82.80 -16.12
N ASP L 269 22.18 82.75 -16.36
CA ASP L 269 23.15 82.75 -15.28
C ASP L 269 23.03 84.06 -14.48
N GLU L 270 22.81 85.17 -15.19
CA GLU L 270 22.55 86.45 -14.54
C GLU L 270 21.29 86.37 -13.71
N MET L 271 20.23 85.78 -14.30
CA MET L 271 18.92 85.70 -13.68
C MET L 271 18.97 84.85 -12.41
N CYS L 272 19.95 83.93 -12.33
CA CYS L 272 20.12 83.07 -11.17
C CYS L 272 21.17 83.63 -10.21
N GLY L 273 21.59 84.88 -10.43
CA GLY L 273 22.52 85.56 -9.54
C GLY L 273 23.97 85.08 -9.74
N GLY L 274 24.31 84.76 -11.00
CA GLY L 274 25.66 84.36 -11.36
C GLY L 274 25.79 82.85 -11.62
N GLY L 275 24.69 82.21 -12.00
CA GLY L 275 24.69 80.80 -12.36
C GLY L 275 24.02 79.93 -11.31
N PHE L 276 23.79 78.65 -11.65
CA PHE L 276 23.28 77.68 -10.70
C PHE L 276 24.38 77.31 -9.72
N PHE L 277 24.01 76.66 -8.61
CA PHE L 277 24.98 76.13 -7.66
C PHE L 277 25.43 74.75 -8.13
N LYS L 278 26.59 74.30 -7.64
CA LYS L 278 27.20 73.06 -8.08
C LYS L 278 26.46 71.87 -7.48
N ASP L 279 26.32 71.86 -6.15
CA ASP L 279 25.60 70.82 -5.44
C ASP L 279 24.14 71.24 -5.32
N SER L 280 23.39 71.10 -6.42
CA SER L 280 22.00 71.53 -6.45
C SER L 280 21.19 70.71 -7.44
N ILE L 281 19.86 70.78 -7.30
CA ILE L 281 18.92 70.17 -8.20
C ILE L 281 18.15 71.27 -8.93
N ILE L 282 18.30 71.31 -10.25
CA ILE L 282 17.59 72.27 -11.08
C ILE L 282 16.39 71.56 -11.70
N LEU L 283 15.27 72.28 -11.82
CA LEU L 283 14.07 71.74 -12.43
C LEU L 283 13.52 72.75 -13.44
N ALA L 284 13.29 72.28 -14.67
CA ALA L 284 12.66 73.07 -15.72
C ALA L 284 11.26 72.52 -15.98
N THR L 285 10.24 73.25 -15.50
CA THR L 285 8.86 72.86 -15.70
C THR L 285 8.27 73.65 -16.87
N GLY L 286 7.37 73.01 -17.62
CA GLY L 286 6.68 73.68 -18.71
C GLY L 286 5.89 72.70 -19.57
N ALA L 287 5.05 73.25 -20.47
CA ALA L 287 4.31 72.47 -21.43
C ALA L 287 5.24 71.89 -22.48
N THR L 288 4.68 71.08 -23.39
CA THR L 288 5.46 70.50 -24.47
C THR L 288 5.92 71.61 -25.42
N GLY L 289 7.18 71.53 -25.84
CA GLY L 289 7.74 72.43 -26.84
C GLY L 289 8.21 73.76 -26.25
N THR L 290 8.18 73.89 -24.92
CA THR L 290 8.49 75.15 -24.25
C THR L 290 10.00 75.39 -24.24
N GLY L 291 10.79 74.31 -24.31
CA GLY L 291 12.23 74.41 -24.47
C GLY L 291 13.02 73.86 -23.30
N LYS L 292 12.46 72.85 -22.58
CA LYS L 292 13.16 72.24 -21.48
C LYS L 292 14.42 71.52 -21.96
N THR L 293 14.34 70.94 -23.17
CA THR L 293 15.43 70.12 -23.69
C THR L 293 16.56 71.00 -24.22
N LEU L 294 16.23 72.23 -24.62
CA LEU L 294 17.24 73.18 -25.07
C LEU L 294 18.09 73.64 -23.88
N LEU L 295 17.42 73.94 -22.76
CA LEU L 295 18.12 74.34 -21.54
C LEU L 295 18.98 73.20 -21.02
N VAL L 296 18.52 71.95 -21.23
CA VAL L 296 19.30 70.77 -20.91
C VAL L 296 20.52 70.68 -21.81
N SER L 297 20.29 70.83 -23.13
CA SER L 297 21.34 70.71 -24.13
C SER L 297 22.48 71.69 -23.85
N LYS L 298 22.12 72.91 -23.43
CA LYS L 298 23.09 73.96 -23.14
C LYS L 298 23.84 73.65 -21.84
N PHE L 299 23.14 73.05 -20.87
CA PHE L 299 23.72 72.68 -19.59
C PHE L 299 24.86 71.67 -19.80
N LEU L 300 24.64 70.72 -20.72
CA LEU L 300 25.59 69.65 -20.98
C LEU L 300 26.72 70.16 -21.88
N GLU L 301 26.41 71.12 -22.75
CA GLU L 301 27.41 71.71 -23.63
C GLU L 301 28.46 72.44 -22.79
N ASN L 302 27.99 73.32 -21.91
CA ASN L 302 28.84 74.11 -21.04
C ASN L 302 29.82 73.20 -20.29
N ALA L 303 29.32 72.06 -19.81
CA ALA L 303 30.12 71.10 -19.05
C ALA L 303 31.23 70.54 -19.93
N CYS L 304 30.84 69.93 -21.06
CA CYS L 304 31.77 69.20 -21.92
C CYS L 304 32.76 70.15 -22.57
N ARG L 305 32.37 71.42 -22.77
CA ARG L 305 33.27 72.43 -23.31
C ARG L 305 34.32 72.80 -22.28
N ASN L 306 33.94 72.81 -20.99
CA ASN L 306 34.86 73.09 -19.90
C ASN L 306 35.50 71.79 -19.42
N LYS L 307 35.50 70.77 -20.29
CA LYS L 307 36.12 69.48 -20.03
C LYS L 307 35.55 68.85 -18.76
N GLU L 308 34.26 69.11 -18.49
CA GLU L 308 33.55 68.42 -17.41
C GLU L 308 32.77 67.27 -18.02
N ARG L 309 32.78 66.12 -17.36
CA ARG L 309 32.06 64.95 -17.84
C ARG L 309 30.60 65.05 -17.40
N ALA L 310 29.69 64.62 -18.28
CA ALA L 310 28.26 64.68 -18.01
C ALA L 310 27.56 63.48 -18.65
N ILE L 311 26.39 63.14 -18.11
CA ILE L 311 25.55 62.08 -18.66
C ILE L 311 24.15 62.63 -18.92
N LEU L 312 23.59 62.29 -20.08
CA LEU L 312 22.22 62.63 -20.41
C LEU L 312 21.36 61.37 -20.34
N PHE L 313 20.54 61.27 -19.29
CA PHE L 313 19.57 60.20 -19.14
C PHE L 313 18.27 60.59 -19.85
N ALA L 314 18.12 60.13 -21.10
CA ALA L 314 17.02 60.52 -21.95
C ALA L 314 15.94 59.43 -21.92
N TYR L 315 14.67 59.87 -21.84
CA TYR L 315 13.54 58.96 -21.72
C TYR L 315 12.38 59.40 -22.62
N GLU L 316 12.69 60.16 -23.68
CA GLU L 316 11.66 60.73 -24.54
C GLU L 316 12.08 60.65 -26.00
N GLU L 317 13.28 61.17 -26.30
CA GLU L 317 13.79 61.22 -27.66
C GLU L 317 14.90 60.19 -27.83
N SER L 318 15.14 59.78 -29.08
CA SER L 318 16.23 58.87 -29.40
C SER L 318 17.55 59.64 -29.46
N ARG L 319 18.66 58.90 -29.46
CA ARG L 319 20.00 59.49 -29.47
C ARG L 319 20.24 60.23 -30.78
N ALA L 320 19.63 59.75 -31.88
CA ALA L 320 19.76 60.39 -33.18
C ALA L 320 18.99 61.71 -33.20
N GLN L 321 17.74 61.67 -32.72
CA GLN L 321 16.85 62.82 -32.73
C GLN L 321 17.43 63.95 -31.88
N LEU L 322 17.92 63.59 -30.68
CA LEU L 322 18.56 64.53 -29.78
C LEU L 322 19.73 65.23 -30.47
N LEU L 323 20.52 64.44 -31.21
CA LEU L 323 21.78 64.88 -31.77
C LEU L 323 21.51 65.75 -33.00
N ARG L 324 20.40 65.51 -33.69
CA ARG L 324 20.00 66.31 -34.85
C ARG L 324 19.46 67.66 -34.39
N ASN L 325 18.46 67.62 -33.50
CA ASN L 325 17.78 68.82 -33.03
C ASN L 325 18.77 69.75 -32.34
N ALA L 326 19.88 69.18 -31.83
CA ALA L 326 20.93 69.95 -31.18
C ALA L 326 21.71 70.77 -32.20
N THR L 327 21.96 70.19 -33.39
CA THR L 327 22.72 70.87 -34.43
C THR L 327 21.96 72.11 -34.92
N SER L 328 20.63 72.03 -34.90
CA SER L 328 19.79 73.14 -35.31
C SER L 328 19.72 74.22 -34.23
N TRP L 329 20.32 73.95 -33.07
CA TRP L 329 20.46 74.92 -31.99
C TRP L 329 21.91 75.43 -31.90
N GLY L 330 22.84 74.75 -32.57
CA GLY L 330 24.24 75.12 -32.57
C GLY L 330 25.04 74.36 -31.52
N ILE L 331 24.73 73.06 -31.36
CA ILE L 331 25.35 72.21 -30.36
C ILE L 331 25.70 70.89 -31.04
N ASP L 332 26.95 70.44 -30.86
CA ASP L 332 27.43 69.21 -31.47
C ASP L 332 27.79 68.22 -30.37
N PHE L 333 26.93 67.22 -30.14
CA PHE L 333 27.14 66.23 -29.09
C PHE L 333 28.08 65.13 -29.55
N GLU L 334 28.17 64.91 -30.87
CA GLU L 334 29.06 63.90 -31.44
C GLU L 334 30.48 64.09 -30.91
N GLU L 335 30.96 65.34 -30.94
CA GLU L 335 32.31 65.68 -30.55
C GLU L 335 32.48 65.50 -29.04
N MET L 336 31.42 65.80 -28.27
CA MET L 336 31.48 65.75 -26.82
C MET L 336 31.56 64.28 -26.38
N GLU L 337 30.85 63.41 -27.11
CA GLU L 337 30.90 61.98 -26.89
C GLU L 337 32.23 61.42 -27.40
N ARG L 338 32.72 61.97 -28.52
CA ARG L 338 33.93 61.50 -29.16
C ARG L 338 35.18 61.99 -28.40
N ASP L 339 34.99 62.52 -27.19
CA ASP L 339 36.10 62.96 -26.35
C ASP L 339 35.95 62.44 -24.92
N GLY L 340 35.00 61.53 -24.70
CA GLY L 340 34.75 60.96 -23.38
C GLY L 340 34.36 62.01 -22.35
N LEU L 341 33.44 62.92 -22.75
CA LEU L 341 32.95 63.97 -21.88
C LEU L 341 31.43 63.99 -21.84
N LEU L 342 30.77 63.17 -22.67
CA LEU L 342 29.32 63.10 -22.72
C LEU L 342 28.90 61.66 -22.97
N LYS L 343 27.92 61.18 -22.17
CA LYS L 343 27.30 59.89 -22.39
C LYS L 343 25.79 60.07 -22.44
N ILE L 344 25.19 59.73 -23.58
CA ILE L 344 23.73 59.77 -23.73
C ILE L 344 23.19 58.36 -23.54
N ILE L 345 22.64 58.09 -22.35
CA ILE L 345 21.97 56.84 -22.06
C ILE L 345 20.48 57.01 -22.38
N CYS L 346 20.03 56.32 -23.42
CA CYS L 346 18.67 56.45 -23.91
C CYS L 346 17.90 55.16 -23.63
N ALA L 347 16.69 55.31 -23.08
CA ALA L 347 15.86 54.17 -22.72
C ALA L 347 14.42 54.62 -22.53
N TYR L 348 13.48 53.81 -23.02
CA TYR L 348 12.06 54.05 -22.77
C TYR L 348 11.80 53.91 -21.27
N PRO L 349 10.98 54.80 -20.66
CA PRO L 349 10.67 54.71 -19.23
C PRO L 349 10.17 53.34 -18.78
N GLU L 350 9.41 52.67 -19.66
CA GLU L 350 8.75 51.42 -19.33
C GLU L 350 9.68 50.23 -19.53
N SER L 351 10.82 50.45 -20.20
CA SER L 351 11.78 49.40 -20.48
C SER L 351 12.03 48.56 -19.23
N THR L 352 12.24 49.23 -18.09
CA THR L 352 12.47 48.57 -16.81
C THR L 352 11.67 49.29 -15.72
N GLY L 353 11.78 48.80 -14.49
CA GLY L 353 11.19 49.46 -13.33
C GLY L 353 12.04 50.63 -12.86
N LEU L 354 11.44 51.48 -12.00
CA LEU L 354 12.09 52.68 -11.49
C LEU L 354 13.23 52.31 -10.54
N GLU L 355 13.04 51.22 -9.77
CA GLU L 355 14.09 50.72 -8.88
C GLU L 355 15.29 50.25 -9.70
N ASP L 356 15.04 49.80 -10.93
CA ASP L 356 16.11 49.39 -11.84
C ASP L 356 16.75 50.63 -12.47
N HIS L 357 15.90 51.51 -13.03
CA HIS L 357 16.35 52.74 -13.65
C HIS L 357 17.35 53.49 -12.75
N LEU L 358 17.10 53.46 -11.44
CA LEU L 358 17.94 54.15 -10.48
C LEU L 358 19.31 53.46 -10.40
N GLN L 359 19.31 52.12 -10.45
CA GLN L 359 20.53 51.34 -10.44
C GLN L 359 21.33 51.59 -11.72
N ILE L 360 20.62 51.83 -12.84
CA ILE L 360 21.28 52.17 -14.10
C ILE L 360 21.98 53.50 -13.92
N ILE L 361 21.25 54.49 -13.40
CA ILE L 361 21.78 55.83 -13.18
C ILE L 361 23.01 55.74 -12.28
N LYS L 362 22.86 55.07 -11.14
CA LYS L 362 23.90 54.98 -10.12
C LYS L 362 25.15 54.33 -10.69
N SER L 363 24.98 53.21 -11.40
CA SER L 363 26.10 52.44 -11.93
C SER L 363 26.81 53.21 -13.03
N GLU L 364 26.02 53.88 -13.90
CA GLU L 364 26.56 54.66 -15.01
C GLU L 364 27.34 55.85 -14.46
N ILE L 365 26.81 56.46 -13.40
CA ILE L 365 27.47 57.56 -12.71
C ILE L 365 28.79 57.08 -12.11
N SER L 366 28.74 55.95 -11.38
CA SER L 366 29.91 55.42 -10.71
C SER L 366 31.04 55.16 -11.70
N GLU L 367 30.69 54.73 -12.92
CA GLU L 367 31.66 54.41 -13.95
C GLU L 367 32.26 55.69 -14.53
N PHE L 368 31.41 56.54 -15.11
CA PHE L 368 31.86 57.70 -15.86
C PHE L 368 32.37 58.77 -14.90
N LYS L 369 31.86 58.76 -13.66
CA LYS L 369 32.26 59.70 -12.62
C LYS L 369 32.03 61.13 -13.11
N PRO L 370 30.78 61.49 -13.49
CA PRO L 370 30.50 62.81 -14.06
C PRO L 370 30.37 63.91 -13.01
N SER L 371 30.32 65.16 -13.49
CA SER L 371 30.17 66.32 -12.63
C SER L 371 28.75 66.90 -12.76
N ARG L 372 28.16 66.78 -13.95
CA ARG L 372 26.79 67.22 -14.18
C ARG L 372 25.96 66.03 -14.69
N ILE L 373 24.65 66.07 -14.45
CA ILE L 373 23.73 65.04 -14.90
C ILE L 373 22.47 65.71 -15.41
N ALA L 374 21.76 65.03 -16.32
CA ALA L 374 20.55 65.58 -16.92
C ALA L 374 19.54 64.45 -17.16
N ILE L 375 18.39 64.54 -16.48
CA ILE L 375 17.31 63.59 -16.66
C ILE L 375 16.19 64.28 -17.44
N ASP L 376 15.87 63.73 -18.63
CA ASP L 376 14.92 64.32 -19.55
C ASP L 376 14.06 63.21 -20.12
N SER L 377 12.89 62.94 -19.53
CA SER L 377 12.28 63.74 -18.47
C SER L 377 11.90 62.87 -17.28
N LEU L 378 11.52 63.52 -16.18
CA LEU L 378 11.01 62.86 -15.00
C LEU L 378 9.54 62.50 -15.18
N SER L 379 8.79 63.40 -15.83
CA SER L 379 7.38 63.17 -16.10
C SER L 379 7.18 61.85 -16.85
N ALA L 380 8.11 61.53 -17.74
CA ALA L 380 8.05 60.30 -18.53
C ALA L 380 8.23 59.07 -17.64
N LEU L 381 9.12 59.17 -16.64
CA LEU L 381 9.37 58.08 -15.70
C LEU L 381 8.20 57.93 -14.74
N ALA L 382 7.39 58.99 -14.58
CA ALA L 382 6.23 58.96 -13.69
C ALA L 382 5.04 58.27 -14.35
N ARG L 383 5.08 58.11 -15.67
CA ARG L 383 3.97 57.53 -16.43
C ARG L 383 3.76 56.08 -15.99
N GLY L 384 2.52 55.76 -15.59
CA GLY L 384 2.15 54.41 -15.20
C GLY L 384 3.01 53.88 -14.05
N VAL L 385 3.04 54.64 -12.95
CA VAL L 385 3.79 54.27 -11.77
C VAL L 385 3.13 54.91 -10.56
N SER L 386 3.33 54.29 -9.38
CA SER L 386 2.76 54.76 -8.14
C SER L 386 3.33 56.15 -7.81
N ASN L 387 2.50 57.01 -7.20
CA ASN L 387 2.91 58.34 -6.83
C ASN L 387 4.03 58.27 -5.78
N ASN L 388 3.94 57.26 -4.90
CA ASN L 388 4.94 57.04 -3.86
C ASN L 388 6.22 56.48 -4.47
N ALA L 389 6.07 55.61 -5.48
CA ALA L 389 7.20 54.95 -6.12
C ALA L 389 8.07 55.97 -6.85
N PHE L 390 7.41 56.90 -7.57
CA PHE L 390 8.12 57.93 -8.31
C PHE L 390 8.82 58.89 -7.35
N ARG L 391 8.17 59.18 -6.22
CA ARG L 391 8.77 59.97 -5.17
C ARG L 391 10.03 59.25 -4.65
N GLN L 392 9.88 57.95 -4.39
CA GLN L 392 10.97 57.12 -3.92
C GLN L 392 12.14 57.18 -4.91
N PHE L 393 11.82 57.24 -6.20
CA PHE L 393 12.83 57.38 -7.25
C PHE L 393 13.48 58.76 -7.19
N VAL L 394 12.63 59.80 -7.14
CA VAL L 394 13.09 61.18 -7.15
C VAL L 394 14.00 61.43 -5.94
N ILE L 395 13.58 60.98 -4.75
CA ILE L 395 14.39 61.09 -3.55
C ILE L 395 15.72 60.38 -3.76
N GLY L 396 15.67 59.22 -4.44
CA GLY L 396 16.84 58.39 -4.65
C GLY L 396 17.89 59.04 -5.55
N VAL L 397 17.46 59.57 -6.71
CA VAL L 397 18.38 60.14 -7.68
C VAL L 397 18.94 61.45 -7.14
N THR L 398 18.06 62.29 -6.59
CA THR L 398 18.45 63.54 -5.96
C THR L 398 19.55 63.29 -4.93
N GLY L 399 19.24 62.47 -3.94
CA GLY L 399 20.14 62.20 -2.82
C GLY L 399 21.53 61.78 -3.27
N TYR L 400 21.57 60.89 -4.27
CA TYR L 400 22.82 60.33 -4.78
C TYR L 400 23.65 61.46 -5.41
N ALA L 401 23.00 62.24 -6.28
CA ALA L 401 23.65 63.36 -6.95
C ALA L 401 24.20 64.36 -5.93
N LYS L 402 23.47 64.55 -4.82
CA LYS L 402 23.85 65.51 -3.80
C LYS L 402 25.08 65.01 -3.03
N GLN L 403 25.05 63.74 -2.60
CA GLN L 403 26.13 63.19 -1.80
C GLN L 403 27.36 62.89 -2.68
N GLU L 404 27.14 62.80 -4.00
CA GLU L 404 28.23 62.53 -4.93
C GLU L 404 28.70 63.83 -5.58
N GLU L 405 28.11 64.95 -5.18
CA GLU L 405 28.52 66.28 -5.62
C GLU L 405 28.34 66.40 -7.14
N ILE L 406 27.12 66.10 -7.61
CA ILE L 406 26.80 66.19 -9.03
C ILE L 406 25.64 67.17 -9.20
N THR L 407 25.79 68.12 -10.12
CA THR L 407 24.73 69.06 -10.46
C THR L 407 23.72 68.35 -11.35
N GLY L 408 22.43 68.44 -10.98
CA GLY L 408 21.39 67.70 -11.66
C GLY L 408 20.32 68.61 -12.26
N PHE L 409 20.20 68.57 -13.59
CA PHE L 409 19.17 69.30 -14.32
C PHE L 409 18.05 68.31 -14.67
N PHE L 410 16.85 68.57 -14.16
CA PHE L 410 15.72 67.67 -14.35
C PHE L 410 14.63 68.39 -15.14
N THR L 411 13.86 67.62 -15.90
CA THR L 411 12.83 68.15 -16.79
C THR L 411 11.48 67.53 -16.42
N ASN L 412 10.43 68.36 -16.49
CA ASN L 412 9.07 67.92 -16.19
C ASN L 412 8.12 68.61 -17.17
N THR L 413 7.49 67.81 -18.04
CA THR L 413 6.46 68.33 -18.94
C THR L 413 5.14 68.40 -18.17
N SER L 414 4.34 69.43 -18.48
CA SER L 414 3.09 69.67 -17.77
C SER L 414 1.89 69.33 -18.65
N ASP L 415 0.82 68.87 -18.00
CA ASP L 415 -0.40 68.43 -18.67
C ASP L 415 -1.08 69.62 -19.35
N GLN L 416 -1.50 70.62 -18.55
CA GLN L 416 -2.11 71.82 -19.08
C GLN L 416 -1.04 72.59 -19.86
N PHE L 417 -1.29 72.81 -21.16
CA PHE L 417 -0.21 73.24 -22.06
C PHE L 417 -0.06 74.76 -22.03
N MET L 418 -1.08 75.48 -21.56
CA MET L 418 -0.97 76.94 -21.46
C MET L 418 -1.10 77.37 -20.00
N GLY L 419 -0.11 78.16 -19.54
CA GLY L 419 -0.12 78.73 -18.21
C GLY L 419 0.71 77.92 -17.22
N SER L 420 1.25 78.60 -16.21
CA SER L 420 1.92 77.95 -15.10
C SER L 420 0.93 77.75 -13.95
N HIS L 421 0.49 76.50 -13.77
CA HIS L 421 -0.58 76.17 -12.85
C HIS L 421 0.01 75.61 -11.55
N SER L 422 0.74 74.50 -11.68
CA SER L 422 1.33 73.83 -10.54
C SER L 422 2.38 72.82 -11.03
N ILE L 423 3.64 73.08 -10.69
CA ILE L 423 4.73 72.15 -10.94
C ILE L 423 4.57 70.93 -10.04
N THR L 424 3.74 71.07 -8.99
CA THR L 424 3.41 69.96 -8.11
C THR L 424 2.52 68.96 -8.84
N ASP L 425 3.11 68.29 -9.84
CA ASP L 425 2.49 67.15 -10.49
C ASP L 425 2.51 65.99 -9.49
N SER L 426 3.65 65.80 -8.84
CA SER L 426 3.79 64.82 -7.76
C SER L 426 4.56 65.42 -6.58
N HIS L 427 4.60 66.76 -6.49
CA HIS L 427 5.17 67.46 -5.35
C HIS L 427 6.64 67.08 -5.16
N ILE L 428 7.52 67.62 -6.01
CA ILE L 428 8.95 67.43 -5.89
C ILE L 428 9.63 68.81 -5.78
N SEP L 429 8.87 69.81 -5.30
CA SEP L 429 9.39 71.15 -5.10
CB SEP L 429 8.26 72.15 -5.03
OG SEP L 429 7.58 72.18 -6.31
C SEP L 429 10.25 71.20 -3.84
O SEP L 429 11.22 71.94 -3.77
P SEP L 429 6.16 71.41 -6.47
O1P SEP L 429 6.48 70.15 -7.26
O2P SEP L 429 5.65 71.11 -5.08
O3P SEP L 429 5.27 72.37 -7.23
N THR L 430 9.85 70.41 -2.83
CA THR L 430 10.62 70.27 -1.60
C THR L 430 12.01 69.70 -1.90
N ILE L 431 12.14 69.02 -3.04
CA ILE L 431 13.39 68.38 -3.43
C ILE L 431 14.25 69.41 -4.17
N THR L 432 13.69 70.02 -5.21
CA THR L 432 14.42 70.87 -6.12
C THR L 432 14.84 72.16 -5.40
N ASP L 433 15.99 72.71 -5.83
CA ASP L 433 16.54 73.92 -5.25
C ASP L 433 16.26 75.11 -6.16
N THR L 434 16.30 74.87 -7.48
CA THR L 434 16.03 75.90 -8.47
C THR L 434 14.88 75.45 -9.37
N ILE L 435 13.88 76.33 -9.54
CA ILE L 435 12.75 76.05 -10.42
C ILE L 435 12.75 77.09 -11.54
N ILE L 436 12.90 76.61 -12.78
CA ILE L 436 12.75 77.43 -13.97
C ILE L 436 11.38 77.10 -14.56
N LEU L 437 10.63 78.15 -14.95
CA LEU L 437 9.24 78.01 -15.32
C LEU L 437 9.06 78.52 -16.75
N LEU L 438 9.08 77.58 -17.71
CA LEU L 438 8.86 77.88 -19.11
C LEU L 438 7.37 77.73 -19.42
N GLN L 439 6.75 78.79 -19.95
CA GLN L 439 5.33 78.74 -20.28
C GLN L 439 5.07 79.43 -21.62
N TYR L 440 3.91 79.14 -22.20
CA TYR L 440 3.42 79.84 -23.37
C TYR L 440 2.60 81.05 -22.91
N VAL L 441 2.57 82.09 -23.75
CA VAL L 441 1.74 83.26 -23.51
C VAL L 441 1.17 83.74 -24.84
N GLU L 442 -0.15 83.87 -24.89
CA GLU L 442 -0.85 84.31 -26.09
C GLU L 442 -0.80 85.84 -26.18
N ILE L 443 0.01 86.37 -27.10
CA ILE L 443 0.11 87.80 -27.31
C ILE L 443 -0.26 88.10 -28.76
N ARG L 444 -1.43 88.74 -28.94
CA ARG L 444 -1.88 89.24 -30.24
C ARG L 444 -2.04 88.07 -31.22
N GLY L 445 -2.74 87.02 -30.79
CA GLY L 445 -3.02 85.86 -31.62
C GLY L 445 -1.74 85.11 -32.01
N GLU L 446 -0.69 85.23 -31.18
CA GLU L 446 0.57 84.58 -31.43
C GLU L 446 1.02 83.86 -30.15
N MET L 447 1.50 82.62 -30.31
CA MET L 447 1.97 81.81 -29.20
C MET L 447 3.42 82.20 -28.88
N SER L 448 3.59 83.18 -27.99
CA SER L 448 4.92 83.56 -27.53
C SER L 448 5.29 82.73 -26.30
N ARG L 449 6.61 82.64 -26.03
CA ARG L 449 7.13 81.86 -24.92
C ARG L 449 7.57 82.81 -23.80
N ALA L 450 7.85 82.23 -22.63
CA ALA L 450 8.31 82.98 -21.47
C ALA L 450 9.08 82.08 -20.53
N ILE L 451 10.03 82.68 -19.81
CA ILE L 451 10.86 81.97 -18.85
C ILE L 451 10.91 82.77 -17.55
N ASN L 452 11.05 82.07 -16.43
CA ASN L 452 11.03 82.70 -15.11
C ASN L 452 11.73 81.80 -14.11
N VAL L 453 12.65 82.39 -13.32
CA VAL L 453 13.28 81.68 -12.22
C VAL L 453 12.36 81.81 -11.01
N PHE L 454 11.57 80.76 -10.78
CA PHE L 454 10.51 80.78 -9.76
C PHE L 454 11.14 80.67 -8.38
N LYS L 455 12.12 79.78 -8.24
CA LYS L 455 12.81 79.56 -6.97
C LYS L 455 14.31 79.45 -7.23
N MET L 456 15.09 79.87 -6.23
CA MET L 456 16.55 79.76 -6.26
C MET L 456 17.06 79.87 -4.82
N ARG L 457 17.13 78.73 -4.14
CA ARG L 457 17.62 78.68 -2.77
C ARG L 457 19.09 79.08 -2.74
N GLY L 458 19.42 80.07 -1.91
CA GLY L 458 20.80 80.44 -1.65
C GLY L 458 21.26 81.66 -2.44
N SER L 459 20.39 82.20 -3.31
CA SER L 459 20.76 83.30 -4.18
C SER L 459 19.56 84.19 -4.46
N TRP L 460 19.84 85.47 -4.76
CA TRP L 460 18.89 86.34 -5.43
C TRP L 460 18.67 85.80 -6.84
N HIS L 461 17.42 85.80 -7.29
CA HIS L 461 17.08 85.46 -8.66
C HIS L 461 16.24 86.58 -9.24
N ASP L 462 16.29 86.74 -10.57
CA ASP L 462 15.48 87.73 -11.25
C ASP L 462 14.02 87.30 -11.13
N LYS L 463 13.16 88.24 -10.72
CA LYS L 463 11.78 87.93 -10.37
C LYS L 463 10.88 88.35 -11.53
N GLY L 464 11.29 88.02 -12.77
CA GLY L 464 10.64 88.54 -13.96
C GLY L 464 10.20 87.43 -14.91
N ILE L 465 9.01 87.60 -15.49
CA ILE L 465 8.47 86.68 -16.48
C ILE L 465 8.88 87.19 -17.86
N ARG L 466 10.05 86.73 -18.33
CA ARG L 466 10.72 87.31 -19.47
C ARG L 466 10.41 86.53 -20.74
N GLU L 467 10.19 87.27 -21.83
CA GLU L 467 9.99 86.69 -23.15
C GLU L 467 11.26 85.95 -23.57
N PHE L 468 11.09 84.89 -24.36
CA PHE L 468 12.18 83.99 -24.69
C PHE L 468 11.92 83.37 -26.06
N VAL L 469 12.84 83.61 -27.00
CA VAL L 469 12.71 83.15 -28.37
C VAL L 469 13.77 82.07 -28.61
N ILE L 470 13.40 81.03 -29.37
CA ILE L 470 14.32 79.99 -29.76
C ILE L 470 14.75 80.23 -31.21
N SER L 471 16.07 80.30 -31.41
CA SER L 471 16.67 80.54 -32.71
C SER L 471 17.52 79.34 -33.10
N ASP L 472 18.16 79.44 -34.28
CA ASP L 472 19.09 78.41 -34.73
C ASP L 472 20.39 78.51 -33.94
N LYS L 473 20.51 79.55 -33.09
CA LYS L 473 21.62 79.69 -32.17
C LYS L 473 21.09 79.68 -30.74
N GLY L 474 20.14 78.77 -30.46
CA GLY L 474 19.69 78.52 -29.10
C GLY L 474 18.74 79.60 -28.58
N PRO L 475 18.65 79.79 -27.24
CA PRO L 475 17.67 80.70 -26.64
C PRO L 475 18.12 82.15 -26.60
N GLU L 476 17.14 83.07 -26.49
CA GLU L 476 17.40 84.49 -26.35
C GLU L 476 16.37 85.08 -25.39
N ILE L 477 16.77 85.25 -24.13
CA ILE L 477 15.88 85.75 -23.10
C ILE L 477 15.78 87.27 -23.24
N LYS L 478 14.56 87.75 -23.48
CA LYS L 478 14.30 89.16 -23.79
C LYS L 478 13.89 89.88 -22.50
N ASP L 479 13.00 90.87 -22.62
CA ASP L 479 12.52 91.65 -21.49
C ASP L 479 11.20 91.07 -20.99
N SER L 480 10.74 91.58 -19.84
CA SER L 480 9.51 91.14 -19.20
C SER L 480 8.28 91.70 -19.93
N PHE L 481 7.13 91.06 -19.71
CA PHE L 481 5.85 91.55 -20.22
C PHE L 481 5.25 92.51 -19.19
N ARG L 482 5.82 93.72 -19.13
CA ARG L 482 5.49 94.68 -18.09
C ARG L 482 4.13 95.33 -18.35
N ASN L 483 3.64 95.24 -19.58
CA ASN L 483 2.47 95.97 -20.02
C ASN L 483 1.29 95.01 -20.24
N PHE L 484 1.28 93.90 -19.50
CA PHE L 484 0.20 92.93 -19.57
C PHE L 484 -0.16 92.43 -18.17
N GLU L 485 -1.39 91.94 -18.02
CA GLU L 485 -1.88 91.36 -16.77
C GLU L 485 -2.33 89.92 -17.03
N ARG L 486 -2.30 89.09 -15.99
CA ARG L 486 -2.72 87.70 -16.04
C ARG L 486 -1.87 86.93 -17.06
N ILE L 487 -0.54 87.07 -16.93
CA ILE L 487 0.41 86.38 -17.78
C ILE L 487 0.40 84.89 -17.47
N ILE L 488 0.39 84.57 -16.17
CA ILE L 488 0.59 83.22 -15.68
C ILE L 488 -0.54 82.31 -16.15
N SER L 489 -1.68 82.91 -16.54
CA SER L 489 -2.83 82.18 -17.04
C SER L 489 -2.54 81.60 -18.43
N GLY L 490 -1.72 82.30 -19.22
CA GLY L 490 -1.40 81.88 -20.58
C GLY L 490 -2.05 82.77 -21.63
N SER L 491 -3.23 83.31 -21.29
CA SER L 491 -3.91 84.31 -22.11
C SER L 491 -4.00 85.62 -21.32
N PRO L 492 -3.03 86.55 -21.48
CA PRO L 492 -3.03 87.81 -20.74
C PRO L 492 -3.96 88.88 -21.32
N THR L 493 -3.96 90.05 -20.68
CA THR L 493 -4.71 91.20 -21.14
C THR L 493 -3.77 92.39 -21.27
N ARG L 494 -3.72 93.00 -22.47
CA ARG L 494 -2.91 94.17 -22.71
C ARG L 494 -3.49 95.36 -21.95
N ILE L 495 -2.72 95.88 -20.99
CA ILE L 495 -3.15 96.97 -20.13
C ILE L 495 -2.19 98.15 -20.32
PG ANP M . 27.37 -49.51 -24.80
O1G ANP M . 27.46 -49.15 -26.27
O2G ANP M . 28.66 -49.13 -24.14
O3G ANP M . 26.25 -48.74 -24.18
PB ANP M . 25.79 -51.92 -25.17
O1B ANP M . 24.68 -51.92 -24.17
O2B ANP M . 25.47 -51.56 -26.59
N3B ANP M . 27.10 -51.11 -24.64
PA ANP M . 26.31 -54.56 -26.38
O1A ANP M . 25.01 -54.48 -27.11
O2A ANP M . 27.57 -54.45 -27.16
O3A ANP M . 26.31 -53.44 -25.23
O5' ANP M . 26.33 -55.90 -25.50
C5' ANP M . 27.60 -56.31 -24.92
C4' ANP M . 27.36 -57.30 -23.82
O4' ANP M . 26.56 -58.40 -24.33
C3' ANP M . 28.61 -57.98 -23.25
O3' ANP M . 29.18 -57.22 -22.21
C2' ANP M . 28.05 -59.32 -22.74
O2' ANP M . 27.48 -59.20 -21.46
C1' ANP M . 27.00 -59.63 -23.80
N9 ANP M . 27.50 -60.44 -24.90
C8 ANP M . 28.17 -60.02 -26.02
N7 ANP M . 28.48 -61.01 -26.82
C5 ANP M . 27.99 -62.14 -26.19
C6 ANP M . 28.00 -63.50 -26.53
N6 ANP M . 28.54 -63.98 -27.65
N1 ANP M . 27.40 -64.37 -25.68
C2 ANP M . 26.85 -63.89 -24.56
N3 ANP M . 26.79 -62.63 -24.14
C4 ANP M . 27.38 -61.79 -25.00
PG ANP N . 18.82 -83.71 1.53
O1G ANP N . 19.09 -83.36 0.09
O2G ANP N . 20.09 -83.58 2.33
O3G ANP N . 17.80 -82.74 2.07
PB ANP N . 16.89 -85.84 0.98
O1B ANP N . 15.67 -85.47 1.77
O2B ANP N . 16.85 -85.66 -0.52
N3B ANP N . 18.27 -85.24 1.62
PA ANP N . 18.07 -88.46 0.46
O1A ANP N . 17.41 -88.92 -0.79
O2A ANP N . 19.44 -87.87 0.36
O3A ANP N . 17.10 -87.41 1.19
O5' ANP N . 18.09 -89.66 1.52
C5' ANP N . 19.03 -89.63 2.62
C4' ANP N . 18.63 -90.64 3.66
O4' ANP N . 18.59 -91.94 3.03
C3' ANP N . 19.59 -90.82 4.84
O3' ANP N . 19.26 -89.93 5.90
C2' ANP N . 19.38 -92.28 5.25
O2' ANP N . 18.40 -92.44 6.25
C1' ANP N . 18.92 -92.95 3.96
N9 ANP N . 19.95 -93.80 3.36
C8 ANP N . 20.92 -93.44 2.46
N7 ANP N . 21.69 -94.44 2.11
C5 ANP N . 21.19 -95.52 2.83
C6 ANP N . 21.58 -96.88 2.91
N6 ANP N . 22.59 -97.39 2.23
N1 ANP N . 20.86 -97.68 3.74
C2 ANP N . 19.85 -97.15 4.42
N3 ANP N . 19.39 -95.90 4.43
C4 ANP N . 20.12 -95.13 3.61
MG MG O . 18.40 -84.48 -1.54
MG MG P . 27.56 -50.00 -28.24
PG ANP Q . 28.30 -73.87 23.53
O1G ANP Q . 29.57 -73.63 22.74
O2G ANP Q . 28.26 -72.87 24.66
O3G ANP Q . 27.10 -73.66 22.63
PB ANP Q . 28.38 -76.75 23.22
O1B ANP Q . 27.03 -77.17 22.70
O2B ANP Q . 29.54 -76.71 22.27
N3B ANP Q . 28.30 -75.38 24.11
PA ANP Q . 30.15 -78.32 24.95
O1A ANP Q . 30.75 -79.34 24.06
O2A ANP Q . 30.94 -77.10 25.28
O3A ANP Q . 28.75 -77.86 24.31
O5' ANP Q . 29.64 -79.02 26.30
C5' ANP Q . 29.36 -78.19 27.45
C4' ANP Q . 28.61 -79.00 28.49
O4' ANP Q . 29.37 -80.20 28.78
C3' ANP Q . 28.43 -78.35 29.85
O3' ANP Q . 27.28 -77.50 29.87
C2' ANP Q . 28.22 -79.57 30.77
O2' ANP Q . 26.88 -79.97 30.85
C1' ANP Q . 29.06 -80.64 30.08
N9 ANP Q . 30.31 -80.90 30.79
C8 ANP Q . 31.51 -80.22 30.67
N7 ANP Q . 32.44 -80.70 31.45
C5 ANP Q . 31.82 -81.75 32.14
C6 ANP Q . 32.27 -82.65 33.11
N6 ANP Q . 33.51 -82.65 33.60
N1 ANP Q . 31.39 -83.56 33.58
C2 ANP Q . 30.15 -83.56 33.08
N3 ANP Q . 29.61 -82.76 32.16
C4 ANP Q . 30.51 -81.87 31.73
PG ANP R . 42.87 -43.98 -5.22
O1G ANP R . 44.10 -43.42 -5.89
O2G ANP R . 42.46 -43.06 -4.09
O3G ANP R . 41.75 -44.07 -6.22
PB ANP R . 43.05 -46.85 -5.47
O1B ANP R . 41.62 -47.26 -5.65
O2B ANP R . 43.95 -46.83 -6.68
N3B ANP R . 43.19 -45.47 -4.63
PA ANP R . 45.04 -48.79 -4.57
O1A ANP R . 45.01 -49.64 -5.79
O2A ANP R . 46.18 -47.84 -4.38
O3A ANP R . 43.68 -47.95 -4.50
O5' ANP R . 44.90 -49.72 -3.27
C5' ANP R . 45.37 -49.22 -2.01
C4' ANP R . 44.79 -50.02 -0.88
O4' ANP R . 45.07 -51.44 -1.10
C3' ANP R . 45.35 -49.75 0.52
O3' ANP R . 44.71 -48.64 1.12
C2' ANP R . 45.04 -51.06 1.24
O2' ANP R . 43.70 -51.12 1.70
C1' ANP R . 45.28 -52.09 0.13
N9 ANP R . 46.63 -52.64 0.13
C8 ANP R . 47.75 -52.12 -0.48
N7 ANP R . 48.81 -52.88 -0.31
C5 ANP R . 48.36 -53.94 0.47
C6 ANP R . 49.01 -55.08 1.00
N6 ANP R . 50.30 -55.34 0.81
N1 ANP R . 48.26 -55.94 1.72
C2 ANP R . 46.95 -55.67 1.90
N3 ANP R . 46.25 -54.64 1.45
C4 ANP R . 47.02 -53.80 0.74
MG MG S . 30.84 -74.92 22.00
MG MG T . 45.80 -44.85 -7.39
PG ANP U . -3.38 -23.36 -7.56
O1G ANP U . -4.42 -22.34 -7.94
O2G ANP U . -3.36 -24.44 -8.61
O3G ANP U . -2.02 -22.71 -7.51
PB ANP U . -4.86 -23.55 -5.04
O1B ANP U . -4.64 -24.19 -3.70
O2B ANP U . -5.06 -22.06 -5.10
N3B ANP U . -3.72 -24.04 -6.11
PA ANP U . -7.73 -23.75 -5.12
O1A ANP U . -7.66 -22.97 -3.85
O2A ANP U . -8.36 -23.11 -6.31
O3A ANP U . -6.24 -24.18 -5.53
O5' ANP U . -8.42 -25.17 -4.85
C5' ANP U . -9.33 -25.70 -5.84
C4' ANP U . -9.85 -27.04 -5.38
O4' ANP U . -10.87 -26.83 -4.37
C3' ANP U . -10.55 -27.89 -6.45
O3' ANP U . -9.61 -28.63 -7.22
C2' ANP U . -11.43 -28.81 -5.59
O2' ANP U . -10.72 -29.95 -5.16
C1' ANP U . -11.78 -27.90 -4.40
N9 ANP U . -13.14 -27.35 -4.47
C8 ANP U . -13.56 -26.23 -5.13
N7 ANP U . -14.85 -26.02 -4.98
C5 ANP U . -15.29 -27.06 -4.17
C6 ANP U . -16.56 -27.39 -3.65
N6 ANP U . -17.67 -26.69 -3.87
N1 ANP U . -16.64 -28.51 -2.88
C2 ANP U . -15.53 -29.22 -2.66
N3 ANP U . -14.29 -29.00 -3.09
C4 ANP U . -14.24 -27.88 -3.85
PG ANP V . -20.02 -60.77 7.55
O1G ANP V . -20.68 -60.06 6.40
O2G ANP V . -19.02 -61.75 7.03
O3G ANP V . -19.29 -59.75 8.39
PB ANP V . -21.65 -61.10 9.94
O1B ANP V . -20.69 -61.52 11.02
O2B ANP V . -22.17 -59.68 9.95
N3B ANP V . -21.15 -61.53 8.45
PA ANP V . -24.47 -61.83 9.69
O1A ANP V . -25.17 -60.97 10.69
O2A ANP V . -24.49 -61.42 8.26
O3A ANP V . -22.95 -62.02 10.16
O5' ANP V . -25.01 -63.34 9.81
C5' ANP V . -24.96 -64.20 8.63
C4' ANP V . -25.22 -65.62 9.06
O4' ANP V . -26.53 -65.69 9.69
C3' ANP V . -25.31 -66.66 7.94
O3' ANP V . -24.02 -67.11 7.54
C2' ANP V . -26.13 -67.77 8.60
O2' ANP V . -25.33 -68.66 9.34
C1' ANP V . -27.07 -66.99 9.52
N9 ANP V . -28.41 -66.86 8.98
C8 ANP V . -28.87 -65.94 8.07
N7 ANP V . -30.15 -66.11 7.79
C5 ANP V . -30.54 -67.21 8.56
C6 ANP V . -31.77 -67.87 8.71
N6 ANP V . -32.88 -67.54 8.06
N1 ANP V . -31.80 -68.93 9.56
C2 ANP V . -30.67 -69.27 10.21
N3 ANP V . -29.46 -68.71 10.15
C4 ANP V . -29.47 -67.67 9.29
MG MG W . -21.71 -58.10 8.17
PG ANP X . 4.32 -39.29 -25.52
O1G ANP X . 3.98 -38.40 -26.69
O2G ANP X . 5.67 -39.91 -25.73
O3G ANP X . 4.34 -38.47 -24.26
PB ANP X . 1.66 -40.29 -24.89
O1B ANP X . 1.56 -40.19 -23.39
O2B ANP X . 0.93 -39.27 -25.72
N3B ANP X . 3.20 -40.48 -25.40
PA ANP X . -0.14 -42.06 -26.34
O1A ANP X . -1.36 -41.25 -26.02
O2A ANP X . 0.46 -41.95 -27.70
O3A ANP X . 0.99 -41.69 -25.26
O5' ANP X . -0.41 -43.60 -25.98
C5' ANP X . 0.07 -44.62 -26.89
C4' ANP X . 0.07 -45.96 -26.20
O4' ANP X . -1.29 -46.40 -26.00
C3' ANP X . 0.74 -47.11 -26.95
O3' ANP X . 2.14 -47.10 -26.77
C2' ANP X . 0.07 -48.32 -26.29
O2' ANP X . 0.65 -48.65 -25.05
C1' ANP X . -1.36 -47.81 -26.09
N9 ANP X . -2.26 -48.15 -27.19
C8 ANP X . -2.43 -47.49 -28.38
N7 ANP X . -3.32 -48.06 -29.16
C5 ANP X . -3.76 -49.16 -28.44
C6 ANP X . -4.69 -50.18 -28.71
N6 ANP X . -5.40 -50.24 -29.84
N1 ANP X . -4.89 -51.13 -27.76
C2 ANP X . -4.17 -51.05 -26.63
N3 ANP X . -3.27 -50.15 -26.26
C4 ANP X . -3.10 -49.22 -27.22
PG ANP Y . -5.37 -77.17 -6.72
O1G ANP Y . -5.81 -76.24 -7.83
O2G ANP Y . -4.08 -77.82 -7.11
O3G ANP Y . -5.17 -76.35 -5.47
PB ANP Y . -8.08 -78.09 -6.08
O1B ANP Y . -8.29 -77.72 -4.64
O2B ANP Y . -8.79 -77.29 -7.14
N3B ANP Y . -6.51 -78.31 -6.47
PA ANP Y . -9.23 -80.36 -7.51
O1A ANP Y . -10.65 -79.94 -7.73
O2A ANP Y . -8.26 -80.20 -8.63
O3A ANP Y . -8.68 -79.57 -6.23
O5' ANP Y . -9.20 -81.87 -6.98
C5' ANP Y . -7.99 -82.64 -7.13
C4' ANP Y . -8.01 -83.79 -6.15
O4' ANP Y . -9.27 -84.51 -6.30
C3' ANP Y . -6.93 -84.86 -6.33
O3' ANP Y . -5.75 -84.52 -5.59
C2' ANP Y . -7.61 -86.10 -5.75
O2' ANP Y . -7.55 -86.15 -4.34
C1' ANP Y . -9.05 -85.90 -6.22
N9 ANP Y . -9.34 -86.49 -7.52
C8 ANP Y . -9.11 -85.93 -8.76
N7 ANP Y . -9.50 -86.72 -9.73
C5 ANP Y . -10.01 -87.86 -9.10
C6 ANP Y . -10.57 -89.05 -9.59
N6 ANP Y . -10.72 -89.32 -10.88
N1 ANP Y . -10.98 -89.96 -8.67
C2 ANP Y . -10.82 -89.68 -7.37
N3 ANP Y . -10.30 -88.60 -6.80
C4 ANP Y . -9.91 -87.71 -7.73
MG MG Z . -7.55 -76.13 -8.59
MG MG AA . 1.83 -38.92 -27.93
PG ANP BA . 35.46 -28.35 13.08
O1G ANP BA . 36.48 -27.56 13.87
O2G ANP BA . 34.10 -27.72 13.25
O3G ANP BA . 35.83 -28.32 11.62
PB ANP BA . 36.61 -30.67 14.42
O1B ANP BA . 36.35 -32.14 14.49
O2B ANP BA . 37.96 -30.21 13.93
N3B ANP BA . 35.42 -29.89 13.62
PA ANP BA . 37.48 -30.47 17.18
O1A ANP BA . 38.54 -31.42 16.73
O2A ANP BA . 37.90 -29.18 17.80
O3A ANP BA . 36.52 -30.17 15.93
O5' ANP BA . 36.47 -31.24 18.16
C5' ANP BA . 35.94 -30.51 19.29
C4' ANP BA . 34.90 -31.35 19.99
O4' ANP BA . 35.55 -32.43 20.69
C3' ANP BA . 34.07 -30.65 21.06
O3' ANP BA . 32.96 -29.96 20.49
C2' ANP BA . 33.63 -31.83 21.93
O2' ANP BA . 32.52 -32.51 21.38
C1' ANP BA . 34.88 -32.71 21.90
N9 ANP BA . 35.80 -32.45 23.01
C8 ANP BA . 36.75 -31.47 23.11
N7 ANP BA . 37.41 -31.52 24.25
C5 ANP BA . 36.87 -32.60 24.92
C6 ANP BA . 37.13 -33.18 26.18
N6 ANP BA . 38.07 -32.75 27.02
N1 ANP BA . 36.39 -34.26 26.54
C2 ANP BA . 35.46 -34.70 25.69
N3 ANP BA . 35.12 -34.25 24.49
C4 ANP BA . 35.87 -33.18 24.17
PG ANP CA . 13.60 -57.32 37.77
O1G ANP CA . 14.76 -56.37 37.86
O2G ANP CA . 12.33 -56.54 37.84
O3G ANP CA . 13.67 -58.06 36.46
PB ANP CA . 14.82 -59.53 39.18
O1B ANP CA . 14.63 -60.70 38.24
O2B ANP CA . 16.18 -58.91 39.27
N3B ANP CA . 13.69 -58.38 39.00
PA ANP CA . 15.00 -59.68 42.09
O1A ANP CA . 16.35 -60.27 42.35
O2A ANP CA . 14.85 -58.20 42.19
O3A ANP CA . 14.53 -60.14 40.63
O5' ANP CA . 13.90 -60.41 42.99
C5' ANP CA . 12.74 -59.65 43.41
C4' ANP CA . 11.71 -60.59 43.97
O4' ANP CA . 12.25 -61.25 45.14
C3' ANP CA . 10.41 -59.96 44.46
O3' ANP CA . 9.50 -59.75 43.40
C2' ANP CA . 9.91 -61.02 45.46
O2' ANP CA . 9.23 -62.07 44.82
C1' ANP CA . 11.21 -61.53 46.08
N9 ANP CA . 11.55 -60.89 47.34
C8 ANP CA . 12.20 -59.70 47.54
N7 ANP CA . 12.35 -59.42 48.81
C5 ANP CA . 11.74 -60.46 49.48
C6 ANP CA . 11.55 -60.75 50.85
N6 ANP CA . 11.97 -59.96 51.83
N1 ANP CA . 10.89 -61.89 51.17
C2 ANP CA . 10.46 -62.67 50.18
N3 ANP CA . 10.58 -62.52 48.86
C4 ANP CA . 11.23 -61.38 48.58
MG MG DA . 16.89 -56.79 38.41
PG ANP EA . 12.74 -17.70 11.46
O1G ANP EA . 12.78 -16.21 11.67
O2G ANP EA . 11.97 -18.01 10.21
O3G ANP EA . 14.15 -18.22 11.31
PB ANP EA . 12.64 -18.77 14.20
O1B ANP EA . 12.97 -20.23 14.35
O2B ANP EA . 13.67 -17.76 14.63
N3B ANP EA . 12.01 -18.42 12.73
PA ANP EA . 11.21 -17.90 16.60
O1A ANP EA . 12.49 -18.05 17.34
O2A ANP EA . 10.64 -16.53 16.44
O3A ANP EA . 11.38 -18.55 15.15
O5' ANP EA . 10.10 -18.87 17.24
C5' ANP EA . 8.71 -18.52 17.06
C4' ANP EA . 7.84 -19.66 17.52
O4' ANP EA . 7.93 -19.80 18.97
C3' ANP EA . 6.33 -19.50 17.28
O3' ANP EA . 5.99 -19.91 15.95
C2' ANP EA . 5.73 -20.43 18.33
O2' ANP EA . 5.66 -21.77 17.90
C1' ANP EA . 6.72 -20.28 19.50
N9 ANP EA . 6.27 -19.36 20.53
C8 ANP EA . 6.41 -17.99 20.56
N7 ANP EA . 5.88 -17.46 21.64
C5 ANP EA . 5.37 -18.54 22.35
C6 ANP EA . 4.68 -18.63 23.58
N6 ANP EA . 4.39 -17.58 24.35
N1 ANP EA . 4.31 -19.87 23.99
C2 ANP EA . 4.61 -20.92 23.21
N3 ANP EA . 5.24 -20.95 22.04
C4 ANP EA . 5.60 -19.71 21.67
PG ANP FA . -10.42 -50.65 29.69
O1G ANP FA . -11.89 -50.44 29.92
O2G ANP FA . -10.21 -51.20 28.31
O3G ANP FA . -9.70 -49.34 29.80
PB ANP FA . -9.90 -51.60 32.41
O1B ANP FA . -9.25 -52.79 33.05
O2B ANP FA . -9.52 -50.23 32.88
N3B ANP FA . -9.82 -51.69 30.79
PA ANP FA . -12.28 -51.23 34.07
O1A ANP FA . -11.35 -51.05 35.23
O2A ANP FA . -13.08 -50.05 33.62
O3A ANP FA . -11.44 -51.77 32.81
O5' ANP FA . -13.27 -52.46 34.37
C5' ANP FA . -14.51 -52.53 33.63
C4' ANP FA . -15.21 -53.83 33.94
O4' ANP FA . -15.59 -53.84 35.33
C3' ANP FA . -16.52 -54.06 33.17
O3' ANP FA . -16.27 -54.73 31.94
C2' ANP FA . -17.34 -54.92 34.14
O2' ANP FA . -17.11 -56.30 33.99
C1' ANP FA . -16.86 -54.42 35.51
N9 ANP FA . -17.76 -53.43 36.10
C8 ANP FA . -17.83 -52.09 35.81
N7 ANP FA . -18.75 -51.47 36.50
C5 ANP FA . -19.32 -52.47 37.30
C6 ANP FA . -20.35 -52.44 38.26
N6 ANP FA . -21.02 -51.36 38.60
N1 ANP FA . -20.66 -53.62 38.86
C2 ANP FA . -19.97 -54.72 38.51
N3 ANP FA . -18.99 -54.86 37.62
C4 ANP FA . -18.71 -53.68 37.04
MG MG GA . -9.33 -48.63 31.82
PG ANP HA . -34.94 30.71 8.47
O1G ANP HA . -35.63 29.70 9.34
O2G ANP HA . -33.67 31.13 9.15
O3G ANP HA . -34.61 30.09 7.14
PB ANP HA . -36.82 32.39 6.96
O1B ANP HA . -36.02 33.04 5.87
O2B ANP HA . -37.78 31.29 6.60
N3B ANP HA . -35.90 32.02 8.26
PA ANP HA . -39.32 33.75 7.63
O1A ANP HA . -39.90 33.33 6.33
O2A ANP HA . -39.81 33.08 8.88
O3A ANP HA . -37.73 33.58 7.54
O5' ANP HA . -39.43 35.34 7.78
C5' ANP HA . -39.86 35.88 9.06
C4' ANP HA . -39.58 37.36 9.09
O4' ANP HA . -40.64 38.07 8.40
C3' ANP HA . -39.56 38.01 10.49
O3' ANP HA . -38.28 37.88 11.09
C2' ANP HA . -39.91 39.46 10.18
O2' ANP HA . -38.77 40.22 9.82
C1' ANP HA . -40.88 39.32 8.99
N9 ANP HA . -42.29 39.40 9.37
C8 ANP HA . -43.09 38.38 9.85
N7 ANP HA . -44.32 38.77 10.08
C5 ANP HA . -44.33 40.12 9.72
C6 ANP HA . -45.33 41.10 9.74
N6 ANP HA . -46.59 40.87 10.13
N1 ANP HA . -45.00 42.35 9.31
C2 ANP HA . -43.75 42.56 8.92
N3 ANP HA . -42.71 41.73 8.87
C4 ANP HA . -43.08 40.51 9.29
PG ANP IA . -34.56 74.26 3.18
O1G ANP IA . -35.41 73.24 3.89
O2G ANP IA . -33.42 74.64 4.08
O3G ANP IA . -34.02 73.65 1.91
PB ANP IA . -36.27 75.84 1.45
O1B ANP IA . -35.35 76.13 0.30
O2B ANP IA . -37.37 74.84 1.26
N3B ANP IA . -35.44 75.59 2.82
PA ANP IA . -38.19 77.68 2.72
O1A ANP IA . -39.48 77.55 1.98
O2A ANP IA . -38.04 76.98 4.02
O3A ANP IA . -37.00 77.24 1.74
O5' ANP IA . -37.87 79.24 2.92
C5' ANP IA . -37.06 79.65 4.05
C4' ANP IA . -36.70 81.10 3.90
O4' ANP IA . -37.90 81.86 3.64
C3' ANP IA . -36.09 81.79 5.13
O3' ANP IA . -34.69 81.55 5.22
C2' ANP IA . -36.41 83.26 4.83
O2' ANP IA . -35.49 83.85 3.94
C1' ANP IA . -37.78 83.16 4.18
N9 ANP IA . -38.89 83.37 5.11
C8 ANP IA . -39.48 82.45 5.94
N7 ANP IA . -40.45 82.97 6.64
C5 ANP IA . -40.49 84.30 6.28
C6 ANP IA . -41.31 85.39 6.67
N6 ANP IA . -42.27 85.28 7.57
N1 ANP IA . -41.07 86.59 6.09
C2 ANP IA . -40.09 86.68 5.18
N3 ANP IA . -39.27 85.74 4.73
C4 ANP IA . -39.52 84.56 5.32
MG MG JA . -37.27 72.87 2.96
MG MG KA . -38.35 29.19 8.53
PG ANP LA . -16.99 36.99 25.42
O1G ANP LA . -17.95 35.98 25.99
O2G ANP LA . -16.13 37.52 26.54
O3G ANP LA . -16.11 36.32 24.39
PB ANP LA . -18.97 39.17 25.34
O1B ANP LA . -19.52 40.09 24.30
O2B ANP LA . -19.93 38.34 26.15
N3B ANP LA . -17.80 38.22 24.71
PA ANP LA . -18.97 41.00 27.60
O1A ANP LA . -20.45 40.96 27.42
O2A ANP LA . -18.41 40.51 28.89
O3A ANP LA . -18.30 40.15 26.42
O5' ANP LA . -18.43 42.47 27.29
C5' ANP LA . -17.61 43.15 28.29
C4' ANP LA . -17.32 44.57 27.84
O4' ANP LA . -18.34 45.46 28.36
C3' ANP LA . -16.00 45.16 28.34
O3' ANP LA . -14.92 44.78 27.50
C2' ANP LA . -16.29 46.67 28.26
O2' ANP LA . -16.03 47.20 26.98
C1' ANP LA . -17.78 46.74 28.59
N9 ANP LA . -18.08 47.13 29.97
C8 ANP LA . -18.08 46.34 31.09
N7 ANP LA . -18.40 47.00 32.19
C5 ANP LA . -18.63 48.30 31.76
C6 ANP LA . -19.01 49.48 32.43
N6 ANP LA . -19.23 49.55 33.73
N1 ANP LA . -19.15 50.61 31.68
C2 ANP LA . -18.92 50.53 30.37
N3 ANP LA . -18.56 49.48 29.62
C4 ANP LA . -18.43 48.39 30.39
PG ANP MA . -11.19 78.94 13.96
O1G ANP MA . -11.65 78.02 15.07
O2G ANP MA . -9.69 78.87 13.86
O3G ANP MA . -11.81 78.49 12.67
PB ANP MA . -13.14 81.09 14.23
O1B ANP MA . -13.62 81.21 12.81
O2B ANP MA . -14.03 80.45 15.24
N3B ANP MA . -11.62 80.47 14.31
PA ANP MA . -12.57 83.23 16.16
O1A ANP MA . -13.84 83.47 16.91
O2A ANP MA . -11.52 82.37 16.78
O3A ANP MA . -12.96 82.60 14.73
O5' ANP MA . -11.94 84.63 15.72
C5' ANP MA . -10.50 84.76 15.63
C4' ANP MA . -10.15 86.11 15.04
O4' ANP MA . -10.70 87.15 15.88
C3' ANP MA . -8.66 86.45 14.96
O3' ANP MA . -8.07 85.91 13.79
C2' ANP MA . -8.68 87.97 14.94
O2' ANP MA . -8.82 88.50 13.64
C1' ANP MA . -9.91 88.31 15.78
N9 ANP MA . -9.57 88.75 17.13
C8 ANP MA . -9.24 87.98 18.21
N7 ANP MA . -8.97 88.69 19.28
C5 ANP MA . -9.12 90.00 18.88
C6 ANP MA . -8.97 91.24 19.54
N6 ANP MA . -8.63 91.34 20.82
N1 ANP MA . -9.21 92.36 18.83
C2 ANP MA . -9.55 92.25 17.55
N3 ANP MA . -9.72 91.16 16.81
C4 ANP MA . -9.49 90.05 17.55
MG MG NA . -13.35 78.48 16.12
MG MG OA . -19.07 36.18 27.71
PG ANP PA . -4.39 23.42 -21.76
O1G ANP PA . -3.42 22.26 -21.77
O2G ANP PA . -5.77 22.89 -21.49
O3G ANP PA . -3.98 24.36 -20.67
PB ANP PA . -3.20 25.16 -23.74
O1B ANP PA . -3.26 26.55 -23.15
O2B ANP PA . -1.88 24.46 -23.79
N3B ANP PA . -4.39 24.20 -23.18
PA ANP PA . -2.80 25.62 -26.61
O1A ANP PA . -1.40 25.94 -26.22
O2A ANP PA . -3.04 24.50 -27.57
O3A ANP PA . -3.64 25.34 -25.28
O5' ANP PA . -3.53 26.94 -27.14
C5' ANP PA . -4.78 26.78 -27.87
C4' ANP PA . -5.34 28.14 -28.19
O4' ANP PA . -4.37 28.90 -28.96
C3' ANP PA . -6.60 28.17 -29.06
O3' ANP PA . -7.77 27.95 -28.28
C2' ANP PA . -6.53 29.58 -29.64
O2' ANP PA . -7.02 30.55 -28.75
C1' ANP PA . -5.04 29.75 -29.88
N9 ANP PA . -4.61 29.40 -31.22
C8 ANP PA . -4.18 28.18 -31.69
N7 ANP PA . -3.88 28.21 -32.97
C5 ANP PA . -4.14 29.52 -33.37
C6 ANP PA . -4.02 30.19 -34.60
N6 ANP PA . -3.60 29.61 -35.71
N1 ANP PA . -4.37 31.49 -34.63
C2 ANP PA . -4.80 32.08 -33.51
N3 ANP PA . -4.95 31.55 -32.30
C4 ANP PA . -4.60 30.26 -32.29
PG ANP QA . -14.27 63.78 -36.34
O1G ANP QA . -13.48 62.52 -36.56
O2G ANP QA . -15.75 63.47 -36.40
O3G ANP QA . -13.92 64.31 -34.98
PB ANP QA . -12.46 65.62 -37.69
O1B ANP QA . -12.15 66.55 -36.54
O2B ANP QA . -11.41 64.65 -38.13
N3B ANP QA . -13.91 64.89 -37.48
PA ANP QA . -13.09 66.33 -40.47
O1A ANP QA . -11.81 66.26 -41.24
O2A ANP QA . -14.02 65.17 -40.55
O3A ANP QA . -12.74 66.59 -38.93
O5' ANP QA . -13.86 67.68 -40.85
C5' ANP QA . -15.31 67.72 -40.80
C4' ANP QA . -15.78 69.15 -40.97
O4' ANP QA . -15.28 69.67 -42.22
C3' ANP QA . -17.30 69.34 -41.03
O3' ANP QA . -17.84 69.52 -39.72
C2' ANP QA . -17.44 70.61 -41.87
O2' ANP QA . -17.39 71.79 -41.11
C1' ANP QA . -16.23 70.53 -42.81
N9 ANP QA . -16.56 70.00 -44.12
C8 ANP QA . -16.64 68.68 -44.51
N7 ANP QA . -16.97 68.55 -45.77
C5 ANP QA . -17.12 69.84 -46.24
C6 ANP QA . -17.45 70.36 -47.51
N6 ANP QA . -17.72 69.62 -48.57
N1 ANP QA . -17.50 71.72 -47.63
C2 ANP QA . -17.24 72.47 -46.55
N3 ANP QA . -16.91 72.08 -45.31
C4 ANP QA . -16.87 70.75 -45.24
MG MG RA . -12.02 62.05 -38.17
MG MG SA . -2.13 21.93 -23.66
PG ANP TA . -28.79 24.06 -15.18
O1G ANP TA . -28.87 22.79 -15.99
O2G ANP TA . -29.57 23.88 -13.91
O3G ANP TA . -27.36 24.34 -14.84
PB ANP TA . -29.05 25.67 -17.60
O1B ANP TA . -27.91 26.64 -17.70
O2B ANP TA . -29.05 24.44 -18.46
N3B ANP TA . -29.41 25.31 -16.05
PA ANP TA . -31.18 26.45 -19.45
O1A ANP TA . -30.26 26.11 -20.57
O2A ANP TA . -32.38 25.60 -19.23
O3A ANP TA . -30.34 26.50 -18.09
O5' ANP TA . -31.62 27.99 -19.57
C5' ANP TA . -32.99 28.32 -19.92
C4' ANP TA . -33.31 29.72 -19.44
O4' ANP TA . -33.54 30.57 -20.58
C3' ANP TA . -34.57 29.84 -18.58
O3' ANP TA . -34.26 29.72 -17.19
C2' ANP TA . -35.05 31.26 -18.90
O2' ANP TA . -34.43 32.23 -18.09
C1' ANP TA . -34.65 31.41 -20.36
N9 ANP TA . -35.68 31.04 -21.33
C8 ANP TA . -36.23 29.80 -21.55
N7 ANP TA . -37.12 29.80 -22.50
C5 ANP TA . -37.17 31.11 -22.95
C6 ANP TA . -37.92 31.77 -23.96
N6 ANP TA . -38.81 31.16 -24.73
N1 ANP TA . -37.69 33.10 -24.13
C2 ANP TA . -36.78 33.70 -23.36
N3 ANP TA . -36.03 33.20 -22.39
C4 ANP TA . -36.27 31.88 -22.23
PG ANP UA . -36.04 66.70 -21.79
O1G ANP UA . -36.47 65.34 -22.30
O2G ANP UA . -36.70 66.96 -20.47
O3G ANP UA . -34.55 66.71 -21.63
PB ANP UA . -35.88 68.05 -24.36
O1B ANP UA . -34.48 68.62 -24.31
O2B ANP UA . -36.14 66.85 -25.22
N3B ANP UA . -36.50 67.85 -22.86
PA ANP UA . -38.28 69.19 -25.54
O1A ANP UA . -38.25 68.90 -27.00
O2A ANP UA . -39.10 68.30 -24.66
O3A ANP UA . -36.78 69.22 -24.98
O5' ANP UA . -38.73 70.71 -25.31
C5' ANP UA . -39.30 71.10 -24.04
C4' ANP UA . -39.51 72.59 -24.05
O4' ANP UA . -40.39 72.94 -25.14
C3' ANP UA . -40.21 73.19 -22.81
O3' ANP UA . -39.26 73.51 -21.80
C2' ANP UA . -40.88 74.45 -23.36
O2' ANP UA . -40.09 75.61 -23.19
C1' ANP UA . -41.04 74.16 -24.86
N9 ANP UA . -42.43 74.05 -25.28
C8 ANP UA . -43.22 72.94 -25.30
N7 ANP UA . -44.43 73.18 -25.75
C5 ANP UA . -44.43 74.54 -26.02
C6 ANP UA . -45.43 75.41 -26.52
N6 ANP UA . -46.66 75.02 -26.83
N1 ANP UA . -45.09 76.72 -26.68
C2 ANP UA . -43.85 77.10 -26.36
N3 ANP UA . -42.83 76.37 -25.88
C4 ANP UA . -43.20 75.08 -25.75
MG MG VA . -36.60 65.25 -24.27
MG MG WA . -30.33 22.09 -17.69
PG ANP XA . 7.81 36.28 18.16
O1G ANP XA . 8.34 35.75 19.47
O2G ANP XA . 8.73 35.82 17.05
O3G ANP XA . 6.43 35.76 17.91
PB ANP XA . 7.06 38.83 19.35
O1B ANP XA . 5.77 39.42 18.86
O2B ANP XA . 7.08 38.19 20.71
N3B ANP XA . 7.78 37.91 18.21
PA ANP XA . 9.10 40.54 20.58
O1A ANP XA . 8.31 40.91 21.79
O2A ANP XA . 10.16 39.50 20.71
O3A ANP XA . 8.06 40.08 19.45
O5' ANP XA . 9.72 41.85 19.91
C5' ANP XA . 10.84 41.71 19.01
C4' ANP XA . 10.94 42.91 18.11
O4' ANP XA . 10.75 44.13 18.89
C3' ANP XA . 12.27 43.12 17.39
O3' ANP XA . 12.30 42.41 16.15
C2' ANP XA . 12.31 44.63 17.19
O2' ANP XA . 11.54 45.05 16.08
C1' ANP XA . 11.68 45.12 18.50
N9 ANP XA . 12.65 45.29 19.56
C8 ANP XA . 13.07 44.37 20.49
N7 ANP XA . 13.96 44.85 21.32
C5 ANP XA . 14.13 46.17 20.92
C6 ANP XA . 14.96 47.21 21.39
N6 ANP XA . 15.77 47.08 22.43
N1 ANP XA . 14.88 48.40 20.75
C2 ANP XA . 14.05 48.53 19.71
N3 ANP XA . 13.24 47.61 19.17
C4 ANP XA . 13.33 46.44 19.83
PG ANP YA . 10.71 75.67 -0.20
O1G ANP YA . 11.36 74.74 0.77
O2G ANP YA . 11.15 75.31 -1.59
O3G ANP YA . 9.21 75.51 -0.11
PB ANP YA . 10.43 78.19 1.24
O1B ANP YA . 9.03 78.57 0.85
O2B ANP YA . 10.66 77.69 2.65
N3B ANP YA . 11.12 77.22 0.13
PA ANP YA . 12.77 79.90 1.62
O1A ANP YA . 12.67 80.46 3.00
O2A ANP YA . 13.66 78.71 1.41
O3A ANP YA . 11.29 79.53 1.14
O5' ANP YA . 13.17 81.06 0.59
C5' ANP YA . 13.66 80.69 -0.72
C4' ANP YA . 13.57 81.89 -1.64
O4' ANP YA . 14.16 83.04 -0.97
C3' ANP YA . 14.32 81.78 -2.97
O3' ANP YA . 13.52 81.17 -3.97
C2' ANP YA . 14.60 83.24 -3.30
O2' ANP YA . 13.54 83.86 -4.00
C1' ANP YA . 14.81 83.87 -1.92
N9 ANP YA . 16.20 84.00 -1.56
C8 ANP YA . 17.02 83.03 -1.03
N7 ANP YA . 18.24 83.47 -0.82
C5 ANP YA . 18.22 84.81 -1.24
C6 ANP YA . 19.20 85.81 -1.27
N6 ANP YA . 20.45 85.63 -0.86
N1 ANP YA . 18.84 87.03 -1.76
C2 ANP YA . 17.57 87.19 -2.17
N3 ANP YA . 16.57 86.31 -2.18
C4 ANP YA . 16.96 85.14 -1.70
MG MG ZA . 11.48 75.69 2.91
MG MG AB . 7.68 36.19 21.41
PG ANP BB . 14.34 28.95 -5.20
O1G ANP BB . 14.12 28.34 -3.85
O2G ANP BB . 13.50 28.21 -6.22
O3G ANP BB . 15.79 28.83 -5.57
PB ANP BB . 14.86 31.77 -4.75
O1B ANP BB . 14.08 33.01 -4.44
O2B ANP BB . 15.91 31.31 -3.78
N3B ANP BB . 13.90 30.53 -5.18
PA ANP BB . 17.20 32.56 -6.34
O1A ANP BB . 17.78 33.05 -5.06
O2A ANP BB . 17.91 31.47 -7.07
O3A ANP BB . 15.68 32.11 -6.09
O5' ANP BB . 16.96 33.81 -7.32
C5' ANP BB . 17.83 33.99 -8.46
C4' ANP BB . 17.23 35.02 -9.39
O4' ANP BB . 18.03 36.22 -9.37
C3' ANP BB . 17.16 34.62 -10.87
O3' ANP BB . 15.94 33.93 -11.15
C2' ANP BB . 17.22 35.97 -11.58
O2' ANP BB . 15.97 36.60 -11.66
C1' ANP BB . 18.17 36.75 -10.67
N9 ANP BB . 19.58 36.67 -11.05
C8 ANP BB . 20.40 35.57 -10.99
N7 ANP BB . 21.62 35.84 -11.39
C5 ANP BB . 21.59 37.18 -11.75
C6 ANP BB . 22.58 38.05 -12.26
N6 ANP BB . 23.83 37.69 -12.51
N1 ANP BB . 22.21 39.34 -12.50
C2 ANP BB . 20.94 39.69 -12.24
N3 ANP BB . 19.93 38.96 -11.77
C4 ANP BB . 20.33 37.70 -11.54
PG ANP CB . 9.01 68.19 -25.46
O1G ANP CB . 9.96 67.06 -25.14
O2G ANP CB . 8.14 67.81 -26.63
O3G ANP CB . 8.14 68.42 -24.24
PB ANP CB . 10.53 70.57 -24.75
O1B ANP CB . 9.50 71.35 -23.98
O2B ANP CB . 11.67 69.92 -24.01
N3B ANP CB . 9.85 69.54 -25.82
PA ANP CB . 12.40 71.57 -26.79
O1A ANP CB . 13.69 71.91 -26.13
O2A ANP CB . 12.30 70.26 -27.50
O3A ANP CB . 11.22 71.66 -25.71
O5' ANP CB . 11.99 72.75 -27.80
C5' ANP CB . 11.29 72.42 -29.02
C4' ANP CB . 10.83 73.68 -29.70
O4' ANP CB . 11.98 74.55 -29.94
C3' ANP CB . 10.20 73.53 -31.08
O3' ANP CB . 8.82 73.19 -30.99
C2' ANP CB . 10.40 74.95 -31.65
O2' ANP CB . 9.42 75.86 -31.21
C1' ANP CB . 11.77 75.32 -31.09
N9 ANP CB . 12.85 75.07 -32.03
C8 ANP CB . 13.55 73.90 -32.22
N7 ANP CB . 14.48 74.01 -33.14
C5 ANP CB . 14.38 75.32 -33.59
C6 ANP CB . 15.08 76.06 -34.56
N6 ANP CB . 16.07 75.55 -35.30
N1 ANP CB . 14.71 77.35 -34.75
C2 ANP CB . 13.71 77.85 -34.02
N3 ANP CB . 12.98 77.26 -33.07
C4 ANP CB . 13.37 75.98 -32.91
MG MG DB . 11.96 67.71 -24.51
#